data_7QGV
#
_entry.id   7QGV
#
loop_
_entity.id
_entity.type
_entity.pdbx_description
1 polymer Teixobactin
2 polymer 'Lipid II'
3 branched '2-acetamido-2-deoxy-beta-D-glucopyranose-(1-4)-N-acetyl-alpha-muramic acid'
4 non-polymer PHOSPHONATE
5 non-polymer 3-methylbut-2-en-1-ol
#
loop_
_entity_poly.entity_id
_entity_poly.type
_entity_poly.pdbx_seq_one_letter_code
_entity_poly.pdbx_strand_id
1 'polypeptide(L)' (ZAE)IS(DGN)(28J)IS(DTH)A(EI4)I A,B,C,D
2 'polypeptide(D)' A(DGL)K(DAL)(DAL) E,F,G,H
#
loop_
_chem_comp.id
_chem_comp.type
_chem_comp.name
_chem_comp.formula
2PO non-polymer PHOSPHONATE 'H O3 P -2'
MUB D-saccharide, alpha linking 'N-acetyl-alpha-muramic acid' 'C11 H19 N O8'
NAG D-saccharide, beta linking 2-acetamido-2-deoxy-beta-D-glucopyranose 'C8 H15 N O6'
P1W non-polymer 3-methylbut-2-en-1-ol 'C5 H10 O'
#
# COMPACT_ATOMS: atom_id res chain seq x y z
N ZAE A 1 9.68 15.50 4.35
CA ZAE A 1 8.47 15.86 3.56
C ZAE A 1 7.81 14.60 3.09
O ZAE A 1 6.70 14.63 2.55
CB ZAE A 1 7.50 16.65 4.42
CG ZAE A 1 6.77 17.74 3.67
CD1 ZAE A 1 5.66 17.45 2.91
CD2 ZAE A 1 7.20 19.05 3.76
CE1 ZAE A 1 4.99 18.46 2.24
CE2 ZAE A 1 6.54 20.06 3.09
CZ ZAE A 1 5.42 19.76 2.34
C10 ZAE A 1 10.89 15.47 3.51
H ZAE A 1 9.56 14.55 4.76
HA ZAE A 1 8.78 16.45 2.70
HB2 ZAE A 1 6.76 15.98 4.82
HB3 ZAE A 1 8.04 17.11 5.23
HD1 ZAE A 1 5.32 16.43 2.83
HD2 ZAE A 1 8.08 19.29 4.36
HE1 ZAE A 1 4.12 18.22 1.64
HE2 ZAE A 1 6.88 21.08 3.16
HZ ZAE A 1 4.91 20.55 1.81
H11 ZAE A 1 11.73 15.13 4.10
H12 ZAE A 1 11.08 16.46 3.14
H13 ZAE A 1 10.73 14.80 2.68
HN2 ZAE A 1 9.80 16.19 5.13
N ILE A 2 8.46 13.48 3.29
CA ILE A 2 7.86 12.23 2.90
C ILE A 2 7.22 11.60 4.05
N SER A 3 6.13 11.01 3.73
CA SER A 3 5.38 10.36 4.73
C SER A 3 4.93 9.04 4.20
N DGN A 4 4.78 8.10 5.12
CA DGN A 4 4.27 6.81 4.77
C DGN A 4 5.23 5.71 5.02
O DGN A 4 6.37 5.95 5.45
CB DGN A 4 3.00 6.53 5.55
CG DGN A 4 3.16 6.29 7.06
CD DGN A 4 2.31 7.18 7.96
OE1 DGN A 4 1.18 7.53 7.63
NE2 DGN A 4 2.83 7.52 9.14
H DGN A 4 5.05 8.27 6.06
HA DGN A 4 4.03 6.82 3.72
HB2 DGN A 4 2.55 5.64 5.13
HB3 DGN A 4 2.31 7.35 5.42
HG2 DGN A 4 4.20 6.44 7.31
HG3 DGN A 4 2.89 5.26 7.25
HE21 DGN A 4 3.72 7.16 9.37
HE22 DGN A 4 2.30 8.10 9.73
N 28J A 5 4.82 4.48 4.73
CA 28J A 5 5.66 3.37 5.10
CB 28J A 5 7.14 3.59 4.80
CG2 28J A 5 8.02 2.80 5.79
CG1 28J A 5 7.40 3.19 3.36
CD1 28J A 5 8.75 3.59 2.86
C 28J A 5 5.16 2.08 4.45
O 28J A 5 4.05 2.08 3.82
HA 28J A 5 5.55 3.25 6.18
H22 28J A 5 7.37 4.64 4.92
H23 28J A 5 8.31 1.85 5.34
H24 28J A 5 7.48 2.61 6.70
H25 28J A 5 8.91 3.37 6.01
H26 28J A 5 7.32 2.11 3.28
H27 28J A 5 6.66 3.65 2.74
H28 28J A 5 8.83 4.67 2.89
H29 28J A 5 8.88 3.25 1.85
H30 28J A 5 9.51 3.16 3.49
N ILE A 6 5.95 1.00 4.75
CA ILE A 6 5.75 -0.37 4.26
C ILE A 6 5.85 -1.41 5.37
N SER A 7 4.95 -2.39 5.26
CA SER A 7 4.98 -3.66 6.04
C SER A 7 3.76 -4.55 5.85
N DTH A 8 3.97 -5.85 6.11
CA DTH A 8 2.90 -6.84 5.97
CB DTH A 8 2.46 -7.41 7.32
CG2 DTH A 8 2.16 -6.33 8.36
OG1 DTH A 8 3.48 -8.28 7.80
C DTH A 8 3.30 -8.10 5.16
O DTH A 8 2.51 -9.03 5.14
H DTH A 8 4.87 -6.17 6.37
HA DTH A 8 2.06 -6.35 5.52
HB DTH A 8 1.56 -8.00 7.16
HG21 DTH A 8 3.05 -5.75 8.53
HG22 DTH A 8 1.84 -6.79 9.28
HG23 DTH A 8 1.37 -5.69 7.99
N ALA A 9 4.52 -8.15 4.59
CA ALA A 9 4.95 -9.31 3.81
C ALA A 9 5.12 -10.54 4.65
N EI4 A 10 6.07 -10.52 5.59
CA EI4 A 10 6.26 -11.69 6.40
CB EI4 A 10 7.74 -11.83 6.81
CG EI4 A 10 8.40 -13.07 6.24
CD2 EI4 A 10 8.27 -13.06 4.60
NE2 EI4 A 10 9.65 -12.78 4.19
CE1 EI4 A 10 10.56 -12.91 5.24
ND1 EI4 A 10 9.89 -13.10 6.42
NT EI4 A 10 11.91 -12.99 5.14
C EI4 A 10 5.30 -11.63 7.57
O EI4 A 10 4.71 -12.64 7.96
H EI4 A 10 6.58 -9.70 5.74
HA EI4 A 10 6.00 -12.55 5.79
HB EI4 A 10 7.79 -11.88 7.90
HBA EI4 A 10 8.27 -10.97 6.46
HG1 EI4 A 10 7.98 -13.97 6.68
HD2 EI4 A 10 7.63 -12.27 4.26
HE EI4 A 10 10.01 -12.63 3.26
HND1 EI4 A 10 10.35 -13.16 7.30
HD1 EI4 A 10 7.94 -14.02 4.23
H1 EI4 A 10 12.31 -12.99 4.23
HH12 EI4 A 10 12.44 -12.97 5.96
N ILE A 11 5.11 -10.43 8.07
CA ILE A 11 4.20 -10.17 9.17
C ILE A 11 3.07 -9.27 8.73
N ZAE B 1 -1.41 -8.99 1.89
CA ZAE B 1 -0.69 -8.81 3.18
C ZAE B 1 0.18 -7.64 3.02
O ZAE B 1 1.40 -7.71 3.19
CB ZAE B 1 -1.69 -8.60 4.31
CG ZAE B 1 -1.58 -9.61 5.40
CD1 ZAE B 1 -0.73 -9.39 6.47
CD2 ZAE B 1 -2.34 -10.76 5.37
CE1 ZAE B 1 -0.63 -10.33 7.50
CE2 ZAE B 1 -2.24 -11.70 6.37
CZ ZAE B 1 -1.40 -11.49 7.45
C10 ZAE B 1 -1.72 -10.36 1.63
H ZAE B 1 -0.80 -8.64 1.12
HA ZAE B 1 -0.08 -9.69 3.39
HB2 ZAE B 1 -1.53 -7.61 4.75
HB3 ZAE B 1 -2.69 -8.64 3.91
HD1 ZAE B 1 -0.13 -8.49 6.51
HD2 ZAE B 1 -3.00 -10.93 4.53
HE1 ZAE B 1 0.03 -10.16 8.33
HE2 ZAE B 1 -2.84 -12.60 6.34
HZ ZAE B 1 -1.32 -12.22 8.23
H11 ZAE B 1 -0.80 -10.90 1.44
H12 ZAE B 1 -2.36 -10.44 0.77
H13 ZAE B 1 -2.21 -10.79 2.50
HN2 ZAE B 1 -2.28 -8.41 1.91
N ILE B 2 -0.45 -6.55 2.71
CA ILE B 2 0.35 -5.36 2.63
C ILE B 2 -0.47 -4.21 2.99
N SER B 3 0.25 -3.36 3.64
CA SER B 3 -0.32 -2.21 4.20
C SER B 3 0.70 -1.15 4.21
N DGN B 4 0.24 -0.01 3.83
CA DGN B 4 1.07 1.12 3.88
C DGN B 4 1.03 1.84 2.64
O DGN B 4 0.29 1.45 1.69
CB DGN B 4 0.73 2.06 5.05
CG DGN B 4 -0.56 2.88 4.96
CD DGN B 4 -1.09 3.38 6.30
OE1 DGN B 4 -0.33 3.58 7.25
NE2 DGN B 4 -2.38 3.63 6.35
H DGN B 4 -0.65 0.04 3.36
HA DGN B 4 2.08 0.77 4.02
HB2 DGN B 4 1.55 2.76 5.11
HB3 DGN B 4 0.70 1.48 5.94
HG2 DGN B 4 -1.33 2.29 4.49
HG3 DGN B 4 -0.35 3.74 4.35
HE21 DGN B 4 -2.90 3.50 5.54
HE22 DGN B 4 -2.74 3.95 7.21
N 28J B 5 1.90 2.84 2.61
CA 28J B 5 1.91 3.70 1.49
CB 28J B 5 2.02 2.93 0.19
CG2 28J B 5 1.06 3.53 -0.82
CG1 28J B 5 3.46 3.00 -0.32
CD1 28J B 5 3.81 1.88 -1.26
C 28J B 5 3.00 4.73 1.57
O 28J B 5 3.65 4.89 2.66
HA 28J B 5 0.97 4.21 1.48
H22 28J B 5 1.74 1.90 0.35
H23 28J B 5 0.09 3.67 -0.34
H24 28J B 5 0.94 2.87 -1.66
H25 28J B 5 1.44 4.48 -1.13
H26 28J B 5 3.60 3.92 -0.84
H27 28J B 5 4.13 2.94 0.52
H28 28J B 5 3.05 1.82 -2.03
H29 28J B 5 3.84 0.94 -0.71
H30 28J B 5 4.77 2.07 -1.71
N ILE B 6 3.06 5.50 0.46
CA ILE B 6 4.13 6.48 0.21
C ILE B 6 3.74 7.70 -0.63
N SER B 7 4.53 8.75 -0.34
CA SER B 7 4.65 10.00 -1.13
C SER B 7 4.89 11.18 -0.22
N DTH B 8 5.01 12.38 -0.78
CA DTH B 8 5.26 13.55 0.07
CB DTH B 8 4.08 14.56 0.24
CG2 DTH B 8 2.72 13.91 0.46
OG1 DTH B 8 4.00 15.41 -0.88
C DTH B 8 6.47 14.38 -0.42
O DTH B 8 6.75 15.45 0.13
H DTH B 8 5.01 12.47 -1.78
HA DTH B 8 5.48 13.16 1.06
HB DTH B 8 4.30 15.16 1.11
HG21 DTH B 8 2.74 13.32 1.37
HG22 DTH B 8 2.51 13.26 -0.38
HG23 DTH B 8 1.97 14.67 0.52
N ALA B 9 7.17 13.91 -1.44
CA ALA B 9 8.34 14.62 -1.96
C ALA B 9 7.99 16.06 -2.31
N EI4 B 10 7.23 16.24 -3.39
CA EI4 B 10 6.84 17.58 -3.82
CB EI4 B 10 6.65 17.59 -5.34
CG EI4 B 10 7.93 17.68 -6.18
CD2 EI4 B 10 8.80 16.32 -6.00
NE2 EI4 B 10 8.68 15.71 -7.42
CE1 EI4 B 10 8.06 16.56 -8.30
ND1 EI4 B 10 7.63 17.69 -7.64
NT EI4 B 10 7.95 16.35 -9.58
C EI4 B 10 5.59 18.06 -3.07
O EI4 B 10 5.43 19.26 -2.81
H EI4 B 10 6.96 15.46 -3.91
HA EI4 B 10 7.65 18.25 -3.58
HB EI4 B 10 6.01 18.42 -5.60
HBA EI4 B 10 6.14 16.67 -5.62
HG1 EI4 B 10 8.50 18.57 -5.91
HD2 EI4 B 10 8.34 15.66 -5.29
HE EI4 B 10 9.09 14.84 -7.62
HND1 EI4 B 10 7.14 18.41 -8.10
HD1 EI4 B 10 9.82 16.54 -5.75
H1 EI4 B 10 8.33 15.53 -10.00
HH12 EI4 B 10 7.45 17.01 -10.15
N ILE B 11 4.71 17.13 -2.70
CA ILE B 11 3.50 17.46 -1.96
C ILE B 11 3.51 16.74 -0.66
N ZAE C 1 1.34 9.46 0.72
CA ZAE C 1 -0.03 10.05 0.71
C ZAE C 1 -0.95 8.93 0.48
O ZAE C 1 -2.11 8.92 0.90
CB ZAE C 1 -0.28 10.80 2.00
CG ZAE C 1 -0.50 12.24 1.75
CD1 ZAE C 1 -1.30 12.63 0.69
CD2 ZAE C 1 0.10 13.21 2.53
CE1 ZAE C 1 -1.49 13.98 0.40
CE2 ZAE C 1 -0.08 14.55 2.25
CZ ZAE C 1 -0.89 14.94 1.19
C10 ZAE C 1 2.32 10.41 1.13
H ZAE C 1 1.56 9.15 -0.24
HA ZAE C 1 -0.11 10.75 -0.13
HB2 ZAE C 1 -1.17 10.39 2.49
HB3 ZAE C 1 0.58 10.69 2.65
HD1 ZAE C 1 -1.77 11.88 0.07
HD2 ZAE C 1 0.73 12.90 3.36
HE1 ZAE C 1 -2.11 14.26 -0.43
HE2 ZAE C 1 0.39 15.31 2.86
HZ ZAE C 1 -1.03 15.98 0.97
H11 ZAE C 1 2.24 10.55 2.20
H12 ZAE C 1 2.15 11.36 0.64
H13 ZAE C 1 3.32 10.06 0.90
HN2 ZAE C 1 1.34 8.63 1.35
N ILE C 2 -0.40 7.97 -0.21
CA ILE C 2 -1.17 6.76 -0.39
C ILE C 2 -0.89 5.85 0.71
N SER C 3 -2.00 5.39 1.14
CA SER C 3 -2.07 4.55 2.25
C SER C 3 -3.10 3.54 2.01
N DGN C 4 -2.75 2.33 2.40
CA DGN C 4 -3.68 1.27 2.33
C DGN C 4 -3.06 0.08 1.81
O DGN C 4 -1.88 0.09 1.36
CB DGN C 4 -4.35 0.97 3.70
CG DGN C 4 -3.48 0.36 4.81
CD DGN C 4 -3.93 0.70 6.22
OE1 DGN C 4 -5.11 0.95 6.48
NE2 DGN C 4 -2.99 0.66 7.14
H DGN C 4 -1.78 2.15 2.60
HA DGN C 4 -4.46 1.57 1.65
HB2 DGN C 4 -5.15 0.29 3.51
HB3 DGN C 4 -4.75 1.89 4.07
HG2 DGN C 4 -2.46 0.68 4.69
HG3 DGN C 4 -3.53 -0.71 4.69
HE21 DGN C 4 -2.10 0.40 6.87
HE22 DGN C 4 -3.24 0.88 8.06
N 28J C 5 -3.90 -0.95 1.73
CA 28J C 5 -3.43 -2.22 1.30
CB 28J C 5 -2.79 -2.17 -0.07
CG2 28J C 5 -1.81 -3.33 -0.19
CG1 28J C 5 -3.89 -2.29 -1.12
CD1 28J C 5 -3.42 -2.08 -2.52
C 28J C 5 -4.54 -3.23 1.23
O 28J C 5 -5.73 -2.91 1.53
HA 28J C 5 -2.68 -2.56 2.00
H22 28J C 5 -2.26 -1.24 -0.20
H23 28J C 5 -2.32 -4.18 -0.60
H24 28J C 5 -1.41 -3.58 0.78
H25 28J C 5 -1.02 -3.03 -0.85
H26 28J C 5 -4.33 -3.27 -1.05
H27 28J C 5 -4.66 -1.55 -0.90
H28 28J C 5 -2.80 -2.90 -2.81
H29 28J C 5 -2.86 -1.16 -2.57
H30 28J C 5 -4.28 -2.02 -3.18
N ILE C 6 -4.14 -4.46 0.90
CA ILE C 6 -5.07 -5.55 0.66
C ILE C 6 -4.64 -6.88 1.28
N SER C 7 -5.72 -7.67 1.49
CA SER C 7 -5.70 -9.13 1.80
C SER C 7 -7.05 -9.70 2.15
N DTH C 8 -7.17 -11.03 2.10
CA DTH C 8 -8.43 -11.66 2.47
CB DTH C 8 -8.40 -12.53 3.75
CG2 DTH C 8 -7.93 -11.79 5.00
OG1 DTH C 8 -7.56 -13.64 3.52
C DTH C 8 -8.92 -12.61 1.38
O DTH C 8 -9.92 -13.31 1.60
H DTH C 8 -6.41 -11.59 1.73
HA DTH C 8 -9.11 -10.85 2.65
HB DTH C 8 -9.39 -12.89 3.92
HG21 DTH C 8 -7.90 -12.45 5.84
HG22 DTH C 8 -8.62 -10.98 5.19
HG23 DTH C 8 -6.95 -11.37 4.81
N ALA C 9 -8.20 -12.74 0.27
CA ALA C 9 -8.59 -13.70 -0.78
C ALA C 9 -8.47 -15.12 -0.28
N EI4 C 10 -7.27 -15.64 -0.10
CA EI4 C 10 -7.15 -16.99 0.40
CB EI4 C 10 -5.91 -17.72 -0.13
CG EI4 C 10 -6.20 -18.55 -1.33
CD2 EI4 C 10 -6.89 -17.68 -2.51
NE2 EI4 C 10 -5.84 -17.48 -3.50
CE1 EI4 C 10 -4.75 -18.31 -3.26
ND1 EI4 C 10 -4.91 -18.94 -2.05
NT EI4 C 10 -3.76 -18.59 -4.09
C EI4 C 10 -7.20 -17.02 1.91
O EI4 C 10 -7.65 -17.99 2.52
H EI4 C 10 -6.44 -15.11 -0.29
HA EI4 C 10 -8.01 -17.53 0.03
HB EI4 C 10 -5.50 -18.31 0.67
HBA EI4 C 10 -5.18 -16.96 -0.39
HG1 EI4 C 10 -6.74 -19.45 -1.10
HD2 EI4 C 10 -7.19 -16.72 -2.13
HE EI4 C 10 -5.90 -16.95 -4.33
HND1 EI4 C 10 -4.24 -19.53 -1.63
HD1 EI4 C 10 -7.74 -18.21 -2.93
H1 EI4 C 10 -3.81 -18.25 -5.02
HH12 EI4 C 10 -3.02 -19.17 -3.78
N ILE C 11 -6.78 -15.94 2.51
CA ILE C 11 -6.80 -15.82 3.95
C ILE C 11 -7.76 -14.75 4.37
N ZAE D 1 -14.52 -11.67 1.57
CA ZAE D 1 -13.45 -12.18 2.46
C ZAE D 1 -12.24 -11.29 2.33
O ZAE D 1 -11.24 -11.47 3.04
CB ZAE D 1 -13.93 -12.23 3.93
CG ZAE D 1 -13.44 -13.43 4.68
CD1 ZAE D 1 -12.20 -13.42 5.30
CD2 ZAE D 1 -14.22 -14.58 4.74
CE1 ZAE D 1 -11.75 -14.54 6.00
CE2 ZAE D 1 -13.78 -15.69 5.44
CZ ZAE D 1 -12.53 -15.68 6.06
C10 ZAE D 1 -14.44 -12.27 0.23
H ZAE D 1 -14.43 -10.64 1.47
HA ZAE D 1 -13.18 -13.18 2.14
HB2 ZAE D 1 -13.57 -11.34 4.43
HB3 ZAE D 1 -15.00 -12.23 3.94
HD1 ZAE D 1 -11.58 -12.54 5.26
HD2 ZAE D 1 -15.19 -14.60 4.26
HE1 ZAE D 1 -10.79 -14.53 6.48
HE2 ZAE D 1 -14.39 -16.58 5.48
HZ ZAE D 1 -12.18 -16.55 6.59
H11 ZAE D 1 -15.19 -11.82 -0.41
H12 ZAE D 1 -14.60 -13.33 0.30
H13 ZAE D 1 -13.46 -12.08 -0.19
HN2 ZAE D 1 -15.46 -11.87 2.01
N ILE D 2 -12.31 -10.31 1.45
CA ILE D 2 -11.21 -9.40 1.29
C ILE D 2 -11.50 -8.13 1.99
N SER D 3 -10.46 -7.63 2.57
CA SER D 3 -10.61 -6.40 3.30
C SER D 3 -9.47 -5.50 2.94
N DGN D 4 -9.74 -4.20 2.97
CA DGN D 4 -8.72 -3.23 2.72
C DGN D 4 -8.96 -2.42 1.51
O DGN D 4 -9.89 -2.69 0.73
CB DGN D 4 -8.59 -2.31 3.93
CG DGN D 4 -9.77 -1.38 4.17
CD DGN D 4 -10.63 -1.72 5.39
OE1 DGN D 4 -10.13 -2.24 6.40
NE2 DGN D 4 -11.93 -1.42 5.34
H DGN D 4 -10.67 -3.90 3.11
HA DGN D 4 -7.80 -3.77 2.60
HB2 DGN D 4 -7.72 -1.69 3.76
HB3 DGN D 4 -8.43 -2.90 4.81
HG2 DGN D 4 -10.42 -1.40 3.29
HG3 DGN D 4 -9.40 -0.38 4.30
HE21 DGN D 4 -12.26 -0.97 4.53
HE22 DGN D 4 -12.48 -1.63 6.12
N 28J D 5 -8.11 -1.43 1.29
CA 28J D 5 -8.33 -0.52 0.21
CB 28J D 5 -8.60 -1.23 -1.11
CG2 28J D 5 -9.48 -0.37 -2.03
CG1 28J D 5 -7.26 -1.55 -1.78
CD1 28J D 5 -7.41 -2.37 -3.01
C 28J D 5 -7.18 0.43 0.04
O 28J D 5 -6.19 0.40 0.84
HA 28J D 5 -9.22 0.07 0.45
H22 28J D 5 -9.12 -2.15 -0.91
H23 28J D 5 -10.10 0.27 -1.42
H24 28J D 5 -10.10 -1.01 -2.64
H25 28J D 5 -8.85 0.23 -2.67
H26 28J D 5 -6.77 -0.62 -2.04
H27 28J D 5 -6.65 -2.09 -1.08
H28 28J D 5 -7.88 -1.78 -3.78
H29 28J D 5 -8.02 -3.23 -2.79
H30 28J D 5 -6.44 -2.69 -3.34
N ILE D 6 -7.37 1.33 -0.96
CA ILE D 6 -6.37 2.31 -1.37
C ILE D 6 -6.93 3.73 -1.54
N SER D 7 -6.04 4.69 -1.18
CA SER D 7 -6.23 6.13 -1.49
C SER D 7 -5.15 7.03 -0.94
N DTH D 8 -4.89 8.11 -1.67
CA DTH D 8 -3.90 9.05 -1.20
CB DTH D 8 -4.46 10.38 -0.63
CG2 DTH D 8 -5.49 10.16 0.48
OG1 DTH D 8 -4.96 11.20 -1.67
C DTH D 8 -2.84 9.49 -2.26
O DTH D 8 -2.13 10.44 -1.92
H DTH D 8 -5.27 8.19 -2.59
HA DTH D 8 -3.34 8.55 -0.42
HB DTH D 8 -3.61 10.90 -0.19
HG21 DTH D 8 -6.37 9.68 0.09
HG22 DTH D 8 -5.76 11.12 0.91
HG23 DTH D 8 -5.05 9.55 1.25
N ALA D 9 -2.78 8.91 -3.45
CA ALA D 9 -1.83 9.36 -4.44
C ALA D 9 -1.89 10.87 -4.62
N EI4 D 10 -2.91 11.43 -5.27
CA EI4 D 10 -2.96 12.89 -5.45
CB EI4 D 10 -3.55 13.24 -6.83
CG EI4 D 10 -2.56 13.30 -7.97
CD2 EI4 D 10 -1.62 11.97 -7.95
NE2 EI4 D 10 -2.06 11.25 -9.19
CE1 EI4 D 10 -2.90 12.01 -9.97
ND1 EI4 D 10 -3.19 13.19 -9.31
NT EI4 D 10 -3.24 11.73 -11.22
C EI4 D 10 -3.71 13.57 -4.30
O EI4 D 10 -3.37 14.68 -3.88
H EI4 D 10 -3.61 10.87 -5.66
HA EI4 D 10 -1.94 13.25 -5.42
HB EI4 D 10 -4.04 14.22 -6.75
HBA EI4 D 10 -4.29 12.51 -7.06
HG1 EI4 D 10 -1.94 14.19 -7.91
HD2 EI4 D 10 -1.84 11.38 -7.08
HE EI4 D 10 -1.70 10.37 -9.43
HND1 EI4 D 10 -3.78 13.90 -9.69
HD1 EI4 D 10 -0.59 12.24 -8.00
H1 EI4 D 10 -2.88 10.91 -11.66
HH12 EI4 D 10 -3.87 12.32 -11.70
N ILE D 11 -4.73 12.89 -3.78
CA ILE D 11 -5.50 13.38 -2.63
C ILE D 11 -5.02 12.62 -1.42
N ALA E 1 11.85 -13.08 0.06
CA ALA E 1 11.45 -14.37 -0.54
C ALA E 1 10.49 -15.11 0.38
N DGL E 2 10.86 -15.25 1.65
CA DGL E 2 9.91 -15.85 2.68
C DGL E 2 8.45 -15.63 2.28
O DGL E 2 8.12 -14.40 1.92
CB DGL E 2 9.88 -17.39 2.55
CG DGL E 2 10.23 -18.04 1.17
CD DGL E 2 9.09 -18.81 0.52
OE1 DGL E 2 9.13 -20.05 0.42
H DGL E 2 11.67 -14.67 2.01
HB2 DGL E 2 8.84 -17.65 2.82
HB3 DGL E 2 10.49 -17.80 3.37
HG2 DGL E 2 11.05 -18.76 1.37
HG3 DGL E 2 10.60 -17.29 0.49
N LYS E 3 8.16 -18.08 0.00
CA LYS E 3 6.98 -18.62 -0.66
C LYS E 3 6.03 -19.43 0.26
N DAL E 4 5.84 -18.73 1.46
CA DAL E 4 4.95 -19.06 2.76
CB DAL E 4 5.31 -20.34 3.79
C DAL E 4 3.44 -18.75 2.11
O DAL E 4 2.68 -19.63 1.73
H DAL E 4 6.38 -17.91 1.49
HA DAL E 4 4.91 -19.58 2.54
HB1 DAL E 4 6.38 -20.35 4.04
HB2 DAL E 4 5.08 -21.31 3.35
HB3 DAL E 4 4.76 -20.27 4.78
N DAL E 5 3.21 -17.42 2.00
CA DAL E 5 1.93 -16.65 1.34
CB DAL E 5 0.70 -17.12 2.37
C DAL E 5 1.41 -17.31 -0.14
O DAL E 5 0.17 -17.69 -0.47
OXT DAL E 5 2.04 -16.65 -1.05
H DAL E 5 4.06 -16.85 1.99
HA DAL E 5 2.33 -17.11 0.94
HB1 DAL E 5 0.93 -16.73 3.26
HB2 DAL E 5 0.67 -18.19 2.36
HB3 DAL E 5 -0.32 -16.74 1.99
N ALA F 1 9.09 13.27 -10.26
CA ALA F 1 10.43 13.70 -10.75
C ALA F 1 11.22 14.50 -9.72
N DGL F 2 12.09 15.48 -10.23
CA DGL F 2 12.83 16.32 -9.13
C DGL F 2 12.01 16.68 -7.85
O DGL F 2 10.97 17.32 -7.97
CB DGL F 2 14.03 15.67 -8.52
CG DGL F 2 14.16 14.12 -8.58
CD DGL F 2 14.61 13.47 -7.28
OE1 DGL F 2 15.42 12.52 -7.28
H DGL F 2 12.17 15.59 -11.18
HB2 DGL F 2 13.87 15.95 -7.44
HB3 DGL F 2 14.93 16.14 -8.82
HG2 DGL F 2 14.92 13.91 -9.33
HG3 DGL F 2 13.23 13.65 -8.91
N LYS F 3 14.05 13.92 -6.20
CA LYS F 3 14.35 13.44 -4.86
C LYS F 3 15.77 13.79 -4.36
N DAL F 4 16.00 13.16 -3.14
CA DAL F 4 17.30 13.11 -2.22
CB DAL F 4 18.78 12.69 -2.92
C DAL F 4 16.56 12.47 -0.85
O DAL F 4 15.80 11.52 -0.86
H DAL F 4 15.19 12.70 -2.80
HA DAL F 4 17.39 12.54 -2.27
HB1 DAL F 4 19.01 13.31 -3.78
HB2 DAL F 4 18.82 11.65 -3.27
HB3 DAL F 4 19.68 12.81 -2.21
N DAL F 5 16.89 13.06 0.31
CA DAL F 5 16.50 12.71 1.87
CB DAL F 5 17.08 11.17 1.74
C DAL F 5 14.88 12.81 1.62
O DAL F 5 14.33 13.83 1.16
OXT DAL F 5 14.15 11.68 1.75
H DAL F 5 17.40 13.97 0.21
HA DAL F 5 15.96 12.24 2.68
HB1 DAL F 5 18.06 11.15 1.99
HB2 DAL F 5 16.86 10.96 0.76
HB3 DAL F 5 16.48 10.50 2.42
N ALA G 1 1.80 -16.63 -5.46
CA ALA G 1 2.00 -17.85 -6.27
C ALA G 1 1.67 -19.06 -5.42
N DGL G 2 1.96 -20.25 -5.93
CA DGL G 2 1.84 -21.48 -5.14
C DGL G 2 2.40 -21.28 -3.68
O DGL G 2 3.56 -20.65 -3.60
CB DGL G 2 0.33 -21.68 -4.82
CG DGL G 2 -0.65 -22.09 -6.02
CD DGL G 2 -1.78 -23.04 -5.58
OE1 DGL G 2 -2.30 -23.82 -6.39
H DGL G 2 2.46 -20.34 -6.84
HB2 DGL G 2 -0.02 -20.75 -4.38
HB3 DGL G 2 0.28 -22.44 -4.02
HG2 DGL G 2 -0.03 -22.64 -6.75
HG3 DGL G 2 -1.07 -21.21 -6.51
N LYS G 3 -2.18 -22.91 -4.35
CA LYS G 3 -3.25 -23.72 -3.76
C LYS G 3 -2.95 -25.22 -3.61
N DAL G 4 -2.17 -25.44 -2.48
CA DAL G 4 -1.64 -26.78 -1.82
CB DAL G 4 -0.19 -27.47 -2.37
C DAL G 4 -3.14 -27.52 -1.62
O DAL G 4 -3.67 -28.25 -2.46
H DAL G 4 -1.88 -24.58 -2.06
HA DAL G 4 -1.68 -27.11 -2.30
HB1 DAL G 4 -0.30 -27.84 -3.39
HB2 DAL G 4 0.14 -28.32 -1.76
HB3 DAL G 4 0.69 -26.73 -2.41
N DAL G 5 -3.76 -27.28 -0.47
CA DAL G 5 -5.15 -27.86 0.16
CB DAL G 5 -4.67 -29.42 0.01
C DAL G 5 -6.10 -27.32 -1.06
O DAL G 5 -6.17 -26.12 -1.38
OXT DAL G 5 -6.64 -28.24 -1.89
H DAL G 5 -3.34 -26.52 0.11
HA DAL G 5 -6.09 -28.35 0.15
HB1 DAL G 5 -4.16 -29.71 0.81
HB2 DAL G 5 -4.15 -29.39 -0.89
HB3 DAL G 5 -5.60 -30.08 -0.14
N ALA H 1 -3.45 7.95 -13.22
CA ALA H 1 -2.28 7.54 -14.05
C ALA H 1 -0.95 7.85 -13.35
N DGL H 2 -0.62 9.22 -13.33
CA DGL H 2 0.70 9.54 -12.56
C DGL H 2 0.65 9.12 -11.03
O DGL H 2 1.68 8.40 -10.62
CB DGL H 2 1.85 8.85 -13.05
CG DGL H 2 2.15 8.89 -14.61
CD DGL H 2 2.91 7.66 -15.15
OE1 DGL H 2 3.46 7.71 -16.25
H DGL H 2 -1.21 9.85 -13.65
HA DGL H 2 -0.13 9.17 -12.06
HB2 DGL H 2 1.68 7.78 -12.76
HB3 DGL H 2 2.72 9.16 -12.49
HG2 DGL H 2 2.79 9.76 -14.76
HG3 DGL H 2 1.24 9.03 -15.17
N LYS H 3 2.84 6.58 -14.43
CA LYS H 3 3.48 5.31 -14.79
C LYS H 3 4.91 5.43 -15.37
N DAL H 4 5.77 5.93 -14.40
CA DAL H 4 7.33 6.18 -14.42
CB DAL H 4 8.03 7.28 -15.53
C DAL H 4 7.82 4.60 -14.13
O DAL H 4 7.41 3.62 -14.74
H DAL H 4 5.28 6.18 -13.58
HA DAL H 4 7.38 6.00 -14.98
HB1 DAL H 4 7.97 6.88 -16.53
HB2 DAL H 4 9.10 7.47 -15.33
HB3 DAL H 4 7.51 8.29 -15.57
N DAL H 5 8.71 4.45 -13.14
CA DAL H 5 9.48 3.11 -12.61
CB DAL H 5 10.21 2.85 -14.05
C DAL H 5 8.09 2.25 -12.37
O DAL H 5 7.13 2.69 -11.70
OXT DAL H 5 7.92 1.15 -13.12
H DAL H 5 8.87 5.28 -12.54
HA DAL H 5 9.68 2.06 -12.52
HB1 DAL H 5 11.05 3.39 -14.14
HB2 DAL H 5 9.44 3.08 -14.71
HB3 DAL H 5 10.44 1.73 -14.14
C1 MUB I . 9.93 -9.29 2.32
C2 MUB I . 11.38 -9.36 1.80
C3 MUB I . 11.35 -9.43 0.28
C4 MUB I . 10.33 -10.46 -0.21
C5 MUB I . 8.92 -10.05 0.25
C6 MUB I . 8.15 -11.21 0.86
C7 MUB I . 12.19 -7.09 1.56
C8 MUB I . 13.05 -5.94 2.07
C9 MUB I . 13.17 -11.00 0.29
C10 MUB I . 12.80 -12.27 -0.46
C11 MUB I . 14.28 -11.04 1.41
O1 MUB I . 9.88 -8.31 3.28
O3 MUB I . 12.70 -9.74 -0.20
O4 MUB I . 10.39 -10.66 -1.66
O5 MUB I . 9.05 -8.99 1.26
O6 MUB I . 9.02 -12.07 1.59
O7 MUB I . 11.54 -6.97 0.50
O10 MUB I . 13.35 -12.46 -1.56
N2 MUB I . 12.17 -8.22 2.28
H1 MUB I . 9.64 -10.25 2.76
H2 MUB I . 11.79 -10.23 2.33
HN2 MUB I . 12.71 -8.32 3.08
H81 MUB I . 14.08 -6.27 2.20
H82 MUB I . 12.67 -5.61 3.03
H83 MUB I . 12.99 -5.11 1.38
H3 MUB I . 11.22 -8.42 -0.15
H9 MUB I . 12.25 -11.18 0.81
H111 MUB I . 15.14 -10.41 1.12
H112 MUB I . 14.66 -12.03 1.47
H113 MUB I . 13.88 -10.77 2.38
H4 MUB I . 10.67 -11.48 -0.02
H5 MUB I . 8.31 -9.76 -0.50
H61 MUB I . 7.84 -11.83 0.00
H62 MUB I . 7.25 -10.92 1.47
HO6 MUB I . 8.68 -12.96 1.73
C1 NAG I . 10.78 -9.52 -2.46
C2 NAG I . 10.54 -9.84 -3.94
C3 NAG I . 10.94 -8.66 -4.82
C4 NAG I . 10.29 -7.38 -4.30
C5 NAG I . 10.57 -7.19 -2.81
C6 NAG I . 9.86 -5.95 -2.26
C7 NAG I . 12.58 -11.07 -4.44
C8 NAG I . 13.15 -12.44 -4.83
N2 NAG I . 11.25 -11.04 -4.32
O3 NAG I . 10.52 -8.91 -6.15
O4 NAG I . 10.80 -6.26 -5.03
O5 NAG I . 10.08 -8.32 -2.07
O6 NAG I . 10.63 -5.32 -1.25
O7 NAG I . 13.24 -10.06 -4.63
H1 NAG I . 11.86 -9.44 -2.21
H2 NAG I . 9.61 -10.16 -4.26
H3 NAG I . 12.03 -8.51 -4.82
H4 NAG I . 9.22 -7.47 -4.65
H5 NAG I . 11.61 -7.02 -2.56
H61 NAG I . 8.89 -6.19 -1.80
H62 NAG I . 9.66 -5.28 -3.10
H81 NAG I . 14.23 -12.37 -4.94
H82 NAG I . 12.72 -12.76 -5.76
H83 NAG I . 12.90 -13.17 -4.05
HN2 NAG I . 10.78 -11.88 -4.16
HO3 NAG I . 10.96 -9.63 -6.51
HO4 NAG I . 10.81 -6.52 -5.96
HO6 NAG I . 10.87 -6.03 -0.64
C1 MUB J . 6.28 12.09 -6.40
C2 MUB J . 5.77 11.86 -7.84
C3 MUB J . 6.69 10.87 -8.53
C4 MUB J . 8.15 11.05 -8.11
C5 MUB J . 8.31 10.85 -6.59
C6 MUB J . 9.24 11.87 -5.98
C7 MUB J . 4.09 10.12 -7.69
C8 MUB J . 2.62 9.71 -7.74
C9 MUB J . 6.78 12.35 -10.43
C10 MUB J . 8.13 12.68 -11.04
C11 MUB J . 5.58 13.36 -10.57
O1 MUB J . 5.22 12.36 -5.57
O3 MUB J . 6.52 11.00 -9.97
O4 MUB J . 9.03 10.18 -8.87
O5 MUB J . 7.02 10.96 -5.97
O6 MUB J . 9.21 13.09 -6.71
O7 MUB J . 4.98 9.27 -7.55
O10 MUB J . 8.34 12.29 -12.20
N2 MUB J . 4.38 11.42 -7.84
H1 MUB J . 6.92 12.97 -6.34
H2 MUB J . 5.73 12.88 -8.24
HN2 MUB J . 3.67 12.09 -7.97
H81 MUB J . 2.08 10.17 -6.92
H82 MUB J . 2.55 8.63 -7.66
H83 MUB J . 2.20 10.02 -8.70
H3 MUB J . 6.32 9.84 -8.40
H9 MUB J . 7.27 12.60 -9.51
H111 MUB J . 4.67 12.83 -10.90
H112 MUB J . 5.82 14.05 -11.32
H113 MUB J . 5.43 13.90 -9.64
H4 MUB J . 8.57 11.96 -8.57
H5 MUB J . 8.79 10.00 -6.32
H61 MUB J . 10.28 11.49 -6.16
H62 MUB J . 9.12 12.04 -4.86
HO6 MUB J . 10.10 13.46 -6.84
C1 NAG J . 8.46 8.94 -9.30
C2 NAG J . 9.52 8.07 -10.01
C3 NAG J . 8.92 6.76 -10.46
C4 NAG J . 8.19 6.09 -9.29
C5 NAG J . 7.20 7.04 -8.65
C6 NAG J . 6.52 6.41 -7.43
C7 NAG J . 9.41 9.13 -12.19
C8 NAG J . 10.20 9.92 -13.26
N2 NAG J . 10.13 8.80 -11.12
O3 NAG J . 9.94 5.90 -10.93
O4 NAG J . 7.51 4.94 -9.75
O5 NAG J . 7.87 8.23 -8.19
O6 NAG J . 7.23 6.69 -6.23
O7 NAG J . 8.38 8.57 -12.50
H1 NAG J . 7.70 9.27 -10.03
H2 NAG J . 10.42 7.85 -9.59
H3 NAG J . 8.20 6.91 -11.28
H4 NAG J . 9.03 5.68 -8.65
H5 NAG J . 6.38 7.33 -9.28
H61 NAG J . 6.52 5.30 -7.51
H62 NAG J . 5.48 6.73 -7.41
H81 NAG J . 9.56 10.08 -14.12
H82 NAG J . 11.06 9.35 -13.56
H83 NAG J . 10.54 10.86 -12.84
HN2 NAG J . 10.93 9.29 -10.92
HO3 NAG J . 10.64 5.81 -10.31
HO4 NAG J . 8.11 4.49 -10.37
HO6 NAG J . 7.42 7.63 -6.29
C1 MUB K . -1.37 -14.46 -2.08
C2 MUB K . -0.12 -13.96 -2.86
C3 MUB K . -0.43 -13.86 -4.34
C4 MUB K . -0.89 -15.22 -4.90
C5 MUB K . -2.02 -15.77 -4.03
C6 MUB K . -1.61 -17.07 -3.33
C7 MUB K . -0.33 -11.59 -2.93
C8 MUB K . 0.16 -10.22 -2.57
C9 MUB K . 1.88 -14.24 -4.86
C10 MUB K . 2.11 -15.38 -5.85
C11 MUB K . 3.06 -13.81 -3.90
O1 MUB K . -1.78 -13.50 -1.18
O3 MUB K . 0.76 -13.38 -5.05
O4 MUB K . -1.23 -15.17 -6.33
O5 MUB K . -2.40 -14.78 -3.01
O6 MUB K . -0.29 -16.97 -2.82
O7 MUB K . -1.44 -11.73 -3.50
O10 MUB K . 2.49 -15.07 -6.99
N2 MUB K . 0.31 -12.64 -2.42
H1 MUB K . -1.20 -15.37 -1.59
H2 MUB K . 0.65 -14.67 -2.58
HN2 MUB K . 1.19 -12.52 -2.00
H81 MUB K . 0.07 -10.09 -1.49
H82 MUB K . -0.44 -9.47 -3.06
H83 MUB K . 1.19 -10.12 -2.88
H3 MUB K . -1.16 -13.04 -4.54
H9 MUB K . 1.30 -14.96 -4.29
H111 MUB K . 3.37 -12.76 -4.11
H112 MUB K . 3.90 -14.40 -4.11
H113 MUB K . 2.79 -13.95 -2.86
H4 MUB K . -0.04 -15.85 -5.16
H5 MUB K . -2.78 -16.03 -4.60
H61 MUB K . -1.49 -17.79 -4.19
H62 MUB K . -2.35 -17.52 -2.63
HO6 MUB K . -0.15 -17.32 -1.92
C1 NAG K . -1.32 -13.88 -6.98
C2 NAG K . -1.58 -14.09 -8.47
C3 NAG K . -1.64 -12.74 -9.20
C4 NAG K . -2.64 -11.82 -8.49
C5 NAG K . -2.33 -11.70 -7.01
C6 NAG K . -3.38 -10.86 -6.30
C7 NAG K . 0.66 -14.48 -9.34
C8 NAG K . 1.60 -15.54 -9.94
N2 NAG K . -0.56 -14.93 -9.06
O3 NAG K . -2.07 -12.96 -10.53
O4 NAG K . -2.61 -10.54 -9.09
O5 NAG K . -2.33 -13.02 -6.40
O6 NAG K . -2.89 -10.33 -5.08
O7 NAG K . 0.90 -13.29 -9.54
H1 NAG K . -0.31 -13.42 -6.80
H2 NAG K . -2.41 -14.63 -8.72
H3 NAG K . -0.67 -12.23 -9.20
H4 NAG K . -3.64 -12.25 -8.81
H5 NAG K . -1.39 -11.21 -6.77
H61 NAG K . -4.27 -11.44 -6.01
H62 NAG K . -3.74 -10.09 -6.98
H81 NAG K . 2.56 -15.09 -10.15
H82 NAG K . 1.17 -15.93 -10.85
H83 NAG K . 1.70 -16.37 -9.23
HN2 NAG K . -0.67 -15.88 -8.91
HO3 NAG K . -1.40 -13.41 -11.02
HO4 NAG K . -2.60 -10.67 -10.05
HO6 NAG K . -2.53 -11.13 -4.66
C1 MUB L . -5.19 8.09 -8.57
C2 MUB L . -6.03 8.34 -9.82
C3 MUB L . -6.07 7.10 -10.67
C4 MUB L . -4.68 6.44 -10.82
C5 MUB L . -4.13 6.09 -9.45
C6 MUB L . -2.69 6.58 -9.24
C7 MUB L . -8.32 7.90 -9.19
C8 MUB L . -9.71 8.42 -8.82
C9 MUB L . -5.82 8.42 -12.66
C10 MUB L . -4.74 7.92 -13.62
C11 MUB L . -6.24 9.94 -12.68
O1 MUB L . -5.89 8.56 -7.48
O3 MUB L . -6.63 7.46 -11.98
O4 MUB L . -4.71 5.29 -11.71
O5 MUB L . -4.97 6.68 -8.42
O6 MUB L . -2.58 7.95 -9.57
O7 MUB L . -8.11 6.66 -9.30
O10 MUB L . -5.12 7.39 -14.67
N2 MUB L . -7.37 8.79 -9.44
H1 MUB L . -4.17 8.49 -8.72
H2 MUB L . -5.57 9.25 -10.26
HN2 MUB L . -7.55 9.76 -9.40
H81 MUB L . -10.37 7.58 -8.61
H82 MUB L . -10.10 8.98 -9.64
H83 MUB L . -9.61 9.06 -7.95
H3 MUB L . -6.84 6.42 -10.29
H9 MUB L . -5.04 8.34 -11.94
H111 MUB L . -7.32 10.04 -12.94
H112 MUB L . -5.70 10.42 -13.44
H113 MUB L . -6.01 10.41 -11.73
H4 MUB L . -4.05 7.02 -11.51
H5 MUB L . -4.00 5.10 -9.28
H61 MUB L . -2.06 6.05 -10.01
H62 MUB L . -2.28 6.36 -8.20
HO6 MUB L . -1.67 8.24 -9.79
C1 NAG L . -5.99 4.61 -11.87
C2 NAG L . -5.79 3.32 -12.65
C3 NAG L . -7.14 2.64 -12.86
C4 NAG L . -7.87 2.49 -11.52
C5 NAG L . -7.93 3.80 -10.77
C6 NAG L . -8.56 3.64 -9.39
C7 NAG L . -5.77 4.27 -14.88
C8 NAG L . -4.92 4.50 -16.15
N2 NAG L . -5.15 3.60 -13.93
O3 NAG L . -6.93 1.36 -13.44
O4 NAG L . -9.18 1.99 -11.75
O5 NAG L . -6.60 4.33 -10.59
O6 NAG L . -7.69 2.98 -8.49
O7 NAG L . -6.99 4.40 -14.94
H1 NAG L . -6.57 5.36 -12.43
H2 NAG L . -5.14 2.58 -12.38
H3 NAG L . -7.79 3.21 -13.52
H4 NAG L . -7.33 1.61 -11.04
H5 NAG L . -8.56 4.55 -11.25
H61 NAG L . -9.49 3.05 -9.41
H62 NAG L . -8.84 4.64 -9.04
H81 NAG L . -4.58 3.54 -16.52
H82 NAG L . -4.07 5.11 -15.91
H83 NAG L . -5.52 5.00 -16.91
HN2 NAG L . -4.18 3.55 -13.93
HO3 NAG L . -6.60 1.44 -14.32
HO4 NAG L . -9.12 1.26 -12.37
HO6 NAG L . -6.83 3.39 -8.61
P 2PO M . 10.27 -8.64 4.81
O1P 2PO M . 10.95 -7.48 5.44
O2P 2PO M . 10.98 -9.96 4.83
O3P 2PO M . 8.85 -8.82 5.47
P 2PO N . 7.99 -7.51 5.73
O1P 2PO N . 6.66 -7.90 6.30
O2P 2PO N . 8.84 -6.55 6.47
O3P 2PO N . 7.77 -6.97 4.23
C1 P1W O . 6.95 -5.84 3.99
C2 P1W O . 7.08 -5.44 2.54
C3 P1W O . 8.21 -5.01 1.95
C4 P1W O . 8.27 -4.64 0.48
C5 P1W O . 9.54 -4.91 2.70
H12 P1W O . 5.93 -6.10 4.22
H11 P1W O . 7.27 -5.02 4.64
H2 P1W O . 6.27 -5.80 1.91
H41 P1W O . 8.67 -3.63 0.37
H42 P1W O . 8.92 -5.32 -0.05
H51 P1W O . 10.24 -5.62 2.29
H52 P1W O . 9.39 -5.10 3.75
H53 P1W O . 9.94 -3.90 2.57
C1 P1W P . 6.87 -4.68 -0.17
C2 P1W P . 6.84 -3.83 -1.39
C3 P1W P . 5.72 -3.33 -1.93
C4 P1W P . 5.75 -2.51 -3.20
C5 P1W P . 4.32 -3.54 -1.34
H12 P1W P . 6.14 -4.32 0.55
H11 P1W P . 6.65 -5.70 -0.42
H2 P1W P . 7.73 -3.92 -2.00
H41 P1W P . 4.97 -1.76 -3.17
H42 P1W P . 6.72 -2.02 -3.28
H51 P1W P . 4.31 -4.46 -0.78
H52 P1W P . 3.61 -3.61 -2.14
H53 P1W P . 4.06 -2.72 -0.69
C1 P1W Q . 11.19 2.24 -0.57
C2 P1W Q . 9.74 2.14 -0.20
C3 P1W Q . 8.72 2.51 -0.97
C4 P1W Q . 7.25 2.36 -0.56
C5 P1W Q . 8.90 3.16 -2.36
H12 P1W Q . 11.65 1.26 -0.55
H11 P1W Q . 11.28 2.65 -1.56
H2 P1W Q . 9.57 1.51 0.67
H43 P1W Q . 6.61 2.79 -1.31
H41 P1W Q . 7.08 2.88 0.38
H42 P1W Q . 7.01 1.31 -0.42
H51 P1W Q . 9.73 3.84 -2.32
H52 P1W Q . 8.01 3.68 -2.62
H53 P1W Q . 9.10 2.39 -3.10
C1 P1W R . 5.55 -3.43 -4.40
C2 P1W R . 4.08 -3.55 -4.70
C3 P1W R . 3.40 -4.66 -4.60
C4 P1W R . 1.88 -4.80 -4.92
C5 P1W R . 4.04 -5.97 -4.13
H12 P1W R . 5.95 -4.41 -4.16
H11 P1W R . 6.06 -3.02 -5.25
H2 P1W R . 3.65 -2.65 -5.12
H43 P1W R . 1.31 -4.69 -4.00
H41 P1W R . 1.70 -5.79 -5.33
H42 P1W R . 1.59 -4.05 -5.64
H51 P1W R . 4.77 -6.29 -4.85
H52 P1W R . 3.26 -6.72 -4.04
H53 P1W R . 4.51 -5.82 -3.16
P 2PO S . 5.45 13.30 -4.30
O1P 2PO S . 4.34 13.12 -3.35
O2P 2PO S . 5.70 14.68 -4.79
O3P 2PO S . 6.81 12.74 -3.69
P 2PO T . 6.91 11.20 -3.27
O1P 2PO T . 7.23 11.12 -1.81
O2P 2PO T . 5.70 10.51 -3.78
O3P 2PO T . 8.18 10.70 -4.09
C1 P1W U . 9.38 10.33 -3.41
C2 P1W U . 9.21 8.95 -2.80
C3 P1W U . 10.23 8.21 -2.38
C4 P1W U . 10.02 6.83 -1.76
C5 P1W U . 11.68 8.66 -2.49
H12 P1W U . 10.20 10.33 -4.11
H11 P1W U . 9.57 11.03 -2.62
H2 P1W U . 8.23 8.77 -2.40
H41 P1W U . 8.96 6.62 -1.72
H42 P1W U . 10.50 6.08 -2.39
H51 P1W U . 12.32 7.89 -2.10
H52 P1W U . 11.82 9.56 -1.92
H53 P1W U . 11.92 8.84 -3.53
C1 P1W V . -6.61 -8.67 -4.28
C2 P1W V . -7.65 -7.60 -4.46
C3 P1W V . -8.32 -7.46 -5.60
C4 P1W V . -9.36 -6.38 -5.83
C5 P1W V . -8.17 -8.41 -6.80
H12 P1W V . -6.44 -9.21 -5.21
H11 P1W V . -5.68 -8.24 -3.95
H2 P1W V . -7.52 -6.76 -3.79
H41 P1W V . -9.57 -6.32 -6.90
H42 P1W V . -10.25 -6.64 -5.30
H51 P1W V . -8.33 -9.43 -6.50
H52 P1W V . -7.18 -8.32 -7.21
H53 P1W V . -8.90 -8.15 -7.57
C1 P1W W . -8.85 -5.04 -5.34
C2 P1W W . -9.81 -3.93 -5.70
C3 P1W W . -9.48 -2.91 -6.48
C4 P1W W . -10.42 -1.74 -6.88
C5 P1W W . -8.06 -2.72 -7.04
H12 P1W W . -7.89 -4.83 -5.80
H11 P1W W . -8.76 -5.08 -4.28
H2 P1W W . -10.68 -3.88 -5.06
H43 P1W W . -10.36 -1.55 -7.93
H41 P1W W . -10.14 -0.85 -6.34
H42 P1W W . -11.45 -1.99 -6.62
H51 P1W W . -7.76 -3.60 -7.60
H52 P1W W . -7.37 -2.55 -6.23
H53 P1W W . -8.03 -1.86 -7.71
C1 P1W X . 1.28 -0.14 -6.90
C2 P1W X . 1.68 0.72 -5.73
C3 P1W X . 2.17 1.95 -5.85
C4 P1W X . 2.59 2.82 -4.64
C5 P1W X . 2.35 2.63 -7.21
H12 P1W X . 0.95 0.49 -7.72
H11 P1W X . 2.11 -0.73 -7.21
H2 P1W X . 1.69 0.20 -4.79
H43 P1W X . 3.57 2.52 -4.30
H41 P1W X . 1.88 2.69 -3.84
H42 P1W X . 2.61 3.86 -4.94
H51 P1W X . 3.06 2.07 -7.80
H52 P1W X . 2.73 3.63 -7.05
H53 P1W X . 1.40 2.69 -7.73
C1 P1W Y . 10.61 6.76 -0.35
C2 P1W Y . 10.73 5.33 0.10
C3 P1W Y . 11.85 4.61 -0.03
C4 P1W Y . 11.95 3.16 0.40
C5 P1W Y . 13.16 5.16 -0.60
H12 P1W Y . 9.95 7.30 0.33
H11 P1W Y . 11.57 7.23 -0.35
H2 P1W Y . 9.78 4.85 0.29
H41 P1W Y . 12.99 2.86 0.43
H42 P1W Y . 11.51 3.05 1.39
H51 P1W Y . 13.55 5.92 0.06
H52 P1W Y . 12.98 5.58 -1.57
H53 P1W Y . 13.89 4.35 -0.69
P 2PO Z . -1.64 -13.74 0.43
O1P 2PO Z . -0.46 -12.99 0.93
O2P 2PO Z . -1.73 -15.20 0.71
O3P 2PO Z . -2.93 -13.09 1.05
P 2PO AA . -4.24 -13.01 0.19
O1P 2PO AA . -4.89 -14.36 0.17
O2P 2PO AA . -4.98 -11.84 0.67
O3P 2PO AA . -3.64 -12.65 -1.24
C1 P1W BA . -4.47 -12.45 -2.36
C2 P1W BA . -5.31 -11.18 -2.29
C3 P1W BA . -6.15 -10.87 -3.24
C4 P1W BA . -7.05 -9.65 -3.21
C5 P1W BA . -6.22 -11.70 -4.50
H12 P1W BA . -3.83 -12.41 -3.24
H11 P1W BA . -5.12 -13.30 -2.45
H2 P1W BA . -5.21 -10.57 -1.42
H41 P1W BA . -8.07 -9.96 -3.40
H42 P1W BA . -6.99 -9.17 -2.24
H51 P1W BA . -5.49 -12.49 -4.46
H52 P1W BA . -6.02 -11.07 -5.35
H53 P1W BA . -7.22 -12.12 -4.58
P 2PO CA . -5.21 9.63 -6.48
O1P 2PO CA . -6.26 10.32 -5.70
O2P 2PO CA . -4.22 10.43 -7.24
O3P 2PO CA . -4.45 8.68 -5.51
P 2PO DA . -5.21 7.36 -5.16
O1P 2PO DA . -4.77 6.86 -3.83
O2P 2PO DA . -6.68 7.58 -5.43
O3P 2PO DA . -4.59 6.41 -6.25
C1 P1W EA . -3.59 5.53 -5.85
C2 P1W EA . -3.59 4.40 -6.83
C3 P1W EA . -2.67 3.46 -6.96
C4 P1W EA . -2.84 2.41 -8.01
C5 P1W EA . -1.37 3.34 -6.12
H12 P1W EA . -2.65 6.06 -5.84
H11 P1W EA . -3.82 5.16 -4.85
H2 P1W EA . -4.56 4.22 -7.28
H41 P1W EA . -3.67 2.67 -8.64
H42 P1W EA . -1.93 2.35 -8.61
H51 P1W EA . -1.08 2.29 -6.06
H52 P1W EA . -1.55 3.71 -5.13
H53 P1W EA . -0.58 3.91 -6.58
C1 P1W FA . -3.08 1.06 -7.36
C2 P1W FA . -1.83 0.23 -7.44
C3 P1W FA . -1.18 -0.27 -6.37
C4 P1W FA . 0.12 -1.07 -6.48
C5 P1W FA . -1.68 -0.11 -4.93
H12 P1W FA . -3.91 0.56 -7.86
H11 P1W FA . -3.35 1.22 -6.32
H2 P1W FA . -1.33 0.30 -8.40
H41 P1W FA . 0.35 -1.49 -5.52
H42 P1W FA . 0.01 -1.85 -7.21
H51 P1W FA . -2.74 -0.37 -4.89
H52 P1W FA . -1.56 0.91 -4.62
H53 P1W FA . -1.13 -0.76 -4.28
N ZAE A 1 13.17 12.48 2.45
CA ZAE A 1 12.50 11.46 1.59
C ZAE A 1 10.99 11.45 1.82
O ZAE A 1 10.43 12.46 2.21
CB ZAE A 1 12.74 11.84 0.12
CG ZAE A 1 12.46 10.76 -0.88
CD1 ZAE A 1 11.68 11.03 -1.98
CD2 ZAE A 1 13.02 9.50 -0.75
CE1 ZAE A 1 11.47 10.05 -2.93
CE2 ZAE A 1 12.79 8.52 -1.71
CZ ZAE A 1 12.01 8.81 -2.81
C10 ZAE A 1 13.27 12.03 3.85
H ZAE A 1 12.64 13.36 2.42
HA ZAE A 1 12.90 10.49 1.77
HB2 ZAE A 1 12.12 12.69 -0.13
HB3 ZAE A 1 13.77 12.13 0.01
HD1 ZAE A 1 11.23 12.00 -2.09
HD2 ZAE A 1 13.64 9.28 0.10
HE1 ZAE A 1 10.83 10.28 -3.78
HE2 ZAE A 1 13.22 7.54 -1.60
HZ ZAE A 1 11.82 8.06 -3.57
H11 ZAE A 1 13.72 12.81 4.44
H12 ZAE A 1 13.87 11.13 3.92
H13 ZAE A 1 12.28 11.83 4.25
HN2 ZAE A 1 14.13 12.65 2.06
N ILE A 2 10.32 10.31 1.61
CA ILE A 2 8.86 10.25 1.80
C ILE A 2 8.47 9.46 3.10
N SER A 3 7.18 9.54 3.60
CA SER A 3 6.77 8.85 4.84
C SER A 3 5.80 7.73 4.53
N DGN A 4 5.55 6.96 5.54
CA DGN A 4 4.66 5.81 5.42
C DGN A 4 5.41 4.57 5.71
O DGN A 4 6.59 4.58 6.05
CB DGN A 4 3.37 5.86 6.30
CG DGN A 4 3.58 6.00 7.81
CD DGN A 4 3.71 7.43 8.27
OE1 DGN A 4 4.80 7.99 8.27
NE2 DGN A 4 2.59 8.04 8.62
H DGN A 4 5.98 7.13 6.40
HA DGN A 4 4.35 5.78 4.39
HB2 DGN A 4 2.83 4.94 6.13
HB3 DGN A 4 2.76 6.69 5.98
HG2 DGN A 4 4.47 5.46 8.09
HG3 DGN A 4 2.72 5.56 8.31
HE21 DGN A 4 1.75 7.52 8.57
HE22 DGN A 4 2.64 8.96 8.93
N 28J A 5 4.69 3.49 5.56
CA 28J A 5 5.29 2.18 5.82
CB 28J A 5 6.72 2.04 5.21
CG2 28J A 5 7.60 1.16 6.10
CG1 28J A 5 6.67 1.45 3.79
CD1 28J A 5 6.78 2.49 2.69
C 28J A 5 4.44 1.04 5.34
O 28J A 5 3.29 1.24 4.83
HA 28J A 5 5.39 2.08 6.88
H22 28J A 5 7.16 3.02 5.16
H23 28J A 5 7.25 1.22 7.12
H24 28J A 5 8.63 1.52 6.04
H25 28J A 5 7.55 0.15 5.76
H26 28J A 5 7.50 0.77 3.67
H27 28J A 5 5.74 0.92 3.66
H28 28J A 5 7.72 3.01 2.78
H29 28J A 5 5.96 3.19 2.77
H30 28J A 5 6.74 2.00 1.74
N ILE A 6 5.04 -0.15 5.58
CA ILE A 6 4.52 -1.46 5.22
C ILE A 6 4.67 -2.43 6.37
N SER A 7 3.71 -3.35 6.40
CA SER A 7 3.64 -4.52 7.31
C SER A 7 2.24 -5.07 7.45
N DTH A 8 2.03 -5.94 8.48
CA DTH A 8 0.70 -6.52 8.82
CB DTH A 8 0.42 -6.62 10.34
CG2 DTH A 8 0.81 -5.34 11.05
OG1 DTH A 8 1.09 -7.75 10.94
C DTH A 8 0.44 -7.92 8.29
O DTH A 8 -0.74 -8.28 8.20
H DTH A 8 2.81 -6.24 9.01
HA DTH A 8 -0.03 -5.86 8.39
HB DTH A 8 -0.65 -6.75 10.47
HG21 DTH A 8 0.59 -5.44 12.09
HG22 DTH A 8 0.26 -4.51 10.64
HG23 DTH A 8 1.87 -5.17 10.93
N ALA A 9 1.45 -8.72 8.05
CA ALA A 9 1.28 -10.08 7.62
C ALA A 9 0.87 -10.99 8.75
N EI4 A 10 1.86 -11.47 9.48
CA EI4 A 10 1.57 -12.36 10.59
CB EI4 A 10 2.74 -13.28 10.83
CG EI4 A 10 2.38 -14.76 10.72
CD2 EI4 A 10 1.51 -14.99 9.40
NE2 EI4 A 10 2.40 -15.79 8.53
CE1 EI4 A 10 3.57 -16.24 9.20
ND1 EI4 A 10 3.58 -15.64 10.44
NT EI4 A 10 4.32 -17.21 8.83
C EI4 A 10 1.22 -11.56 11.82
O EI4 A 10 0.58 -12.04 12.75
H EI4 A 10 2.79 -11.21 9.29
HA EI4 A 10 0.72 -12.96 10.31
HB EI4 A 10 3.12 -13.11 11.83
HBA EI4 A 10 3.51 -13.06 10.12
HG1 EI4 A 10 1.87 -15.10 11.61
HD2 EI4 A 10 1.27 -14.06 8.93
HE EI4 A 10 2.22 -16.12 7.60
HND1 EI4 A 10 4.35 -15.78 11.09
HD1 EI4 A 10 0.62 -15.56 9.64
H1 EI4 A 10 4.06 -17.77 8.04
HH12 EI4 A 10 5.13 -17.46 9.37
N ILE A 11 1.66 -10.32 11.79
CA ILE A 11 1.40 -9.40 12.85
C ILE A 11 0.68 -8.16 12.27
N ZAE B 1 -1.88 -9.41 -0.06
CA ZAE B 1 -0.50 -8.87 -0.26
C ZAE B 1 0.12 -8.15 0.94
O ZAE B 1 0.81 -8.79 1.75
CB ZAE B 1 0.41 -10.00 -0.75
CG ZAE B 1 1.83 -9.57 -0.98
CD1 ZAE B 1 2.86 -10.14 -0.24
CD2 ZAE B 1 2.15 -8.60 -1.92
CE1 ZAE B 1 4.18 -9.75 -0.45
CE2 ZAE B 1 3.46 -8.21 -2.13
CZ ZAE B 1 4.48 -8.78 -1.39
C10 ZAE B 1 -2.46 -9.62 -1.41
H ZAE B 1 -2.47 -8.74 0.45
HA ZAE B 1 -0.55 -8.14 -1.06
HB2 ZAE B 1 0.42 -10.79 -0.01
HB3 ZAE B 1 0.02 -10.38 -1.68
HD1 ZAE B 1 2.64 -10.90 0.49
HD2 ZAE B 1 1.37 -8.15 -2.50
HE1 ZAE B 1 4.98 -10.20 0.13
HE2 ZAE B 1 3.70 -7.45 -2.86
HZ ZAE B 1 5.51 -8.48 -1.54
H11 ZAE B 1 -3.52 -9.81 -1.33
H12 ZAE B 1 -1.98 -10.47 -1.88
H13 ZAE B 1 -2.30 -8.74 -2.02
HN2 ZAE B 1 -1.82 -10.31 0.47
N ILE B 2 -0.06 -6.82 1.07
CA ILE B 2 0.57 -6.06 2.16
C ILE B 2 -0.23 -4.74 2.44
N SER B 3 0.02 -4.12 3.63
CA SER B 3 -0.71 -2.93 4.08
C SER B 3 0.20 -1.79 4.47
N DGN B 4 -0.06 -0.62 3.86
CA DGN B 4 0.71 0.58 4.15
C DGN B 4 0.77 1.48 2.95
O DGN B 4 0.01 1.35 1.97
CB DGN B 4 0.16 1.34 5.37
CG DGN B 4 -1.29 1.86 5.30
CD DGN B 4 -2.29 1.02 6.06
OE1 DGN B 4 -2.45 -0.17 5.81
NE2 DGN B 4 -2.95 1.62 7.03
H DGN B 4 -0.78 -0.57 3.16
HA DGN B 4 1.72 0.26 4.38
HB2 DGN B 4 0.80 2.18 5.54
HB3 DGN B 4 0.22 0.68 6.22
HG2 DGN B 4 -1.60 1.91 4.26
HG3 DGN B 4 -1.31 2.85 5.72
HE21 DGN B 4 -2.74 2.57 7.20
HE22 DGN B 4 -3.60 1.11 7.55
N 28J B 5 1.63 2.47 3.05
CA 28J B 5 1.76 3.34 1.91
CB 28J B 5 1.95 2.56 0.58
CG2 28J B 5 1.21 3.25 -0.55
CG1 28J B 5 3.43 2.39 0.18
CD1 28J B 5 4.03 1.07 0.64
C 28J B 5 2.83 4.35 2.04
O 28J B 5 3.56 4.37 3.09
HA 28J B 5 0.83 3.88 1.82
H22 28J B 5 1.50 1.58 0.71
H23 28J B 5 0.31 3.70 -0.17
H24 28J B 5 0.97 2.54 -1.32
H25 28J B 5 1.85 4.02 -0.97
H26 28J B 5 3.52 2.44 -0.89
H27 28J B 5 4.01 3.19 0.62
H28 28J B 5 4.05 1.05 1.71
H29 28J B 5 5.04 0.97 0.26
H30 28J B 5 3.43 0.26 0.27
N ILE B 6 2.86 5.22 0.99
CA ILE B 6 3.85 6.22 0.86
C ILE B 6 3.38 7.63 0.46
N SER B 7 4.07 8.58 1.14
CA SER B 7 4.00 10.05 0.95
C SER B 7 3.98 10.79 2.27
N DTH B 8 4.01 12.16 2.15
CA DTH B 8 3.82 13.09 3.27
CB DTH B 8 2.62 14.07 3.07
CG2 DTH B 8 1.33 13.34 2.70
OG1 DTH B 8 2.93 15.05 2.06
C DTH B 8 5.02 13.96 3.57
O DTH B 8 5.08 14.54 4.65
H DTH B 8 4.29 12.53 1.28
HA DTH B 8 3.59 12.48 4.14
HB DTH B 8 2.46 14.59 4.00
HG21 DTH B 8 1.46 12.81 1.78
HG22 DTH B 8 0.54 14.06 2.59
HG23 DTH B 8 1.07 12.64 3.49
N ALA B 9 5.90 14.13 2.60
CA ALA B 9 7.04 15.01 2.72
C ALA B 9 6.68 16.41 2.24
N EI4 B 10 6.55 16.56 0.92
CA EI4 B 10 6.22 17.85 0.33
CB EI4 B 10 6.57 17.87 -1.19
CG EI4 B 10 6.75 19.25 -1.77
CD2 EI4 B 10 8.02 19.98 -1.06
NE2 EI4 B 10 8.80 20.49 -2.22
CE1 EI4 B 10 8.40 19.91 -3.42
ND1 EI4 B 10 7.23 19.19 -3.20
NT EI4 B 10 9.00 20.02 -4.59
C EI4 B 10 4.73 18.16 0.57
O EI4 B 10 4.34 19.32 0.70
H EI4 B 10 6.70 15.78 0.34
HA EI4 B 10 6.81 18.60 0.82
HB EI4 B 10 5.79 17.36 -1.73
HBA EI4 B 10 7.50 17.33 -1.31
HG1 EI4 B 10 5.84 19.85 -1.72
HD2 EI4 B 10 8.60 19.28 -0.49
HE EI4 B 10 9.63 21.04 -2.18
HND1 EI4 B 10 6.78 18.70 -3.94
HD1 EI4 B 10 7.68 20.81 -0.43
H1 EI4 B 10 9.83 20.58 -4.67
HH12 EI4 B 10 8.63 19.56 -5.40
N ILE B 11 3.93 17.11 0.64
CA ILE B 11 2.50 17.22 0.90
C ILE B 11 2.10 16.23 2.01
N ZAE C 1 3.43 8.86 -2.61
CA ZAE C 1 2.59 8.05 -3.52
C ZAE C 1 1.05 7.89 -3.16
O ZAE C 1 0.24 8.77 -3.50
CB ZAE C 1 2.63 8.55 -5.00
CG ZAE C 1 1.98 7.70 -6.13
CD1 ZAE C 1 0.74 8.07 -6.73
CD2 ZAE C 1 2.67 6.62 -6.71
CE1 ZAE C 1 0.23 7.36 -7.83
CE2 ZAE C 1 2.14 5.92 -7.80
CZ ZAE C 1 0.92 6.29 -8.36
C10 ZAE C 1 4.80 8.99 -3.20
H ZAE C 1 3.51 8.39 -1.68
HA ZAE C 1 3.03 7.08 -3.50
HB2 ZAE C 1 2.12 9.52 -5.01
HB3 ZAE C 1 3.64 8.71 -5.27
HD1 ZAE C 1 0.18 8.89 -6.32
HD2 ZAE C 1 3.61 6.33 -6.29
HE1 ZAE C 1 -0.72 7.64 -8.28
HE2 ZAE C 1 2.68 5.08 -8.21
HZ ZAE C 1 0.53 5.75 -9.20
H11 ZAE C 1 5.13 8.03 -3.54
H12 ZAE C 1 5.50 9.37 -2.45
H13 ZAE C 1 4.79 9.67 -4.04
HN2 ZAE C 1 2.99 9.80 -2.47
N ILE C 2 0.63 6.82 -2.44
CA ILE C 2 -0.80 6.48 -2.38
C ILE C 2 -1.01 5.77 -1.03
N SER C 3 -2.24 5.48 -0.63
CA SER C 3 -2.42 4.81 0.66
C SER C 3 -3.25 3.59 0.50
N DGN C 4 -2.87 2.51 1.16
CA DGN C 4 -3.66 1.33 1.13
C DGN C 4 -2.85 0.09 0.90
O DGN C 4 -1.61 0.04 0.99
CB DGN C 4 -4.40 1.25 2.45
CG DGN C 4 -3.80 2.18 3.53
CD DGN C 4 -4.84 3.06 4.21
OE1 DGN C 4 -5.12 4.16 3.75
NE2 DGN C 4 -5.46 2.57 5.28
H DGN C 4 -2.02 2.49 1.72
HA DGN C 4 -4.39 1.44 0.34
HB2 DGN C 4 -4.38 0.24 2.82
HB3 DGN C 4 -5.43 1.55 2.30
HG2 DGN C 4 -3.07 2.81 3.04
HG3 DGN C 4 -3.33 1.56 4.27
HE21 DGN C 4 -5.21 1.67 5.59
HE22 DGN C 4 -6.10 3.14 5.75
N 28J C 5 -3.56 -0.95 0.62
CA 28J C 5 -2.90 -2.20 0.36
CB 28J C 5 -1.94 -2.08 -0.86
CG2 28J C 5 -0.94 -3.22 -0.91
CG1 28J C 5 -2.69 -2.02 -2.21
CD1 28J C 5 -1.80 -1.63 -3.38
C 28J C 5 -3.92 -3.28 0.18
O 28J C 5 -5.13 -3.01 0.38
HA 28J C 5 -2.30 -2.44 1.23
H22 28J C 5 -1.38 -1.16 -0.75
H23 28J C 5 -0.57 -3.42 0.09
H24 28J C 5 -0.10 -2.93 -1.54
H25 28J C 5 -1.39 -4.10 -1.31
H26 28J C 5 -3.11 -2.98 -2.43
H27 28J C 5 -3.48 -1.28 -2.14
H28 28J C 5 -1.03 -2.39 -3.53
H29 28J C 5 -1.32 -0.69 -3.18
H30 28J C 5 -2.39 -1.55 -4.28
N ILE C 6 -3.41 -4.51 -0.02
CA ILE C 6 -4.27 -5.61 -0.36
C ILE C 6 -4.01 -6.89 0.39
N SER C 7 -5.12 -7.54 0.74
CA SER C 7 -5.09 -8.91 1.25
C SER C 7 -6.47 -9.31 1.68
N DTH C 8 -6.59 -10.58 2.09
CA DTH C 8 -7.86 -11.06 2.59
CB DTH C 8 -7.70 -11.82 3.92
CG2 DTH C 8 -6.80 -11.09 4.87
OG1 DTH C 8 -7.16 -13.12 3.67
C DTH C 8 -8.59 -12.03 1.65
O DTH C 8 -9.79 -12.21 1.83
H DTH C 8 -5.83 -11.20 1.97
HA DTH C 8 -8.49 -10.21 2.76
HB DTH C 8 -8.68 -11.92 4.37
HG21 DTH C 8 -6.67 -11.66 5.77
HG22 DTH C 8 -7.25 -10.13 5.12
HG23 DTH C 8 -5.83 -10.91 4.41
N ALA C 9 -7.89 -12.63 0.72
CA ALA C 9 -8.44 -13.57 -0.16
C ALA C 9 -8.66 -14.85 0.59
N EI4 C 10 -7.65 -15.69 0.55
CA EI4 C 10 -7.73 -16.96 1.23
CB EI4 C 10 -6.67 -17.93 0.69
CG EI4 C 10 -7.16 -19.36 0.53
CD2 EI4 C 10 -8.41 -19.42 -0.53
NE2 EI4 C 10 -7.94 -20.47 -1.49
CE1 EI4 C 10 -6.60 -20.76 -1.34
ND1 EI4 C 10 -6.12 -20.13 -0.20
NT EI4 C 10 -5.89 -21.57 -2.09
C EI4 C 10 -7.60 -16.72 2.72
O EI4 C 10 -8.28 -17.36 3.54
H EI4 C 10 -6.82 -15.43 0.09
HA EI4 C 10 -8.70 -17.35 1.03
HB EI4 C 10 -5.82 -17.93 1.36
HBA EI4 C 10 -6.35 -17.57 -0.28
HG1 EI4 C 10 -7.40 -19.81 1.48
HD2 EI4 C 10 -8.56 -18.47 -1.03
HE EI4 C 10 -8.49 -20.81 -2.24
HND1 EI4 C 10 -5.21 -20.30 0.16
HD1 EI4 C 10 -9.31 -19.76 -0.06
H1 EI4 C 10 -6.31 -22.03 -2.86
HH12 EI4 C 10 -4.93 -21.73 -1.88
N ILE C 11 -6.75 -15.77 3.08
CA ILE C 11 -6.57 -15.39 4.48
C ILE C 11 -7.16 -14.04 4.77
N ZAE D 1 -15.14 -10.76 3.02
CA ZAE D 1 -14.48 -10.63 1.70
C ZAE D 1 -13.03 -10.28 1.88
O ZAE D 1 -12.25 -11.05 2.44
CB ZAE D 1 -14.61 -11.93 0.89
CG ZAE D 1 -13.83 -11.93 -0.40
CD1 ZAE D 1 -12.70 -12.74 -0.55
CD2 ZAE D 1 -14.21 -11.12 -1.45
CE1 ZAE D 1 -12.00 -12.74 -1.75
CE2 ZAE D 1 -13.50 -11.12 -2.65
CZ ZAE D 1 -12.39 -11.93 -2.80
C10 ZAE D 1 -16.60 -10.84 2.88
H ZAE D 1 -14.91 -9.94 3.61
HA ZAE D 1 -14.96 -9.83 1.16
HB2 ZAE D 1 -14.26 -12.76 1.49
HB3 ZAE D 1 -15.64 -12.09 0.64
HD1 ZAE D 1 -12.40 -13.38 0.26
HD2 ZAE D 1 -15.07 -10.48 -1.35
HE1 ZAE D 1 -11.13 -13.38 -1.86
HE2 ZAE D 1 -13.82 -10.47 -3.47
HZ ZAE D 1 -11.84 -11.92 -3.72
H11 ZAE D 1 -17.05 -10.93 3.85
H12 ZAE D 1 -16.86 -11.69 2.27
H13 ZAE D 1 -16.95 -9.94 2.40
HN2 ZAE D 1 -14.77 -11.62 3.50
N ILE D 2 -12.65 -9.09 1.45
CA ILE D 2 -11.27 -8.70 1.55
C ILE D 2 -11.06 -7.47 2.34
N SER D 3 -9.82 -7.25 2.69
CA SER D 3 -9.54 -6.13 3.49
C SER D 3 -8.45 -5.33 2.83
N DGN D 4 -8.55 -4.05 3.03
CA DGN D 4 -7.60 -3.15 2.48
C DGN D 4 -8.30 -2.13 1.60
O DGN D 4 -9.52 -2.20 1.43
CB DGN D 4 -6.85 -2.46 3.62
CG DGN D 4 -7.72 -1.63 4.59
CD DGN D 4 -8.23 -2.38 5.81
OE1 DGN D 4 -9.34 -2.92 5.80
NE2 DGN D 4 -7.42 -2.45 6.87
H DGN D 4 -9.31 -3.70 3.54
HA DGN D 4 -6.90 -3.71 1.89
HB2 DGN D 4 -6.10 -1.81 3.20
HB3 DGN D 4 -6.36 -3.23 4.20
HG2 DGN D 4 -8.57 -1.25 4.04
HG3 DGN D 4 -7.13 -0.80 4.93
HE21 DGN D 4 -6.54 -2.02 6.81
HE22 DGN D 4 -7.73 -2.96 7.64
N 28J D 5 -7.53 -1.25 0.98
CA 28J D 5 -8.18 -0.23 0.18
CB 28J D 5 -9.26 -0.78 -0.79
CG2 28J D 5 -10.32 0.30 -1.07
CG1 28J D 5 -8.55 -1.20 -2.06
CD1 28J D 5 -9.47 -1.67 -3.15
C 28J D 5 -7.18 0.54 -0.63
O 28J D 5 -5.94 0.32 -0.56
HA 28J D 5 -8.67 0.44 0.87
H22 28J D 5 -9.74 -1.63 -0.34
H23 28J D 5 -10.09 0.82 -1.99
H24 28J D 5 -10.36 1.01 -0.26
H25 28J D 5 -11.29 -0.17 -1.17
H26 28J D 5 -7.99 -0.36 -2.45
H27 28J D 5 -7.87 -2.00 -1.82
H28 28J D 5 -8.89 -1.92 -4.02
H29 28J D 5 -10.18 -0.89 -3.38
H30 28J D 5 -10.00 -2.54 -2.81
N ILE D 6 -7.75 1.46 -1.38
CA ILE D 6 -7.00 2.30 -2.27
C ILE D 6 -7.52 3.72 -2.23
N SER D 7 -6.55 4.58 -2.13
CA SER D 7 -6.67 6.04 -2.13
C SER D 7 -5.51 6.75 -1.56
N DTH D 8 -5.29 7.98 -2.04
CA DTH D 8 -4.18 8.72 -1.50
CB DTH D 8 -4.51 9.99 -0.67
CG2 DTH D 8 -5.51 9.74 0.48
OG1 DTH D 8 -4.97 11.02 -1.54
C DTH D 8 -3.17 9.17 -2.57
O DTH D 8 -2.00 9.39 -2.27
H DTH D 8 -5.83 8.34 -2.82
HA DTH D 8 -3.67 8.03 -0.84
HB DTH D 8 -3.58 10.33 -0.22
HG21 DTH D 8 -6.44 9.35 0.10
HG22 DTH D 8 -5.70 10.67 1.01
HG23 DTH D 8 -5.09 9.03 1.18
N ALA D 9 -3.60 9.33 -3.84
CA ALA D 9 -2.59 9.78 -4.77
C ALA D 9 -2.55 11.24 -4.83
N EI4 D 10 -3.57 11.80 -5.39
CA EI4 D 10 -3.57 13.23 -5.50
CB EI4 D 10 -4.38 13.65 -6.72
CG EI4 D 10 -4.13 15.01 -7.28
CD2 EI4 D 10 -2.58 15.11 -7.73
NE2 EI4 D 10 -2.68 14.89 -9.20
CE1 EI4 D 10 -3.97 15.00 -9.64
ND1 EI4 D 10 -4.83 15.11 -8.57
NT EI4 D 10 -4.37 15.03 -10.88
C EI4 D 10 -3.98 13.80 -4.15
O EI4 D 10 -3.48 14.83 -3.73
H EI4 D 10 -4.38 11.24 -5.66
HA EI4 D 10 -2.55 13.51 -5.66
HB EI4 D 10 -5.43 13.56 -6.49
HBA EI4 D 10 -4.15 12.96 -7.50
HG1 EI4 D 10 -4.40 15.80 -6.60
HD2 EI4 D 10 -2.00 14.33 -7.29
HE EI4 D 10 -1.88 14.81 -9.80
HND1 EI4 D 10 -5.82 15.19 -8.65
HD1 EI4 D 10 -2.18 16.09 -7.49
H1 EI4 D 10 -3.71 15.03 -11.63
HH12 EI4 D 10 -5.36 15.05 -11.10
N ILE D 11 -4.88 13.08 -3.47
CA ILE D 11 -5.23 13.44 -2.10
C ILE D 11 -4.77 12.38 -1.11
N ALA E 1 10.29 -14.33 9.28
CA ALA E 1 10.60 -15.42 10.23
C ALA E 1 9.82 -16.68 9.91
N DGL E 2 9.38 -17.44 10.99
CA DGL E 2 8.46 -18.55 10.81
C DGL E 2 7.14 -18.37 10.04
O DGL E 2 6.70 -17.18 10.22
CB DGL E 2 9.10 -19.61 9.74
CG DGL E 2 9.50 -20.98 10.36
CD DGL E 2 8.70 -22.13 9.74
OE1 DGL E 2 9.19 -23.26 9.66
H DGL E 2 9.47 -17.03 11.89
HB2 DGL E 2 9.93 -19.13 9.30
HB3 DGL E 2 8.34 -19.79 8.96
HG2 DGL E 2 9.32 -20.97 11.42
HG3 DGL E 2 10.56 -21.15 10.18
N LYS E 3 7.50 -21.83 9.29
CA LYS E 3 6.62 -22.79 8.67
C LYS E 3 6.46 -24.11 9.49
N DAL E 4 5.98 -23.82 10.73
CA DAL E 4 5.53 -24.78 11.88
CB DAL E 4 6.65 -25.41 12.98
C DAL E 4 4.35 -25.55 11.08
O DAL E 4 4.47 -26.79 10.77
H DAL E 4 5.84 -22.85 10.90
HA DAL E 4 5.82 -25.20 11.69
HB1 DAL E 4 7.30 -24.64 13.35
HB2 DAL E 4 7.24 -26.19 12.54
HB3 DAL E 4 6.14 -25.87 13.87
N DAL E 5 3.15 -24.82 10.79
CA DAL E 5 1.89 -25.50 9.91
CB DAL E 5 1.44 -26.44 11.13
C DAL E 5 2.49 -26.15 8.82
O DAL E 5 1.88 -27.08 8.42
OXT DAL E 5 3.19 -25.35 8.02
H DAL E 5 3.35 -23.78 10.73
HA DAL E 5 1.02 -24.81 9.37
HB1 DAL E 5 0.68 -27.13 10.70
HB2 DAL E 5 1.13 -25.83 11.78
HB3 DAL E 5 2.23 -27.14 11.53
N ALA F 1 13.92 17.17 -2.13
CA ALA F 1 15.39 17.07 -2.15
C ALA F 1 16.02 15.66 -1.62
N DGL F 2 15.13 14.87 -0.93
CA DGL F 2 15.44 13.60 0.08
C DGL F 2 16.39 12.93 -0.98
O DGL F 2 15.99 12.83 -2.21
CB DGL F 2 16.35 13.84 1.32
CG DGL F 2 17.60 14.72 0.88
CD DGL F 2 18.84 14.25 1.57
OE1 DGL F 2 19.51 14.98 2.32
H DGL F 2 14.14 15.26 -0.90
HB2 DGL F 2 16.64 12.97 1.77
HB3 DGL F 2 15.77 14.47 2.06
HG2 DGL F 2 17.46 15.79 1.16
HG3 DGL F 2 17.74 14.68 -0.18
N LYS F 3 19.18 13.04 1.24
CA LYS F 3 20.29 12.35 1.79
C LYS F 3 20.11 12.13 3.32
N DAL F 4 18.80 11.75 3.57
CA DAL F 4 18.12 11.28 4.91
CB DAL F 4 17.79 12.45 6.12
C DAL F 4 18.90 9.81 5.08
O DAL F 4 19.71 9.58 5.94
H DAL F 4 18.23 11.72 2.78
HA DAL F 4 18.55 11.39 5.29
HB1 DAL F 4 18.69 12.85 6.54
HB2 DAL F 4 17.17 12.05 6.91
HB3 DAL F 4 17.22 13.32 5.69
N DAL F 5 18.51 8.84 4.19
CA DAL F 5 18.92 7.34 4.12
CB DAL F 5 18.48 6.93 5.59
C DAL F 5 20.51 7.56 3.77
O DAL F 5 21.39 6.92 4.31
OXT DAL F 5 20.76 8.26 2.68
H DAL F 5 17.94 9.17 3.41
HA DAL F 5 19.49 6.57 4.40
HB1 DAL F 5 17.55 7.22 5.84
HB2 DAL F 5 19.23 7.35 6.26
HB3 DAL F 5 18.57 5.82 5.71
N ALA G 1 -2.07 -20.17 -3.19
CA ALA G 1 -2.57 -21.54 -3.32
C ALA G 1 -2.34 -22.27 -2.01
N DGL G 2 -2.39 -23.58 -2.08
CA DGL G 2 -2.12 -24.41 -0.94
C DGL G 2 -0.61 -24.05 -0.62
O DGL G 2 0.22 -24.05 -1.49
CB DGL G 2 -3.13 -24.05 0.25
CG DGL G 2 -4.65 -24.33 0.08
CD DGL G 2 -5.44 -23.97 1.37
OE1 DGL G 2 -6.27 -24.76 1.82
H DGL G 2 -2.67 -24.04 -2.93
HB2 DGL G 2 -3.01 -22.99 0.43
HB3 DGL G 2 -2.76 -24.56 1.13
HG2 DGL G 2 -4.80 -25.37 -0.12
HG3 DGL G 2 -5.06 -23.75 -0.75
N LYS G 3 -5.18 -22.80 1.94
CA LYS G 3 -5.85 -22.31 3.14
C LYS G 3 -5.42 -23.03 4.46
N DAL G 4 -4.06 -22.91 4.66
CA DAL G 4 -3.16 -23.34 5.87
CB DAL G 4 -2.36 -24.84 5.82
C DAL G 4 -4.07 -22.70 7.10
O DAL G 4 -4.72 -23.36 7.87
H DAL G 4 -3.60 -22.45 3.92
HA DAL G 4 -3.46 -23.79 6.07
HB1 DAL G 4 -3.04 -25.66 5.89
HB2 DAL G 4 -1.62 -24.93 6.60
HB3 DAL G 4 -1.80 -24.97 4.85
N DAL G 5 -4.02 -21.33 7.21
CA DAL G 5 -4.65 -20.41 8.30
CB DAL G 5 -3.80 -20.87 9.55
C DAL G 5 -6.21 -20.87 8.14
O DAL G 5 -6.89 -21.19 9.10
OXT DAL G 5 -6.79 -20.59 6.98
H DAL G 5 -3.60 -20.84 6.42
HA DAL G 5 -5.18 -20.30 9.10
HB1 DAL G 5 -2.80 -20.87 9.38
HB2 DAL G 5 -4.16 -21.87 9.81
HB3 DAL G 5 -4.01 -20.24 10.43
N ALA H 1 -2.76 12.27 -14.25
CA ALA H 1 -1.83 13.08 -15.00
C ALA H 1 -0.79 13.84 -14.11
N DGL H 2 -1.14 15.07 -13.82
CA DGL H 2 -0.32 16.10 -13.17
C DGL H 2 -0.71 15.52 -11.66
O DGL H 2 -0.39 16.33 -10.65
CB DGL H 2 1.14 15.95 -13.02
CG DGL H 2 1.74 16.02 -14.39
CD DGL H 2 3.13 15.46 -14.42
OE1 DGL H 2 4.00 16.02 -15.08
H DGL H 2 -2.16 15.25 -13.84
HA DGL H 2 -0.79 16.47 -14.15
HB2 DGL H 2 1.37 14.98 -12.45
HB3 DGL H 2 1.41 16.73 -12.31
HG2 DGL H 2 1.76 17.05 -14.66
HG3 DGL H 2 1.11 15.47 -15.09
N LYS H 3 3.29 14.36 -13.76
CA LYS H 3 4.55 13.67 -13.65
C LYS H 3 5.66 14.58 -13.04
N DAL H 4 5.63 14.44 -11.66
CA DAL H 4 6.62 14.99 -10.58
CB DAL H 4 6.60 16.62 -10.12
C DAL H 4 7.93 14.11 -10.96
O DAL H 4 8.79 14.55 -11.75
H DAL H 4 4.94 13.85 -11.33
HA DAL H 4 6.86 15.40 -10.98
HB1 DAL H 4 7.06 17.23 -10.86
HB2 DAL H 4 7.08 16.79 -9.16
HB3 DAL H 4 5.55 16.97 -10.01
N DAL H 5 7.93 12.73 -10.39
CA DAL H 5 9.15 11.78 -10.73
CB DAL H 5 10.23 12.71 -9.98
C DAL H 5 9.30 11.81 -12.15
O DAL H 5 8.27 11.41 -12.62
OXT DAL H 5 10.44 11.58 -12.47
H DAL H 5 7.07 12.35 -10.14
HA DAL H 5 9.07 10.68 -10.27
HB1 DAL H 5 9.94 12.65 -8.92
HB2 DAL H 5 10.26 13.72 -10.28
HB3 DAL H 5 11.38 12.43 -9.91
C1 MUB I . 6.38 -11.76 7.99
C2 MUB I . 7.79 -11.38 7.54
C3 MUB I . 8.48 -12.61 6.96
C4 MUB I . 7.99 -13.90 7.59
C5 MUB I . 6.49 -14.09 7.31
C6 MUB I . 5.78 -14.88 8.42
C7 MUB I . 7.78 -10.54 5.27
C8 MUB I . 7.75 -9.34 4.34
C9 MUB I . 10.31 -12.01 8.40
C10 MUB I . 10.75 -13.05 9.43
C11 MUB I . 10.61 -10.49 8.63
O1 MUB I . 5.58 -10.64 7.89
O3 MUB I . 9.91 -12.47 7.09
O4 MUB I . 8.79 -15.02 7.11
O5 MUB I . 5.83 -12.80 7.15
O6 MUB I . 6.32 -14.57 9.70
O7 MUB I . 7.74 -11.70 4.83
O10 MUB I . 11.58 -12.74 10.28
N2 MUB I . 7.77 -10.30 6.58
H1 MUB I . 6.38 -12.11 9.04
H2 MUB I . 8.27 -10.94 8.45
HN2 MUB I . 7.81 -9.35 6.89
H81 MUB I . 6.93 -8.69 4.63
H82 MUB I . 7.61 -9.68 3.33
H83 MUB I . 8.71 -8.83 4.42
H3 MUB I . 8.39 -12.59 5.85
H9 MUB I . 9.35 -12.20 8.89
H111 MUB I . 11.38 -10.13 7.92
H112 MUB I . 10.98 -10.36 9.60
H113 MUB I . 9.68 -9.91 8.55
H4 MUB I . 8.38 -14.02 8.60
H5 MUB I . 6.37 -14.73 6.44
H61 MUB I . 6.12 -15.92 8.25
H62 MUB I . 4.67 -14.85 8.39
HO6 MUB I . 6.63 -15.35 10.17
C1 NAG I . 9.15 -15.02 5.72
C2 NAG I . 9.90 -16.31 5.37
C3 NAG I . 10.36 -16.26 3.94
C4 NAG I . 9.17 -15.97 3.02
C5 NAG I . 8.42 -14.72 3.47
C6 NAG I . 7.18 -14.48 2.63
C7 NAG I . 12.00 -15.59 6.38
C8 NAG I . 13.09 -15.96 7.40
N2 NAG I . 11.03 -16.49 6.29
O3 NAG I . 10.93 -17.52 3.59
O4 NAG I . 9.62 -15.82 1.69
O5 NAG I . 8.02 -14.85 4.84
O6 NAG I . 6.36 -13.46 3.20
O7 NAG I . 12.26 -14.78 5.49
H1 NAG I . 9.81 -14.15 5.64
H2 NAG I . 9.49 -17.27 5.58
H3 NAG I . 11.11 -15.48 3.77
H4 NAG I . 8.62 -16.95 3.00
H5 NAG I . 8.99 -13.79 3.33
H61 NAG I . 6.52 -15.38 2.57
H62 NAG I . 7.48 -14.24 1.61
H81 NAG I . 13.92 -15.25 7.31
H82 NAG I . 13.47 -16.94 7.18
H83 NAG I . 12.66 -15.96 8.39
HN2 NAG I . 10.89 -17.10 7.03
HO3 NAG I . 11.68 -17.74 4.14
HO4 NAG I . 10.30 -16.48 1.52
HO6 NAG I . 6.93 -13.01 3.83
C1 MUB J . 10.25 14.92 -3.22
C2 MUB J . 9.75 16.37 -3.29
C3 MUB J . 10.67 17.17 -4.21
C4 MUB J . 11.96 16.39 -4.57
C5 MUB J . 11.65 15.03 -5.17
C6 MUB J . 12.84 14.07 -5.05
C7 MUB J . 8.08 16.61 -5.02
C8 MUB J . 6.60 16.70 -5.39
C9 MUB J . 11.74 18.34 -2.40
C10 MUB J . 13.26 18.33 -2.49
C11 MUB J . 11.02 18.60 -1.03
O1 MUB J . 9.26 14.13 -2.65
O3 MUB J . 10.97 18.45 -3.61
O4 MUB J . 12.79 17.22 -5.44
O5 MUB J . 10.51 14.42 -4.54
O6 MUB J . 13.21 13.87 -3.70
O7 MUB J . 8.96 16.69 -5.88
O10 MUB J . 13.83 19.26 -3.02
N2 MUB J . 8.38 16.47 -3.72
H1 MUB J . 11.14 14.79 -2.59
H2 MUB J . 9.71 16.70 -2.23
HN2 MUB J . 7.64 16.40 -3.07
H81 MUB J . 6.12 17.43 -4.75
H82 MUB J . 6.13 15.75 -5.25
H83 MUB J . 6.53 16.98 -6.43
H3 MUB J . 10.10 17.49 -5.10
H9 MUB J . 11.90 17.26 -2.45
H111 MUB J . 10.43 19.52 -1.06
H112 MUB J . 11.75 18.70 -0.29
H113 MUB J . 10.41 17.72 -0.77
H4 MUB J . 12.67 16.49 -3.75
H5 MUB J . 11.52 15.05 -6.19
H61 MUB J . 13.70 14.61 -5.49
H62 MUB J . 12.73 13.11 -5.64
HO6 MUB J . 14.07 13.41 -3.67
C1 NAG J . 12.14 17.78 -6.60
C2 NAG J . 13.18 18.45 -7.49
C3 NAG J . 12.48 19.10 -8.67
C4 NAG J . 11.61 18.06 -9.40
C5 NAG J . 10.67 17.36 -8.42
C6 NAG J . 9.89 16.23 -9.09
C7 NAG J . 13.38 20.39 -6.03
C8 NAG J . 14.37 21.33 -5.32
N2 NAG J . 13.96 19.43 -6.74
O3 NAG J . 13.45 19.60 -9.57
O4 NAG J . 10.83 18.71 -10.38
O5 NAG J . 11.42 16.78 -7.34
O6 NAG J . 9.21 15.43 -8.14
O7 NAG J . 12.21 20.74 -6.19
H1 NAG J . 11.46 18.50 -6.14
H2 NAG J . 14.01 17.94 -7.82
H3 NAG J . 11.82 19.92 -8.36
H4 NAG J . 12.34 17.46 -9.99
H5 NAG J . 9.88 17.99 -8.01
H61 NAG J . 10.55 15.53 -9.64
H62 NAG J . 9.21 16.68 -9.82
H81 NAG J . 14.98 21.82 -6.06
H82 NAG J . 15.00 20.74 -4.67
H83 NAG J . 13.81 22.04 -4.73
HN2 NAG J . 14.89 19.20 -6.55
HO3 NAG J . 13.95 20.26 -9.12
HO4 NAG J . 11.40 19.28 -10.92
HO6 NAG J . 9.32 15.88 -7.28
C1 MUB K . -4.23 -15.37 -2.57
C2 MUB K . -2.80 -15.63 -3.04
C3 MUB K . -2.84 -16.05 -4.50
C4 MUB K . -4.12 -16.80 -4.87
C5 MUB K . -5.35 -15.89 -4.65
C6 MUB K . -6.58 -16.68 -4.20
C7 MUB K . -1.80 -13.63 -3.87
C8 MUB K . -0.91 -12.43 -3.64
C9 MUB K . -1.44 -17.91 -3.89
C10 MUB K . -2.03 -19.27 -4.21
C11 MUB K . -0.35 -17.76 -2.77
O1 MUB K . -4.16 -14.42 -1.57
O3 MUB K . -1.66 -16.82 -4.82
O4 MUB K . -4.02 -17.29 -6.23
O5 MUB K . -5.05 -14.88 -3.65
O6 MUB K . -6.40 -17.16 -2.88
O7 MUB K . -2.51 -13.69 -4.90
O10 MUB K . -2.62 -19.44 -5.27
N2 MUB K . -1.97 -14.47 -2.88
H1 MUB K . -4.70 -16.30 -2.16
H2 MUB K . -2.42 -16.38 -2.32
HN2 MUB K . -1.37 -14.39 -2.07
H81 MUB K . 0.08 -12.78 -3.39
H82 MUB K . -1.30 -11.87 -2.82
H83 MUB K . -0.91 -11.81 -4.54
H3 MUB K . -2.69 -15.15 -5.13
H9 MUB K . -2.41 -17.79 -3.38
H111 MUB K . 0.60 -17.41 -3.19
H112 MUB K . -0.19 -18.69 -2.32
H113 MUB K . -0.72 -17.08 -1.97
H4 MUB K . -4.13 -17.81 -4.45
H5 MUB K . -5.66 -15.45 -5.57
H61 MUB K . -6.60 -17.59 -4.82
H62 MUB K . -7.55 -16.12 -4.27
HO6 MUB K . -7.20 -17.36 -2.38
C1 NAG K . -3.45 -16.40 -7.21
C2 NAG K . -3.48 -17.03 -8.59
C3 NAG K . -2.77 -16.11 -9.58
C4 NAG K . -3.38 -14.71 -9.50
C5 NAG K . -3.39 -14.18 -8.07
C6 NAG K . -4.09 -12.83 -7.97
C7 NAG K . -1.59 -18.53 -8.22
C8 NAG K . -1.14 -20.00 -8.24
N2 NAG K . -2.86 -18.35 -8.56
O3 NAG K . -2.93 -16.62 -10.90
O4 NAG K . -2.63 -13.83 -10.33
O5 NAG K . -4.09 -15.10 -7.22
O6 NAG K . -4.35 -12.48 -6.61
O7 NAG K . -0.75 -17.63 -8.29
H1 NAG K . -2.42 -16.31 -6.84
H2 NAG K . -4.39 -17.37 -9.02
H3 NAG K . -1.70 -16.03 -9.36
H4 NAG K . -4.36 -14.80 -10.06
H5 NAG K . -2.40 -13.97 -7.65
H61 NAG K . -5.07 -12.82 -8.47
H62 NAG K . -3.46 -12.08 -8.47
H81 NAG K . -0.11 -20.05 -7.91
H82 NAG K . -1.21 -20.37 -9.24
H83 NAG K . -1.80 -20.57 -7.60
HN2 NAG K . -3.47 -19.10 -8.47
HO3 NAG K . -2.48 -17.45 -10.98
HO4 NAG K . -2.43 -14.29 -11.15
HO6 NAG K . -3.82 -13.10 -6.09
C1 MUB L . -3.65 10.09 -9.99
C2 MUB L . -4.56 9.80 -11.19
C3 MUB L . -3.70 9.26 -12.34
C4 MUB L . -2.29 9.86 -12.39
C5 MUB L . -1.55 9.61 -11.07
C6 MUB L . -0.78 10.85 -10.61
C7 MUB L . -5.59 7.61 -11.26
C8 MUB L . -6.78 6.73 -10.91
C9 MUB L . -4.70 10.83 -13.87
C10 MUB L . -3.80 11.61 -14.82
C11 MUB L . -6.09 11.42 -13.45
O1 MUB L . -4.37 9.84 -8.83
O3 MUB L . -4.39 9.44 -13.60
O4 MUB L . -1.57 9.35 -13.55
O5 MUB L . -2.48 9.24 -10.01
O6 MUB L . -1.62 11.98 -10.54
O7 MUB L . -4.54 7.12 -11.69
O10 MUB L . -3.94 11.47 -16.03
N2 MUB L . -5.64 8.88 -10.87
H1 MUB L . -3.33 11.14 -9.98
H2 MUB L . -5.08 10.76 -11.38
HN2 MUB L . -6.50 9.25 -10.55
H81 MUB L . -6.64 5.75 -11.37
H82 MUB L . -7.68 7.17 -11.29
H83 MUB L . -6.84 6.64 -9.83
H3 MUB L . -3.68 8.15 -12.30
H9 MUB L . -3.98 11.25 -13.16
H111 MUB L . -6.87 10.65 -13.49
H112 MUB L . -6.36 12.18 -14.12
H113 MUB L . -6.01 11.87 -12.45
H4 MUB L . -2.30 10.86 -12.82
H5 MUB L . -0.79 8.85 -11.22
H61 MUB L . -0.07 11.08 -11.43
H62 MUB L . -0.22 10.69 -9.65
HO6 MUB L . -1.24 12.81 -10.85
C1 NAG L . -1.77 7.96 -13.88
C2 NAG L . -0.84 7.56 -15.05
C3 NAG L . -1.10 6.12 -15.44
C4 NAG L . -0.99 5.22 -14.20
C5 NAG L . -1.90 5.72 -13.08
C6 NAG L . -1.73 4.89 -11.82
C7 NAG L . -2.21 8.58 -16.79
C8 NAG L . -2.21 9.59 -17.95
N2 NAG L . -1.04 8.47 -16.18
O3 NAG L . -0.12 5.72 -16.40
O4 NAG L . -1.36 3.90 -14.56
O5 NAG L . -1.57 7.09 -12.76
O6 NAG L . -0.56 5.27 -11.10
O7 NAG L . -3.08 7.71 -16.75
H1 NAG L . -2.82 7.95 -14.20
H2 NAG L . 0.20 7.73 -14.99
H3 NAG L . -2.08 5.98 -15.88
H4 NAG L . 0.11 5.16 -14.02
H5 NAG L . -2.97 5.64 -13.30
H61 NAG L . -1.61 3.82 -12.02
H62 NAG L . -2.64 5.00 -11.21
H81 NAG L . -1.49 9.28 -18.69
H82 NAG L . -1.92 10.55 -17.57
H83 NAG L . -3.20 9.65 -18.37
HN2 NAG L . -0.40 9.20 -16.25
HO3 NAG L . -0.19 6.23 -17.19
HO4 NAG L . -0.92 3.68 -15.39
HO6 NAG L . -0.35 6.15 -11.42
P 2PO M . 5.21 -9.80 9.22
O1P 2PO M . 6.42 -9.09 9.68
O2P 2PO M . 4.51 -10.66 10.20
O3P 2PO M . 4.18 -8.74 8.60
P 2PO N . 4.65 -7.93 7.31
O1P 2PO N . 5.50 -6.77 7.73
O2P 2PO N . 5.22 -8.92 6.37
O3P 2PO N . 3.26 -7.37 6.71
C1 P1W O . 2.87 -7.59 5.34
C2 P1W O . 1.36 -7.57 5.23
C3 P1W O . 0.58 -8.59 4.81
C4 P1W O . -0.91 -8.47 4.75
C5 P1W O . 1.10 -9.93 4.32
H12 P1W O . 3.29 -6.80 4.73
H11 P1W O . 3.26 -8.54 5.00
H2 P1W O . 0.90 -6.78 5.79
H41 P1W O . -1.28 -8.96 3.85
H42 P1W O . -1.35 -8.94 5.62
H51 P1W O . 1.05 -9.95 3.23
H52 P1W O . 0.51 -10.72 4.72
H53 P1W O . 2.13 -10.04 4.62
C1 P1W P . -1.31 -6.98 4.72
C2 P1W P . -1.68 -6.54 6.08
C3 P1W P . -2.84 -5.93 6.35
C4 P1W P . -3.16 -5.45 7.73
C5 P1W P . -3.91 -5.62 5.30
H12 P1W P . -2.15 -6.80 4.07
H11 P1W P . -0.47 -6.41 4.37
H2 P1W P . -0.82 -6.36 6.72
H41 P1W P . -4.00 -4.75 7.69
H42 P1W P . -3.40 -6.28 8.37
H51 P1W P . -4.77 -5.20 5.79
H52 P1W P . -4.18 -6.52 4.78
H53 P1W P . -3.52 -4.90 4.60
C1 P1W Q . 3.57 11.52 -7.00
C2 P1W Q . 3.85 11.62 -5.54
C3 P1W Q . 2.94 11.94 -4.60
C4 P1W Q . 3.30 12.00 -3.11
C5 P1W Q . 1.48 12.30 -4.89
H12 P1W Q . 2.50 11.62 -7.17
H11 P1W Q . 4.10 12.31 -7.51
H2 P1W Q . 4.89 11.53 -5.29
H43 P1W Q . 3.96 11.17 -2.88
H41 P1W Q . 2.39 11.90 -2.54
H42 P1W Q . 3.80 12.92 -2.89
H51 P1W Q . 1.08 12.82 -4.04
H52 P1W Q . 0.92 11.40 -5.05
H53 P1W Q . 1.42 12.92 -5.76
C1 P1W R . -1.93 -4.71 8.27
C2 P1W R . -2.31 -3.29 8.56
C3 P1W R . -1.42 -2.32 8.65
C4 P1W R . -1.72 -0.84 8.96
C5 P1W R . 0.06 -2.55 8.31
H12 P1W R . -1.15 -4.73 7.52
H11 P1W R . -1.60 -5.18 9.17
H2 P1W R . -3.36 -3.09 8.62
H43 P1W R . -0.81 -0.32 9.21
H41 P1W R . -2.39 -0.77 9.80
H42 P1W R . -2.18 -0.38 8.10
H51 P1W R . 0.24 -3.61 8.22
H52 P1W R . 0.67 -2.14 9.10
H53 P1W R . 0.29 -2.07 7.38
P 2PO S . 8.98 14.10 -1.04
O1P 2PO S . 8.79 15.50 -0.62
O2P 2PO S . 10.02 13.31 -0.34
O3P 2PO S . 7.61 13.28 -0.94
P 2PO T . 6.29 13.97 -1.50
O1P 2PO T . 5.23 14.00 -0.43
O2P 2PO T . 6.72 15.24 -2.13
O3P 2PO T . 5.81 12.94 -2.63
C1 P1W U . 6.55 12.87 -3.85
C2 P1W U . 6.96 11.45 -4.04
C3 P1W U . 7.78 11.04 -4.96
C4 P1W U . 8.14 9.60 -5.08
C5 P1W U . 8.40 11.99 -5.96
H12 P1W U . 5.95 13.20 -4.67
H11 P1W U . 7.44 13.48 -3.76
H2 P1W U . 6.84 10.83 -3.18
H41 P1W U . 9.22 9.48 -5.04
H42 P1W U . 7.68 9.05 -4.27
H51 P1W U . 9.01 12.72 -5.44
H52 P1W U . 7.62 12.49 -6.51
H53 P1W U . 9.02 11.43 -6.64
C1 P1W V . -8.33 -8.32 -2.49
C2 P1W V . -8.12 -7.13 -3.36
C3 P1W V . -8.08 -5.87 -2.90
C4 P1W V . -7.90 -4.70 -3.82
C5 P1W V . -8.15 -5.50 -1.42
H12 P1W V . -7.51 -8.41 -1.79
H11 P1W V . -9.26 -8.24 -1.95
H2 P1W V . -8.34 -7.30 -4.40
H41 P1W V . -8.05 -5.01 -4.85
H42 P1W V . -8.62 -3.93 -3.57
H51 P1W V . -7.24 -4.99 -1.12
H52 P1W V . -8.27 -6.40 -0.83
H53 P1W V . -9.00 -4.85 -1.25
C1 P1W W . -6.49 -4.13 -3.68
C2 P1W W . -6.37 -2.83 -4.41
C3 P1W W . -5.90 -2.72 -5.65
C4 P1W W . -5.79 -1.38 -6.40
C5 P1W W . -5.42 -3.91 -6.46
H12 P1W W . -5.78 -4.84 -4.09
H11 P1W W . -6.28 -3.98 -2.64
H2 P1W W . -6.59 -1.97 -3.82
H43 P1W W . -6.40 -0.63 -5.92
H41 P1W W . -6.11 -1.52 -7.42
H42 P1W W . -4.75 -1.05 -6.40
H51 P1W W . -5.44 -3.66 -7.51
H52 P1W W . -6.07 -4.74 -6.28
H53 P1W W . -4.41 -4.16 -6.17
C1 P1W X . -7.37 1.73 -8.49
C2 P1W X . -8.21 2.72 -9.25
C3 P1W X . -8.72 3.81 -8.72
C4 P1W X . -9.57 4.85 -9.47
C5 P1W X . -8.52 4.18 -7.24
H12 P1W X . -6.91 2.23 -7.66
H11 P1W X . -7.98 0.92 -8.14
H2 P1W X . -8.44 2.44 -10.26
H43 P1W X . -8.97 5.71 -9.70
H41 P1W X . -10.41 5.14 -8.86
H42 P1W X . -9.94 4.41 -10.39
H51 P1W X . -9.38 4.70 -6.87
H52 P1W X . -7.65 4.82 -7.16
H53 P1W X . -8.36 3.28 -6.66
C1 P1W Y . 7.63 9.06 -6.40
C2 P1W Y . 6.13 9.21 -6.49
C3 P1W Y . 5.54 9.97 -7.42
C4 P1W Y . 4.04 10.19 -7.57
C5 P1W Y . 6.34 10.59 -8.54
H12 P1W Y . 7.90 8.01 -6.49
H11 P1W Y . 8.10 9.62 -7.19
H2 P1W Y . 5.59 8.92 -5.61
H41 P1W Y . 3.79 10.16 -8.62
H42 P1W Y . 3.51 9.39 -7.07
H51 P1W Y . 7.03 11.32 -8.16
H52 P1W Y . 5.64 11.07 -9.17
H53 P1W Y . 6.87 9.84 -9.11
P 2PO Z . -3.89 -14.90 -0.04
O1P 2PO Z . -2.44 -15.21 0.15
O2P 2PO Z . -4.89 -15.94 0.33
O3P 2PO Z . -4.22 -13.55 0.72
P 2PO AA . -3.59 -12.21 0.13
O1P 2PO AA . -2.96 -11.46 1.26
O2P 2PO AA . -2.75 -12.58 -1.03
O3P 2PO AA . -4.89 -11.42 -0.42
C1 P1W BA . -5.26 -11.41 -1.81
C2 P1W BA . -6.50 -10.58 -2.03
C3 P1W BA . -7.13 -10.43 -3.21
C4 P1W BA . -8.38 -9.58 -3.37
C5 P1W BA . -6.66 -11.11 -4.50
H12 P1W BA . -4.44 -11.00 -2.39
H11 P1W BA . -5.44 -12.43 -2.14
H2 P1W BA . -7.06 -10.39 -1.12
H41 P1W BA . -8.49 -9.29 -4.39
H42 P1W BA . -9.24 -10.17 -3.07
H51 P1W BA . -7.24 -12.01 -4.65
H52 P1W BA . -5.62 -11.36 -4.42
H53 P1W BA . -6.81 -10.44 -5.33
P 2PO CA . -5.66 10.78 -8.48
O1P 2PO CA . -6.91 10.07 -8.84
O2P 2PO CA . -5.44 12.14 -9.04
O3P 2PO CA . -5.57 10.87 -6.90
P 2PO DA . -6.37 9.78 -6.09
O1P 2PO DA . -6.13 10.00 -4.61
O2P 2PO DA . -7.73 9.78 -6.60
O3P 2PO DA . -5.64 8.44 -6.63
C1 P1W EA . -6.28 7.20 -7.02
C2 P1W EA . -5.40 5.95 -6.93
C3 P1W EA . -4.22 5.79 -7.64
C4 P1W EA . -3.29 4.55 -7.56
C5 P1W EA . -3.72 6.90 -8.60
H12 P1W EA . -7.13 7.07 -6.36
H11 P1W EA . -6.63 7.31 -8.03
H2 P1W EA . -5.87 5.11 -6.44
H41 P1W EA . -2.26 4.87 -7.47
H42 P1W EA . -3.55 3.93 -6.71
H51 P1W EA . -4.56 7.26 -9.18
H52 P1W EA . -2.96 6.50 -9.25
H53 P1W EA . -3.31 7.71 -8.01
C1 P1W FA . -3.38 3.68 -8.83
C2 P1W FA . -4.41 2.64 -8.63
C3 P1W FA . -5.19 2.19 -9.61
C4 P1W FA . -6.25 1.15 -9.39
C5 P1W FA . -5.09 2.67 -11.07
H12 P1W FA . -2.43 3.21 -9.03
H11 P1W FA . -3.65 4.30 -9.67
H2 P1W FA . -4.77 2.58 -7.62
H41 P1W FA . -6.68 0.85 -10.34
H42 P1W FA . -5.83 0.30 -8.90
H51 P1W FA . -4.08 2.53 -11.43
H52 P1W FA . -5.34 3.72 -11.13
H53 P1W FA . -5.76 2.11 -11.69
N ZAE A 1 10.21 13.27 7.26
CA ZAE A 1 10.30 13.02 5.79
C ZAE A 1 8.98 12.56 5.20
O ZAE A 1 8.15 13.37 4.79
CB ZAE A 1 10.68 14.27 5.07
CG ZAE A 1 11.55 13.99 3.91
CD1 ZAE A 1 11.34 14.62 2.71
CD2 ZAE A 1 12.61 13.11 4.04
CE1 ZAE A 1 12.14 14.35 1.63
CE2 ZAE A 1 13.42 12.84 2.97
CZ ZAE A 1 13.20 13.47 1.77
C10 ZAE A 1 11.56 13.44 7.84
H ZAE A 1 9.75 12.48 7.73
HA ZAE A 1 11.04 12.26 5.60
HB2 ZAE A 1 9.79 14.75 4.70
HB3 ZAE A 1 11.19 14.94 5.75
HD1 ZAE A 1 10.51 15.31 2.60
HD2 ZAE A 1 12.79 12.62 4.98
HE1 ZAE A 1 11.97 14.84 0.68
HE2 ZAE A 1 14.25 12.16 3.08
HZ ZAE A 1 13.83 13.27 0.93
H11 ZAE A 1 11.49 13.55 8.91
H12 ZAE A 1 12.03 14.32 7.43
H13 ZAE A 1 12.17 12.57 7.62
HN2 ZAE A 1 9.64 14.14 7.41
N ILE A 2 8.81 11.26 5.10
CA ILE A 2 7.60 10.71 4.56
C ILE A 2 6.86 9.92 5.61
N SER A 3 5.59 9.61 5.33
CA SER A 3 4.81 8.83 6.24
C SER A 3 4.19 7.68 5.58
N DGN A 4 4.13 6.62 6.34
CA DGN A 4 3.58 5.41 5.90
C DGN A 4 4.55 4.34 6.20
O DGN A 4 5.64 4.58 6.72
CB DGN A 4 2.21 5.07 6.54
CG DGN A 4 1.93 5.74 7.87
CD DGN A 4 1.27 7.10 7.73
OE1 DGN A 4 0.55 7.37 6.78
NE2 DGN A 4 1.51 7.97 8.71
H DGN A 4 4.52 6.67 7.24
HA DGN A 4 3.46 5.46 4.83
HB2 DGN A 4 2.18 4.00 6.70
HB3 DGN A 4 1.44 5.35 5.84
HG2 DGN A 4 2.85 5.86 8.41
HG3 DGN A 4 1.26 5.10 8.43
HE21 DGN A 4 2.08 7.69 9.46
HE22 DGN A 4 1.10 8.86 8.65
N 28J A 5 4.14 3.20 5.83
CA 28J A 5 4.94 2.02 6.04
CB 28J A 5 6.47 2.22 5.64
CG2 28J A 5 7.38 1.46 6.58
CG1 28J A 5 6.80 1.84 4.18
CD1 28J A 5 6.85 3.02 3.22
C 28J A 5 4.32 0.84 5.35
O 28J A 5 3.23 0.99 4.75
HA 28J A 5 4.93 1.83 7.11
H22 28J A 5 6.69 3.28 5.77
H23 28J A 5 8.41 1.71 6.37
H24 28J A 5 7.23 0.40 6.44
H25 28J A 5 7.14 1.72 7.60
H26 28J A 5 7.79 1.38 4.17
H27 28J A 5 6.09 1.12 3.81
H28 28J A 5 5.86 3.47 3.16
H29 28J A 5 7.16 2.69 2.24
H30 28J A 5 7.54 3.77 3.59
N ILE A 6 5.02 -0.31 5.55
CA ILE A 6 4.70 -1.60 4.99
C ILE A 6 4.73 -2.75 5.98
N SER A 7 3.67 -3.55 5.91
CA SER A 7 3.57 -4.87 6.56
C SER A 7 2.19 -5.50 6.35
N DTH A 8 2.14 -6.84 6.54
CA DTH A 8 0.87 -7.56 6.44
CB DTH A 8 0.44 -8.19 7.79
CG2 DTH A 8 0.55 -7.18 8.93
OG1 DTH A 8 1.24 -9.34 8.07
C DTH A 8 0.86 -8.72 5.45
O DTH A 8 -0.22 -9.23 5.17
H DTH A 8 2.98 -7.36 6.69
HA DTH A 8 0.11 -6.85 6.16
HB DTH A 8 -0.60 -8.50 7.70
HG21 DTH A 8 0.22 -7.64 9.85
HG22 DTH A 8 -0.08 -6.33 8.72
HG23 DTH A 8 1.57 -6.86 9.03
N ALA A 9 2.02 -9.13 4.94
CA ALA A 9 2.08 -10.26 4.04
C ALA A 9 1.78 -11.51 4.83
N EI4 A 10 2.79 -12.02 5.48
CA EI4 A 10 2.65 -13.23 6.28
CB EI4 A 10 4.03 -13.88 6.42
CG EI4 A 10 4.03 -15.40 6.50
CD2 EI4 A 10 3.55 -16.01 5.10
NE2 EI4 A 10 4.77 -16.74 4.61
CE1 EI4 A 10 5.82 -16.66 5.51
ND1 EI4 A 10 5.44 -15.91 6.60
NT EI4 A 10 6.98 -17.23 5.38
C EI4 A 10 1.98 -12.91 7.62
O EI4 A 10 1.13 -13.68 8.10
H EI4 A 10 3.67 -11.57 5.44
HA EI4 A 10 2.01 -13.89 5.71
HB EI4 A 10 4.50 -13.50 7.29
HBA EI4 A 10 4.62 -13.61 5.56
HG1 EI4 A 10 3.44 -15.74 7.33
HD2 EI4 A 10 3.28 -15.23 4.40
HE EI4 A 10 4.81 -17.22 3.75
HND1 EI4 A 10 6.03 -15.73 7.37
HD1 EI4 A 10 2.72 -16.70 5.24
H1 EI4 A 10 7.18 -17.80 4.58
HH12 EI4 A 10 7.68 -17.07 6.07
N ILE A 11 2.33 -11.77 8.20
CA ILE A 11 1.73 -11.33 9.47
C ILE A 11 0.86 -10.11 9.23
N ZAE B 1 -1.98 -9.71 0.05
CA ZAE B 1 -0.51 -9.48 -0.12
C ZAE B 1 0.11 -8.68 1.05
O ZAE B 1 0.75 -9.22 1.95
CB ZAE B 1 0.16 -10.86 -0.33
CG ZAE B 1 1.57 -10.91 -0.96
CD1 ZAE B 1 2.57 -11.52 -0.25
CD2 ZAE B 1 1.91 -10.45 -2.24
CE1 ZAE B 1 3.86 -11.66 -0.73
CE2 ZAE B 1 3.23 -10.58 -2.73
CZ ZAE B 1 4.18 -11.20 -1.96
C10 ZAE B 1 -2.49 -10.12 -1.27
H ZAE B 1 -2.47 -8.85 0.33
HA ZAE B 1 -0.37 -8.90 -1.01
HB2 ZAE B 1 0.22 -11.36 0.64
HB3 ZAE B 1 -0.48 -11.45 -0.96
HD1 ZAE B 1 2.34 -11.89 0.72
HD2 ZAE B 1 1.16 -9.97 -2.85
HE1 ZAE B 1 4.60 -12.15 -0.12
HE2 ZAE B 1 3.48 -10.21 -3.71
HZ ZAE B 1 5.21 -11.31 -2.32
H11 ZAE B 1 -3.57 -10.25 -1.23
H12 ZAE B 1 -2.03 -11.05 -1.55
H13 ZAE B 1 -2.26 -9.37 -2.00
HN2 ZAE B 1 -2.15 -10.46 0.76
N ILE B 2 -0.15 -7.34 1.04
CA ILE B 2 0.45 -6.40 2.00
C ILE B 2 -0.48 -5.22 2.26
N SER B 3 -0.14 -4.41 3.27
CA SER B 3 -0.93 -3.21 3.52
C SER B 3 -0.07 -2.10 4.03
N DGN B 4 -0.27 -0.94 3.43
CA DGN B 4 0.44 0.23 3.79
C DGN B 4 0.75 1.05 2.57
O DGN B 4 0.44 0.69 1.41
CB DGN B 4 -0.33 1.06 4.84
CG DGN B 4 -1.56 0.34 5.45
CD DGN B 4 -1.21 -0.46 6.69
OE1 DGN B 4 -0.16 -0.25 7.31
NE2 DGN B 4 -2.07 -1.39 7.09
H DGN B 4 -0.93 -0.88 2.67
HA DGN B 4 1.39 -0.07 4.24
HB2 DGN B 4 -0.67 1.98 4.39
HB3 DGN B 4 0.34 1.29 5.66
HG2 DGN B 4 -1.97 -0.33 4.71
HG3 DGN B 4 -2.28 1.09 5.72
HE21 DGN B 4 -2.90 -1.50 6.58
HE22 DGN B 4 -1.83 -1.95 7.86
N 28J B 5 1.38 2.16 2.83
CA 28J B 5 1.74 3.08 1.73
CB 28J B 5 2.47 2.34 0.56
CG2 28J B 5 2.04 2.93 -0.78
CG1 28J B 5 4.01 2.37 0.68
CD1 28J B 5 4.66 1.05 1.06
C 28J B 5 2.61 4.25 2.17
O 28J B 5 2.91 4.36 3.40
HA 28J B 5 0.83 3.47 1.35
H22 28J B 5 2.15 1.29 0.56
H23 28J B 5 2.92 3.23 -1.34
H24 28J B 5 1.42 3.79 -0.60
H25 28J B 5 1.48 2.19 -1.35
H26 28J B 5 4.42 2.69 -0.26
H27 28J B 5 4.27 3.11 1.44
H28 28J B 5 4.35 0.29 0.37
H29 28J B 5 4.37 0.78 2.06
H30 28J B 5 5.74 1.16 1.02
N ILE B 6 2.86 5.18 1.16
CA ILE B 6 3.75 6.35 1.27
C ILE B 6 3.20 7.69 0.75
N SER B 7 3.62 8.74 1.43
CA SER B 7 3.38 10.17 1.06
C SER B 7 3.47 10.99 2.33
N DTH B 8 3.80 12.28 2.23
CA DTH B 8 3.84 13.07 3.47
CB DTH B 8 2.70 14.10 3.58
CG2 DTH B 8 1.33 13.44 3.62
OG1 DTH B 8 2.79 15.05 2.50
C DTH B 8 5.13 13.87 3.63
O DTH B 8 5.42 14.43 4.69
H DTH B 8 4.10 12.68 1.36
HA DTH B 8 3.70 12.36 4.28
HB DTH B 8 2.85 14.64 4.50
HG21 DTH B 8 1.18 12.84 2.72
HG22 DTH B 8 0.57 14.21 3.66
HG23 DTH B 8 1.26 12.81 4.49
N ALA B 9 5.86 13.99 2.54
CA ALA B 9 7.08 14.78 2.52
C ALA B 9 6.73 16.21 2.21
N EI4 B 10 6.15 16.38 1.05
CA EI4 B 10 5.73 17.66 0.59
CB EI4 B 10 5.85 17.68 -0.93
CG EI4 B 10 6.13 19.03 -1.54
CD2 EI4 B 10 7.65 19.47 -1.14
NE2 EI4 B 10 8.31 19.58 -2.50
CE1 EI4 B 10 7.46 19.24 -3.54
ND1 EI4 B 10 6.21 18.93 -3.02
NT EI4 B 10 7.77 19.22 -4.80
C EI4 B 10 4.31 17.94 1.12
O EI4 B 10 4.06 18.95 1.78
H EI4 B 10 6.03 15.59 0.46
HA EI4 B 10 6.40 18.39 1.01
HB EI4 B 10 4.94 17.30 -1.36
HBA EI4 B 10 6.66 17.02 -1.20
HG1 EI4 B 10 5.41 19.77 -1.25
HD2 EI4 B 10 8.13 18.70 -0.57
HE EI4 B 10 9.25 19.85 -2.61
HND1 EI4 B 10 5.46 18.63 -3.60
HD1 EI4 B 10 7.65 20.42 -0.64
H1 EI4 B 10 8.68 19.51 -5.09
HH12 EI4 B 10 7.10 18.90 -5.47
N ILE B 11 3.39 17.01 0.83
CA ILE B 11 2.00 17.07 1.33
C ILE B 11 1.83 16.11 2.49
N ZAE C 1 2.89 8.99 -2.29
CA ZAE C 1 2.03 8.82 -3.49
C ZAE C 1 0.63 8.29 -3.18
O ZAE C 1 -0.38 8.91 -3.50
CB ZAE C 1 1.96 10.10 -4.33
CG ZAE C 1 1.75 9.76 -5.77
CD1 ZAE C 1 0.81 10.45 -6.54
CD2 ZAE C 1 2.47 8.71 -6.35
CE1 ZAE C 1 0.58 10.09 -7.86
CE2 ZAE C 1 2.23 8.36 -7.68
CZ ZAE C 1 1.30 9.05 -8.43
C10 ZAE C 1 4.29 9.13 -2.73
H ZAE C 1 2.82 8.16 -1.68
HA ZAE C 1 2.51 8.08 -4.09
HB2 ZAE C 1 1.13 10.71 -4.00
HB3 ZAE C 1 2.88 10.65 -4.22
HD1 ZAE C 1 0.26 11.26 -6.09
HD2 ZAE C 1 3.19 8.17 -5.77
HE1 ZAE C 1 -0.15 10.63 -8.45
HE2 ZAE C 1 2.80 7.55 -8.12
HZ ZAE C 1 1.12 8.77 -9.46
H11 ZAE C 1 4.95 9.14 -1.88
H12 ZAE C 1 4.40 10.05 -3.30
H13 ZAE C 1 4.55 8.29 -3.37
HN2 ZAE C 1 2.57 9.83 -1.73
N ILE C 2 0.60 7.13 -2.53
CA ILE C 2 -0.65 6.47 -2.27
C ILE C 2 -0.56 5.72 -1.01
N SER C 3 -1.68 5.33 -0.56
CA SER C 3 -1.70 4.68 0.69
C SER C 3 -2.68 3.56 0.63
N DGN C 4 -2.26 2.41 1.16
CA DGN C 4 -3.19 1.36 1.28
C DGN C 4 -2.63 0.04 0.84
O DGN C 4 -1.45 -0.11 0.49
CB DGN C 4 -3.66 1.25 2.72
CG DGN C 4 -3.40 2.49 3.57
CD DGN C 4 -4.56 3.49 3.59
OE1 DGN C 4 -5.35 3.56 2.65
NE2 DGN C 4 -4.69 4.27 4.66
H DGN C 4 -1.30 2.27 1.39
HA DGN C 4 -4.03 1.59 0.66
HB2 DGN C 4 -3.17 0.41 3.18
HB3 DGN C 4 -4.73 1.08 2.72
HG2 DGN C 4 -2.51 2.99 3.19
HG3 DGN C 4 -3.22 2.16 4.58
HE21 DGN C 4 -4.07 4.13 5.42
HE22 DGN C 4 -5.37 4.97 4.64
N 28J C 5 -3.52 -0.93 0.83
CA 28J C 5 -3.10 -2.26 0.52
CB 28J C 5 -2.29 -2.29 -0.79
CG2 28J C 5 -1.26 -3.39 -0.72
CG1 28J C 5 -3.23 -2.44 -1.98
CD1 28J C 5 -2.67 -1.86 -3.25
C 28J C 5 -4.24 -3.21 0.39
O 28J C 5 -5.44 -2.85 0.64
HA 28J C 5 -2.46 -2.58 1.30
H22 28J C 5 -1.77 -1.34 -0.88
H23 28J C 5 -0.27 -2.96 -0.67
H24 28J C 5 -1.34 -4.03 -1.59
H25 28J C 5 -1.43 -3.98 0.17
H26 28J C 5 -3.42 -3.50 -2.15
H27 28J C 5 -4.16 -1.94 -1.78
H28 28J C 5 -1.69 -2.27 -3.43
H29 28J C 5 -2.60 -0.79 -3.14
H30 28J C 5 -3.32 -2.10 -4.09
N ILE C 6 -3.84 -4.47 0.08
CA ILE C 6 -4.76 -5.56 -0.17
C ILE C 6 -4.39 -6.89 0.48
N SER C 7 -5.37 -7.44 1.21
CA SER C 7 -5.31 -8.84 1.65
C SER C 7 -6.52 -9.21 2.46
N DTH C 8 -6.67 -10.52 2.68
CA DTH C 8 -7.76 -11.08 3.48
CB DTH C 8 -7.26 -11.77 4.78
CG2 DTH C 8 -6.32 -10.91 5.61
OG1 DTH C 8 -6.60 -13.00 4.46
C DTH C 8 -8.56 -12.16 2.73
O DTH C 8 -9.45 -12.76 3.31
H DTH C 8 -6.04 -11.14 2.26
HA DTH C 8 -8.41 -10.26 3.75
HB DTH C 8 -8.13 -12.01 5.39
HG21 DTH C 8 -5.45 -10.64 5.01
HG22 DTH C 8 -5.99 -11.48 6.47
HG23 DTH C 8 -6.83 -10.02 5.94
N ALA C 9 -8.19 -12.45 1.48
CA ALA C 9 -8.86 -13.52 0.73
C ALA C 9 -8.58 -14.90 1.34
N EI4 C 10 -7.33 -15.37 1.29
CA EI4 C 10 -7.00 -16.69 1.85
CB EI4 C 10 -5.95 -17.37 0.99
CG EI4 C 10 -6.26 -18.82 0.67
CD2 EI4 C 10 -7.74 -18.91 0.05
NE2 EI4 C 10 -7.50 -19.42 -1.34
CE1 EI4 C 10 -6.15 -19.62 -1.61
ND1 EI4 C 10 -5.41 -19.30 -0.48
NT EI4 C 10 -5.65 -20.11 -2.70
C EI4 C 10 -6.57 -16.57 3.31
O EI4 C 10 -6.72 -17.51 4.08
H EI4 C 10 -6.62 -14.83 0.87
HA EI4 C 10 -7.90 -17.27 1.83
HB EI4 C 10 -4.99 -17.33 1.48
HBA EI4 C 10 -5.88 -16.84 0.06
HG1 EI4 C 10 -6.13 -19.46 1.52
HD2 EI4 C 10 -8.19 -17.94 0.01
HE EI4 C 10 -8.21 -19.57 -2.00
HND1 EI4 C 10 -4.43 -19.39 -0.42
HD1 EI4 C 10 -8.34 -19.61 0.61
H1 EI4 C 10 -6.23 -20.38 -3.47
HH12 EI4 C 10 -4.64 -20.22 -2.80
N ILE C 11 -6.03 -15.41 3.66
CA ILE C 11 -5.64 -15.15 5.04
C ILE C 11 -6.34 -13.90 5.53
N ZAE D 1 -14.56 -10.37 1.72
CA ZAE D 1 -13.51 -10.89 0.79
C ZAE D 1 -12.15 -10.41 1.27
O ZAE D 1 -11.52 -11.06 2.11
CB ZAE D 1 -13.55 -12.42 0.72
CG ZAE D 1 -12.99 -12.96 -0.56
CD1 ZAE D 1 -12.11 -14.05 -0.55
CD2 ZAE D 1 -13.32 -12.39 -1.78
CE1 ZAE D 1 -11.57 -14.52 -1.73
CE2 ZAE D 1 -12.78 -12.87 -2.97
CZ ZAE D 1 -11.92 -13.94 -2.94
C10 ZAE D 1 -15.91 -10.57 1.17
H ZAE D 1 -14.42 -9.36 1.88
HA ZAE D 1 -13.70 -10.48 -0.20
HB2 ZAE D 1 -12.98 -12.83 1.53
HB3 ZAE D 1 -14.58 -12.75 0.80
HD1 ZAE D 1 -11.84 -14.50 0.39
HD2 ZAE D 1 -14.01 -11.54 -1.81
HE1 ZAE D 1 -10.88 -15.36 -1.70
HE2 ZAE D 1 -13.04 -12.40 -3.91
HZ ZAE D 1 -11.49 -14.32 -3.87
H11 ZAE D 1 -16.64 -10.18 1.87
H12 ZAE D 1 -16.09 -11.62 1.02
H13 ZAE D 1 -15.99 -10.04 0.24
HN2 ZAE D 1 -14.46 -10.87 2.65
N ILE D 2 -11.71 -9.28 0.76
CA ILE D 2 -10.43 -8.74 1.19
C ILE D 2 -10.64 -7.47 1.92
N SER D 3 -9.63 -7.10 2.62
CA SER D 3 -9.72 -5.88 3.37
C SER D 3 -8.66 -4.93 2.89
N DGN D 4 -9.07 -3.69 2.65
CA DGN D 4 -8.14 -2.67 2.28
C DGN D 4 -8.58 -1.87 1.09
O DGN D 4 -9.65 -2.10 0.53
CB DGN D 4 -7.92 -1.71 3.44
CG DGN D 4 -9.01 -1.69 4.51
CD DGN D 4 -8.73 -2.58 5.73
OE1 DGN D 4 -7.58 -2.87 6.06
NE2 DGN D 4 -9.79 -2.99 6.43
H DGN D 4 -10.04 -3.46 2.71
HA DGN D 4 -7.22 -3.14 2.04
HB2 DGN D 4 -7.84 -0.71 3.04
HB3 DGN D 4 -6.98 -1.96 3.91
HG2 DGN D 4 -9.93 -2.00 4.06
HG3 DGN D 4 -9.12 -0.67 4.86
HE21 DGN D 4 -10.67 -2.69 6.14
HE22 DGN D 4 -9.63 -3.57 7.21
N 28J D 5 -7.72 -0.96 0.68
CA 28J D 5 -8.10 -0.06 -0.36
CB 28J D 5 -8.70 -0.77 -1.60
CG2 28J D 5 -9.70 0.14 -2.29
CG1 28J D 5 -7.57 -1.20 -2.53
CD1 28J D 5 -8.00 -2.17 -3.58
C 28J D 5 -6.93 0.77 -0.83
O 28J D 5 -5.80 0.67 -0.28
HA 28J D 5 -8.85 0.59 0.02
H22 28J D 5 -9.22 -1.66 -1.25
H23 28J D 5 -10.18 0.78 -1.56
H24 28J D 5 -10.45 -0.44 -2.80
H25 28J D 5 -9.18 0.76 -3.01
H26 28J D 5 -7.17 -0.32 -3.02
H27 28J D 5 -6.78 -1.66 -1.94
H28 28J D 5 -8.80 -1.74 -4.16
H29 28J D 5 -8.34 -3.08 -3.11
H30 28J D 5 -7.16 -2.39 -4.23
N ILE D 6 -7.26 1.66 -1.79
CA ILE D 6 -6.33 2.53 -2.45
C ILE D 6 -6.79 3.97 -2.54
N SER D 7 -5.83 4.86 -2.28
CA SER D 7 -5.96 6.31 -2.55
C SER D 7 -4.99 7.17 -1.75
N DTH D 8 -4.95 8.45 -2.13
CA DTH D 8 -4.09 9.39 -1.47
CB DTH D 8 -4.83 10.58 -0.83
CG2 DTH D 8 -5.98 10.16 0.10
OG1 DTH D 8 -5.30 11.45 -1.86
C DTH D 8 -3.08 10.01 -2.45
O DTH D 8 -2.20 10.74 -2.00
H DTH D 8 -5.52 8.75 -2.89
HA DTH D 8 -3.56 8.86 -0.70
HB DTH D 8 -4.11 11.15 -0.24
HG21 DTH D 8 -6.70 9.58 -0.45
HG22 DTH D 8 -6.45 11.04 0.50
HG23 DTH D 8 -5.58 9.57 0.92
N ALA D 9 -3.25 9.77 -3.77
CA ALA D 9 -2.35 10.36 -4.79
C ALA D 9 -2.58 11.85 -4.95
N EI4 D 10 -3.70 12.26 -5.52
CA EI4 D 10 -4.01 13.68 -5.72
CB EI4 D 10 -4.81 13.89 -6.97
CG EI4 D 10 -4.35 15.05 -7.83
CD2 EI4 D 10 -2.75 14.96 -7.99
NE2 EI4 D 10 -2.58 14.69 -9.46
CE1 EI4 D 10 -3.79 14.65 -10.15
ND1 EI4 D 10 -4.82 14.89 -9.25
NT EI4 D 10 -3.93 14.46 -11.43
C EI4 D 10 -4.79 14.20 -4.53
O EI4 D 10 -4.91 15.41 -4.31
H EI4 D 10 -4.36 11.58 -5.83
HA EI4 D 10 -3.07 14.21 -5.78
HB EI4 D 10 -5.82 14.07 -6.70
HBA EI4 D 10 -4.77 12.99 -7.57
HG1 EI4 D 10 -4.66 16.00 -7.42
HD2 EI4 D 10 -2.36 14.15 -7.41
HE EI4 D 10 -1.71 14.57 -9.88
HND1 EI4 D 10 -5.77 14.89 -9.52
HD1 EI4 D 10 -2.30 15.90 -7.70
H1 EI4 D 10 -3.12 14.30 -12.01
HH12 EI4 D 10 -4.84 14.44 -11.85
N ILE D 11 -5.35 13.27 -3.79
CA ILE D 11 -6.13 13.61 -2.62
C ILE D 11 -5.71 12.76 -1.45
N ALA E 1 7.66 -13.47 0.82
CA ALA E 1 8.37 -13.45 -0.49
C ALA E 1 8.45 -12.02 -0.97
N DGL E 2 7.33 -11.27 -0.68
CA DGL E 2 7.25 -9.76 -0.94
C DGL E 2 8.42 -8.92 -0.37
O DGL E 2 8.97 -9.46 0.62
CB DGL E 2 7.53 -9.49 -2.43
CG DGL E 2 6.44 -8.58 -3.13
CD DGL E 2 7.11 -7.40 -3.85
OE1 DGL E 2 6.84 -7.12 -5.02
H DGL E 2 6.65 -11.72 -0.17
HB2 DGL E 2 7.61 -10.43 -2.92
HB3 DGL E 2 8.45 -8.97 -2.40
HG2 DGL E 2 5.79 -8.17 -2.39
HG3 DGL E 2 5.85 -9.13 -3.87
N LYS E 3 7.99 -6.75 -3.12
CA LYS E 3 8.73 -5.63 -3.56
C LYS E 3 7.89 -4.35 -3.84
N DAL E 4 8.17 -3.40 -2.88
CA DAL E 4 7.63 -1.92 -2.70
CB DAL E 4 7.36 -1.02 -4.18
C DAL E 4 8.62 -1.43 -1.41
O DAL E 4 9.61 -0.74 -1.55
H DAL E 4 8.75 -3.72 -2.15
HA DAL E 4 8.10 -1.63 -2.95
HB1 DAL E 4 6.90 -0.06 -3.94
HB2 DAL E 4 6.65 -1.55 -4.83
HB3 DAL E 4 8.28 -0.81 -4.76
N DAL E 5 8.27 -2.00 -0.18
CA DAL E 5 8.85 -1.60 1.31
CB DAL E 5 8.95 -0.10 1.07
C DAL E 5 10.30 -2.37 0.93
O DAL E 5 11.39 -1.74 1.17
OXT DAL E 5 10.35 -3.54 0.38
H DAL E 5 7.53 -2.66 -0.25
HA DAL E 5 9.59 -1.60 2.13
HB1 DAL E 5 8.01 0.41 1.31
HB2 DAL E 5 9.14 0.00 0.05
HB3 DAL E 5 9.74 0.34 1.67
N ALA F 1 7.56 17.95 -7.42
CA ALA F 1 8.91 18.21 -8.03
C ALA F 1 10.00 17.57 -7.18
N DGL F 2 9.67 17.37 -5.86
CA DGL F 2 10.63 16.67 -4.91
C DGL F 2 11.24 15.35 -5.54
O DGL F 2 10.39 14.58 -6.11
CB DGL F 2 11.96 17.49 -4.86
CG DGL F 2 12.80 17.22 -3.51
CD DGL F 2 14.34 17.07 -3.74
OE1 DGL F 2 15.14 17.79 -3.16
H DGL F 2 8.74 17.55 -5.59
HB2 DGL F 2 11.69 18.52 -4.91
HB3 DGL F 2 12.56 17.20 -5.70
HG2 DGL F 2 12.44 16.33 -3.06
HG3 DGL F 2 12.67 18.06 -2.80
N LYS F 3 14.72 16.13 -4.58
CA LYS F 3 16.09 15.85 -4.96
C LYS F 3 17.11 15.84 -3.77
N DAL F 4 16.66 14.97 -2.79
CA DAL F 4 17.30 14.43 -1.46
CB DAL F 4 17.79 15.59 -0.28
C DAL F 4 18.24 13.15 -2.08
O DAL F 4 19.23 13.32 -2.76
H DAL F 4 15.75 14.65 -2.96
HA DAL F 4 17.89 14.66 -1.49
HB1 DAL F 4 16.96 16.27 -0.08
HB2 DAL F 4 18.64 16.18 -0.60
HB3 DAL F 4 18.06 15.10 0.70
N DAL F 5 17.72 11.87 -1.81
CA DAL F 5 18.45 10.43 -2.09
CB DAL F 5 19.82 10.81 -1.53
C DAL F 5 18.37 10.73 -3.73
O DAL F 5 17.23 10.92 -4.34
OXT DAL F 5 19.44 10.83 -4.41
H DAL F 5 16.85 11.89 -1.34
HA DAL F 5 18.85 9.64 -2.72
HB1 DAL F 5 19.88 10.61 -0.45
HB2 DAL F 5 19.94 11.82 -1.71
HB3 DAL F 5 20.61 10.21 -2.03
N ALA G 1 -7.51 -16.05 -6.44
CA ALA G 1 -7.93 -15.31 -7.66
C ALA G 1 -8.15 -13.81 -7.36
N DGL G 2 -9.10 -13.56 -6.35
CA DGL G 2 -9.26 -12.10 -5.98
C DGL G 2 -8.13 -11.07 -6.21
O DGL G 2 -7.02 -11.32 -5.65
CB DGL G 2 -10.30 -11.42 -6.88
CG DGL G 2 -10.59 -12.13 -8.26
CD DGL G 2 -10.20 -11.28 -9.50
OE1 DGL G 2 -11.05 -10.67 -10.14
H DGL G 2 -9.48 -14.28 -5.86
HB2 DGL G 2 -9.87 -10.44 -7.09
HB3 DGL G 2 -11.22 -11.29 -6.33
HG2 DGL G 2 -11.66 -12.31 -8.32
HG3 DGL G 2 -10.09 -13.09 -8.32
N LYS G 3 -8.93 -11.28 -9.81
CA LYS G 3 -8.37 -10.56 -10.96
C LYS G 3 -8.37 -9.02 -10.77
N DAL G 4 -8.24 -8.69 -9.42
CA DAL G 4 -8.04 -7.31 -8.72
CB DAL G 4 -9.47 -6.35 -8.49
C DAL G 4 -6.63 -6.84 -9.50
O DAL G 4 -6.62 -6.06 -10.44
H DAL G 4 -8.26 -9.49 -8.83
HA DAL G 4 -8.19 -6.98 -9.16
HB1 DAL G 4 -9.89 -6.05 -9.43
HB2 DAL G 4 -9.23 -5.41 -7.92
HB3 DAL G 4 -10.26 -6.87 -7.90
N DAL G 5 -5.49 -7.48 -9.08
CA DAL G 5 -3.99 -7.27 -9.55
CB DAL G 5 -3.94 -5.72 -9.07
C DAL G 5 -4.23 -7.53 -11.14
O DAL G 5 -3.58 -6.78 -11.93
OXT DAL G 5 -4.66 -8.68 -11.59
H DAL G 5 -5.65 -8.25 -8.42
HA DAL G 5 -3.40 -6.81 -10.07
HB1 DAL G 5 -3.96 -5.69 -8.02
HB2 DAL G 5 -4.72 -5.21 -9.51
HB3 DAL G 5 -2.95 -5.23 -9.40
N ALA H 1 -0.08 10.26 -12.59
CA ALA H 1 0.89 9.34 -13.26
C ALA H 1 1.59 8.43 -12.19
N DGL H 2 0.80 7.47 -11.62
CA DGL H 2 1.42 6.63 -10.48
C DGL H 2 0.02 6.18 -9.87
O DGL H 2 0.00 5.75 -8.67
CB DGL H 2 1.55 5.02 -10.77
CG DGL H 2 2.66 4.32 -9.80
CD DGL H 2 3.93 5.14 -9.63
OE1 DGL H 2 3.95 6.21 -9.02
H DGL H 2 -0.16 7.44 -11.84
HA DGL H 2 2.11 6.62 -11.20
HB2 DGL H 2 1.89 4.91 -11.77
HB3 DGL H 2 0.61 4.51 -10.62
HG2 DGL H 2 2.95 3.35 -10.19
HG3 DGL H 2 2.23 4.16 -8.81
N LYS H 3 4.97 4.64 -10.24
CA LYS H 3 6.26 5.24 -10.23
C LYS H 3 6.75 5.60 -8.80
N DAL H 4 6.65 4.48 -7.99
CA DAL H 4 7.10 4.25 -6.51
CB DAL H 4 6.19 5.12 -5.31
C DAL H 4 8.77 4.24 -6.70
O DAL H 4 9.41 5.25 -6.96
H DAL H 4 6.26 3.69 -8.44
HA DAL H 4 7.28 4.78 -6.37
HB1 DAL H 4 6.40 6.16 -5.35
HB2 DAL H 4 6.44 4.77 -4.28
HB3 DAL H 4 5.11 4.97 -5.44
N DAL H 5 9.36 2.97 -6.67
CA DAL H 5 10.97 2.62 -6.62
CB DAL H 5 11.31 3.56 -5.47
C DAL H 5 11.14 3.38 -8.11
O DAL H 5 12.08 4.26 -8.31
OXT DAL H 5 10.48 2.95 -9.13
H DAL H 5 8.69 2.24 -6.58
HA DAL H 5 11.99 2.59 -7.01
HB1 DAL H 5 11.21 3.06 -4.50
HB2 DAL H 5 10.65 4.34 -5.54
HB3 DAL H 5 12.35 3.91 -5.57
C1 MUB I . 8.18 -11.62 5.26
C2 MUB I . 7.31 -12.86 5.27
C3 MUB I . 8.09 -14.02 4.63
C4 MUB I . 9.17 -13.56 3.62
C5 MUB I . 10.13 -12.52 4.21
C6 MUB I . 10.38 -11.38 3.23
C7 MUB I . 7.65 -13.99 7.39
C8 MUB I . 7.13 -14.35 8.79
C9 MUB I . 6.58 -14.42 2.80
C10 MUB I . 7.34 -14.60 1.49
C11 MUB I . 5.06 -14.07 2.76
O1 MUB I . 7.78 -10.75 6.26
O3 MUB I . 7.18 -14.93 4.01
O4 MUB I . 9.90 -14.72 3.13
O5 MUB I . 9.56 -11.96 5.42
O6 MUB I . 9.16 -10.94 2.72
O7 MUB I . 8.74 -14.40 7.00
O10 MUB I . 7.86 -15.69 1.25
N2 MUB I . 6.88 -13.23 6.61
H1 MUB I . 8.04 -11.06 4.34
H2 MUB I . 6.40 -12.55 4.75
HN2 MUB I . 5.99 -12.91 6.93
H81 MUB I . 7.12 -13.47 9.42
H82 MUB I . 7.75 -15.10 9.23
H83 MUB I . 6.12 -14.76 8.69
H3 MUB I . 8.57 -14.63 5.40
H9 MUB I . 7.10 -13.48 2.91
H111 MUB I . 4.79 -13.62 1.80
H112 MUB I . 4.85 -13.37 3.52
H113 MUB I . 4.45 -14.97 2.95
H4 MUB I . 8.72 -13.35 2.65
H5 MUB I . 11.08 -12.76 4.35
H61 MUB I . 10.89 -11.73 2.30
H62 MUB I . 10.74 -10.36 3.58
HO6 MUB I . 9.09 -10.36 1.93
C1 NAG I . 10.38 -15.61 4.15
C2 NAG I . 11.41 -16.57 3.57
C3 NAG I . 11.93 -17.52 4.63
C4 NAG I . 12.39 -16.74 5.86
C5 NAG I . 11.31 -15.77 6.33
C6 NAG I . 11.79 -14.91 7.49
C7 NAG I . 9.67 -17.88 2.49
C8 NAG I . 9.24 -18.59 1.19
N2 NAG I . 10.86 -17.29 2.43
O3 NAG I . 13.02 -18.27 4.10
O4 NAG I . 12.68 -17.66 6.92
O5 NAG I . 10.96 -14.88 5.25
O6 NAG I . 12.51 -13.78 7.04
O7 NAG I . 9.13 -18.16 3.55
H1 NAG I . 9.46 -16.14 4.43
H2 NAG I . 12.23 -16.19 3.06
H3 NAG I . 11.15 -18.24 4.93
H4 NAG I . 13.39 -16.34 5.54
H5 NAG I . 10.41 -16.23 6.69
H61 NAG I . 12.46 -15.46 8.17
H62 NAG I . 10.90 -14.64 8.07
H81 NAG I . 8.27 -19.06 1.35
H82 NAG I . 9.96 -19.34 0.93
H83 NAG I . 9.19 -17.86 0.39
HN2 NAG I . 11.24 -17.09 1.55
HO3 NAG I . 12.74 -18.79 3.36
HO4 NAG I . 13.27 -18.33 6.57
HO6 NAG I . 12.00 -13.42 6.31
C1 MUB J . 4.71 14.49 -4.97
C2 MUB J . 4.29 15.85 -5.56
C3 MUB J . 4.53 15.85 -7.08
C4 MUB J . 5.96 15.43 -7.42
C5 MUB J . 6.29 14.11 -6.75
C6 MUB J . 7.42 14.26 -5.74
C7 MUB J . 1.92 15.66 -6.01
C8 MUB J . 0.47 16.08 -5.71
C9 MUB J . 5.11 18.19 -7.13
C10 MUB J . 6.40 18.48 -7.91
C11 MUB J . 4.60 19.21 -6.06
O1 MUB J . 3.72 13.91 -4.22
O3 MUB J . 4.23 17.15 -7.63
O4 MUB J . 6.15 15.37 -8.87
O5 MUB J . 5.12 13.61 -6.03
O6 MUB J . 7.23 15.43 -4.95
O7 MUB J . 2.14 14.69 -6.76
O10 MUB J . 6.32 19.15 -8.94
N2 MUB J . 2.90 16.18 -5.26
H1 MUB J . 5.57 14.58 -4.31
H2 MUB J . 4.88 16.57 -4.97
HN2 MUB J . 2.73 16.95 -4.67
H81 MUB J . 0.40 17.17 -5.78
H82 MUB J . 0.19 15.78 -4.72
H83 MUB J . -0.19 15.60 -6.43
H3 MUB J . 3.78 15.23 -7.59
H9 MUB J . 5.68 17.45 -6.60
H111 MUB J . 3.66 19.67 -6.38
H112 MUB J . 5.31 19.97 -5.95
H113 MUB J . 4.48 18.71 -5.09
H4 MUB J . 6.67 16.27 -7.34
H5 MUB J . 6.66 13.40 -7.37
H61 MUB J . 8.31 14.51 -6.35
H62 MUB J . 7.65 13.36 -5.10
HO6 MUB J . 7.67 15.41 -4.10
C1 NAG J . 5.02 14.93 -9.62
C2 NAG J . 5.37 14.84 -11.11
C3 NAG J . 4.17 14.39 -11.93
C4 NAG J . 3.58 13.11 -11.33
C5 NAG J . 3.32 13.26 -9.84
C6 NAG J . 2.83 11.97 -9.21
C7 NAG J . 5.18 17.24 -11.48
C8 NAG J . 5.87 18.50 -12.03
N2 NAG J . 5.89 16.12 -11.59
O3 NAG J . 4.58 14.14 -13.26
O4 NAG J . 2.36 12.80 -12.00
O5 NAG J . 4.53 13.65 -9.16
O6 NAG J . 3.90 11.07 -8.97
O7 NAG J . 3.96 17.23 -11.33
H1 NAG J . 4.28 15.71 -9.45
H2 NAG J . 6.18 14.29 -11.45
H3 NAG J . 3.39 15.16 -11.94
H4 NAG J . 4.31 12.33 -11.67
H5 NAG J . 2.54 13.99 -9.58
H61 NAG J . 2.11 11.43 -9.85
H62 NAG J . 2.29 12.23 -8.29
H81 NAG J . 5.20 19.33 -11.96
H82 NAG J . 6.14 18.35 -13.06
H83 NAG J . 6.79 18.68 -11.45
HN2 NAG J . 6.85 16.17 -11.71
HO3 NAG J . 4.93 14.94 -13.66
HO4 NAG J . 2.54 12.80 -12.94
HO6 NAG J . 4.66 11.64 -8.83
C1 MUB K . -3.93 -15.67 -3.38
C2 MUB K . -4.60 -17.02 -3.39
C3 MUB K . -4.61 -17.58 -4.82
C4 MUB K . -4.76 -16.52 -5.91
C5 MUB K . -3.75 -15.39 -5.73
C6 MUB K . -4.47 -14.04 -5.68
C7 MUB K . -2.87 -18.68 -3.02
C8 MUB K . -2.20 -19.70 -2.11
C9 MUB K . -6.96 -18.00 -5.06
C10 MUB K . -7.35 -17.41 -6.40
C11 MUB K . -8.06 -18.31 -3.98
O1 MUB K . -3.25 -15.49 -2.18
O3 MUB K . -5.64 -18.58 -4.93
O4 MUB K . -4.65 -17.14 -7.23
O5 MUB K . -3.03 -15.55 -4.49
O6 MUB K . -5.64 -14.14 -4.87
O7 MUB K . -2.33 -18.34 -4.08
O10 MUB K . -7.38 -18.14 -7.39
N2 MUB K . -3.91 -17.97 -2.52
H1 MUB K . -4.66 -14.87 -3.51
H2 MUB K . -5.56 -16.84 -2.90
HN2 MUB K . -4.35 -18.24 -1.68
H81 MUB K . -1.42 -20.20 -2.68
H82 MUB K . -2.92 -20.43 -1.78
H83 MUB K . -1.80 -19.18 -1.25
H3 MUB K . -3.70 -18.16 -5.01
H9 MUB K . -6.57 -17.04 -4.83
H111 MUB K . -8.01 -17.58 -3.15
H112 MUB K . -7.89 -19.27 -3.57
H113 MUB K . -9.05 -18.32 -4.44
H4 MUB K . -5.82 -16.25 -6.05
H5 MUB K . -3.10 -15.25 -6.52
H61 MUB K . -4.87 -13.85 -6.69
H62 MUB K . -3.85 -13.16 -5.31
HO6 MUB K . -6.21 -13.36 -4.81
C1 NAG K . -3.50 -18.00 -7.41
C2 NAG K . -3.30 -18.27 -8.90
C3 NAG K . -2.12 -19.19 -9.12
C4 NAG K . -0.89 -18.63 -8.40
C5 NAG K . -1.20 -18.31 -6.94
C6 NAG K . -0.01 -17.65 -6.24
C7 NAG K . -5.13 -19.87 -8.97
C8 NAG K . -6.40 -20.31 -9.72
N2 NAG K . -4.51 -18.82 -9.49
O3 NAG K . -1.84 -19.28 -10.51
O4 NAG K . 0.15 -19.59 -8.46
O5 NAG K . -2.32 -17.40 -6.87
O6 NAG K . 0.26 -16.37 -6.77
O7 NAG K . -4.56 -20.67 -8.22
H1 NAG K . -3.78 -18.91 -6.87
H2 NAG K . -3.22 -17.50 -9.58
H3 NAG K . -2.31 -20.19 -8.74
H4 NAG K . -0.55 -17.80 -9.09
H5 NAG K . -1.41 -19.17 -6.32
H61 NAG K . 0.92 -18.23 -6.35
H62 NAG K . -0.25 -17.62 -5.17
H81 NAG K . -6.83 -21.18 -9.21
H82 NAG K . -6.16 -20.58 -10.73
H83 NAG K . -7.11 -19.48 -9.73
HN2 NAG K . -5.02 -18.22 -10.07
HO3 NAG K . -2.57 -19.71 -10.95
HO4 NAG K . 0.21 -19.93 -9.37
HO6 NAG K . 0.42 -16.53 -7.70
C1 MUB L . -4.83 9.95 -10.74
C2 MUB L . -4.38 11.35 -11.17
C3 MUB L . -3.95 11.34 -12.66
C4 MUB L . -3.35 9.99 -13.12
C5 MUB L . -4.25 8.81 -12.79
C6 MUB L . -3.48 7.69 -12.10
C7 MUB L . -6.37 12.55 -11.90
C8 MUB L . -7.44 13.63 -11.62
C9 MUB L . -1.70 12.15 -12.42
C10 MUB L . -0.79 11.23 -13.25
C11 MUB L . -1.07 13.07 -11.33
O1 MUB L . -5.84 10.05 -9.79
O3 MUB L . -3.02 12.42 -12.90
O4 MUB L . -3.06 10.04 -14.56
O5 MUB L . -5.31 9.23 -11.88
O6 MUB L . -2.73 8.21 -11.02
O7 MUB L . -6.38 11.91 -12.95
O10 MUB L . -0.81 11.33 -14.47
N2 MUB L . -5.43 12.34 -10.96
H1 MUB L . -4.00 9.37 -10.31
H2 MUB L . -3.60 11.58 -10.43
HN2 MUB L . -5.42 12.87 -10.13
H81 MUB L . -8.03 13.78 -12.52
H82 MUB L . -6.95 14.55 -11.35
H83 MUB L . -8.05 13.30 -10.80
H3 MUB L . -4.79 11.61 -13.30
H9 MUB L . -2.02 11.26 -11.92
H111 MUB L . -1.25 14.14 -11.57
H112 MUB L . -0.03 12.94 -11.31
H113 MUB L . -1.46 12.81 -10.34
H4 MUB L . -2.29 9.93 -12.90
H5 MUB L . -4.63 8.31 -13.60
H61 MUB L . -2.70 7.35 -12.83
H62 MUB L . -4.10 6.79 -11.81
HO6 MUB L . -2.11 7.57 -10.62
C1 NAG L . -4.08 10.61 -15.39
C2 NAG L . -3.78 10.29 -16.86
C3 NAG L . -4.83 10.89 -17.77
C4 NAG L . -6.24 10.48 -17.30
C5 NAG L . -6.42 10.78 -15.81
C6 NAG L . -7.76 10.29 -15.30
C7 NAG L . -2.11 12.04 -17.13
C8 NAG L . -0.66 12.35 -17.53
N2 NAG L . -2.45 10.76 -17.21
O3 NAG L . -4.63 10.41 -19.09
O4 NAG L . -7.20 11.19 -18.05
O5 NAG L . -5.39 10.12 -15.05
O6 NAG L . -7.74 8.90 -15.02
O7 NAG L . -2.96 12.94 -17.10
H1 NAG L . -3.98 11.69 -15.19
H2 NAG L . -3.62 9.32 -17.16
H3 NAG L . -4.77 11.98 -17.79
H4 NAG L . -6.31 9.42 -17.66
H5 NAG L . -6.42 11.85 -15.56
H61 NAG L . -8.58 10.44 -16.03
H62 NAG L . -8.01 10.90 -14.42
H81 NAG L . -0.46 13.41 -17.35
H82 NAG L . -0.53 12.15 -18.58
H83 NAG L . 0.02 11.73 -16.95
HN2 NAG L . -1.74 10.09 -17.23
HO3 NAG L . -3.76 10.66 -19.41
HO4 NAG L . -6.98 11.12 -18.98
HO6 NAG L . -6.89 8.77 -14.57
P 2PO M . 6.26 -10.20 6.22
O1P 2PO M . 5.43 -10.94 7.21
O2P 2PO M . 5.83 -10.21 4.80
O3P 2PO M . 6.37 -8.67 6.70
P 2PO N . 6.08 -7.49 5.65
O1P 2PO N . 4.67 -7.62 5.19
O2P 2PO N . 6.52 -6.22 6.26
O3P 2PO N . 7.05 -7.85 4.43
C1 P1W O . 8.47 -7.94 4.64
C2 P1W O . 9.03 -6.55 4.86
C3 P1W O . 10.26 -6.27 5.34
C4 P1W O . 10.75 -4.85 5.53
C5 P1W O . 11.28 -7.34 5.74
H12 P1W O . 8.64 -8.56 5.51
H11 P1W O . 8.92 -8.39 3.77
H2 P1W O . 8.48 -5.77 4.37
H41 P1W O . 11.34 -4.79 6.44
H42 P1W O . 11.36 -4.56 4.69
H51 P1W O . 12.28 -6.96 5.63
H52 P1W O . 11.15 -8.22 5.12
H53 P1W O . 11.12 -7.61 6.79
C1 P1W P . 9.55 -3.90 5.63
C2 P1W P . 9.74 -2.98 6.81
C3 P1W P . 9.27 -3.22 8.05
C4 P1W P . 9.45 -2.24 9.21
C5 P1W P . 8.57 -4.53 8.44
H12 P1W P . 8.64 -4.48 5.77
H11 P1W P . 9.48 -3.33 4.73
H2 P1W P . 10.08 -1.98 6.54
H41 P1W P . 10.21 -2.64 9.88
H42 P1W P . 9.77 -1.30 8.82
H51 P1W P . 8.84 -4.79 9.46
H52 P1W P . 8.90 -5.32 7.78
H53 P1W P . 7.50 -4.42 8.37
C1 P1W Q . 12.74 8.16 3.27
C2 P1W Q . 11.97 7.01 3.85
C3 P1W Q . 11.40 7.02 5.07
C4 P1W Q . 10.61 5.84 5.67
C5 P1W Q . 11.45 8.26 5.97
H12 P1W Q . 12.07 8.98 3.08
H11 P1W Q . 13.51 8.47 3.96
H2 P1W Q . 11.95 6.12 3.24
H43 P1W Q . 10.81 4.94 5.09
H41 P1W Q . 9.55 6.05 5.64
H42 P1W Q . 10.93 5.68 6.69
H51 P1W Q . 11.14 9.12 5.39
H52 P1W Q . 12.46 8.40 6.32
H53 P1W Q . 10.79 8.13 6.81
C1 P1W R . 8.16 -2.05 10.00
C2 P1W R . 7.15 -1.23 9.25
C3 P1W R . 5.80 -1.35 9.42
C4 P1W R . 4.79 -0.47 8.67
C5 P1W R . 5.17 -2.39 10.34
H12 P1W R . 8.40 -1.53 10.93
H11 P1W R . 7.74 -3.01 10.23
H2 P1W R . 7.55 -0.66 8.43
H43 P1W R . 4.81 -0.73 7.61
H41 P1W R . 5.05 0.57 8.79
H42 P1W R . 3.79 -0.64 9.06
H51 P1W R . 5.40 -3.38 9.96
H52 P1W R . 4.10 -2.26 10.34
H53 P1W R . 5.56 -2.30 11.35
P 2PO S . 3.92 13.80 -2.61
O1P 2PO S . 2.87 12.91 -2.04
O2P 2PO S . 4.07 15.17 -2.06
O3P 2PO S . 5.32 13.05 -2.44
P 2PO T . 6.17 13.27 -1.12
O1P 2PO T . 6.66 14.66 -1.12
O2P 2PO T . 5.33 12.83 0.03
O3P 2PO T . 7.41 12.26 -1.34
C1 P1W U . 8.05 12.17 -2.61
C2 P1W U . 9.09 11.08 -2.53
C3 P1W U . 10.18 11.03 -1.75
C4 P1W U . 11.09 9.82 -1.83
C5 P1W U . 10.58 12.12 -0.73
H12 P1W U . 7.31 11.92 -3.38
H11 P1W U . 8.52 13.12 -2.87
H2 P1W U . 8.73 10.14 -2.86
H41 P1W U . 10.98 9.35 -2.81
H42 P1W U . 12.10 10.12 -1.69
H51 P1W U . 10.38 11.77 0.27
H52 P1W U . 10.02 13.01 -0.92
H53 P1W U . 11.64 12.32 -0.83
C1 P1W V . -2.75 -10.11 -4.89
C2 P1W V . -2.48 -8.73 -5.44
C3 P1W V . -1.24 -8.24 -5.68
C4 P1W V . -0.96 -6.85 -6.21
C5 P1W V . 0.02 -9.10 -5.55
H12 P1W V . -2.31 -10.86 -5.54
H11 P1W V . -2.32 -10.19 -3.90
H2 P1W V . -3.32 -8.06 -5.37
H41 P1W V . 0.11 -6.67 -6.17
H42 P1W V . -1.30 -6.79 -7.23
H51 P1W V . -0.26 -10.14 -5.63
H52 P1W V . 0.48 -8.92 -4.59
H53 P1W V . 0.71 -8.85 -6.34
C1 P1W W . -1.69 -5.79 -5.37
C2 P1W W . -0.71 -4.82 -4.75
C3 P1W W . 0.00 -5.09 -3.63
C4 P1W W . 1.03 -4.11 -3.00
C5 P1W W . -0.14 -6.44 -2.91
H12 P1W W . -2.25 -6.28 -4.60
H11 P1W W . -2.34 -5.25 -6.02
H2 P1W W . -0.84 -3.80 -5.06
H43 P1W W . 0.51 -3.31 -2.49
H41 P1W W . 1.66 -3.69 -3.78
H42 P1W W . 1.65 -4.66 -2.30
H51 P1W W . -0.68 -6.31 -1.98
H52 P1W W . 0.83 -6.86 -2.71
H53 P1W W . -0.70 -7.14 -3.54
C1 P1W X . 0.22 2.72 -7.66
C2 P1W X . 1.14 3.44 -6.71
C3 P1W X . 1.98 2.82 -5.85
C4 P1W X . 2.93 3.56 -4.89
C5 P1W X . 2.02 1.30 -5.72
H12 P1W X . 0.27 3.18 -8.63
H11 P1W X . 0.52 1.69 -7.73
H2 P1W X . 1.17 4.51 -6.84
H43 P1W X . 3.08 4.58 -5.23
H41 P1W X . 3.89 3.04 -4.90
H42 P1W X . 2.54 3.55 -3.89
H51 P1W X . 1.01 0.90 -5.70
H52 P1W X . 2.53 1.04 -4.81
H53 P1W X . 2.55 0.88 -6.57
C1 P1W Y . 10.75 8.77 -0.77
C2 P1W Y . 11.82 8.80 0.30
C3 P1W Y . 12.35 7.69 0.85
C4 P1W Y . 13.40 7.72 1.95
C5 P1W Y . 11.95 6.28 0.43
H12 P1W Y . 10.73 7.80 -1.23
H11 P1W Y . 9.79 8.99 -0.33
H2 P1W Y . 11.86 9.74 0.83
H41 P1W Y . 13.82 6.74 2.08
H42 P1W Y . 14.19 8.42 1.70
H51 P1W Y . 12.59 5.57 0.92
H52 P1W Y . 12.04 6.17 -0.64
H53 P1W Y . 10.92 6.09 0.72
P 2PO Z . -4.08 -14.98 -0.89
O1P 2PO Z . -3.58 -15.66 0.33
O2P 2PO Z . -5.53 -15.07 -1.19
O3P 2PO Z . -3.70 -13.44 -0.79
P 2PO AA . -4.36 -12.56 0.33
O1P 2PO AA . -5.50 -13.31 0.93
O2P 2PO AA . -3.29 -12.03 1.20
O3P 2PO AA . -4.95 -11.37 -0.54
C1 P1W BA . -5.90 -11.65 -1.53
C2 P1W BA . -5.57 -10.87 -2.76
C3 P1W BA . -4.55 -11.16 -3.56
C4 P1W BA . -4.25 -10.33 -4.78
C5 P1W BA . -3.58 -12.31 -3.31
H12 P1W BA . -5.88 -12.71 -1.73
H11 P1W BA . -6.88 -11.35 -1.18
H2 P1W BA . -6.38 -10.28 -3.16
H41 P1W BA . -4.60 -10.85 -5.67
H42 P1W BA . -4.75 -9.37 -4.69
H51 P1W BA . -4.10 -13.25 -3.43
H52 P1W BA . -3.21 -12.24 -2.29
H53 P1W BA . -2.75 -12.26 -4.00
P 2PO CA . -5.53 10.53 -8.27
O1P 2PO CA . -6.64 11.41 -7.81
O2P 2PO CA . -4.15 11.08 -8.22
O3P 2PO CA . -5.57 9.18 -7.43
P 2PO DA . -6.28 9.16 -6.00
O1P 2PO DA . -5.58 10.13 -5.09
O2P 2PO DA . -7.74 9.33 -6.21
O3P 2PO DA . -6.02 7.65 -5.49
C1 P1W EA . -4.72 7.04 -5.55
C2 P1W EA . -4.27 6.80 -6.98
C3 P1W EA . -4.95 6.06 -7.90
C4 P1W EA . -4.44 5.89 -9.33
C5 P1W EA . -6.30 5.38 -7.59
H12 P1W EA . -4.01 7.69 -5.05
H11 P1W EA . -4.75 6.09 -5.02
H2 P1W EA . -3.45 7.44 -7.30
H41 P1W EA . -5.29 5.95 -10.01
H42 P1W EA . -3.76 6.69 -9.57
H51 P1W EA . -6.22 4.32 -7.76
H52 P1W EA . -7.07 5.79 -8.23
H53 P1W EA . -6.58 5.56 -6.55
C1 P1W FA . -3.74 4.55 -9.58
C2 P1W FA . -2.81 4.22 -8.44
C3 P1W FA . -2.14 3.06 -8.35
C4 P1W FA . -1.23 2.77 -7.18
C5 P1W FA . -2.22 1.93 -9.38
H12 P1W FA . -3.16 4.62 -10.49
H11 P1W FA . -4.47 3.78 -9.66
H2 P1W FA . -2.91 4.87 -7.59
H41 P1W FA . -1.33 3.54 -6.43
H42 P1W FA . -1.49 1.80 -6.75
H51 P1W FA . -1.39 1.26 -9.24
H52 P1W FA . -2.19 2.35 -10.37
H53 P1W FA . -3.14 1.38 -9.24
N ZAE A 1 13.49 12.29 1.29
CA ZAE A 1 12.93 11.00 1.77
C ZAE A 1 11.42 11.00 1.62
O ZAE A 1 10.85 11.95 1.08
CB ZAE A 1 13.52 9.87 0.95
CG ZAE A 1 14.57 9.10 1.68
CD1 ZAE A 1 14.34 7.81 2.06
CD2 ZAE A 1 15.78 9.70 1.99
CE1 ZAE A 1 15.29 7.10 2.77
CE2 ZAE A 1 16.74 9.00 2.70
CZ ZAE A 1 16.50 7.71 3.08
C10 ZAE A 1 13.30 13.39 2.26
H ZAE A 1 13.01 12.55 0.40
HA ZAE A 1 13.19 10.87 2.81
HB2 ZAE A 1 12.73 9.18 0.68
HB3 ZAE A 1 13.97 10.27 0.05
HD1 ZAE A 1 13.40 7.33 1.81
HD2 ZAE A 1 15.96 10.72 1.68
HE1 ZAE A 1 15.10 6.09 3.07
HE2 ZAE A 1 17.67 9.49 2.94
HZ ZAE A 1 17.24 7.15 3.64
H11 ZAE A 1 13.74 14.29 1.86
H12 ZAE A 1 13.79 13.13 3.19
H13 ZAE A 1 12.25 13.55 2.42
HN2 ZAE A 1 14.51 12.15 1.08
N ILE A 2 10.76 9.92 2.06
CA ILE A 2 9.29 9.82 1.99
C ILE A 2 8.71 9.11 3.25
N SER A 3 7.35 9.22 3.48
CA SER A 3 6.69 8.63 4.65
C SER A 3 5.72 7.55 4.29
N DGN A 4 5.24 6.89 5.33
CA DGN A 4 4.38 5.75 5.15
C DGN A 4 5.04 4.60 5.78
O DGN A 4 6.12 4.71 6.39
CB DGN A 4 2.93 5.89 5.68
CG DGN A 4 2.77 6.49 7.05
CD DGN A 4 2.91 8.00 7.03
OE1 DGN A 4 2.52 8.65 6.08
NE2 DGN A 4 3.45 8.55 8.09
H DGN A 4 5.45 7.20 6.23
HA DGN A 4 4.34 5.56 4.10
HB2 DGN A 4 2.51 4.89 5.72
HB3 DGN A 4 2.36 6.47 4.98
HG2 DGN A 4 3.52 6.08 7.70
HG3 DGN A 4 1.78 6.23 7.42
HE21 DGN A 4 3.72 7.96 8.83
HE22 DGN A 4 3.58 9.51 8.09
N 28J A 5 4.40 3.50 5.62
CA 28J A 5 4.89 2.25 6.16
CB 28J A 5 6.43 2.05 5.99
CG2 28J A 5 6.98 1.25 7.16
CG1 28J A 5 6.76 1.34 4.67
CD1 28J A 5 6.81 2.24 3.46
C 28J A 5 4.16 1.06 5.56
O 28J A 5 3.22 1.25 4.76
HA 28J A 5 4.68 2.26 7.22
H22 28J A 5 6.90 3.02 6.00
H23 28J A 5 8.03 1.49 7.33
H24 28J A 5 6.91 0.19 6.94
H25 28J A 5 6.42 1.46 8.05
H26 28J A 5 7.73 0.87 4.78
H27 28J A 5 6.01 0.57 4.51
H28 28J A 5 7.13 1.66 2.60
H29 28J A 5 7.51 3.03 3.63
H30 28J A 5 5.82 2.64 3.27
N ILE A 6 4.60 -0.12 6.07
CA ILE A 6 4.15 -1.48 5.73
C ILE A 6 3.87 -2.26 7.00
N SER A 7 2.95 -3.18 6.82
CA SER A 7 2.52 -4.18 7.81
C SER A 7 1.05 -4.45 7.62
N DTH A 8 0.54 -5.44 8.34
CA DTH A 8 -0.91 -5.66 8.34
CB DTH A 8 -1.53 -5.97 9.76
CG2 DTH A 8 -1.04 -5.03 10.89
OG1 DTH A 8 -1.29 -7.34 10.10
C DTH A 8 -1.37 -6.74 7.37
O DTH A 8 -2.51 -6.72 6.90
H DTH A 8 1.15 -6.13 8.73
HA DTH A 8 -1.34 -4.71 8.02
HB DTH A 8 -2.60 -5.83 9.67
HG21 DTH A 8 0.03 -5.07 10.99
HG22 DTH A 8 -1.49 -5.36 11.83
HG23 DTH A 8 -1.36 -4.02 10.70
N ALA A 9 -0.48 -7.65 6.98
CA ALA A 9 -0.93 -8.72 6.12
C ALA A 9 -1.79 -9.68 6.93
N EI4 A 10 -1.15 -10.70 7.51
CA EI4 A 10 -1.88 -11.64 8.33
CB EI4 A 10 -1.15 -12.97 8.38
CG EI4 A 10 -0.93 -13.51 9.78
CD2 EI4 A 10 -1.73 -14.90 9.94
NE2 EI4 A 10 -0.59 -15.90 10.17
CE1 EI4 A 10 0.64 -15.28 10.23
ND1 EI4 A 10 0.51 -13.93 10.00
NT EI4 A 10 1.73 -15.87 10.58
C EI4 A 10 -2.20 -11.04 9.73
O EI4 A 10 -3.16 -11.45 10.37
H EI4 A 10 -0.19 -10.84 7.32
HA EI4 A 10 -2.83 -11.80 7.84
HB EI4 A 10 -0.20 -12.88 7.88
HBA EI4 A 10 -1.75 -13.69 7.84
HG1 EI4 A 10 -1.24 -12.79 10.52
HD2 EI4 A 10 -2.28 -15.17 9.05
HE EI4 A 10 -0.74 -16.86 10.29
HND1 EI4 A 10 1.27 -13.31 10.03
HD1 EI4 A 10 -2.37 -14.86 10.81
H1 EI4 A 10 1.74 -16.84 10.85
HH12 EI4 A 10 2.60 -15.36 10.58
N ILE A 11 -1.37 -10.08 10.21
CA ILE A 11 -1.67 -9.37 11.51
C ILE A 11 -1.99 -7.89 11.25
N ZAE B 1 -0.04 -10.89 0.51
CA ZAE B 1 0.00 -9.36 0.37
C ZAE B 1 0.38 -8.61 1.68
O ZAE B 1 0.70 -9.25 2.66
CB ZAE B 1 1.01 -9.02 -0.70
CG ZAE B 1 0.46 -8.80 -2.09
CD1 ZAE B 1 0.85 -7.69 -2.83
CD2 ZAE B 1 -0.41 -9.71 -2.70
CE1 ZAE B 1 0.41 -7.49 -4.12
CE2 ZAE B 1 -0.87 -9.51 -3.99
CZ ZAE B 1 -0.44 -8.40 -4.71
C10 ZAE B 1 -0.93 -11.30 1.60
H ZAE B 1 0.92 -11.27 0.69
HA ZAE B 1 -0.96 -9.06 0.06
HB2 ZAE B 1 1.53 -8.13 -0.40
HB3 ZAE B 1 1.72 -9.83 -0.78
HD1 ZAE B 1 1.52 -6.96 -2.37
HD2 ZAE B 1 -0.75 -10.57 -2.13
HE1 ZAE B 1 0.74 -6.63 -4.68
HE2 ZAE B 1 -1.54 -10.22 -4.44
HZ ZAE B 1 -0.78 -8.25 -5.73
H11 ZAE B 1 -1.93 -11.00 1.39
H12 ZAE B 1 -0.60 -10.81 2.53
H13 ZAE B 1 -0.88 -12.37 1.73
HN2 ZAE B 1 -0.37 -11.28 -0.41
N ILE B 2 0.32 -7.24 1.72
CA ILE B 2 0.76 -6.46 2.91
C ILE B 2 0.04 -5.11 2.87
N SER B 3 0.16 -4.25 3.88
CA SER B 3 -0.58 -3.02 3.83
C SER B 3 0.16 -1.82 4.27
N DGN B 4 -0.29 -0.71 3.71
CA DGN B 4 0.36 0.53 3.91
C DGN B 4 0.39 1.31 2.65
O DGN B 4 -0.28 1.04 1.62
CB DGN B 4 -0.14 1.36 5.09
CG DGN B 4 -1.62 1.26 5.43
CD DGN B 4 -1.89 0.33 6.58
OE1 DGN B 4 -1.09 0.16 7.48
NE2 DGN B 4 -3.05 -0.31 6.54
H DGN B 4 -1.12 -0.72 3.16
HA DGN B 4 1.39 0.29 4.10
HB2 DGN B 4 0.09 2.39 4.89
HB3 DGN B 4 0.41 1.04 5.96
HG2 DGN B 4 -2.16 0.94 4.56
HG3 DGN B 4 -1.95 2.25 5.72
HE21 DGN B 4 -3.66 -0.13 5.78
HE22 DGN B 4 -3.26 -0.94 7.26
N 28J B 5 1.15 2.31 2.75
CA 28J B 5 1.33 3.18 1.62
CB 28J B 5 1.41 2.35 0.30
CG2 28J B 5 0.51 2.97 -0.74
CG1 28J B 5 2.85 2.17 -0.21
CD1 28J B 5 3.61 1.06 0.51
C 28J B 5 2.51 4.11 1.75
O 28J B 5 3.22 4.06 2.79
HA 28J B 5 0.45 3.77 1.56
H22 28J B 5 1.00 1.37 0.53
H23 28J B 5 -0.52 2.78 -0.48
H24 28J B 5 0.73 2.57 -1.70
H25 28J B 5 0.67 4.05 -0.75
H26 28J B 5 2.82 1.93 -1.26
H27 28J B 5 3.39 3.09 -0.07
H28 28J B 5 4.61 1.01 0.12
H29 28J B 5 3.11 0.12 0.35
H30 28J B 5 3.64 1.29 1.57
N ILE B 6 2.64 4.96 0.67
CA ILE B 6 3.65 6.03 0.52
C ILE B 6 3.08 7.39 0.12
N SER B 7 3.59 8.37 0.87
CA SER B 7 3.43 9.83 0.61
C SER B 7 4.12 10.63 1.69
N DTH B 8 4.41 11.92 1.40
CA DTH B 8 4.90 12.81 2.45
CB DTH B 8 4.02 14.09 2.69
CG2 DTH B 8 2.54 13.78 2.93
OG1 DTH B 8 4.17 15.03 1.60
C DTH B 8 6.31 13.29 2.24
O DTH B 8 6.97 13.77 3.16
H DTH B 8 4.48 12.20 0.45
HA DTH B 8 4.86 12.23 3.37
HB DTH B 8 4.41 14.56 3.58
HG21 DTH B 8 2.42 13.16 3.81
HG22 DTH B 8 2.14 13.26 2.07
HG23 DTH B 8 2.00 14.70 3.08
N ALA B 9 6.77 13.22 1.00
CA ALA B 9 8.07 13.66 0.64
C ALA B 9 8.09 15.18 0.52
N EI4 B 10 7.51 15.69 -0.56
CA EI4 B 10 7.46 17.12 -0.76
CB EI4 B 10 7.58 17.45 -2.26
CG EI4 B 10 7.11 18.85 -2.65
CD2 EI4 B 10 8.24 19.93 -2.19
NE2 EI4 B 10 8.80 20.37 -3.52
CE1 EI4 B 10 8.06 19.91 -4.59
ND1 EI4 B 10 7.09 19.03 -4.13
NT EI4 B 10 8.15 20.33 -5.81
C EI4 B 10 6.21 17.74 -0.11
O EI4 B 10 6.20 18.90 0.31
H EI4 B 10 7.10 15.10 -1.23
HA EI4 B 10 8.32 17.54 -0.26
HB EI4 B 10 6.99 16.73 -2.81
HBA EI4 B 10 8.61 17.35 -2.54
HG1 EI4 B 10 6.14 19.07 -2.23
HD2 EI4 B 10 9.00 19.47 -1.60
HE EI4 B 10 9.56 21.00 -3.59
HND1 EI4 B 10 6.44 18.58 -4.72
HD1 EI4 B 10 7.79 20.77 -1.67
H1 EI4 B 10 8.79 21.07 -6.04
HH12 EI4 B 10 7.59 19.93 -6.53
N ILE B 11 5.14 16.93 -0.05
CA ILE B 11 3.90 17.33 0.62
C ILE B 11 3.68 16.38 1.81
N ZAE C 1 2.17 10.21 -3.95
CA ZAE C 1 1.86 8.75 -3.76
C ZAE C 1 0.38 8.39 -3.41
O ZAE C 1 -0.53 9.16 -3.65
CB ZAE C 1 2.24 8.06 -5.05
CG ZAE C 1 3.60 7.43 -4.98
CD1 ZAE C 1 3.75 6.11 -5.30
CD2 ZAE C 1 4.76 8.16 -4.63
CE1 ZAE C 1 5.00 5.50 -5.26
CE2 ZAE C 1 5.99 7.57 -4.58
CZ ZAE C 1 6.12 6.24 -4.92
C10 ZAE C 1 1.64 10.99 -2.84
H ZAE C 1 1.78 10.57 -4.85
HA ZAE C 1 2.49 8.39 -2.99
HB2 ZAE C 1 1.52 7.30 -5.27
HB3 ZAE C 1 2.26 8.79 -5.85
HD1 ZAE C 1 2.88 5.52 -5.57
HD2 ZAE C 1 4.66 9.19 -4.38
HE1 ZAE C 1 5.10 4.46 -5.52
HE2 ZAE C 1 6.85 8.15 -4.30
HZ ZAE C 1 7.10 5.78 -4.88
H11 ZAE C 1 2.20 10.78 -1.94
H12 ZAE C 1 0.61 10.71 -2.69
H13 ZAE C 1 1.70 12.05 -3.07
HN2 ZAE C 1 3.22 10.29 -4.00
N ILE C 2 0.14 7.21 -2.75
CA ILE C 2 -1.24 6.77 -2.51
C ILE C 2 -1.24 5.93 -1.22
N SER C 3 -2.38 5.64 -0.64
CA SER C 3 -2.34 4.82 0.57
C SER C 3 -3.38 3.76 0.60
N DGN C 4 -3.02 2.65 1.28
CA DGN C 4 -3.91 1.54 1.39
C DGN C 4 -3.16 0.24 1.40
O DGN C 4 -2.21 0.02 2.15
CB DGN C 4 -4.85 1.71 2.59
CG DGN C 4 -4.25 2.40 3.84
CD DGN C 4 -4.87 3.76 4.13
OE1 DGN C 4 -6.03 4.00 3.82
NE2 DGN C 4 -4.10 4.63 4.76
H DGN C 4 -2.09 2.56 1.68
HA DGN C 4 -4.52 1.54 0.51
HB2 DGN C 4 -5.20 0.74 2.89
HB3 DGN C 4 -5.69 2.32 2.27
HG2 DGN C 4 -3.19 2.53 3.70
HG3 DGN C 4 -4.44 1.76 4.69
HE21 DGN C 4 -3.19 4.37 5.00
HE22 DGN C 4 -4.48 5.52 4.97
N 28J C 5 -3.73 -0.71 0.71
CA 28J C 5 -3.07 -2.01 0.63
CB 28J C 5 -1.71 -1.89 -0.13
CG2 28J C 5 -0.63 -2.52 0.70
CG1 28J C 5 -1.77 -2.49 -1.53
CD1 28J C 5 -2.31 -1.53 -2.56
C 28J C 5 -3.93 -3.11 0.00
O 28J C 5 -5.10 -2.84 -0.37
HA 28J C 5 -2.84 -2.27 1.63
H22 28J C 5 -1.47 -0.84 -0.21
H23 28J C 5 -0.40 -1.86 1.52
H24 28J C 5 0.25 -2.72 0.12
H25 28J C 5 -1.00 -3.47 1.12
H26 28J C 5 -0.78 -2.79 -1.85
H27 28J C 5 -2.42 -3.36 -1.52
H28 28J C 5 -2.31 -2.00 -3.54
H29 28J C 5 -1.69 -0.65 -2.60
H30 28J C 5 -3.32 -1.25 -2.30
N ILE C 6 -3.30 -4.36 -0.05
CA ILE C 6 -3.93 -5.63 -0.52
C ILE C 6 -3.62 -6.88 0.35
N SER C 7 -4.68 -7.63 0.65
CA SER C 7 -4.62 -9.01 1.26
C SER C 7 -5.99 -9.47 1.69
N DTH C 8 -6.13 -10.72 2.14
CA DTH C 8 -7.44 -11.12 2.61
CB DTH C 8 -7.43 -11.85 3.97
CG2 DTH C 8 -6.63 -11.06 5.00
OG1 DTH C 8 -6.88 -13.16 3.83
C DTH C 8 -8.17 -12.00 1.61
O DTH C 8 -9.39 -12.07 1.62
H DTH C 8 -5.38 -11.38 2.07
HA DTH C 8 -8.00 -10.20 2.74
HB DTH C 8 -8.45 -11.93 4.31
HG21 DTH C 8 -6.64 -11.59 5.95
HG22 DTH C 8 -7.10 -10.10 5.15
HG23 DTH C 8 -5.63 -10.92 4.66
N ALA C 9 -7.42 -12.70 0.76
CA ALA C 9 -8.04 -13.58 -0.20
C ALA C 9 -8.43 -14.87 0.48
N EI4 C 10 -7.41 -15.67 0.70
CA EI4 C 10 -7.59 -16.93 1.36
CB EI4 C 10 -6.60 -17.91 0.77
CG EI4 C 10 -6.11 -19.00 1.68
CD2 EI4 C 10 -6.64 -20.42 1.12
NE2 EI4 C 10 -5.35 -21.13 0.78
CE1 EI4 C 10 -4.22 -20.36 1.05
ND1 EI4 C 10 -4.61 -19.15 1.57
NT EI4 C 10 -3.00 -20.72 0.85
C EI4 C 10 -7.47 -16.74 2.88
O EI4 C 10 -8.12 -17.42 3.67
H EI4 C 10 -6.52 -15.42 0.39
HA EI4 C 10 -8.59 -17.28 1.14
HB EI4 C 10 -5.75 -17.37 0.41
HBA EI4 C 10 -7.06 -18.39 -0.09
HG1 EI4 C 10 -6.39 -18.82 2.71
HD2 EI4 C 10 -7.23 -20.29 0.23
HE EI4 C 10 -5.33 -22.04 0.41
HND1 EI4 C 10 -3.99 -18.44 1.82
HD1 EI4 C 10 -7.19 -20.95 1.89
H1 EI4 C 10 -2.78 -21.63 0.50
HH12 EI4 C 10 -2.26 -20.07 1.01
N ILE C 11 -6.61 -15.79 3.28
CA ILE C 11 -6.43 -15.42 4.69
C ILE C 11 -7.03 -14.04 4.95
N ZAE D 1 -12.41 -13.47 -2.88
CA ZAE D 1 -12.07 -12.05 -3.18
C ZAE D 1 -10.84 -11.59 -2.44
O ZAE D 1 -10.09 -12.39 -1.92
CB ZAE D 1 -11.82 -11.88 -4.66
CG ZAE D 1 -12.93 -11.22 -5.35
CD1 ZAE D 1 -12.84 -9.89 -5.74
CD2 ZAE D 1 -14.13 -11.90 -5.55
CE1 ZAE D 1 -13.89 -9.27 -6.36
CE2 ZAE D 1 -15.18 -11.28 -6.18
CZ ZAE D 1 -15.06 -9.96 -6.56
C10 ZAE D 1 -12.92 -13.60 -1.51
H ZAE D 1 -11.56 -14.06 -2.97
HA ZAE D 1 -12.91 -11.44 -2.90
HB2 ZAE D 1 -10.93 -11.27 -4.78
HB3 ZAE D 1 -11.65 -12.84 -5.11
HD1 ZAE D 1 -11.90 -9.36 -5.57
HD2 ZAE D 1 -14.20 -12.93 -5.25
HE1 ZAE D 1 -13.81 -8.24 -6.67
HE2 ZAE D 1 -16.11 -11.82 -6.35
HZ ZAE D 1 -15.89 -9.48 -7.04
H11 ZAE D 1 -13.78 -12.97 -1.38
H12 ZAE D 1 -12.14 -13.31 -0.80
H13 ZAE D 1 -13.19 -14.64 -1.31
HN2 ZAE D 1 -13.13 -13.80 -3.58
N ILE D 2 -10.63 -10.30 -2.42
CA ILE D 2 -9.48 -9.75 -1.74
C ILE D 2 -9.87 -8.53 -0.95
N SER D 3 -9.03 -8.14 0.00
CA SER D 3 -9.28 -6.95 0.75
C SER D 3 -8.24 -5.92 0.54
N DGN D 4 -8.67 -4.72 0.79
CA DGN D 4 -7.85 -3.59 0.66
C DGN D 4 -8.62 -2.53 -0.03
O DGN D 4 -9.81 -2.69 -0.33
CB DGN D 4 -7.32 -3.08 2.03
CG DGN D 4 -8.37 -3.07 3.15
CD DGN D 4 -8.24 -4.24 4.11
OE1 DGN D 4 -7.16 -4.74 4.37
NE2 DGN D 4 -9.37 -4.67 4.66
H DGN D 4 -9.61 -4.59 1.03
HA DGN D 4 -7.01 -3.84 0.04
HB2 DGN D 4 -6.96 -2.07 1.91
HB3 DGN D 4 -6.51 -3.71 2.33
HG2 DGN D 4 -9.35 -3.08 2.71
HG3 DGN D 4 -8.24 -2.15 3.71
HE21 DGN D 4 -10.21 -4.23 4.42
HE22 DGN D 4 -9.33 -5.43 5.29
N 28J D 5 -7.95 -1.46 -0.27
CA 28J D 5 -8.55 -0.33 -0.94
CB 28J D 5 -9.41 -0.75 -2.20
CG2 28J D 5 -10.60 0.17 -2.36
CG1 28J D 5 -8.59 -0.77 -3.51
CD1 28J D 5 -7.82 -2.06 -3.74
C 28J D 5 -7.49 0.66 -1.32
O 28J D 5 -6.31 0.49 -0.92
HA 28J D 5 -9.22 0.14 -0.23
H22 28J D 5 -9.78 -1.75 -2.02
H23 28J D 5 -11.29 -0.23 -3.10
H24 28J D 5 -10.27 1.15 -2.69
H25 28J D 5 -11.12 0.27 -1.42
H26 28J D 5 -9.27 -0.63 -4.35
H27 28J D 5 -7.89 0.05 -3.52
H28 28J D 5 -8.51 -2.90 -3.70
H29 28J D 5 -7.07 -2.16 -2.99
H30 28J D 5 -7.36 -2.03 -4.72
N ILE D 6 -7.94 1.73 -1.98
CA ILE D 6 -7.13 2.80 -2.52
C ILE D 6 -7.62 4.20 -2.23
N SER D 7 -6.63 5.06 -1.98
CA SER D 7 -6.79 6.53 -1.91
C SER D 7 -5.61 7.16 -1.18
N DTH D 8 -5.43 8.48 -1.35
CA DTH D 8 -4.41 9.17 -0.58
CB DTH D 8 -5.03 10.20 0.39
CG2 DTH D 8 -6.17 9.59 1.21
OG1 DTH D 8 -5.50 11.32 -0.35
C DTH D 8 -3.39 9.91 -1.42
O DTH D 8 -2.34 10.30 -0.93
H DTH D 8 -5.90 8.95 -2.09
HA DTH D 8 -3.90 8.44 0.02
HB DTH D 8 -4.25 10.51 1.07
HG21 DTH D 8 -6.97 9.31 0.55
HG22 DTH D 8 -6.52 10.33 1.92
HG23 DTH D 8 -5.80 8.72 1.74
N ALA D 9 -3.73 10.12 -2.67
CA ALA D 9 -2.85 10.83 -3.57
C ALA D 9 -2.87 12.32 -3.25
N EI4 D 10 -3.92 12.99 -3.74
CA EI4 D 10 -4.09 14.42 -3.50
CB EI4 D 10 -5.02 15.06 -4.55
CG EI4 D 10 -5.36 16.51 -4.25
CD2 EI4 D 10 -4.25 17.47 -4.89
NE2 EI4 D 10 -5.00 18.15 -6.01
CE1 EI4 D 10 -6.37 17.88 -5.95
ND1 EI4 D 10 -6.61 16.95 -4.96
NT EI4 D 10 -7.31 18.46 -6.68
C EI4 D 10 -4.65 14.61 -2.10
O EI4 D 10 -4.28 15.53 -1.38
H EI4 D 10 -4.59 12.50 -4.23
HA EI4 D 10 -3.13 14.89 -3.56
HB EI4 D 10 -5.94 14.50 -4.62
HBA EI4 D 10 -4.53 15.02 -5.52
HG1 EI4 D 10 -5.47 16.66 -3.18
HD2 EI4 D 10 -3.43 16.91 -5.30
HE EI4 D 10 -4.59 18.78 -6.63
HND1 EI4 D 10 -7.50 16.61 -4.75
HD1 EI4 D 10 -3.92 18.20 -4.17
H1 EI4 D 10 -7.07 19.17 -7.34
HH12 EI4 D 10 -8.27 18.17 -6.57
N ILE D 11 -5.54 13.71 -1.74
CA ILE D 11 -6.12 13.73 -0.43
C ILE D 11 -5.66 12.53 0.39
N ALA E 1 4.01 -16.47 8.95
CA ALA E 1 3.67 -17.76 8.29
C ALA E 1 2.48 -17.58 7.35
N DGL E 2 1.30 -17.09 7.95
CA DGL E 2 0.18 -16.73 7.06
C DGL E 2 0.55 -15.92 5.76
O DGL E 2 1.43 -14.99 5.98
CB DGL E 2 -0.35 -18.09 6.40
CG DGL E 2 -0.81 -19.21 7.41
CD DGL E 2 -0.19 -20.59 7.07
OE1 DGL E 2 -0.75 -21.64 7.42
H DGL E 2 1.38 -16.75 8.84
HB2 DGL E 2 0.43 -18.46 5.78
HB3 DGL E 2 -1.20 -17.81 5.77
HG2 DGL E 2 -1.88 -19.32 7.37
HG3 DGL E 2 -0.53 -18.95 8.42
N LYS E 3 0.97 -20.59 6.44
CA LYS E 3 1.70 -21.78 6.06
C LYS E 3 0.83 -22.79 5.23
N DAL E 4 0.25 -22.14 4.18
CA DAL E 4 -0.60 -22.70 2.98
CB DAL E 4 -2.29 -22.90 3.26
C DAL E 4 0.49 -23.83 2.36
O DAL E 4 0.58 -24.98 2.84
H DAL E 4 0.41 -21.17 4.15
HA DAL E 4 -0.77 -23.23 3.18
HB1 DAL E 4 -2.51 -23.70 3.95
HB2 DAL E 4 -2.82 -23.16 2.31
HB3 DAL E 4 -2.77 -21.98 3.61
N DAL E 5 1.34 -23.35 1.32
CA DAL E 5 2.29 -24.39 0.51
CB DAL E 5 1.36 -25.42 0.07
C DAL E 5 3.19 -24.66 1.75
O DAL E 5 3.31 -25.81 2.17
OXT DAL E 5 3.85 -23.70 2.36
H DAL E 5 1.27 -22.39 1.16
HA DAL E 5 3.37 -24.57 0.05
HB1 DAL E 5 0.68 -25.63 0.88
HB2 DAL E 5 1.97 -26.24 -0.15
HB3 DAL E 5 0.79 -25.14 -0.82
N ALA F 1 4.27 19.63 -6.16
CA ALA F 1 4.97 20.93 -6.18
C ALA F 1 5.03 21.56 -4.78
N DGL F 2 6.00 22.43 -4.56
CA DGL F 2 6.24 23.18 -3.26
C DGL F 2 7.63 23.53 -2.67
O DGL F 2 7.75 23.87 -1.54
CB DGL F 2 5.77 24.66 -3.53
CG DGL F 2 6.15 25.26 -4.93
CD DGL F 2 7.35 26.21 -4.90
OE1 DGL F 2 7.22 27.42 -5.02
H DGL F 2 6.75 22.52 -5.26
HB2 DGL F 2 6.25 25.27 -2.78
HB3 DGL F 2 4.68 24.74 -3.39
HG2 DGL F 2 5.29 25.81 -5.32
HG3 DGL F 2 6.36 24.44 -5.61
N LYS F 3 8.54 25.64 -4.78
CA LYS F 3 9.79 26.36 -4.76
C LYS F 3 9.99 27.21 -3.45
N DAL F 4 9.91 26.40 -2.33
CA DAL F 4 10.17 26.71 -0.83
CB DAL F 4 8.81 27.21 0.11
C DAL F 4 11.68 27.44 -0.95
O DAL F 4 11.81 28.67 -0.96
H DAL F 4 9.69 25.46 -2.54
HA DAL F 4 10.08 27.29 -0.80
HB1 DAL F 4 8.47 28.20 -0.16
HB2 DAL F 4 9.07 27.24 1.19
HB3 DAL F 4 7.96 26.51 0.02
N DAL F 5 12.78 26.54 -1.11
CA DAL F 5 14.29 27.12 -1.06
CB DAL F 5 14.33 27.85 0.22
C DAL F 5 14.14 27.94 -2.36
O DAL F 5 13.67 27.37 -3.45
OXT DAL F 5 14.54 29.09 -2.41
H DAL F 5 12.52 25.62 -1.24
HA DAL F 5 15.38 27.05 -1.54
HB1 DAL F 5 13.42 28.39 0.32
HB2 DAL F 5 15.15 28.48 0.14
HB3 DAL F 5 14.46 27.19 1.09
N ALA G 1 -5.41 -20.58 -4.46
CA ALA G 1 -5.63 -21.10 -5.82
C ALA G 1 -7.08 -21.54 -6.04
N DGL G 2 -7.48 -21.53 -7.35
CA DGL G 2 -8.88 -22.08 -7.73
C DGL G 2 -9.11 -23.59 -7.20
O DGL G 2 -8.10 -24.31 -7.22
CB DGL G 2 -9.96 -21.31 -6.91
CG DGL G 2 -10.51 -19.97 -7.59
CD DGL G 2 -9.38 -19.08 -8.17
OE1 DGL G 2 -9.05 -19.18 -9.34
H DGL G 2 -6.85 -21.28 -8.03
HB2 DGL G 2 -9.56 -21.06 -5.95
HB3 DGL G 2 -10.82 -21.99 -6.77
HG2 DGL G 2 -11.05 -19.41 -6.84
HG3 DGL G 2 -11.20 -20.22 -8.39
N LYS G 3 -8.83 -18.20 -7.34
CA LYS G 3 -7.75 -17.31 -7.71
C LYS G 3 -8.07 -16.30 -8.90
N DAL G 4 -9.10 -15.47 -8.51
CA DAL G 4 -9.72 -14.19 -9.17
CB DAL G 4 -11.17 -14.43 -10.07
C DAL G 4 -8.32 -13.37 -9.59
O DAL G 4 -7.90 -13.34 -10.76
H DAL G 4 -9.49 -15.71 -7.66
HA DAL G 4 -9.65 -14.28 -9.77
HB1 DAL G 4 -11.00 -14.94 -11.00
HB2 DAL G 4 -11.65 -13.46 -10.30
HB3 DAL G 4 -11.92 -15.00 -9.49
N DAL G 5 -7.64 -12.74 -8.51
CA DAL G 5 -6.38 -11.79 -8.82
CB DAL G 5 -6.91 -10.80 -9.77
C DAL G 5 -5.52 -12.94 -9.37
O DAL G 5 -5.31 -14.02 -8.62
OXT DAL G 5 -4.94 -12.84 -10.43
H DAL G 5 -8.01 -12.94 -7.63
HA DAL G 5 -5.28 -11.48 -8.45
HB1 DAL G 5 -7.52 -11.32 -10.49
HB2 DAL G 5 -6.07 -10.38 -10.21
HB3 DAL G 5 -7.51 -10.02 -9.29
N ALA H 1 -3.43 15.02 -10.76
CA ALA H 1 -2.91 14.96 -12.16
C ALA H 1 -1.81 13.86 -12.31
N DGL H 2 -1.39 13.60 -13.54
CA DGL H 2 -0.09 12.72 -13.68
C DGL H 2 0.02 11.28 -12.79
O DGL H 2 -0.86 10.52 -12.71
CB DGL H 2 0.08 12.03 -15.03
CG DGL H 2 -0.95 12.50 -16.10
CD DGL H 2 -2.32 11.80 -15.95
OE1 DGL H 2 -2.81 11.17 -16.89
H DGL H 2 -1.50 14.23 -14.33
HA DGL H 2 -0.20 12.67 -13.10
HB2 DGL H 2 -0.10 10.99 -14.87
HB3 DGL H 2 1.08 12.15 -15.46
HG2 DGL H 2 -0.57 12.26 -17.09
HG3 DGL H 2 -1.10 13.56 -16.03
N LYS H 3 -2.93 11.97 -14.80
CA LYS H 3 -4.21 11.41 -14.47
C LYS H 3 -4.17 9.85 -14.40
N DAL H 4 -3.15 9.45 -13.58
CA DAL H 4 -2.75 8.03 -13.06
CB DAL H 4 -1.88 7.01 -14.15
C DAL H 4 -4.13 7.68 -12.19
O DAL H 4 -4.92 6.77 -12.54
H DAL H 4 -2.58 10.18 -13.24
HA DAL H 4 -3.08 7.67 -13.40
HB1 DAL H 4 -2.48 6.71 -15.00
HB2 DAL H 4 -1.54 6.08 -13.65
HB3 DAL H 4 -0.96 7.50 -14.53
N DAL H 5 -4.38 8.52 -11.06
CA DAL H 5 -5.59 8.16 -10.04
CB DAL H 5 -5.35 6.75 -9.70
C DAL H 5 -6.70 8.50 -11.06
O DAL H 5 -6.73 9.69 -11.64
OXT DAL H 5 -7.60 7.71 -11.28
H DAL H 5 -3.78 9.28 -11.00
HA DAL H 5 -6.45 8.63 -9.35
HB1 DAL H 5 -4.90 6.28 -10.56
HB2 DAL H 5 -6.29 6.39 -9.51
HB3 DAL H 5 -4.69 6.62 -8.83
C1 MUB I . 4.32 -12.51 7.91
C2 MUB I . 4.99 -12.71 9.20
C3 MUB I . 6.18 -13.62 8.99
C4 MUB I . 5.89 -14.65 7.85
C5 MUB I . 5.56 -13.95 6.54
C6 MUB I . 4.33 -14.58 5.89
C7 MUB I . 6.49 -10.87 9.39
C8 MUB I . 6.70 -9.53 10.02
C9 MUB I . 5.15 -14.99 10.56
C10 MUB I . 4.95 -16.37 9.95
C11 MUB I . 4.15 -14.36 11.62
O1 MUB I . 3.82 -11.26 7.96
O3 MUB I . 6.37 -14.29 10.24
O4 MUB I . 7.00 -15.56 7.70
O5 MUB I . 5.24 -12.59 6.82
O6 MUB I . 3.42 -13.58 5.45
O7 MUB I . 7.47 -11.53 9.05
O10 MUB I . 5.80 -17.23 10.14
N2 MUB I . 5.38 -11.44 9.76
H1 MUB I . 3.49 -13.22 7.80
H2 MUB I . 4.07 -13.04 9.63
HN2 MUB I . 4.63 -10.86 10.03
H81 MUB I . 6.56 -9.63 11.09
H82 MUB I . 5.96 -8.88 9.62
H83 MUB I . 7.70 -9.18 9.77
H3 MUB I . 7.07 -13.04 8.75
H9 MUB I . 4.71 -14.84 9.59
H111 MUB I . 4.70 -13.85 12.42
H112 MUB I . 3.58 -15.11 12.04
H113 MUB I . 3.44 -13.67 11.11
H4 MUB I . 5.22 -15.44 8.16
H5 MUB I . 6.35 -14.02 5.78
H61 MUB I . 3.77 -15.10 6.69
H62 MUB I . 4.56 -15.29 5.04
HO6 MUB I . 2.48 -13.81 5.54
C1 NAG I . 8.27 -15.01 8.04
C2 NAG I . 9.35 -16.08 7.87
C3 NAG I . 10.70 -15.51 8.25
C4 NAG I . 10.96 -14.22 7.47
C5 NAG I . 9.81 -13.24 7.62
C6 NAG I . 10.01 -12.02 6.73
C7 NAG I . 8.91 -17.17 9.99
C8 NAG I . 8.53 -18.49 10.66
N2 NAG I . 9.03 -17.25 8.67
O3 NAG I . 11.71 -16.45 7.94
O4 NAG I . 12.16 -13.62 7.94
O5 NAG I . 8.57 -13.87 7.22
O6 NAG I . 8.85 -11.20 6.73
O7 NAG I . 9.51 -16.31 10.64
H1 NAG I . 8.17 -14.71 9.09
H2 NAG I . 9.43 -16.57 6.94
H3 NAG I . 10.74 -15.25 9.30
H4 NAG I . 11.23 -14.58 6.44
H5 NAG I . 9.66 -12.79 8.61
H61 NAG I . 10.20 -12.26 5.68
H62 NAG I . 10.89 -11.48 7.11
H81 NAG I . 8.44 -18.33 11.74
H82 NAG I . 9.29 -19.22 10.47
H83 NAG I . 7.58 -18.83 10.24
HN2 NAG I . 8.52 -17.94 8.20
HO3 NAG I . 11.62 -17.22 8.50
HO4 NAG I . 12.81 -14.33 8.02
HO6 NAG I . 8.41 -11.36 7.57
C1 MUB J . 5.50 14.82 -5.63
C2 MUB J . 4.17 15.06 -6.31
C3 MUB J . 4.41 15.61 -7.71
C4 MUB J . 5.78 16.29 -7.81
C5 MUB J . 6.92 15.28 -7.52
C6 MUB J . 8.13 15.98 -6.92
C7 MUB J . 3.19 13.14 -7.43
C8 MUB J . 2.29 11.92 -7.27
C9 MUB J . 3.19 17.60 -7.09
C10 MUB J . 3.98 18.91 -7.27
C11 MUB J . 1.96 17.59 -6.12
O1 MUB J . 5.32 13.98 -4.53
O3 MUB J . 3.35 16.54 -8.06
O4 MUB J . 5.98 16.93 -9.08
O5 MUB J . 6.46 14.28 -6.55
O6 MUB J . 7.82 16.57 -5.66
O7 MUB J . 3.89 13.29 -8.43
O10 MUB J . 4.45 19.17 -8.38
N2 MUB J . 3.36 13.85 -6.32
H1 MUB J . 5.96 15.74 -5.26
H2 MUB J . 3.59 15.69 -5.63
HN2 MUB J . 2.78 13.71 -5.56
H81 MUB J . 2.20 11.43 -8.24
H82 MUB J . 1.32 12.23 -6.94
H83 MUB J . 2.72 11.25 -6.55
H3 MUB J . 4.29 14.83 -8.49
H9 MUB J . 4.05 17.33 -6.50
H111 MUB J . 1.03 17.32 -6.67
H112 MUB J . 1.82 18.53 -5.72
H113 MUB J . 2.14 16.88 -5.30
H4 MUB J . 5.78 17.25 -7.30
H5 MUB J . 7.31 14.84 -8.41
H61 MUB J . 8.35 16.85 -7.59
H62 MUB J . 9.03 15.32 -6.87
HO6 MUB J . 8.48 16.38 -4.99
C1 NAG J . 5.54 16.18 -10.21
C2 NAG J . 5.87 16.94 -11.51
C3 NAG J . 5.38 16.13 -12.70
C4 NAG J . 5.83 14.67 -12.65
C5 NAG J . 5.55 14.06 -11.26
C6 NAG J . 6.08 12.64 -11.07
C7 NAG J . 3.97 18.42 -11.47
C8 NAG J . 3.49 19.87 -11.49
N2 NAG J . 5.28 18.26 -11.51
O3 NAG J . 5.86 16.71 -13.90
O4 NAG J . 5.08 13.97 -13.62
O5 NAG J . 6.12 14.88 -10.23
O6 NAG J . 5.92 12.19 -9.73
O7 NAG J . 3.17 17.48 -11.48
H1 NAG J . 4.46 16.07 -10.07
H2 NAG J . 6.85 17.28 -11.69
H3 NAG J . 4.29 16.11 -12.71
H4 NAG J . 6.78 14.57 -13.21
H5 NAG J . 4.47 13.98 -11.12
H61 NAG J . 7.04 12.32 -11.43
H62 NAG J . 5.39 12.11 -11.72
H81 NAG J . 3.90 20.35 -12.37
H82 NAG J . 3.83 20.37 -10.61
H83 NAG J . 2.40 19.89 -11.51
HN2 NAG J . 5.86 19.04 -11.49
HO3 NAG J . 6.81 16.70 -13.82
HO4 NAG J . 5.01 14.40 -14.47
HO6 NAG J . 5.11 12.56 -9.36
C1 MUB K . -2.26 -16.53 -1.67
C2 MUB K . -2.61 -17.81 -0.92
C3 MUB K . -1.95 -19.00 -1.65
C4 MUB K . -1.41 -18.61 -3.03
C5 MUB K . -0.46 -17.39 -3.00
C6 MUB K . -0.51 -16.62 -4.33
C7 MUB K . -1.07 -18.40 0.87
C8 MUB K . -0.76 -18.39 2.37
C9 MUB K . -4.08 -19.73 -2.54
C10 MUB K . -4.18 -20.20 -4.00
C11 MUB K . -5.34 -19.22 -1.79
O1 MUB K . -2.70 -15.41 -0.98
O3 MUB K . -2.89 -20.09 -1.78
O4 MUB K . -0.75 -19.74 -3.66
O5 MUB K . -0.85 -16.45 -1.95
O6 MUB K . -1.79 -16.01 -4.50
O7 MUB K . -0.18 -18.66 0.06
O10 MUB K . -3.17 -20.15 -4.71
N2 MUB K . -2.20 -17.80 0.48
H1 MUB K . -2.76 -16.47 -2.64
H2 MUB K . -3.71 -17.81 -0.86
HN2 MUB K . -2.91 -17.61 1.15
H81 MUB K . 0.12 -19.01 2.53
H82 MUB K . -1.58 -18.81 2.92
H83 MUB K . -0.59 -17.38 2.68
H3 MUB K . -1.17 -19.47 -1.02
H9 MUB K . -3.62 -18.88 -3.00
H111 MUB K . -5.45 -19.71 -0.81
H112 MUB K . -6.19 -19.43 -2.36
H113 MUB K . -5.28 -18.12 -1.69
H4 MUB K . -2.22 -18.61 -3.75
H5 MUB K . 0.57 -17.66 -2.94
H61 MUB K . -0.49 -17.40 -5.12
H62 MUB K . 0.32 -15.88 -4.52
HO6 MUB K . -1.78 -15.24 -5.08
C1 NAG K . 0.15 -20.49 -2.81
C2 NAG K . 0.78 -21.63 -3.62
C3 NAG K . 1.82 -22.38 -2.80
C4 NAG K . 2.81 -21.40 -2.19
C5 NAG K . 2.11 -20.26 -1.45
C6 NAG K . 3.09 -19.21 -0.98
C7 NAG K . -1.17 -23.02 -3.30
C8 NAG K . -2.18 -23.97 -3.97
N2 NAG K . -0.24 -22.54 -4.11
O3 NAG K . 2.52 -23.28 -3.65
O4 NAG K . 3.64 -22.10 -1.28
O5 NAG K . 1.17 -19.61 -2.32
O6 NAG K . 2.43 -18.05 -0.52
O7 NAG K . -1.04 -23.04 -2.08
H1 NAG K . -0.48 -20.88 -2.01
H2 NAG K . 1.21 -21.49 -4.57
H3 NAG K . 1.34 -22.94 -2.00
H4 NAG K . 3.50 -21.16 -3.04
H5 NAG K . 1.57 -20.56 -0.54
H61 NAG K . 3.78 -18.86 -1.78
H62 NAG K . 3.70 -19.68 -0.20
H81 NAG K . -2.83 -24.39 -3.21
H82 NAG K . -1.66 -24.75 -4.48
H83 NAG K . -2.76 -23.40 -4.71
HN2 NAG K . -0.40 -22.55 -5.07
HO3 NAG K . 1.93 -23.99 -3.92
HO4 NAG K . 3.89 -22.92 -1.73
HO6 NAG K . 1.50 -18.26 -0.37
C1 MUB L . -7.36 13.06 -8.06
C2 MUB L . -6.99 14.42 -7.46
C3 MUB L . -7.18 15.50 -8.53
C4 MUB L . -7.32 14.91 -9.95
C5 MUB L . -8.45 13.87 -10.04
C6 MUB L . -8.14 12.82 -11.10
C7 MUB L . -8.98 15.39 -6.49
C8 MUB L . -9.81 15.70 -5.25
C9 MUB L . -4.81 15.86 -8.84
C10 MUB L . -4.34 15.93 -10.31
C11 MUB L . -3.82 15.45 -7.69
O1 MUB L . -7.53 12.12 -7.05
O3 MUB L . -6.08 16.44 -8.49
O4 MUB L . -7.53 15.97 -10.93
O5 MUB L . -8.60 13.17 -8.79
O6 MUB L . -6.96 12.12 -10.78
O7 MUB L . -9.41 15.64 -7.60
O10 MUB L . -4.79 16.85 -11.02
N2 MUB L . -7.83 14.72 -6.31
H1 MUB L . -6.60 12.71 -8.78
H2 MUB L . -5.98 14.30 -7.03
HN2 MUB L . -7.50 14.54 -5.40
H81 MUB L . -10.64 16.33 -5.55
H82 MUB L . -9.21 16.22 -4.54
H83 MUB L . -10.16 14.77 -4.83
H3 MUB L . -8.02 16.16 -8.26
H9 MUB L . -5.25 14.94 -9.21
H111 MUB L . -3.83 16.22 -6.90
H112 MUB L . -2.86 15.37 -8.06
H113 MUB L . -4.12 14.46 -7.30
H4 MUB L . -6.35 14.64 -10.36
H5 MUB L . -9.36 14.25 -10.35
H61 MUB L . -7.90 13.35 -12.06
H62 MUB L . -8.99 12.09 -11.26
HO6 MUB L . -6.91 11.21 -11.11
C1 NAG L . -8.56 16.91 -10.58
C2 NAG L . -8.71 17.93 -11.72
C3 NAG L . -9.81 18.93 -11.35
C4 NAG L . -11.10 18.21 -10.94
C5 NAG L . -10.82 17.15 -9.88
C6 NAG L . -12.06 16.33 -9.57
C7 NAG L . -6.77 19.20 -11.04
C8 NAG L . -5.45 19.84 -11.51
N2 NAG L . -7.46 18.58 -11.99
O3 NAG L . -10.08 19.75 -12.48
O4 NAG L . -12.02 19.16 -10.44
O5 NAG L . -9.80 16.25 -10.33
O6 NAG L . -11.75 15.19 -8.79
O7 NAG L . -7.29 19.56 -9.97
H1 NAG L . -8.17 17.41 -9.68
H2 NAG L . -8.86 17.64 -12.70
H3 NAG L . -9.50 19.56 -10.52
H4 NAG L . -11.55 17.89 -11.93
H5 NAG L . -10.53 17.53 -8.90
H61 NAG L . -12.56 15.96 -10.47
H62 NAG L . -12.77 17.00 -9.05
H81 NAG L . -5.68 20.60 -12.26
H82 NAG L . -4.84 19.08 -11.96
H83 NAG L . -4.94 20.27 -10.66
HN2 NAG L . -7.00 18.33 -12.81
HO3 NAG L . -9.27 20.21 -12.74
HO4 NAG L . -12.09 19.88 -11.06
HO6 NAG L . -10.83 15.33 -8.52
P 2PO M . 2.29 -11.02 7.91
O1P 2PO M . 1.80 -10.60 9.26
O2P 2PO M . 1.60 -12.15 7.26
O3P 2PO M . 2.46 -9.73 7.03
P 2PO N . 3.21 -8.59 7.85
O1P 2PO N . 2.26 -7.44 7.98
O2P 2PO N . 3.75 -9.21 9.11
O3P 2PO N . 4.47 -8.15 6.90
C1 P1W O . 5.08 -9.04 5.87
C2 P1W O . 6.43 -8.44 5.36
C3 P1W O . 7.23 -8.84 4.27
C4 P1W O . 8.54 -8.12 3.94
C5 P1W O . 6.95 -10.03 3.27
H12 P1W O . 5.25 -10.00 6.31
H11 P1W O . 4.40 -9.13 5.04
H2 P1W O . 6.75 -7.60 5.95
H41 P1W O . 9.16 -8.10 4.81
H42 P1W O . 9.04 -8.65 3.16
H51 P1W O . 5.95 -10.38 3.38
H52 P1W O . 7.65 -10.83 3.47
H53 P1W O . 7.10 -9.68 2.24
C1 P1W P . 8.33 -6.66 3.48
C2 P1W P . 9.45 -6.24 2.57
C3 P1W P . 9.28 -5.51 1.45
C4 P1W P . 10.43 -5.14 0.56
C5 P1W P . 7.91 -4.98 0.97
H12 P1W P . 8.32 -6.01 4.33
H11 P1W P . 7.40 -6.57 2.94
H2 P1W P . 10.38 -6.76 2.73
H41 P1W P . 10.36 -4.09 0.28
H42 P1W P . 11.36 -5.30 1.09
H51 P1W P . 7.99 -4.68 -0.06
H52 P1W P . 7.62 -4.14 1.57
H53 P1W P . 7.17 -5.76 1.06
C1 P1W Q . 7.52 5.93 -8.40
C2 P1W Q . 7.72 4.60 -7.76
C3 P1W Q . 6.75 3.70 -7.61
C4 P1W Q . 6.93 2.37 -6.89
C5 P1W Q . 5.40 3.85 -8.29
H12 P1W Q . 7.53 5.84 -9.48
H11 P1W Q . 6.55 6.32 -8.08
H2 P1W Q . 8.65 4.50 -7.22
H43 P1W Q . 6.38 2.38 -5.96
H41 P1W Q . 7.97 2.20 -6.68
H42 P1W Q . 6.55 1.58 -7.52
H51 P1W Q . 4.81 4.59 -7.78
H52 P1W Q . 4.90 2.90 -8.26
H53 P1W Q . 5.55 4.16 -9.32
C1 P1W R . 10.41 -6.00 -0.69
C2 P1W R . 10.54 -7.44 -0.30
C3 P1W R . 9.54 -8.32 -0.51
C4 P1W R . 9.62 -9.79 -0.10
C5 P1W R . 8.28 -7.95 -1.24
H12 P1W R . 11.23 -5.73 -1.34
H11 P1W R . 9.47 -5.85 -1.21
H2 P1W R . 11.32 -7.65 0.41
H43 P1W R . 8.78 -10.04 0.54
H41 P1W R . 10.53 -9.99 0.42
H42 P1W R . 9.57 -10.42 -0.99
H51 P1W R . 7.74 -7.20 -0.67
H52 P1W R . 7.67 -8.83 -1.35
H53 P1W R . 8.52 -7.56 -2.22
P 2PO S . 4.48 14.56 -3.25
O1P 2PO S . 3.03 14.33 -3.42
O2P 2PO S . 4.97 15.92 -2.93
O3P 2PO S . 4.95 13.58 -2.10
P 2PO T . 5.24 12.12 -2.58
O1P 2PO T . 5.32 11.21 -1.41
O2P 2PO T . 4.32 11.80 -3.71
O3P 2PO T . 6.69 12.35 -3.16
C1 P1W U . 7.52 11.24 -3.32
C2 P1W U . 7.66 11.00 -4.76
C3 P1W U . 8.30 11.79 -5.61
C4 P1W U . 8.34 11.42 -7.04
C5 P1W U . 9.08 13.08 -5.24
H12 P1W U . 8.48 11.44 -2.87
H11 P1W U . 7.07 10.38 -2.86
H2 P1W U . 7.47 9.99 -5.06
H41 P1W U . 8.25 12.29 -7.65
H42 P1W U . 9.26 10.92 -7.23
H51 P1W U . 9.66 13.39 -6.08
H52 P1W U . 9.74 12.88 -4.41
H53 P1W U . 8.38 13.86 -4.97
C1 P1W V . -1.17 -12.35 -6.29
C2 P1W V . -0.23 -11.27 -6.75
C3 P1W V . 0.27 -11.24 -8.01
C4 P1W V . 1.22 -10.16 -8.46
C5 P1W V . -0.09 -12.26 -9.09
H12 P1W V . -1.15 -13.16 -7.00
H11 P1W V . -0.85 -12.71 -5.33
H2 P1W V . 0.27 -10.75 -5.95
H41 P1W V . 1.65 -9.66 -7.60
H42 P1W V . 2.02 -10.61 -9.05
H51 P1W V . -1.16 -12.35 -9.16
H52 P1W V . 0.32 -13.23 -8.82
H53 P1W V . 0.32 -11.95 -10.03
C1 P1W W . 0.49 -9.13 -9.34
C2 P1W W . -0.25 -8.13 -8.48
C3 P1W W . -1.60 -7.97 -8.50
C4 P1W W . -2.35 -6.95 -7.64
C5 P1W W . -2.50 -8.81 -9.40
H12 P1W W . -0.20 -9.64 -9.98
H11 P1W W . 1.22 -8.60 -9.93
H2 P1W W . 0.37 -7.41 -7.97
H43 P1W W . -3.08 -6.43 -8.23
H41 P1W W . -1.65 -6.24 -7.23
H42 P1W W . -2.84 -7.47 -6.82
H51 P1W W . -3.52 -8.49 -9.27
H52 P1W W . -2.40 -9.85 -9.12
H53 P1W W . -2.19 -8.68 -10.43
C1 P1W X . -6.82 1.54 -12.33
C2 P1W X . -5.50 2.10 -11.88
C3 P1W X . -4.83 1.63 -10.79
C4 P1W X . -3.49 2.20 -10.35
C5 P1W X . -5.40 0.55 -9.86
H12 P1W X . -6.73 1.26 -13.38
H11 P1W X . -7.04 0.66 -11.77
H2 P1W X . -5.29 3.08 -12.25
H43 P1W X . -3.36 3.20 -10.76
H41 P1W X . -2.69 1.57 -10.69
H42 P1W X . -3.46 2.26 -9.26
H51 P1W X . -6.34 0.89 -9.45
H52 P1W X . -4.70 0.39 -9.06
H53 P1W X . -5.55 -0.37 -10.39
C1 P1W Y . 7.18 10.43 -7.39
C2 P1W Y . 7.61 8.99 -7.18
C3 P1W Y . 8.25 8.27 -8.12
C4 P1W Y . 8.64 6.83 -7.92
C5 P1W Y . 8.60 8.84 -9.51
H12 P1W Y . 6.91 10.56 -8.43
H11 P1W Y . 6.33 10.64 -6.77
H2 P1W Y . 7.10 8.50 -6.37
H41 P1W Y . 9.54 6.59 -8.49
H42 P1W Y . 8.83 6.63 -6.87
H51 P1W Y . 9.24 8.12 -10.03
H52 P1W Y . 9.13 9.77 -9.39
H53 P1W Y . 7.70 8.99 -10.07
P 2PO Z . -4.21 -15.42 -0.40
O1P 2PO Z . -4.23 -16.01 0.97
O2P 2PO Z . -5.11 -16.03 -1.41
O3P 2PO Z . -4.64 -13.88 -0.26
P 2PO AA . -3.54 -12.77 -0.02
O1P 2PO AA . -4.13 -11.74 0.84
O2P 2PO AA . -2.30 -13.41 0.44
O3P 2PO AA . -3.32 -12.14 -1.49
C1 P1W BA . -3.92 -12.74 -2.65
C2 P1W BA . -3.26 -12.17 -3.86
C3 P1W BA . -3.38 -12.55 -5.11
C4 P1W BA . -2.59 -11.82 -6.18
C5 P1W BA . -4.34 -13.66 -5.61
H12 P1W BA . -3.78 -13.81 -2.61
H11 P1W BA . -4.99 -12.51 -2.67
H2 P1W BA . -2.93 -11.17 -3.70
H41 P1W BA . -3.08 -11.90 -7.12
H42 P1W BA . -2.53 -10.77 -5.88
H51 P1W BA . -4.85 -14.11 -4.76
H52 P1W BA . -3.78 -14.42 -6.13
H53 P1W BA . -5.08 -13.23 -6.27
P 2PO CA . -6.33 11.76 -6.05
O1P 2PO CA . -6.53 12.52 -4.77
O2P 2PO CA . -5.03 11.89 -6.74
O3P 2PO CA . -6.61 10.22 -5.75
P 2PO DA . -7.69 9.83 -4.66
O1P 2PO DA . -6.98 9.54 -3.38
O2P 2PO DA . -8.76 10.87 -4.66
O3P 2PO DA . -8.24 8.48 -5.24
C1 P1W EA . -7.36 7.39 -5.45
C2 P1W EA . -7.60 6.83 -6.80
C3 P1W EA . -8.74 6.26 -7.21
C4 P1W EA . -8.84 5.74 -8.61
C5 P1W EA . -9.99 6.05 -6.32
H12 P1W EA . -6.33 7.74 -5.37
H11 P1W EA . -7.53 6.64 -4.69
H2 P1W EA . -6.83 7.06 -7.52
H41 P1W EA . -9.88 5.62 -8.87
H42 P1W EA . -8.38 6.44 -9.28
H51 P1W EA . -10.27 5.01 -6.35
H52 P1W EA . -10.82 6.64 -6.72
H53 P1W EA . -9.79 6.35 -5.30
C1 P1W FA . -8.13 4.41 -8.70
C2 P1W FA . -7.84 4.06 -10.14
C3 P1W FA . -8.25 2.90 -10.72
C4 P1W FA . -7.96 2.54 -12.18
C5 P1W FA . -9.12 1.88 -9.99
H12 P1W FA . -8.74 3.64 -8.25
H11 P1W FA . -7.19 4.48 -8.15
H2 P1W FA . -7.07 4.66 -10.60
H41 P1W FA . -8.86 2.11 -12.61
H42 P1W FA . -7.71 3.44 -12.71
H51 P1W FA . -9.34 1.05 -10.64
H52 P1W FA . -10.05 2.36 -9.69
H53 P1W FA . -8.61 1.52 -9.10
N ZAE A 1 11.49 14.18 0.90
CA ZAE A 1 11.61 12.71 1.08
C ZAE A 1 10.24 11.97 0.98
O ZAE A 1 9.35 12.41 0.24
CB ZAE A 1 12.57 12.17 0.01
CG ZAE A 1 13.20 10.85 0.32
CD1 ZAE A 1 13.18 9.83 -0.62
CD2 ZAE A 1 13.83 10.62 1.54
CE1 ZAE A 1 13.79 8.61 -0.36
CE2 ZAE A 1 14.43 9.39 1.79
CZ ZAE A 1 14.41 8.40 0.84
C10 ZAE A 1 12.80 14.78 0.58
H ZAE A 1 11.14 14.62 1.77
HA ZAE A 1 12.04 12.52 2.05
HB2 ZAE A 1 12.03 12.08 -0.93
HB3 ZAE A 1 13.37 12.88 -0.12
HD1 ZAE A 1 12.70 9.99 -1.56
HD2 ZAE A 1 13.85 11.40 2.28
HE1 ZAE A 1 13.76 7.84 -1.11
HE2 ZAE A 1 14.92 9.23 2.75
HZ ZAE A 1 14.88 7.45 1.05
H11 ZAE A 1 12.99 14.72 -0.48
H12 ZAE A 1 13.58 14.27 1.12
H13 ZAE A 1 12.80 15.83 0.88
HN2 ZAE A 1 10.81 14.37 0.13
N ILE A 2 10.06 10.88 1.76
CA ILE A 2 8.87 10.04 1.69
C ILE A 2 8.41 9.51 3.13
N SER A 3 7.08 9.43 3.45
CA SER A 3 6.64 8.96 4.81
C SER A 3 5.63 7.84 4.71
N DGN A 4 5.72 6.96 5.68
CA DGN A 4 4.82 5.85 5.81
C DGN A 4 5.59 4.57 5.73
O DGN A 4 6.84 4.57 5.82
CB DGN A 4 3.99 5.88 7.14
CG DGN A 4 4.49 6.82 8.25
CD DGN A 4 4.06 8.27 8.09
OE1 DGN A 4 3.04 8.57 7.48
NE2 DGN A 4 4.83 9.18 8.67
H DGN A 4 6.48 7.05 6.30
HA DGN A 4 4.14 5.87 4.97
HB2 DGN A 4 3.97 4.88 7.54
HB3 DGN A 4 2.98 6.16 6.89
HG2 DGN A 4 5.57 6.79 8.29
HG3 DGN A 4 4.09 6.48 9.19
HE21 DGN A 4 5.62 8.88 9.17
HE22 DGN A 4 4.57 10.13 8.59
N 28J A 5 4.87 3.47 5.55
CA 28J A 5 5.51 2.16 5.50
CB 28J A 5 6.83 2.19 4.65
CG2 28J A 5 7.87 1.20 5.21
CG1 28J A 5 6.51 1.90 3.19
CD1 28J A 5 7.70 1.86 2.29
C 28J A 5 4.62 1.07 4.94
O 28J A 5 3.43 1.29 4.59
HA 28J A 5 5.79 1.90 6.50
H22 28J A 5 7.25 3.19 4.73
H23 28J A 5 7.90 1.27 6.28
H24 28J A 5 8.85 1.45 4.80
H25 28J A 5 7.59 0.20 4.91
H26 28J A 5 6.02 0.93 3.15
H27 28J A 5 5.82 2.65 2.84
H28 28J A 5 8.41 1.13 2.65
H29 28J A 5 8.17 2.84 2.26
H30 28J A 5 7.38 1.59 1.29
N ILE A 6 5.24 -0.12 4.96
CA ILE A 6 4.70 -1.39 4.50
C ILE A 6 4.84 -2.47 5.56
N SER A 7 3.73 -3.18 5.80
CA SER A 7 3.67 -4.36 6.72
C SER A 7 2.20 -4.74 7.03
N DTH A 8 2.01 -5.79 7.89
CA DTH A 8 0.66 -6.24 8.36
CB DTH A 8 0.57 -6.31 9.93
CG2 DTH A 8 1.29 -5.14 10.57
OG1 DTH A 8 1.16 -7.55 10.42
C DTH A 8 0.24 -7.60 7.84
O DTH A 8 -0.95 -7.91 7.83
H DTH A 8 2.80 -6.32 8.16
HA DTH A 8 -0.05 -5.50 8.05
HB DTH A 8 -0.47 -6.28 10.20
HG21 DTH A 8 2.34 -5.16 10.30
HG22 DTH A 8 1.19 -5.19 11.64
HG23 DTH A 8 0.85 -4.21 10.21
N ALA A 9 1.20 -8.42 7.44
CA ALA A 9 0.90 -9.75 6.92
C ALA A 9 0.44 -10.69 8.01
N EI4 A 10 1.37 -11.22 8.80
CA EI4 A 10 0.95 -12.15 9.82
CB EI4 A 10 1.90 -13.33 9.96
CG EI4 A 10 1.31 -14.66 9.48
CD2 EI4 A 10 0.62 -14.47 8.03
NE2 EI4 A 10 1.46 -15.34 7.13
CE1 EI4 A 10 2.40 -16.05 7.83
ND1 EI4 A 10 2.37 -15.69 9.16
NT EI4 A 10 3.17 -16.97 7.35
C EI4 A 10 0.76 -11.35 11.10
O EI4 A 10 0.00 -11.72 11.98
H EI4 A 10 2.31 -10.92 8.73
HA EI4 A 10 -0.03 -12.51 9.53
HB EI4 A 10 2.19 -13.44 11.00
HBA EI4 A 10 2.79 -13.13 9.38
HG1 EI4 A 10 0.62 -15.07 10.21
HD2 EI4 A 10 0.66 -13.44 7.71
HE EI4 A 10 1.32 -15.43 6.16
HND1 EI4 A 10 2.99 -16.07 9.84
HD1 EI4 A 10 -0.41 -14.83 8.03
H1 EI4 A 10 3.06 -17.28 6.40
HH12 EI4 A 10 3.90 -17.38 7.91
N ILE A 11 1.47 -10.24 11.14
CA ILE A 11 1.40 -9.31 12.24
C ILE A 11 0.76 -7.99 11.74
N ZAE B 1 -1.60 -10.28 1.18
CA ZAE B 1 -0.91 -9.09 0.58
C ZAE B 1 -0.15 -8.22 1.57
O ZAE B 1 0.63 -8.71 2.36
CB ZAE B 1 0.06 -9.58 -0.51
CG ZAE B 1 0.26 -8.58 -1.63
CD1 ZAE B 1 1.46 -7.94 -1.79
CD2 ZAE B 1 -0.76 -8.34 -2.54
CE1 ZAE B 1 1.67 -7.06 -2.85
CE2 ZAE B 1 -0.56 -7.45 -3.59
CZ ZAE B 1 0.66 -6.81 -3.75
C10 ZAE B 1 -2.75 -10.61 0.33
H ZAE B 1 -1.98 -10.04 2.13
HA ZAE B 1 -1.65 -8.49 0.10
HB2 ZAE B 1 1.02 -9.78 -0.06
HB3 ZAE B 1 -0.33 -10.50 -0.94
HD1 ZAE B 1 2.25 -8.12 -1.09
HD2 ZAE B 1 -1.71 -8.83 -2.42
HE1 ZAE B 1 2.62 -6.56 -2.96
HE2 ZAE B 1 -1.35 -7.26 -4.30
HZ ZAE B 1 0.82 -6.12 -4.57
H11 ZAE B 1 -2.38 -11.01 -0.61
H12 ZAE B 1 -3.33 -9.71 0.13
H13 ZAE B 1 -3.36 -11.35 0.82
HN2 ZAE B 1 -0.95 -11.08 1.26
N ILE B 2 -0.38 -6.89 1.52
CA ILE B 2 0.33 -5.97 2.40
C ILE B 2 -0.52 -4.70 2.74
N SER B 3 -0.10 -3.90 3.73
CA SER B 3 -0.92 -2.76 4.14
C SER B 3 -0.03 -1.62 4.56
N DGN B 4 -0.29 -0.45 3.99
CA DGN B 4 0.47 0.71 4.31
C DGN B 4 0.69 1.55 3.09
O DGN B 4 0.20 1.25 1.98
CB DGN B 4 -0.19 1.52 5.45
CG DGN B 4 -1.58 1.06 5.87
CD DGN B 4 -1.57 0.12 7.07
OE1 DGN B 4 -0.65 0.15 7.88
NE2 DGN B 4 -2.60 -0.70 7.21
H DGN B 4 -1.02 -0.39 3.28
HA DGN B 4 1.44 0.37 4.64
HB2 DGN B 4 -0.25 2.55 5.13
HB3 DGN B 4 0.45 1.46 6.31
HG2 DGN B 4 -2.05 0.55 5.03
HG3 DGN B 4 -2.17 1.93 6.12
HE21 DGN B 4 -3.33 -0.66 6.55
HE22 DGN B 4 -2.59 -1.34 7.95
N 28J B 5 1.40 2.63 3.29
CA 28J B 5 1.68 3.46 2.15
CB 28J B 5 2.31 2.60 1.00
CG2 28J B 5 1.87 3.15 -0.34
CG1 28J B 5 3.84 2.55 1.08
CD1 28J B 5 4.45 1.58 0.09
C 28J B 5 2.64 4.58 2.41
O 28J B 5 3.12 4.79 3.55
HA 28J B 5 0.78 3.85 1.79
H22 28J B 5 1.91 1.60 1.09
H23 28J B 5 2.72 3.50 -0.88
H24 28J B 5 1.18 3.99 -0.17
H25 28J B 5 1.35 2.39 -0.89
H26 28J B 5 4.23 3.53 0.87
H27 28J B 5 4.14 2.26 2.08
H28 28J B 5 4.33 0.57 0.46
H29 28J B 5 5.51 1.79 -0.01
H30 28J B 5 3.98 1.68 -0.86
N ILE B 6 2.80 5.35 1.30
CA ILE B 6 3.72 6.43 1.28
C ILE B 6 3.23 7.73 0.71
N SER B 7 3.55 8.70 1.53
CA SER B 7 3.39 10.11 1.30
C SER B 7 3.68 10.83 2.59
N DTH B 8 3.36 12.11 2.60
CA DTH B 8 3.43 12.91 3.82
CB DTH B 8 2.18 13.82 3.98
CG2 DTH B 8 0.92 13.08 3.55
OG1 DTH B 8 2.29 15.00 3.18
C DTH B 8 4.68 13.77 3.89
O DTH B 8 5.01 14.32 4.93
H DTH B 8 3.21 12.56 1.72
HA DTH B 8 3.44 12.22 4.65
HB DTH B 8 2.08 14.09 5.03
HG21 DTH B 8 1.03 12.77 2.52
HG22 DTH B 8 0.08 13.76 3.63
HG23 DTH B 8 0.77 12.22 4.18
N ALA B 9 5.41 13.88 2.78
CA ALA B 9 6.57 14.73 2.82
C ALA B 9 6.12 16.19 2.83
N EI4 B 10 5.62 16.68 1.69
CA EI4 B 10 5.20 18.11 1.60
CB EI4 B 10 5.29 18.66 0.17
CG EI4 B 10 5.70 20.15 -0.01
CD2 EI4 B 10 7.18 20.37 0.59
NE2 EI4 B 10 8.01 20.65 -0.63
CE1 EI4 B 10 7.25 20.76 -1.78
ND1 EI4 B 10 5.91 20.48 -1.47
NT EI4 B 10 7.68 21.10 -2.95
C EI4 B 10 3.79 18.28 2.12
O EI4 B 10 3.40 19.36 2.57
H EI4 B 10 5.52 16.06 0.91
HA EI4 B 10 5.86 18.68 2.24
HB EI4 B 10 4.31 18.53 -0.29
HBA EI4 B 10 6.00 18.07 -0.37
HG1 EI4 B 10 4.96 20.83 0.43
HD2 EI4 B 10 7.54 19.47 1.08
HE EI4 B 10 8.98 20.80 -0.59
HND1 EI4 B 10 5.19 20.50 -2.14
HD1 EI4 B 10 7.19 21.21 1.27
H1 EI4 B 10 8.66 21.33 -3.10
HH12 EI4 B 10 7.06 21.12 -3.74
N ILE B 11 2.98 17.23 2.02
CA ILE B 11 1.62 17.30 2.54
C ILE B 11 1.41 16.12 3.48
N ZAE C 1 2.37 9.94 -3.61
CA ZAE C 1 2.45 8.48 -3.76
C ZAE C 1 1.11 7.79 -3.66
O ZAE C 1 0.18 8.13 -4.37
CB ZAE C 1 3.10 8.13 -5.10
CG ZAE C 1 3.57 6.71 -5.14
CD1 ZAE C 1 3.06 5.81 -6.05
CD2 ZAE C 1 4.50 6.29 -4.22
CE1 ZAE C 1 3.49 4.49 -6.06
CE2 ZAE C 1 4.94 4.98 -4.22
CZ ZAE C 1 4.43 4.08 -5.13
C10 ZAE C 1 3.66 10.53 -4.00
H ZAE C 1 2.19 10.20 -2.63
HA ZAE C 1 3.09 8.11 -2.98
HB2 ZAE C 1 2.38 8.26 -5.91
HB3 ZAE C 1 3.95 8.77 -5.28
HD1 ZAE C 1 2.31 6.14 -6.77
HD2 ZAE C 1 4.90 6.99 -3.52
HE1 ZAE C 1 3.09 3.80 -6.78
HE2 ZAE C 1 5.67 4.66 -3.49
HZ ZAE C 1 4.77 3.04 -5.12
H11 ZAE C 1 3.73 10.49 -5.07
H12 ZAE C 1 4.46 9.93 -3.58
H13 ZAE C 1 3.73 11.53 -3.67
HN2 ZAE C 1 1.60 10.32 -4.21
N ILE C 2 1.01 6.83 -2.74
CA ILE C 2 -0.21 6.07 -2.64
C ILE C 2 -0.43 5.60 -1.20
N SER C 3 -1.66 5.16 -0.88
CA SER C 3 -1.94 4.68 0.44
C SER C 3 -3.02 3.65 0.46
N DGN C 4 -2.68 2.52 1.13
CA DGN C 4 -3.57 1.42 1.27
C DGN C 4 -2.85 0.11 1.06
O DGN C 4 -1.60 0.03 1.04
CB DGN C 4 -4.27 1.50 2.64
CG DGN C 4 -3.52 2.27 3.72
CD DGN C 4 -3.93 3.74 3.82
OE1 DGN C 4 -5.04 4.10 3.44
NE2 DGN C 4 -3.06 4.58 4.36
H DGN C 4 -1.75 2.43 1.52
HA DGN C 4 -4.34 1.50 0.51
HB2 DGN C 4 -4.44 0.51 3.01
HB3 DGN C 4 -5.22 1.99 2.51
HG2 DGN C 4 -2.46 2.23 3.49
HG3 DGN C 4 -3.70 1.80 4.66
HE21 DGN C 4 -2.19 4.23 4.66
HE22 DGN C 4 -3.32 5.52 4.43
N 28J C 5 -3.62 -0.93 1.04
CA 28J C 5 -3.08 -2.27 0.75
CB 28J C 5 -2.25 -2.27 -0.61
CG2 28J C 5 -1.17 -3.33 -0.59
CG1 28J C 5 -3.10 -2.42 -1.89
CD1 28J C 5 -2.32 -2.14 -3.18
C 28J C 5 -4.19 -3.30 0.68
O 28J C 5 -5.37 -2.97 0.93
HA 28J C 5 -2.41 -2.52 1.54
H22 28J C 5 -1.74 -1.31 -0.66
H23 28J C 5 -1.20 -3.90 -1.52
H24 28J C 5 -1.34 -4.00 0.24
H25 28J C 5 -0.20 -2.86 -0.50
H26 28J C 5 -3.46 -3.45 -1.96
H27 28J C 5 -3.93 -1.75 -1.87
H28 28J C 5 -1.38 -2.69 -3.17
H29 28J C 5 -2.11 -1.08 -3.25
H30 28J C 5 -2.89 -2.45 -4.04
N ILE C 6 -3.77 -4.57 0.46
CA ILE C 6 -4.66 -5.68 0.27
C ILE C 6 -4.35 -6.95 1.03
N SER C 7 -5.32 -7.39 1.83
CA SER C 7 -5.24 -8.74 2.39
C SER C 7 -6.58 -9.17 2.93
N DTH C 8 -6.51 -10.27 3.70
CA DTH C 8 -7.67 -10.74 4.42
CB DTH C 8 -7.38 -11.12 5.88
CG2 DTH C 8 -6.39 -10.16 6.55
OG1 DTH C 8 -6.91 -12.46 5.96
C DTH C 8 -8.41 -11.86 3.77
O DTH C 8 -9.58 -12.06 4.10
H DTH C 8 -5.67 -10.81 3.69
HA DTH C 8 -8.35 -9.91 4.46
HB DTH C 8 -8.30 -11.06 6.42
HG21 DTH C 8 -5.46 -10.15 6.00
HG22 DTH C 8 -6.21 -10.48 7.56
HG23 DTH C 8 -6.81 -9.17 6.54
N ALA C 9 -7.79 -12.59 2.84
CA ALA C 9 -8.54 -13.65 2.20
C ALA C 9 -8.83 -14.75 3.20
N EI4 C 10 -7.84 -15.55 3.47
CA EI4 C 10 -8.01 -16.64 4.41
CB EI4 C 10 -7.05 -17.76 4.06
CG EI4 C 10 -7.65 -19.15 4.17
CD2 EI4 C 10 -9.05 -19.20 3.34
NE2 EI4 C 10 -8.69 -20.07 2.17
CE1 EI4 C 10 -7.43 -20.63 2.28
ND1 EI4 C 10 -6.81 -20.13 3.42
NT EI4 C 10 -6.91 -21.50 1.50
C EI4 C 10 -7.80 -16.11 5.82
O EI4 C 10 -8.48 -16.57 6.75
H EI4 C 10 -6.97 -15.40 3.05
HA EI4 C 10 -9.02 -17.00 4.31
HB EI4 C 10 -6.20 -17.72 4.71
HBA EI4 C 10 -6.71 -17.62 3.03
HG1 EI4 C 10 -7.77 -19.45 5.19
HD2 EI4 C 10 -9.33 -18.21 2.99
HE EI4 C 10 -9.33 -20.27 1.44
HND1 EI4 C 10 -5.91 -20.37 3.70
HD1 EI4 C 10 -9.82 -19.65 3.94
H1 EI4 C 10 -7.45 -21.87 0.72
HH12 EI4 C 10 -5.99 -21.83 1.65
N ILE C 11 -6.87 -15.20 5.97
CA ILE C 11 -6.62 -14.55 7.26
C ILE C 11 -7.06 -13.10 7.22
N ZAE D 1 -14.29 -12.41 2.96
CA ZAE D 1 -14.05 -11.35 1.95
C ZAE D 1 -12.61 -10.85 2.01
O ZAE D 1 -11.70 -11.62 2.28
CB ZAE D 1 -14.33 -11.92 0.56
CG ZAE D 1 -14.76 -10.87 -0.42
CD1 ZAE D 1 -14.06 -10.70 -1.59
CD2 ZAE D 1 -15.87 -10.07 -0.17
CE1 ZAE D 1 -14.44 -9.73 -2.52
CE2 ZAE D 1 -16.26 -9.10 -1.08
CZ ZAE D 1 -15.55 -8.94 -2.26
C10 ZAE D 1 -15.73 -12.73 3.06
H ZAE D 1 -13.97 -12.09 3.90
HA ZAE D 1 -14.71 -10.53 2.14
HB2 ZAE D 1 -13.44 -12.39 0.17
HB3 ZAE D 1 -15.11 -12.65 0.63
HD1 ZAE D 1 -13.21 -11.32 -1.79
HD2 ZAE D 1 -16.43 -10.20 0.75
HE1 ZAE D 1 -13.88 -9.61 -3.43
HE2 ZAE D 1 -17.12 -8.48 -0.88
HZ ZAE D 1 -15.84 -8.19 -2.97
H11 ZAE D 1 -15.91 -13.32 3.93
H12 ZAE D 1 -16.04 -13.28 2.18
H13 ZAE D 1 -16.30 -11.81 3.11
HN2 ZAE D 1 -13.74 -13.26 2.70
N ILE D 2 -12.41 -9.55 1.75
CA ILE D 2 -11.06 -9.02 1.76
C ILE D 2 -10.95 -7.66 2.43
N SER D 3 -9.77 -7.30 2.98
CA SER D 3 -9.65 -6.00 3.60
C SER D 3 -8.47 -5.22 3.13
N DGN D 4 -8.81 -3.98 2.79
CA DGN D 4 -7.89 -2.99 2.35
C DGN D 4 -8.56 -2.09 1.32
O DGN D 4 -9.76 -2.23 1.04
CB DGN D 4 -7.35 -2.17 3.55
CG DGN D 4 -8.39 -1.84 4.64
CD DGN D 4 -8.32 -2.75 5.87
OE1 DGN D 4 -7.27 -3.28 6.19
NE2 DGN D 4 -9.44 -2.90 6.58
H DGN D 4 -9.77 -3.73 2.83
HA DGN D 4 -7.06 -3.49 1.88
HB2 DGN D 4 -6.95 -1.24 3.18
HB3 DGN D 4 -6.55 -2.73 4.01
HG2 DGN D 4 -9.37 -1.90 4.21
HG3 DGN D 4 -8.21 -0.83 4.98
HE21 DGN D 4 -10.25 -2.43 6.28
HE22 DGN D 4 -9.39 -3.46 7.38
N 28J D 5 -7.78 -1.17 0.80
CA 28J D 5 -8.25 -0.22 -0.23
CB 28J D 5 -9.17 -0.88 -1.34
CG2 28J D 5 -10.23 0.10 -1.86
CG1 28J D 5 -8.38 -1.45 -2.54
CD1 28J D 5 -9.27 -1.99 -3.67
C 28J D 5 -7.07 0.48 -0.88
O 28J D 5 -5.91 0.29 -0.43
HA 28J D 5 -8.85 0.52 0.28
H22 28J D 5 -9.71 -1.70 -0.88
H23 28J D 5 -10.67 0.64 -1.04
H24 28J D 5 -11.00 -0.45 -2.39
H25 28J D 5 -9.76 0.79 -2.54
H26 28J D 5 -7.78 -0.66 -2.96
H27 28J D 5 -7.75 -2.25 -2.22
H28 28J D 5 -9.86 -1.17 -4.08
H29 28J D 5 -9.93 -2.74 -3.28
H30 28J D 5 -8.65 -2.41 -4.45
N ILE D 6 -7.39 1.33 -1.87
CA ILE D 6 -6.44 2.12 -2.63
C ILE D 6 -6.84 3.56 -2.77
N SER D 7 -5.85 4.40 -2.54
CA SER D 7 -5.89 5.82 -2.89
C SER D 7 -4.64 6.53 -2.41
N DTH D 8 -4.73 7.86 -2.28
CA DTH D 8 -3.60 8.57 -1.71
CB DTH D 8 -3.99 9.70 -0.74
CG2 DTH D 8 -4.95 9.22 0.32
OG1 DTH D 8 -4.51 10.81 -1.47
C DTH D 8 -2.68 9.16 -2.77
O DTH D 8 -1.49 9.36 -2.50
H DTH D 8 -5.49 8.36 -2.70
HA DTH D 8 -3.07 7.85 -1.12
HB DTH D 8 -3.08 10.02 -0.25
HG21 DTH D 8 -5.86 8.85 -0.14
HG22 DTH D 8 -5.18 10.03 0.99
HG23 DTH D 8 -4.49 8.41 0.89
N ALA D 9 -3.18 9.48 -3.94
CA ALA D 9 -2.27 10.00 -4.94
C ALA D 9 -2.12 11.50 -4.83
N EI4 D 10 -3.19 12.25 -5.03
CA EI4 D 10 -3.08 13.66 -4.90
CB EI4 D 10 -3.87 14.33 -6.01
CG EI4 D 10 -3.06 15.28 -6.87
CD2 EI4 D 10 -2.16 14.43 -7.92
NE2 EI4 D 10 -2.78 14.78 -9.27
CE1 EI4 D 10 -3.75 15.74 -9.14
ND1 EI4 D 10 -3.97 16.04 -7.83
NT EI4 D 10 -4.40 16.29 -10.13
C EI4 D 10 -3.54 13.97 -3.50
O EI4 D 10 -3.06 14.91 -2.87
H EI4 D 10 -4.07 11.84 -5.22
HA EI4 D 10 -2.05 13.91 -4.99
HB EI4 D 10 -4.72 14.85 -5.60
HBA EI4 D 10 -4.23 13.54 -6.68
HG1 EI4 D 10 -2.47 15.95 -6.29
HD2 EI4 D 10 -2.25 13.37 -7.73
HE EI4 D 10 -2.45 14.40 -10.12
HND1 EI4 D 10 -4.65 16.71 -7.52
HD1 EI4 D 10 -1.13 14.75 -7.86
H1 EI4 D 10 -4.16 16.08 -11.09
HH12 EI4 D 10 -5.14 16.94 -9.94
N ILE D 11 -4.50 13.18 -3.03
CA ILE D 11 -4.93 13.26 -1.66
C ILE D 11 -4.38 12.10 -0.84
N ALA E 1 3.87 -15.55 12.25
CA ALA E 1 3.11 -16.79 12.30
C ALA E 1 2.33 -16.90 13.65
N DGL E 2 2.97 -16.25 14.73
CA DGL E 2 2.35 -16.45 16.16
C DGL E 2 3.76 -16.09 16.70
O DGL E 2 4.61 -15.58 15.97
CB DGL E 2 1.71 -15.18 16.89
CG DGL E 2 0.22 -15.62 17.38
CD DGL E 2 -0.80 -15.68 16.24
OE1 DGL E 2 -1.79 -16.44 16.30
H DGL E 2 3.77 -15.76 14.54
HB2 DGL E 2 1.58 -14.42 16.18
HB3 DGL E 2 2.26 -14.86 17.76
HG2 DGL E 2 -0.13 -14.91 18.12
HG3 DGL E 2 0.26 -16.60 17.84
N LYS E 3 -0.57 -14.87 15.25
CA LYS E 3 -1.38 -14.75 14.07
C LYS E 3 -2.72 -13.98 14.36
N DAL E 4 -3.43 -14.56 15.37
CA DAL E 4 -4.78 -14.07 16.04
CB DAL E 4 -4.97 -14.38 17.71
C DAL E 4 -5.90 -14.38 14.84
O DAL E 4 -6.59 -15.39 14.77
H DAL E 4 -3.06 -15.39 15.65
HA DAL E 4 -4.94 -14.66 16.23
HB1 DAL E 4 -5.20 -15.39 17.93
HB2 DAL E 4 -5.80 -13.75 18.12
HB3 DAL E 4 -4.07 -14.08 18.26
N DAL E 5 -5.84 -13.42 13.84
CA DAL E 5 -6.73 -13.24 12.62
CB DAL E 5 -8.16 -12.93 13.35
C DAL E 5 -6.48 -14.68 11.88
O DAL E 5 -5.36 -14.96 11.29
OXT DAL E 5 -7.51 -15.35 11.58
H DAL E 5 -5.06 -12.82 13.89
HA DAL E 5 -7.39 -13.60 12.23
HB1 DAL E 5 -8.52 -13.77 13.85
HB2 DAL E 5 -8.89 -12.72 12.51
HB3 DAL E 5 -8.18 -12.04 13.97
N ALA F 1 11.24 18.15 0.26
CA ALA F 1 12.37 18.84 0.90
C ALA F 1 13.17 17.98 1.92
N DGL F 2 12.37 17.15 2.59
CA DGL F 2 12.72 16.53 3.80
C DGL F 2 11.34 15.64 3.96
O DGL F 2 10.56 15.67 2.95
CB DGL F 2 13.75 15.39 3.85
CG DGL F 2 15.09 16.05 3.95
CD DGL F 2 16.16 15.38 3.17
OE1 DGL F 2 17.13 14.90 3.71
H DGL F 2 11.51 16.93 2.26
HB2 DGL F 2 13.64 14.78 2.99
HB3 DGL F 2 13.59 14.70 4.78
HG2 DGL F 2 15.38 16.11 4.97
HG3 DGL F 2 14.94 17.07 3.55
N LYS F 3 16.00 15.46 1.87
CA LYS F 3 16.89 14.88 0.94
C LYS F 3 16.88 13.32 0.94
N DAL F 4 16.74 12.85 -0.34
CA DAL F 4 16.64 11.37 -0.89
CB DAL F 4 17.75 10.21 -0.35
C DAL F 4 16.25 11.68 -2.53
O DAL F 4 17.06 11.69 -3.45
H DAL F 4 16.59 13.55 -1.01
HA DAL F 4 17.23 11.38 -1.15
HB1 DAL F 4 18.73 10.35 -0.75
HB2 DAL F 4 17.40 9.19 -0.61
HB3 DAL F 4 17.79 10.24 0.75
N DAL F 5 14.95 12.09 -2.67
CA DAL F 5 14.10 12.34 -3.94
CB DAL F 5 14.43 10.96 -4.70
C DAL F 5 14.91 13.69 -4.38
O DAL F 5 14.69 14.13 -5.58
OXT DAL F 5 15.48 14.44 -3.55
H DAL F 5 14.49 12.28 -1.80
HA DAL F 5 14.03 12.57 -4.87
HB1 DAL F 5 15.36 10.99 -5.22
HB2 DAL F 5 13.65 10.88 -5.49
HB3 DAL F 5 14.34 10.06 -4.10
N ALA G 1 -8.01 -16.22 -2.21
CA ALA G 1 -8.25 -15.77 -3.61
C ALA G 1 -7.73 -14.33 -3.84
N DGL G 2 -7.97 -13.51 -2.92
CA DGL G 2 -7.49 -12.01 -2.91
C DGL G 2 -6.21 -11.67 -3.71
O DGL G 2 -5.21 -12.04 -3.05
CB DGL G 2 -8.61 -10.95 -3.55
CG DGL G 2 -9.11 -11.23 -4.95
CD DGL G 2 -9.25 -9.93 -5.71
OE1 DGL G 2 -10.37 -9.42 -5.91
H DGL G 2 -8.48 -13.82 -2.03
HB2 DGL G 2 -8.10 -9.99 -3.53
HB3 DGL G 2 -9.48 -10.84 -2.85
HG2 DGL G 2 -10.07 -11.69 -4.87
HG3 DGL G 2 -8.40 -11.87 -5.46
N LYS G 3 -8.14 -9.44 -6.18
CA LYS G 3 -8.05 -8.26 -6.96
C LYS G 3 -8.40 -6.97 -6.13
N DAL G 4 -7.33 -6.64 -5.33
CA DAL G 4 -7.08 -5.41 -4.38
CB DAL G 4 -7.95 -5.22 -2.94
C DAL G 4 -6.77 -4.19 -5.52
O DAL G 4 -7.64 -3.72 -6.24
H DAL G 4 -6.59 -7.28 -5.37
HA DAL G 4 -7.64 -5.18 -4.42
HB1 DAL G 4 -7.96 -6.17 -2.39
HB2 DAL G 4 -8.96 -4.89 -3.09
HB3 DAL G 4 -7.45 -4.48 -2.27
N DAL G 5 -5.42 -3.95 -5.69
CA DAL G 5 -4.69 -2.85 -6.55
CB DAL G 5 -5.46 -1.62 -5.84
C DAL G 5 -5.23 -3.39 -7.99
O DAL G 5 -5.87 -2.58 -8.72
OXT DAL G 5 -4.71 -4.44 -8.53
H DAL G 5 -4.84 -4.61 -5.24
HA DAL G 5 -4.70 -2.19 -7.22
HB1 DAL G 5 -4.94 -0.66 -6.22
HB2 DAL G 5 -5.25 -1.64 -4.82
HB3 DAL G 5 -6.49 -1.49 -6.05
N ALA H 1 -8.79 17.07 -6.78
CA ALA H 1 -8.31 18.47 -6.85
C ALA H 1 -6.75 18.54 -7.06
N DGL H 2 -6.17 19.78 -6.73
CA DGL H 2 -4.64 19.90 -6.71
C DGL H 2 -3.77 18.82 -6.05
O DGL H 2 -2.81 18.29 -6.65
CB DGL H 2 -4.14 19.84 -8.21
CG DGL H 2 -3.05 20.94 -8.57
CD DGL H 2 -1.64 20.36 -8.78
OE1 DGL H 2 -0.64 21.04 -8.52
H DGL H 2 -6.73 20.44 -6.33
HA DGL H 2 -5.06 19.13 -6.37
HB2 DGL H 2 -4.97 20.01 -8.84
HB3 DGL H 2 -3.70 18.86 -8.42
HG2 DGL H 2 -3.01 21.66 -7.78
HG3 DGL H 2 -3.34 21.43 -9.49
N LYS H 3 -1.59 19.15 -9.26
CA LYS H 3 -0.36 18.46 -9.56
C LYS H 3 0.56 18.28 -8.29
N DAL H 4 -0.21 17.91 -7.21
CA DAL H 4 0.19 17.50 -5.72
CB DAL H 4 0.30 18.68 -4.54
C DAL H 4 1.23 16.24 -5.99
O DAL H 4 2.42 16.38 -6.28
H DAL H 4 -1.18 17.90 -7.40
HA DAL H 4 0.68 17.81 -5.71
HB1 DAL H 4 1.22 19.23 -4.61
HB2 DAL H 4 0.26 18.23 -3.53
HB3 DAL H 4 -0.54 19.37 -4.60
N DAL H 5 0.56 15.05 -6.09
CA DAL H 5 1.25 13.60 -6.27
CB DAL H 5 2.50 13.60 -5.31
C DAL H 5 1.96 13.52 -7.79
O DAL H 5 3.15 13.84 -7.72
OXT DAL H 5 1.28 13.99 -8.72
H DAL H 5 -0.38 15.07 -6.13
HA DAL H 5 1.07 13.97 -6.73
HB1 DAL H 5 3.09 14.48 -5.52
HB2 DAL H 5 3.12 12.74 -5.50
HB3 DAL H 5 2.24 13.61 -4.24
C1 MUB I . 6.32 -11.79 8.08
C2 MUB I . 6.44 -12.08 9.56
C3 MUB I . 7.20 -13.39 9.77
C4 MUB I . 6.88 -14.40 8.68
C5 MUB I . 7.35 -13.86 7.32
C6 MUB I . 6.44 -14.29 6.17
C7 MUB I . 8.47 -10.99 10.34
C8 MUB I . 9.14 -9.81 11.08
C9 MUB I . 5.47 -13.93 11.33
C10 MUB I . 4.71 -15.24 11.23
C11 MUB I . 4.80 -12.71 12.02
O1 MUB I . 6.40 -10.41 7.89
O3 MUB I . 6.89 -13.93 11.07
O4 MUB I . 7.49 -15.70 8.95
O5 MUB I . 7.40 -12.41 7.33
O6 MUB I . 5.10 -13.86 6.40
O7 MUB I . 9.16 -11.87 9.83
O10 MUB I . 4.83 -15.92 10.20
N2 MUB I . 7.13 -11.01 10.26
H1 MUB I . 5.37 -12.14 7.66
H2 MUB I . 5.41 -12.08 9.94
HN2 MUB I . 6.60 -10.29 10.68
H81 MUB I . 8.86 -9.87 12.13
H82 MUB I . 8.80 -8.89 10.67
H83 MUB I . 10.21 -9.90 10.94
H3 MUB I . 8.28 -13.17 9.87
H9 MUB I . 5.22 -13.88 10.30
H111 MUB I . 5.54 -12.17 12.62
H112 MUB I . 4.05 -13.04 12.65
H113 MUB I . 4.32 -12.06 11.26
H4 MUB I . 5.87 -14.83 8.76
H5 MUB I . 8.26 -14.25 7.01
H61 MUB I . 6.37 -15.39 6.26
H62 MUB I . 6.80 -14.04 5.15
HO6 MUB I . 4.64 -13.60 5.58
C1 NAG I . 8.84 -15.64 9.48
C2 NAG I . 9.41 -17.07 9.57
C3 NAG I . 10.83 -17.01 10.11
C4 NAG I . 11.66 -16.04 9.27
C5 NAG I . 11.00 -14.67 9.24
C6 NAG I . 11.79 -13.69 8.38
C7 NAG I . 8.37 -17.72 11.66
C8 NAG I . 7.42 -18.73 12.31
N2 NAG I . 8.57 -17.92 10.37
O3 NAG I . 11.43 -18.30 10.07
O4 NAG I . 12.96 -15.94 9.79
O5 NAG I . 9.67 -14.79 8.68
O6 NAG I . 11.42 -13.78 7.01
O7 NAG I . 9.16 -17.07 12.35
H1 NAG I . 8.72 -15.21 10.47
H2 NAG I . 9.42 -17.69 8.72
H3 NAG I . 10.86 -16.66 11.15
H4 NAG I . 11.87 -16.56 8.31
H5 NAG I . 10.96 -14.15 10.20
H61 NAG I . 12.87 -13.92 8.39
H62 NAG I . 11.67 -12.68 8.78
H81 NAG I . 7.84 -19.73 12.19
H82 NAG I . 6.46 -18.68 11.82
H83 NAG I . 7.30 -18.48 13.36
HN2 NAG I . 7.90 -18.44 9.88
HO3 NAG I . 11.00 -18.92 10.66
HO4 NAG I . 13.21 -16.85 9.95
HO6 NAG I . 10.51 -14.13 7.03
C1 MUB J . 6.64 15.50 -2.90
C2 MUB J . 6.82 16.92 -2.46
C3 MUB J . 8.03 17.52 -3.12
C4 MUB J . 9.10 16.48 -3.45
C5 MUB J . 8.52 15.38 -4.35
C6 MUB J . 9.04 14.02 -3.92
C7 MUB J . 5.41 17.94 -4.14
C8 MUB J . 4.07 18.63 -4.44
C9 MUB J . 9.28 17.97 -1.13
C10 MUB J . 10.39 18.80 -0.56
C11 MUB J . 8.74 16.78 -0.28
O1 MUB J . 5.28 15.23 -2.81
O3 MUB J . 8.58 18.52 -2.26
O4 MUB J . 10.28 17.08 -4.03
O5 MUB J . 7.08 15.35 -4.26
O6 MUB J . 9.01 13.91 -2.51
O7 MUB J . 6.36 18.19 -4.88
O10 MUB J . 10.59 19.93 -1.05
N2 MUB J . 5.64 17.67 -2.84
H1 MUB J . 7.15 14.74 -2.31
H2 MUB J . 6.88 16.74 -1.39
HN2 MUB J . 4.90 17.47 -2.22
H81 MUB J . 4.07 19.59 -3.93
H82 MUB J . 3.26 18.03 -4.11
H83 MUB J . 4.00 18.77 -5.51
H3 MUB J . 7.75 18.02 -4.05
H9 MUB J . 10.10 17.61 -1.71
H111 MUB J . 7.77 17.04 0.16
H112 MUB J . 9.41 16.60 0.50
H113 MUB J . 8.69 15.88 -0.90
H4 MUB J . 9.54 16.16 -2.49
H5 MUB J . 8.80 15.36 -5.35
H61 MUB J . 10.14 14.02 -4.12
H62 MUB J . 8.57 13.09 -4.36
HO6 MUB J . 8.76 13.04 -2.19
C1 NAG J . 10.01 18.06 -5.07
C2 NAG J . 11.35 18.50 -5.68
C3 NAG J . 11.09 19.51 -6.79
C4 NAG J . 10.06 18.96 -7.78
C5 NAG J . 8.81 18.47 -7.08
C6 NAG J . 7.87 17.78 -8.07
C7 NAG J . 11.91 20.07 -3.94
C8 NAG J . 12.96 20.49 -2.92
N2 NAG J . 12.23 19.03 -4.67
O3 NAG J . 12.30 19.78 -7.46
O4 NAG J . 9.71 19.99 -8.70
O5 NAG J . 9.16 17.50 -6.07
O6 NAG J . 6.78 17.15 -7.40
O7 NAG J . 11.02 20.86 -4.28
H1 NAG J . 9.54 18.88 -4.53
H2 NAG J . 12.06 17.83 -6.03
H3 NAG J . 10.68 20.44 -6.38
H4 NAG J . 10.67 18.24 -8.41
H5 NAG J . 8.18 19.23 -6.63
H61 NAG J . 8.37 16.96 -8.61
H62 NAG J . 7.52 18.53 -8.80
H81 NAG J . 12.61 21.36 -2.39
H82 NAG J . 13.88 20.72 -3.42
H83 NAG J . 13.13 19.65 -2.23
HN2 NAG J . 12.95 18.44 -4.35
HO3 NAG J . 12.71 18.95 -7.73
HO4 NAG J . 10.52 20.46 -8.94
HO6 NAG J . 6.79 17.41 -6.47
C1 MUB K . -4.45 -16.48 0.42
C2 MUB K . -5.43 -17.51 0.94
C3 MUB K . -5.86 -18.44 -0.19
C4 MUB K . -5.71 -17.83 -1.59
C5 MUB K . -4.28 -17.33 -1.84
C6 MUB K . -4.34 -16.02 -2.61
C7 MUB K . -4.03 -19.33 1.71
C8 MUB K . -3.43 -20.14 2.87
C9 MUB K . -8.14 -17.76 -0.28
C10 MUB K . -8.45 -17.43 -1.73
C11 MUB K . -9.05 -17.22 0.85
O1 MUB K . -3.67 -16.02 1.47
O3 MUB K . -7.23 -18.83 0.01
O4 MUB K . -6.11 -18.77 -2.61
O5 MUB K . -3.60 -17.07 -0.59
O6 MUB K . -5.14 -15.10 -1.91
O7 MUB K . -3.89 -19.71 0.55
O10 MUB K . -9.01 -18.28 -2.42
N2 MUB K . -4.85 -18.32 2.00
H1 MUB K . -4.94 -15.60 -0.02
H2 MUB K . -6.21 -16.88 1.39
HN2 MUB K . -4.95 -18.03 2.95
H81 MUB K . -2.88 -19.48 3.52
H82 MUB K . -2.77 -20.88 2.47
H83 MUB K . -4.24 -20.62 3.40
H3 MUB K . -5.30 -19.38 -0.13
H9 MUB K . -7.39 -17.04 -0.42
H111 MUB K . -9.74 -17.99 1.20
H112 MUB K . -9.61 -16.42 0.50
H113 MUB K . -8.42 -16.84 1.68
H4 MUB K . -6.53 -17.19 -1.86
H5 MUB K . -3.71 -17.92 -2.44
H61 MUB K . -4.91 -16.17 -3.55
H62 MUB K . -3.36 -15.51 -2.91
HO6 MUB K . -5.15 -14.17 -2.14
C1 NAG K . -5.57 -20.09 -2.48
C2 NAG K . -6.01 -20.94 -3.67
C3 NAG K . -5.42 -22.34 -3.54
C4 NAG K . -3.91 -22.29 -3.31
C5 NAG K . -3.57 -21.35 -2.16
C6 NAG K . -2.07 -21.16 -2.00
C7 NAG K . -8.21 -21.35 -2.72
C8 NAG K . -9.71 -21.32 -3.00
N2 NAG K . -7.46 -20.98 -3.76
O3 NAG K . -5.69 -23.08 -4.73
O4 NAG K . -3.42 -23.58 -3.03
O5 NAG K . -4.15 -20.05 -2.39
O6 NAG K . -1.77 -20.06 -1.16
O7 NAG K . -7.75 -21.98 -1.77
H1 NAG K . -6.01 -20.46 -1.56
H2 NAG K . -5.84 -20.58 -4.64
H3 NAG K . -5.87 -22.87 -2.71
H4 NAG K . -3.53 -22.03 -4.33
H5 NAG K . -3.89 -21.71 -1.17
H61 NAG K . -1.57 -20.97 -2.96
H62 NAG K . -1.67 -22.11 -1.59
H81 NAG K . -10.24 -21.69 -2.12
H82 NAG K . -9.93 -21.95 -3.84
H83 NAG K . -10.01 -20.30 -3.23
HN2 NAG K . -7.88 -20.47 -4.48
HO3 NAG K . -5.20 -23.90 -4.74
HO4 NAG K . -3.76 -23.86 -2.17
HO6 NAG K . -2.58 -19.84 -0.70
C1 MUB L . -8.06 12.13 -7.54
C2 MUB L . -9.44 12.65 -7.18
C3 MUB L . -9.92 13.66 -8.21
C4 MUB L . -8.72 14.43 -8.80
C5 MUB L . -7.80 13.45 -9.56
C6 MUB L . -6.34 13.88 -9.52
C7 MUB L . -11.22 11.25 -8.09
C8 MUB L . -12.23 10.11 -7.89
C9 MUB L . -10.40 15.24 -6.46
C10 MUB L . -10.10 16.73 -6.53
C11 MUB L . -10.54 14.56 -5.06
O1 MUB L . -7.86 10.84 -7.04
O3 MUB L . -10.89 14.58 -7.64
O4 MUB L . -9.12 15.54 -9.67
O5 MUB L . -7.88 12.11 -8.98
O6 MUB L . -5.88 13.96 -8.18
O7 MUB L . -11.05 11.75 -9.21
O10 MUB L . -11.01 17.54 -6.45
N2 MUB L . -10.43 11.57 -7.06
H1 MUB L . -7.26 12.74 -7.10
H2 MUB L . -9.37 13.04 -6.16
HN2 MUB L . -10.58 11.16 -6.17
H81 MUB L . -12.75 9.94 -8.83
H82 MUB L . -12.94 10.40 -7.14
H83 MUB L . -11.70 9.22 -7.56
H3 MUB L . -10.55 13.17 -8.98
H9 MUB L . -9.40 15.13 -6.74
H111 MUB L . -11.38 13.85 -5.07
H112 MUB L . -10.73 15.27 -4.34
H113 MUB L . -9.59 14.05 -4.79
H4 MUB L . -8.27 15.11 -8.07
H5 MUB L . -7.98 13.39 -10.58
H61 MUB L . -6.33 14.92 -9.87
H62 MUB L . -5.65 13.26 -10.16
HO6 MUB L . -5.26 14.68 -8.01
C1 NAG L . -10.27 15.28 -10.51
C2 NAG L . -10.50 16.50 -11.41
C3 NAG L . -11.72 16.25 -12.29
C4 NAG L . -11.58 14.91 -13.04
C5 NAG L . -11.28 13.78 -12.06
C6 NAG L . -11.02 12.47 -12.79
C7 NAG L . -11.69 17.90 -9.83
C8 NAG L . -11.65 19.23 -9.08
N2 NAG L . -10.65 17.70 -10.62
O3 NAG L . -11.85 17.29 -13.25
O4 NAG L . -12.79 14.64 -13.74
O5 NAG L . -10.10 14.09 -11.30
O6 NAG L . -10.54 11.47 -11.91
O7 NAG L . -12.76 17.32 -10.00
H1 NAG L . -11.10 15.16 -9.80
H2 NAG L . -9.70 16.82 -11.99
H3 NAG L . -12.64 16.21 -11.71
H4 NAG L . -10.88 15.13 -13.87
H5 NAG L . -12.10 13.53 -11.39
H61 NAG L . -10.24 12.57 -13.57
H62 NAG L . -11.95 12.17 -13.28
H81 NAG L . -11.58 20.04 -9.80
H82 NAG L . -10.78 19.24 -8.45
H83 NAG L . -12.54 19.32 -8.47
HN2 NAG L . -9.83 18.20 -10.43
HO3 NAG L . -12.05 18.14 -12.84
HO4 NAG L . -13.03 15.44 -14.20
HO6 NAG L . -10.69 11.79 -11.01
P 2PO M . 5.08 -9.49 8.07
O1P 2PO M . 5.48 -8.10 8.42
O2P 2PO M . 4.08 -10.18 8.94
O3P 2PO M . 4.51 -9.48 6.61
P 2PO N . 4.67 -8.13 5.79
O1P 2PO N . 3.64 -7.18 6.28
O2P 2PO N . 6.11 -7.75 5.84
O3P 2PO N . 4.27 -8.58 4.33
C1 P1W O . 4.65 -9.88 3.89
C2 P1W O . 5.99 -9.71 3.23
C3 P1W O . 6.75 -10.62 2.72
C4 P1W O . 8.05 -10.23 2.12
C5 P1W O . 6.40 -12.09 2.67
H12 P1W O . 4.73 -10.54 4.76
H11 P1W O . 3.93 -10.25 3.20
H2 P1W O . 6.17 -8.70 2.92
H41 P1W O . 8.40 -9.30 2.55
H42 P1W O . 8.77 -11.00 2.27
H51 P1W O . 5.35 -12.20 2.47
H52 P1W O . 6.65 -12.53 3.63
H53 P1W O . 6.99 -12.56 1.90
C1 P1W P . 7.90 -10.02 0.62
C2 P1W P . 7.33 -8.66 0.32
C3 P1W P . 6.16 -8.48 -0.35
C4 P1W P . 5.59 -7.12 -0.66
C5 P1W P . 5.31 -9.66 -0.87
H12 P1W P . 7.24 -10.77 0.24
H11 P1W P . 8.87 -10.11 0.16
H2 P1W P . 8.10 -7.90 0.19
H41 P1W P . 4.55 -7.19 -0.90
H42 P1W P . 5.73 -6.44 0.19
H51 P1W P . 4.91 -10.22 -0.06
H52 P1W P . 5.92 -10.30 -1.49
H53 P1W P . 4.50 -9.27 -1.47
C1 P1W Q . 9.26 5.34 -2.93
C2 P1W Q . 8.72 4.03 -3.43
C3 P1W Q . 8.01 3.19 -2.65
C4 P1W Q . 7.46 1.86 -3.14
C5 P1W Q . 7.71 3.49 -1.18
H12 P1W Q . 8.49 5.88 -2.41
H11 P1W Q . 10.08 5.15 -2.25
H2 P1W Q . 9.30 3.63 -4.25
H43 P1W Q . 7.61 1.76 -4.21
H41 P1W Q . 6.41 1.80 -2.91
H42 P1W Q . 7.99 1.05 -2.64
H51 P1W Q . 6.75 3.96 -1.10
H52 P1W Q . 8.48 4.14 -0.79
H53 P1W Q . 7.71 2.56 -0.63
C1 P1W R . 6.32 -6.54 -1.86
C2 P1W R . 5.69 -5.25 -2.23
C3 P1W R . 5.02 -5.08 -3.38
C4 P1W R . 4.40 -3.74 -3.80
C5 P1W R . 4.74 -6.22 -4.34
H12 P1W R . 6.27 -7.23 -2.70
H11 P1W R . 7.36 -6.36 -1.62
H2 P1W R . 5.99 -4.41 -1.63
H43 P1W R . 3.34 -3.75 -3.56
H41 P1W R . 4.53 -3.61 -4.87
H42 P1W R . 4.88 -2.93 -3.29
H51 P1W R . 3.93 -5.91 -5.00
H52 P1W R . 4.41 -7.08 -3.78
H53 P1W R . 5.61 -6.47 -4.91
P 2PO S . 4.61 15.12 -1.36
O1P 2PO S . 4.11 16.39 -0.80
O2P 2PO S . 5.55 14.35 -0.52
O3P 2PO S . 3.41 14.22 -1.77
P 2PO T . 3.53 12.74 -1.40
O1P 2PO T . 3.94 12.71 0.02
O2P 2PO T . 2.31 12.02 -1.83
O3P 2PO T . 4.80 12.27 -2.32
C1 P1W U . 6.09 11.89 -1.81
C2 P1W U . 6.85 11.12 -2.85
C3 P1W U . 6.91 11.37 -4.20
C4 P1W U . 7.70 10.44 -5.04
C5 P1W U . 6.23 12.53 -4.99
H12 P1W U . 6.65 12.74 -1.53
H11 P1W U . 5.97 11.25 -0.93
H2 P1W U . 7.64 10.51 -2.44
H41 P1W U . 7.57 10.69 -6.09
H42 P1W U . 8.72 10.49 -4.75
H51 P1W U . 5.89 13.29 -4.32
H52 P1W U . 5.40 12.14 -5.55
H53 P1W U . 6.95 12.96 -5.69
C1 P1W V . -0.02 -14.15 -3.81
C2 P1W V . -1.28 -13.48 -4.24
C3 P1W V . -1.41 -12.80 -5.39
C4 P1W V . -2.71 -12.14 -5.78
C5 P1W V . -0.30 -12.72 -6.44
H12 P1W V . 0.31 -14.84 -4.57
H11 P1W V . 0.74 -13.40 -3.66
H2 P1W V . -2.03 -13.38 -3.46
H41 P1W V . -2.77 -12.06 -6.86
H42 P1W V . -3.53 -12.73 -5.41
H51 P1W V . -0.12 -13.70 -6.85
H52 P1W V . 0.60 -12.35 -5.99
H53 P1W V . -0.61 -12.05 -7.24
C1 P1W W . -2.81 -10.74 -5.17
C2 P1W W . -2.24 -9.70 -6.08
C3 P1W W . -2.94 -8.66 -6.57
C4 P1W W . -2.32 -7.61 -7.49
C5 P1W W . -4.43 -8.46 -6.29
H12 P1W W . -2.28 -10.73 -4.23
H11 P1W W . -3.85 -10.52 -5.00
H2 P1W W . -1.27 -9.94 -6.49
H43 P1W W . -1.98 -6.77 -6.89
H41 P1W W . -3.06 -7.27 -8.20
H42 P1W W . -1.48 -8.04 -8.01
H51 P1W W . -4.98 -9.31 -6.68
H52 P1W W . -4.76 -7.56 -6.77
H53 P1W W . -4.59 -8.39 -5.22
C1 P1W X . -2.46 3.21 -9.58
C2 P1W X . -1.34 2.21 -9.61
C3 P1W X . -0.04 2.51 -9.83
C4 P1W X . 1.05 1.44 -9.88
C5 P1W X . 0.48 3.94 -10.01
H12 P1W X . -3.06 3.05 -8.70
H11 P1W X . -2.05 4.21 -9.57
H2 P1W X . -1.65 1.19 -9.52
H43 P1W X . 0.60 0.45 -9.83
H41 P1W X . 1.72 1.57 -9.05
H42 P1W X . 1.60 1.53 -10.80
H51 P1W X . 0.27 4.50 -9.11
H52 P1W X . -0.01 4.41 -10.85
H53 P1W X . 1.55 3.91 -10.17
C1 P1W Y . 7.17 9.05 -4.79
C2 P1W Y . 8.26 8.21 -4.16
C3 P1W Y . 8.67 7.03 -4.68
C4 P1W Y . 9.76 6.17 -4.09
C5 P1W Y . 8.08 6.49 -5.98
H12 P1W Y . 6.88 8.62 -5.72
H11 P1W Y . 6.33 9.11 -4.12
H2 P1W Y . 8.60 8.53 -3.18
H41 P1W Y . 10.11 5.49 -4.86
H42 P1W Y . 10.58 6.78 -3.75
H51 P1W Y . 8.45 5.49 -6.15
H52 P1W Y . 8.38 7.13 -6.80
H53 P1W Y . 7.01 6.47 -5.91
P 2PO Z . -4.38 -15.37 2.76
O1P 2PO Z . -4.70 -16.43 3.74
O2P 2PO Z . -5.49 -14.50 2.31
O3P 2PO Z . -3.21 -14.47 3.33
P 2PO AA . -3.00 -13.05 2.67
O1P 2PO AA . -4.36 -12.44 2.46
O2P 2PO AA . -2.03 -12.29 3.49
O3P 2PO AA . -2.31 -13.42 1.23
C1 P1W BA . -3.05 -13.59 0.00
C2 P1W BA . -2.22 -14.36 -1.04
C3 P1W BA . -0.96 -14.05 -1.47
C4 P1W BA . -0.24 -14.91 -2.51
C5 P1W BA . -0.12 -12.85 -0.95
H12 P1W BA . -3.95 -14.13 0.20
H11 P1W BA . -3.31 -12.62 -0.42
H2 P1W BA . -2.65 -15.32 -1.29
H41 P1W BA . 0.72 -15.21 -2.13
H42 P1W BA . -0.82 -15.78 -2.72
H51 P1W BA . 0.80 -13.22 -0.52
H52 P1W BA . -0.67 -12.32 -0.20
H53 P1W BA . 0.11 -12.19 -1.77
P 2PO CA . -7.75 10.56 -5.44
O1P 2PO CA . -8.95 11.12 -4.77
O2P 2PO CA . -6.40 11.03 -4.97
O3P 2PO CA . -7.78 8.98 -5.32
P 2PO DA . -6.55 8.17 -5.93
O1P 2PO DA . -5.32 8.22 -5.06
O2P 2PO DA . -7.05 6.89 -6.45
O3P 2PO DA . -6.23 9.08 -7.15
C1 P1W EA . -5.24 8.57 -7.93
C2 P1W EA . -5.84 8.11 -9.19
C3 P1W EA . -5.11 7.77 -10.09
C4 P1W EA . -5.66 7.30 -11.40
C5 P1W EA . -3.65 7.78 -9.88
H12 P1W EA . -4.48 9.33 -8.11
H11 P1W EA . -4.78 7.74 -7.39
H2 P1W EA . -6.71 7.50 -9.06
H41 P1W EA . -6.58 7.85 -11.60
H42 P1W EA . -4.94 7.46 -12.16
H51 P1W EA . -3.33 8.80 -9.74
H52 P1W EA . -3.18 7.35 -10.71
H53 P1W EA . -3.44 7.22 -8.98
C1 P1W FA . -6.01 5.82 -11.29
C2 P1W FA . -4.76 4.99 -11.43
C3 P1W FA . -4.56 3.85 -10.72
C4 P1W FA . -3.32 3.02 -10.82
C5 P1W FA . -5.60 3.31 -9.73
H12 P1W FA . -6.69 5.57 -12.07
H11 P1W FA . -6.45 5.63 -10.33
H2 P1W FA . -3.93 5.48 -11.91
H41 P1W FA . -3.59 1.97 -10.90
H42 P1W FA . -2.76 3.31 -11.69
H51 P1W FA . -6.58 3.35 -10.19
H52 P1W FA . -5.59 3.92 -8.83
H53 P1W FA . -5.36 2.30 -9.49
N ZAE A 1 9.35 15.02 7.10
CA ZAE A 1 8.44 15.43 6.01
C ZAE A 1 7.64 14.23 5.58
O ZAE A 1 6.41 14.23 5.63
CB ZAE A 1 7.50 16.53 6.46
CG ZAE A 1 7.48 17.71 5.53
CD1 ZAE A 1 6.29 18.33 5.20
CD2 ZAE A 1 8.66 18.20 5.00
CE1 ZAE A 1 6.28 19.42 4.35
CE2 ZAE A 1 8.66 19.28 4.15
CZ ZAE A 1 7.46 19.90 3.83
C10 ZAE A 1 10.34 16.05 7.37
H ZAE A 1 9.85 14.15 6.85
HA ZAE A 1 9.03 15.76 5.17
HB2 ZAE A 1 6.49 16.14 6.51
HB3 ZAE A 1 7.80 16.88 7.43
HD1 ZAE A 1 5.36 17.96 5.61
HD2 ZAE A 1 9.59 17.72 5.26
HE1 ZAE A 1 5.34 19.90 4.10
HE2 ZAE A 1 9.58 19.65 3.75
HZ ZAE A 1 7.45 20.75 3.17
H11 ZAE A 1 10.99 15.75 8.18
H12 ZAE A 1 9.85 16.98 7.63
H13 ZAE A 1 10.95 16.21 6.48
HN2 ZAE A 1 8.78 14.82 7.97
N ILE A 2 8.33 13.18 5.23
CA ILE A 2 7.64 12.01 4.81
C ILE A 2 7.64 10.99 5.87
N SER A 3 6.64 10.21 5.81
CA SER A 3 6.47 9.21 6.78
C SER A 3 5.60 8.13 6.20
N DGN A 4 5.49 7.07 6.94
CA DGN A 4 4.64 5.99 6.57
C DGN A 4 5.40 4.72 6.38
O DGN A 4 6.63 4.70 6.44
CB DGN A 4 3.54 5.76 7.63
CG DGN A 4 4.02 5.80 9.09
CD DGN A 4 3.55 7.04 9.86
OE1 DGN A 4 3.39 8.11 9.29
NE2 DGN A 4 3.34 6.89 11.16
H DGN A 4 6.00 7.01 7.79
HA DGN A 4 4.17 6.26 5.65
HB2 DGN A 4 3.14 4.79 7.44
HB3 DGN A 4 2.79 6.50 7.48
HG2 DGN A 4 5.08 5.74 9.13
HG3 DGN A 4 3.60 4.94 9.59
HE21 DGN A 4 3.46 6.00 11.56
HE22 DGN A 4 3.06 7.68 11.68
N 28J A 5 4.65 3.66 6.12
CA 28J A 5 5.29 2.37 6.04
CB 28J A 5 6.60 2.38 5.21
CG2 28J A 5 7.60 1.34 5.77
CG1 28J A 5 6.30 2.13 3.75
CD1 28J A 5 7.50 2.18 2.86
C 28J A 5 4.34 1.33 5.51
O 28J A 5 3.14 1.62 5.28
HA 28J A 5 5.54 2.11 7.05
H22 28J A 5 7.06 3.36 5.32
H23 28J A 5 7.48 1.27 6.85
H24 28J A 5 8.61 1.63 5.53
H25 28J A 5 7.38 0.37 5.33
H26 28J A 5 5.83 1.16 3.65
H27 28J A 5 5.60 2.89 3.41
H28 28J A 5 7.91 3.18 2.88
H29 28J A 5 7.21 1.91 1.86
H30 28J A 5 8.24 1.49 3.23
N ILE A 6 4.90 0.10 5.45
CA ILE A 6 4.26 -1.12 5.01
C ILE A 6 4.40 -2.26 6.01
N SER A 7 3.27 -2.92 6.25
CA SER A 7 3.23 -4.22 6.97
C SER A 7 1.81 -4.65 7.37
N DTH A 8 1.77 -5.80 8.07
CA DTH A 8 0.52 -6.38 8.56
CB DTH A 8 0.46 -6.47 10.10
CG2 DTH A 8 1.15 -5.28 10.78
OG1 DTH A 8 1.06 -7.70 10.52
C DTH A 8 0.27 -7.80 8.00
O DTH A 8 -0.82 -8.32 8.14
H DTH A 8 2.60 -6.28 8.24
HA DTH A 8 -0.29 -5.73 8.24
HB DTH A 8 -0.58 -6.48 10.40
HG21 DTH A 8 1.08 -5.39 11.86
HG22 DTH A 8 0.65 -4.36 10.50
HG23 DTH A 8 2.18 -5.24 10.50
N ALA A 9 1.29 -8.42 7.39
CA ALA A 9 1.15 -9.76 6.82
C ALA A 9 0.73 -10.77 7.85
N EI4 A 10 1.68 -11.16 8.65
CA EI4 A 10 1.48 -12.17 9.64
CB EI4 A 10 2.69 -13.07 9.65
CG EI4 A 10 3.71 -12.73 10.71
CD2 EI4 A 10 3.82 -13.92 11.78
NE2 EI4 A 10 5.27 -14.32 11.67
CE1 EI4 A 10 5.94 -13.57 10.71
ND1 EI4 A 10 5.07 -12.67 10.14
NT EI4 A 10 7.20 -13.59 10.48
C EI4 A 10 1.25 -11.50 10.98
O EI4 A 10 0.72 -12.11 11.91
H EI4 A 10 2.55 -10.72 8.58
HA EI4 A 10 0.62 -12.73 9.37
HB EI4 A 10 3.19 -13.00 8.69
HBA EI4 A 10 2.37 -14.08 9.80
HG1 EI4 A 10 3.47 -11.77 11.18
HD2 EI4 A 10 3.19 -14.76 11.51
HE EI4 A 10 5.69 -15.02 12.22
HND1 EI4 A 10 5.32 -12.05 9.42
HD1 EI4 A 10 3.60 -13.57 12.78
H1 EI4 A 10 7.81 -14.16 11.05
HH12 EI4 A 10 7.58 -13.06 9.72
N ILE A 11 1.65 -10.25 11.05
CA ILE A 11 1.47 -9.44 12.25
C ILE A 11 0.86 -8.09 11.88
N ZAE B 1 -5.70 -6.50 5.63
CA ZAE B 1 -4.50 -7.32 5.96
C ZAE B 1 -3.30 -6.42 5.93
O ZAE B 1 -2.95 -5.81 6.94
CB ZAE B 1 -4.66 -7.96 7.33
CG ZAE B 1 -4.19 -9.37 7.34
CD1 ZAE B 1 -3.65 -9.93 8.49
CD2 ZAE B 1 -4.30 -10.16 6.21
CE1 ZAE B 1 -3.21 -11.24 8.51
CE2 ZAE B 1 -3.88 -11.47 6.21
CZ ZAE B 1 -3.32 -12.02 7.37
C10 ZAE B 1 -6.81 -7.36 5.25
H ZAE B 1 -5.48 -5.89 4.82
HA ZAE B 1 -4.37 -8.07 5.20
HB2 ZAE B 1 -4.07 -7.41 8.05
HB3 ZAE B 1 -5.70 -7.93 7.62
HD1 ZAE B 1 -3.56 -9.33 9.38
HD2 ZAE B 1 -4.75 -9.74 5.32
HE1 ZAE B 1 -2.78 -11.66 9.40
HE2 ZAE B 1 -3.96 -12.07 5.32
HZ ZAE B 1 -2.98 -13.04 7.36
H11 ZAE B 1 -7.64 -6.75 4.95
H12 ZAE B 1 -7.10 -7.97 6.10
H13 ZAE B 1 -6.51 -8.00 4.44
HN2 ZAE B 1 -5.94 -5.90 6.45
N ILE B 2 -2.73 -6.26 4.76
CA ILE B 2 -1.61 -5.35 4.72
C ILE B 2 -2.02 -4.10 4.11
N SER B 3 -1.39 -3.10 4.65
CA SER B 3 -1.67 -1.77 4.29
C SER B 3 -0.51 -0.94 4.60
N DGN B 4 -0.59 0.22 4.08
CA DGN B 4 0.40 1.16 4.32
C DGN B 4 0.64 1.95 3.12
O DGN B 4 0.11 1.65 2.03
CB DGN B 4 0.11 2.10 5.50
CG DGN B 4 -1.18 2.92 5.47
CD DGN B 4 -2.36 2.24 6.14
OE1 DGN B 4 -2.21 1.35 6.96
NE2 DGN B 4 -3.55 2.71 5.81
H DGN B 4 -1.33 0.43 3.44
HA DGN B 4 1.30 0.62 4.53
HB2 DGN B 4 0.94 2.81 5.55
HB3 DGN B 4 0.10 1.51 6.40
HG2 DGN B 4 -1.44 3.13 4.43
HG3 DGN B 4 -1.00 3.85 5.98
HE21 DGN B 4 -3.60 3.44 5.17
HE22 DGN B 4 -4.34 2.29 6.23
N 28J B 5 1.52 2.86 3.32
CA 28J B 5 1.84 3.79 2.33
CB 28J B 5 2.12 3.14 0.93
CG2 28J B 5 1.44 3.94 -0.16
CG1 28J B 5 3.61 3.11 0.66
CD1 28J B 5 4.16 1.75 0.33
C 28J B 5 3.03 4.57 2.71
O 28J B 5 3.60 4.42 3.81
HA 28J B 5 1.00 4.45 2.22
H22 28J B 5 1.71 2.13 0.92
H23 28J B 5 2.02 4.84 -0.37
H24 28J B 5 0.45 4.26 0.18
H25 28J B 5 1.34 3.36 -1.04
H26 28J B 5 3.85 3.78 -0.15
H27 28J B 5 4.14 3.46 1.57
H28 28J B 5 3.66 1.37 -0.55
H29 28J B 5 4.01 1.08 1.15
H30 28J B 5 5.22 1.84 0.11
N ILE B 6 3.23 5.49 1.78
CA ILE B 6 4.35 6.39 1.71
C ILE B 6 3.93 7.79 1.34
N SER B 7 4.77 8.68 1.84
CA SER B 7 4.88 10.08 1.43
C SER B 7 4.60 11.15 2.49
N DTH B 8 4.69 12.41 2.03
CA DTH B 8 4.44 13.57 2.88
CB DTH B 8 3.02 14.23 2.66
CG2 DTH B 8 1.95 13.23 2.21
OG1 DTH B 8 3.07 15.25 1.69
C DTH B 8 5.51 14.64 2.68
O DTH B 8 5.60 15.61 3.44
H DTH B 8 5.04 12.56 1.12
HA DTH B 8 4.48 13.23 3.90
HB DTH B 8 2.70 14.65 3.60
HG21 DTH B 8 1.07 13.78 1.88
HG22 DTH B 8 1.68 12.58 3.01
HG23 DTH B 8 2.32 12.65 1.37
N ALA B 9 6.33 14.47 1.64
CA ALA B 9 7.42 15.41 1.34
C ALA B 9 6.92 16.80 1.05
N EI4 B 10 6.22 16.96 -0.04
CA EI4 B 10 5.76 18.28 -0.41
CB EI4 B 10 5.88 18.48 -1.92
CG EI4 B 10 4.55 18.49 -2.64
CD2 EI4 B 10 4.40 19.87 -3.49
NE2 EI4 B 10 4.53 19.38 -4.90
CE1 EI4 B 10 4.49 17.99 -4.99
ND1 EI4 B 10 4.52 17.46 -3.72
NT EI4 B 10 4.27 17.31 -6.05
C EI4 B 10 4.35 18.50 0.09
O EI4 B 10 3.90 19.62 0.32
H EI4 B 10 5.95 16.18 -0.59
HA EI4 B 10 6.41 18.99 0.08
HB EI4 B 10 6.48 17.65 -2.33
HBA EI4 B 10 6.40 19.40 -2.10
HG1 EI4 B 10 3.74 18.34 -1.94
HD2 EI4 B 10 5.17 20.58 -3.26
HE EI4 B 10 4.55 19.97 -5.68
HND1 EI4 B 10 4.45 16.50 -3.54
HD1 EI4 B 10 3.41 20.31 -3.34
H1 EI4 B 10 4.08 17.76 -6.94
HH12 EI4 B 10 4.29 16.30 -6.03
N ILE B 11 3.68 17.39 0.29
CA ILE B 11 2.32 17.36 0.79
C ILE B 11 2.22 16.39 1.93
N ZAE C 1 0.31 10.18 2.53
CA ZAE C 1 -0.11 10.36 1.13
C ZAE C 1 -0.91 9.18 0.75
O ZAE C 1 -2.11 9.14 1.02
CB ZAE C 1 -0.94 11.63 0.96
CG ZAE C 1 -0.90 12.23 -0.44
CD1 ZAE C 1 -1.61 13.42 -0.69
CD2 ZAE C 1 -0.19 11.67 -1.48
CE1 ZAE C 1 -1.59 14.02 -1.94
CE2 ZAE C 1 -0.17 12.27 -2.74
CZ ZAE C 1 -0.87 13.45 -2.97
C10 ZAE C 1 1.74 10.06 2.60
H ZAE C 1 -0.11 9.31 2.92
HA ZAE C 1 0.77 10.40 0.50
HB2 ZAE C 1 -1.97 11.40 1.20
HB3 ZAE C 1 -0.57 12.38 1.66
HD1 ZAE C 1 -2.18 13.88 0.10
HD2 ZAE C 1 0.37 10.76 -1.32
HE1 ZAE C 1 -2.15 14.92 -2.12
HE2 ZAE C 1 0.41 11.85 -3.55
HZ ZAE C 1 -0.85 13.92 -3.94
H11 ZAE C 1 2.05 9.04 2.41
H12 ZAE C 1 2.07 10.35 3.60
H13 ZAE C 1 2.22 10.72 1.88
HN2 ZAE C 1 -0.03 10.99 3.09
N ILE C 2 -0.30 8.18 0.20
CA ILE C 2 -1.12 7.06 -0.16
C ILE C 2 -1.00 5.90 0.70
N SER C 3 -2.09 5.13 0.66
CA SER C 3 -2.17 3.92 1.38
C SER C 3 -3.08 2.98 0.73
N DGN C 4 -2.97 1.79 1.25
CA DGN C 4 -3.83 0.73 0.91
C DGN C 4 -3.09 -0.54 1.05
O DGN C 4 -1.90 -0.55 1.41
CB DGN C 4 -5.17 0.77 1.75
CG DGN C 4 -5.05 0.89 3.29
CD DGN C 4 -5.88 2.02 3.90
OE1 DGN C 4 -5.97 3.11 3.35
NE2 DGN C 4 -6.52 1.76 5.03
H DGN C 4 -2.18 1.59 1.82
HA DGN C 4 -4.10 0.84 -0.14
HB2 DGN C 4 -5.71 -0.14 1.53
HB3 DGN C 4 -5.74 1.60 1.39
HG2 DGN C 4 -4.03 1.01 3.58
HG3 DGN C 4 -5.43 -0.03 3.72
HE21 DGN C 4 -6.44 0.86 5.41
HE22 DGN C 4 -7.06 2.47 5.44
N 28J C 5 -3.79 -1.60 0.76
CA 28J C 5 -3.22 -2.91 0.85
CB 28J C 5 -1.87 -3.06 0.08
CG2 28J C 5 -0.82 -3.73 0.95
CG1 28J C 5 -2.08 -3.91 -1.18
CD1 28J C 5 -1.01 -3.84 -2.21
C 28J C 5 -4.12 -3.95 0.25
O 28J C 5 -5.12 -3.63 -0.42
HA 28J C 5 -3.04 -3.14 1.88
H22 28J C 5 -1.50 -2.08 -0.20
H23 28J C 5 -0.68 -4.76 0.60
H24 28J C 5 -1.16 -3.75 1.98
H25 28J C 5 0.11 -3.20 0.87
H26 28J C 5 -2.16 -4.94 -0.87
H27 28J C 5 -3.03 -3.62 -1.64
H28 28J C 5 -0.07 -4.15 -1.77
H29 28J C 5 -0.93 -2.82 -2.57
H30 28J C 5 -1.27 -4.49 -3.04
N ILE C 6 -3.67 -5.18 0.50
CA ILE C 6 -4.31 -6.38 -0.03
C ILE C 6 -4.47 -7.42 1.02
N SER C 7 -5.47 -8.28 0.71
CA SER C 7 -5.77 -9.56 1.38
C SER C 7 -7.27 -9.80 1.67
N DTH C 8 -7.63 -10.81 2.52
CA DTH C 8 -9.07 -11.06 2.77
CB DTH C 8 -9.48 -11.03 4.26
CG2 DTH C 8 -8.81 -9.86 4.96
OG1 DTH C 8 -9.16 -12.28 4.90
C DTH C 8 -9.54 -12.37 2.21
O DTH C 8 -10.69 -12.51 1.80
H DTH C 8 -6.94 -11.39 2.94
HA DTH C 8 -9.61 -10.26 2.28
HB DTH C 8 -10.55 -10.88 4.29
HG21 DTH C 8 -9.19 -8.94 4.54
HG22 DTH C 8 -7.74 -9.92 4.81
HG23 DTH C 8 -9.03 -9.90 6.02
N ALA C 9 -8.68 -13.36 2.22
CA ALA C 9 -9.01 -14.65 1.67
C ALA C 9 -9.68 -15.53 2.65
N EI4 C 10 -8.93 -15.96 3.62
CA EI4 C 10 -9.51 -16.86 4.54
CB EI4 C 10 -8.56 -18.02 4.87
CG EI4 C 10 -7.27 -17.59 5.54
CD2 EI4 C 10 -7.28 -18.01 7.10
NE2 EI4 C 10 -6.22 -19.07 7.17
CE1 EI4 C 10 -5.52 -19.17 5.97
ND1 EI4 C 10 -6.09 -18.37 5.02
NT EI4 C 10 -4.35 -19.73 5.87
C EI4 C 10 -9.91 -16.04 5.73
O EI4 C 10 -10.80 -16.38 6.50
H EI4 C 10 -8.02 -15.57 3.77
HA EI4 C 10 -10.39 -17.24 4.09
HB EI4 C 10 -8.31 -18.54 3.94
HBA EI4 C 10 -9.08 -18.71 5.51
HG1 EI4 C 10 -7.10 -16.53 5.41
HD2 EI4 C 10 -8.23 -18.40 7.41
HE EI4 C 10 -6.01 -19.57 7.98
HND1 EI4 C 10 -5.74 -18.27 4.11
HD1 EI4 C 10 -6.99 -17.16 7.73
H1 EI4 C 10 -3.87 -20.07 6.67
HH12 EI4 C 10 -3.96 -19.87 4.95
N ILE C 11 -9.25 -14.90 5.79
CA ILE C 11 -9.47 -13.92 6.81
C ILE C 11 -9.78 -12.56 6.17
N ZAE D 1 -11.77 -14.05 -3.55
CA ZAE D 1 -10.45 -14.55 -3.08
C ZAE D 1 -9.62 -13.47 -2.39
O ZAE D 1 -9.59 -13.38 -1.17
CB ZAE D 1 -10.61 -15.74 -2.15
CG ZAE D 1 -9.38 -16.59 -2.06
CD1 ZAE D 1 -9.21 -17.49 -1.00
CD2 ZAE D 1 -8.38 -16.51 -3.03
CE1 ZAE D 1 -8.08 -18.28 -0.93
CE2 ZAE D 1 -7.26 -17.30 -2.95
CZ ZAE D 1 -7.10 -18.19 -1.89
C10 ZAE D 1 -11.68 -13.53 -4.93
H ZAE D 1 -12.09 -13.28 -2.93
HA ZAE D 1 -9.90 -14.87 -3.96
HB2 ZAE D 1 -10.83 -15.38 -1.15
HB3 ZAE D 1 -11.42 -16.36 -2.49
HD1 ZAE D 1 -9.97 -17.56 -0.26
HD2 ZAE D 1 -8.50 -15.82 -3.84
HE1 ZAE D 1 -7.96 -18.97 -0.10
HE2 ZAE D 1 -6.48 -17.22 -3.71
HZ ZAE D 1 -6.21 -18.81 -1.83
H11 ZAE D 1 -11.01 -12.68 -4.95
H12 ZAE D 1 -12.67 -13.22 -5.26
H13 ZAE D 1 -11.31 -14.30 -5.58
HN2 ZAE D 1 -12.48 -14.83 -3.48
N ILE D 2 -8.97 -12.64 -3.21
CA ILE D 2 -8.14 -11.55 -2.71
C ILE D 2 -8.81 -10.19 -2.92
N SER D 3 -8.66 -9.27 -1.98
CA SER D 3 -9.17 -7.91 -2.17
C SER D 3 -8.30 -6.89 -1.52
N DGN D 4 -8.57 -5.67 -1.90
CA DGN D 4 -7.92 -4.52 -1.38
C DGN D 4 -7.70 -3.55 -2.51
O DGN D 4 -8.04 -3.84 -3.66
CB DGN D 4 -8.74 -3.87 -0.24
CG DGN D 4 -10.25 -3.82 -0.51
CD DGN D 4 -11.06 -4.67 0.47
OE1 DGN D 4 -10.59 -5.67 0.98
NE2 DGN D 4 -12.30 -4.24 0.75
H DGN D 4 -9.26 -5.54 -2.59
HA DGN D 4 -6.96 -4.83 -0.99
HB2 DGN D 4 -8.40 -2.86 -0.12
HB3 DGN D 4 -8.57 -4.41 0.67
HG2 DGN D 4 -10.44 -4.19 -1.51
HG3 DGN D 4 -10.59 -2.80 -0.43
HE21 DGN D 4 -12.62 -3.43 0.32
HE22 DGN D 4 -12.83 -4.76 1.39
N 28J D 5 -7.15 -2.42 -2.17
CA 28J D 5 -6.89 -1.36 -3.17
CB 28J D 5 -6.22 -1.93 -4.49
CG2 28J D 5 -6.61 -1.10 -5.71
CG1 28J D 5 -4.68 -2.02 -4.38
CD1 28J D 5 -4.02 -2.61 -5.62
C 28J D 5 -6.02 -0.27 -2.56
O 28J D 5 -5.73 -0.33 -1.34
HA 28J D 5 -7.84 -0.95 -3.44
H22 28J D 5 -6.61 -2.93 -4.65
H23 28J D 5 -6.06 -0.17 -5.70
H24 28J D 5 -7.66 -0.89 -5.67
H25 28J D 5 -6.37 -1.65 -6.60
H26 28J D 5 -4.29 -1.02 -4.25
H27 28J D 5 -4.42 -2.63 -3.54
H28 28J D 5 -4.19 -1.95 -6.47
H29 28J D 5 -4.46 -3.57 -5.84
H30 28J D 5 -2.96 -2.72 -5.45
N ILE D 6 -5.74 0.79 -3.37
CA ILE D 6 -4.90 1.95 -2.99
C ILE D 6 -5.54 3.29 -3.22
N SER D 7 -5.27 4.20 -2.27
CA SER D 7 -5.57 5.64 -2.39
C SER D 7 -5.48 6.34 -1.04
N DTH D 8 -6.05 7.55 -0.97
CA DTH D 8 -6.20 8.20 0.33
CB DTH D 8 -7.65 8.65 0.61
CG2 DTH D 8 -8.65 7.58 0.20
OG1 DTH D 8 -7.92 9.89 -0.07
C DTH D 8 -5.27 9.37 0.49
O DTH D 8 -4.92 9.76 1.60
H DTH D 8 -6.17 8.07 -1.80
HA DTH D 8 -5.95 7.45 1.08
HB DTH D 8 -7.75 8.82 1.67
HG21 DTH D 8 -8.54 7.37 -0.86
HG22 DTH D 8 -9.65 7.93 0.40
HG23 DTH D 8 -8.46 6.68 0.77
N ALA D 9 -5.00 9.97 -0.65
CA ALA D 9 -4.11 11.06 -0.83
C ALA D 9 -4.76 12.32 -0.29
N EI4 D 10 -5.51 12.95 -1.16
CA EI4 D 10 -6.25 14.13 -0.81
CB EI4 D 10 -6.38 15.02 -2.03
CG EI4 D 10 -7.61 14.75 -2.88
CD2 EI4 D 10 -8.33 16.14 -3.24
NE2 EI4 D 10 -8.19 16.20 -4.75
CE1 EI4 D 10 -7.56 15.08 -5.26
ND1 EI4 D 10 -7.21 14.23 -4.24
NT EI4 D 10 -7.36 14.85 -6.50
C EI4 D 10 -7.61 13.70 -0.26
O EI4 D 10 -8.22 14.39 0.55
H EI4 D 10 -5.58 12.59 -2.08
HA EI4 D 10 -5.70 14.66 -0.04
HB EI4 D 10 -5.51 14.85 -2.65
HBA EI4 D 10 -6.39 16.03 -1.71
HG1 EI4 D 10 -8.28 14.06 -2.38
HD2 EI4 D 10 -7.81 16.98 -2.78
HE EI4 D 10 -8.52 16.95 -5.29
HND1 EI4 D 10 -6.76 13.38 -4.38
HD1 EI4 D 10 -9.37 16.13 -2.95
H1 EI4 D 10 -7.69 15.50 -7.21
HH12 EI4 D 10 -6.89 14.02 -6.80
N ILE D 11 -8.05 12.54 -0.75
CA ILE D 11 -9.30 11.95 -0.31
C ILE D 11 -9.05 10.63 0.40
N ALA E 1 10.96 -12.30 8.51
CA ALA E 1 11.51 -13.67 8.61
C ALA E 1 10.57 -14.62 9.39
N DGL E 2 11.18 -15.36 10.40
CA DGL E 2 10.27 -16.15 11.35
C DGL E 2 9.07 -15.47 11.99
O DGL E 2 9.27 -14.18 12.17
CB DGL E 2 9.47 -17.19 10.54
CG DGL E 2 10.29 -18.10 9.56
CD DGL E 2 9.61 -18.23 8.20
OE1 DGL E 2 9.61 -19.29 7.60
H DGL E 2 12.10 -15.16 10.62
HB2 DGL E 2 8.72 -16.69 9.99
HB3 DGL E 2 8.97 -17.85 11.28
HG2 DGL E 2 10.40 -19.09 9.98
HG3 DGL E 2 11.26 -17.68 9.43
N LYS E 3 9.07 -17.13 7.72
CA LYS E 3 8.40 -17.05 6.44
C LYS E 3 7.20 -18.07 6.35
N DAL E 4 6.48 -18.04 7.51
CA DAL E 4 5.13 -18.74 7.92
CB DAL E 4 5.04 -20.43 8.01
C DAL E 4 4.05 -17.75 7.12
O DAL E 4 3.45 -18.15 6.12
H DAL E 4 6.86 -17.46 8.21
HA DAL E 4 5.07 -19.02 7.42
HB1 DAL E 4 5.85 -20.79 8.65
HB2 DAL E 4 5.11 -20.91 7.06
HB3 DAL E 4 4.10 -20.75 8.49
N DAL E 5 4.00 -16.40 7.59
CA DAL E 5 3.04 -15.39 6.93
CB DAL E 5 1.66 -16.10 7.05
C DAL E 5 3.63 -15.34 5.57
O DAL E 5 2.91 -15.13 4.62
OXT DAL E 5 4.85 -14.99 5.64
H DAL E 5 4.68 -16.12 8.25
HA DAL E 5 2.98 -14.21 6.97
HB1 DAL E 5 1.83 -17.14 6.81
HB2 DAL E 5 0.96 -15.69 6.38
HB3 DAL E 5 1.19 -16.07 8.07
N ALA F 1 2.52 14.00 -8.12
CA ALA F 1 2.80 14.77 -9.33
C ALA F 1 3.68 16.00 -9.03
N DGL F 2 4.95 15.86 -9.29
CA DGL F 2 5.91 17.09 -9.22
C DGL F 2 7.35 17.14 -8.52
O DGL F 2 7.94 18.14 -8.76
CB DGL F 2 6.46 17.31 -10.68
CG DGL F 2 7.09 15.98 -11.32
CD DGL F 2 8.63 16.01 -11.47
OE1 DGL F 2 9.17 16.29 -12.53
H DGL F 2 5.32 15.10 -9.73
HB2 DGL F 2 7.29 18.01 -10.63
HB3 DGL F 2 5.72 17.68 -11.35
HG2 DGL F 2 6.69 15.84 -12.34
HG3 DGL F 2 6.81 15.12 -10.74
N LYS F 3 9.31 15.71 -10.37
CA LYS F 3 10.76 15.67 -10.31
C LYS F 3 11.41 17.09 -10.56
N DAL F 4 10.71 18.06 -9.90
CA DAL F 4 11.01 19.58 -9.69
CB DAL F 4 10.54 20.64 -10.97
C DAL F 4 12.52 19.50 -8.93
O DAL F 4 13.54 19.77 -9.52
H DAL F 4 9.89 17.74 -9.45
HA DAL F 4 11.40 19.70 -10.12
HB1 DAL F 4 11.18 20.55 -11.80
HB2 DAL F 4 10.59 21.70 -10.62
HB3 DAL F 4 9.51 20.48 -11.27
N DAL F 5 12.48 19.02 -7.61
CA DAL F 5 13.65 19.01 -6.50
CB DAL F 5 14.10 20.47 -6.67
C DAL F 5 14.49 17.97 -7.47
O DAL F 5 15.76 18.10 -7.63
OXT DAL F 5 13.97 16.83 -7.73
H DAL F 5 11.58 18.71 -7.34
HA DAL F 5 14.61 18.74 -6.13
HB1 DAL F 5 13.47 21.13 -6.05
HB2 DAL F 5 14.02 20.74 -7.66
HB3 DAL F 5 15.11 20.56 -6.31
N ALA G 1 -1.21 -21.20 4.16
CA ALA G 1 -1.18 -22.49 3.40
C ALA G 1 -2.56 -23.05 2.94
N DGL G 2 -3.49 -22.18 2.83
CA DGL G 2 -4.83 -22.36 2.68
C DGL G 2 -5.24 -20.99 3.23
O DGL G 2 -6.39 -20.84 3.54
CB DGL G 2 -5.43 -22.32 1.22
CG DGL G 2 -5.04 -23.53 0.53
CD DGL G 2 -3.94 -23.32 -0.47
OE1 DGL G 2 -3.89 -24.01 -1.49
H DGL G 2 -3.25 -21.27 2.77
HB2 DGL G 2 -5.08 -21.45 0.74
HB3 DGL G 2 -6.58 -22.26 1.31
HG2 DGL G 2 -5.89 -23.91 0.02
HG3 DGL G 2 -4.69 -24.21 1.25
N LYS G 3 -3.04 -22.45 -0.13
CA LYS G 3 -1.93 -22.13 -0.94
C LYS G 3 -2.35 -21.51 -2.31
N DAL G 4 -2.80 -20.23 -2.12
CA DAL G 4 -3.26 -19.12 -3.13
CB DAL G 4 -4.08 -19.63 -4.55
C DAL G 4 -1.88 -18.13 -3.13
O DAL G 4 -0.85 -18.44 -3.68
H DAL G 4 -2.86 -19.95 -1.17
HA DAL G 4 -2.94 -19.26 -3.62
HB1 DAL G 4 -4.97 -20.20 -4.26
HB2 DAL G 4 -3.48 -20.23 -5.19
HB3 DAL G 4 -4.44 -18.76 -5.13
N DAL G 5 -2.00 -16.98 -2.34
CA DAL G 5 -1.00 -15.74 -2.16
CB DAL G 5 -0.89 -15.55 -3.75
C DAL G 5 0.12 -16.72 -1.51
O DAL G 5 1.31 -16.19 -1.31
OXT DAL G 5 -0.22 -17.67 -0.78
H DAL G 5 -2.85 -16.94 -1.82
HA DAL G 5 -0.09 -15.29 -2.15
HB1 DAL G 5 -0.05 -14.82 -3.94
HB2 DAL G 5 -1.78 -15.04 -4.07
HB3 DAL G 5 -0.72 -16.41 -4.29
N ALA H 1 -11.25 12.79 -9.70
CA ALA H 1 -11.50 13.84 -10.71
C ALA H 1 -10.51 15.01 -10.55
N DGL H 2 -10.97 16.06 -9.73
CA DGL H 2 -9.95 17.12 -9.44
C DGL H 2 -8.45 16.86 -9.44
O DGL H 2 -7.75 17.14 -10.46
CB DGL H 2 -10.01 18.26 -10.53
CG DGL H 2 -10.73 17.90 -11.86
CD DGL H 2 -9.76 17.79 -13.05
OE1 DGL H 2 -9.70 18.67 -13.91
H DGL H 2 -11.83 15.98 -9.31
HA DGL H 2 -9.68 16.31 -9.68
HB2 DGL H 2 -8.98 18.50 -10.76
HB3 DGL H 2 -10.46 19.18 -10.11
HG2 DGL H 2 -11.46 18.67 -12.10
HG3 DGL H 2 -11.25 16.95 -11.75
N LYS H 3 -9.01 16.71 -13.09
CA LYS H 3 -8.05 16.42 -14.13
C LYS H 3 -6.84 17.43 -14.11
N DAL H 4 -6.45 17.69 -12.84
CA DAL H 4 -5.27 18.55 -12.24
CB DAL H 4 -4.66 19.79 -13.24
C DAL H 4 -4.38 17.28 -11.56
O DAL H 4 -3.22 17.03 -11.91
H DAL H 4 -7.06 17.31 -12.14
HA DAL H 4 -4.85 18.39 -12.62
HB1 DAL H 4 -4.18 19.39 -14.12
HB2 DAL H 4 -3.90 20.38 -12.69
HB3 DAL H 4 -5.44 20.48 -13.53
N DAL H 5 -5.07 16.55 -10.58
CA DAL H 5 -4.42 15.29 -9.80
CB DAL H 5 -3.05 15.74 -9.35
C DAL H 5 -4.16 13.96 -10.72
O DAL H 5 -5.11 13.73 -11.55
OXT DAL H 5 -3.41 13.02 -10.38
H DAL H 5 -6.03 16.68 -10.56
HA DAL H 5 -4.68 15.26 -10.52
HB1 DAL H 5 -3.18 16.57 -8.67
HB2 DAL H 5 -2.44 16.07 -10.19
HB3 DAL H 5 -2.53 14.96 -8.82
C1 MUB I . 6.99 -9.58 7.85
C2 MUB I . 8.38 -8.98 7.77
C3 MUB I . 9.08 -9.51 6.53
C4 MUB I . 8.69 -10.97 6.32
C5 MUB I . 7.20 -11.03 5.93
C6 MUB I . 6.53 -12.32 6.37
C7 MUB I . 8.41 -6.86 6.59
C8 MUB I . 8.35 -5.33 6.65
C9 MUB I . 10.98 -9.89 7.95
C10 MUB I . 11.65 -11.26 7.95
C11 MUB I . 11.11 -8.95 9.20
O1 MUB I . 6.14 -8.66 8.42
O3 MUB I . 10.51 -9.36 6.69
O4 MUB I . 9.52 -11.64 5.31
O5 MUB I . 6.49 -9.92 6.55
O6 MUB I . 6.72 -12.56 7.77
O7 MUB I . 8.48 -7.43 5.51
O10 MUB I . 12.73 -11.38 7.39
N2 MUB I . 8.34 -7.53 7.75
H1 MUB I . 6.99 -10.50 8.45
H2 MUB I . 8.81 -9.24 8.74
HN2 MUB I . 8.28 -7.03 8.60
H81 MUB I . 9.20 -4.96 7.23
H82 MUB I . 7.44 -5.01 7.13
H83 MUB I . 8.38 -4.94 5.64
H3 MUB I . 8.89 -8.86 5.66
H9 MUB I . 10.11 -10.46 8.10
H111 MUB I . 11.41 -7.94 8.88
H112 MUB I . 11.85 -9.32 9.83
H113 MUB I . 10.18 -8.93 9.76
H4 MUB I . 9.05 -11.60 7.14
H5 MUB I . 7.02 -11.06 4.91
H61 MUB I . 7.10 -13.14 5.88
H62 MUB I . 5.44 -12.41 6.11
HO6 MUB I . 6.41 -13.43 8.05
C1 NAG I . 10.02 -10.78 4.26
C2 NAG I . 10.72 -11.65 3.21
C3 NAG I . 11.28 -10.77 2.10
C4 NAG I . 10.17 -9.88 1.54
C5 NAG I . 9.47 -9.11 2.66
C6 NAG I . 8.32 -8.27 2.14
C7 NAG I . 12.92 -11.90 4.23
C8 NAG I . 13.88 -12.91 4.88
N2 NAG I . 11.78 -12.45 3.83
O3 NAG I . 11.79 -11.59 1.05
O4 NAG I . 10.72 -8.97 0.61
O5 NAG I . 8.96 -10.03 3.65
O6 NAG I . 7.29 -9.08 1.59
O7 NAG I . 13.35 -10.85 3.76
H1 NAG I . 10.71 -10.13 4.76
H2 NAG I . 10.23 -12.47 2.76
H3 NAG I . 12.10 -10.12 2.46
H4 NAG I . 9.58 -10.59 0.91
H5 NAG I . 10.11 -8.37 3.16
H61 NAG I . 8.61 -7.58 1.33
H62 NAG I . 7.95 -7.64 2.97
H81 NAG I . 14.80 -12.40 5.15
H82 NAG I . 14.11 -13.70 4.18
H83 NAG I . 13.40 -13.35 5.76
HN2 NAG I . 11.47 -13.28 4.24
HO3 NAG I . 12.59 -12.03 1.33
HO4 NAG I . 11.29 -9.46 0.01
HO6 NAG I . 6.54 -8.96 2.19
C1 MUB J . 4.13 12.81 -3.84
C2 MUB J . 3.05 11.86 -4.31
C3 MUB J . 3.40 11.28 -5.65
C4 MUB J . 4.40 12.17 -6.40
C5 MUB J . 5.71 12.26 -5.61
C6 MUB J . 6.58 13.47 -5.97
C7 MUB J . 3.51 9.64 -3.49
C8 MUB J . 3.26 8.56 -2.43
C9 MUB J . 1.51 12.25 -6.72
C10 MUB J . 1.72 12.91 -8.08
C11 MUB J . 0.28 12.68 -5.85
O1 MUB J . 4.05 12.96 -2.47
O3 MUB J . 2.22 11.04 -6.43
O4 MUB J . 4.64 11.73 -7.77
O5 MUB J . 5.44 12.31 -4.18
O6 MUB J . 5.82 14.67 -5.96
O7 MUB J . 4.19 9.39 -4.47
O10 MUB J . 1.25 12.38 -9.08
N2 MUB J . 2.85 10.80 -3.35
H1 MUB J . 4.03 13.80 -4.32
H2 MUB J . 2.15 12.48 -4.28
HN2 MUB J . 2.29 10.96 -2.55
H81 MUB J . 4.21 8.09 -2.18
H82 MUB J . 2.59 7.81 -2.82
H83 MUB J . 2.81 9.02 -1.56
H3 MUB J . 3.82 10.26 -5.54
H9 MUB J . 2.31 12.85 -6.44
H111 MUB J . -0.31 11.80 -5.55
H112 MUB J . -0.34 13.32 -6.39
H113 MUB J . 0.64 13.25 -4.97
H4 MUB J . 3.94 13.13 -6.74
H5 MUB J . 6.39 11.49 -5.83
H61 MUB J . 6.81 13.33 -7.06
H62 MUB J . 7.57 13.56 -5.44
HO6 MUB J . 6.20 15.39 -6.50
C1 NAG J . 4.80 10.31 -7.93
C2 NAG J . 5.28 10.02 -9.37
C3 NAG J . 5.47 8.52 -9.58
C4 NAG J . 6.36 7.94 -8.49
C5 NAG J . 5.85 8.31 -7.10
C6 NAG J . 6.77 7.82 -5.99
C7 NAG J . 3.17 10.08 -10.57
C8 NAG J . 2.37 10.85 -11.65
N2 NAG J . 4.38 10.59 -10.35
O3 NAG J . 6.06 8.30 -10.86
O4 NAG J . 6.39 6.52 -8.61
O5 NAG J . 5.75 9.76 -6.99
O6 NAG J . 7.94 8.61 -5.90
O7 NAG J . 2.88 8.91 -10.31
H1 NAG J . 3.81 9.90 -7.73
H2 NAG J . 6.16 10.51 -9.69
H3 NAG J . 4.51 7.98 -9.56
H4 NAG J . 7.39 8.26 -8.80
H5 NAG J . 4.88 7.87 -6.84
H61 NAG J . 7.13 6.79 -6.18
H62 NAG J . 6.19 7.80 -5.06
H81 NAG J . 1.37 10.42 -11.72
H82 NAG J . 2.87 10.74 -12.59
H83 NAG J . 2.34 11.90 -11.37
HN2 NAG J . 4.55 11.52 -10.58
HO3 NAG J . 6.29 7.38 -10.97
HO4 NAG J . 5.52 6.19 -8.41
HO6 NAG J . 7.64 9.51 -6.00
C1 MUB K . -3.05 -17.08 3.67
C2 MUB K . -1.90 -17.12 4.68
C3 MUB K . -0.58 -17.48 3.97
C4 MUB K . -0.84 -18.34 2.75
C5 MUB K . -1.65 -17.54 1.72
C6 MUB K . -2.43 -18.45 0.78
C7 MUB K . -0.93 -14.91 4.86
C8 MUB K . -0.83 -13.59 5.63
C9 MUB K . -0.23 -19.34 5.43
C10 MUB K . -0.06 -20.63 4.64
C11 MUB K . -0.67 -19.42 6.93
O1 MUB K . -4.03 -16.21 4.14
O3 MUB K . 0.31 -18.12 4.89
O4 MUB K . 0.40 -18.82 2.16
O5 MUB K . -2.61 -16.65 2.37
O6 MUB K . -2.82 -19.65 1.43
O7 MUB K . -0.34 -15.05 3.79
O10 MUB K . 1.07 -21.08 4.44
N2 MUB K . -1.76 -15.85 5.36
H1 MUB K . -3.53 -18.07 3.59
H2 MUB K . -2.20 -17.83 5.46
HN2 MUB K . -2.21 -15.71 6.23
H81 MUB K . -1.79 -13.08 5.62
H82 MUB K . -0.09 -12.96 5.15
H83 MUB K . -0.51 -13.80 6.64
H3 MUB K . -0.02 -16.57 3.74
H9 MUB K . -1.10 -19.28 4.85
H111 MUB K . 0.09 -18.97 7.57
H112 MUB K . -0.78 -20.41 7.20
H113 MUB K . -1.65 -18.94 7.03
H4 MUB K . -1.15 -19.37 2.97
H5 MUB K . -1.06 -16.99 1.04
H61 MUB K . -1.61 -18.81 0.12
H62 MUB K . -3.19 -17.99 0.09
HO6 MUB K . -3.50 -19.52 2.12
C1 NAG K . 1.48 -17.87 2.15
C2 NAG K . 2.66 -18.40 1.32
C3 NAG K . 3.83 -17.41 1.35
C4 NAG K . 3.32 -16.01 0.97
C5 NAG K . 2.16 -15.60 1.86
C6 NAG K . 1.59 -14.23 1.54
C7 NAG K . 3.74 -19.96 2.87
C8 NAG K . 3.97 -21.46 3.16
N2 NAG K . 3.02 -19.73 1.77
O3 NAG K . 4.83 -17.82 0.44
O4 NAG K . 4.37 -15.05 1.08
O5 NAG K . 1.08 -16.56 1.71
O6 NAG K . 1.41 -14.05 0.15
O7 NAG K . 4.58 -19.16 3.27
H1 NAG K . 1.66 -17.78 3.08
H2 NAG K . 2.45 -18.67 0.31
H3 NAG K . 4.30 -17.33 2.35
H4 NAG K . 3.21 -16.02 -0.12
H5 NAG K . 2.37 -15.47 2.93
H61 NAG K . 2.27 -13.42 1.88
H62 NAG K . 0.67 -14.13 2.12
H81 NAG K . 3.01 -21.93 3.36
H82 NAG K . 4.60 -21.57 4.03
H83 NAG K . 4.46 -21.92 2.31
HN2 NAG K . 2.36 -20.41 1.50
HO3 NAG K . 5.35 -17.08 0.11
HO4 NAG K . 4.03 -14.21 0.73
HO6 NAG K . 1.43 -14.94 -0.25
C1 MUB L . -7.91 10.77 -6.99
C2 MUB L . -9.29 10.19 -7.12
C3 MUB L . -9.54 9.73 -8.56
C4 MUB L . -8.97 10.73 -9.57
C5 MUB L . -7.46 10.90 -9.38
C6 MUB L . -7.03 12.37 -9.44
C7 MUB L . -9.04 7.84 -6.62
C8 MUB L . -9.20 6.67 -5.64
C9 MUB L . -11.69 10.72 -8.40
C10 MUB L . -12.05 11.70 -9.53
C11 MUB L . -12.43 10.82 -7.03
O1 MUB L . -7.36 10.36 -5.79
O3 MUB L . -10.95 9.54 -8.74
O4 MUB L . -9.27 10.33 -10.94
O5 MUB L . -7.05 10.35 -8.08
O6 MUB L . -7.91 13.19 -8.68
O7 MUB L . -8.66 7.62 -7.78
O10 MUB L . -12.94 11.40 -10.30
N2 MUB L . -9.44 9.05 -6.23
H1 MUB L . -7.89 11.87 -7.03
H2 MUB L . -9.87 11.03 -6.75
HN2 MUB L . -9.74 9.19 -5.30
H81 MUB L . -10.23 6.60 -5.33
H82 MUB L . -8.58 6.84 -4.78
H83 MUB L . -8.87 5.76 -6.15
H3 MUB L . -9.09 8.73 -8.71
H9 MUB L . -10.83 11.33 -8.34
H111 MUB L . -12.97 9.89 -6.82
H112 MUB L . -13.11 11.61 -7.06
H113 MUB L . -11.70 11.04 -6.23
H4 MUB L . -9.60 11.63 -9.68
H5 MUB L . -6.88 10.49 -10.14
H61 MUB L . -7.23 12.69 -10.47
H62 MUB L . -5.94 12.59 -9.26
HO6 MUB L . -7.89 14.11 -8.97
C1 NAG L . -9.24 8.91 -11.20
C2 NAG L . -9.48 8.66 -12.70
C3 NAG L . -9.46 7.17 -13.01
C4 NAG L . -8.17 6.54 -12.44
C5 NAG L . -8.00 6.89 -10.96
C6 NAG L . -6.70 6.34 -10.40
C7 NAG L . -11.91 8.86 -12.64
C8 NAG L . -13.12 9.62 -13.21
N2 NAG L . -10.73 9.27 -13.14
O3 NAG L . -9.47 6.98 -14.42
O4 NAG L . -8.25 5.13 -12.60
O5 NAG L . -7.99 8.32 -10.80
O6 NAG L . -5.60 7.14 -10.78
O7 NAG L . -12.05 7.78 -12.09
H1 NAG L . -10.07 8.52 -10.60
H2 NAG L . -8.87 9.15 -13.43
H3 NAG L . -10.32 6.66 -12.57
H4 NAG L . -7.40 6.88 -13.17
H5 NAG L . -8.77 6.45 -10.31
H61 NAG L . -6.48 5.31 -10.76
H62 NAG L . -6.82 6.29 -9.30
H81 NAG L . -14.01 9.29 -12.69
H82 NAG L . -13.21 9.41 -14.25
H83 NAG L . -12.97 10.69 -13.07
HN2 NAG L . -10.67 10.14 -13.56
HO3 NAG L . -10.34 7.19 -14.77
HO4 NAG L . -8.55 4.94 -13.48
HO6 NAG L . -5.87 8.04 -10.59
P 2PO M . 4.58 -8.87 8.32
O1P 2PO M . 3.86 -7.67 8.83
O2P 2PO M . 4.23 -10.19 8.91
O3P 2PO M . 4.40 -8.93 6.74
P 2PO N . 4.42 -7.55 5.94
O1P 2PO N . 3.12 -6.90 6.15
O2P 2PO N . 5.65 -6.83 6.31
O3P 2PO N . 4.53 -8.04 4.42
C1 P1W O . 4.15 -7.16 3.37
C2 P1W O . 4.50 -7.79 2.03
C3 P1W O . 3.92 -8.89 1.51
C4 P1W O . 4.35 -9.46 0.16
C5 P1W O . 2.78 -9.68 2.20
H12 P1W O . 3.09 -6.95 3.41
H11 P1W O . 4.71 -6.22 3.47
H2 P1W O . 5.25 -7.27 1.48
H41 P1W O . 5.20 -10.10 0.29
H42 P1W O . 3.53 -10.02 -0.26
H51 P1W O . 3.11 -10.67 2.46
H52 P1W O . 1.93 -9.74 1.52
H53 P1W O . 2.47 -9.16 3.10
C1 P1W P . 4.73 -8.35 -0.83
C2 P1W P . 3.80 -8.40 -2.00
C3 P1W P . 2.75 -7.60 -2.15
C4 P1W P . 1.84 -7.70 -3.33
C5 P1W P . 2.38 -6.49 -1.14
H12 P1W P . 5.75 -8.50 -1.17
H11 P1W P . 4.65 -7.39 -0.36
H2 P1W P . 3.84 -9.33 -2.54
H41 P1W P . 2.27 -8.38 -4.06
H42 P1W P . 0.88 -8.09 -3.01
H51 P1W P . 2.94 -5.59 -1.37
H52 P1W P . 2.61 -6.82 -0.14
H53 P1W P . 1.32 -6.28 -1.21
C1 P1W Q . 10.89 5.33 0.04
C2 P1W Q . 11.54 4.48 -1.02
C3 P1W Q . 11.42 4.71 -2.34
C4 P1W Q . 12.07 3.84 -3.43
C5 P1W Q . 10.61 5.87 -2.87
H12 P1W Q . 10.29 6.10 -0.44
H11 P1W Q . 10.25 4.71 0.64
H2 P1W Q . 12.01 3.58 -0.65
H43 P1W Q . 13.09 4.16 -3.59
H41 P1W Q . 11.51 3.96 -4.34
H42 P1W Q . 12.06 2.80 -3.13
H51 P1W Q . 10.72 5.91 -3.95
H52 P1W Q . 10.99 6.79 -2.44
H53 P1W Q . 9.57 5.75 -2.61
C1 P1W R . 1.66 -6.33 -3.96
C2 P1W R . 2.93 -5.91 -4.64
C3 P1W R . 3.33 -4.63 -4.69
C4 P1W R . 4.62 -4.16 -5.38
C5 P1W R . 2.54 -3.51 -4.03
H12 P1W R . 1.41 -5.62 -3.18
H11 P1W R . 0.86 -6.36 -4.68
H2 P1W R . 3.42 -6.66 -5.22
H43 P1W R . 4.94 -3.23 -4.93
H41 P1W R . 4.42 -3.99 -6.43
H42 P1W R . 5.38 -4.90 -5.27
H51 P1W R . 1.52 -3.53 -4.41
H52 P1W R . 3.00 -2.58 -4.28
H53 P1W R . 2.53 -3.66 -2.97
P 2PO S . 5.02 13.94 -1.69
O1P 2PO S . 4.82 13.82 -0.23
O2P 2PO S . 4.92 15.29 -2.29
O3P 2PO S . 6.40 13.30 -2.05
P 2PO T . 6.69 11.84 -1.49
O1P 2PO T . 6.82 11.93 -0.01
O2P 2PO T . 5.67 10.92 -2.07
O3P 2PO T . 8.09 11.50 -2.10
C1 P1W U . 9.21 12.27 -1.70
C2 P1W U . 10.18 11.34 -1.02
C3 P1W U . 11.36 11.68 -0.54
C4 P1W U . 12.26 10.67 0.10
C5 P1W U . 11.90 13.09 -0.62
H12 P1W U . 9.65 12.73 -2.56
H11 P1W U . 8.87 13.04 -1.01
H2 P1W U . 9.74 10.43 -0.67
H41 P1W U . 13.25 11.07 0.25
H42 P1W U . 11.85 10.35 1.05
H51 P1W U . 11.47 13.59 -1.48
H52 P1W U . 12.98 13.06 -0.72
H53 P1W U . 11.63 13.63 0.28
C1 P1W V . -0.35 -11.68 -2.63
C2 P1W V . -1.06 -10.72 -3.53
C3 P1W V . -1.06 -10.84 -4.87
C4 P1W V . -1.76 -9.86 -5.76
C5 P1W V . -0.34 -11.97 -5.61
H12 P1W V . -0.65 -12.68 -2.83
H11 P1W V . 0.72 -11.57 -2.79
H2 P1W V . -1.29 -9.78 -3.08
H41 P1W V . -2.08 -10.36 -6.67
H42 P1W V . -2.63 -9.47 -5.24
H51 P1W V . 0.61 -12.16 -5.14
H52 P1W V . -0.18 -11.69 -6.64
H53 P1W V . -0.94 -12.88 -5.58
C1 P1W W . -0.82 -8.72 -6.11
C2 P1W W . -1.52 -7.66 -6.92
C3 P1W W . -1.43 -7.57 -8.27
C4 P1W W . -2.16 -6.50 -9.11
C5 P1W W . -0.61 -8.58 -9.09
H12 P1W W . 0.02 -9.12 -6.66
H11 P1W W . -0.45 -8.26 -5.19
H2 P1W W . -2.03 -6.91 -6.35
H43 P1W W . -1.48 -5.70 -9.39
H41 P1W W . -2.99 -6.09 -8.56
H42 P1W W . -2.54 -6.97 -10.02
H51 P1W W . 0.44 -8.41 -8.91
H52 P1W W . -0.82 -8.44 -10.13
H53 P1W W . -0.89 -9.58 -8.79
C1 P1W X . 3.51 4.49 -5.94
C2 P1W X . 4.99 4.25 -5.80
C3 P1W X . 5.53 3.67 -4.72
C4 P1W X . 7.04 3.40 -4.56
C5 P1W X . 4.70 3.23 -3.53
H12 P1W X . 2.96 3.64 -5.55
H11 P1W X . 3.23 5.38 -5.40
H2 P1W X . 5.58 4.53 -6.64
H43 P1W X . 7.58 3.84 -5.37
H41 P1W X . 7.20 2.33 -4.55
H42 P1W X . 7.39 3.82 -3.62
H51 P1W X . 3.94 2.54 -3.87
H52 P1W X . 4.23 4.09 -3.08
H53 P1W X . 5.33 2.73 -2.81
C1 P1W Y . 12.35 9.47 -0.80
C2 P1W Y . 11.82 8.27 -0.07
C3 P1W Y . 12.55 7.18 0.22
C4 P1W Y . 11.96 5.99 0.92
C5 P1W Y . 14.04 7.06 -0.12
H12 P1W Y . 13.37 9.29 -1.13
H11 P1W Y . 11.72 9.63 -1.67
H2 P1W Y . 10.75 8.24 0.01
H41 P1W Y . 12.74 5.27 1.12
H42 P1W Y . 11.51 6.29 1.85
H51 P1W Y . 14.18 7.22 -1.17
H52 P1W Y . 14.40 6.08 0.17
H53 P1W Y . 14.59 7.82 0.43
P 2PO Z . -5.34 -15.89 3.26
O1P 2PO Z . -6.32 -15.10 4.09
O2P 2PO Z . -5.82 -17.13 2.63
O3P 2PO Z . -4.79 -14.92 2.16
P 2PO AA . -4.45 -13.45 2.61
O1P 2PO AA . -5.72 -12.68 2.82
O2P 2PO AA . -3.46 -13.54 3.71
O3P 2PO AA . -3.74 -12.90 1.33
C1 P1W BA . -3.07 -13.82 0.51
C2 P1W BA . -1.86 -13.14 -0.04
C3 P1W BA . -1.91 -11.98 -0.69
C4 P1W BA . -0.66 -11.32 -1.18
C5 P1W BA . -3.21 -11.24 -0.96
H12 P1W BA . -2.77 -14.68 1.11
H11 P1W BA . -3.72 -14.14 -0.29
H2 P1W BA . -0.94 -13.42 0.40
H41 P1W BA . -0.75 -10.26 -1.08
H42 P1W BA . 0.18 -11.66 -0.57
H51 P1W BA . -3.45 -10.61 -0.13
H52 P1W BA . -4.00 -11.96 -1.11
H53 P1W BA . -3.10 -10.66 -1.86
P 2PO CA . -6.26 11.25 -5.06
O1P 2PO CA . -6.58 11.42 -3.60
O2P 2PO CA . -6.05 12.48 -5.88
O3P 2PO CA . -5.05 10.29 -5.19
P 2PO DA . -5.37 8.80 -4.78
O1P 2PO DA . -5.86 8.84 -3.36
O2P 2PO DA . -6.26 8.21 -5.82
O3P 2PO DA . -3.95 8.12 -4.80
C1 P1W EA . -2.92 8.70 -5.61
C2 P1W EA . -2.53 7.69 -6.65
C3 P1W EA . -1.50 7.79 -7.51
C4 P1W EA . -1.21 6.68 -8.51
C5 P1W EA . -0.54 9.00 -7.61
H12 P1W EA . -3.30 9.60 -6.07
H11 P1W EA . -2.08 8.94 -4.98
H2 P1W EA . -3.08 6.77 -6.61
H41 P1W EA . -2.14 6.41 -8.99
H42 P1W EA . -0.51 7.02 -9.22
H51 P1W EA . -1.06 9.84 -8.05
H52 P1W EA . 0.32 8.74 -8.22
H53 P1W EA . -0.20 9.27 -6.62
C1 P1W FA . -0.66 5.43 -7.82
C2 P1W FA . 0.84 5.55 -7.71
C3 P1W FA . 1.65 4.49 -7.56
C4 P1W FA . 3.13 4.66 -7.41
C5 P1W FA . 1.16 3.04 -7.53
H12 P1W FA . -0.90 4.57 -8.42
H11 P1W FA . -1.08 5.33 -6.84
H2 P1W FA . 1.19 6.54 -7.49
H41 P1W FA . 3.64 3.91 -8.01
H42 P1W FA . 3.42 5.65 -7.74
H51 P1W FA . 0.67 2.81 -8.46
H52 P1W FA . 0.47 2.91 -6.72
H53 P1W FA . 2.01 2.38 -7.40
N ZAE A 1 14.56 7.09 -3.46
CA ZAE A 1 13.89 7.00 -4.80
C ZAE A 1 12.44 6.61 -4.65
O ZAE A 1 11.65 6.74 -5.58
CB ZAE A 1 13.98 8.33 -5.52
CG ZAE A 1 14.46 8.22 -6.93
CD1 ZAE A 1 13.63 7.72 -7.92
CD2 ZAE A 1 15.73 8.64 -7.27
CE1 ZAE A 1 14.07 7.66 -9.23
CE2 ZAE A 1 16.17 8.58 -8.58
CZ ZAE A 1 15.35 8.09 -9.56
C10 ZAE A 1 16.01 7.27 -3.63
H ZAE A 1 14.41 6.21 -2.94
HA ZAE A 1 14.40 6.24 -5.38
HB2 ZAE A 1 12.99 8.78 -5.53
HB3 ZAE A 1 14.66 8.97 -4.99
HD1 ZAE A 1 12.64 7.38 -7.68
HD2 ZAE A 1 16.38 9.03 -6.50
HE1 ZAE A 1 13.41 7.28 -10.00
HE2 ZAE A 1 17.17 8.91 -8.82
HZ ZAE A 1 15.68 8.05 -10.58
H11 ZAE A 1 16.49 7.29 -2.66
H12 ZAE A 1 16.20 8.21 -4.13
H13 ZAE A 1 16.41 6.47 -4.22
HN2 ZAE A 1 14.14 7.90 -2.93
N ILE A 2 12.10 6.18 -3.46
CA ILE A 2 10.76 5.75 -3.19
C ILE A 2 10.34 6.12 -1.80
N SER A 3 9.11 6.64 -1.62
CA SER A 3 8.70 6.86 -0.26
C SER A 3 7.49 6.06 0.01
N DGN A 4 7.52 5.54 1.20
CA DGN A 4 6.46 4.79 1.75
C DGN A 4 7.06 3.75 2.64
O DGN A 4 8.24 3.77 2.95
CB DGN A 4 5.48 5.70 2.50
CG DGN A 4 5.73 5.83 4.01
CD DGN A 4 6.53 7.06 4.36
OE1 DGN A 4 5.95 8.13 4.58
NE2 DGN A 4 7.85 6.93 4.48
H DGN A 4 8.33 5.65 1.73
HA DGN A 4 5.94 4.30 0.94
HB2 DGN A 4 4.48 5.31 2.37
HB3 DGN A 4 5.52 6.69 2.07
HG2 DGN A 4 6.25 4.96 4.35
HG3 DGN A 4 4.77 5.91 4.49
HE21 DGN A 4 8.25 6.05 4.32
HE22 DGN A 4 8.36 7.73 4.73
N 28J A 5 6.23 2.81 2.95
CA 28J A 5 6.65 1.73 3.85
CB 28J A 5 8.12 1.26 3.58
CG2 28J A 5 8.77 0.79 4.88
CG1 28J A 5 8.19 0.14 2.54
CD1 28J A 5 9.58 -0.11 1.99
C 28J A 5 5.68 0.55 3.80
O 28J A 5 4.65 0.65 3.07
HA 28J A 5 6.61 2.14 4.85
H22 28J A 5 8.68 2.11 3.22
H23 28J A 5 8.45 1.41 5.70
H24 28J A 5 9.84 0.84 4.77
H25 28J A 5 8.49 -0.24 5.07
H26 28J A 5 7.87 -0.79 3.00
H27 28J A 5 7.53 0.36 1.72
H28 28J A 5 10.27 -0.32 2.81
H29 28J A 5 9.92 0.78 1.47
H30 28J A 5 9.56 -0.93 1.30
N ILE A 6 6.02 -0.48 4.65
CA ILE A 6 5.31 -1.77 4.79
C ILE A 6 4.97 -2.16 6.24
N SER A 7 3.91 -2.97 6.37
CA SER A 7 3.45 -3.66 7.63
C SER A 7 2.30 -4.57 7.43
N DTH A 8 2.19 -5.61 8.28
CA DTH A 8 1.00 -6.43 8.17
CB DTH A 8 0.38 -6.83 9.50
CG2 DTH A 8 0.45 -5.69 10.53
OG1 DTH A 8 1.04 -7.98 9.98
C DTH A 8 1.25 -7.68 7.30
O DTH A 8 0.31 -8.13 6.63
H DTH A 8 2.96 -5.93 8.85
HA DTH A 8 0.28 -5.82 7.65
HB DTH A 8 -0.65 -7.07 9.33
HG21 DTH A 8 1.49 -5.45 10.73
HG22 DTH A 8 -0.03 -6.00 11.44
HG23 DTH A 8 -0.05 -4.82 10.14
N ALA A 9 2.43 -8.27 7.39
CA ALA A 9 2.71 -9.41 6.57
C ALA A 9 1.96 -10.57 7.08
N EI4 A 10 2.59 -11.23 8.01
CA EI4 A 10 1.98 -12.34 8.62
CB EI4 A 10 3.03 -13.39 8.92
CG EI4 A 10 3.29 -13.61 10.40
CD2 EI4 A 10 3.87 -15.11 10.64
NE2 EI4 A 10 5.12 -14.84 11.41
CE1 EI4 A 10 5.48 -13.48 11.40
ND1 EI4 A 10 4.43 -12.76 10.81
NT EI4 A 10 6.55 -12.97 11.89
C EI4 A 10 1.25 -11.80 9.85
O EI4 A 10 0.27 -12.38 10.32
H EI4 A 10 3.49 -10.95 8.29
HA EI4 A 10 1.26 -12.75 7.93
HB EI4 A 10 3.96 -13.10 8.46
HBA EI4 A 10 2.71 -14.33 8.50
HG1 EI4 A 10 2.40 -13.40 10.98
HD2 EI4 A 10 4.07 -15.61 9.72
HE EI4 A 10 5.72 -15.53 11.79
HND1 EI4 A 10 4.45 -11.78 10.78
HD1 EI4 A 10 3.19 -15.69 11.27
H1 EI4 A 10 7.23 -13.55 12.31
HH12 EI4 A 10 6.70 -11.98 11.83
N ILE A 11 1.73 -10.65 10.32
CA ILE A 11 1.12 -9.94 11.45
C ILE A 11 0.37 -8.71 11.00
N ZAE B 1 -2.91 -8.29 3.96
CA ZAE B 1 -1.72 -8.96 3.38
C ZAE B 1 -0.60 -7.96 3.34
O ZAE B 1 0.48 -8.23 3.86
CB ZAE B 1 -1.37 -10.02 4.39
CG ZAE B 1 -1.31 -11.46 3.99
CD1 ZAE B 1 -0.24 -11.94 3.27
CD2 ZAE B 1 -2.23 -12.36 4.51
CE1 ZAE B 1 -0.09 -13.31 3.06
CE2 ZAE B 1 -2.11 -13.72 4.28
CZ ZAE B 1 -1.02 -14.20 3.56
C10 ZAE B 1 -3.97 -9.27 4.22
H ZAE B 1 -3.27 -7.54 3.34
HA ZAE B 1 -1.92 -9.36 2.40
HB2 ZAE B 1 -0.40 -9.76 4.81
HB3 ZAE B 1 -2.10 -9.96 5.18
HD1 ZAE B 1 0.48 -11.24 2.86
HD2 ZAE B 1 -3.08 -12.00 5.08
HE1 ZAE B 1 0.76 -13.68 2.50
HE2 ZAE B 1 -2.84 -14.43 4.67
HZ ZAE B 1 -0.89 -15.26 3.40
H11 ZAE B 1 -4.91 -8.89 3.83
H12 ZAE B 1 -4.07 -9.45 5.28
H13 ZAE B 1 -3.74 -10.21 3.72
HN2 ZAE B 1 -2.61 -7.85 4.87
N ILE B 2 -0.80 -6.83 2.71
CA ILE B 2 0.26 -5.84 2.75
C ILE B 2 -0.26 -4.45 3.12
N SER B 3 0.55 -3.68 3.88
CA SER B 3 0.08 -2.37 4.24
C SER B 3 1.14 -1.36 4.17
N DGN B 4 0.76 -0.28 3.54
CA DGN B 4 1.54 0.88 3.55
C DGN B 4 1.16 1.60 2.34
O DGN B 4 0.01 1.48 1.82
CB DGN B 4 1.39 1.73 4.90
CG DGN B 4 1.81 3.22 4.99
CD DGN B 4 0.67 4.20 5.19
OE1 DGN B 4 0.25 4.44 6.32
NE2 DGN B 4 0.22 4.83 4.13
H DGN B 4 -0.01 -0.33 2.88
HA DGN B 4 2.58 0.58 3.45
HB2 DGN B 4 1.94 1.20 5.68
HB3 DGN B 4 0.35 1.70 5.18
HG2 DGN B 4 2.38 3.50 4.12
HG3 DGN B 4 2.45 3.32 5.86
HE21 DGN B 4 0.64 4.66 3.26
HE22 DGN B 4 -0.54 5.46 4.25
N 28J B 5 2.14 2.17 1.76
CA 28J B 5 1.87 2.96 0.58
CB 28J B 5 1.15 2.17 -0.53
CG2 28J B 5 0.16 3.06 -1.19
CG1 28J B 5 2.09 1.61 -1.59
CD1 28J B 5 1.45 0.49 -2.40
C 28J B 5 3.09 3.58 0.02
O 28J B 5 4.20 3.35 0.57
HA 28J B 5 1.21 3.76 0.89
H22 28J B 5 0.61 1.36 -0.07
H23 28J B 5 0.31 3.03 -2.27
H24 28J B 5 0.29 4.07 -0.83
H25 28J B 5 -0.84 2.72 -0.96
H26 28J B 5 2.39 2.40 -2.28
H27 28J B 5 2.98 1.20 -1.11
H28 28J B 5 1.20 -0.33 -1.76
H29 28J B 5 2.15 0.16 -3.15
H30 28J B 5 0.56 0.86 -2.89
N ILE B 6 2.82 4.42 -1.05
CA ILE B 6 3.85 5.10 -1.80
C ILE B 6 3.57 6.57 -2.11
N SER B 7 4.73 7.21 -2.41
CA SER B 7 4.91 8.57 -2.95
C SER B 7 6.34 8.97 -3.18
N DTH B 8 6.57 9.88 -4.14
CA DTH B 8 7.93 10.40 -4.34
CB DTH B 8 8.03 11.90 -4.66
CG2 DTH B 8 7.08 12.74 -3.80
OG1 DTH B 8 7.79 12.13 -6.07
C DTH B 8 8.70 9.66 -5.44
O DTH B 8 9.94 9.77 -5.45
H DTH B 8 5.83 10.11 -4.76
HA DTH B 8 8.46 10.24 -3.42
HB DTH B 8 9.03 12.22 -4.44
HG21 DTH B 8 6.05 12.43 -3.97
HG22 DTH B 8 7.18 13.78 -4.06
HG23 DTH B 8 7.33 12.62 -2.76
N ALA B 9 8.02 9.04 -6.38
CA ALA B 9 8.71 8.41 -7.49
C ALA B 9 9.40 9.42 -8.36
N EI4 B 10 8.71 9.88 -9.37
CA EI4 B 10 9.33 10.80 -10.26
CB EI4 B 10 8.89 10.58 -11.69
CG EI4 B 10 8.33 11.82 -12.35
CD2 EI4 B 10 8.30 11.63 -13.95
NE2 EI4 B 10 6.80 11.45 -14.20
CE1 EI4 B 10 6.06 11.73 -13.10
ND1 EI4 B 10 6.86 11.96 -12.03
NT EI4 B 10 4.76 11.86 -13.09
C EI4 B 10 9.13 12.22 -9.75
O EI4 B 10 9.77 13.18 -10.19
H EI4 B 10 7.76 9.61 -9.49
HA EI4 B 10 10.39 10.61 -10.21
HB EI4 B 10 8.14 9.80 -11.73
HBA EI4 B 10 9.75 10.25 -12.26
HG1 EI4 B 10 8.88 12.71 -12.05
HD2 EI4 B 10 8.83 10.74 -14.24
HE EI4 B 10 6.44 11.25 -15.10
HND1 EI4 B 10 6.54 12.18 -11.12
HD1 EI4 B 10 8.69 12.50 -14.45
H1 EI4 B 10 4.22 11.77 -13.92
HH12 EI4 B 10 4.29 12.05 -12.21
N ILE B 11 8.22 12.34 -8.79
CA ILE B 11 7.97 13.60 -8.11
C ILE B 11 8.20 13.40 -6.61
N ZAE C 1 1.44 7.98 -4.26
CA ZAE C 1 0.18 8.72 -4.26
C ZAE C 1 -0.93 7.91 -3.70
O ZAE C 1 -2.11 8.13 -4.01
CB ZAE C 1 0.33 10.05 -3.53
CG ZAE C 1 -0.07 11.17 -4.43
CD1 ZAE C 1 -1.38 11.35 -4.78
CD2 ZAE C 1 0.90 12.03 -4.94
CE1 ZAE C 1 -1.75 12.37 -5.63
CE2 ZAE C 1 0.54 13.05 -5.79
CZ ZAE C 1 -0.79 13.22 -6.15
C10 ZAE C 1 2.30 8.54 -5.29
H ZAE C 1 1.28 6.99 -4.49
HA ZAE C 1 -0.08 8.93 -5.29
HB2 ZAE C 1 -0.30 10.06 -2.66
HB3 ZAE C 1 1.37 10.19 -3.24
HD1 ZAE C 1 -2.14 10.68 -4.38
HD2 ZAE C 1 1.94 11.90 -4.67
HE1 ZAE C 1 -2.79 12.50 -5.90
HE2 ZAE C 1 1.30 13.71 -6.20
HZ ZAE C 1 -1.08 14.02 -6.81
H11 ZAE C 1 3.21 7.93 -5.35
H12 ZAE C 1 2.56 9.55 -5.02
H13 ZAE C 1 1.79 8.53 -6.23
HN2 ZAE C 1 1.90 8.05 -3.31
N ILE C 2 -0.57 6.96 -2.87
CA ILE C 2 -1.62 6.14 -2.34
C ILE C 2 -1.29 5.61 -1.01
N SER C 3 -2.32 5.11 -0.40
CA SER C 3 -2.15 4.62 0.91
C SER C 3 -3.05 3.47 1.10
N DGN C 4 -2.47 2.42 1.64
CA DGN C 4 -3.26 1.28 1.93
C DGN C 4 -2.60 0.01 1.48
O DGN C 4 -1.42 -0.04 1.05
CB DGN C 4 -3.60 1.28 3.41
CG DGN C 4 -2.68 0.47 4.30
CD DGN C 4 -2.12 1.24 5.48
OE1 DGN C 4 -1.86 0.67 6.54
NE2 DGN C 4 -1.91 2.54 5.30
H DGN C 4 -1.46 2.38 1.78
HA DGN C 4 -4.17 1.40 1.38
HB2 DGN C 4 -4.60 0.91 3.53
HB3 DGN C 4 -3.57 2.31 3.75
HG2 DGN C 4 -1.85 0.11 3.70
HG3 DGN C 4 -3.23 -0.37 4.68
HE21 DGN C 4 -2.12 2.93 4.42
HE22 DGN C 4 -1.54 3.05 6.05
N 28J C 5 -3.45 -1.02 1.57
CA 28J C 5 -3.05 -2.34 1.21
CB 28J C 5 -2.14 -2.38 -0.03
CG2 28J C 5 -1.01 -3.39 0.12
CG1 28J C 5 -3.00 -2.75 -1.22
CD1 28J C 5 -2.36 -2.46 -2.54
C 28J C 5 -4.22 -3.19 0.85
O 28J C 5 -5.42 -2.75 0.88
HA 28J C 5 -2.52 -2.79 2.03
H22 28J C 5 -1.72 -1.40 -0.20
H23 28J C 5 -0.62 -3.33 1.12
H24 28J C 5 -0.24 -3.17 -0.60
H25 28J C 5 -1.40 -4.39 -0.06
H26 28J C 5 -3.20 -3.82 -1.17
H27 28J C 5 -3.93 -2.21 -1.16
H28 28J C 5 -3.02 -2.73 -3.33
H29 28J C 5 -1.44 -3.03 -2.63
H30 28J C 5 -2.13 -1.40 -2.61
N ILE C 6 -3.83 -4.42 0.58
CA ILE C 6 -4.72 -5.43 0.07
C ILE C 6 -4.34 -6.76 0.61
N SER C 7 -5.31 -7.61 0.40
CA SER C 7 -5.21 -9.05 0.60
C SER C 7 -6.41 -9.65 1.32
N DTH C 8 -6.85 -10.82 0.76
CA DTH C 8 -7.89 -11.59 1.39
CB DTH C 8 -7.37 -12.85 2.11
CG2 DTH C 8 -6.10 -12.57 2.88
OG1 DTH C 8 -7.14 -13.92 1.17
C DTH C 8 -8.93 -12.00 0.32
O DTH C 8 -10.13 -12.02 0.62
H DTH C 8 -6.51 -11.11 -0.12
HA DTH C 8 -8.35 -10.95 2.13
HB DTH C 8 -8.14 -13.16 2.80
HG21 DTH C 8 -5.63 -11.66 2.52
HG22 DTH C 8 -5.42 -13.40 2.74
HG23 DTH C 8 -6.33 -12.48 3.94
N ALA C 9 -8.48 -12.32 -0.86
CA ALA C 9 -9.38 -12.71 -1.92
C ALA C 9 -9.59 -14.18 -1.90
N EI4 C 10 -8.65 -14.87 -2.52
CA EI4 C 10 -8.73 -16.29 -2.63
CB EI4 C 10 -7.98 -16.74 -3.85
CG EI4 C 10 -6.86 -17.69 -3.52
CD2 EI4 C 10 -6.51 -18.61 -4.82
NE2 EI4 C 10 -5.10 -18.16 -5.13
CE1 EI4 C 10 -4.63 -17.22 -4.26
ND1 EI4 C 10 -5.57 -16.92 -3.34
NT EI4 C 10 -3.42 -16.74 -4.26
C EI4 C 10 -8.24 -16.88 -1.33
O EI4 C 10 -8.51 -18.04 -1.00
H EI4 C 10 -7.85 -14.39 -2.85
HA EI4 C 10 -9.78 -16.55 -2.75
HB EI4 C 10 -7.55 -15.88 -4.35
HBA EI4 C 10 -8.67 -17.23 -4.53
HG1 EI4 C 10 -7.09 -18.28 -2.65
HD2 EI4 C 10 -7.18 -18.38 -5.63
HE EI4 C 10 -4.58 -18.53 -5.89
HND1 EI4 C 10 -5.43 -16.28 -2.59
HD1 EI4 C 10 -6.54 -19.66 -4.57
H1 EI4 C 10 -2.74 -17.07 -4.91
HH12 EI4 C 10 -3.16 -16.04 -3.59
N ILE C 11 -7.52 -16.05 -0.60
CA ILE C 11 -7.00 -16.40 0.69
C ILE C 11 -7.27 -15.26 1.68
N ZAE D 1 -14.86 -10.05 3.39
CA ZAE D 1 -14.12 -10.89 2.40
C ZAE D 1 -12.69 -10.42 2.20
O ZAE D 1 -11.76 -11.13 2.53
CB ZAE D 1 -14.05 -12.35 2.85
CG ZAE D 1 -14.19 -13.37 1.74
CD1 ZAE D 1 -13.25 -13.48 0.74
CD2 ZAE D 1 -15.27 -14.25 1.76
CE1 ZAE D 1 -13.36 -14.46 -0.25
CE2 ZAE D 1 -15.39 -15.23 0.77
CZ ZAE D 1 -14.44 -15.33 -0.23
C10 ZAE D 1 -16.32 -10.25 3.26
H ZAE D 1 -14.66 -9.06 3.22
HA ZAE D 1 -14.63 -10.84 1.44
HB2 ZAE D 1 -13.09 -12.52 3.32
HB3 ZAE D 1 -14.83 -12.54 3.57
HD1 ZAE D 1 -12.41 -12.80 0.72
HD2 ZAE D 1 -16.01 -14.18 2.53
HE1 ZAE D 1 -12.61 -14.53 -1.03
HE2 ZAE D 1 -16.23 -15.91 0.79
HZ ZAE D 1 -14.53 -16.09 -0.99
H11 ZAE D 1 -16.82 -9.68 4.05
H12 ZAE D 1 -16.56 -11.30 3.37
H13 ZAE D 1 -16.65 -9.90 2.30
HN2 ZAE D 1 -14.53 -10.31 4.36
N ILE D 2 -12.52 -9.20 1.73
CA ILE D 2 -11.18 -8.69 1.43
C ILE D 2 -10.65 -7.68 2.44
N SER D 3 -9.29 -7.71 2.71
CA SER D 3 -8.75 -6.71 3.65
C SER D 3 -7.79 -5.74 2.99
N DGN D 4 -7.75 -4.56 3.67
CA DGN D 4 -6.95 -3.41 3.33
C DGN D 4 -7.89 -2.22 3.13
O DGN D 4 -9.06 -2.24 3.53
CB DGN D 4 -5.92 -3.04 4.40
CG DGN D 4 -6.38 -2.01 5.43
CD DGN D 4 -7.25 -2.58 6.56
OE1 DGN D 4 -6.76 -3.02 7.60
NE2 DGN D 4 -8.56 -2.56 6.34
H DGN D 4 -8.34 -4.49 4.47
HA DGN D 4 -6.45 -3.61 2.40
HB2 DGN D 4 -5.04 -2.64 3.91
HB3 DGN D 4 -5.63 -3.94 4.93
HG2 DGN D 4 -6.94 -1.24 4.92
HG3 DGN D 4 -5.51 -1.56 5.89
HE21 DGN D 4 -8.88 -2.16 5.51
HE22 DGN D 4 -9.14 -2.96 7.02
N 28J D 5 -7.33 -1.18 2.57
CA 28J D 5 -8.08 0.06 2.26
CB 28J D 5 -9.54 -0.23 1.67
CG2 28J D 5 -10.52 0.89 2.01
CG1 28J D 5 -9.59 -0.46 0.13
CD1 28J D 5 -10.93 -1.07 -0.35
C 28J D 5 -7.24 0.92 1.34
O 28J D 5 -6.05 0.61 1.13
HA 28J D 5 -8.21 0.59 3.19
H22 28J D 5 -9.91 -1.12 2.15
H23 28J D 5 -11.54 0.56 1.82
H24 28J D 5 -10.31 1.75 1.41
H25 28J D 5 -10.42 1.16 3.05
H26 28J D 5 -9.49 0.49 -0.38
H27 28J D 5 -8.80 -1.13 -0.17
H28 28J D 5 -11.73 -0.37 -0.18
H29 28J D 5 -11.13 -1.98 0.19
H30 28J D 5 -10.87 -1.29 -1.41
N ILE D 6 -7.83 2.07 0.92
CA ILE D 6 -7.24 3.01 -0.02
C ILE D 6 -7.34 4.47 0.39
N SER D 7 -6.40 5.27 -0.15
CA SER D 7 -6.50 6.74 -0.14
C SER D 7 -5.36 7.44 -0.83
N DTH D 8 -5.61 8.70 -1.15
CA DTH D 8 -4.62 9.48 -1.83
CB DTH D 8 -4.52 10.93 -1.36
CG2 DTH D 8 -4.87 11.11 0.10
OG1 DTH D 8 -5.32 11.73 -2.19
C DTH D 8 -4.76 9.45 -3.36
O DTH D 8 -3.85 9.95 -4.03
H DTH D 8 -6.51 9.09 -0.96
HA DTH D 8 -3.67 9.00 -1.60
HB DTH D 8 -3.49 11.25 -1.50
HG21 DTH D 8 -4.20 10.53 0.71
HG22 DTH D 8 -5.88 10.77 0.26
HG23 DTH D 8 -4.78 12.15 0.36
N ALA D 9 -5.88 8.98 -3.91
CA ALA D 9 -6.02 8.89 -5.38
C ALA D 9 -5.61 10.17 -6.06
N EI4 D 10 -6.56 11.07 -6.23
CA EI4 D 10 -6.26 12.30 -6.90
CB EI4 D 10 -7.47 12.76 -7.72
CG EI4 D 10 -7.91 14.16 -7.39
CD2 EI4 D 10 -8.69 14.80 -8.67
NE2 EI4 D 10 -10.11 14.92 -8.16
CE1 EI4 D 10 -10.21 14.54 -6.83
ND1 EI4 D 10 -8.99 14.11 -6.36
NT EI4 D 10 -11.28 14.63 -6.09
C EI4 D 10 -5.81 13.32 -5.87
O EI4 D 10 -5.30 14.40 -6.19
H EI4 D 10 -7.46 10.91 -5.87
HA EI4 D 10 -5.43 12.12 -7.57
HB EI4 D 10 -8.29 12.08 -7.55
HBA EI4 D 10 -7.18 12.72 -8.77
HG1 EI4 D 10 -7.10 14.77 -7.04
HD2 EI4 D 10 -8.67 14.13 -9.50
HE EI4 D 10 -10.84 15.25 -8.69
HND1 EI4 D 10 -8.84 13.77 -5.46
HD1 EI4 D 10 -8.29 15.77 -8.93
H1 EI4 D 10 -12.11 15.03 -6.46
HH12 EI4 D 10 -11.26 14.30 -5.14
N ILE D 11 -6.00 12.96 -4.61
CA ILE D 11 -5.60 13.78 -3.49
C ILE D 11 -4.75 12.98 -2.54
N ALA E 1 9.87 -14.40 10.88
CA ALA E 1 10.17 -15.84 10.76
C ALA E 1 9.12 -16.58 9.99
N DGL E 2 7.90 -16.58 10.56
CA DGL E 2 6.70 -17.18 9.85
C DGL E 2 6.79 -17.12 8.24
O DGL E 2 6.62 -16.00 7.77
CB DGL E 2 6.75 -18.79 9.95
CG DGL E 2 7.94 -19.39 10.80
CD DGL E 2 8.91 -20.24 9.92
OE1 DGL E 2 9.58 -21.14 10.42
H DGL E 2 7.74 -16.12 11.41
HB2 DGL E 2 6.79 -19.14 8.95
HB3 DGL E 2 5.81 -19.10 10.40
HG2 DGL E 2 7.55 -20.03 11.54
HG3 DGL E 2 8.54 -18.60 11.27
N LYS E 3 8.98 -19.92 8.64
CA LYS E 3 9.85 -20.58 7.69
C LYS E 3 9.50 -22.10 7.46
N DAL E 4 8.11 -22.26 7.42
CA DAL E 4 7.29 -23.57 7.07
CB DAL E 4 7.78 -25.01 7.92
C DAL E 4 7.19 -23.43 5.43
O DAL E 4 7.88 -24.13 4.64
H DAL E 4 7.60 -21.45 7.64
HA DAL E 4 7.71 -23.80 6.90
HB1 DAL E 4 8.77 -25.32 7.62
HB2 DAL E 4 7.09 -25.83 7.72
HB3 DAL E 4 7.79 -24.87 9.05
N DAL E 5 6.42 -22.26 5.01
CA DAL E 5 6.17 -21.82 3.42
CB DAL E 5 6.03 -23.14 2.59
C DAL E 5 7.34 -20.90 2.71
O DAL E 5 7.41 -20.45 1.55
OXT DAL E 5 7.93 -20.20 3.63
H DAL E 5 6.34 -21.63 5.70
HA DAL E 5 6.95 -21.49 3.95
HB1 DAL E 5 6.96 -23.63 2.61
HB2 DAL E 5 5.81 -22.86 1.55
HB3 DAL E 5 5.22 -23.84 2.91
N ALA F 1 2.93 9.51 -15.50
CA ALA F 1 3.36 8.66 -16.63
C ALA F 1 4.71 8.07 -16.34
N DGL F 2 5.76 8.96 -16.29
CA DGL F 2 7.08 8.56 -15.81
C DGL F 2 7.38 7.27 -15.04
O DGL F 2 6.52 7.08 -14.04
CB DGL F 2 7.95 8.07 -17.04
CG DGL F 2 7.26 7.09 -18.05
CD DGL F 2 8.21 5.92 -18.47
OE1 DGL F 2 8.31 5.61 -19.66
H DGL F 2 5.49 9.92 -16.31
HB2 DGL F 2 8.82 7.65 -16.61
HB3 DGL F 2 8.22 8.98 -17.56
HG2 DGL F 2 6.99 7.62 -18.93
HG3 DGL F 2 6.35 6.63 -17.61
N LYS F 3 8.86 5.30 -17.51
CA LYS F 3 9.77 4.19 -17.72
C LYS F 3 11.02 4.53 -18.60
N DAL F 4 11.63 5.67 -18.08
CA DAL F 4 12.98 6.39 -18.48
CB DAL F 4 13.16 6.96 -20.09
C DAL F 4 14.05 5.46 -17.59
O DAL F 4 14.66 4.47 -18.06
H DAL F 4 11.14 6.08 -17.32
HA DAL F 4 13.18 6.00 -18.88
HB1 DAL F 4 13.23 6.14 -20.76
HB2 DAL F 4 14.03 7.60 -20.20
HB3 DAL F 4 12.26 7.59 -20.41
N DAL F 5 14.15 5.78 -16.26
CA DAL F 5 15.09 5.15 -15.18
CB DAL F 5 16.48 5.47 -15.91
C DAL F 5 14.55 3.61 -15.20
O DAL F 5 13.36 3.39 -15.02
OXT DAL F 5 15.37 2.64 -15.61
H DAL F 5 13.51 6.47 -15.93
HA DAL F 5 15.70 4.53 -15.00
HB1 DAL F 5 16.60 6.46 -16.03
HB2 DAL F 5 16.43 4.95 -16.87
HB3 DAL F 5 17.35 5.01 -15.37
N ALA G 1 -0.03 -16.76 -3.73
CA ALA G 1 0.58 -17.33 -4.95
C ALA G 1 -0.49 -17.81 -5.95
N DGL G 2 -0.05 -18.86 -6.77
CA DGL G 2 -1.12 -19.44 -7.70
C DGL G 2 -2.46 -19.91 -6.94
O DGL G 2 -2.40 -20.81 -6.14
CB DGL G 2 -1.79 -18.46 -8.68
CG DGL G 2 -1.03 -18.17 -10.04
CD DGL G 2 0.06 -17.09 -9.89
OE1 DGL G 2 1.17 -17.21 -10.45
H DGL G 2 0.83 -19.19 -6.69
HB2 DGL G 2 -1.87 -17.53 -8.15
HB3 DGL G 2 -2.77 -18.82 -8.90
HG2 DGL G 2 -1.74 -17.81 -10.76
HG3 DGL G 2 -0.55 -19.07 -10.42
N LYS G 3 -0.24 -16.08 -9.12
CA LYS G 3 0.64 -14.97 -8.86
C LYS G 3 0.93 -14.10 -10.12
N DAL G 4 -0.28 -13.60 -10.61
CA DAL G 4 -0.56 -12.59 -11.78
CB DAL G 4 -0.74 -13.22 -13.39
C DAL G 4 0.41 -11.33 -11.28
O DAL G 4 1.58 -11.15 -11.66
H DAL G 4 -1.07 -13.93 -10.13
HA DAL G 4 -0.06 -12.67 -12.11
HB1 DAL G 4 0.20 -13.58 -13.75
HB2 DAL G 4 -1.13 -12.47 -14.08
HB3 DAL G 4 -1.46 -14.09 -13.41
N DAL G 5 -0.14 -10.53 -10.31
CA DAL G 5 0.44 -9.22 -9.65
CB DAL G 5 0.49 -8.36 -10.99
C DAL G 5 1.85 -9.84 -9.09
O DAL G 5 2.91 -9.26 -9.35
OXT DAL G 5 1.81 -10.84 -8.23
H DAL G 5 -1.03 -10.85 -9.94
HA DAL G 5 1.12 -8.60 -9.57
HB1 DAL G 5 -0.44 -8.20 -11.37
HB2 DAL G 5 1.11 -8.94 -11.68
HB3 DAL G 5 1.04 -7.39 -10.83
N ALA H 1 -13.12 11.78 -10.55
CA ALA H 1 -13.09 11.72 -12.01
C ALA H 1 -11.72 12.16 -12.54
N DGL H 2 -11.36 13.43 -12.09
CA DGL H 2 -10.07 14.02 -12.64
C DGL H 2 -9.28 12.99 -11.70
O DGL H 2 -8.11 12.88 -11.97
CB DGL H 2 -9.88 13.77 -14.03
CG DGL H 2 -10.93 14.23 -15.09
CD DGL H 2 -10.94 13.24 -16.30
OE1 DGL H 2 -10.87 13.69 -17.44
H DGL H 2 -12.03 13.96 -11.63
HA DGL H 2 -8.95 14.25 -12.33
HB2 DGL H 2 -9.74 12.73 -14.08
HB3 DGL H 2 -8.98 14.29 -14.23
HG2 DGL H 2 -10.64 15.20 -15.44
HG3 DGL H 2 -11.92 14.27 -14.67
N LYS H 3 -11.02 11.94 -16.06
CA LYS H 3 -11.08 10.92 -17.10
C LYS H 3 -9.80 10.81 -18.00
N DAL H 4 -8.66 11.07 -17.23
CA DAL H 4 -7.14 10.98 -17.60
CB DAL H 4 -6.40 12.35 -18.32
C DAL H 4 -7.08 9.39 -18.11
O DAL H 4 -7.21 9.04 -19.32
H DAL H 4 -8.88 11.33 -16.31
HA DAL H 4 -7.18 11.03 -18.19
HB1 DAL H 4 -6.78 12.52 -19.31
HB2 DAL H 4 -5.31 12.25 -18.38
HB3 DAL H 4 -6.59 13.31 -17.71
N DAL H 5 -6.99 8.46 -17.12
CA DAL H 5 -6.83 6.87 -17.22
CB DAL H 5 -5.51 6.91 -18.12
C DAL H 5 -8.23 6.57 -18.01
O DAL H 5 -9.31 6.98 -17.56
OXT DAL H 5 -8.16 6.01 -19.19
H DAL H 5 -7.06 8.83 -16.18
HA DAL H 5 -6.82 6.04 -17.70
HB1 DAL H 5 -4.70 7.26 -17.60
HB2 DAL H 5 -5.75 7.55 -18.96
HB3 DAL H 5 -5.28 5.89 -18.54
C1 MUB I . 7.47 -10.51 8.79
C2 MUB I . 8.41 -10.51 10.02
C3 MUB I . 9.80 -10.97 9.58
C4 MUB I . 9.72 -12.23 8.71
C5 MUB I . 8.96 -11.87 7.42
C6 MUB I . 7.94 -12.95 7.09
C7 MUB I . 9.48 -8.38 10.34
C8 MUB I . 9.57 -7.05 11.11
C9 MUB I . 10.16 -12.09 11.70
C10 MUB I . 10.64 -13.54 11.64
C11 MUB I . 9.38 -11.54 12.94
O1 MUB I . 6.72 -9.35 8.72
O3 MUB I . 10.68 -11.17 10.73
O4 MUB I . 11.04 -12.77 8.45
O5 MUB I . 8.26 -10.61 7.56
O6 MUB I . 7.41 -13.53 8.27
O7 MUB I . 10.06 -8.49 9.26
O10 MUB I . 11.72 -13.86 12.13
N2 MUB I . 8.50 -9.23 10.69
H1 MUB I . 6.76 -11.37 8.82
H2 MUB I . 7.92 -11.20 10.78
HN2 MUB I . 8.06 -9.12 11.57
H81 MUB I . 9.76 -7.25 12.16
H82 MUB I . 8.65 -6.52 11.01
H83 MUB I . 10.38 -6.47 10.68
H3 MUB I . 10.35 -10.15 9.12
H9 MUB I . 9.42 -12.52 11.03
H111 MUB I . 9.94 -10.75 13.48
H112 MUB I . 9.21 -12.33 13.62
H113 MUB I . 8.40 -11.19 12.62
H4 MUB I . 9.41 -13.10 9.30
H5 MUB I . 9.64 -11.85 6.58
H61 MUB I . 8.58 -13.77 6.67
H62 MUB I . 7.18 -12.67 6.32
HO6 MUB I . 7.05 -14.42 8.14
C1 NAG I . 12.11 -11.81 8.33
C2 NAG I . 13.35 -12.48 7.72
C3 NAG I . 14.49 -11.47 7.58
C4 NAG I . 14.00 -10.21 6.87
C5 NAG I . 12.74 -9.66 7.53
C6 NAG I . 12.17 -8.45 6.78
C7 NAG I . 14.13 -13.49 9.80
C8 NAG I . 14.51 -14.80 10.49
N2 NAG I . 13.76 -13.61 8.53
O3 NAG I . 15.52 -12.08 6.83
O4 NAG I . 15.01 -9.22 6.91
O5 NAG I . 11.71 -10.66 7.55
O6 NAG I . 11.37 -8.85 5.68
O7 NAG I . 14.55 -12.41 10.26
H1 NAG I . 12.27 -11.51 9.39
H2 NAG I . 13.32 -13.03 6.81
H3 NAG I . 14.89 -11.17 8.57
H4 NAG I . 13.94 -10.55 5.80
H5 NAG I . 12.87 -9.27 8.54
H61 NAG I . 12.96 -7.80 6.37
H62 NAG I . 11.59 -7.86 7.50
H81 NAG I . 15.31 -15.27 9.93
H82 NAG I . 13.66 -15.45 10.51
H83 NAG I . 14.83 -14.59 11.51
HN2 NAG I . 13.45 -14.48 8.21
HO3 NAG I . 15.18 -12.34 5.97
HO4 NAG I . 15.86 -9.65 6.74
HO6 NAG I . 10.80 -9.53 6.03
C1 MUB J . 3.22 8.95 -11.24
C2 MUB J . 2.41 10.12 -11.77
C3 MUB J . 1.17 9.60 -12.50
C4 MUB J . 1.50 8.37 -13.36
C5 MUB J . 2.00 7.23 -12.45
C6 MUB J . 3.24 6.60 -13.07
C7 MUB J . 0.80 11.09 -10.26
C8 MUB J . 0.52 12.22 -9.27
C9 MUB J . 1.49 11.15 -14.32
C10 MUB J . 1.79 10.26 -15.54
C11 MUB J . 1.83 12.69 -14.38
O1 MUB J . 3.77 9.26 -10.01
O3 MUB J . 0.59 10.67 -13.31
O4 MUB J . 0.37 7.98 -14.18
O5 MUB J . 2.37 7.76 -11.14
O6 MUB J . 4.22 7.59 -13.28
O7 MUB J . 0.14 10.06 -10.21
O10 MUB J . 0.99 10.24 -16.47
N2 MUB J . 2.03 11.10 -10.77
H1 MUB J . 4.04 8.65 -11.95
H2 MUB J . 3.17 10.66 -12.38
HN2 MUB J . 2.51 11.94 -10.80
H81 MUB J . 0.65 13.17 -9.78
H82 MUB J . 1.20 12.15 -8.46
H83 MUB J . -0.51 12.12 -8.91
H3 MUB J . 0.35 9.36 -11.83
H9 MUB J . 2.40 10.67 -13.91
H111 MUB J . 0.93 13.31 -14.32
H112 MUB J . 2.30 12.90 -15.29
H113 MUB J . 2.54 12.93 -13.59
H4 MUB J . 2.07 8.64 -14.24
H5 MUB J . 1.29 6.44 -12.38
H61 MUB J . 2.99 6.26 -14.10
H62 MUB J . 3.70 5.75 -12.48
HO6 MUB J . 5.13 7.33 -13.54
C1 NAG J . -0.93 8.09 -13.56
C2 NAG J . -1.99 7.48 -14.49
C3 NAG J . -3.37 7.60 -13.85
C4 NAG J . -3.35 7.04 -12.43
C5 NAG J . -2.21 7.65 -11.61
C6 NAG J . -2.10 7.02 -10.23
C7 NAG J . -2.31 9.39 -15.97
C8 NAG J . -2.21 9.89 -17.42
N2 NAG J . -1.97 8.12 -15.80
O3 NAG J . -4.30 6.87 -14.64
O4 NAG J . -4.59 7.30 -11.79
O5 NAG J . -0.96 7.45 -12.28
O6 NAG J . -0.91 7.43 -9.57
O7 NAG J . -2.99 10.02 -15.16
H1 NAG J . -1.05 9.19 -13.46
H2 NAG J . -1.88 6.49 -14.87
H3 NAG J . -3.72 8.66 -13.79
H4 NAG J . -3.35 5.93 -12.61
H5 NAG J . -2.33 8.72 -11.39
H61 NAG J . -2.06 5.92 -10.27
H62 NAG J . -3.00 7.29 -9.66
H81 NAG J . -2.86 9.29 -18.04
H82 NAG J . -1.19 9.79 -17.77
H83 NAG J . -2.49 10.94 -17.46
HN2 NAG J . -1.44 7.68 -16.47
HO3 NAG J . -4.45 7.33 -15.46
HO4 NAG J . -5.27 7.12 -12.45
HO6 NAG J . -0.29 7.70 -10.26
C1 MUB K . -2.82 -13.25 -3.14
C2 MUB K . -2.11 -14.01 -2.03
C3 MUB K . -0.65 -13.59 -1.99
C4 MUB K . -0.07 -13.61 -3.41
C5 MUB K . -0.76 -12.49 -4.21
C6 MUB K . -1.03 -12.89 -5.67
C7 MUB K . -2.33 -12.74 0.02
C8 MUB K . -3.03 -12.56 1.35
C9 MUB K . -0.04 -15.85 -1.43
C10 MUB K . 0.71 -16.37 -2.65
C11 MUB K . -0.61 -16.87 -0.35
O1 MUB K . -4.02 -12.80 -2.63
O3 MUB K . 0.08 -14.46 -1.08
O4 MUB K . 1.37 -13.51 -3.43
O5 MUB K . -2.01 -12.12 -3.58
O6 MUB K . -1.84 -14.05 -5.73
O7 MUB K . -1.46 -11.95 -0.35
O10 MUB K . 1.93 -16.31 -2.68
N2 MUB K . -2.73 -13.76 -0.74
H1 MUB K . -3.02 -13.90 -4.01
H2 MUB K . -2.33 -15.06 -2.24
HN2 MUB K . -3.43 -14.37 -0.39
H81 MUB K . -2.99 -13.49 1.91
H82 MUB K . -4.07 -12.31 1.18
H83 MUB K . -2.55 -11.76 1.90
H3 MUB K . -0.52 -12.63 -1.50
H9 MUB K . -0.84 -15.73 -2.17
H111 MUB K . -0.08 -16.79 0.61
H112 MUB K . -0.49 -17.85 -0.71
H113 MUB K . -1.69 -16.69 -0.23
H4 MUB K . -0.06 -14.63 -3.81
H5 MUB K . -0.10 -11.67 -4.33
H61 MUB K . -0.05 -13.22 -6.07
H62 MUB K . -1.43 -12.07 -6.33
HO6 MUB K . -2.51 -14.05 -6.44
C1 NAG K . 1.94 -12.59 -2.46
C2 NAG K . 3.41 -12.34 -2.82
C3 NAG K . 4.04 -11.43 -1.78
C4 NAG K . 3.19 -10.16 -1.59
C5 NAG K . 1.73 -10.53 -1.32
C6 NAG K . 0.84 -9.30 -1.24
C7 NAG K . 4.36 -14.39 -1.90
C8 NAG K . 5.14 -15.66 -2.25
N2 NAG K . 4.14 -13.59 -2.94
O3 NAG K . 5.34 -11.05 -2.24
O4 NAG K . 3.70 -9.40 -0.51
O5 NAG K . 1.23 -11.36 -2.38
O6 NAG K . -0.52 -9.62 -1.41
O7 NAG K . 4.35 -13.98 -0.73
H1 NAG K . 1.82 -13.18 -1.52
H2 NAG K . 3.67 -11.98 -3.79
H3 NAG K . 4.15 -11.91 -0.79
H4 NAG K . 3.45 -9.53 -2.48
H5 NAG K . 1.56 -11.02 -0.35
H61 NAG K . 1.08 -8.56 -2.03
H62 NAG K . 1.03 -8.80 -0.28
H81 NAG K . 6.09 -15.38 -2.66
H82 NAG K . 4.59 -16.22 -2.98
H83 NAG K . 5.25 -16.26 -1.35
HN2 NAG K . 4.16 -13.96 -3.83
HO3 NAG K . 5.89 -11.83 -2.30
HO4 NAG K . 4.65 -9.34 -0.61
HO6 NAG K . -0.69 -10.35 -0.80
C1 MUB L . -10.85 10.18 -6.00
C2 MUB L . -12.19 10.85 -6.28
C3 MUB L . -13.06 9.90 -7.09
C4 MUB L . -12.29 9.39 -8.33
C5 MUB L . -11.05 8.61 -7.85
C6 MUB L . -9.77 9.08 -8.54
C7 MUB L . -13.63 10.39 -4.41
C8 MUB L . -14.31 10.90 -3.14
C9 MUB L . -14.12 11.71 -8.29
C10 MUB L . -14.25 11.53 -9.81
C11 MUB L . -14.09 13.14 -7.65
O1 MUB L . -10.60 10.24 -4.65
O3 MUB L . -14.31 10.55 -7.45
O4 MUB L . -13.14 8.62 -9.20
O5 MUB L . -10.89 8.78 -6.43
O6 MUB L . -9.88 8.92 -9.96
O7 MUB L . -13.67 9.20 -4.70
O10 MUB L . -15.31 11.11 -10.27
N2 MUB L . -12.86 11.26 -5.06
H1 MUB L . -10.04 10.69 -6.57
H2 MUB L . -11.91 11.82 -6.76
HN2 MUB L . -12.87 12.21 -4.78
H81 MUB L . -14.93 11.75 -3.39
H82 MUB L . -13.57 11.19 -2.43
H83 MUB L . -14.91 10.09 -2.72
H3 MUB L . -13.42 9.08 -6.46
H9 MUB L . -13.06 11.46 -8.53
H111 MUB L . -14.94 13.29 -6.95
H112 MUB L . -14.17 13.86 -8.41
H113 MUB L . -13.13 13.30 -7.14
H4 MUB L . -12.16 10.18 -9.07
H5 MUB L . -11.16 7.58 -8.13
H61 MUB L . -8.98 8.36 -8.25
H62 MUB L . -9.47 10.12 -8.27
HO6 MUB L . -10.74 8.59 -10.26
C1 NAG L . -14.19 7.84 -8.57
C2 NAG L . -14.72 6.79 -9.55
C3 NAG L . -15.86 6.01 -8.92
C4 NAG L . -15.44 5.47 -7.55
C5 NAG L . -14.85 6.59 -6.68
C6 NAG L . -14.33 6.07 -5.35
C7 NAG L . -16.19 8.19 -10.90
C8 NAG L . -16.44 8.75 -12.32
N2 NAG L . -15.12 7.40 -10.80
O3 NAG L . -16.19 4.92 -9.78
O4 NAG L . -16.56 4.90 -6.90
O5 NAG L . -13.76 7.23 -7.35
O6 NAG L . -13.21 5.21 -5.53
O7 NAG L . -17.12 8.15 -10.09
H1 NAG L . -14.93 8.64 -8.36
H2 NAG L . -14.03 6.09 -9.99
H3 NAG L . -16.76 6.63 -8.78
H4 NAG L . -14.79 4.60 -7.80
H5 NAG L . -15.59 7.35 -6.37
H61 NAG L . -15.08 5.47 -4.80
H62 NAG L . -14.09 6.93 -4.72
H81 NAG L . -16.51 7.91 -13.00
H82 NAG L . -15.61 9.37 -12.60
H83 NAG L . -17.35 9.33 -12.31
HN2 NAG L . -14.42 7.46 -11.47
HO3 NAG L . -16.45 5.24 -10.62
HO4 NAG L . -17.01 4.33 -7.53
HO6 NAG L . -13.56 4.32 -5.39
P 2PO M . 5.48 -9.06 9.74
O1P 2PO M . 6.05 -8.67 11.05
O2P 2PO M . 4.54 -10.22 9.70
O3P 2PO M . 4.77 -7.77 9.13
P 2PO N . 5.52 -6.76 8.13
O1P 2PO N . 4.56 -6.38 7.07
O2P 2PO N . 6.22 -5.63 8.88
O3P 2PO N . 6.58 -7.75 7.45
C1 P1W O . 7.68 -7.19 6.73
C2 P1W O . 7.25 -7.17 5.31
C3 P1W O . 7.04 -8.20 4.48
C4 P1W O . 6.62 -7.86 3.09
C5 P1W O . 7.18 -9.71 4.79
H12 P1W O . 7.88 -6.19 7.10
H11 P1W O . 8.55 -7.81 6.84
H2 P1W O . 6.80 -6.24 5.03
H41 P1W O . 5.65 -8.29 2.88
H42 P1W O . 6.56 -6.79 3.01
H51 P1W O . 6.71 -10.29 4.00
H52 P1W O . 6.68 -9.93 5.72
H53 P1W O . 8.23 -9.99 4.87
C1 P1W P . 7.64 -8.37 2.08
C2 P1W P . 7.06 -8.25 0.72
C3 P1W P . 7.80 -8.27 -0.38
C4 P1W P . 7.22 -8.06 -1.73
C5 P1W P . 9.31 -8.52 -0.37
H12 P1W P . 7.89 -9.40 2.31
H11 P1W P . 8.52 -7.76 2.16
H2 P1W P . 6.05 -7.87 0.69
H41 P1W P . 7.96 -8.28 -2.49
H42 P1W P . 6.35 -8.70 -1.87
H51 P1W P . 9.55 -9.13 0.49
H52 P1W P . 9.83 -7.58 -0.30
H53 P1W P . 9.60 -9.03 -1.27
C1 P1W Q . 4.37 1.10 -6.56
C2 P1W Q . 5.41 0.11 -6.09
C3 P1W Q . 6.66 0.08 -6.57
C4 P1W Q . 7.77 -0.89 -6.10
C5 P1W Q . 7.12 1.04 -7.66
H12 P1W Q . 3.81 1.45 -5.71
H11 P1W Q . 4.85 1.92 -7.06
H2 P1W Q . 5.10 -0.57 -5.32
H43 P1W Q . 8.51 -0.35 -5.51
H41 P1W Q . 8.25 -1.33 -6.96
H42 P1W Q . 7.33 -1.67 -5.49
H51 P1W Q . 8.13 0.80 -7.95
H52 P1W Q . 7.09 2.05 -7.27
H53 P1W Q . 6.47 0.96 -8.51
C1 P1W R . 6.78 -6.58 -1.87
C2 P1W R . 7.97 -5.64 -1.89
C3 P1W R . 7.96 -4.39 -1.38
C4 P1W R . 9.13 -3.41 -1.36
C5 P1W R . 6.68 -3.85 -0.73
H12 P1W R . 6.16 -6.34 -1.03
H11 P1W R . 6.21 -6.47 -2.78
H2 P1W R . 8.91 -6.12 -2.13
H43 P1W R . 8.84 -2.45 -1.76
H41 P1W R . 9.94 -3.81 -1.95
H42 P1W R . 9.49 -3.29 -0.34
H51 P1W R . 5.83 -4.15 -1.32
H52 P1W R . 6.74 -2.78 -0.68
H53 P1W R . 6.59 -4.26 0.26
P 2PO S . 5.20 10.09 -9.94
O1P 2PO S . 4.95 11.54 -10.18
O2P 2PO S . 6.22 9.40 -10.78
O3P 2PO S . 5.61 9.92 -8.42
P 2PO T . 4.52 9.33 -7.42
O1P 2PO T . 5.20 8.99 -6.15
O2P 2PO T . 3.41 10.31 -7.39
O3P 2PO T . 4.04 8.02 -8.23
C1 P1W U . 4.48 6.66 -7.98
C2 P1W U . 3.92 5.66 -8.98
C3 P1W U . 2.59 5.32 -9.05
C4 P1W U . 2.09 4.31 -10.09
C5 P1W U . 1.51 5.96 -8.15
H12 P1W U . 5.56 6.64 -8.05
H11 P1W U . 4.21 6.37 -6.97
H2 P1W U . 4.58 5.42 -9.80
H41 P1W U . 1.40 4.80 -10.75
H42 P1W U . 2.94 3.94 -10.66
H51 P1W U . 0.54 5.57 -8.42
H52 P1W U . 1.53 7.02 -8.28
H53 P1W U . 1.72 5.71 -7.12
C1 P1W V . -6.39 -6.67 -7.29
C2 P1W V . -5.74 -5.46 -6.67
C3 P1W V . -6.26 -4.24 -6.72
C4 P1W V . -5.53 -3.02 -6.17
C5 P1W V . -7.67 -3.95 -7.28
H12 P1W V . -7.05 -6.39 -8.10
H11 P1W V . -5.64 -7.36 -7.63
H2 P1W V . -4.69 -5.59 -6.46
H41 P1W V . -4.50 -3.28 -6.00
H42 P1W V . -5.59 -2.21 -6.87
H51 P1W V . -7.61 -3.85 -8.35
H52 P1W V . -8.04 -3.05 -6.83
H53 P1W V . -8.33 -4.78 -7.03
C1 P1W W . -6.16 -2.58 -4.84
C2 P1W W . -5.34 -1.50 -4.20
C3 P1W W . -5.52 -1.06 -2.95
C4 P1W W . -4.67 0.05 -2.28
C5 P1W W . -6.61 -1.61 -2.04
H12 P1W W . -6.22 -3.42 -4.16
H11 P1W W . -7.15 -2.19 -5.01
H2 P1W W . -4.48 -1.24 -4.76
H43 P1W W . -3.85 -0.39 -1.73
H41 P1W W . -5.29 0.60 -1.59
H42 P1W W . -4.30 0.72 -3.04
H51 P1W W . -7.55 -1.58 -2.56
H52 P1W W . -6.65 -1.02 -1.14
H53 P1W W . -6.39 -2.65 -1.78
C1 P1W X . -8.33 0.68 -10.01
C2 P1W X . -7.20 -0.22 -9.61
C3 P1W X . -5.93 -0.02 -9.96
C4 P1W X . -4.72 -0.91 -9.57
C5 P1W X . -5.53 1.19 -10.80
H12 P1W X . -7.94 1.61 -10.38
H11 P1W X . -8.90 0.20 -10.78
H2 P1W X . -7.46 -1.01 -8.93
H43 P1W X . -3.91 -0.76 -10.27
H41 P1W X . -5.03 -1.94 -9.60
H42 P1W X . -4.40 -0.65 -8.57
H51 P1W X . -4.46 1.31 -10.77
H52 P1W X . -6.01 2.07 -10.41
H53 P1W X . -5.85 1.04 -11.83
C1 P1W Y . 1.37 3.10 -9.48
C2 P1W Y . 2.38 2.08 -9.08
C3 P1W Y . 2.33 1.42 -7.92
C4 P1W Y . 3.40 0.44 -7.55
C5 P1W Y . 1.23 1.60 -6.86
H12 P1W Y . 0.71 2.69 -10.22
H11 P1W Y . 0.81 3.43 -8.63
H2 P1W Y . 3.31 2.13 -9.63
H41 P1W Y . 2.95 -0.44 -7.09
H42 P1W Y . 3.93 0.13 -8.44
H51 P1W Y . 1.30 2.60 -6.45
H52 P1W Y . 1.38 0.88 -6.06
H53 P1W Y . 0.26 1.46 -7.31
P 2PO Z . -5.42 -13.59 -2.99
O1P 2PO Z . -5.70 -14.60 -1.93
O2P 2PO Z . -5.43 -14.05 -4.40
O3P 2PO Z . -6.44 -12.40 -2.83
P 2PO AA . -5.82 -11.04 -2.34
O1P 2PO AA . -6.87 -9.98 -2.29
O2P 2PO AA . -4.99 -11.33 -1.14
O3P 2PO AA . -4.82 -10.66 -3.52
C1 P1W BA . -5.36 -10.56 -4.82
C2 P1W BA . -5.93 -9.15 -4.99
C3 P1W BA . -6.63 -8.75 -6.05
C4 P1W BA . -7.17 -7.33 -6.18
C5 P1W BA . -6.90 -9.66 -7.23
H12 P1W BA . -4.59 -10.75 -5.54
H11 P1W BA . -6.15 -11.29 -4.95
H2 P1W BA . -6.07 -8.62 -4.07
H41 P1W BA . -8.23 -7.34 -6.42
H42 P1W BA . -7.00 -6.79 -5.26
H51 P1W BA . -5.95 -9.98 -7.65
H52 P1W BA . -7.45 -9.13 -7.99
H53 P1W BA . -7.45 -10.52 -6.90
P 2PO CA . -9.82 11.53 -4.06
O1P 2PO CA . -10.77 12.55 -3.56
O2P 2PO CA . -8.80 11.97 -5.07
O3P 2PO CA . -9.05 10.88 -2.84
P 2PO DA . -9.54 9.46 -2.32
O1P 2PO DA . -8.46 8.83 -1.50
O2P 2PO DA . -10.89 9.63 -1.70
O3P 2PO DA . -9.70 8.62 -3.67
C1 P1W EA . -9.45 7.22 -3.65
C2 P1W EA . -10.16 6.59 -4.85
C3 P1W EA . -9.64 5.64 -5.64
C4 P1W EA . -10.42 5.08 -6.82
C5 P1W EA . -8.23 5.07 -5.50
H12 P1W EA . -8.38 7.05 -3.71
H11 P1W EA . -9.83 6.80 -2.73
H2 P1W EA . -11.22 6.79 -4.88
H41 P1W EA . -10.94 4.19 -6.51
H42 P1W EA . -11.14 5.82 -7.17
H51 P1W EA . -7.59 5.53 -6.24
H52 P1W EA . -8.26 4.00 -5.65
H53 P1W EA . -7.86 5.29 -4.52
C1 P1W FA . -9.45 4.75 -7.94
C2 P1W FA . -9.76 3.36 -8.40
C3 P1W FA . -8.93 2.32 -8.23
C4 P1W FA . -9.25 0.96 -8.80
C5 P1W FA . -7.62 2.40 -7.44
H12 P1W FA . -8.43 4.82 -7.59
H11 P1W FA . -9.60 5.45 -8.75
H2 P1W FA . -10.51 3.31 -9.17
H41 P1W FA . -9.08 0.20 -8.05
H42 P1W FA . -10.28 0.93 -9.12
H51 P1W FA . -7.19 3.38 -7.56
H52 P1W FA . -6.93 1.66 -7.82
H53 P1W FA . -7.81 2.20 -6.40
N ZAE A 1 13.85 7.03 -5.41
CA ZAE A 1 12.70 7.16 -6.35
C ZAE A 1 11.38 6.78 -5.69
O ZAE A 1 10.34 7.38 -5.97
CB ZAE A 1 12.62 8.60 -6.85
CG ZAE A 1 12.24 8.73 -8.30
CD1 ZAE A 1 11.54 7.72 -8.95
CD2 ZAE A 1 12.59 9.86 -9.03
CE1 ZAE A 1 11.19 7.85 -10.28
CE2 ZAE A 1 12.24 9.99 -10.36
CZ ZAE A 1 11.55 8.97 -10.99
C10 ZAE A 1 14.93 6.23 -6.00
H ZAE A 1 13.55 6.58 -4.53
HA ZAE A 1 12.87 6.50 -7.19
HB2 ZAE A 1 11.88 9.13 -6.26
HB3 ZAE A 1 13.59 9.07 -6.72
HD1 ZAE A 1 11.27 6.83 -8.39
HD2 ZAE A 1 13.13 10.65 -8.54
HE1 ZAE A 1 10.65 7.05 -10.77
HE2 ZAE A 1 12.53 10.88 -10.90
HZ ZAE A 1 11.27 9.08 -12.03
H11 ZAE A 1 15.75 6.12 -5.29
H12 ZAE A 1 15.31 6.72 -6.89
H13 ZAE A 1 14.56 5.26 -6.26
HN2 ZAE A 1 14.20 8.00 -5.17
N ILE A 2 11.40 5.75 -4.83
CA ILE A 2 10.19 5.33 -4.14
C ILE A 2 10.39 5.37 -2.63
N SER A 3 9.51 6.08 -1.93
CA SER A 3 9.58 6.11 -0.47
C SER A 3 8.26 5.73 0.14
N DGN A 4 8.36 4.78 1.06
CA DGN A 4 7.23 4.25 1.80
C DGN A 4 7.39 2.74 1.96
O DGN A 4 8.36 2.15 1.49
CB DGN A 4 7.10 4.94 3.18
CG DGN A 4 8.17 4.55 4.21
CD DGN A 4 9.48 5.32 4.08
OE1 DGN A 4 9.60 6.44 4.56
NE2 DGN A 4 10.47 4.69 3.46
H DGN A 4 9.25 4.42 1.26
HA DGN A 4 6.34 4.43 1.22
HB2 DGN A 4 6.13 4.69 3.58
HB3 DGN A 4 7.14 6.00 3.02
HG2 DGN A 4 8.38 3.50 4.11
HG3 DGN A 4 7.76 4.73 5.20
HE21 DGN A 4 10.32 3.80 3.12
HE22 DGN A 4 11.33 5.17 3.38
N 28J A 5 6.43 2.13 2.63
CA 28J A 5 6.52 0.66 2.93
CB 28J A 5 6.93 -0.20 1.66
CG2 28J A 5 7.69 -1.48 2.08
CG1 28J A 5 5.67 -0.55 0.89
CD1 28J A 5 5.83 -1.36 -0.36
C 28J A 5 5.18 0.11 3.47
O 28J A 5 4.16 0.84 3.46
HA 28J A 5 7.28 0.53 3.66
H22 28J A 5 7.59 0.38 1.03
H23 28J A 5 8.76 -1.29 2.09
H24 28J A 5 7.48 -2.29 1.39
H25 28J A 5 7.38 -1.77 3.07
H26 28J A 5 5.03 -1.11 1.55
H27 28J A 5 5.17 0.38 0.64
H28 28J A 5 6.36 -2.27 -0.15
H29 28J A 5 6.37 -0.78 -1.10
H30 28J A 5 4.85 -1.59 -0.75
N ILE A 6 5.27 -1.14 4.05
CA ILE A 6 4.16 -1.96 4.64
C ILE A 6 4.50 -2.39 6.06
N SER A 7 3.42 -2.52 6.83
CA SER A 7 3.38 -3.02 8.22
C SER A 7 1.94 -2.98 8.77
N DTH A 8 1.67 -3.86 9.82
CA DTH A 8 0.38 -3.85 10.58
CB DTH A 8 0.58 -3.59 12.08
CG2 DTH A 8 1.54 -2.46 12.33
OG1 DTH A 8 1.07 -4.79 12.72
C DTH A 8 -0.48 -5.12 10.52
O DTH A 8 -1.65 -5.07 10.86
H DTH A 8 2.32 -4.58 10.00
HA DTH A 8 -0.21 -3.03 10.19
HB DTH A 8 -0.38 -3.35 12.52
HG21 DTH A 8 2.52 -2.71 11.94
HG22 DTH A 8 1.61 -2.28 13.40
HG23 DTH A 8 1.18 -1.56 11.86
N ALA A 9 0.12 -6.26 10.18
CA ALA A 9 -0.58 -7.53 10.06
C ALA A 9 -0.89 -8.14 11.41
N EI4 A 10 0.05 -8.91 11.94
CA EI4 A 10 -0.12 -9.51 13.24
CB EI4 A 10 0.84 -10.69 13.40
CG EI4 A 10 0.18 -12.07 13.20
CD2 EI4 A 10 -0.78 -12.03 11.89
NE2 EI4 A 10 -0.12 -13.06 10.97
CE1 EI4 A 10 0.97 -13.69 11.57
ND1 EI4 A 10 1.19 -13.13 12.83
NT EI4 A 10 1.64 -14.72 11.09
C EI4 A 10 0.10 -8.45 14.29
O EI4 A 10 -0.41 -8.52 15.42
H EI4 A 10 0.88 -9.05 11.45
HA EI4 A 10 -1.15 -9.87 13.31
HB EI4 A 10 1.26 -10.65 14.40
HBA EI4 A 10 1.63 -10.59 12.69
HG1 EI4 A 10 -0.36 -12.37 14.09
HD2 EI4 A 10 -0.77 -11.06 11.43
HE EI4 A 10 -0.46 -13.28 10.07
HND1 EI4 A 10 1.91 -13.44 13.42
HD1 EI4 A 10 -1.78 -12.35 12.15
H1 EI4 A 10 1.35 -15.20 10.26
HH12 EI4 A 10 2.49 -15.01 11.54
N ILE A 11 0.88 -7.45 13.90
CA ILE A 11 1.18 -6.31 14.72
C ILE A 11 0.64 -5.03 14.07
N ZAE B 1 -1.46 -8.45 2.34
CA ZAE B 1 -0.16 -8.73 2.99
C ZAE B 1 0.68 -7.52 2.78
O ZAE B 1 1.91 -7.56 2.82
CB ZAE B 1 -0.34 -8.88 4.49
CG ZAE B 1 -0.20 -10.26 5.01
CD1 ZAE B 1 0.30 -11.31 4.25
CD2 ZAE B 1 -0.52 -10.53 6.36
CE1 ZAE B 1 0.48 -12.58 4.79
CE2 ZAE B 1 -0.34 -11.81 6.90
CZ ZAE B 1 0.16 -12.82 6.11
C10 ZAE B 1 -2.07 -9.65 1.81
H ZAE B 1 -1.32 -7.78 1.54
HA ZAE B 1 0.32 -9.60 2.55
HB2 ZAE B 1 0.40 -8.29 4.99
HB3 ZAE B 1 -1.31 -8.53 4.77
HD1 ZAE B 1 0.54 -11.14 3.22
HD2 ZAE B 1 -0.91 -9.74 6.97
HE1 ZAE B 1 0.87 -13.38 4.17
HE2 ZAE B 1 -0.59 -11.98 7.93
HZ ZAE B 1 0.30 -13.81 6.54
H11 ZAE B 1 -1.48 -10.01 0.98
H12 ZAE B 1 -3.06 -9.40 1.46
H13 ZAE B 1 -2.13 -10.38 2.58
HN2 ZAE B 1 -2.10 -8.00 3.03
N ILE B 2 -0.02 -6.45 2.48
CA ILE B 2 0.64 -5.20 2.26
C ILE B 2 -0.20 -4.02 2.70
N SER B 3 0.42 -3.15 3.56
CA SER B 3 -0.17 -1.92 4.06
C SER B 3 0.82 -0.83 4.16
N DGN B 4 0.52 0.22 3.46
CA DGN B 4 1.38 1.38 3.39
C DGN B 4 1.12 2.07 2.14
O DGN B 4 -0.05 2.26 1.72
CB DGN B 4 1.36 2.36 4.60
CG DGN B 4 0.61 3.71 4.45
CD DGN B 4 -0.84 3.63 4.85
OE1 DGN B 4 -1.22 4.04 5.94
NE2 DGN B 4 -1.64 3.12 3.96
H DGN B 4 -0.30 0.21 2.88
HA DGN B 4 2.40 1.00 3.30
HB2 DGN B 4 2.39 2.61 4.81
HB3 DGN B 4 0.94 1.86 5.44
HG2 DGN B 4 0.68 4.06 3.42
HG3 DGN B 4 1.09 4.42 5.10
HE21 DGN B 4 -1.24 2.83 3.11
HE22 DGN B 4 -2.58 3.03 4.18
N 28J B 5 2.18 2.64 1.72
CA 28J B 5 2.21 3.32 0.47
CB 28J B 5 1.77 2.35 -0.72
CG2 28J B 5 0.73 3.03 -1.57
CG1 28J B 5 2.91 1.90 -1.67
CD1 28J B 5 2.68 0.53 -2.31
C 28J B 5 3.56 3.84 0.21
O 28J B 5 4.49 3.67 1.05
HA 28J B 5 1.50 4.12 0.51
H22 28J B 5 1.33 1.47 -0.28
H23 28J B 5 -0.08 3.35 -0.94
H24 28J B 5 0.37 2.33 -2.31
H25 28J B 5 1.18 3.88 -2.05
H26 28J B 5 3.02 2.61 -2.48
H27 28J B 5 3.86 1.86 -1.12
H28 28J B 5 1.81 0.57 -2.96
H29 28J B 5 2.51 -0.21 -1.54
H30 28J B 5 3.54 0.24 -2.89
N ILE B 6 3.58 4.59 -0.89
CA ILE B 6 4.75 5.18 -1.46
C ILE B 6 4.50 6.59 -1.95
N SER B 7 5.60 7.33 -1.98
CA SER B 7 5.74 8.58 -2.74
C SER B 7 7.03 9.31 -2.33
N DTH B 8 7.12 10.59 -2.72
CA DTH B 8 8.25 11.40 -2.31
CB DTH B 8 7.85 12.84 -1.91
CG2 DTH B 8 6.54 12.88 -1.13
OG1 DTH B 8 7.70 13.66 -3.07
C DTH B 8 9.35 11.52 -3.37
O DTH B 8 10.51 11.78 -3.07
H DTH B 8 6.45 10.95 -3.35
HA DTH B 8 8.66 10.95 -1.42
HB DTH B 8 8.63 13.26 -1.30
HG21 DTH B 8 6.64 12.27 -0.25
HG22 DTH B 8 5.75 12.51 -1.75
HG23 DTH B 8 6.33 13.90 -0.84
N ALA B 9 8.97 11.38 -4.63
CA ALA B 9 9.93 11.50 -5.70
C ALA B 9 9.96 12.93 -6.18
N EI4 B 10 8.90 13.32 -6.86
CA EI4 B 10 8.78 14.66 -7.38
CB EI4 B 10 7.72 14.69 -8.47
CG EI4 B 10 8.16 15.32 -9.77
CD2 EI4 B 10 9.22 14.34 -10.49
NE2 EI4 B 10 8.51 13.95 -11.76
CE1 EI4 B 10 7.24 14.51 -11.86
ND1 EI4 B 10 7.01 15.30 -10.75
NT EI4 B 10 6.44 14.40 -12.87
C EI4 B 10 8.47 15.62 -6.24
O EI4 B 10 8.87 16.78 -6.27
H EI4 B 10 8.17 12.67 -7.01
HA EI4 B 10 9.74 14.93 -7.80
HB EI4 B 10 6.87 15.23 -8.10
HBA EI4 B 10 7.42 13.68 -8.67
HG1 EI4 B 10 8.53 16.31 -9.64
HD2 EI4 B 10 9.41 13.46 -9.88
HE EI4 B 10 8.90 13.35 -12.44
HND1 EI4 B 10 6.18 15.79 -10.60
HD1 EI4 B 10 10.14 14.86 -10.71
H1 EI4 B 10 6.71 13.87 -13.68
HH12 EI4 B 10 5.53 14.81 -12.83
N ILE B 11 7.75 15.12 -5.25
CA ILE B 11 7.43 15.90 -4.06
C ILE B 11 7.62 15.06 -2.83
N ZAE C 1 1.60 9.68 -0.06
CA ZAE C 1 0.98 9.93 -1.40
C ZAE C 1 -0.06 8.88 -1.59
O ZAE C 1 -1.24 9.14 -1.41
CB ZAE C 1 0.33 11.33 -1.43
CG ZAE C 1 0.03 11.85 -2.79
CD1 ZAE C 1 -0.65 11.08 -3.73
CD2 ZAE C 1 0.40 13.14 -3.15
CE1 ZAE C 1 -0.95 11.59 -4.99
CE2 ZAE C 1 0.10 13.66 -4.40
CZ ZAE C 1 -0.57 12.87 -5.32
C10 ZAE C 1 2.84 8.93 -0.14
H ZAE C 1 0.94 9.12 0.50
HA ZAE C 1 1.72 9.85 -2.19
HB2 ZAE C 1 -0.60 11.29 -0.87
HB3 ZAE C 1 1.00 12.03 -0.95
HD1 ZAE C 1 -0.95 10.07 -3.47
HD2 ZAE C 1 0.92 13.75 -2.42
HE1 ZAE C 1 -1.48 10.98 -5.71
HE2 ZAE C 1 0.40 14.66 -4.65
HZ ZAE C 1 -0.80 13.27 -6.30
H11 ZAE C 1 2.69 8.01 -0.68
H12 ZAE C 1 3.19 8.69 0.86
H13 ZAE C 1 3.60 9.53 -0.65
HN2 ZAE C 1 1.76 10.59 0.42
N ILE C 2 0.38 7.69 -1.86
CA ILE C 2 -0.58 6.63 -1.93
C ILE C 2 -0.52 5.83 -0.72
N SER C 3 -1.70 5.55 -0.35
CA SER C 3 -1.97 4.85 0.83
C SER C 3 -2.93 3.75 0.52
N DGN C 4 -2.82 2.74 1.31
CA DGN C 4 -3.70 1.64 1.21
C DGN C 4 -2.92 0.38 1.02
O DGN C 4 -1.68 0.41 1.02
CB DGN C 4 -4.63 1.63 2.43
CG DGN C 4 -4.22 0.73 3.59
CD DGN C 4 -4.18 1.45 4.93
OE1 DGN C 4 -4.97 2.35 5.19
NE2 DGN C 4 -3.29 1.02 5.78
H DGN C 4 -2.06 2.69 1.94
HA DGN C 4 -4.30 1.80 0.32
HB2 DGN C 4 -5.61 1.34 2.11
HB3 DGN C 4 -4.67 2.64 2.81
HG2 DGN C 4 -3.23 0.33 3.40
HG3 DGN C 4 -4.93 -0.07 3.67
HE21 DGN C 4 -2.72 0.27 5.52
HE22 DGN C 4 -3.20 1.50 6.64
N 28J C 5 -3.64 -0.71 0.90
CA 28J C 5 -2.99 -1.98 0.73
CB 28J C 5 -1.97 -1.96 -0.44
CG2 28J C 5 -0.66 -2.57 0.00
CG1 28J C 5 -2.57 -2.76 -1.60
CD1 28J C 5 -1.97 -2.54 -2.93
C 28J C 5 -3.99 -3.04 0.37
O 28J C 5 -5.21 -2.77 0.20
HA 28J C 5 -2.46 -2.22 1.62
H22 28J C 5 -1.79 -0.94 -0.76
H23 28J C 5 -0.87 -3.47 0.58
H24 28J C 5 -0.11 -1.88 0.61
H25 28J C 5 -0.07 -2.85 -0.86
H26 28J C 5 -2.49 -3.79 -1.35
H27 28J C 5 -3.63 -2.49 -1.66
H28 28J C 5 -0.98 -2.95 -2.94
H29 28J C 5 -1.94 -1.49 -3.14
H30 28J C 5 -2.58 -3.04 -3.67
N ILE C 6 -3.46 -4.28 0.26
CA ILE C 6 -4.28 -5.39 -0.17
C ILE C 6 -4.14 -6.64 0.63
N SER C 7 -5.29 -7.39 0.58
CA SER C 7 -5.46 -8.78 1.04
C SER C 7 -6.89 -9.33 0.75
N DTH C 8 -7.00 -10.68 0.62
CA DTH C 8 -8.36 -11.29 0.52
CB DTH C 8 -8.81 -12.03 1.81
CG2 DTH C 8 -8.74 -11.16 3.05
OG1 DTH C 8 -8.05 -13.23 2.05
C DTH C 8 -8.59 -12.31 -0.57
O DTH C 8 -9.73 -12.59 -0.92
H DTH C 8 -6.21 -11.21 0.41
HA DTH C 8 -9.05 -10.47 0.39
HB DTH C 8 -9.84 -12.31 1.67
HG21 DTH C 8 -8.83 -11.78 3.93
HG22 DTH C 8 -9.57 -10.47 3.03
HG23 DTH C 8 -7.81 -10.63 3.06
N ALA C 9 -7.52 -12.91 -1.05
CA ALA C 9 -7.60 -13.92 -2.05
C ALA C 9 -7.85 -15.26 -1.38
N EI4 C 10 -6.81 -15.78 -0.77
CA EI4 C 10 -6.90 -17.04 -0.06
CB EI4 C 10 -5.52 -17.68 0.01
CG EI4 C 10 -5.49 -19.17 -0.26
CD2 EI4 C 10 -6.07 -19.47 -1.74
NE2 EI4 C 10 -4.88 -20.06 -2.46
CE1 EI4 C 10 -3.79 -20.21 -1.62
ND1 EI4 C 10 -4.09 -19.71 -0.37
NT EI4 C 10 -2.70 -20.84 -1.93
C EI4 C 10 -7.52 -16.84 1.33
O EI4 C 10 -8.29 -17.67 1.80
H EI4 C 10 -5.95 -15.32 -0.80
HA EI4 C 10 -7.55 -17.69 -0.62
HB EI4 C 10 -5.10 -17.50 0.98
HBA EI4 C 10 -4.90 -17.19 -0.74
HG1 EI4 C 10 -6.05 -19.72 0.50
HD2 EI4 C 10 -6.40 -18.55 -2.22
HE EI4 C 10 -4.91 -20.34 -3.40
HND1 EI4 C 10 -3.46 -19.71 0.38
HD1 EI4 C 10 -6.88 -20.19 -1.70
H1 EI4 C 10 -2.62 -21.31 -2.82
HH12 EI4 C 10 -1.94 -20.88 -1.27
N ILE C 11 -7.13 -15.74 1.98
CA ILE C 11 -7.70 -15.36 3.27
C ILE C 11 -8.54 -14.11 3.08
N ZAE D 1 -14.55 -11.59 3.78
CA ZAE D 1 -13.55 -12.43 3.06
C ZAE D 1 -12.54 -11.57 2.29
O ZAE D 1 -11.77 -12.10 1.48
CB ZAE D 1 -12.81 -13.34 4.04
CG ZAE D 1 -12.49 -14.72 3.51
CD1 ZAE D 1 -12.43 -14.96 2.13
CD2 ZAE D 1 -12.24 -15.77 4.38
CE1 ZAE D 1 -12.14 -16.22 1.64
CE2 ZAE D 1 -11.95 -17.04 3.89
CZ ZAE D 1 -11.89 -17.27 2.53
C10 ZAE D 1 -15.70 -12.40 4.23
H ZAE D 1 -14.92 -10.86 3.14
HA ZAE D 1 -14.08 -13.06 2.34
HB2 ZAE D 1 -11.87 -12.87 4.30
HB3 ZAE D 1 -13.40 -13.46 4.93
HD1 ZAE D 1 -12.62 -14.14 1.45
HD2 ZAE D 1 -12.29 -15.60 5.44
HE1 ZAE D 1 -12.09 -16.39 0.58
HE2 ZAE D 1 -11.76 -17.84 4.58
HZ ZAE D 1 -11.66 -18.25 2.15
H11 ZAE D 1 -16.38 -11.79 4.80
H12 ZAE D 1 -15.34 -13.22 4.85
H13 ZAE D 1 -16.22 -12.82 3.37
HN2 ZAE D 1 -14.08 -11.13 4.59
N ILE D 2 -12.51 -10.26 2.56
CA ILE D 2 -11.60 -9.37 1.83
C ILE D 2 -11.11 -8.18 2.67
N SER D 3 -9.77 -7.93 2.74
CA SER D 3 -9.31 -6.78 3.51
C SER D 3 -8.27 -5.93 2.79
N DGN D 4 -8.47 -4.62 3.01
CA DGN D 4 -7.66 -3.56 2.45
C DGN D 4 -8.58 -2.49 1.90
O DGN D 4 -9.79 -2.48 2.17
CB DGN D 4 -6.70 -2.92 3.48
CG DGN D 4 -7.37 -1.89 4.41
CD DGN D 4 -8.25 -2.53 5.46
OE1 DGN D 4 -7.76 -2.88 6.54
NE2 DGN D 4 -9.54 -2.65 5.19
H DGN D 4 -9.24 -4.36 3.58
HA DGN D 4 -7.09 -3.97 1.64
HB2 DGN D 4 -5.92 -2.40 2.93
HB3 DGN D 4 -6.25 -3.68 4.08
HG2 DGN D 4 -7.98 -1.24 3.80
HG3 DGN D 4 -6.60 -1.32 4.90
HE21 DGN D 4 -9.87 -2.32 4.33
HE22 DGN D 4 -10.11 -3.10 5.86
N 28J D 5 -7.94 -1.53 1.27
CA 28J D 5 -8.65 -0.42 0.60
CB 28J D 5 -9.97 -0.92 -0.16
CG2 28J D 5 -11.00 0.20 -0.23
CG1 28J D 5 -9.75 -1.48 -1.60
CD1 28J D 5 -11.03 -2.10 -2.21
C 28J D 5 -7.68 0.31 -0.31
O 28J D 5 -6.47 0.04 -0.27
HA 28J D 5 -8.96 0.25 1.38
H22 28J D 5 -10.40 -1.69 0.44
H23 28J D 5 -10.71 0.92 -0.99
H24 28J D 5 -11.07 0.69 0.72
H25 28J D 5 -11.96 -0.22 -0.50
H26 28J D 5 -9.44 -0.68 -2.26
H27 28J D 5 -9.00 -2.25 -1.58
H28 28J D 5 -11.76 -1.32 -2.37
H29 28J D 5 -11.46 -2.82 -1.52
H30 28J D 5 -10.80 -2.59 -3.15
N ILE D 6 -8.23 1.34 -1.00
CA ILE D 6 -7.51 2.16 -1.97
C ILE D 6 -7.70 3.67 -1.77
N SER D 7 -6.57 4.41 -1.88
CA SER D 7 -6.60 5.89 -2.02
C SER D 7 -5.24 6.51 -2.27
N DTH D 8 -5.31 7.74 -2.82
CA DTH D 8 -4.09 8.46 -3.13
CB DTH D 8 -3.80 9.69 -2.21
CG2 DTH D 8 -4.00 9.41 -0.72
OG1 DTH D 8 -4.59 10.80 -2.57
C DTH D 8 -4.03 8.91 -4.58
O DTH D 8 -2.94 9.03 -5.13
H DTH D 8 -6.19 8.12 -3.09
HA DTH D 8 -3.29 7.76 -2.96
HB DTH D 8 -2.76 9.96 -2.36
HG21 DTH D 8 -5.01 9.11 -0.54
HG22 DTH D 8 -3.79 10.32 -0.17
HG23 DTH D 8 -3.31 8.64 -0.40
N ALA D 9 -5.19 9.18 -5.19
CA ALA D 9 -5.27 9.59 -6.60
C ALA D 9 -5.07 11.08 -6.75
N EI4 D 10 -5.90 11.84 -6.04
CA EI4 D 10 -5.81 13.27 -6.12
CB EI4 D 10 -7.17 13.86 -6.45
CG EI4 D 10 -7.20 14.56 -7.79
CD2 EI4 D 10 -6.68 13.54 -8.96
NE2 EI4 D 10 -7.93 13.36 -9.79
CE1 EI4 D 10 -8.98 14.14 -9.34
ND1 EI4 D 10 -8.60 14.83 -8.21
NT EI4 D 10 -10.12 14.28 -9.92
C EI4 D 10 -5.28 13.77 -4.82
O EI4 D 10 -4.67 14.84 -4.73
H EI4 D 10 -6.53 11.41 -5.42
HA EI4 D 10 -5.12 13.52 -6.91
HB EI4 D 10 -7.44 14.58 -5.70
HBA EI4 D 10 -7.90 13.07 -6.46
HG1 EI4 D 10 -6.62 15.48 -7.78
HD2 EI4 D 10 -6.38 12.60 -8.54
HE EI4 D 10 -7.97 12.79 -10.58
HND1 EI4 D 10 -9.19 15.43 -7.72
HD1 EI4 D 10 -5.89 14.00 -9.54
H1 EI4 D 10 -10.31 13.83 -10.79
HH12 EI4 D 10 -10.84 14.86 -9.52
N ILE D 11 -5.51 12.97 -3.82
CA ILE D 11 -4.99 13.22 -2.51
C ILE D 11 -4.10 12.07 -2.13
N ALA E 1 4.80 -13.85 13.13
CA ALA E 1 4.15 -15.10 13.63
C ALA E 1 3.37 -14.85 14.94
N DGL E 2 3.88 -15.55 16.05
CA DGL E 2 3.33 -15.18 17.36
C DGL E 2 3.21 -13.67 17.76
O DGL E 2 4.17 -12.89 17.36
CB DGL E 2 1.82 -15.63 17.35
CG DGL E 2 1.48 -17.12 16.91
CD DGL E 2 0.30 -17.18 15.90
OE1 DGL E 2 -0.58 -18.05 15.98
H DGL E 2 4.73 -16.00 15.94
HB2 DGL E 2 1.30 -14.95 16.73
HB3 DGL E 2 1.49 -15.52 18.39
HG2 DGL E 2 1.16 -17.68 17.78
HG3 DGL E 2 2.34 -17.63 16.48
N LYS E 3 0.33 -16.28 14.93
CA LYS E 3 -0.64 -16.19 13.86
C LYS E 3 -2.07 -15.69 14.31
N DAL E 4 -2.02 -14.37 14.72
CA DAL E 4 -3.17 -13.39 15.14
CB DAL E 4 -3.68 -13.51 16.80
C DAL E 4 -4.17 -13.50 13.77
O DAL E 4 -4.98 -14.38 13.62
H DAL E 4 -1.13 -13.99 14.72
HA DAL E 4 -3.64 -13.76 15.27
HB1 DAL E 4 -4.18 -14.43 16.99
HB2 DAL E 4 -4.40 -12.68 17.03
HB3 DAL E 4 -2.84 -13.39 17.52
N DAL E 5 -3.94 -12.52 12.80
CA DAL E 5 -4.74 -12.21 11.49
CB DAL E 5 -6.11 -12.08 12.23
C DAL E 5 -4.61 -13.78 10.97
O DAL E 5 -5.66 -14.38 10.51
OXT DAL E 5 -3.45 -14.33 10.83
H DAL E 5 -3.19 -11.89 13.04
HA DAL E 5 -5.26 -12.43 10.65
HB1 DAL E 5 -6.22 -11.03 12.54
HB2 DAL E 5 -6.17 -12.71 13.06
HB3 DAL E 5 -6.94 -12.29 11.53
N ALA F 1 7.73 8.38 -12.94
CA ALA F 1 7.71 7.22 -13.90
C ALA F 1 8.07 5.92 -13.14
N DGL F 2 7.11 5.40 -12.32
CA DGL F 2 7.47 4.22 -11.52
C DGL F 2 6.35 4.45 -10.42
O DGL F 2 5.32 5.17 -10.74
CB DGL F 2 6.50 2.89 -11.72
CG DGL F 2 6.18 2.64 -13.25
CD DGL F 2 4.96 1.77 -13.48
OE1 DGL F 2 4.97 0.81 -14.25
H DGL F 2 6.27 5.82 -12.26
HB2 DGL F 2 5.60 2.96 -11.14
HB3 DGL F 2 7.08 2.01 -11.34
HG2 DGL F 2 7.03 2.13 -13.71
HG3 DGL F 2 6.04 3.58 -13.75
N LYS F 3 3.89 2.16 -12.83
CA LYS F 3 2.63 1.50 -12.91
C LYS F 3 2.68 0.04 -12.38
N DAL F 4 3.14 0.03 -11.07
CA DAL F 4 3.24 -1.14 -10.05
CB DAL F 4 4.62 -2.17 -10.20
C DAL F 4 1.62 -1.63 -10.00
O DAL F 4 1.24 -2.62 -10.57
H DAL F 4 3.40 0.91 -10.74
HA DAL F 4 3.18 -1.62 -10.38
HB1 DAL F 4 4.66 -2.82 -9.30
HB2 DAL F 4 5.55 -1.60 -10.19
HB3 DAL F 4 4.61 -2.82 -11.07
N DAL F 5 0.76 -0.75 -9.32
CA DAL F 5 -0.75 -0.99 -8.93
CB DAL F 5 -0.53 -2.36 -8.26
C DAL F 5 -1.12 -1.22 -10.54
O DAL F 5 -1.83 -2.25 -10.85
OXT DAL F 5 -0.99 -0.26 -11.42
H DAL F 5 1.22 0.06 -8.97
HA DAL F 5 -1.75 -1.19 -9.12
HB1 DAL F 5 -0.27 -2.16 -7.20
HB2 DAL F 5 0.25 -2.86 -8.71
HB3 DAL F 5 -1.46 -2.94 -8.28
N ALA G 1 -0.15 -18.80 -2.96
CA ALA G 1 0.04 -19.86 -3.96
C ALA G 1 -1.27 -20.16 -4.72
N DGL G 2 -1.21 -21.10 -5.56
CA DGL G 2 -2.49 -21.67 -6.23
C DGL G 2 -3.68 -21.92 -5.16
O DGL G 2 -4.89 -21.92 -5.56
CB DGL G 2 -3.10 -20.51 -7.05
CG DGL G 2 -2.19 -19.82 -8.14
CD DGL G 2 -2.68 -18.41 -8.56
OE1 DGL G 2 -2.70 -18.06 -9.74
H DGL G 2 -0.35 -21.67 -5.73
HB2 DGL G 2 -3.42 -19.76 -6.35
HB3 DGL G 2 -3.97 -20.92 -7.56
HG2 DGL G 2 -2.21 -20.43 -9.04
HG3 DGL G 2 -1.16 -19.74 -7.80
N LYS G 3 -3.06 -17.62 -7.56
CA LYS G 3 -3.53 -16.26 -7.76
C LYS G 3 -4.76 -16.13 -8.72
N DAL G 4 -5.81 -16.89 -8.24
CA DAL G 4 -7.28 -17.01 -8.72
CB DAL G 4 -7.53 -17.89 -10.20
C DAL G 4 -7.82 -15.43 -8.40
O DAL G 4 -7.61 -14.49 -9.17
H DAL G 4 -5.59 -17.41 -7.44
HA DAL G 4 -7.29 -16.70 -9.23
HB1 DAL G 4 -7.11 -17.37 -11.04
HB2 DAL G 4 -8.62 -17.99 -10.40
HB3 DAL G 4 -7.13 -18.92 -10.16
N DAL G 5 -8.43 -15.26 -7.15
CA DAL G 5 -9.19 -13.98 -6.60
CB DAL G 5 -10.12 -13.83 -7.81
C DAL G 5 -7.86 -13.03 -6.86
O DAL G 5 -6.69 -13.33 -6.36
OXT DAL G 5 -8.03 -11.87 -7.39
H DAL G 5 -8.46 -16.10 -6.61
HA DAL G 5 -9.29 -13.00 -6.32
HB1 DAL G 5 -11.02 -14.44 -7.63
HB2 DAL G 5 -9.65 -14.16 -8.68
HB3 DAL G 5 -10.44 -12.78 -7.90
N ALA H 1 -13.61 12.05 -10.93
CA ALA H 1 -13.50 12.54 -12.32
C ALA H 1 -12.75 13.88 -12.33
N DGL H 2 -13.54 14.96 -12.29
CA DGL H 2 -13.06 16.33 -12.30
C DGL H 2 -12.18 16.14 -10.98
O DGL H 2 -11.11 16.82 -10.98
CB DGL H 2 -12.10 16.39 -13.51
CG DGL H 2 -12.67 16.21 -14.95
CD DGL H 2 -11.81 15.21 -15.77
OE1 DGL H 2 -11.71 15.33 -16.99
H DGL H 2 -14.54 14.81 -12.36
HA DGL H 2 -12.51 16.96 -11.97
HB2 DGL H 2 -11.28 15.79 -13.34
HB3 DGL H 2 -11.78 17.48 -13.47
HG2 DGL H 2 -12.62 17.18 -15.47
HG3 DGL H 2 -13.69 15.88 -14.93
N LYS H 3 -11.19 14.26 -15.09
CA LYS H 3 -10.38 13.22 -15.70
C LYS H 3 -9.24 13.75 -16.63
N DAL H 4 -8.48 14.66 -15.95
CA DAL H 4 -7.16 15.40 -16.34
CB DAL H 4 -7.22 16.35 -17.79
C DAL H 4 -6.04 14.18 -15.99
O DAL H 4 -5.82 13.25 -16.76
H DAL H 4 -8.81 14.89 -15.07
HA DAL H 4 -7.00 15.14 -16.87
HB1 DAL H 4 -7.32 15.73 -18.67
HB2 DAL H 4 -6.26 16.92 -17.93
HB3 DAL H 4 -8.03 17.11 -17.79
N DAL H 5 -5.46 14.27 -14.72
CA DAL H 5 -4.24 13.43 -14.17
CB DAL H 5 -3.26 13.64 -15.29
C DAL H 5 -5.10 12.02 -14.39
O DAL H 5 -6.24 11.79 -13.76
OXT DAL H 5 -4.55 11.03 -14.99
H DAL H 5 -5.78 15.04 -14.19
HA DAL H 5 -3.80 12.55 -13.79
HB1 DAL H 5 -3.75 14.02 -16.17
HB2 DAL H 5 -2.84 12.67 -15.51
HB3 DAL H 5 -2.46 14.32 -14.98
C1 MUB I . 4.00 -9.97 9.30
C2 MUB I . 5.29 -10.38 9.99
C3 MUB I . 5.75 -11.74 9.44
C4 MUB I . 4.54 -12.69 9.25
C5 MUB I . 3.58 -12.09 8.20
C6 MUB I . 2.13 -12.27 8.61
C7 MUB I . 7.14 -9.44 8.78
C8 MUB I . 8.22 -8.36 8.69
C9 MUB I . 6.27 -12.49 11.64
C10 MUB I . 5.62 -13.83 12.05
C11 MUB I . 6.72 -11.47 12.74
O1 MUB I . 4.01 -8.60 9.08
O3 MUB I . 6.74 -12.33 10.29
O4 MUB I . 4.94 -14.02 8.87
O5 MUB I . 3.83 -10.66 8.04
O6 MUB I . 1.82 -11.46 9.74
O7 MUB I . 6.92 -10.16 7.81
O10 MUB I . 5.85 -14.83 11.37
N2 MUB I . 6.33 -9.39 9.83
H1 MUB I . 3.13 -10.21 9.94
H2 MUB I . 5.05 -10.32 11.07
HN2 MUB I . 6.56 -8.79 10.58
H81 MUB I . 8.83 -8.40 9.59
H82 MUB I . 7.77 -7.40 8.60
H83 MUB I . 8.83 -8.55 7.81
H3 MUB I . 6.30 -11.62 8.49
H9 MUB I . 5.26 -12.25 11.39
H111 MUB I . 7.81 -11.31 12.72
H112 MUB I . 6.48 -11.84 13.68
H113 MUB I . 6.17 -10.52 12.61
H4 MUB I . 4.12 -13.03 10.19
H5 MUB I . 3.67 -12.64 7.27
H61 MUB I . 2.06 -13.30 9.00
H62 MUB I . 1.38 -12.15 7.79
HO6 MUB I . 1.03 -11.72 10.23
C1 NAG I . 6.04 -14.07 7.94
C2 NAG I . 6.15 -15.48 7.34
C3 NAG I . 7.30 -15.55 6.34
C4 NAG I . 7.21 -14.39 5.33
C5 NAG I . 7.02 -13.05 6.03
C6 NAG I . 6.79 -11.95 5.02
C7 NAG I . 7.38 -16.41 9.21
C8 NAG I . 7.44 -17.50 10.28
N2 NAG I . 6.33 -16.46 8.38
O3 NAG I . 7.22 -16.78 5.62
O4 NAG I . 8.42 -14.35 4.58
O5 NAG I . 5.87 -13.10 6.90
O6 NAG I . 5.43 -11.90 4.61
O7 NAG I . 8.37 -15.72 8.96
H1 NAG I . 6.94 -13.82 8.56
H2 NAG I . 5.27 -15.89 6.88
H3 NAG I . 8.26 -15.55 6.87
H4 NAG I . 6.50 -14.75 4.56
H5 NAG I . 7.89 -12.72 6.64
H61 NAG I . 7.36 -12.07 4.09
H62 NAG I . 7.12 -11.00 5.47
H81 NAG I . 7.54 -18.46 9.79
H82 NAG I . 6.54 -17.50 10.86
H83 NAG I . 8.29 -17.31 10.94
HN2 NAG I . 5.57 -17.02 8.62
HO3 NAG I . 7.22 -17.53 6.21
HO4 NAG I . 8.66 -15.24 4.28
HO6 NAG I . 4.92 -11.80 5.43
C1 MUB J . 4.84 10.10 -9.44
C2 MUB J . 5.69 11.20 -10.03
C3 MUB J . 5.37 11.35 -11.52
C4 MUB J . 4.79 10.06 -12.12
C5 MUB J . 3.53 9.60 -11.38
C6 MUB J . 3.48 8.07 -11.29
C7 MUB J . 4.56 13.32 -9.83
C8 MUB J . 4.38 14.64 -9.11
C9 MUB J . 7.58 10.76 -12.24
C10 MUB J . 7.53 9.67 -13.32
C11 MUB J . 8.86 10.98 -11.35
O1 MUB J . 4.74 10.28 -8.07
O3 MUB J . 6.54 11.76 -12.24
O4 MUB J . 4.50 10.21 -13.53
O5 MUB J . 3.52 10.12 -10.02
O6 MUB J . 4.58 7.58 -10.53
O7 MUB J . 3.77 13.00 -10.72
O10 MUB J . 7.37 10.01 -14.50
N2 MUB J . 5.46 12.47 -9.35
H1 MUB J . 5.30 9.11 -9.63
H2 MUB J . 6.73 10.94 -9.76
HN2 MUB J . 6.08 12.77 -8.64
H81 MUB J . 3.57 15.18 -9.58
H82 MUB J . 5.28 15.21 -9.19
H83 MUB J . 4.17 14.43 -8.07
H3 MUB J . 4.67 12.18 -11.68
H9 MUB J . 6.96 10.06 -11.71
H111 MUB J . 9.29 11.96 -11.53
H112 MUB J . 9.56 10.26 -11.61
H113 MUB J . 8.59 10.84 -10.29
H4 MUB J . 5.57 9.32 -12.30
H5 MUB J . 2.63 9.85 -11.92
H61 MUB J . 3.71 7.70 -12.31
H62 MUB J . 2.51 7.59 -10.96
HO6 MUB J . 4.72 6.61 -10.59
C1 NAG J . 3.84 11.45 -13.88
C2 NAG J . 3.20 11.31 -15.27
C3 NAG J . 2.48 12.60 -15.65
C4 NAG J . 1.52 13.02 -14.53
C5 NAG J . 2.22 13.05 -13.18
C6 NAG J . 1.26 13.34 -12.04
C7 NAG J . 5.35 11.57 -16.36
C8 NAG J . 6.29 11.06 -17.47
N2 NAG J . 4.18 10.95 -16.27
O3 NAG J . 1.74 12.40 -16.84
O4 NAG J . 1.01 14.31 -14.82
O5 NAG J . 2.84 11.77 -12.92
O6 NAG J . 0.54 12.19 -11.66
O7 NAG J . 5.56 12.66 -15.82
H1 NAG J . 4.65 12.20 -13.89
H2 NAG J . 2.51 10.48 -15.43
H3 NAG J . 3.20 13.41 -15.82
H4 NAG J . 0.65 12.33 -14.69
H5 NAG J . 2.99 13.83 -13.10
H61 NAG J . 0.52 14.11 -12.30
H62 NAG J . 1.87 13.75 -11.21
H81 NAG J . 6.52 10.01 -17.27
H82 NAG J . 7.20 11.63 -17.46
H83 NAG J . 5.81 11.18 -18.43
HN2 NAG J . 4.06 10.09 -16.73
HO3 NAG J . 2.36 12.18 -17.55
HO4 NAG J . 0.67 14.32 -15.72
HO6 NAG J . 1.17 11.47 -11.69
C1 MUB K . -2.40 -14.32 -1.74
C2 MUB K . -1.27 -15.05 -1.04
C3 MUB K . -0.10 -15.18 -2.01
C4 MUB K . -0.54 -15.81 -3.34
C5 MUB K . -1.66 -14.96 -3.95
C6 MUB K . -2.94 -15.78 -4.24
C7 MUB K . -0.02 -13.30 0.07
C8 MUB K . 0.33 -12.63 1.39
C9 MUB K . 0.52 -17.30 -1.08
C10 MUB K . 0.84 -18.40 -2.10
C11 MUB K . 0.07 -17.67 0.38
O1 MUB K . -2.77 -13.24 -0.95
O3 MUB K . 0.94 -15.95 -1.38
O4 MUB K . 0.56 -15.93 -4.28
O5 MUB K . -2.01 -13.86 -3.05
O6 MUB K . -3.39 -16.43 -3.06
O7 MUB K . 0.37 -12.85 -1.01
O10 MUB K . 1.99 -18.80 -2.18
N2 MUB K . -0.86 -14.33 0.16
H1 MUB K . -3.24 -15.00 -1.93
H2 MUB K . -1.74 -15.95 -0.66
HN2 MUB K . -1.15 -14.65 1.04
H81 MUB K . 1.02 -11.83 1.20
H82 MUB K . 0.77 -13.35 2.04
H83 MUB K . -0.59 -12.26 1.84
H3 MUB K . 0.37 -14.21 -2.17
H9 MUB K . -0.37 -17.23 -1.67
H111 MUB K . 0.79 -17.30 1.12
H112 MUB K . 0.01 -18.71 0.46
H113 MUB K . -0.95 -17.27 0.57
H4 MUB K . -0.69 -16.88 -3.25
H5 MUB K . -1.41 -14.63 -4.93
H61 MUB K . -2.66 -16.62 -4.93
H62 MUB K . -3.76 -15.17 -4.71
HO6 MUB K . -4.22 -16.90 -3.18
C1 NAG K . 1.63 -14.99 -4.07
C2 NAG K . 2.70 -15.17 -5.17
C3 NAG K . 3.83 -14.17 -4.98
C4 NAG K . 3.27 -12.75 -4.86
C5 NAG K . 2.18 -12.69 -3.79
C6 NAG K . 1.55 -11.30 -3.70
C7 NAG K . 3.89 -17.02 -4.14
C8 NAG K . 4.32 -18.49 -4.30
N2 NAG K . 3.20 -16.53 -5.16
O3 NAG K . 4.69 -14.24 -6.11
O4 NAG K . 4.32 -11.86 -4.52
O5 NAG K . 1.14 -13.64 -4.09
O6 NAG K . 0.72 -11.04 -4.82
O7 NAG K . 4.47 -16.29 -3.32
H1 NAG K . 2.03 -15.24 -3.07
H2 NAG K . 2.42 -15.14 -6.19
H3 NAG K . 4.42 -14.38 -4.08
H4 NAG K . 3.02 -12.48 -5.92
H5 NAG K . 2.54 -12.87 -2.78
H61 NAG K . 2.31 -10.50 -3.70
H62 NAG K . 1.02 -11.23 -2.74
H81 NAG K . 4.96 -18.57 -5.17
H82 NAG K . 3.44 -19.10 -4.43
H83 NAG K . 4.85 -18.80 -3.39
HN2 NAG K . 2.76 -17.15 -5.78
HO3 NAG K . 5.14 -15.08 -6.11
HO4 NAG K . 5.06 -12.01 -5.10
HO6 NAG K . 0.26 -11.86 -4.99
C1 MUB L . -10.63 9.71 -7.61
C2 MUB L . -12.14 9.79 -7.47
C3 MUB L . -12.79 8.87 -8.50
C4 MUB L . -12.04 8.93 -9.85
C5 MUB L . -10.60 8.43 -9.67
C6 MUB L . -9.57 9.25 -10.45
C7 MUB L . -12.89 8.18 -5.84
C8 MUB L . -13.34 7.90 -4.40
C9 MUB L . -14.35 10.60 -9.07
C10 MUB L . -14.29 10.95 -10.57
C11 MUB L . -14.92 11.64 -8.05
O1 MUB L . -10.07 9.77 -6.35
O3 MUB L . -14.17 9.22 -8.67
O4 MUB L . -12.72 8.15 -10.88
O5 MUB L . -10.23 8.47 -8.26
O6 MUB L . -9.54 10.60 -10.00
O7 MUB L . -12.73 7.26 -6.64
O10 MUB L . -14.77 10.15 -11.37
N2 MUB L . -12.56 9.44 -6.13
H1 MUB L . -10.26 10.56 -8.22
H2 MUB L . -12.35 10.87 -7.53
HN2 MUB L . -12.71 10.15 -5.45
H81 MUB L . -14.26 8.46 -4.21
H82 MUB L . -12.58 8.22 -3.72
H83 MUB L . -13.49 6.83 -4.30
H3 MUB L . -12.84 7.84 -8.12
H9 MUB L . -13.29 10.78 -9.13
H111 MUB L . -15.84 11.26 -7.57
H112 MUB L . -15.15 12.51 -8.55
H113 MUB L . -14.14 11.87 -7.30
H4 MUB L . -12.19 9.89 -10.36
H5 MUB L . -10.49 7.43 -10.09
H61 MUB L . -9.97 9.33 -11.49
H62 MUB L . -8.54 8.81 -10.50
HO6 MUB L . -8.73 10.83 -9.52
C1 NAG L . -13.39 6.97 -10.41
C2 NAG L . -13.84 6.12 -11.60
C3 NAG L . -14.55 4.86 -11.13
C4 NAG L . -13.68 4.12 -10.10
C5 NAG L . -13.23 5.06 -8.99
C6 NAG L . -12.30 4.37 -8.01
C7 NAG L . -15.88 7.34 -12.11
C8 NAG L . -16.61 8.18 -13.16
N2 NAG L . -14.69 6.90 -12.49
O3 NAG L . -14.80 4.01 -12.23
O4 NAG L . -14.42 3.05 -9.55
O5 NAG L . -12.53 6.19 -9.55
O6 NAG L . -10.97 4.29 -8.51
O7 NAG L . -16.51 6.81 -11.19
H1 NAG L . -14.25 7.36 -9.84
H2 NAG L . -13.10 5.82 -12.33
H3 NAG L . -15.51 5.09 -10.65
H4 NAG L . -12.91 3.62 -10.75
H5 NAG L . -14.05 5.42 -8.36
H61 NAG L . -12.60 3.33 -7.79
H62 NAG L . -12.35 4.91 -7.04
H81 NAG L . -16.79 7.56 -14.04
H82 NAG L . -16.01 9.02 -13.45
H83 NAG L . -17.56 8.53 -12.74
HN2 NAG L . -14.22 7.35 -13.22
HO3 NAG L . -15.37 4.46 -12.86
HO4 NAG L . -14.87 2.60 -10.27
HO6 NAG L . -10.91 5.01 -9.13
P 2PO M . 3.65 -7.60 10.30
O1P 2PO M . 4.87 -6.90 10.77
O2P 2PO M . 2.83 -8.33 11.30
O3P 2PO M . 2.72 -6.53 9.57
P 2PO N . 2.75 -6.46 7.97
O1P 2PO N . 4.09 -5.96 7.55
O2P 2PO N . 2.29 -7.76 7.43
O3P 2PO N . 1.63 -5.34 7.69
C1 P1W O . 0.28 -5.71 7.40
C2 P1W O . -0.57 -4.47 7.38
C3 P1W O . -1.89 -4.38 7.72
C4 P1W O . -2.64 -3.06 7.67
C5 P1W O . -2.70 -5.59 8.23
H12 P1W O . 0.25 -6.19 6.43
H11 P1W O . -0.07 -6.40 8.15
H2 P1W O . -0.03 -3.57 7.12
H41 P1W O . -3.23 -2.93 8.56
H42 P1W O . -1.92 -2.25 7.60
H51 P1W O . -2.52 -6.42 7.59
H52 P1W O . -3.75 -5.34 8.24
H53 P1W O . -2.39 -5.83 9.25
C1 P1W P . -3.56 -2.97 6.43
C2 P1W P . -4.68 -3.98 6.50
C3 P1W P . -4.74 -5.06 5.69
C4 P1W P . -5.87 -6.07 5.81
C5 P1W P . -3.74 -5.32 4.54
H12 P1W P . -2.98 -3.16 5.54
H11 P1W P . -3.98 -1.97 6.38
H2 P1W P . -5.61 -3.54 6.85
H41 P1W P . -6.79 -5.60 6.16
H42 P1W P . -6.05 -6.56 4.85
H51 P1W P . -3.94 -4.61 3.75
H52 P1W P . -3.84 -6.33 4.17
H53 P1W P . -2.72 -5.17 4.90
C1 P1W Q . 0.78 3.77 -10.45
C2 P1W Q . 0.90 2.76 -9.33
C3 P1W Q . 1.92 2.72 -8.47
C4 P1W Q . 2.02 1.70 -7.34
C5 P1W Q . 3.10 3.69 -8.55
H12 P1W Q . 1.65 4.40 -10.46
H11 P1W Q . 0.70 3.25 -11.38
H2 P1W Q . 0.17 1.97 -9.36
H43 P1W Q . 1.08 1.18 -7.24
H41 P1W Q . 2.25 2.21 -6.41
H42 P1W Q . 2.81 0.99 -7.55
H51 P1W Q . 3.49 3.71 -9.56
H52 P1W Q . 3.88 3.37 -7.88
H53 P1W Q . 2.77 4.69 -8.28
C1 P1W R . -5.46 -7.13 6.79
C2 P1W R . -5.04 -8.30 5.95
C3 P1W R . -3.84 -8.92 6.04
C4 P1W R . -3.39 -10.06 5.09
C5 P1W R . -2.97 -8.68 7.25
H12 P1W R . -6.27 -7.37 7.44
H11 P1W R . -4.60 -6.77 7.36
H2 P1W R . -5.74 -8.51 5.14
H43 P1W R . -2.87 -10.82 5.67
H41 P1W R . -2.70 -9.68 4.34
H42 P1W R . -4.24 -10.50 4.59
H51 P1W R . -3.51 -8.08 7.98
H52 P1W R . -2.07 -8.17 6.96
H53 P1W R . -2.72 -9.64 7.69
P 2PO S . 6.06 10.17 -7.17
O1P 2PO S . 6.94 11.32 -7.44
O2P 2PO S . 6.61 8.80 -7.27
O3P 2PO S . 5.45 10.38 -5.72
P 2PO T . 4.89 11.83 -5.37
O1P 2PO T . 5.84 12.45 -4.43
O2P 2PO T . 4.55 12.56 -6.64
O3P 2PO T . 3.54 11.46 -4.60
C1 P1W U . 2.37 11.22 -5.34
C2 P1W U . 2.52 9.91 -6.08
C3 P1W U . 1.79 9.50 -7.12
C4 P1W U . 2.06 8.15 -7.75
C5 P1W U . 0.64 10.30 -7.77
H12 P1W U . 1.52 11.16 -4.67
H11 P1W U . 2.21 12.03 -6.04
H2 P1W U . 3.31 9.29 -5.69
H41 P1W U . 2.31 8.27 -8.79
H42 P1W U . 2.89 7.69 -7.23
H51 P1W U . 0.90 11.35 -7.77
H52 P1W U . -0.27 10.15 -7.21
H53 P1W U . 0.50 9.97 -8.79
C1 P1W V . -10.16 -8.25 -4.74
C2 P1W V . -9.06 -7.73 -5.61
C3 P1W V . -9.21 -6.72 -6.50
C4 P1W V . -8.07 -6.25 -7.37
C5 P1W V . -10.53 -5.98 -6.71
H12 P1W V . -10.97 -7.54 -4.68
H11 P1W V . -10.52 -9.19 -5.16
H2 P1W V . -8.21 -8.38 -5.69
H41 P1W V . -7.65 -7.09 -7.91
H42 P1W V . -8.44 -5.52 -8.09
H51 P1W V . -10.42 -5.27 -7.51
H52 P1W V . -10.80 -5.45 -5.80
H53 P1W V . -11.31 -6.68 -6.95
C1 P1W W . -6.98 -5.60 -6.52
C2 P1W W . -5.90 -6.60 -6.23
C3 P1W W . -4.59 -6.34 -6.46
C4 P1W W . -3.47 -7.35 -6.21
C5 P1W W . -4.12 -4.99 -6.98
H12 P1W W . -7.40 -5.26 -5.59
H11 P1W W . -6.55 -4.76 -7.05
H2 P1W W . -6.25 -7.62 -6.13
H43 P1W W . -2.96 -7.58 -7.14
H41 P1W W . -3.86 -8.26 -5.79
H42 P1W W . -2.75 -6.92 -5.51
H51 P1W W . -4.33 -4.93 -8.04
H52 P1W W . -3.06 -4.91 -6.81
H53 P1W W . -4.64 -4.20 -6.46
C1 P1W X . -5.40 -0.05 -9.68
C2 P1W X . -5.36 0.75 -10.95
C3 P1W X . -4.42 1.70 -11.20
C4 P1W X . -4.35 2.52 -12.50
C5 P1W X . -3.31 2.01 -10.21
H12 P1W X . -5.54 -1.09 -9.91
H11 P1W X . -4.47 0.08 -9.14
H2 P1W X . -6.10 0.49 -11.68
H43 P1W X . -4.85 3.48 -12.36
H41 P1W X . -4.81 2.00 -13.31
H42 P1W X . -3.31 2.71 -12.75
H51 P1W X . -2.53 1.27 -10.30
H52 P1W X . -3.72 1.99 -9.21
H53 P1W X . -2.92 2.99 -10.42
C1 P1W Y . 0.84 7.25 -7.61
C2 P1W Y . 0.66 6.40 -8.85
C3 P1W Y . -0.32 5.49 -9.02
C4 P1W Y . -0.46 4.64 -10.26
C5 P1W Y . -1.43 5.26 -7.98
H12 P1W Y . -0.04 7.87 -7.48
H11 P1W Y . 0.97 6.61 -6.76
H2 P1W Y . 1.52 6.40 -9.51
H41 P1W Y . -1.33 4.01 -10.18
H42 P1W Y . -0.55 5.29 -11.12
H51 P1W Y . -2.37 5.07 -8.49
H52 P1W Y . -1.53 6.14 -7.35
H53 P1W Y . -1.18 4.41 -7.36
P 2PO Z . -3.92 -13.44 0.16
O1P 2PO Z . -3.48 -12.92 1.48
O2P 2PO Z . -4.46 -14.82 0.05
O3P 2PO Z . -4.98 -12.44 -0.39
P 2PO AA . -4.38 -11.33 -1.33
O1P 2PO AA . -3.37 -10.56 -0.54
O2P 2PO AA . -3.99 -11.97 -2.60
O3P 2PO AA . -5.65 -10.43 -1.54
C1 P1W BA . -6.48 -10.68 -2.64
C2 P1W BA . -7.52 -9.60 -2.69
C3 P1W BA . -8.66 -9.68 -3.38
C4 P1W BA . -9.62 -8.53 -3.35
C5 P1W BA . -9.11 -10.89 -4.21
H12 P1W BA . -5.87 -10.66 -3.54
H11 P1W BA . -6.94 -11.64 -2.53
H2 P1W BA . -7.42 -8.87 -1.92
H41 P1W BA . -10.43 -8.74 -2.68
H42 P1W BA . -9.09 -7.64 -3.01
H51 P1W BA . -8.53 -11.76 -3.94
H52 P1W BA . -8.97 -10.67 -5.25
H53 P1W BA . -10.17 -11.08 -4.02
P 2PO CA . -10.02 11.19 -5.59
O1P 2PO CA . -11.14 11.28 -4.59
O2P 2PO CA . -9.90 12.25 -6.60
O3P 2PO CA . -8.65 11.05 -4.81
P 2PO DA . -8.38 9.68 -4.02
O1P 2PO DA . -7.07 9.79 -3.34
O2P 2PO DA . -9.58 9.35 -3.24
O3P 2PO DA . -8.24 8.63 -5.21
C1 P1W EA . -8.82 7.34 -5.06
C2 P1W EA . -8.57 6.53 -6.32
C3 P1W EA . -7.39 5.99 -6.67
C4 P1W EA . -7.19 5.20 -7.94
C5 P1W EA . -6.13 6.10 -5.80
H12 P1W EA . -8.36 6.84 -4.21
H11 P1W EA . -9.88 7.44 -4.90
H2 P1W EA . -9.45 6.24 -6.85
H41 P1W EA . -8.13 4.71 -8.22
H42 P1W EA . -6.90 5.87 -8.74
H51 P1W EA . -6.14 7.05 -5.29
H52 P1W EA . -5.26 6.04 -6.43
H53 P1W EA . -6.11 5.29 -5.08
C1 P1W FA . -6.11 4.16 -7.75
C2 P1W FA . -6.53 2.90 -8.42
C3 P1W FA . -6.14 1.67 -8.04
C4 P1W FA . -6.56 0.43 -8.78
C5 P1W FA . -5.24 1.40 -6.81
H12 P1W FA . -5.94 4.01 -6.68
H11 P1W FA . -5.20 4.51 -8.21
H2 P1W FA . -6.98 3.03 -9.38
H41 P1W FA . -6.81 -0.35 -8.08
H42 P1W FA . -7.41 0.65 -9.41
H51 P1W FA . -4.77 0.44 -6.91
H52 P1W FA . -5.84 1.43 -5.91
H53 P1W FA . -4.48 2.18 -6.75
N ZAE A 1 11.16 13.90 4.10
CA ZAE A 1 11.40 13.43 2.70
C ZAE A 1 10.36 12.38 2.29
O ZAE A 1 9.65 12.54 1.30
CB ZAE A 1 11.37 14.64 1.75
CG ZAE A 1 12.48 14.64 0.72
CD1 ZAE A 1 12.21 14.26 -0.60
CD2 ZAE A 1 13.76 15.05 1.04
CE1 ZAE A 1 13.21 14.27 -1.56
CE2 ZAE A 1 14.77 15.05 0.08
CZ ZAE A 1 14.48 14.68 -1.22
C10 ZAE A 1 12.30 13.56 4.97
H ZAE A 1 10.31 13.44 4.48
HA ZAE A 1 12.38 12.97 2.66
HB2 ZAE A 1 10.43 14.65 1.24
HB3 ZAE A 1 11.48 15.54 2.33
HD1 ZAE A 1 11.22 13.94 -0.85
HD2 ZAE A 1 13.99 15.34 2.05
HE1 ZAE A 1 12.98 13.97 -2.58
HE2 ZAE A 1 15.76 15.36 0.34
HZ ZAE A 1 15.26 14.68 -1.98
H11 ZAE A 1 12.12 13.96 5.96
H12 ZAE A 1 13.21 14.01 4.57
H13 ZAE A 1 12.41 12.49 5.02
HN2 ZAE A 1 11.00 14.94 4.08
N ILE A 2 10.26 11.32 3.10
CA ILE A 2 9.33 10.21 2.85
C ILE A 2 8.51 9.88 4.12
N SER A 3 7.20 9.55 3.97
CA SER A 3 6.38 9.22 5.13
C SER A 3 5.45 8.08 4.81
N DGN A 4 5.34 7.18 5.76
CA DGN A 4 4.54 5.99 5.57
C DGN A 4 5.44 4.81 5.66
O DGN A 4 6.67 4.94 5.85
CB DGN A 4 3.35 5.86 6.57
CG DGN A 4 2.01 5.51 5.92
CD DGN A 4 0.84 5.68 6.87
OE1 DGN A 4 0.16 6.71 6.86
NE2 DGN A 4 0.59 4.67 7.68
H DGN A 4 5.82 7.32 6.59
HA DGN A 4 4.16 6.03 4.58
HB2 DGN A 4 3.23 6.79 7.08
HB3 DGN A 4 3.57 5.09 7.28
HG2 DGN A 4 2.02 4.48 5.59
HG3 DGN A 4 1.85 6.15 5.08
HE21 DGN A 4 1.16 3.88 7.62
HE22 DGN A 4 -0.15 4.76 8.31
N 28J A 5 4.84 3.68 5.48
CA 28J A 5 5.57 2.41 5.54
CB 28J A 5 6.95 2.51 4.80
CG2 28J A 5 7.99 1.69 5.54
CG1 28J A 5 6.83 2.07 3.35
CD1 28J A 5 8.09 2.19 2.51
C 28J A 5 4.79 1.24 4.93
O 28J A 5 3.65 1.42 4.46
HA 28J A 5 5.78 2.20 6.56
H22 28J A 5 7.27 3.56 4.83
H23 28J A 5 7.97 1.93 6.59
H24 28J A 5 8.97 1.88 5.13
H25 28J A 5 7.75 0.64 5.41
H26 28J A 5 6.56 1.02 3.35
H27 28J A 5 6.05 2.63 2.88
H28 28J A 5 8.90 1.68 3.00
H29 28J A 5 8.34 3.24 2.40
H30 28J A 5 7.91 1.76 1.54
N ILE A 6 5.43 0.04 5.11
CA ILE A 6 4.98 -1.28 4.63
C ILE A 6 4.88 -2.25 5.80
N SER A 7 3.76 -2.99 5.78
CA SER A 7 3.46 -4.09 6.73
C SER A 7 2.45 -5.07 6.12
N DTH A 8 2.47 -6.35 6.61
CA DTH A 8 1.51 -7.39 6.17
CB DTH A 8 0.70 -8.00 7.36
CG2 DTH A 8 0.33 -6.94 8.38
OG1 DTH A 8 1.45 -9.05 7.99
C DTH A 8 2.15 -8.58 5.44
O DTH A 8 1.45 -9.35 4.80
H DTH A 8 3.19 -6.60 7.22
HA DTH A 8 0.80 -6.93 5.51
HB DTH A 8 -0.21 -8.42 6.96
HG21 DTH A 8 1.23 -6.49 8.77
HG22 DTH A 8 -0.21 -7.42 9.19
HG23 DTH A 8 -0.30 -6.19 7.93
N ALA A 9 3.45 -8.75 5.60
CA ALA A 9 4.17 -9.84 4.95
C ALA A 9 3.78 -11.19 5.45
N EI4 A 10 4.18 -11.44 6.67
CA EI4 A 10 3.92 -12.70 7.27
CB EI4 A 10 5.18 -13.21 7.97
CG EI4 A 10 5.48 -14.67 7.71
CD2 EI4 A 10 5.43 -14.98 6.12
NE2 EI4 A 10 6.83 -15.42 5.79
CE1 EI4 A 10 7.63 -15.46 6.91
ND1 EI4 A 10 6.93 -15.03 8.02
NT EI4 A 10 8.85 -15.91 6.96
C EI4 A 10 2.76 -12.54 8.20
O EI4 A 10 1.96 -13.45 8.40
H EI4 A 10 4.60 -10.72 7.20
HA EI4 A 10 3.65 -13.39 6.49
HB EI4 A 10 5.08 -13.07 9.04
HBA EI4 A 10 6.02 -12.63 7.62
HG1 EI4 A 10 4.83 -15.33 8.26
HD2 EI4 A 10 5.17 -14.08 5.56
HE EI4 A 10 7.14 -15.67 4.90
HND1 EI4 A 10 7.32 -14.94 8.92
HD1 EI4 A 10 4.72 -15.77 5.91
H1 EI4 A 10 9.26 -16.34 6.14
HH12 EI4 A 10 9.39 -15.85 7.81
N ILE A 11 2.67 -11.33 8.73
CA ILE A 11 1.61 -10.96 9.62
C ILE A 11 0.77 -9.85 8.98
N ZAE B 1 -2.11 -9.23 0.23
CA ZAE B 1 -0.67 -9.47 0.00
C ZAE B 1 0.21 -8.49 0.72
O ZAE B 1 1.23 -8.90 1.25
CB ZAE B 1 -0.33 -10.89 0.42
CG ZAE B 1 0.81 -11.47 -0.36
CD1 ZAE B 1 1.60 -10.67 -1.16
CD2 ZAE B 1 1.11 -12.84 -0.27
CE1 ZAE B 1 2.67 -11.19 -1.86
CE2 ZAE B 1 2.18 -13.36 -0.98
CZ ZAE B 1 2.96 -12.54 -1.77
C10 ZAE B 1 -2.88 -9.84 -0.87
H ZAE B 1 -2.32 -8.22 0.24
HA ZAE B 1 -0.47 -9.37 -1.06
HB2 ZAE B 1 -0.05 -10.89 1.47
HB3 ZAE B 1 -1.19 -11.51 0.28
HD1 ZAE B 1 1.36 -9.62 -1.24
HD2 ZAE B 1 0.50 -13.48 0.35
HE1 ZAE B 1 3.28 -10.54 -2.48
HE2 ZAE B 1 2.41 -14.42 -0.90
HZ ZAE B 1 3.80 -12.94 -2.31
H11 ZAE B 1 -3.93 -9.77 -0.64
H12 ZAE B 1 -2.59 -10.88 -0.97
H13 ZAE B 1 -2.66 -9.31 -1.79
HN2 ZAE B 1 -2.38 -9.65 1.15
N ILE B 2 -0.22 -7.19 0.74
CA ILE B 2 0.53 -6.07 1.36
C ILE B 2 -0.43 -4.94 1.86
N SER B 3 0.10 -4.08 2.76
CA SER B 3 -0.66 -3.01 3.38
C SER B 3 0.20 -1.90 3.85
N DGN B 4 -0.14 -0.71 3.40
CA DGN B 4 0.59 0.46 3.77
C DGN B 4 0.75 1.31 2.57
O DGN B 4 0.27 0.99 1.47
CB DGN B 4 -0.06 1.20 4.98
CG DGN B 4 -0.58 2.62 4.72
CD DGN B 4 -1.46 3.12 5.85
OE1 DGN B 4 -1.36 2.67 6.97
NE2 DGN B 4 -2.29 4.10 5.55
H DGN B 4 -0.91 -0.62 2.77
HA DGN B 4 1.57 0.13 4.06
HB2 DGN B 4 0.69 1.27 5.75
HB3 DGN B 4 -0.88 0.61 5.34
HG2 DGN B 4 -1.16 2.62 3.80
HG3 DGN B 4 0.25 3.28 4.63
HE21 DGN B 4 -2.30 4.46 4.64
HE22 DGN B 4 -2.91 4.41 6.25
N 28J B 5 1.45 2.37 2.78
CA 28J B 5 1.69 3.30 1.72
CB 28J B 5 2.25 2.56 0.47
CG2 28J B 5 1.46 2.96 -0.75
CG1 28J B 5 3.76 2.83 0.26
CD1 28J B 5 4.42 1.92 -0.75
C 28J B 5 2.65 4.41 2.07
O 28J B 5 3.16 4.49 3.20
HA 28J B 5 0.76 3.72 1.43
H22 28J B 5 2.11 1.49 0.62
H23 28J B 5 1.83 2.44 -1.61
H24 28J B 5 1.56 4.03 -0.90
H25 28J B 5 0.42 2.72 -0.60
H26 28J B 5 3.87 3.85 -0.07
H27 28J B 5 4.26 2.70 1.21
H28 28J B 5 4.26 0.89 -0.47
H29 28J B 5 5.48 2.13 -0.78
H30 28J B 5 3.99 2.09 -1.72
N ILE B 6 2.76 5.32 1.07
CA ILE B 6 3.65 6.46 1.09
C ILE B 6 2.96 7.78 0.79
N SER B 7 3.46 8.81 1.42
CA SER B 7 3.05 10.18 1.22
C SER B 7 3.89 11.07 2.04
N DTH B 8 3.79 12.36 1.70
CA DTH B 8 4.43 13.39 2.52
CB DTH B 8 3.52 14.64 2.76
CG2 DTH B 8 2.07 14.30 3.06
OG1 DTH B 8 3.61 15.53 1.63
C DTH B 8 5.75 13.92 1.97
O DTH B 8 6.49 14.60 2.69
H DTH B 8 3.38 12.59 0.82
HA DTH B 8 4.61 12.95 3.48
HB DTH B 8 3.93 15.15 3.62
HG21 DTH B 8 1.62 13.79 2.23
HG22 DTH B 8 1.52 15.21 3.26
HG23 DTH B 8 2.02 13.67 3.95
N ALA B 9 6.09 13.63 0.72
CA ALA B 9 7.32 14.15 0.16
C ALA B 9 7.29 15.65 0.07
N EI4 B 10 6.58 16.14 -0.92
CA EI4 B 10 6.52 17.56 -1.16
CB EI4 B 10 6.40 17.84 -2.65
CG EI4 B 10 7.08 19.12 -3.09
CD2 EI4 B 10 8.67 18.89 -2.97
NE2 EI4 B 10 9.13 19.10 -4.39
CE1 EI4 B 10 8.09 19.34 -5.26
ND1 EI4 B 10 6.91 19.35 -4.55
NT EI4 B 10 8.18 19.54 -6.53
C EI4 B 10 5.38 18.17 -0.38
O EI4 B 10 5.44 19.33 0.04
H EI4 B 10 6.05 15.53 -1.50
HA EI4 B 10 7.44 17.97 -0.80
HB EI4 B 10 5.36 17.89 -2.92
HBA EI4 B 10 6.86 17.01 -3.18
HG1 EI4 B 10 6.75 19.97 -2.50
HD2 EI4 B 10 8.89 17.88 -2.66
HE EI4 B 10 10.08 19.06 -4.65
HND1 EI4 B 10 6.03 19.50 -4.96
HD1 EI4 B 10 9.12 19.61 -2.30
H1 EI4 B 10 9.07 19.53 -6.98
HH12 EI4 B 10 7.35 19.71 -7.07
N ILE B 11 4.34 17.37 -0.20
CA ILE B 11 3.20 17.78 0.59
C ILE B 11 3.06 16.86 1.80
N ZAE C 1 2.26 9.62 -1.75
CA ZAE C 1 1.36 9.55 -2.95
C ZAE C 1 0.18 8.54 -2.84
O ZAE C 1 -0.95 8.87 -3.17
CB ZAE C 1 0.82 10.95 -3.26
CG ZAE C 1 0.66 11.18 -4.73
CD1 ZAE C 1 -0.54 11.66 -5.24
CD2 ZAE C 1 1.71 10.92 -5.62
CE1 ZAE C 1 -0.71 11.84 -6.61
CE2 ZAE C 1 1.54 11.11 -6.98
CZ ZAE C 1 0.33 11.58 -7.48
C10 ZAE C 1 3.63 9.33 -2.19
H ZAE C 1 2.00 8.92 -1.04
HA ZAE C 1 1.96 9.25 -3.78
HB2 ZAE C 1 -0.14 11.09 -2.79
HB3 ZAE C 1 1.51 11.70 -2.87
HD1 ZAE C 1 -1.37 11.86 -4.57
HD2 ZAE C 1 2.65 10.56 -5.24
HE1 ZAE C 1 -1.65 12.20 -6.99
HE2 ZAE C 1 2.35 10.90 -7.66
HZ ZAE C 1 0.20 11.71 -8.54
H11 ZAE C 1 4.33 9.43 -1.36
H12 ZAE C 1 3.91 10.02 -2.98
H13 ZAE C 1 3.68 8.32 -2.57
HN2 ZAE C 1 2.21 10.58 -1.31
N ILE C 2 0.47 7.29 -2.43
CA ILE C 2 -0.60 6.26 -2.31
C ILE C 2 -0.68 5.76 -0.92
N SER C 3 -1.74 5.13 -0.64
CA SER C 3 -1.92 4.73 0.69
C SER C 3 -2.86 3.56 0.78
N DGN C 4 -2.42 2.53 1.52
CA DGN C 4 -3.30 1.42 1.82
C DGN C 4 -2.85 0.10 1.21
O DGN C 4 -1.75 -0.05 0.67
CB DGN C 4 -3.38 1.30 3.34
CG DGN C 4 -4.41 0.28 3.85
CD DGN C 4 -4.38 0.11 5.36
OE1 DGN C 4 -4.15 1.06 6.10
NE2 DGN C 4 -4.65 -1.11 5.83
H DGN C 4 -1.47 2.49 1.81
HA DGN C 4 -4.26 1.66 1.44
HB2 DGN C 4 -3.64 2.27 3.74
HB3 DGN C 4 -2.41 1.01 3.72
HG2 DGN C 4 -4.21 -0.68 3.38
HG3 DGN C 4 -5.39 0.62 3.55
HE21 DGN C 4 -4.87 -1.82 5.20
HE22 DGN C 4 -4.58 -1.25 6.80
N 28J C 5 -3.71 -0.90 1.36
CA 28J C 5 -3.35 -2.20 0.88
CB 28J C 5 -2.97 -2.15 -0.60
CG2 28J C 5 -1.72 -2.98 -0.81
CG1 28J C 5 -4.12 -2.63 -1.48
CD1 28J C 5 -3.80 -2.63 -2.94
C 28J C 5 -4.45 -3.22 1.00
O 28J C 5 -5.56 -2.92 1.50
HA 28J C 5 -2.49 -2.52 1.41
H22 28J C 5 -2.73 -1.12 -0.86
H23 28J C 5 -1.97 -4.03 -0.78
H24 28J C 5 -1.01 -2.77 -0.01
H25 28J C 5 -1.27 -2.74 -1.76
H26 28J C 5 -4.39 -3.65 -1.18
H27 28J C 5 -4.97 -1.99 -1.32
H28 28J C 5 -3.18 -3.48 -3.17
H29 28J C 5 -3.26 -1.72 -3.17
H30 28J C 5 -4.70 -2.67 -3.51
N ILE C 6 -4.08 -4.47 0.59
CA ILE C 6 -5.00 -5.57 0.55
C ILE C 6 -4.54 -6.89 1.13
N SER C 7 -5.51 -7.57 1.74
CA SER C 7 -5.36 -8.99 2.07
C SER C 7 -6.66 -9.59 2.56
N DTH C 8 -6.64 -10.90 2.62
CA DTH C 8 -7.79 -11.66 3.07
CB DTH C 8 -7.39 -12.81 4.02
CG2 DTH C 8 -6.36 -12.41 5.05
OG1 DTH C 8 -6.88 -13.89 3.24
C DTH C 8 -8.57 -12.30 1.94
O DTH C 8 -9.56 -12.94 2.23
H DTH C 8 -5.84 -11.39 2.32
HA DTH C 8 -8.43 -10.98 3.61
HB DTH C 8 -8.28 -13.16 4.52
HG21 DTH C 8 -6.12 -13.26 5.67
HG22 DTH C 8 -6.77 -11.62 5.66
HG23 DTH C 8 -5.47 -12.07 4.55
N ALA C 9 -8.10 -12.18 0.68
CA ALA C 9 -8.82 -12.81 -0.44
C ALA C 9 -8.82 -14.33 -0.29
N EI4 C 10 -7.70 -14.98 -0.59
CA EI4 C 10 -7.62 -16.42 -0.49
CB EI4 C 10 -6.56 -16.97 -1.42
CG EI4 C 10 -6.90 -18.29 -2.09
CD2 EI4 C 10 -7.96 -18.01 -3.28
NE2 EI4 C 10 -7.14 -18.37 -4.51
CE1 EI4 C 10 -5.90 -18.84 -4.19
ND1 EI4 C 10 -5.71 -18.83 -2.84
NT EI4 C 10 -5.01 -19.28 -5.05
C EI4 C 10 -7.30 -16.83 0.95
O EI4 C 10 -7.70 -17.90 1.41
H EI4 C 10 -6.92 -14.47 -0.90
HA EI4 C 10 -8.58 -16.84 -0.77
HB EI4 C 10 -5.65 -17.11 -0.85
HBA EI4 C 10 -6.36 -16.24 -2.20
HG1 EI4 C 10 -7.28 -19.01 -1.37
HD2 EI4 C 10 -8.23 -16.98 -3.31
HE EI4 C 10 -7.50 -18.30 -5.42
HND1 EI4 C 10 -4.90 -19.17 -2.38
HD1 EI4 C 10 -8.82 -18.65 -3.18
H1 EI4 C 10 -5.22 -19.28 -6.03
HH12 EI4 C 10 -4.11 -19.60 -4.74
N ILE C 11 -6.59 -15.96 1.63
CA ILE C 11 -6.19 -16.21 2.99
C ILE C 11 -6.75 -15.14 3.91
N ZAE D 1 -14.40 -11.21 3.65
CA ZAE D 1 -13.30 -12.04 3.08
C ZAE D 1 -12.05 -11.21 2.96
O ZAE D 1 -11.04 -11.49 3.61
CB ZAE D 1 -13.02 -13.26 3.97
CG ZAE D 1 -12.71 -14.48 3.17
CD1 ZAE D 1 -11.47 -15.11 3.27
CD2 ZAE D 1 -13.66 -15.02 2.31
CE1 ZAE D 1 -11.19 -16.24 2.54
CE2 ZAE D 1 -13.39 -16.15 1.57
CZ ZAE D 1 -12.15 -16.76 1.67
C10 ZAE D 1 -15.69 -11.90 3.54
H ZAE D 1 -14.46 -10.32 3.14
HA ZAE D 1 -13.59 -12.37 2.09
HB2 ZAE D 1 -12.16 -13.05 4.60
HB3 ZAE D 1 -13.88 -13.46 4.58
HD1 ZAE D 1 -10.73 -14.70 3.95
HD2 ZAE D 1 -14.62 -14.54 2.23
HE1 ZAE D 1 -10.22 -16.71 2.61
HE2 ZAE D 1 -14.13 -16.56 0.90
HZ ZAE D 1 -11.92 -17.63 1.09
H11 ZAE D 1 -15.86 -12.19 2.52
H12 ZAE D 1 -16.49 -11.24 3.86
H13 ZAE D 1 -15.69 -12.78 4.16
HN2 ZAE D 1 -14.17 -11.00 4.67
N ILE D 2 -12.12 -10.15 2.19
CA ILE D 2 -10.97 -9.29 2.06
C ILE D 2 -11.15 -8.10 2.91
N SER D 3 -10.06 -7.46 3.15
CA SER D 3 -10.09 -6.32 3.99
C SER D 3 -9.06 -5.32 3.54
N DGN D 4 -9.51 -4.08 3.38
CA DGN D 4 -8.60 -3.00 3.04
C DGN D 4 -8.86 -2.41 1.67
O DGN D 4 -9.80 -2.81 0.98
CB DGN D 4 -8.73 -1.88 4.09
CG DGN D 4 -7.72 -0.74 3.95
CD DGN D 4 -7.93 0.41 4.94
OE1 DGN D 4 -8.42 0.20 6.05
NE2 DGN D 4 -7.53 1.61 4.55
H DGN D 4 -10.47 -3.89 3.50
HA DGN D 4 -7.63 -3.40 3.06
HB2 DGN D 4 -8.59 -2.33 5.05
HB3 DGN D 4 -9.72 -1.47 4.03
HG2 DGN D 4 -7.79 -0.33 2.95
HG3 DGN D 4 -6.73 -1.14 4.10
HE21 DGN D 4 -7.12 1.71 3.67
HE22 DGN D 4 -7.66 2.37 5.18
N 28J D 5 -7.99 -1.50 1.27
CA 28J D 5 -8.21 -0.80 0.04
CB 28J D 5 -8.64 -1.75 -1.09
CG2 28J D 5 -9.54 -1.02 -2.09
CG1 28J D 5 -7.39 -2.32 -1.74
CD1 28J D 5 -7.67 -3.34 -2.81
C 28J D 5 -6.99 -0.02 -0.42
O 28J D 5 -5.98 0.08 0.32
HA 28J D 5 -9.02 -0.13 0.21
H22 28J D 5 -9.22 -2.57 -0.66
H23 28J D 5 -9.87 -0.08 -1.64
H24 28J D 5 -10.39 -1.62 -2.33
H25 28J D 5 -8.98 -0.81 -2.98
H26 28J D 5 -6.84 -1.51 -2.20
H27 28J D 5 -6.79 -2.80 -0.99
H28 28J D 5 -6.75 -3.78 -3.13
H29 28J D 5 -8.15 -2.84 -3.65
H30 28J D 5 -8.33 -4.10 -2.42
N ILE D 6 -7.16 0.59 -1.60
CA ILE D 6 -6.15 1.38 -2.30
C ILE D 6 -6.67 2.72 -2.80
N SER D 7 -5.80 3.73 -2.67
CA SER D 7 -6.02 5.04 -3.34
C SER D 7 -4.82 5.99 -3.15
N DTH D 8 -4.57 6.78 -4.21
CA DTH D 8 -3.48 7.76 -4.22
CB DTH D 8 -3.97 9.22 -4.19
CG2 DTH D 8 -5.07 9.47 -3.16
OG1 DTH D 8 -4.41 9.59 -5.50
C DTH D 8 -2.53 7.68 -5.42
O DTH D 8 -1.73 8.60 -5.56
H DTH D 8 -5.11 6.65 -5.02
HA DTH D 8 -2.90 7.58 -3.33
HB DTH D 8 -3.12 9.84 -3.94
HG21 DTH D 8 -5.94 8.87 -3.39
HG22 DTH D 8 -5.34 10.52 -3.17
HG23 DTH D 8 -4.69 9.22 -2.17
N ALA D 9 -2.62 6.69 -6.31
CA ALA D 9 -1.69 6.59 -7.47
C ALA D 9 -1.59 7.87 -8.24
N EI4 D 10 -2.60 8.20 -9.02
CA EI4 D 10 -2.53 9.41 -9.79
CB EI4 D 10 -3.24 9.23 -11.12
CG EI4 D 10 -3.12 10.43 -12.03
CD2 EI4 D 10 -1.57 10.77 -12.28
NE2 EI4 D 10 -1.41 10.46 -13.75
CE1 EI4 D 10 -2.60 10.08 -14.35
ND1 EI4 D 10 -3.60 10.06 -13.41
NT EI4 D 10 -2.79 9.86 -15.61
C EI4 D 10 -3.10 10.57 -8.98
O EI4 D 10 -2.63 11.70 -9.08
H EI4 D 10 -3.38 7.63 -9.07
HA EI4 D 10 -1.50 9.61 -9.98
HB EI4 D 10 -4.28 9.03 -10.95
HBA EI4 D 10 -2.81 8.36 -11.62
HG1 EI4 D 10 -3.67 11.27 -11.65
HD2 EI4 D 10 -0.93 10.12 -11.71
HE EI4 D 10 -0.55 10.58 -14.22
HND1 EI4 D 10 -4.53 9.83 -13.60
HD1 EI4 D 10 -1.37 11.81 -12.06
H1 EI4 D 10 -2.03 9.97 -16.26
HH12 EI4 D 10 -3.69 9.56 -15.94
N ILE D 11 -4.09 10.26 -8.17
CA ILE D 11 -4.68 11.26 -7.29
C ILE D 11 -4.26 10.97 -5.86
N ALA E 1 8.26 -15.52 10.81
CA ALA E 1 7.98 -16.89 10.25
C ALA E 1 6.89 -17.66 11.05
N DGL E 2 5.87 -16.93 11.46
CA DGL E 2 5.02 -17.40 12.39
C DGL E 2 4.41 -16.00 12.93
O DGL E 2 4.87 -14.92 12.34
CB DGL E 2 3.60 -17.87 11.93
CG DGL E 2 3.82 -18.45 10.59
CD DGL E 2 2.76 -18.10 9.61
OE1 DGL E 2 2.25 -18.96 8.92
H DGL E 2 5.73 -16.10 11.16
HB2 DGL E 2 2.95 -16.97 11.87
HB3 DGL E 2 3.15 -18.55 12.66
HG2 DGL E 2 3.89 -19.49 10.70
HG3 DGL E 2 4.78 -18.06 10.24
N LYS E 3 2.48 -16.82 9.52
CA LYS E 3 1.50 -16.30 8.66
C LYS E 3 0.01 -16.57 9.11
N DAL E 4 -0.81 -15.54 8.78
CA DAL E 4 -2.33 -15.33 9.02
CB DAL E 4 -3.26 -16.77 9.21
C DAL E 4 -2.60 -14.13 7.86
O DAL E 4 -3.24 -14.34 6.83
H DAL E 4 -0.35 -14.76 8.37
HA DAL E 4 -2.54 -15.58 8.51
HB1 DAL E 4 -3.25 -17.38 8.33
HB2 DAL E 4 -4.32 -16.51 9.42
HB3 DAL E 4 -2.93 -17.36 10.07
N DAL E 5 -2.04 -12.88 8.20
CA DAL E 5 -2.40 -11.47 7.38
CB DAL E 5 -3.82 -11.53 7.27
C DAL E 5 -1.52 -12.08 6.15
O DAL E 5 -0.36 -12.52 6.42
OXT DAL E 5 -1.75 -11.81 4.92
H DAL E 5 -1.51 -12.90 9.00
HA DAL E 5 -2.06 -10.62 6.68
HB1 DAL E 5 -4.35 -11.09 8.14
HB2 DAL E 5 -4.05 -12.53 7.19
HB3 DAL E 5 -4.07 -10.99 6.42
N ALA F 1 9.13 16.71 -7.02
CA ALA F 1 10.60 16.85 -6.93
C ALA F 1 11.10 16.71 -5.51
N DGL F 2 12.42 17.03 -5.36
CA DGL F 2 12.92 17.14 -3.91
C DGL F 2 14.37 17.85 -3.58
O DGL F 2 14.39 18.00 -2.30
CB DGL F 2 12.01 18.17 -3.17
CG DGL F 2 12.28 19.70 -3.69
CD DGL F 2 12.33 20.73 -2.54
OE1 DGL F 2 11.81 21.83 -2.65
H DGL F 2 12.95 17.30 -6.03
HB2 DGL F 2 12.22 18.19 -2.13
HB3 DGL F 2 10.96 17.97 -3.34
HG2 DGL F 2 11.47 20.00 -4.35
HG3 DGL F 2 13.20 19.75 -4.25
N LYS F 3 12.99 20.33 -1.45
CA LYS F 3 13.15 21.15 -0.28
C LYS F 3 11.85 21.38 0.56
N DAL F 4 11.95 20.72 1.76
CA DAL F 4 10.91 20.63 2.91
CB DAL F 4 10.34 22.20 3.40
C DAL F 4 11.82 19.57 3.89
O DAL F 4 12.41 19.97 4.88
H DAL F 4 12.72 20.12 1.85
HA DAL F 4 11.25 20.95 3.41
HB1 DAL F 4 11.09 22.85 3.78
HB2 DAL F 4 9.57 22.09 4.20
HB3 DAL F 4 9.81 22.70 2.58
N DAL F 5 11.81 18.18 3.50
CA DAL F 5 12.54 17.11 4.37
CB DAL F 5 11.92 17.33 5.75
C DAL F 5 13.97 17.64 4.40
O DAL F 5 14.34 18.01 3.24
OXT DAL F 5 14.68 17.03 5.15
H DAL F 5 11.36 17.91 2.65
HA DAL F 5 12.71 15.95 4.03
HB1 DAL F 5 11.96 18.40 5.94
HB2 DAL F 5 12.45 16.83 6.53
HB3 DAL F 5 10.88 17.03 5.80
N ALA G 1 -8.34 -15.12 -5.70
CA ALA G 1 -8.99 -13.86 -5.22
C ALA G 1 -10.30 -14.13 -4.46
N DGL G 2 -10.96 -12.98 -4.02
CA DGL G 2 -12.29 -13.23 -3.20
C DGL G 2 -12.39 -12.66 -1.80
O DGL G 2 -13.15 -13.17 -1.01
CB DGL G 2 -13.29 -12.15 -3.81
CG DGL G 2 -14.80 -12.68 -3.62
CD DGL G 2 -15.59 -11.72 -2.74
OE1 DGL G 2 -16.44 -10.97 -3.20
H DGL G 2 -10.47 -12.13 -4.03
HB2 DGL G 2 -13.14 -12.09 -4.81
HB3 DGL G 2 -13.20 -11.21 -3.30
HG2 DGL G 2 -14.82 -13.66 -3.18
HG3 DGL G 2 -15.26 -12.70 -4.59
N LYS G 3 -15.27 -11.75 -1.46
CA LYS G 3 -15.87 -10.93 -0.44
C LYS G 3 -17.32 -11.44 -0.09
N DAL G 4 -18.24 -11.04 -1.03
CA DAL G 4 -19.77 -11.44 -1.01
CB DAL G 4 -20.38 -11.58 -2.68
C DAL G 4 -20.40 -10.35 0.08
O DAL G 4 -19.65 -9.65 0.77
H DAL G 4 -17.91 -10.41 -1.66
HA DAL G 4 -20.01 -10.92 -1.32
HB1 DAL G 4 -19.78 -12.29 -3.23
HB2 DAL G 4 -20.43 -10.66 -3.22
HB3 DAL G 4 -21.42 -11.99 -2.67
N DAL G 5 -21.79 -10.31 0.14
CA DAL G 5 -22.71 -9.41 1.15
CB DAL G 5 -22.80 -10.10 2.37
C DAL G 5 -23.97 -9.75 0.08
O DAL G 5 -23.97 -10.70 -0.79
OXT DAL G 5 -24.99 -9.02 0.19
H DAL G 5 -22.22 -11.07 -0.33
HA DAL G 5 -23.61 -8.59 1.20
HB1 DAL G 5 -21.97 -9.87 3.04
HB2 DAL G 5 -22.77 -11.10 2.11
HB3 DAL G 5 -23.70 -9.83 2.83
N ALA H 1 -1.55 6.63 -15.35
CA ALA H 1 -0.17 6.68 -15.84
C ALA H 1 0.75 7.26 -14.74
N DGL H 2 0.79 8.65 -14.80
CA DGL H 2 1.53 9.33 -13.67
C DGL H 2 1.24 8.93 -12.21
O DGL H 2 2.05 9.00 -11.29
CB DGL H 2 3.02 8.95 -13.65
CG DGL H 2 3.74 8.79 -15.03
CD DGL H 2 4.79 7.67 -15.07
OE1 DGL H 2 5.89 7.85 -15.58
H DGL H 2 0.24 9.14 -15.40
HA DGL H 2 0.85 8.74 -13.46
HB2 DGL H 2 3.11 8.02 -13.11
HB3 DGL H 2 3.53 9.72 -13.06
HG2 DGL H 2 4.25 9.72 -15.28
HG3 DGL H 2 3.00 8.61 -15.80
N LYS H 3 4.44 6.50 -14.54
CA LYS H 3 5.30 5.34 -14.52
C LYS H 3 6.57 5.53 -13.61
N DAL H 4 6.25 6.30 -12.51
CA DAL H 4 7.11 6.66 -11.26
CB DAL H 4 8.57 7.50 -11.57
C DAL H 4 6.89 5.21 -10.42
O DAL H 4 7.73 4.84 -9.59
H DAL H 4 5.34 6.68 -12.52
HA DAL H 4 7.59 6.34 -11.30
HB1 DAL H 4 8.93 7.93 -10.59
HB2 DAL H 4 8.41 8.35 -12.21
HB3 DAL H 4 9.36 6.90 -11.97
N DAL H 5 5.67 4.52 -10.69
CA DAL H 5 5.16 3.26 -9.78
CB DAL H 5 5.31 3.80 -8.44
C DAL H 5 6.36 2.37 -10.34
O DAL H 5 6.61 2.15 -11.64
OXT DAL H 5 7.08 1.87 -9.51
H DAL H 5 5.17 4.91 -11.40
HA DAL H 5 4.87 2.10 -9.66
HB1 DAL H 5 6.20 4.40 -8.37
HB2 DAL H 5 5.38 2.95 -7.81
HB3 DAL H 5 4.46 4.38 -8.19
C1 MUB I . 7.91 -10.27 9.04
C2 MUB I . 8.73 -10.86 10.20
C3 MUB I . 10.01 -11.48 9.65
C4 MUB I . 9.82 -12.04 8.25
C5 MUB I . 9.50 -10.89 7.29
C6 MUB I . 8.65 -11.34 6.10
C7 MUB I . 10.15 -9.11 11.07
C8 MUB I . 10.43 -8.07 12.15
C9 MUB I . 9.45 -13.39 11.01
C10 MUB I . 9.25 -14.72 10.32
C11 MUB I . 8.76 -13.10 12.38
O1 MUB I . 7.17 -9.19 9.51
O3 MUB I . 10.50 -12.50 10.54
O4 MUB I . 10.98 -12.80 7.80
O5 MUB I . 8.78 -9.83 7.98
O6 MUB I . 7.44 -11.96 6.52
O7 MUB I . 10.88 -9.19 10.08
O10 MUB I . 9.91 -14.98 9.31
N2 MUB I . 9.04 -9.85 11.19
H1 MUB I . 7.21 -11.03 8.64
H2 MUB I . 8.05 -11.55 10.73
HN2 MUB I . 8.49 -9.75 12.01
H81 MUB I . 10.49 -8.58 13.11
H82 MUB I . 9.62 -7.37 12.17
H83 MUB I . 11.36 -7.56 11.91
H3 MUB I . 10.85 -10.74 9.72
H9 MUB I . 8.75 -13.09 10.24
H111 MUB I . 7.86 -13.70 12.49
H112 MUB I . 8.47 -12.08 12.40
H113 MUB I . 9.44 -13.28 13.21
H4 MUB I . 9.19 -12.95 8.23
H5 MUB I . 10.40 -10.53 6.83
H61 MUB I . 9.22 -12.18 5.64
H62 MUB I . 8.50 -10.57 5.30
HO6 MUB I . 6.69 -11.76 5.95
C1 NAG I . 12.26 -12.22 8.16
C2 NAG I . 13.40 -13.11 7.64
C3 NAG I . 14.74 -12.52 8.07
C4 NAG I . 14.82 -11.05 7.64
C5 NAG I . 13.61 -10.26 8.13
C6 NAG I . 13.62 -8.83 7.61
C7 NAG I . 13.19 -14.76 9.42
C8 NAG I . 13.00 -16.26 9.72
N2 NAG I . 13.24 -14.47 8.12
O3 NAG I . 15.79 -13.25 7.46
O4 NAG I . 16.01 -10.48 8.16
O5 NAG I . 12.40 -10.89 7.66
O6 NAG I . 12.39 -8.18 7.85
O7 NAG I . 13.64 -14.00 10.29
H1 NAG I . 12.23 -12.22 9.25
H2 NAG I . 13.47 -13.37 6.61
H3 NAG I . 14.87 -12.56 9.16
H4 NAG I . 15.02 -11.13 6.54
H5 NAG I . 13.56 -10.14 9.22
H61 NAG I . 13.79 -8.76 6.52
H62 NAG I . 14.46 -8.30 8.10
H81 NAG I . 13.85 -16.81 9.31
H82 NAG I . 12.10 -16.60 9.27
H83 NAG I . 12.94 -16.39 10.80
HN2 NAG I . 12.86 -15.10 7.48
HO3 NAG I . 15.82 -14.15 7.79
HO4 NAG I . 16.73 -11.09 8.00
HO6 NAG I . 11.91 -8.73 8.48
C1 MUB J . 5.75 14.25 -5.01
C2 MUB J . 5.56 15.15 -6.23
C3 MUB J . 6.33 14.54 -7.41
C4 MUB J . 7.78 14.19 -7.06
C5 MUB J . 7.78 13.24 -5.86
C6 MUB J . 8.62 13.80 -4.71
C7 MUB J . 3.54 14.33 -7.24
C8 MUB J . 2.07 14.57 -7.54
C9 MUB J . 6.89 16.74 -8.12
C10 MUB J . 8.42 16.88 -8.17
C11 MUB J . 5.97 17.99 -7.99
O1 MUB J . 4.49 13.95 -4.53
O3 MUB J . 6.31 15.48 -8.51
O4 MUB J . 8.53 13.65 -8.18
O5 MUB J . 6.43 13.04 -5.38
O6 MUB J . 8.13 15.06 -4.29
O7 MUB J . 4.15 13.40 -7.77
O10 MUB J . 8.94 17.31 -9.19
N2 MUB J . 4.16 15.28 -6.55
H1 MUB J . 6.41 14.71 -4.26
H2 MUB J . 5.93 16.08 -5.74
HN2 MUB J . 3.60 16.00 -6.15
H81 MUB J . 1.54 14.71 -6.62
H82 MUB J . 1.68 13.69 -8.04
H83 MUB J . 1.99 15.42 -8.19
H3 MUB J . 5.76 13.64 -7.79
H9 MUB J . 7.12 16.42 -7.10
H111 MUB J . 5.23 18.02 -8.81
H112 MUB J . 6.56 18.86 -8.06
H113 MUB J . 5.48 18.00 -7.00
H4 MUB J . 8.44 15.06 -7.04
H5 MUB J . 8.27 12.30 -6.12
H61 MUB J . 9.66 14.03 -5.08
H62 MUB J . 8.73 13.09 -3.86
HO6 MUB J . 8.85 15.71 -4.17
C1 NAG J . 7.75 12.96 -9.18
C2 NAG J . 8.69 12.47 -10.30
C3 NAG J . 7.89 11.73 -11.37
C4 NAG J . 7.02 10.65 -10.72
C5 NAG J . 6.17 11.21 -9.60
C6 NAG J . 5.42 10.11 -8.88
C7 NAG J . 8.80 14.63 -11.42
C8 NAG J . 9.75 15.70 -11.97
N2 NAG J . 9.42 13.58 -10.87
O3 NAG J . 8.78 11.13 -12.30
O4 NAG J . 6.17 10.09 -11.71
O5 NAG J . 7.02 11.85 -8.62
O6 NAG J . 5.04 10.51 -7.56
O7 NAG J . 7.63 14.58 -11.81
H1 NAG J . 7.06 13.72 -9.54
H2 NAG J . 9.55 11.87 -10.05
H3 NAG J . 7.23 12.41 -11.92
H4 NAG J . 7.75 9.83 -10.51
H5 NAG J . 5.38 11.92 -9.88
H61 NAG J . 6.00 9.19 -8.75
H62 NAG J . 4.53 9.86 -9.50
H81 NAG J . 9.16 16.54 -12.34
H82 NAG J . 10.33 15.31 -12.78
H83 NAG J . 10.41 16.03 -11.17
HN2 NAG J . 10.35 13.67 -10.59
HO3 NAG J . 9.27 11.80 -12.77
HO4 NAG J . 6.68 9.96 -12.50
HO6 NAG J . 4.73 11.41 -7.71
C1 MUB K . -4.17 -13.82 -5.02
C2 MUB K . -4.81 -15.21 -4.84
C3 MUB K . -4.45 -16.08 -6.04
C4 MUB K . -4.18 -15.29 -7.31
C5 MUB K . -3.03 -14.28 -7.10
C6 MUB K . -3.30 -12.98 -7.86
C7 MUB K . -3.37 -16.67 -3.56
C8 MUB K . -3.02 -17.29 -2.21
C9 MUB K . -6.65 -16.45 -6.96
C10 MUB K . -7.21 -15.12 -6.47
C11 MUB K . -7.07 -17.02 -8.37
O1 MUB K . -4.01 -13.22 -3.81
O3 MUB K . -5.52 -17.04 -6.30
O4 MUB K . -3.92 -16.14 -8.46
O5 MUB K . -2.90 -13.94 -5.69
O6 MUB K . -4.49 -12.35 -7.38
O7 MUB K . -2.69 -16.91 -4.55
O10 MUB K . -6.59 -14.09 -6.70
N2 MUB K . -4.40 -15.83 -3.60
H1 MUB K . -4.83 -13.15 -5.61
H2 MUB K . -5.89 -14.99 -4.69
HN2 MUB K . -4.93 -15.68 -2.77
H81 MUB K . -3.87 -17.87 -1.86
H82 MUB K . -2.81 -16.52 -1.50
H83 MUB K . -2.16 -17.93 -2.34
H3 MUB K . -3.63 -16.78 -5.76
H9 MUB K . -7.37 -16.85 -6.25
H111 MUB K . -7.78 -17.85 -8.25
H112 MUB K . -6.21 -17.39 -8.86
H113 MUB K . -7.50 -16.23 -8.98
H4 MUB K . -5.12 -14.93 -7.71
H5 MUB K . -2.11 -14.62 -7.50
H61 MUB K . -3.59 -13.30 -8.89
H62 MUB K . -2.43 -12.28 -7.97
HO6 MUB K . -5.24 -12.95 -7.43
C1 NAG K . -2.95 -17.17 -8.26
C2 NAG K . -2.23 -17.45 -9.57
C3 NAG K . -1.24 -18.58 -9.37
C4 NAG K . -0.32 -18.28 -8.19
C5 NAG K . -1.11 -17.90 -6.94
C6 NAG K . -0.21 -17.45 -5.81
C7 NAG K . -4.23 -18.50 -10.43
C8 NAG K . -5.13 -18.71 -11.66
N2 NAG K . -3.17 -17.74 -10.64
O3 NAG K . -0.47 -18.74 -10.56
O4 NAG K . 0.48 -19.42 -7.91
O5 NAG K . -2.01 -16.82 -7.24
O6 NAG K . 0.28 -16.14 -6.03
O7 NAG K . -4.32 -19.29 -9.48
H1 NAG K . -3.58 -18.03 -7.94
H2 NAG K . -1.73 -16.68 -10.12
H3 NAG K . -1.76 -19.53 -9.17
H4 NAG K . 0.42 -17.54 -8.61
H5 NAG K . -1.69 -18.72 -6.50
H61 NAG K . 0.67 -18.09 -5.68
H62 NAG K . -0.80 -17.52 -4.87
H81 NAG K . -5.48 -17.74 -12.01
H82 NAG K . -5.97 -19.32 -11.41
H83 NAG K . -4.55 -19.20 -12.44
HN2 NAG K . -3.16 -17.14 -11.41
HO3 NAG K . -0.14 -19.64 -10.61
HO4 NAG K . 0.99 -19.63 -8.69
HO6 NAG K . -0.48 -15.62 -6.27
C1 MUB L . -4.17 5.37 -11.32
C2 MUB L . -4.65 5.75 -12.73
C3 MUB L . -4.15 4.70 -13.72
C4 MUB L . -2.62 4.56 -13.67
C5 MUB L . -2.19 4.33 -12.22
C6 MUB L . -1.33 5.47 -11.68
C7 MUB L . -6.86 4.77 -12.95
C8 MUB L . -8.37 4.98 -12.99
C9 MUB L . -4.00 6.29 -15.50
C10 MUB L . -2.59 6.25 -16.12
C11 MUB L . -4.91 7.56 -15.70
O1 MUB L . -5.25 5.16 -10.51
O3 MUB L . -4.59 5.06 -15.05
O4 MUB L . -2.12 3.50 -14.56
O5 MUB L . -3.34 4.18 -11.38
O6 MUB L . -1.83 6.72 -12.14
O7 MUB L . -6.37 3.64 -12.97
O10 MUB L . -2.45 5.81 -17.26
N2 MUB L . -6.09 5.85 -12.77
H1 MUB L . -3.56 6.18 -10.89
H2 MUB L . -4.31 6.78 -12.87
HN2 MUB L . -6.53 6.74 -12.76
H81 MUB L . -8.60 5.66 -13.81
H82 MUB L . -8.70 5.41 -12.06
H83 MUB L . -8.84 4.02 -13.13
H3 MUB L . -4.70 3.75 -13.56
H9 MUB L . -3.43 6.47 -14.61
H111 MUB L . -5.90 7.26 -16.10
H112 MUB L . -4.46 8.20 -16.38
H113 MUB L . -5.00 8.10 -14.73
H4 MUB L . -2.15 5.35 -14.27
H5 MUB L . -1.52 3.49 -12.15
H61 MUB L . -0.34 5.38 -12.17
H62 MUB L . -1.21 5.49 -10.57
HO6 MUB L . -1.17 7.45 -12.09
C1 NAG L . -3.09 2.50 -14.94
C2 NAG L . -2.40 1.44 -15.82
C3 NAG L . -3.43 0.41 -16.25
C4 NAG L . -4.17 -0.15 -15.04
C5 NAG L . -4.75 0.99 -14.19
C6 NAG L . -5.41 0.46 -12.92
C7 NAG L . -2.44 2.66 -17.92
C8 NAG L . -1.56 3.26 -19.03
N2 NAG L . -1.75 2.05 -16.95
O3 NAG L . -2.76 -0.67 -16.92
O4 NAG L . -5.23 -0.99 -15.47
O5 NAG L . -3.70 1.89 -13.80
O6 NAG L . -4.46 -0.08 -12.03
O7 NAG L . -3.63 2.43 -18.13
H1 NAG L . -3.82 3.08 -15.51
H2 NAG L . -1.54 0.93 -15.47
H3 NAG L . -4.17 0.83 -16.94
H4 NAG L . -3.45 -0.86 -14.57
H5 NAG L . -5.56 1.55 -14.66
H61 NAG L . -6.14 -0.34 -13.11
H62 NAG L . -5.98 1.29 -12.46
H81 NAG L . -2.20 3.68 -19.79
H82 NAG L . -0.95 2.48 -19.46
H83 NAG L . -0.91 4.02 -18.60
HN2 NAG L . -0.80 2.27 -16.83
HO3 NAG L . -2.35 -0.36 -17.72
HO4 NAG L . -4.88 -1.59 -16.15
HO6 NAG L . -3.70 0.50 -12.07
P 2PO M . 5.92 -8.59 8.70
O1P 2PO M . 5.53 -7.26 9.26
O2P 2PO M . 4.83 -9.62 8.57
O3P 2PO M . 6.54 -8.35 7.27
P 2PO N . 6.73 -6.84 6.82
O1P 2PO N . 5.41 -6.31 6.38
O2P 2PO N . 7.49 -6.15 7.88
O3P 2PO N . 7.65 -7.00 5.54
C1 P1W O . 7.83 -5.88 4.71
C2 P1W O . 8.65 -6.27 3.51
C3 P1W O . 9.90 -6.70 3.58
C4 P1W O . 10.70 -7.11 2.35
C5 P1W O . 10.64 -6.86 4.92
H12 P1W O . 6.85 -5.52 4.38
H11 P1W O . 8.33 -5.09 5.27
H2 P1W O . 8.07 -6.59 2.67
H41 P1W O . 11.64 -6.61 2.35
H42 P1W O . 10.84 -8.18 2.35
H51 P1W O . 11.49 -6.18 4.95
H52 P1W O . 10.99 -7.88 5.01
H53 P1W O . 9.96 -6.63 5.72
C1 P1W P . 9.98 -6.72 1.04
C2 P1W P . 9.06 -7.80 0.58
C3 P1W P . 7.79 -7.58 0.17
C4 P1W P . 6.92 -8.71 -0.28
C5 P1W P . 7.12 -6.19 0.19
H12 P1W P . 10.73 -6.56 0.29
H11 P1W P . 9.42 -5.82 1.20
H2 P1W P . 9.34 -8.78 0.93
H41 P1W P . 5.93 -8.34 -0.50
H42 P1W P . 7.35 -9.18 -1.15
H51 P1W P . 6.68 -6.04 1.16
H52 P1W P . 6.34 -6.16 -0.57
H53 P1W P . 7.84 -5.42 -0.01
C1 P1W Q . 9.10 3.45 -5.47
C2 P1W Q . 9.73 3.38 -4.10
C3 P1W Q . 10.48 4.36 -3.58
C4 P1W Q . 11.13 4.30 -2.19
C5 P1W Q . 10.79 5.64 -4.35
H12 P1W Q . 9.28 4.42 -5.90
H11 P1W Q . 9.54 2.69 -6.09
H2 P1W Q . 9.32 2.62 -3.46
H43 P1W Q . 10.58 4.92 -1.50
H41 P1W Q . 12.15 4.66 -2.25
H42 P1W Q . 11.12 3.28 -1.83
H51 P1W Q . 11.26 6.35 -3.68
H52 P1W Q . 9.87 6.05 -4.73
H53 P1W Q . 11.45 5.41 -5.17
C1 P1W R . 6.83 -9.71 0.86
C2 P1W R . 5.42 -9.75 1.37
C3 P1W R . 4.70 -10.89 1.38
C4 P1W R . 3.25 -10.98 1.83
C5 P1W R . 5.33 -12.22 1.03
H12 P1W R . 7.50 -9.42 1.66
H11 P1W R . 7.11 -10.70 0.51
H2 P1W R . 4.94 -8.79 1.40
H43 P1W R . 3.19 -11.59 2.72
H41 P1W R . 2.66 -11.46 1.05
H42 P1W R . 2.85 -10.01 2.04
H51 P1W R . 5.68 -12.23 0.02
H52 P1W R . 4.60 -12.99 1.18
H53 P1W R . 6.17 -12.40 1.70
P 2PO S . 3.82 14.77 -3.30
O1P 2PO S . 2.38 14.43 -3.15
O2P 2PO S . 4.20 16.20 -3.32
O3P 2PO S . 4.57 14.04 -2.13
P 2PO T . 4.54 12.45 -2.27
O1P 2PO T . 4.41 11.88 -0.90
O2P 2PO T . 3.52 12.13 -3.30
O3P 2PO T . 5.99 12.15 -2.88
C1 P1W U . 6.72 10.93 -2.64
C2 P1W U . 6.59 9.99 -3.84
C3 P1W U . 7.24 8.80 -4.01
C4 P1W U . 7.01 7.96 -5.26
C5 P1W U . 8.30 8.19 -3.05
H12 P1W U . 7.75 11.18 -2.47
H11 P1W U . 6.31 10.44 -1.76
H2 P1W U . 5.77 10.23 -4.48
H41 P1W U . 6.55 8.59 -6.02
H42 P1W U . 7.93 7.58 -5.61
H51 P1W U . 9.20 7.97 -3.60
H52 P1W U . 7.91 7.26 -2.64
H53 P1W U . 8.51 8.87 -2.25
C1 P1W V . -0.62 -10.09 -4.14
C2 P1W V . -0.85 -9.08 -5.24
C3 P1W V . -1.25 -7.81 -5.01
C4 P1W V . -1.48 -6.83 -6.13
C5 P1W V . -1.47 -7.24 -3.61
H12 P1W V . 0.39 -10.00 -3.79
H11 P1W V . -1.31 -9.90 -3.35
H2 P1W V . -0.93 -9.51 -6.23
H41 P1W V . -1.70 -5.86 -5.72
H42 P1W V . -0.60 -6.78 -6.75
H51 P1W V . -0.54 -7.24 -3.06
H52 P1W V . -2.20 -7.84 -3.09
H53 P1W V . -1.83 -6.22 -3.69
C1 P1W W . -2.66 -7.30 -6.99
C2 P1W W . -3.95 -7.19 -6.23
C3 P1W W . -5.08 -7.81 -6.59
C4 P1W W . -6.39 -7.70 -5.79
C5 P1W W . -5.19 -8.67 -7.84
H12 P1W W . -2.49 -8.32 -7.28
H11 P1W W . -2.70 -6.68 -7.87
H2 P1W W . -3.89 -6.65 -5.31
H43 P1W W . -7.22 -7.62 -6.47
H41 P1W W . -6.35 -6.83 -5.15
H42 P1W W . -6.51 -8.58 -5.18
H51 P1W W . -6.18 -9.09 -7.90
H52 P1W W . -4.47 -9.47 -7.79
H53 P1W W . -5.00 -8.06 -8.71
C1 P1W X . 1.79 -2.31 -5.58
C2 P1W X . 2.56 -1.07 -5.92
C3 P1W X . 3.21 -0.32 -5.01
C4 P1W X . 4.01 0.94 -5.39
C5 P1W X . 3.25 -0.66 -3.53
H12 P1W X . 2.14 -3.13 -6.18
H11 P1W X . 1.93 -2.54 -4.53
H2 P1W X . 2.55 -0.79 -6.95
H43 P1W X . 3.50 1.81 -5.01
H41 P1W X . 4.07 1.02 -6.47
H42 P1W X . 5.00 0.89 -4.97
H51 P1W X . 3.75 0.12 -3.00
H52 P1W X . 3.76 -1.58 -3.39
H53 P1W X . 2.23 -0.74 -3.17
C1 P1W Y . 6.06 6.79 -4.97
C2 P1W Y . 6.70 5.55 -5.53
C3 P1W Y . 6.91 4.43 -4.81
C4 P1W Y . 7.58 3.22 -5.38
C5 P1W Y . 6.46 4.29 -3.34
H12 P1W Y . 5.12 6.96 -5.45
H11 P1W Y . 5.94 6.69 -3.91
H2 P1W Y . 7.27 5.71 -6.43
H41 P1W Y . 7.39 2.36 -4.75
H42 P1W Y . 7.20 3.03 -6.38
H51 P1W Y . 6.65 3.28 -3.01
H52 P1W Y . 5.40 4.49 -3.27
H53 P1W Y . 7.01 4.98 -2.73
P 2PO Z . -5.29 -12.74 -2.98
O1P 2PO Z . -6.03 -13.94 -2.55
O2P 2PO Z . -6.05 -11.73 -3.73
O3P 2PO Z . -4.63 -12.02 -1.70
P 2PO AA . -4.27 -12.85 -0.39
O1P 2PO AA . -4.78 -12.11 0.80
O2P 2PO AA . -4.70 -14.25 -0.59
O3P 2PO AA . -2.67 -12.80 -0.36
C1 P1W BA . -1.93 -13.38 -1.43
C2 P1W BA . -1.77 -12.36 -2.53
C3 P1W BA . -0.96 -12.52 -3.57
C4 P1W BA . -0.84 -11.50 -4.69
C5 P1W BA . -0.08 -13.77 -3.73
H12 P1W BA . -0.95 -13.68 -1.08
H11 P1W BA . -2.46 -14.23 -1.80
H2 P1W BA . -2.61 -11.69 -2.63
H41 P1W BA . -0.01 -11.75 -5.31
H42 P1W BA . -1.75 -11.51 -5.28
H51 P1W BA . 0.91 -13.55 -3.36
H52 P1W BA . -0.02 -14.04 -4.77
H53 P1W BA . -0.52 -14.58 -3.16
P 2PO CA . -5.59 6.25 -9.38
O1P 2PO CA . -7.02 6.16 -8.97
O2P 2PO CA . -5.09 7.59 -9.80
O3P 2PO CA . -4.69 5.72 -8.19
P 2PO DA . -5.12 4.35 -7.49
O1P 2PO DA . -4.86 4.47 -6.06
O2P 2PO DA . -6.48 4.02 -7.95
O3P 2PO DA . -4.09 3.30 -8.14
C1 P1W EA . -3.26 2.51 -7.31
C2 P1W EA . -3.01 1.17 -7.96
C3 P1W EA . -2.21 0.98 -9.02
C4 P1W EA . -2.02 -0.40 -9.63
C5 P1W EA . -1.42 2.10 -9.71
H12 P1W EA . -2.31 3.01 -7.14
H11 P1W EA . -3.75 2.36 -6.35
H2 P1W EA . -3.37 0.33 -7.39
H41 P1W EA . -2.69 -1.11 -9.13
H42 P1W EA . -2.25 -0.37 -10.67
H51 P1W EA . -1.86 3.05 -9.46
H52 P1W EA . -1.45 1.96 -10.78
H53 P1W EA . -0.39 2.08 -9.38
C1 P1W FA . -0.58 -0.87 -9.44
C2 P1W FA . -0.28 -0.93 -7.98
C3 P1W FA . 0.05 -2.07 -7.33
C4 P1W FA . 0.31 -2.09 -5.85
C5 P1W FA . 0.24 -3.41 -8.04
H12 P1W FA . 0.08 -0.17 -9.92
H11 P1W FA . -0.48 -1.84 -9.87
H2 P1W FA . -0.62 -0.08 -7.42
H41 P1W FA . -0.01 -1.15 -5.41
H42 P1W FA . -0.27 -2.90 -5.40
H51 P1W FA . 1.04 -3.33 -8.76
H52 P1W FA . -0.68 -3.68 -8.55
H53 P1W FA . 0.48 -4.16 -7.32
N ZAE A 1 3.72 16.23 8.15
CA ZAE A 1 4.59 15.94 6.97
C ZAE A 1 4.26 14.55 6.43
O ZAE A 1 3.12 14.25 6.10
CB ZAE A 1 4.34 16.99 5.88
CG ZAE A 1 5.54 17.83 5.48
CD1 ZAE A 1 6.53 17.30 4.66
CD2 ZAE A 1 5.64 19.16 5.88
CE1 ZAE A 1 7.60 18.08 4.26
CE2 ZAE A 1 6.71 19.94 5.48
CZ ZAE A 1 7.69 19.40 4.67
C10 ZAE A 1 4.19 17.44 8.85
H ZAE A 1 3.75 15.44 8.81
HA ZAE A 1 5.62 15.97 7.28
HB2 ZAE A 1 3.98 16.49 4.99
HB3 ZAE A 1 3.58 17.67 6.23
HD1 ZAE A 1 6.47 16.27 4.35
HD2 ZAE A 1 4.87 19.58 6.50
HE1 ZAE A 1 8.36 17.66 3.62
HE2 ZAE A 1 6.78 20.96 5.80
HZ ZAE A 1 8.52 20.01 4.35
H11 ZAE A 1 3.60 17.58 9.74
H12 ZAE A 1 4.07 18.30 8.21
H13 ZAE A 1 5.23 17.33 9.11
HN2 ZAE A 1 2.73 16.35 7.82
N ILE A 2 5.26 13.70 6.40
CA ILE A 2 5.11 12.35 5.86
C ILE A 2 5.11 11.30 7.00
N SER A 3 4.10 10.41 7.02
CA SER A 3 4.00 9.40 8.05
C SER A 3 3.22 8.21 7.56
N DGN A 4 3.27 7.16 8.33
CA DGN A 4 2.59 5.95 7.95
C DGN A 4 3.65 4.91 7.69
O DGN A 4 4.86 5.17 7.80
CB DGN A 4 1.58 5.38 9.00
CG DGN A 4 0.64 6.42 9.60
CD DGN A 4 -0.19 7.14 8.57
OE1 DGN A 4 -0.58 6.57 7.56
NE2 DGN A 4 -0.47 8.41 8.83
H DGN A 4 3.74 7.22 9.18
HA DGN A 4 2.11 6.11 7.03
HB2 DGN A 4 2.12 4.92 9.79
HB3 DGN A 4 0.96 4.64 8.50
HG2 DGN A 4 1.23 7.14 10.14
HG3 DGN A 4 -0.03 5.91 10.28
HE21 DGN A 4 -0.12 8.79 9.66
HE22 DGN A 4 -0.99 8.91 8.17
N 28J A 5 3.17 3.76 7.31
CA 28J A 5 4.05 2.64 6.99
CB 28J A 5 5.31 3.07 6.15
CG2 28J A 5 6.49 2.17 6.47
CG1 28J A 5 5.00 3.02 4.66
CD1 28J A 5 6.17 3.32 3.75
C 28J A 5 3.33 1.52 6.23
O 28J A 5 2.11 1.60 6.02
HA 28J A 5 4.41 2.24 7.91
H22 28J A 5 5.56 4.09 6.43
H23 28J A 5 6.48 1.92 7.53
H24 28J A 5 7.41 2.69 6.24
H25 28J A 5 6.42 1.28 5.87
H26 28J A 5 4.65 2.02 4.42
H27 28J A 5 4.21 3.73 4.44
H28 28J A 5 6.94 2.58 3.90
H29 28J A 5 6.57 4.30 3.96
H30 28J A 5 5.84 3.28 2.72
N ILE A 6 4.15 0.46 5.95
CA ILE A 6 3.78 -0.77 5.23
C ILE A 6 4.19 -1.99 6.04
N SER A 7 3.23 -2.91 6.15
CA SER A 7 3.38 -4.24 6.76
C SER A 7 2.02 -4.86 7.04
N DTH A 8 1.91 -5.68 8.12
CA DTH A 8 0.64 -6.30 8.54
CB DTH A 8 0.45 -6.29 10.09
CG2 DTH A 8 0.92 -4.98 10.72
OG1 DTH A 8 1.18 -7.37 10.69
C DTH A 8 0.52 -7.76 8.09
O DTH A 8 -0.55 -8.35 8.08
H DTH A 8 2.72 -5.93 8.59
HA DTH A 8 -0.17 -5.71 8.12
HB DTH A 8 -0.61 -6.41 10.30
HG21 DTH A 8 0.77 -5.03 11.79
HG22 DTH A 8 0.34 -4.17 10.31
HG23 DTH A 8 1.97 -4.83 10.50
N ALA A 9 1.66 -8.34 7.76
CA ALA A 9 1.75 -9.72 7.31
C ALA A 9 1.40 -10.70 8.42
N EI4 A 10 2.33 -10.85 9.33
CA EI4 A 10 2.15 -11.77 10.41
CB EI4 A 10 3.44 -12.56 10.67
CG EI4 A 10 3.33 -14.05 10.34
CD2 EI4 A 10 2.75 -14.25 8.84
NE2 EI4 A 10 3.88 -14.96 8.12
CE1 EI4 A 10 4.95 -15.24 8.97
ND1 EI4 A 10 4.67 -14.71 10.22
NT EI4 A 10 5.96 -15.98 8.65
C EI4 A 10 1.71 -10.99 11.62
O EI4 A 10 1.02 -11.50 12.51
H EI4 A 10 3.14 -10.28 9.30
HA EI4 A 10 1.36 -12.45 10.14
HB EI4 A 10 3.72 -12.47 11.70
HBA EI4 A 10 4.22 -12.14 10.05
HG1 EI4 A 10 2.74 -14.57 11.07
HD2 EI4 A 10 2.56 -13.30 8.37
HE EI4 A 10 3.83 -15.22 7.18
HND1 EI4 A 10 5.30 -14.78 10.98
HD1 EI4 A 10 1.87 -14.88 8.86
H1 EI4 A 10 5.98 -16.48 7.79
HH12 EI4 A 10 6.74 -16.07 9.28
N ILE A 11 2.10 -9.72 11.61
CA ILE A 11 1.76 -8.79 12.65
C ILE A 11 0.97 -7.62 12.08
N ZAE B 1 -1.62 -10.26 5.42
CA ZAE B 1 -0.99 -10.21 4.07
C ZAE B 1 -0.16 -8.97 3.82
O ZAE B 1 0.94 -8.86 4.31
CB ZAE B 1 -0.11 -11.44 3.88
CG ZAE B 1 -0.18 -12.00 2.50
CD1 ZAE B 1 0.70 -11.56 1.52
CD2 ZAE B 1 -1.08 -13.01 2.18
CE1 ZAE B 1 0.67 -12.11 0.25
CE2 ZAE B 1 -1.11 -13.56 0.91
CZ ZAE B 1 -0.23 -13.10 -0.06
C10 ZAE B 1 -2.40 -11.51 5.54
H ZAE B 1 -2.28 -9.45 5.55
HA ZAE B 1 -1.77 -10.24 3.34
HB2 ZAE B 1 0.91 -11.16 4.08
HB3 ZAE B 1 -0.41 -12.20 4.58
HD1 ZAE B 1 1.40 -10.78 1.76
HD2 ZAE B 1 -1.77 -13.36 2.94
HE1 ZAE B 1 1.36 -11.75 -0.51
HE2 ZAE B 1 -1.82 -14.34 0.68
HZ ZAE B 1 -0.25 -13.53 -1.05
H11 ZAE B 1 -2.74 -11.81 4.56
H12 ZAE B 1 -3.25 -11.34 6.18
H13 ZAE B 1 -1.76 -12.27 5.94
HN2 ZAE B 1 -0.89 -10.20 6.16
N ILE B 2 -0.73 -8.05 3.01
CA ILE B 2 -0.07 -6.81 2.62
C ILE B 2 -1.00 -5.59 2.73
N SER B 3 -0.61 -4.61 3.59
CA SER B 3 -1.41 -3.44 3.85
C SER B 3 -0.64 -2.37 4.53
N DGN B 4 -0.88 -1.16 4.12
CA DGN B 4 -0.24 -0.04 4.69
C DGN B 4 -0.07 1.01 3.62
O DGN B 4 -0.35 0.81 2.44
CB DGN B 4 -0.95 0.54 5.93
CG DGN B 4 -1.58 -0.48 6.88
CD DGN B 4 -0.63 -1.00 7.94
OE1 DGN B 4 0.28 -0.30 8.36
NE2 DGN B 4 -0.85 -2.22 8.40
H DGN B 4 -1.55 -1.01 3.36
HA DGN B 4 0.76 -0.33 4.96
HB2 DGN B 4 -1.72 1.22 5.62
HB3 DGN B 4 -0.21 1.09 6.51
HG2 DGN B 4 -1.94 -1.33 6.30
HG3 DGN B 4 -2.41 -0.02 7.37
HE21 DGN B 4 -1.62 -2.71 8.06
HE22 DGN B 4 -0.21 -2.58 9.06
N 28J B 5 0.41 2.12 4.06
CA 28J B 5 0.64 3.24 3.18
CB 28J B 5 1.52 2.79 1.95
CG2 28J B 5 0.78 3.11 0.68
CG1 28J B 5 2.90 3.46 1.95
CD1 28J B 5 3.73 3.19 0.71
C 28J B 5 1.33 4.42 3.83
O 28J B 5 1.72 4.37 5.01
HA 28J B 5 -0.29 3.56 2.79
H22 28J B 5 1.65 1.73 2.00
H23 28J B 5 -0.16 2.58 0.65
H24 28J B 5 1.38 2.83 -0.17
H25 28J B 5 0.59 4.18 0.64
H26 28J B 5 2.76 4.54 2.01
H27 28J B 5 3.46 3.14 2.81
H28 28J B 5 3.23 3.60 -0.16
H29 28J B 5 3.85 2.13 0.59
H30 28J B 5 4.70 3.66 0.82
N ILE B 6 1.36 5.52 3.00
CA ILE B 6 1.98 6.78 3.30
C ILE B 6 1.10 7.99 3.06
N SER B 7 0.85 8.69 4.13
CA SER B 7 0.15 9.97 4.12
C SER B 7 0.28 10.58 5.48
N DTH B 8 -0.61 11.52 5.77
CA DTH B 8 -0.69 12.11 7.11
CB DTH B 8 -2.15 12.12 7.69
CG2 DTH B 8 -2.93 10.85 7.37
OG1 DTH B 8 -2.86 13.29 7.21
C DTH B 8 -0.20 13.54 7.21
O DTH B 8 0.04 14.03 8.31
H DTH B 8 -1.14 11.91 5.03
HA DTH B 8 -0.11 11.48 7.76
HB DTH B 8 -2.06 12.21 8.76
HG21 DTH B 8 -2.41 9.99 7.76
HG22 DTH B 8 -3.03 10.76 6.30
HG23 DTH B 8 -3.91 10.91 7.82
N ALA B 9 -0.02 14.23 6.08
CA ALA B 9 0.41 15.61 6.12
C ALA B 9 -0.58 16.48 6.86
N EI4 B 10 -1.60 16.93 6.13
CA EI4 B 10 -2.60 17.81 6.71
CB EI4 B 10 -3.12 18.77 5.65
CG EI4 B 10 -2.25 20.00 5.45
CD2 EI4 B 10 -1.02 19.60 4.50
NE2 EI4 B 10 -1.15 20.58 3.36
CE1 EI4 B 10 -2.28 21.38 3.48
ND1 EI4 B 10 -2.93 21.07 4.66
NT EI4 B 10 -2.66 22.28 2.62
C EI4 B 10 -3.72 17.01 7.32
O EI4 B 10 -4.45 17.48 8.19
H EI4 B 10 -1.69 16.64 5.19
HA EI4 B 10 -2.12 18.38 7.49
HB EI4 B 10 -4.10 19.10 5.92
HBA EI4 B 10 -3.16 18.25 4.71
HG1 EI4 B 10 -1.89 20.40 6.40
HD2 EI4 B 10 -1.14 18.60 4.14
HE EI4 B 10 -0.51 20.61 2.60
HND1 EI4 B 10 -3.76 21.49 4.94
HD1 EI4 B 10 -0.08 19.74 5.02
H1 EI4 B 10 -2.13 22.47 1.79
HH12 EI4 B 10 -3.50 22.80 2.79
N ILE B 11 -3.85 15.78 6.83
CA ILE B 11 -4.84 14.85 7.34
C ILE B 11 -4.12 13.60 7.85
N ZAE C 1 0.54 10.54 0.33
CA ZAE C 1 0.57 10.38 -1.16
C ZAE C 1 -0.20 9.15 -1.66
O ZAE C 1 -1.05 9.26 -2.53
CB ZAE C 1 0.02 11.66 -1.79
CG ZAE C 1 0.82 12.12 -2.97
CD1 ZAE C 1 1.43 11.19 -3.81
CD2 ZAE C 1 0.93 13.47 -3.27
CE1 ZAE C 1 2.15 11.61 -4.92
CE2 ZAE C 1 1.64 13.89 -4.37
CZ ZAE C 1 2.24 12.96 -5.21
C10 ZAE C 1 1.61 11.45 0.72
H ZAE C 1 0.71 9.62 0.79
HA ZAE C 1 1.60 10.27 -1.45
HB2 ZAE C 1 -0.99 11.48 -2.12
HB3 ZAE C 1 0.03 12.45 -1.06
HD1 ZAE C 1 1.35 10.14 -3.58
HD2 ZAE C 1 0.46 14.20 -2.61
HE1 ZAE C 1 2.62 10.88 -5.56
HE2 ZAE C 1 1.73 14.95 -4.60
HZ ZAE C 1 2.80 13.29 -6.08
H11 ZAE C 1 1.67 11.49 1.78
H12 ZAE C 1 1.38 12.44 0.34
H13 ZAE C 1 2.55 11.12 0.30
HN2 ZAE C 1 -0.40 10.90 0.63
N ILE C 2 0.14 8.00 -1.09
CA ILE C 2 -0.50 6.74 -1.50
C ILE C 2 -0.76 5.92 -0.27
N SER C 3 -1.76 5.15 -0.33
CA SER C 3 -2.17 4.44 0.82
C SER C 3 -2.98 3.21 0.37
N DGN C 4 -2.90 2.13 1.17
CA DGN C 4 -3.73 0.97 0.94
C DGN C 4 -2.98 -0.36 0.85
O DGN C 4 -1.76 -0.44 1.08
CB DGN C 4 -4.81 0.97 2.04
CG DGN C 4 -4.32 1.55 3.40
CD DGN C 4 -5.01 2.87 3.76
OE1 DGN C 4 -6.17 3.11 3.41
NE2 DGN C 4 -4.33 3.72 4.53
H DGN C 4 -2.22 2.09 1.89
HA DGN C 4 -4.24 1.12 -0.01
HB2 DGN C 4 -5.14 -0.05 2.21
HB3 DGN C 4 -5.64 1.56 1.70
HG2 DGN C 4 -3.26 1.73 3.33
HG3 DGN C 4 -4.52 0.84 4.16
HE21 DGN C 4 -3.43 3.48 4.83
HE22 DGN C 4 -4.74 4.60 4.73
N 28J C 5 -3.72 -1.47 0.63
CA 28J C 5 -3.08 -2.78 0.54
CB 28J C 5 -2.12 -2.79 -0.64
CG2 28J C 5 -0.85 -3.52 -0.27
CG1 28J C 5 -2.87 -3.41 -1.81
CD1 28J C 5 -2.18 -3.34 -3.09
C 28J C 5 -4.06 -3.93 0.27
O 28J C 5 -5.25 -3.72 -0.01
HA 28J C 5 -2.53 -2.95 1.42
H22 28J C 5 -1.88 -1.77 -0.90
H23 28J C 5 -0.94 -3.87 0.75
H24 28J C 5 -0.01 -2.88 -0.37
H25 28J C 5 -0.74 -4.39 -0.93
H26 28J C 5 -3.05 -4.46 -1.58
H27 28J C 5 -3.83 -2.91 -1.90
H28 28J C 5 -2.86 -3.65 -3.87
H29 28J C 5 -1.32 -3.99 -3.08
H30 28J C 5 -1.87 -2.32 -3.26
N ILE C 6 -3.50 -5.15 0.21
CA ILE C 6 -4.28 -6.33 -0.01
C ILE C 6 -3.94 -7.59 0.72
N SER C 7 -5.00 -8.08 1.30
CA SER C 7 -5.14 -9.38 1.93
C SER C 7 -6.12 -9.28 3.05
N DTH C 8 -6.09 -10.30 3.93
CA DTH C 8 -6.86 -10.35 5.13
CB DTH C 8 -5.95 -10.12 6.39
CG2 DTH C 8 -4.86 -9.06 6.12
OG1 DTH C 8 -5.31 -11.32 6.84
C DTH C 8 -7.56 -11.70 5.00
O DTH C 8 -8.76 -11.78 5.01
H DTH C 8 -5.67 -11.16 3.67
HA DTH C 8 -7.58 -9.55 5.05
HB DTH C 8 -6.57 -9.74 7.19
HG21 DTH C 8 -4.25 -9.37 5.27
HG22 DTH C 8 -4.21 -8.97 6.98
HG23 DTH C 8 -5.31 -8.10 5.91
N ALA C 9 -6.75 -12.79 4.86
CA ALA C 9 -7.23 -14.16 4.51
C ALA C 9 -6.74 -15.19 5.43
N EI4 C 10 -5.59 -14.87 5.95
CA EI4 C 10 -4.85 -15.72 6.84
CB EI4 C 10 -3.53 -16.24 6.16
CG EI4 C 10 -3.80 -17.18 4.98
CD2 EI4 C 10 -2.67 -18.35 4.86
NE2 EI4 C 10 -3.46 -19.60 5.18
CE1 EI4 C 10 -4.78 -19.34 5.42
ND1 EI4 C 10 -5.02 -18.01 5.28
NT EI4 C 10 -5.67 -20.21 5.78
C EI4 C 10 -4.54 -14.88 8.04
O EI4 C 10 -4.49 -15.32 9.19
H EI4 C 10 -5.30 -13.95 5.84
HA EI4 C 10 -5.48 -16.56 7.10
HB EI4 C 10 -2.94 -16.77 6.89
HBA EI4 C 10 -2.96 -15.39 5.81
HG1 EI4 C 10 -3.94 -16.65 4.05
HD2 EI4 C 10 -1.88 -18.22 5.59
HE EI4 C 10 -3.06 -20.52 5.16
HND1 EI4 C 10 -5.91 -17.62 5.44
HD1 EI4 C 10 -2.26 -18.39 3.85
H1 EI4 C 10 -5.41 -21.15 5.94
HH12 EI4 C 10 -6.62 -19.91 5.96
N ILE C 11 -4.43 -13.62 7.72
CA ILE C 11 -4.11 -12.57 8.64
C ILE C 11 -4.78 -11.29 8.17
N ZAE D 1 -12.44 -11.74 3.46
CA ZAE D 1 -11.46 -12.56 2.70
C ZAE D 1 -10.28 -11.72 2.20
O ZAE D 1 -9.13 -12.09 2.43
CB ZAE D 1 -10.89 -13.62 3.61
CG ZAE D 1 -11.27 -15.02 3.24
CD1 ZAE D 1 -10.67 -15.62 2.16
CD2 ZAE D 1 -12.21 -15.72 3.99
CE1 ZAE D 1 -10.99 -16.91 1.82
CE2 ZAE D 1 -12.54 -17.02 3.64
CZ ZAE D 1 -11.92 -17.62 2.56
C10 ZAE D 1 -13.68 -12.50 3.75
H ZAE D 1 -12.70 -10.90 2.91
HA ZAE D 1 -11.94 -13.03 1.85
HB2 ZAE D 1 -9.82 -13.56 3.59
HB3 ZAE D 1 -11.25 -13.44 4.61
HD1 ZAE D 1 -9.94 -15.08 1.59
HD2 ZAE D 1 -12.69 -15.24 4.82
HE1 ZAE D 1 -10.52 -17.38 0.98
HE2 ZAE D 1 -13.28 -17.56 4.23
HZ ZAE D 1 -12.17 -18.64 2.29
H11 ZAE D 1 -14.38 -11.85 4.26
H12 ZAE D 1 -13.44 -13.34 4.40
H13 ZAE D 1 -14.11 -12.86 2.84
HN2 ZAE D 1 -11.98 -11.43 4.35
N ILE D 2 -10.54 -10.61 1.53
CA ILE D 2 -9.45 -9.78 1.05
C ILE D 2 -9.80 -8.31 1.15
N SER D 3 -8.91 -7.46 1.71
CA SER D 3 -9.24 -6.04 1.78
C SER D 3 -8.11 -5.19 1.48
N DGN D 4 -8.46 -3.97 1.16
CA DGN D 4 -7.52 -2.99 0.87
C DGN D 4 -7.67 -2.59 -0.55
O DGN D 4 -8.61 -2.99 -1.24
CB DGN D 4 -7.62 -1.76 1.78
CG DGN D 4 -8.67 -1.86 2.87
CD DGN D 4 -8.19 -2.57 4.12
OE1 DGN D 4 -7.31 -3.43 4.08
NE2 DGN D 4 -8.76 -2.21 5.27
H DGN D 4 -9.41 -3.74 1.15
HA DGN D 4 -6.53 -3.43 0.99
HB2 DGN D 4 -7.88 -0.91 1.16
HB3 DGN D 4 -6.66 -1.58 2.23
HG2 DGN D 4 -9.52 -2.39 2.48
HG3 DGN D 4 -8.97 -0.87 3.15
HE21 DGN D 4 -9.45 -1.51 5.24
HE22 DGN D 4 -8.48 -2.65 6.09
N 28J D 5 -6.80 -1.73 -0.92
CA 28J D 5 -6.75 -1.23 -2.25
CB 28J D 5 -6.90 -2.35 -3.37
CG2 28J D 5 -7.52 -1.76 -4.63
CG1 28J D 5 -5.59 -3.09 -3.76
CD1 28J D 5 -5.80 -4.18 -4.82
C 28J D 5 -5.48 -0.43 -2.43
O 28J D 5 -4.76 -0.21 -1.46
HA 28J D 5 -7.60 -0.56 -2.35
H22 28J D 5 -7.60 -3.08 -2.99
H23 28J D 5 -6.77 -1.24 -5.19
H24 28J D 5 -8.31 -1.07 -4.35
H25 28J D 5 -7.95 -2.56 -5.22
H26 28J D 5 -4.88 -2.37 -4.16
H27 28J D 5 -5.16 -3.56 -2.89
H28 28J D 5 -6.17 -3.73 -5.73
H29 28J D 5 -6.53 -4.90 -4.47
H30 28J D 5 -4.86 -4.69 -5.02
N ILE D 6 -5.35 0.11 -3.64
CA ILE D 6 -4.20 0.87 -4.06
C ILE D 6 -4.52 2.19 -4.71
N SER D 7 -3.98 3.23 -4.14
CA SER D 7 -3.88 4.54 -4.78
C SER D 7 -4.06 5.59 -3.78
N DTH D 8 -4.35 6.78 -4.24
CA DTH D 8 -4.58 7.78 -3.27
CB DTH D 8 -6.05 8.20 -3.15
CG2 DTH D 8 -6.98 7.02 -2.89
OG1 DTH D 8 -6.44 8.92 -4.29
C DTH D 8 -3.71 8.97 -3.53
O DTH D 8 -3.58 9.85 -2.68
H DTH D 8 -4.26 7.00 -5.22
HA DTH D 8 -4.30 7.33 -2.34
HB DTH D 8 -6.11 8.86 -2.30
HG21 DTH D 8 -6.94 6.33 -3.72
HG22 DTH D 8 -7.99 7.38 -2.78
HG23 DTH D 8 -6.68 6.52 -1.98
N ALA D 9 -3.10 9.04 -4.71
CA ALA D 9 -2.22 10.14 -4.94
C ALA D 9 -3.03 11.30 -5.42
N EI4 D 10 -3.61 11.13 -6.58
CA EI4 D 10 -4.47 12.14 -7.13
CB EI4 D 10 -4.78 11.85 -8.54
CG EI4 D 10 -3.95 12.57 -9.54
CD2 EI4 D 10 -2.41 12.15 -9.35
NE2 EI4 D 10 -2.18 11.32 -10.61
CE1 EI4 D 10 -3.28 11.33 -11.46
ND1 EI4 D 10 -4.29 12.04 -10.89
NT EI4 D 10 -3.35 10.79 -12.64
C EI4 D 10 -5.71 12.18 -6.30
O EI4 D 10 -6.17 13.23 -5.90
H EI4 D 10 -3.47 10.29 -7.06
HA EI4 D 10 -3.96 13.08 -7.07
HB EI4 D 10 -5.82 12.10 -8.73
HBA EI4 D 10 -4.65 10.80 -8.70
HG1 EI4 D 10 -4.09 13.64 -9.47
HD2 EI4 D 10 -2.29 11.55 -8.47
HE EI4 D 10 -1.33 10.84 -10.78
HND1 EI4 D 10 -5.16 12.19 -11.31
HD1 EI4 D 10 -1.78 13.02 -9.34
H1 EI4 D 10 -2.56 10.33 -13.05
HH12 EI4 D 10 -4.22 10.83 -13.14
N ILE D 11 -6.29 11.03 -6.09
CA ILE D 11 -7.42 10.96 -5.22
C ILE D 11 -7.05 10.17 -3.99
N ALA E 1 10.70 -14.18 9.61
CA ALA E 1 10.58 -15.61 10.09
C ALA E 1 10.16 -15.71 11.59
N DGL E 2 8.85 -15.49 11.81
CA DGL E 2 8.34 -15.27 13.07
C DGL E 2 7.25 -14.19 12.64
O DGL E 2 6.71 -13.45 13.46
CB DGL E 2 7.47 -16.36 13.69
CG DGL E 2 8.13 -17.64 13.41
CD DGL E 2 7.37 -18.47 12.43
OE1 DGL E 2 7.96 -19.25 11.69
H DGL E 2 8.29 -15.39 11.12
HB2 DGL E 2 6.50 -16.32 13.21
HB3 DGL E 2 7.30 -16.24 14.82
HG2 DGL E 2 8.27 -18.17 14.30
HG3 DGL E 2 9.09 -17.39 12.96
N LYS E 3 6.08 -18.25 12.41
CA LYS E 3 5.20 -18.94 11.55
C LYS E 3 4.81 -20.34 12.15
N DAL E 4 3.70 -20.20 12.95
CA DAL E 4 2.83 -21.28 13.70
CB DAL E 4 3.41 -22.01 15.11
C DAL E 4 2.12 -22.11 12.43
O DAL E 4 2.57 -23.16 12.00
H DAL E 4 3.37 -19.28 13.04
HA DAL E 4 3.21 -21.68 13.64
HB1 DAL E 4 4.16 -22.72 14.91
HB2 DAL E 4 2.58 -22.54 15.64
HB3 DAL E 4 3.77 -21.26 15.81
N DAL E 5 1.07 -21.35 11.84
CA DAL E 5 0.02 -22.02 10.80
CB DAL E 5 -0.45 -23.21 11.51
C DAL E 5 1.21 -22.14 9.72
O DAL E 5 1.94 -21.11 9.39
OXT DAL E 5 1.29 -23.17 8.95
H DAL E 5 1.03 -20.46 12.19
HA DAL E 5 -0.37 -22.06 9.77
HB1 DAL E 5 -0.85 -23.94 10.81
HB2 DAL E 5 -1.28 -22.91 12.16
HB3 DAL E 5 0.31 -23.60 12.09
N ALA F 1 -1.39 21.28 0.12
CA ALA F 1 -0.36 22.33 -0.18
C ALA F 1 0.83 22.19 0.83
N DGL F 2 0.51 22.65 2.09
CA DGL F 2 1.64 22.56 3.24
C DGL F 2 2.21 21.03 3.46
O DGL F 2 1.55 20.13 2.93
CB DGL F 2 2.94 23.21 2.84
CG DGL F 2 2.82 24.58 2.11
CD DGL F 2 4.03 24.86 1.21
OE1 DGL F 2 4.53 25.99 1.11
H DGL F 2 -0.34 23.00 2.28
HB2 DGL F 2 3.45 22.53 2.16
HB3 DGL F 2 3.52 23.33 3.71
HG2 DGL F 2 2.78 25.37 2.85
HG3 DGL F 2 1.94 24.63 1.50
N LYS F 3 4.51 23.81 0.56
CA LYS F 3 5.63 23.87 -0.35
C LYS F 3 6.96 24.23 0.40
N DAL F 4 6.85 23.94 1.74
CA DAL F 4 7.92 23.96 2.89
CB DAL F 4 8.19 25.42 3.72
C DAL F 4 9.09 22.95 2.23
O DAL F 4 10.10 23.40 1.67
H DAL F 4 5.98 23.64 2.01
HA DAL F 4 8.31 24.35 2.64
HB1 DAL F 4 8.75 26.12 3.16
HB2 DAL F 4 8.76 25.21 4.66
HB3 DAL F 4 7.26 25.87 4.05
N DAL F 5 8.80 21.60 2.31
CA DAL F 5 9.78 20.51 1.75
CB DAL F 5 11.08 20.78 2.59
C DAL F 5 9.85 20.87 0.32
O DAL F 5 8.71 20.68 -0.26
OXT DAL F 5 10.89 20.86 -0.31
H DAL F 5 7.85 21.34 2.59
HA DAL F 5 9.75 19.38 1.42
HB1 DAL F 5 11.25 21.83 2.57
HB2 DAL F 5 11.87 20.25 2.16
HB3 DAL F 5 11.02 20.46 3.67
N ALA G 1 -11.05 -19.78 9.97
CA ALA G 1 -12.52 -19.70 10.11
C ALA G 1 -12.93 -19.02 11.44
N DGL G 2 -12.85 -19.80 12.51
CA DGL G 2 -13.04 -19.27 13.98
C DGL G 2 -12.86 -17.70 14.08
O DGL G 2 -11.55 -17.40 14.01
CB DGL G 2 -14.57 -19.36 14.33
CG DGL G 2 -15.58 -19.43 13.19
CD DGL G 2 -16.40 -18.15 13.05
OE1 DGL G 2 -17.55 -18.08 13.46
H DGL G 2 -12.31 -20.71 12.44
HB2 DGL G 2 -14.77 -18.52 14.94
HB3 DGL G 2 -14.73 -20.27 14.99
HG2 DGL G 2 -16.27 -20.25 13.35
HG3 DGL G 2 -15.05 -19.61 12.26
N LYS G 3 -15.79 -17.13 12.45
CA LYS G 3 -16.42 -15.85 12.22
C LYS G 3 -16.91 -15.15 13.53
N DAL G 4 -15.88 -15.10 14.45
CA DAL G 4 -15.81 -14.39 15.84
CB DAL G 4 -16.04 -15.34 17.24
C DAL G 4 -16.50 -12.89 15.50
O DAL G 4 -17.65 -12.62 15.77
H DAL G 4 -15.07 -15.55 14.16
HA DAL G 4 -16.36 -14.47 16.03
HB1 DAL G 4 -17.06 -15.62 17.36
HB2 DAL G 4 -15.74 -14.75 18.14
HB3 DAL G 4 -15.41 -16.21 17.23
N DAL G 5 -15.63 -12.04 14.76
CA DAL G 5 -15.84 -10.45 14.53
CB DAL G 5 -16.33 -10.00 15.86
C DAL G 5 -17.08 -10.81 13.49
O DAL G 5 -16.90 -11.45 12.34
OXT DAL G 5 -18.20 -10.32 13.68
H DAL G 5 -14.83 -12.49 14.49
HA DAL G 5 -16.23 -9.64 13.95
HB1 DAL G 5 -15.49 -9.85 16.57
HB2 DAL G 5 -16.97 -10.70 16.25
HB3 DAL G 5 -16.83 -9.03 15.75
N ALA H 1 -5.40 6.49 -15.80
CA ALA H 1 -4.65 6.37 -17.08
C ALA H 1 -3.30 7.16 -17.04
N DGL H 2 -3.38 8.42 -17.68
CA DGL H 2 -2.16 9.33 -17.59
C DGL H 2 -1.52 9.60 -16.20
O DGL H 2 -0.32 9.72 -16.04
CB DGL H 2 -0.93 8.67 -18.27
CG DGL H 2 -1.11 8.26 -19.79
CD DGL H 2 -1.58 6.81 -19.93
OE1 DGL H 2 -2.56 6.52 -20.61
H DGL H 2 -4.24 8.74 -17.97
HA DGL H 2 -2.56 8.98 -16.79
HB2 DGL H 2 -0.68 7.80 -17.73
HB3 DGL H 2 -0.08 9.37 -18.23
HG2 DGL H 2 -0.17 8.39 -20.31
HG3 DGL H 2 -1.85 8.91 -20.24
N LYS H 3 -0.84 5.91 -19.30
CA LYS H 3 -1.14 4.50 -19.29
C LYS H 3 -0.75 3.77 -20.63
N DAL H 4 0.06 2.71 -20.36
CA DAL H 4 0.71 1.63 -21.28
CB DAL H 4 0.81 1.92 -22.96
C DAL H 4 0.09 0.20 -20.56
O DAL H 4 -0.93 -0.36 -20.96
H DAL H 4 0.31 2.62 -19.41
HA DAL H 4 0.22 1.49 -21.62
HB1 DAL H 4 -0.14 1.88 -23.43
HB2 DAL H 4 1.46 1.15 -23.44
HB3 DAL H 4 1.29 2.87 -23.14
N DAL H 5 0.80 -0.17 -19.40
CA DAL H 5 0.71 -1.59 -18.63
CB DAL H 5 0.81 -2.55 -19.76
C DAL H 5 -0.88 -1.26 -18.24
O DAL H 5 -1.28 -0.11 -17.74
OXT DAL H 5 -1.69 -2.20 -18.26
H DAL H 5 1.46 0.48 -19.15
HA DAL H 5 0.24 -2.24 -17.93
HB1 DAL H 5 1.88 -2.74 -20.03
HB2 DAL H 5 0.32 -2.18 -20.59
HB3 DAL H 5 0.40 -3.51 -19.46
C1 MUB I . 7.70 -10.12 8.30
C2 MUB I . 9.16 -10.41 8.00
C3 MUB I . 9.27 -11.50 6.92
C4 MUB I . 8.37 -12.68 7.27
C5 MUB I . 6.91 -12.23 7.36
C6 MUB I . 6.23 -12.74 8.62
C7 MUB I . 9.75 -8.85 6.23
C8 MUB I . 10.48 -7.56 5.80
C9 MUB I . 11.20 -12.39 8.03
C10 MUB I . 11.09 -13.86 8.35
C11 MUB I . 12.20 -11.51 8.83
O1 MUB I . 7.48 -8.75 8.24
O3 MUB I . 10.63 -11.91 6.79
O4 MUB I . 8.52 -13.78 6.31
O5 MUB I . 6.82 -10.77 7.35
O6 MUB I . 6.80 -12.19 9.79
O7 MUB I . 9.11 -9.50 5.42
O10 MUB I . 11.27 -14.69 7.45
N2 MUB I . 9.83 -9.21 7.52
H1 MUB I . 7.41 -10.47 9.30
H2 MUB I . 9.61 -10.65 8.96
HN2 MUB I . 10.35 -8.66 8.16
H81 MUB I . 11.54 -7.67 6.00
H82 MUB I . 10.10 -6.72 6.34
H83 MUB I . 10.30 -7.42 4.74
H3 MUB I . 9.06 -11.06 5.93
H9 MUB I . 10.28 -12.34 8.53
H111 MUB I . 12.95 -11.09 8.16
H112 MUB I . 12.69 -12.11 9.53
H113 MUB I . 11.65 -10.73 9.39
H4 MUB I . 8.79 -13.31 8.08
H5 MUB I . 6.30 -12.65 6.61
H61 MUB I . 6.52 -13.81 8.68
H62 MUB I . 5.10 -12.72 8.62
HO6 MUB I . 6.85 -12.83 10.53
C1 NAG I . 8.72 -13.38 4.93
C2 NAG I . 8.61 -14.63 4.04
C3 NAG I . 8.81 -14.25 2.58
C4 NAG I . 7.85 -13.11 2.20
C5 NAG I . 7.99 -11.93 3.17
C6 NAG I . 7.00 -10.83 2.86
C7 NAG I . 10.86 -15.42 4.49
C8 NAG I . 11.69 -16.62 4.97
N2 NAG I . 9.55 -15.65 4.45
O3 NAG I . 8.52 -15.37 1.75
O4 NAG I . 8.15 -12.68 0.88
O5 NAG I . 7.76 -12.39 4.52
O6 NAG I . 5.74 -11.09 3.46
O7 NAG I . 11.40 -14.53 3.81
H1 NAG I . 9.72 -12.97 4.91
H2 NAG I . 7.76 -15.24 4.11
H3 NAG I . 9.83 -13.92 2.38
H4 NAG I . 6.87 -13.63 2.13
H5 NAG I . 8.97 -11.44 3.11
H61 NAG I . 6.79 -10.71 1.79
H62 NAG I . 7.43 -9.89 3.23
H81 NAG I . 11.37 -16.89 5.98
H82 NAG I . 12.72 -16.36 4.98
H83 NAG I . 11.54 -17.45 4.28
HN2 NAG I . 9.20 -16.36 5.01
HO3 NAG I . 9.13 -16.10 1.89
HO4 NAG I . 8.20 -13.47 0.32
HO6 NAG I . 5.93 -11.46 4.34
C1 MUB J . -1.63 16.46 1.08
C2 MUB J . -2.76 17.42 0.76
C3 MUB J . -2.63 17.93 -0.66
C4 MUB J . -1.23 18.53 -0.89
C5 MUB J . -0.17 17.46 -0.59
C6 MUB J . 0.81 17.94 0.46
C7 MUB J . -4.61 16.12 -0.09
C8 MUB J . -6.01 15.53 0.11
C9 MUB J . -3.54 20.06 -0.08
C10 MUB J . -2.60 21.19 -0.51
C11 MUB J . -4.63 20.31 1.02
O1 MUB J . -2.16 15.25 1.51
O3 MUB J . -3.66 18.90 -0.93
O4 MUB J . -1.05 19.08 -2.22
O5 MUB J . -0.81 16.24 -0.09
O6 MUB J . 0.10 18.56 1.52
O7 MUB J . -3.93 15.79 -1.06
O10 MUB J . -2.99 22.00 -1.34
N2 MUB J . -4.07 16.81 0.92
H1 MUB J . -0.93 16.86 1.83
H2 MUB J . -2.63 18.16 1.55
HN2 MUB J . -4.62 17.06 1.69
H81 MUB J . -6.70 16.33 0.35
H82 MUB J . -6.00 14.81 0.91
H83 MUB J . -6.30 15.04 -0.82
H3 MUB J . -2.85 17.11 -1.40
H9 MUB J . -2.68 19.68 0.43
H111 MUB J . -5.63 20.18 0.60
H112 MUB J . -4.54 21.29 1.37
H113 MUB J . -4.45 19.63 1.88
H4 MUB J . -1.12 19.53 -0.45
H5 MUB J . 0.45 17.24 -1.40
H61 MUB J . 1.44 18.77 0.03
H62 MUB J . 1.46 17.14 0.86
HO6 MUB J . 0.65 19.10 2.14
C1 NAG J . -1.87 18.50 -3.25
C2 NAG J . -1.51 19.11 -4.61
C3 NAG J . -2.38 18.53 -5.70
C4 NAG J . -2.31 16.99 -5.67
C5 NAG J . -2.63 16.47 -4.27
C6 NAG J . -2.45 14.96 -4.20
C7 NAG J . -2.78 21.17 -4.37
C8 NAG J . -2.70 22.71 -4.36
N2 NAG J . -1.61 20.56 -4.57
O3 NAG J . -1.94 18.97 -6.97
O4 NAG J . -3.25 16.47 -6.59
O5 NAG J . -1.72 17.06 -3.31
O6 NAG J . -2.22 14.53 -2.86
O7 NAG J . -3.86 20.61 -4.54
H1 NAG J . -2.89 18.76 -2.96
H2 NAG J . -0.51 19.10 -4.93
H3 NAG J . -3.42 18.82 -5.57
H4 NAG J . -1.31 16.77 -6.13
H5 NAG J . -3.66 16.61 -3.94
H61 NAG J . -1.61 14.58 -4.79
H62 NAG J . -3.37 14.50 -4.61
H81 NAG J . -3.68 23.11 -4.15
H82 NAG J . -2.35 23.05 -5.31
H83 NAG J . -1.98 23.01 -3.59
HN2 NAG J . -0.79 21.06 -4.41
HO3 NAG J . -2.01 19.93 -7.04
HO4 NAG J . -3.22 16.99 -7.40
HO6 NAG J . -2.89 14.99 -2.36
C1 MUB K . -9.14 -16.21 8.22
C2 MUB K . -8.76 -17.63 8.65
C3 MUB K . -8.70 -18.54 7.43
C4 MUB K . -10.10 -18.56 6.82
C5 MUB K . -10.44 -17.14 6.37
C6 MUB K . -11.74 -16.71 7.03
C7 MUB K . -6.41 -18.10 8.69
C8 MUB K . -5.10 -18.20 9.49
C9 MUB K . -8.93 -20.41 8.94
C10 MUB K . -10.44 -20.40 8.93
C11 MUB K . -8.16 -21.27 9.99
O1 MUB K . -8.13 -15.29 8.50
O3 MUB K . -8.23 -19.87 7.80
O4 MUB K . -10.28 -19.53 5.74
O5 MUB K . -9.41 -16.20 6.80
O6 MUB K . -11.71 -16.94 8.43
O7 MUB K . -6.35 -18.03 7.47
O10 MUB K . -11.04 -20.84 7.94
N2 MUB K . -7.50 -17.71 9.36
H1 MUB K . -10.07 -15.86 8.71
H2 MUB K . -9.54 -17.90 9.39
HN2 MUB K . -7.54 -17.76 10.34
H81 MUB K . -4.29 -18.43 8.80
H82 MUB K . -5.18 -18.97 10.22
H83 MUB K . -4.93 -17.25 9.97
H3 MUB K . -7.89 -18.24 6.76
H9 MUB K . -9.05 -19.49 9.35
H111 MUB K . -7.57 -22.05 9.50
H112 MUB K . -8.85 -21.74 10.62
H113 MUB K . -7.52 -20.63 10.62
H4 MUB K . -10.78 -19.10 7.50
H5 MUB K . -10.63 -17.01 5.34
H61 MUB K . -12.47 -17.47 6.69
H62 MUB K . -12.14 -15.69 6.77
HO6 MUB K . -12.38 -16.50 8.93
C1 NAG K . -9.11 -19.86 5.00
C2 NAG K . -9.46 -20.94 3.98
C3 NAG K . -8.22 -21.30 3.16
C4 NAG K . -7.58 -20.04 2.57
C5 NAG K . -7.38 -18.96 3.63
C6 NAG K . -6.90 -17.65 3.04
C7 NAG K . -9.36 -22.72 5.62
C8 NAG K . -10.08 -23.94 6.22
N2 NAG K . -10.01 -22.12 4.63
O3 NAG K . -8.59 -22.17 2.11
O4 NAG K . -6.33 -20.37 2.01
O5 NAG K . -8.63 -18.69 4.32
O6 NAG K . -7.80 -17.15 2.07
O7 NAG K . -8.16 -22.52 5.84
H1 NAG K . -8.39 -20.22 5.72
H2 NAG K . -10.26 -20.81 3.32
H3 NAG K . -7.49 -21.82 3.80
H4 NAG K . -8.20 -19.84 1.66
H5 NAG K . -6.62 -19.20 4.38
H61 NAG K . -5.91 -17.69 2.55
H62 NAG K . -6.83 -16.95 3.89
H81 NAG K . -10.19 -24.68 5.43
H82 NAG K . -11.05 -23.65 6.57
H83 NAG K . -9.49 -24.33 7.04
HN2 NAG K . -10.96 -22.31 4.52
HO3 NAG K . -8.97 -23.00 2.40
HO4 NAG K . -6.50 -21.16 1.48
HO6 NAG K . -8.69 -17.44 2.31
C1 MUB L . -4.57 6.87 -11.21
C2 MUB L . -5.92 6.63 -11.81
C3 MUB L . -5.95 5.26 -12.52
C4 MUB L . -4.70 5.08 -13.42
C5 MUB L . -3.42 5.32 -12.64
C6 MUB L . -2.55 6.41 -13.26
C7 MUB L . -7.10 5.65 -9.90
C8 MUB L . -8.11 5.86 -8.74
C9 MUB L . -7.28 6.19 -14.26
C10 MUB L . -6.64 5.97 -15.62
C11 MUB L . -8.30 7.37 -14.07
O1 MUB L . -4.78 7.13 -9.86
O3 MUB L . -7.15 5.15 -13.27
O4 MUB L . -4.68 3.76 -14.06
O5 MUB L . -3.74 5.69 -11.29
O6 MUB L . -3.34 7.56 -13.55
O7 MUB L . -6.83 4.51 -10.25
O10 MUB L . -7.18 5.21 -16.41
N2 MUB L . -6.92 6.69 -10.74
H1 MUB L . -4.00 7.64 -11.75
H2 MUB L . -6.02 7.53 -12.42
HN2 MUB L . -7.15 7.61 -10.46
H81 MUB L . -9.09 6.08 -9.14
H82 MUB L . -7.78 6.67 -8.11
H83 MUB L . -8.13 4.95 -8.13
H3 MUB L . -6.00 4.46 -11.79
H9 MUB L . -6.34 6.58 -14.08
H111 MUB L . -9.29 6.97 -13.79
H112 MUB L . -8.41 7.88 -14.98
H113 MUB L . -7.92 8.09 -13.32
H4 MUB L . -4.83 5.60 -14.39
H5 MUB L . -2.74 4.50 -12.66
H61 MUB L . -2.36 5.99 -14.26
H62 MUB L . -1.52 6.63 -12.83
HO6 MUB L . -2.92 8.16 -14.22
C1 NAG L . -5.37 2.72 -13.33
C2 NAG L . -5.32 1.41 -14.11
C3 NAG L . -6.09 0.32 -13.33
C4 NAG L . -5.62 0.23 -11.86
C5 NAG L . -5.67 1.63 -11.25
C6 NAG L . -5.27 1.79 -9.78
C7 NAG L . -7.12 1.95 -15.65
C8 NAG L . -7.50 2.10 -17.13
N2 NAG L . -5.86 1.60 -15.45
O3 NAG L . -5.95 -0.95 -13.95
O4 NAG L . -6.47 -0.65 -11.13
O5 NAG L . -4.84 2.53 -12.01
O6 NAG L . -3.87 1.83 -9.59
O7 NAG L . -8.00 1.77 -14.80
H1 NAG L . -6.36 3.14 -13.44
H2 NAG L . -4.31 1.20 -14.32
H3 NAG L . -7.14 0.57 -13.22
H4 NAG L . -4.75 -0.39 -11.87
H5 NAG L . -6.71 1.78 -11.36
H61 NAG L . -5.74 1.20 -8.99
H62 NAG L . -5.59 2.84 -9.66
H81 NAG L . -6.80 2.80 -17.59
H82 NAG L . -8.50 2.48 -17.21
H83 NAG L . -7.45 1.13 -17.61
HN2 NAG L . -5.21 1.78 -16.15
HO3 NAG L . -6.34 -1.60 -13.35
HO4 NAG L . -7.37 -0.36 -10.99
HO6 NAG L . -3.38 2.26 -10.30
P 2PO M . 7.86 -7.79 9.48
O1P 2PO M . 8.32 -6.46 8.98
O2P 2PO M . 8.73 -8.52 10.44
O3P 2PO M . 6.44 -7.59 10.15
P 2PO N . 5.20 -8.14 9.35
O1P 2PO N . 5.02 -9.59 9.63
O2P 2PO N . 4.06 -7.22 9.56
O3P 2PO N . 5.69 -7.98 7.84
C1 P1W O . 4.90 -7.27 6.91
C2 P1W O . 5.51 -7.35 5.56
C3 P1W O . 6.45 -6.51 5.09
C4 P1W O . 7.05 -6.68 3.70
C5 P1W O . 6.99 -5.36 5.92
H12 P1W O . 3.89 -7.72 6.89
H11 P1W O . 4.81 -6.24 7.24
H2 P1W O . 5.48 -8.34 5.12
H41 P1W O . 7.97 -7.23 3.79
H42 P1W O . 6.36 -7.24 3.08
H51 P1W O . 8.02 -5.18 5.64
H52 P1W O . 6.94 -5.63 6.97
H53 P1W O . 6.39 -4.47 5.75
C1 P1W P . 7.36 -5.36 3.01
C2 P1W P . 6.14 -4.76 2.38
C3 P1W P . 5.63 -5.15 1.18
C4 P1W P . 4.42 -4.52 0.59
C5 P1W P . 6.30 -6.24 0.29
H12 P1W P . 8.09 -5.53 2.24
H11 P1W P . 7.76 -4.65 3.73
H2 P1W P . 5.90 -3.77 2.75
H41 P1W P . 4.23 -3.58 1.10
H42 P1W P . 4.57 -4.34 -0.46
H51 P1W P . 7.35 -6.28 0.47
H52 P1W P . 6.11 -6.01 -0.76
H53 P1W P . 5.86 -7.20 0.51
C1 P1W Q . 8.40 12.06 -1.87
C2 P1W Q . 8.21 12.74 -0.54
C3 P1W Q . 9.02 13.72 -0.10
C4 P1W Q . 8.82 14.43 1.25
C5 P1W Q . 10.22 14.22 -0.89
H12 P1W Q . 9.45 12.07 -2.13
H11 P1W Q . 8.06 11.04 -1.80
H2 P1W Q . 7.23 12.59 -0.11
H43 P1W Q . 9.27 13.84 2.04
H41 P1W Q . 7.78 14.56 1.45
H42 P1W Q . 9.31 15.39 1.21
H51 P1W Q . 10.69 15.02 -0.36
H52 P1W Q . 9.89 14.55 -1.85
H53 P1W Q . 10.93 13.40 -1.01
C1 P1W R . 3.25 -5.44 0.81
C2 P1W R . 2.83 -5.42 2.25
C3 P1W R . 3.04 -6.48 3.05
C4 P1W R . 2.63 -6.52 4.52
C5 P1W R . 3.78 -7.70 2.58
H12 P1W R . 3.53 -6.46 0.52
H11 P1W R . 2.42 -5.12 0.19
H2 P1W R . 2.13 -4.65 2.50
H43 P1W R . 2.11 -7.45 4.73
H41 P1W R . 1.99 -5.69 4.77
H42 P1W R . 3.53 -6.47 5.13
H51 P1W R . 3.24 -8.20 1.79
H52 P1W R . 3.90 -8.38 3.41
H53 P1W R . 4.75 -7.41 2.20
P 2PO S . -2.71 15.07 3.03
O1P 2PO S . -3.92 14.21 3.04
O2P 2PO S . -2.80 16.41 3.68
O3P 2PO S . -1.52 14.26 3.70
P 2PO T . -0.61 13.43 2.71
O1P 2PO T . 0.48 12.77 3.47
O2P 2PO T . -1.50 12.60 1.88
O3P 2PO T . 0.00 14.60 1.79
C1 P1W U . 1.40 14.94 1.83
C2 P1W U . 1.96 14.97 0.41
C3 P1W U . 3.22 15.40 0.06
C4 P1W U . 3.69 15.38 -1.37
C5 P1W U . 4.26 15.99 1.05
H12 P1W U . 1.50 15.92 2.26
H11 P1W U . 1.94 14.22 2.40
H2 P1W U . 1.37 14.45 -0.32
H41 P1W U . 2.90 15.72 -2.01
H42 P1W U . 4.54 16.02 -1.47
H51 P1W U . 5.18 16.17 0.52
H52 P1W U . 4.43 15.29 1.84
H53 P1W U . 3.90 16.92 1.45
C1 P1W V . -10.41 -8.48 4.70
C2 P1W V . -11.44 -7.91 3.76
C3 P1W V . -12.15 -6.78 3.99
C4 P1W V . -13.20 -6.28 3.01
C5 P1W V . -12.04 -5.92 5.26
H12 P1W V . -9.48 -8.61 4.18
H11 P1W V . -10.28 -7.83 5.54
H2 P1W V . -11.47 -8.38 2.79
H41 P1W V . -13.38 -7.02 2.25
H42 P1W V . -14.14 -6.09 3.54
H51 P1W V . -12.71 -5.07 5.17
H52 P1W V . -11.03 -5.57 5.37
H53 P1W V . -12.32 -6.51 6.12
C1 P1W W . -12.75 -4.99 2.32
C2 P1W W . -12.15 -5.33 0.99
C3 P1W W . -11.58 -4.41 0.19
C4 P1W W . -10.99 -4.74 -1.18
C5 P1W W . -11.41 -2.96 0.61
H12 P1W W . -12.03 -4.47 2.94
H11 P1W W . -13.61 -4.34 2.16
H2 P1W W . -12.38 -6.31 0.63
H43 P1W W . -11.25 -3.95 -1.88
H41 P1W W . -11.37 -5.67 -1.55
H42 P1W W . -9.91 -4.79 -1.08
H51 P1W W . -12.29 -2.40 0.37
H52 P1W W . -10.55 -2.56 0.09
H53 P1W W . -11.23 -2.92 1.69
C1 P1W X . 4.53 2.01 -4.64
C2 P1W X . 4.83 1.46 -3.30
C3 P1W X . 5.65 0.40 -3.07
C4 P1W X . 5.91 -0.10 -1.67
C5 P1W X . 6.36 -0.38 -4.17
H12 P1W X . 4.31 3.07 -4.55
H11 P1W X . 5.37 1.87 -5.29
H2 P1W X . 4.16 1.77 -2.54
H43 P1W X . 6.96 -0.32 -1.55
H41 P1W X . 5.33 -1.00 -1.49
H42 P1W X . 5.62 0.65 -0.94
H51 P1W X . 7.24 0.16 -4.48
H52 P1W X . 5.70 -0.53 -5.00
H53 P1W X . 6.66 -1.34 -3.76
C1 P1W Y . 4.08 13.97 -1.79
C2 P1W Y . 5.54 13.94 -2.18
C3 P1W Y . 6.16 12.80 -2.59
C4 P1W Y . 7.61 12.77 -2.96
C5 P1W Y . 5.44 11.45 -2.71
H12 P1W Y . 3.49 13.68 -2.64
H11 P1W Y . 3.92 13.29 -0.97
H2 P1W Y . 6.12 14.77 -1.81
H41 P1W Y . 7.74 12.23 -3.89
H42 P1W Y . 7.98 13.78 -3.08
H51 P1W Y . 4.59 11.55 -3.36
H52 P1W Y . 5.10 11.13 -1.73
H53 P1W Y . 6.12 10.72 -3.10
P 2PO Z . -7.97 -14.59 9.98
O1P 2PO Z . -6.87 -15.30 10.72
O2P 2PO Z . -9.29 -14.49 10.62
O3P 2PO Z . -7.47 -13.09 9.69
P 2PO AA . -7.90 -12.45 8.32
O1P 2PO AA . -7.83 -10.97 8.37
O2P 2PO AA . -7.09 -13.15 7.29
O3P 2PO AA . -9.44 -12.90 8.27
C1 P1W BA . -10.45 -11.92 8.48
C2 P1W BA . -10.77 -11.31 7.14
C3 P1W BA . -10.43 -10.08 6.59
C4 P1W BA . -10.90 -9.82 5.20
C5 P1W BA . -9.63 -8.92 7.24
H12 P1W BA . -11.37 -12.41 8.88
H11 P1W BA . -10.13 -11.17 9.18
H2 P1W BA . -10.95 -12.09 6.43
H41 P1W BA . -10.50 -10.61 4.56
H42 P1W BA . -11.96 -9.85 5.19
H51 P1W BA . -8.83 -8.63 6.55
H52 P1W BA . -9.20 -9.21 8.17
H53 P1W BA . -10.28 -8.06 7.38
P 2PO CA . -5.14 8.58 -9.37
O1P 2PO CA . -5.56 8.54 -7.95
O2P 2PO CA . -6.02 9.27 -10.35
O3P 2PO CA . -3.68 9.13 -9.40
P 2PO DA . -2.60 8.20 -8.66
O1P 2PO DA . -1.35 8.97 -8.69
O2P 2PO DA . -3.16 7.71 -7.33
O3P 2PO DA . -2.44 6.96 -9.70
C1 P1W EA . -1.17 6.48 -10.12
C2 P1W EA . -0.38 6.00 -8.95
C3 P1W EA . -0.72 5.00 -8.09
C4 P1W EA . 0.17 4.67 -6.90
C5 P1W EA . -1.99 4.12 -8.19
H12 P1W EA . -1.27 5.66 -10.84
H11 P1W EA . -0.59 7.28 -10.62
H2 P1W EA . 0.63 6.27 -9.01
H41 P1W EA . 0.51 5.57 -6.43
H42 P1W EA . -0.36 4.06 -6.22
H51 P1W EA . -2.77 4.49 -7.54
H52 P1W EA . -1.73 3.12 -7.89
H53 P1W EA . -2.34 4.11 -9.21
C1 P1W FA . 1.40 3.89 -7.37
C2 P1W FA . 1.96 3.11 -6.21
C3 P1W FA . 2.76 2.05 -6.37
C4 P1W FA . 3.30 1.29 -5.21
C5 P1W FA . 3.19 1.50 -7.73
H12 P1W FA . 2.15 4.58 -7.70
H11 P1W FA . 1.13 3.22 -8.15
H2 P1W FA . 1.44 3.26 -5.27
H41 P1W FA . 2.55 1.23 -4.43
H42 P1W FA . 3.58 0.31 -5.54
H51 P1W FA . 4.03 0.83 -7.61
H52 P1W FA . 3.48 2.32 -8.38
H53 P1W FA . 2.37 0.97 -8.19
N ZAE A 1 13.59 11.84 0.66
CA ZAE A 1 12.95 10.49 0.68
C ZAE A 1 11.46 10.62 1.03
O ZAE A 1 10.99 11.72 1.31
CB ZAE A 1 13.14 9.81 -0.69
CG ZAE A 1 14.27 8.79 -0.77
CD1 ZAE A 1 14.04 7.45 -0.47
CD2 ZAE A 1 15.55 9.16 -1.17
CE1 ZAE A 1 15.05 6.51 -0.57
CE2 ZAE A 1 16.56 8.22 -1.26
CZ ZAE A 1 16.31 6.90 -0.96
C10 ZAE A 1 14.54 12.02 1.79
H ZAE A 1 12.87 12.57 0.73
HA ZAE A 1 13.41 9.88 1.44
HB2 ZAE A 1 12.22 9.31 -0.97
HB3 ZAE A 1 13.35 10.57 -1.42
HD1 ZAE A 1 13.06 7.14 -0.16
HD2 ZAE A 1 15.75 10.20 -1.39
HE1 ZAE A 1 14.84 5.48 -0.33
HE2 ZAE A 1 17.55 8.52 -1.57
HZ ZAE A 1 17.09 6.16 -1.05
H11 ZAE A 1 14.98 13.00 1.74
H12 ZAE A 1 15.32 11.27 1.75
H13 ZAE A 1 13.99 11.92 2.73
HN2 ZAE A 1 14.10 11.96 -0.25
N ILE A 2 10.73 9.51 1.06
CA ILE A 2 9.29 9.54 1.37
C ILE A 2 8.98 9.04 2.76
N SER A 3 7.76 9.34 3.25
CA SER A 3 7.37 8.76 4.51
C SER A 3 6.24 7.83 4.28
N DGN A 4 6.34 6.77 5.01
CA DGN A 4 5.35 5.77 5.08
C DGN A 4 6.06 4.46 5.27
O DGN A 4 7.29 4.41 5.35
CB DGN A 4 4.39 6.07 6.26
CG DGN A 4 5.04 6.03 7.64
CD DGN A 4 4.05 6.02 8.79
OE1 DGN A 4 3.59 7.06 9.24
NE2 DGN A 4 3.70 4.83 9.27
H DGN A 4 7.18 6.61 5.50
HA DGN A 4 4.79 5.74 4.16
HB2 DGN A 4 3.58 5.37 6.25
HB3 DGN A 4 3.99 7.07 6.11
HG2 DGN A 4 5.68 6.90 7.75
HG3 DGN A 4 5.63 5.15 7.70
HE21 DGN A 4 4.11 4.03 8.87
HE22 DGN A 4 3.05 4.80 10.00
N 28J A 5 5.28 3.43 5.30
CA 28J A 5 5.81 2.08 5.50
CB 28J A 5 7.15 1.83 4.66
CG2 28J A 5 7.99 0.72 5.27
CG1 28J A 5 6.87 1.50 3.18
CD1 28J A 5 7.69 2.34 2.21
C 28J A 5 4.75 1.02 5.17
O 28J A 5 3.61 1.40 4.77
HA 28J A 5 6.06 1.98 6.54
H22 28J A 5 7.72 2.74 4.71
H23 28J A 5 8.97 0.71 4.81
H24 28J A 5 7.51 -0.23 5.11
H25 28J A 5 8.10 0.89 6.34
H26 28J A 5 7.13 0.46 3.00
H27 28J A 5 5.83 1.65 2.97
H28 28J A 5 8.72 2.02 2.23
H29 28J A 5 7.63 3.38 2.49
H30 28J A 5 7.30 2.22 1.21
N ILE A 6 5.14 -0.28 5.44
CA ILE A 6 4.35 -1.51 5.22
C ILE A 6 4.21 -2.34 6.47
N SER A 7 3.13 -3.10 6.46
CA SER A 7 2.88 -4.20 7.41
C SER A 7 1.66 -4.98 7.03
N DTH A 8 1.66 -6.27 7.47
CA DTH A 8 0.51 -7.13 7.26
CB DTH A 8 0.13 -7.93 8.51
CG2 DTH A 8 0.10 -7.05 9.76
OG1 DTH A 8 1.05 -9.00 8.70
C DTH A 8 0.77 -8.14 6.15
O DTH A 8 -0.16 -8.73 5.61
H DTH A 8 2.51 -6.65 7.84
HA DTH A 8 -0.32 -6.49 7.00
HB DTH A 8 -0.87 -8.33 8.36
HG21 DTH A 8 -0.64 -6.28 9.63
HG22 DTH A 8 1.07 -6.61 9.89
HG23 DTH A 8 -0.15 -7.65 10.61
N ALA A 9 2.05 -8.36 5.86
CA ALA A 9 2.42 -9.29 4.83
C ALA A 9 2.49 -10.66 5.42
N EI4 A 10 3.52 -10.91 6.18
CA EI4 A 10 3.60 -12.23 6.75
CB EI4 A 10 4.96 -12.55 7.29
CG EI4 A 10 4.91 -13.80 8.12
CD2 EI4 A 10 4.99 -15.09 7.19
NE2 EI4 A 10 6.43 -15.53 7.38
CE1 EI4 A 10 7.00 -14.90 8.48
ND1 EI4 A 10 6.15 -13.92 8.93
NT EI4 A 10 8.13 -15.24 9.02
C EI4 A 10 2.59 -12.32 7.86
O EI4 A 10 1.86 -13.31 7.99
H EI4 A 10 4.19 -10.22 6.37
HA EI4 A 10 3.33 -12.94 6.00
HB EI4 A 10 5.34 -11.75 7.88
HBA EI4 A 10 5.63 -12.74 6.45
HG1 EI4 A 10 4.04 -13.79 8.75
HD2 EI4 A 10 4.81 -14.86 6.15
HE EI4 A 10 6.84 -16.26 6.90
HND1 EI4 A 10 6.35 -13.33 9.71
HD1 EI4 A 10 4.31 -15.86 7.54
H1 EI4 A 10 8.65 -16.01 8.68
HH12 EI4 A 10 8.48 -14.71 9.81
N ILE A 11 2.53 -11.26 8.64
CA ILE A 11 1.59 -11.19 9.74
C ILE A 11 0.61 -10.06 9.55
N ZAE B 1 -1.51 -9.60 -0.06
CA ZAE B 1 -0.54 -8.45 -0.23
C ZAE B 1 -0.12 -7.83 1.12
O ZAE B 1 0.17 -8.53 2.07
CB ZAE B 1 0.74 -8.92 -0.95
CG ZAE B 1 0.94 -8.60 -2.44
CD1 ZAE B 1 1.38 -7.35 -2.85
CD2 ZAE B 1 0.82 -9.61 -3.42
CE1 ZAE B 1 1.70 -7.09 -4.16
CE2 ZAE B 1 1.13 -9.32 -4.76
CZ ZAE B 1 1.57 -8.07 -5.11
C10 ZAE B 1 -1.69 -10.30 -1.35
H ZAE B 1 -2.43 -9.25 0.25
HA ZAE B 1 -1.01 -7.69 -0.81
HB2 ZAE B 1 1.59 -8.51 -0.43
HB3 ZAE B 1 0.79 -9.99 -0.85
HD1 ZAE B 1 1.45 -6.56 -2.12
HD2 ZAE B 1 0.47 -10.59 -3.15
HE1 ZAE B 1 2.05 -6.12 -4.45
HE2 ZAE B 1 1.03 -10.09 -5.52
HZ ZAE B 1 1.84 -7.85 -6.14
H11 ZAE B 1 -2.06 -9.60 -2.09
H12 ZAE B 1 -2.40 -11.11 -1.24
H13 ZAE B 1 -0.75 -10.69 -1.69
HN2 ZAE B 1 -1.14 -10.27 0.67
N ILE B 2 -0.21 -6.51 1.22
CA ILE B 2 0.33 -5.81 2.37
C ILE B 2 -0.48 -4.56 2.67
N SER B 3 -0.29 -3.94 3.84
CA SER B 3 -1.05 -2.75 4.11
C SER B 3 -0.14 -1.62 4.40
N DGN B 4 -0.37 -0.50 3.71
CA DGN B 4 0.40 0.64 3.97
C DGN B 4 0.65 1.47 2.73
O DGN B 4 0.09 1.24 1.64
CB DGN B 4 -0.29 1.41 5.10
CG DGN B 4 -1.55 2.14 4.65
CD DGN B 4 -1.99 3.21 5.62
OE1 DGN B 4 -2.70 2.95 6.58
NE2 DGN B 4 -1.57 4.46 5.38
H DGN B 4 -1.10 -0.46 3.01
HA DGN B 4 1.36 0.30 4.34
HB2 DGN B 4 0.39 2.12 5.51
HB3 DGN B 4 -0.56 0.69 5.87
HG2 DGN B 4 -2.35 1.42 4.56
HG3 DGN B 4 -1.36 2.60 3.70
HE21 DGN B 4 -1.00 4.63 4.59
HE22 DGN B 4 -1.83 5.15 6.02
N 28J B 5 1.43 2.49 2.94
CA 28J B 5 1.78 3.39 1.81
CB 28J B 5 2.29 2.56 0.57
CG2 28J B 5 1.91 3.25 -0.73
CG1 28J B 5 3.81 2.29 0.59
CD1 28J B 5 4.14 0.82 0.82
C 28J B 5 2.80 4.45 2.16
O 28J B 5 3.29 4.50 3.31
HA 28J B 5 0.88 3.88 1.51
H22 28J B 5 1.78 1.62 0.59
H23 28J B 5 0.86 3.57 -0.68
H24 28J B 5 2.04 2.58 -1.55
H25 28J B 5 2.52 4.12 -0.88
H26 28J B 5 4.24 2.58 -0.37
H27 28J B 5 4.28 2.87 1.36
H28 28J B 5 3.70 0.22 0.04
H29 28J B 5 3.74 0.52 1.77
H30 28J B 5 5.22 0.68 0.81
N ILE B 6 3.02 5.36 1.11
CA ILE B 6 3.99 6.48 1.13
C ILE B 6 3.45 7.85 0.71
N SER B 7 4.09 8.86 1.33
CA SER B 7 3.97 10.29 0.98
C SER B 7 4.98 11.12 1.75
N DTH B 8 5.47 12.20 1.16
CA DTH B 8 6.35 13.06 1.97
CB DTH B 8 5.84 14.48 2.26
CG2 DTH B 8 4.43 14.49 2.87
OG1 DTH B 8 5.94 15.26 1.06
C DTH B 8 7.74 13.16 1.44
O DTH B 8 8.68 13.41 2.19
H DTH B 8 5.42 12.29 0.15
HA DTH B 8 6.40 12.56 2.93
HB DTH B 8 6.52 14.89 2.98
HG21 DTH B 8 4.11 15.51 3.07
HG22 DTH B 8 4.45 13.94 3.79
HG23 DTH B 8 3.74 14.02 2.19
N ALA B 9 7.89 13.02 0.13
CA ALA B 9 9.21 13.07 -0.45
C ALA B 9 9.52 14.42 -0.94
N EI4 B 10 8.80 14.83 -1.95
CA EI4 B 10 9.03 16.12 -2.48
CB EI4 B 10 8.67 16.17 -3.94
CG EI4 B 10 8.57 17.58 -4.45
CD2 EI4 B 10 9.93 17.95 -5.22
NE2 EI4 B 10 9.45 18.15 -6.63
CE1 EI4 B 10 8.07 18.02 -6.76
ND1 EI4 B 10 7.54 17.68 -5.54
NT EI4 B 10 7.39 18.26 -7.82
C EI4 B 10 8.27 17.11 -1.62
O EI4 B 10 8.67 18.26 -1.46
H EI4 B 10 8.09 14.25 -2.31
HA EI4 B 10 10.08 16.32 -2.37
HB EI4 B 10 7.73 15.67 -4.11
HBA EI4 B 10 9.45 15.65 -4.49
HG1 EI4 B 10 8.35 18.26 -3.65
HD2 EI4 B 10 10.63 17.13 -5.18
HE EI4 B 10 10.05 18.39 -7.38
HND1 EI4 B 10 6.58 17.53 -5.39
HD1 EI4 B 10 10.35 18.85 -4.82
H1 EI4 B 10 7.83 18.61 -8.65
HH12 EI4 B 10 6.39 18.11 -7.82
N ILE B 11 7.19 16.62 -1.04
CA ILE B 11 6.39 17.40 -0.11
C ILE B 11 6.23 16.66 1.21
N ZAE C 1 2.99 9.56 -2.50
CA ZAE C 1 2.52 8.28 -3.03
C ZAE C 1 1.03 8.04 -2.76
O ZAE C 1 0.22 8.92 -3.01
CB ZAE C 1 2.87 8.16 -4.53
CG ZAE C 1 3.75 6.97 -4.85
CD1 ZAE C 1 3.22 5.71 -4.84
CD2 ZAE C 1 5.10 7.11 -5.21
CE1 ZAE C 1 3.98 4.59 -5.15
CE2 ZAE C 1 5.88 6.00 -5.52
CZ ZAE C 1 5.31 4.73 -5.49
C10 ZAE C 1 4.46 9.56 -2.55
H ZAE C 1 2.70 9.65 -1.51
HA ZAE C 1 3.05 7.51 -2.51
HB2 ZAE C 1 1.96 8.08 -5.10
HB3 ZAE C 1 3.38 9.06 -4.83
HD1 ZAE C 1 2.19 5.59 -4.58
HD2 ZAE C 1 5.54 8.10 -5.23
HE1 ZAE C 1 3.54 3.61 -5.13
HE2 ZAE C 1 6.92 6.12 -5.78
HZ ZAE C 1 5.90 3.86 -5.73
H11 ZAE C 1 4.85 10.26 -1.83
H12 ZAE C 1 4.79 9.84 -3.54
H13 ZAE C 1 4.83 8.57 -2.32
HN2 ZAE C 1 2.59 10.35 -3.06
N ILE C 2 0.71 6.93 -2.10
CA ILE C 2 -0.68 6.51 -1.95
C ILE C 2 -0.84 5.69 -0.64
N SER C 3 -2.09 5.42 -0.17
CA SER C 3 -2.26 4.66 1.05
C SER C 3 -3.34 3.60 0.87
N DGN C 4 -2.97 2.35 1.19
CA DGN C 4 -3.87 1.26 1.04
C DGN C 4 -3.09 0.00 0.81
O DGN C 4 -1.86 -0.05 0.87
CB DGN C 4 -4.85 1.17 2.24
CG DGN C 4 -4.48 0.20 3.34
CD DGN C 4 -5.27 0.46 4.61
OE1 DGN C 4 -5.63 1.59 4.93
NE2 DGN C 4 -5.56 -0.61 5.35
H DGN C 4 -2.04 2.16 1.53
HA DGN C 4 -4.45 1.44 0.15
HB2 DGN C 4 -5.82 0.89 1.86
HB3 DGN C 4 -4.93 2.15 2.67
HG2 DGN C 4 -3.42 0.30 3.57
HG3 DGN C 4 -4.68 -0.80 3.01
HE21 DGN C 4 -5.24 -1.49 5.03
HE22 DGN C 4 -6.06 -0.48 6.17
N 28J C 5 -3.83 -1.05 0.56
CA 28J C 5 -3.15 -2.29 0.28
CB 28J C 5 -2.05 -2.05 -0.82
CG2 28J C 5 -0.84 -2.95 -0.63
CG1 28J C 5 -2.60 -2.14 -2.24
CD1 28J C 5 -2.67 -0.80 -2.96
C 28J C 5 -4.11 -3.40 -0.15
O 28J C 5 -5.33 -3.18 -0.27
HA 28J C 5 -2.66 -2.60 1.17
H22 28J C 5 -1.69 -1.03 -0.67
H23 28J C 5 -0.04 -2.61 -1.27
H24 28J C 5 -1.11 -3.96 -0.88
H25 28J C 5 -0.52 -2.90 0.41
H26 28J C 5 -1.98 -2.80 -2.83
H27 28J C 5 -3.61 -2.54 -2.20
H28 28J C 5 -1.68 -0.38 -3.04
H29 28J C 5 -3.31 -0.11 -2.40
H30 28J C 5 -3.09 -0.94 -3.95
N ILE C 6 -3.51 -4.63 -0.26
CA ILE C 6 -4.18 -5.91 -0.61
C ILE C 6 -3.89 -7.03 0.37
N SER C 7 -4.88 -7.93 0.48
CA SER C 7 -4.79 -9.21 1.23
C SER C 7 -5.83 -10.19 0.76
N DTH C 8 -5.59 -11.49 0.95
CA DTH C 8 -6.61 -12.46 0.60
CB DTH C 8 -6.88 -13.48 1.75
CG2 DTH C 8 -6.56 -12.88 3.12
OG1 DTH C 8 -6.12 -14.67 1.54
C DTH C 8 -6.30 -13.15 -0.71
O DTH C 8 -7.20 -13.50 -1.47
H DTH C 8 -4.68 -11.80 1.24
HA DTH C 8 -7.53 -11.90 0.45
HB DTH C 8 -7.93 -13.74 1.73
HG21 DTH C 8 -7.17 -12.01 3.30
HG22 DTH C 8 -5.52 -12.59 3.16
HG23 DTH C 8 -6.75 -13.62 3.90
N ALA C 9 -5.01 -13.33 -1.01
CA ALA C 9 -4.64 -13.93 -2.27
C ALA C 9 -5.18 -15.33 -2.34
N EI4 C 10 -4.37 -16.24 -1.87
CA EI4 C 10 -4.75 -17.61 -1.81
CB EI4 C 10 -3.51 -18.45 -2.12
CG EI4 C 10 -3.25 -19.60 -1.19
CD2 EI4 C 10 -2.62 -20.81 -2.04
NE2 EI4 C 10 -1.25 -20.93 -1.48
CE1 EI4 C 10 -0.98 -20.02 -0.45
ND1 EI4 C 10 -2.14 -19.25 -0.28
NT EI4 C 10 0.08 -19.93 0.24
C EI4 C 10 -5.38 -17.91 -0.44
O EI4 C 10 -6.03 -18.93 -0.24
H EI4 C 10 -3.47 -15.97 -1.58
HA EI4 C 10 -5.49 -17.78 -2.57
HB EI4 C 10 -2.66 -17.81 -2.10
HBA EI4 C 10 -3.61 -18.85 -3.12
HG1 EI4 C 10 -4.15 -19.89 -0.63
HD2 EI4 C 10 -2.58 -20.57 -3.10
HE EI4 C 10 -0.56 -21.57 -1.81
HND1 EI4 C 10 -2.20 -18.56 0.44
HD1 EI4 C 10 -3.18 -21.73 -1.89
H1 EI4 C 10 0.85 -20.56 0.09
HH12 EI4 C 10 0.17 -19.21 0.94
N ILE C 11 -5.17 -16.98 0.51
CA ILE C 11 -5.76 -17.08 1.86
C ILE C 11 -6.63 -15.87 2.14
N ZAE D 1 -9.09 -13.66 -6.44
CA ZAE D 1 -8.53 -12.27 -6.39
C ZAE D 1 -8.05 -11.89 -5.00
O ZAE D 1 -7.88 -12.75 -4.14
CB ZAE D 1 -7.37 -12.15 -7.35
CG ZAE D 1 -7.82 -11.66 -8.68
CD1 ZAE D 1 -7.81 -10.30 -8.96
CD2 ZAE D 1 -8.28 -12.54 -9.63
CE1 ZAE D 1 -8.26 -9.84 -10.18
CE2 ZAE D 1 -8.73 -12.09 -10.86
CZ ZAE D 1 -8.71 -10.73 -11.13
C10 ZAE D 1 -10.53 -13.67 -6.12
H ZAE D 1 -8.59 -14.27 -5.75
HA ZAE D 1 -9.31 -11.58 -6.68
HB2 ZAE D 1 -6.65 -11.45 -6.95
HB3 ZAE D 1 -6.91 -13.11 -7.48
HD1 ZAE D 1 -7.45 -9.59 -8.22
HD2 ZAE D 1 -8.29 -13.60 -9.41
HE1 ZAE D 1 -8.25 -8.78 -10.39
HE2 ZAE D 1 -9.08 -12.79 -11.59
HZ ZAE D 1 -9.07 -10.39 -12.08
H11 ZAE D 1 -10.90 -14.67 -6.14
H12 ZAE D 1 -11.07 -13.06 -6.83
H13 ZAE D 1 -10.67 -13.26 -5.12
HN2 ZAE D 1 -8.93 -14.06 -7.41
N ILE D 2 -7.77 -10.62 -4.82
CA ILE D 2 -7.31 -10.12 -3.53
C ILE D 2 -8.21 -9.00 -3.09
N SER D 3 -8.18 -8.68 -1.80
CA SER D 3 -9.00 -7.62 -1.27
C SER D 3 -8.17 -6.50 -0.74
N DGN D 4 -8.64 -5.33 -1.05
CA DGN D 4 -8.00 -4.12 -0.68
C DGN D 4 -8.30 -3.12 -1.72
O DGN D 4 -9.02 -3.38 -2.68
CB DGN D 4 -8.37 -3.60 0.72
CG DGN D 4 -9.85 -3.45 1.00
CD DGN D 4 -10.15 -2.93 2.39
OE1 DGN D 4 -10.31 -3.68 3.34
NE2 DGN D 4 -10.21 -1.61 2.51
H DGN D 4 -9.45 -5.27 -1.59
HA DGN D 4 -6.93 -4.31 -0.70
HB2 DGN D 4 -7.91 -2.62 0.83
HB3 DGN D 4 -7.96 -4.26 1.46
HG2 DGN D 4 -10.33 -4.41 0.89
HG3 DGN D 4 -10.27 -2.76 0.28
HE21 DGN D 4 -10.05 -1.06 1.71
HE22 DGN D 4 -10.41 -1.24 3.40
N 28J D 5 -7.74 -1.98 -1.50
CA 28J D 5 -7.92 -0.87 -2.42
CB 28J D 5 -7.81 -1.34 -3.92
CG2 28J D 5 -8.69 -0.46 -4.80
CG1 28J D 5 -6.37 -1.34 -4.47
CD1 28J D 5 -5.68 -2.70 -4.37
C 28J D 5 -6.91 0.22 -2.09
O 28J D 5 -6.12 0.06 -1.12
HA 28J D 5 -8.91 -0.49 -2.27
H22 28J D 5 -8.21 -2.35 -3.98
H23 28J D 5 -8.87 -0.96 -5.73
H24 28J D 5 -8.18 0.48 -5.00
H25 28J D 5 -9.62 -0.28 -4.30
H26 28J D 5 -6.39 -1.06 -5.52
H27 28J D 5 -5.77 -0.62 -3.92
H28 28J D 5 -6.28 -3.44 -4.89
H29 28J D 5 -5.58 -2.99 -3.33
H30 28J D 5 -4.71 -2.65 -4.83
N ILE D 6 -7.04 1.36 -2.82
CA ILE D 6 -6.20 2.55 -2.72
C ILE D 6 -6.98 3.80 -2.46
N SER D 7 -6.26 4.74 -1.89
CA SER D 7 -6.69 6.12 -1.75
C SER D 7 -5.50 6.99 -1.41
N DTH D 8 -5.56 8.23 -1.90
CA DTH D 8 -4.52 9.17 -1.55
CB DTH D 8 -5.08 10.46 -0.92
CG2 DTH D 8 -6.18 10.15 0.09
OG1 DTH D 8 -5.59 11.30 -1.95
C DTH D 8 -3.62 9.55 -2.70
O DTH D 8 -2.53 10.10 -2.48
H DTH D 8 -6.25 8.47 -2.57
HA DTH D 8 -3.92 8.69 -0.79
HB DTH D 8 -4.27 10.96 -0.41
HG21 DTH D 8 -7.00 9.64 -0.40
HG22 DTH D 8 -6.54 11.09 0.50
HG23 DTH D 8 -5.78 9.54 0.88
N ALA D 9 -4.03 9.28 -3.93
CA ALA D 9 -3.20 9.64 -5.07
C ALA D 9 -3.29 11.07 -5.33
N EI4 D 10 -4.46 11.48 -5.73
CA EI4 D 10 -4.59 12.86 -6.03
CB EI4 D 10 -5.42 13.09 -7.27
CG EI4 D 10 -6.08 14.44 -7.27
CD2 EI4 D 10 -5.24 15.49 -8.18
NE2 EI4 D 10 -6.10 15.55 -9.43
CE1 EI4 D 10 -7.32 14.93 -9.23
ND1 EI4 D 10 -7.35 14.31 -8.04
NT EI4 D 10 -8.32 14.97 -10.06
C EI4 D 10 -5.05 13.59 -4.78
O EI4 D 10 -4.58 14.68 -4.48
H EI4 D 10 -5.24 10.88 -5.75
HA EI4 D 10 -3.60 13.20 -6.24
HB EI4 D 10 -6.18 12.32 -7.37
HBA EI4 D 10 -4.76 13.02 -8.14
HG1 EI4 D 10 -6.26 14.79 -6.27
HD2 EI4 D 10 -4.27 15.12 -8.42
HE EI4 D 10 -5.84 16.06 -10.22
HND1 EI4 D 10 -8.12 13.80 -7.69
HD1 EI4 D 10 -5.19 16.47 -7.69
H1 EI4 D 10 -8.28 15.50 -10.90
HH12 EI4 D 10 -9.16 14.45 -9.83
N ILE D 11 -5.93 12.94 -4.02
CA ILE D 11 -6.35 13.50 -2.75
C ILE D 11 -5.82 12.66 -1.61
N ALA E 1 12.03 -9.46 4.32
CA ALA E 1 13.36 -9.40 4.98
C ALA E 1 13.23 -8.51 6.25
N DGL E 2 12.05 -7.78 6.35
CA DGL E 2 11.80 -7.05 7.62
C DGL E 2 12.45 -7.51 8.96
O DGL E 2 12.18 -8.75 9.22
CB DGL E 2 12.55 -5.65 7.56
CG DGL E 2 13.00 -5.16 6.14
CD DGL E 2 14.53 -4.95 6.06
OE1 DGL E 2 15.01 -4.16 5.23
H DGL E 2 11.34 -7.99 5.74
HB2 DGL E 2 13.37 -5.73 8.21
HB3 DGL E 2 11.84 -4.90 7.96
HG2 DGL E 2 12.53 -4.22 5.95
HG3 DGL E 2 12.72 -5.87 5.35
N LYS E 3 15.26 -5.64 6.90
CA LYS E 3 16.70 -5.59 6.96
C LYS E 3 17.30 -4.14 6.96
N DAL E 4 17.29 -3.65 8.24
CA DAL E 4 17.79 -2.25 8.83
CB DAL E 4 19.08 -1.46 8.06
C DAL E 4 17.67 -2.62 10.48
O DAL E 4 18.63 -2.73 11.25
H DAL E 4 16.82 -4.23 8.89
HA DAL E 4 18.40 -2.45 8.95
HB1 DAL E 4 20.01 -1.96 8.24
HB2 DAL E 4 19.18 -0.43 8.47
HB3 DAL E 4 18.89 -1.38 6.98
N DAL E 5 16.37 -2.90 10.89
CA DAL E 5 15.79 -3.18 12.32
CB DAL E 5 16.63 -1.97 12.95
C DAL E 5 16.47 -4.62 12.55
O DAL E 5 16.96 -4.93 13.70
OXT DAL E 5 16.43 -5.46 11.62
H DAL E 5 15.73 -2.97 10.12
HA DAL E 5 15.87 -3.40 13.26
HB1 DAL E 5 16.18 -1.76 13.96
HB2 DAL E 5 16.45 -1.11 12.38
HB3 DAL E 5 17.69 -2.15 13.09
N ALA F 1 3.08 19.75 -5.81
CA ALA F 1 3.39 20.90 -6.70
C ALA F 1 4.82 21.41 -6.44
N DGL F 2 4.93 22.41 -5.45
CA DGL F 2 6.30 22.80 -5.05
C DGL F 2 7.48 21.81 -5.21
O DGL F 2 7.26 20.67 -4.65
CB DGL F 2 6.84 23.93 -6.05
CG DGL F 2 6.20 23.95 -7.48
CD DGL F 2 7.22 23.60 -8.59
OE1 DGL F 2 7.68 24.48 -9.33
H DGL F 2 4.13 22.61 -4.93
HB2 DGL F 2 7.90 23.76 -6.12
HB3 DGL F 2 6.67 24.90 -5.58
HG2 DGL F 2 5.86 24.95 -7.67
HG3 DGL F 2 5.35 23.26 -7.56
N LYS F 3 7.52 22.33 -8.74
CA LYS F 3 8.41 21.82 -9.75
C LYS F 3 9.90 22.26 -9.56
N DAL F 4 10.20 22.24 -8.22
CA DAL F 4 11.58 22.47 -7.45
CB DAL F 4 12.21 24.04 -7.32
C DAL F 4 12.41 21.08 -7.90
O DAL F 4 13.09 20.99 -8.91
H DAL F 4 9.43 22.03 -7.64
HA DAL F 4 11.89 22.71 -7.93
HB1 DAL F 4 11.44 24.72 -6.98
HB2 DAL F 4 12.59 24.41 -8.25
HB3 DAL F 4 13.03 24.07 -6.56
N DAL F 5 12.12 19.97 -7.11
CA DAL F 5 12.73 18.52 -7.14
CB DAL F 5 14.22 19.11 -7.15
C DAL F 5 12.11 18.13 -8.56
O DAL F 5 12.83 17.43 -9.33
OXT DAL F 5 10.85 18.27 -8.81
H DAL F 5 11.37 20.15 -6.46
HA DAL F 5 13.26 17.82 -7.53
HB1 DAL F 5 14.90 18.26 -6.87
HB2 DAL F 5 14.31 19.81 -6.37
HB3 DAL F 5 14.56 19.50 -8.10
N ALA G 1 2.85 -19.98 -2.00
CA ALA G 1 2.94 -20.90 -3.16
C ALA G 1 1.63 -20.84 -4.00
N DGL G 2 1.75 -20.38 -5.20
CA DGL G 2 0.71 -20.16 -6.25
C DGL G 2 1.15 -19.42 -7.57
O DGL G 2 0.54 -19.45 -8.57
CB DGL G 2 0.55 -21.59 -6.86
CG DGL G 2 1.89 -22.30 -7.31
CD DGL G 2 2.03 -22.54 -8.84
OE1 DGL G 2 2.55 -23.58 -9.27
H DGL G 2 2.71 -20.06 -5.50
HB2 DGL G 2 -0.11 -21.51 -7.71
HB3 DGL G 2 0.07 -22.21 -6.10
HG2 DGL G 2 1.92 -23.27 -6.83
HG3 DGL G 2 2.76 -21.73 -6.98
N LYS G 3 1.60 -21.59 -9.65
CA LYS G 3 1.71 -21.62 -11.09
C LYS G 3 0.72 -22.59 -11.81
N DAL G 4 -0.20 -21.85 -12.50
CA DAL G 4 -1.43 -22.28 -13.39
CB DAL G 4 -1.27 -23.55 -14.46
C DAL G 4 -2.11 -20.74 -13.69
O DAL G 4 -2.08 -20.15 -14.76
H DAL G 4 -0.13 -20.88 -12.31
HA DAL G 4 -1.14 -22.17 -14.03
HB1 DAL G 4 -0.77 -23.26 -15.36
HB2 DAL G 4 -2.27 -23.93 -14.76
HB3 DAL G 4 -0.73 -24.38 -13.98
N DAL G 5 -2.61 -20.17 -12.54
CA DAL G 5 -3.37 -18.82 -12.38
CB DAL G 5 -4.44 -19.18 -13.51
C DAL G 5 -2.13 -17.88 -12.79
O DAL G 5 -2.43 -16.81 -13.39
OXT DAL G 5 -0.96 -18.04 -12.28
H DAL G 5 -2.39 -20.68 -11.70
HA DAL G 5 -3.66 -18.02 -12.72
HB1 DAL G 5 -5.32 -18.50 -13.32
HB2 DAL G 5 -4.77 -20.16 -13.36
HB3 DAL G 5 -4.10 -19.00 -14.52
N ALA H 1 -8.19 8.48 -14.40
CA ALA H 1 -9.22 8.52 -15.45
C ALA H 1 -10.64 8.66 -14.90
N DGL H 2 -11.41 9.59 -15.48
CA DGL H 2 -12.86 9.70 -14.93
C DGL H 2 -13.38 11.21 -14.55
O DGL H 2 -12.92 11.61 -13.54
CB DGL H 2 -13.94 9.27 -15.99
CG DGL H 2 -13.55 9.60 -17.48
CD DGL H 2 -14.66 10.36 -18.23
OE1 DGL H 2 -14.92 10.10 -19.42
H DGL H 2 -11.18 10.02 -16.30
HA DGL H 2 -12.56 10.12 -14.82
HB2 DGL H 2 -14.84 9.77 -15.73
HB3 DGL H 2 -14.07 8.20 -15.90
HG2 DGL H 2 -13.39 8.67 -17.99
HG3 DGL H 2 -12.64 10.20 -17.55
N LYS H 3 -15.30 11.29 -17.56
CA LYS H 3 -16.35 12.12 -18.10
C LYS H 3 -17.55 11.31 -18.69
N DAL H 4 -17.93 10.34 -17.79
CA DAL H 4 -19.15 9.31 -17.82
CB DAL H 4 -18.97 7.81 -18.56
C DAL H 4 -20.43 10.40 -17.99
O DAL H 4 -21.08 10.52 -19.01
H DAL H 4 -17.35 10.28 -17.01
HA DAL H 4 -19.21 9.29 -18.43
HB1 DAL H 4 -18.05 7.33 -18.22
HB2 DAL H 4 -18.92 7.89 -19.64
HB3 DAL H 4 -19.81 7.12 -18.28
N DAL H 5 -20.61 11.23 -16.89
CA DAL H 5 -21.71 12.31 -16.61
CB DAL H 5 -22.87 11.24 -16.87
C DAL H 5 -21.32 13.26 -17.85
O DAL H 5 -22.25 13.59 -18.64
OXT DAL H 5 -20.20 13.90 -17.87
H DAL H 5 -19.86 11.15 -16.21
HA DAL H 5 -22.47 12.83 -16.87
HB1 DAL H 5 -23.79 11.62 -16.33
HB2 DAL H 5 -22.62 10.34 -16.41
HB3 DAL H 5 -23.17 11.10 -17.91
C1 MUB I . 8.51 -10.36 6.06
C2 MUB I . 8.33 -10.37 4.55
C3 MUB I . 9.18 -11.51 3.95
C4 MUB I . 10.38 -11.82 4.87
C5 MUB I . 9.87 -12.27 6.25
C6 MUB I . 10.82 -11.82 7.35
C7 MUB I . 6.50 -11.73 3.78
C8 MUB I . 5.05 -11.83 3.37
C9 MUB I . 10.41 -9.98 2.58
C10 MUB I . 11.83 -10.07 3.14
C11 MUB I . 10.05 -8.74 1.67
O1 MUB I . 7.45 -9.70 6.66
O3 MUB I . 9.58 -11.16 2.60
O4 MUB I . 11.31 -12.77 4.29
O5 MUB I . 8.59 -11.70 6.55
O6 MUB I . 10.90 -10.41 7.35
O7 MUB I . 7.16 -12.76 3.95
O10 MUB I . 12.64 -10.80 2.57
N2 MUB I . 6.95 -10.53 4.17
H1 MUB I . 9.45 -9.90 6.37
H2 MUB I . 8.59 -9.38 4.21
HN2 MUB I . 6.40 -9.73 4.03
H81 MUB I . 4.95 -12.60 2.60
H82 MUB I . 4.72 -10.90 2.97
H83 MUB I . 4.44 -12.10 4.24
H3 MUB I . 8.57 -12.41 3.78
H9 MUB I . 10.11 -9.73 3.58
H111 MUB I . 9.77 -9.05 0.67
H112 MUB I . 10.91 -8.13 1.59
H113 MUB I . 9.26 -8.13 2.15
H4 MUB I . 11.04 -10.95 4.84
H5 MUB I . 9.84 -13.25 6.40
H61 MUB I . 11.85 -12.11 7.03
H62 MUB I . 10.61 -12.18 8.40
HO6 MUB I . 11.38 -9.98 8.06
C1 NAG I . 10.73 -13.79 3.48
C2 NAG I . 11.83 -14.73 2.96
C3 NAG I . 11.22 -15.86 2.14
C4 NAG I . 10.10 -16.54 2.92
C5 NAG I . 9.10 -15.52 3.43
C6 NAG I . 8.05 -16.17 4.29
C7 NAG I . 12.54 -13.51 1.00
C8 NAG I . 13.70 -12.74 0.35
N2 NAG I . 12.82 -13.99 2.20
O3 NAG I . 12.23 -16.82 1.83
O4 NAG I . 9.43 -17.47 2.06
O5 NAG I . 9.77 -14.53 4.24
O6 NAG I . 7.08 -15.22 4.73
O7 NAG I . 11.64 -13.97 0.29
H1 NAG I . 10.24 -13.23 2.65
H2 NAG I . 12.52 -15.15 3.63
H3 NAG I . 10.79 -15.50 1.18
H4 NAG I . 10.65 -17.21 3.64
H5 NAG I . 8.55 -15.01 2.66
H61 NAG I . 8.53 -16.57 5.18
H62 NAG I . 7.65 -16.98 3.67
H81 NAG I . 14.54 -13.42 0.23
H82 NAG I . 13.99 -11.94 1.00
H83 NAG I . 13.38 -12.34 -0.60
HN2 NAG I . 13.53 -13.59 2.70
HO3 NAG I . 12.91 -16.40 1.30
HO4 NAG I . 10.08 -18.02 1.63
HO6 NAG I . 7.35 -14.37 4.36
C1 MUB J . 4.01 14.94 -5.23
C2 MUB J . 2.79 15.50 -4.56
C3 MUB J . 1.77 15.88 -5.61
C4 MUB J . 2.45 16.40 -6.89
C5 MUB J . 3.30 15.27 -7.49
C6 MUB J . 4.57 15.80 -8.20
C7 MUB J . 1.59 13.44 -4.25
C8 MUB J . 1.08 12.36 -3.31
C9 MUB J . 1.66 18.07 -4.69
C10 MUB J . 1.85 19.17 -5.74
C11 MUB J . 1.90 18.48 -3.20
O1 MUB J . 4.54 14.00 -4.37
O3 MUB J . 0.91 16.89 -5.04
O4 MUB J . 1.52 16.93 -7.85
O5 MUB J . 3.68 14.32 -6.48
O6 MUB J . 5.39 16.54 -7.29
O7 MUB J . 1.08 13.56 -5.36
O10 MUB J . 0.90 19.48 -6.45
N2 MUB J . 2.25 14.48 -3.70
H1 MUB J . 4.77 15.70 -5.44
H2 MUB J . 3.27 16.33 -4.01
HN2 MUB J . 2.67 14.37 -2.81
H81 MUB J . 0.57 11.60 -3.90
H82 MUB J . 0.39 12.79 -2.61
H83 MUB J . 1.92 11.93 -2.79
H3 MUB J . 1.11 14.98 -5.82
H9 MUB J . 2.57 17.62 -5.04
H111 MUB J . 0.95 18.54 -2.65
H112 MUB J . 2.35 19.43 -3.18
H113 MUB J . 2.60 17.76 -2.73
H4 MUB J . 2.94 17.37 -6.75
H5 MUB J . 2.85 14.78 -8.30
H61 MUB J . 4.21 16.60 -8.88
H62 MUB J . 5.14 15.11 -8.88
HO6 MUB J . 6.23 16.08 -7.12
C1 NAG J . 0.28 16.20 -7.97
C2 NAG J . -0.59 16.80 -9.10
C3 NAG J . -1.91 16.04 -9.21
C4 NAG J . -1.68 14.53 -9.28
C5 NAG J . -0.75 14.07 -8.16
C6 NAG J . -0.43 12.59 -8.28
C7 NAG J . -1.69 18.61 -7.90
C8 NAG J . -1.83 20.14 -7.76
N2 NAG J . -0.84 18.21 -8.84
O3 NAG J . -2.60 16.46 -10.39
O4 NAG J . -2.91 13.86 -9.17
O5 NAG J . 0.50 14.80 -8.21
O6 NAG J . 0.77 12.25 -7.61
O7 NAG J . -2.55 17.87 -7.40
H1 NAG J . -0.17 16.36 -7.00
H2 NAG J . -0.15 16.89 -10.06
H3 NAG J . -2.56 16.25 -8.35
H4 NAG J . -1.36 14.38 -10.34
H5 NAG J . -1.19 14.18 -7.16
H61 NAG J . -0.30 12.25 -9.32
H62 NAG J . -1.28 12.01 -7.87
H81 NAG J . -2.50 20.36 -6.94
H82 NAG J . -2.22 20.56 -8.66
H83 NAG J . -0.84 20.56 -7.57
HN2 NAG J . -0.19 18.84 -9.19
HO3 NAG J . -2.69 17.41 -10.39
HO4 NAG J . -3.50 14.19 -9.87
HO6 NAG J . 0.73 12.78 -6.81
C1 MUB K . 0.90 -15.90 -0.88
C2 MUB K . 1.87 -16.58 0.10
C3 MUB K . 3.26 -16.61 -0.52
C4 MUB K . 3.14 -16.89 -2.04
C5 MUB K . 2.44 -15.69 -2.69
C6 MUB K . 1.55 -16.15 -3.85
C7 MUB K . 2.97 -15.20 1.75
C8 MUB K . 2.99 -14.63 3.18
C9 MUB K . 3.48 -18.91 0.12
C10 MUB K . 3.79 -19.87 -1.03
C11 MUB K . 2.85 -19.49 1.44
O1 MUB K . -0.14 -15.24 -0.21
O3 MUB K . 4.07 -17.61 0.14
O4 MUB K . 4.39 -17.20 -2.69
O5 MUB K . 1.60 -14.99 -1.74
O6 MUB K . 0.65 -17.16 -3.40
O7 MUB K . 3.66 -14.67 0.88
O10 MUB K . 4.90 -20.41 -1.07
N2 MUB K . 1.92 -15.97 1.41
H1 MUB K . 0.39 -16.61 -1.54
H2 MUB K . 1.44 -17.57 0.30
HN2 MUB K . 1.37 -16.39 2.12
H81 MUB K . 3.92 -14.08 3.32
H82 MUB K . 2.95 -15.43 3.88
H83 MUB K . 2.12 -13.98 3.32
H3 MUB K . 3.82 -15.69 -0.26
H9 MUB K . 2.66 -18.55 -0.47
H111 MUB K . 3.53 -19.35 2.29
H112 MUB K . 2.70 -20.51 1.32
H113 MUB K . 1.88 -19.02 1.62
H4 MUB K . 2.73 -17.89 -2.20
H5 MUB K . 3.09 -15.05 -3.17
H61 MUB K . 2.23 -16.71 -4.52
H62 MUB K . 1.03 -15.35 -4.43
HO6 MUB K . 0.09 -17.49 -4.12
C1 NAG K . 5.57 -16.74 -2.03
C2 NAG K . 6.81 -17.03 -2.92
C3 NAG K . 8.08 -16.51 -2.26
C4 NAG K . 7.90 -15.05 -1.82
C5 NAG K . 6.63 -14.89 -0.99
C6 NAG K . 6.38 -13.43 -0.62
C7 NAG K . 7.39 -19.30 -2.29
C8 NAG K . 7.45 -20.77 -2.74
N2 NAG K . 6.92 -18.46 -3.20
O3 NAG K . 9.15 -16.58 -3.20
O4 NAG K . 9.02 -14.65 -1.05
O5 NAG K . 5.48 -15.33 -1.75
O6 NAG K . 5.81 -13.31 0.67
O7 NAG K . 8.05 -18.93 -1.32
H1 NAG K . 5.59 -17.34 -1.12
H2 NAG K . 6.80 -16.72 -3.92
H3 NAG K . 8.35 -17.11 -1.39
H4 NAG K . 8.01 -14.51 -2.79
H5 NAG K . 6.65 -15.41 -0.04
H61 NAG K . 5.68 -12.92 -1.31
H62 NAG K . 7.36 -12.92 -0.68
H81 NAG K . 7.83 -21.37 -1.92
H82 NAG K . 8.09 -20.87 -3.59
H83 NAG K . 6.44 -21.09 -3.01
HN2 NAG K . 6.40 -18.81 -3.94
HO3 NAG K . 9.37 -17.49 -3.41
HO4 NAG K . 9.79 -14.98 -1.53
HO6 NAG K . 4.98 -13.79 0.63
C1 MUB L . -7.54 10.41 -10.40
C2 MUB L . -6.28 9.72 -10.95
C3 MUB L . -5.87 10.34 -12.27
C4 MUB L . -7.12 10.92 -12.98
C5 MUB L . -7.71 12.05 -12.13
C6 MUB L . -9.21 12.15 -12.33
C7 MUB L . -4.29 10.81 -10.10
C8 MUB L . -3.21 10.77 -9.03
C9 MUB L . -5.94 8.22 -13.44
C10 MUB L . -6.86 8.31 -14.65
C11 MUB L . -5.54 6.79 -12.91
O1 MUB L . -7.73 10.21 -9.00
O3 MUB L . -5.17 9.39 -13.08
O4 MUB L . -6.81 11.36 -14.34
O5 MUB L . -7.49 11.82 -10.70
O6 MUB L . -9.80 10.92 -11.99
O7 MUB L . -4.13 11.49 -11.12
O10 MUB L . -6.36 8.29 -15.78
N2 MUB L . -5.16 9.83 -10.03
H1 MUB L . -8.49 10.15 -10.88
H2 MUB L . -6.57 8.67 -11.05
HN2 MUB L . -5.25 9.31 -9.22
H81 MUB L . -2.90 9.74 -8.91
H82 MUB L . -3.61 11.14 -8.11
H83 MUB L . -2.39 11.39 -9.35
H3 MUB L . -5.07 11.05 -12.13
H9 MUB L . -6.76 8.54 -12.85
H111 MUB L . -4.46 6.63 -12.98
H112 MUB L . -6.00 6.07 -13.50
H113 MUB L . -5.90 6.67 -11.88
H4 MUB L . -7.80 10.10 -13.27
H5 MUB L . -7.39 12.92 -12.40
H61 MUB L . -9.31 12.19 -13.43
H62 MUB L . -9.75 13.04 -11.87
HO6 MUB L . -10.73 10.81 -12.19
C1 NAG L . -5.53 11.99 -14.48
C2 NAG L . -5.42 12.63 -15.85
C3 NAG L . -4.07 13.31 -16.00
C4 NAG L . -3.86 14.29 -14.84
C5 NAG L . -4.10 13.61 -13.49
C6 NAG L . -4.05 14.61 -12.36
C7 NAG L . -4.78 10.68 -17.14
C8 NAG L . -5.24 9.76 -18.26
N2 NAG L . -5.65 11.66 -16.90
O3 NAG L . -4.03 14.04 -17.22
O4 NAG L . -2.52 14.78 -14.87
O5 NAG L . -5.40 13.00 -13.47
O6 NAG L . -4.55 14.05 -11.15
O7 NAG L . -3.59 10.79 -16.88
H1 NAG L . -4.76 11.18 -14.33
H2 NAG L . -6.17 13.28 -16.17
H3 NAG L . -3.23 12.61 -15.98
H4 NAG L . -4.45 15.19 -15.12
H5 NAG L . -3.36 12.84 -13.30
H61 NAG L . -4.65 15.51 -12.52
H62 NAG L . -3.01 14.97 -12.25
H81 NAG L . -4.49 8.99 -18.42
H82 NAG L . -5.36 10.31 -19.17
H83 NAG L . -6.20 9.31 -17.99
HN2 NAG L . -6.58 11.51 -17.11
HO3 NAG L . -3.95 13.42 -17.95
HO4 NAG L . -2.31 15.04 -15.78
HO6 NAG L . -4.47 13.08 -11.19
P 2PO M . 7.34 -8.09 6.52
O1P 2PO M . 6.36 -7.78 5.46
O2P 2PO M . 8.69 -7.52 6.41
O3P 2PO M . 6.67 -7.63 7.88
P 2PO N . 5.40 -8.41 8.38
O1P 2PO N . 5.11 -8.03 9.78
O2P 2PO N . 4.29 -8.33 7.35
O3P 2PO N . 6.01 -9.88 8.39
C1 P1W O . 6.55 -10.34 9.61
C2 P1W O . 7.77 -9.54 9.88
C3 P1W O . 8.44 -9.49 11.02
C4 P1W O . 9.63 -8.62 11.09
C5 P1W O . 8.08 -10.24 12.33
H12 P1W O . 5.81 -10.18 10.38
H11 P1W O . 6.80 -11.37 9.53
H2 P1W O . 8.26 -9.18 8.98
H41 P1W O . 10.41 -9.09 11.68
H42 P1W O . 9.99 -8.43 10.09
H51 P1W O . 8.99 -10.54 12.84
H52 P1W O . 7.50 -11.13 12.11
H53 P1W O . 7.50 -9.59 12.99
C1 P1W P . 9.20 -7.32 11.74
C2 P1W P . 8.97 -6.27 10.66
C3 P1W P . 7.82 -5.54 10.55
C4 P1W P . 7.52 -4.51 9.47
C5 P1W P . 6.71 -5.68 11.58
H12 P1W P . 9.95 -6.99 12.43
H11 P1W P . 8.27 -7.50 12.26
H2 P1W P . 9.69 -6.30 9.85
H41 P1W P . 7.96 -4.81 8.53
H42 P1W P . 6.46 -4.41 9.36
H51 P1W P . 6.40 -6.71 11.67
H52 P1W P . 5.88 -5.07 11.27
H53 P1W P . 7.08 -5.34 12.54
C1 P1W Q . 3.22 6.07 -8.29
C2 P1W Q . 2.68 7.43 -7.97
C3 P1W Q . 1.44 7.60 -7.49
C4 P1W Q . 0.82 8.97 -7.16
C5 P1W Q . 0.53 6.42 -7.18
H12 P1W Q . 3.83 5.72 -7.48
H11 P1W Q . 2.40 5.39 -8.46
H2 P1W Q . 3.17 8.23 -8.47
H43 P1W Q . 0.84 9.61 -8.03
H41 P1W Q . 1.36 9.44 -6.35
H42 P1W Q . -0.21 8.82 -6.85
H51 P1W Q . 0.18 5.98 -8.10
H52 P1W Q . -0.30 6.77 -6.61
H53 P1W Q . 1.07 5.67 -6.60
C1 P1W R . 8.08 -3.14 9.83
C2 P1W R . 6.98 -2.13 9.80
C3 P1W R . 7.11 -0.96 9.16
C4 P1W R . 6.01 0.10 9.08
C5 P1W R . 8.45 -0.50 8.54
H12 P1W R . 8.84 -2.86 9.12
H11 P1W R . 8.48 -3.18 10.82
H2 P1W R . 6.40 -2.15 10.70
H43 P1W R . 6.39 1.03 9.49
H41 P1W R . 5.15 -0.20 9.66
H42 P1W R . 5.71 0.26 8.04
H51 P1W R . 8.40 0.56 8.41
H52 P1W R . 8.59 -0.98 7.58
H53 P1W R . 9.28 -0.76 9.18
P 2PO S . 5.42 14.51 -3.14
O1P 2PO S . 4.90 13.95 -1.84
O2P 2PO S . 5.65 15.97 -3.23
O3P 2PO S . 6.73 13.75 -3.54
P 2PO T . 6.62 12.19 -3.51
O1P 2PO T . 7.83 11.64 -4.13
O2P 2PO T . 6.25 11.82 -2.08
O3P 2PO T . 5.37 11.89 -4.50
C1 P1W U . 5.59 11.80 -5.94
C2 P1W U . 6.28 10.48 -6.25
C3 P1W U . 6.92 10.08 -7.40
C4 P1W U . 7.52 8.70 -7.43
C5 P1W U . 7.12 10.88 -8.71
H12 P1W U . 4.63 11.85 -6.42
H11 P1W U . 6.20 12.62 -6.26
H2 P1W U . 6.39 9.85 -5.37
H41 P1W U . 8.57 8.75 -7.13
H42 P1W U . 6.98 8.09 -6.74
H51 P1W U . 7.08 11.94 -8.51
H52 P1W U . 6.35 10.61 -9.41
H53 P1W U . 8.09 10.65 -9.16
C1 P1W V . 3.66 -10.74 -1.53
C2 P1W V . 4.21 -9.34 -1.41
C3 P1W V . 4.92 -8.76 -2.40
C4 P1W V . 5.46 -7.35 -2.27
C5 P1W V . 5.30 -9.46 -3.72
H12 P1W V . 2.67 -10.70 -1.93
H11 P1W V . 4.30 -11.29 -2.20
H2 P1W V . 4.32 -9.00 -0.40
H41 P1W V . 5.04 -6.87 -1.39
H42 P1W V . 6.54 -7.37 -2.18
H51 P1W V . 5.82 -8.75 -4.36
H52 P1W V . 4.42 -9.81 -4.22
H53 P1W V . 5.95 -10.29 -3.51
C1 P1W W . 5.05 -6.55 -3.50
C2 P1W W . 4.25 -5.37 -3.06
C3 P1W W . 3.72 -4.48 -3.91
C4 P1W W . 2.90 -3.24 -3.48
C5 P1W W . 3.82 -4.65 -5.43
H12 P1W W . 4.49 -7.19 -4.16
H11 P1W W . 5.95 -6.21 -4.01
H2 P1W W . 4.28 -5.17 -2.00
H43 P1W W . 1.84 -3.46 -3.54
H41 P1W W . 3.12 -2.40 -4.13
H42 P1W W . 3.16 -2.98 -2.47
H51 P1W W . 2.86 -4.45 -5.86
H52 P1W W . 4.11 -5.67 -5.65
H53 P1W W . 4.55 -3.96 -5.83
C1 P1W X . -11.14 4.16 -6.62
C2 P1W X . -9.86 4.86 -6.34
C3 P1W X . -9.65 5.51 -5.19
C4 P1W X . -8.33 6.25 -4.91
C5 P1W X . -10.69 5.66 -4.07
H12 P1W X . -10.95 3.14 -6.90
H11 P1W X . -11.77 4.20 -5.76
H2 P1W X . -9.36 5.20 -7.23
H43 P1W X . -7.92 6.64 -5.83
H41 P1W X . -7.62 5.57 -4.46
H42 P1W X . -8.53 7.06 -4.23
H51 P1W X . -10.23 6.18 -3.25
H52 P1W X . -11.03 4.69 -3.75
H53 P1W X . -11.55 6.24 -4.43
C1 P1W Y . 7.42 8.08 -8.81
C2 P1W Y . 5.98 7.74 -9.12
C3 P1W Y . 5.50 6.48 -9.20
C4 P1W Y . 4.07 6.18 -9.56
C5 P1W Y . 6.37 5.24 -8.94
H12 P1W Y . 8.02 7.17 -8.84
H11 P1W Y . 7.79 8.77 -9.54
H2 P1W Y . 5.40 8.56 -9.52
H41 P1W Y . 3.67 6.97 -10.18
H42 P1W Y . 4.01 5.24 -10.11
H51 P1W Y . 7.17 5.19 -9.66
H52 P1W Y . 5.76 4.35 -9.02
H53 P1W Y . 6.79 5.28 -7.94
P 2PO Z . -1.17 -16.11 0.69
O1P 2PO Z . -0.44 -17.24 1.30
O2P 2PO Z . -2.36 -16.43 -0.13
O3P 2PO Z . -1.63 -15.16 1.89
P 2PO AA . -1.49 -13.56 1.89
O1P 2PO AA . -2.56 -13.00 1.03
O2P 2PO AA . -1.43 -13.12 3.31
O3P 2PO AA . -0.10 -13.33 1.14
C1 P1W BA . -0.07 -12.54 -0.03
C2 P1W BA . 1.34 -12.27 -0.38
C3 P1W BA . 2.23 -11.60 0.37
C4 P1W BA . 3.65 -11.44 -0.15
C5 P1W BA . 1.94 -11.02 1.78
H12 P1W BA . -0.55 -13.09 -0.87
H11 P1W BA . -0.62 -11.62 0.12
H2 P1W BA . 1.73 -12.91 -1.14
H41 P1W BA . 4.24 -10.88 0.54
H42 P1W BA . 4.07 -12.43 -0.29
H51 P1W BA . 2.87 -10.70 2.22
H52 P1W BA . 1.49 -11.77 2.41
H53 P1W BA . 1.27 -10.18 1.69
P 2PO CA . -8.15 8.73 -8.42
O1P 2PO CA . -6.98 7.87 -8.61
O2P 2PO CA . -9.49 8.33 -8.92
O3P 2PO CA . -8.24 8.83 -6.86
P 2PO DA . -7.22 9.72 -6.15
O1P 2PO DA . -6.82 9.08 -4.87
O2P 2PO DA . -6.16 10.12 -7.13
O3P 2PO DA . -8.20 10.94 -5.85
C1 P1W EA . -9.30 10.71 -5.01
C2 P1W EA . -10.36 10.09 -5.84
C3 P1W EA . -11.07 10.66 -6.79
C4 P1W EA . -12.05 9.80 -7.50
C5 P1W EA . -11.00 12.14 -7.25
H12 P1W EA . -9.01 10.03 -4.21
H11 P1W EA . -9.65 11.64 -4.59
H2 P1W EA . -10.31 9.03 -5.86
H41 P1W EA . -12.94 10.35 -7.74
H42 P1W EA . -11.60 9.39 -8.39
H51 P1W EA . -11.52 12.23 -8.20
H52 P1W EA . -9.98 12.44 -7.38
H53 P1W EA . -11.49 12.77 -6.52
C1 P1W FA . -12.40 8.64 -6.60
C2 P1W FA . -11.71 7.37 -7.08
C3 P1W FA . -12.41 6.21 -7.30
C4 P1W FA . -11.84 4.87 -7.76
C5 P1W FA . -13.92 6.17 -7.13
H12 P1W FA . -13.47 8.51 -6.60
H11 P1W FA . -12.06 8.88 -5.61
H2 P1W FA . -10.63 7.35 -6.95
H41 P1W FA . -12.65 4.24 -8.09
H42 P1W FA . -11.13 5.01 -8.57
H51 P1W FA . -14.27 5.16 -7.26
H52 P1W FA . -14.38 6.80 -7.89
H53 P1W FA . -14.19 6.53 -6.16
N ZAE A 1 12.50 8.65 -4.29
CA ZAE A 1 11.47 7.60 -4.09
C ZAE A 1 10.24 8.11 -3.35
O ZAE A 1 9.66 9.13 -3.72
CB ZAE A 1 11.04 7.05 -5.45
CG ZAE A 1 10.61 5.63 -5.38
CD1 ZAE A 1 9.38 5.26 -5.88
CD2 ZAE A 1 11.39 4.68 -4.74
CE1 ZAE A 1 8.96 3.96 -5.77
CE2 ZAE A 1 10.98 3.37 -4.64
CZ ZAE A 1 9.75 3.00 -5.15
C10 ZAE A 1 13.80 8.02 -4.56
H ZAE A 1 12.60 9.22 -3.43
HA ZAE A 1 11.90 6.79 -3.53
HB2 ZAE A 1 10.22 7.64 -5.84
HB3 ZAE A 1 11.87 7.11 -6.14
HD1 ZAE A 1 8.76 5.99 -6.39
HD2 ZAE A 1 12.35 4.97 -4.35
HE1 ZAE A 1 8.01 3.68 -6.20
HE2 ZAE A 1 11.60 2.63 -4.15
HZ ZAE A 1 9.41 1.97 -5.08
H11 ZAE A 1 14.55 8.77 -4.73
H12 ZAE A 1 13.72 7.39 -5.45
H13 ZAE A 1 14.09 7.40 -3.72
HN2 ZAE A 1 12.22 9.27 -5.08
N ILE A 2 9.83 7.42 -2.29
CA ILE A 2 8.65 7.81 -1.51
C ILE A 2 8.83 7.39 -0.04
N SER A 3 8.05 7.98 0.91
CA SER A 3 8.28 7.67 2.30
C SER A 3 7.09 6.90 2.85
N DGN A 4 7.32 6.41 4.03
CA DGN A 4 6.32 5.63 4.74
C DGN A 4 6.85 4.27 5.09
O DGN A 4 8.05 4.09 5.29
CB DGN A 4 5.81 6.34 6.01
CG DGN A 4 6.87 6.71 7.07
CD DGN A 4 7.36 8.15 6.98
OE1 DGN A 4 7.30 8.77 5.92
NE2 DGN A 4 7.79 8.70 8.10
H DGN A 4 8.22 6.56 4.44
HA DGN A 4 5.50 5.49 4.07
HB2 DGN A 4 5.10 5.68 6.49
HB3 DGN A 4 5.30 7.25 5.72
HG2 DGN A 4 7.72 6.06 6.96
HG3 DGN A 4 6.43 6.58 8.04
HE21 DGN A 4 7.78 8.16 8.92
HE22 DGN A 4 8.10 9.63 8.07
N 28J A 5 5.93 3.33 5.12
CA 28J A 5 6.31 1.95 5.50
CB 28J A 5 7.61 1.51 4.87
CG2 28J A 5 8.24 0.45 5.76
CG1 28J A 5 7.30 0.97 3.49
CD1 28J A 5 7.55 1.92 2.38
C 28J A 5 5.25 0.93 5.12
O 28J A 5 4.19 1.29 4.58
HA 28J A 5 6.43 1.92 6.57
H22 28J A 5 8.28 2.35 4.80
H23 28J A 5 7.87 0.58 6.77
H24 28J A 5 9.31 0.53 5.75
H25 28J A 5 7.94 -0.52 5.40
H26 28J A 5 7.89 0.09 3.33
H27 28J A 5 6.25 0.69 3.46
H28 28J A 5 8.61 2.13 2.34
H29 28J A 5 7.00 2.83 2.55
H30 28J A 5 7.25 1.46 1.45
N ILE A 6 5.56 -0.35 5.44
CA ILE A 6 4.68 -1.48 5.12
C ILE A 6 4.47 -2.37 6.35
N SER A 7 3.38 -3.12 6.24
CA SER A 7 2.86 -4.10 7.22
C SER A 7 1.57 -3.62 7.80
N DTH A 8 1.39 -3.81 9.12
CA DTH A 8 0.18 -3.33 9.84
CB DTH A 8 0.40 -3.21 11.37
CG2 DTH A 8 1.79 -2.66 11.71
OG1 DTH A 8 0.23 -4.50 12.02
C DTH A 8 -1.03 -4.23 9.58
O DTH A 8 -2.15 -3.84 9.88
H DTH A 8 2.07 -4.31 9.63
HA DTH A 8 -0.07 -2.36 9.45
HB DTH A 8 -0.34 -2.52 11.76
HG21 DTH A 8 1.91 -2.62 12.78
HG22 DTH A 8 1.88 -1.67 11.30
HG23 DTH A 8 2.55 -3.30 11.28
N ALA A 9 -0.78 -5.42 9.05
CA ALA A 9 -1.85 -6.37 8.76
C ALA A 9 -2.47 -6.92 10.04
N EI4 A 10 -1.68 -7.70 10.79
CA EI4 A 10 -2.15 -8.30 12.04
CB EI4 A 10 -1.50 -9.67 12.23
CG EI4 A 10 -2.27 -10.61 13.15
CD2 EI4 A 10 -3.68 -11.02 12.45
NE2 EI4 A 10 -3.58 -12.53 12.38
CE1 EI4 A 10 -2.34 -13.00 12.77
ND1 EI4 A 10 -1.56 -11.94 13.21
NT EI4 A 10 -1.98 -14.24 12.76
C EI4 A 10 -1.79 -7.38 13.19
O EI4 A 10 -2.57 -7.17 14.12
H EI4 A 10 -0.76 -7.85 10.48
HA EI4 A 10 -3.23 -8.40 11.99
HB EI4 A 10 -0.51 -9.55 12.61
HBA EI4 A 10 -1.43 -10.14 11.24
HG1 EI4 A 10 -2.40 -10.17 14.13
HD2 EI4 A 10 -3.76 -10.57 11.45
HE EI4 A 10 -4.29 -13.10 12.03
HND1 EI4 A 10 -0.67 -12.08 13.59
HD1 EI4 A 10 -4.51 -10.70 13.07
H1 EI4 A 10 -2.60 -14.94 12.43
HH12 EI4 A 10 -1.05 -14.49 13.07
N ILE A 11 -0.59 -6.84 13.11
CA ILE A 11 -0.08 -5.91 14.09
C ILE A 11 0.11 -4.52 13.45
N ZAE B 1 0.23 -9.31 -0.21
CA ZAE B 1 1.27 -8.26 -0.02
C ZAE B 1 1.55 -7.69 1.40
O ZAE B 1 2.11 -8.39 2.26
CB ZAE B 1 2.57 -8.70 -0.65
CG ZAE B 1 3.25 -7.57 -1.36
CD1 ZAE B 1 4.53 -7.17 -0.97
CD2 ZAE B 1 2.68 -6.97 -2.48
CE1 ZAE B 1 5.15 -6.10 -1.60
CE2 ZAE B 1 3.29 -5.90 -3.11
CZ ZAE B 1 4.56 -5.51 -2.71
C10 ZAE B 1 0.29 -9.75 -1.63
H ZAE B 1 -0.72 -8.95 -0.01
HA ZAE B 1 0.91 -7.43 -0.60
HB2 ZAE B 1 3.23 -9.07 0.12
HB3 ZAE B 1 2.39 -9.50 -1.37
HD1 ZAE B 1 5.00 -7.64 -0.12
HD2 ZAE B 1 1.70 -7.29 -2.80
HE1 ZAE B 1 6.14 -5.79 -1.29
HE2 ZAE B 1 2.82 -5.44 -3.96
HZ ZAE B 1 5.05 -4.68 -3.20
H11 ZAE B 1 0.67 -8.95 -2.24
H12 ZAE B 1 -0.70 -10.03 -1.98
H13 ZAE B 1 0.95 -10.61 -1.72
HN2 ZAE B 1 0.43 -10.12 0.44
N ILE B 2 1.23 -6.41 1.61
CA ILE B 2 1.51 -5.72 2.88
C ILE B 2 0.57 -4.50 2.98
N SER B 3 0.55 -3.80 4.11
CA SER B 3 -0.38 -2.70 4.24
C SER B 3 0.29 -1.46 4.72
N DGN B 4 -0.34 -0.36 4.48
CA DGN B 4 0.29 0.88 4.85
C DGN B 4 0.17 1.86 3.75
O DGN B 4 -0.91 2.13 3.21
CB DGN B 4 -0.16 1.47 6.20
CG DGN B 4 -1.64 1.53 6.49
CD DGN B 4 -2.16 0.24 7.13
OE1 DGN B 4 -1.46 -0.44 7.87
NE2 DGN B 4 -3.38 -0.12 6.83
H DGN B 4 -1.24 -0.37 4.04
HA DGN B 4 1.34 0.62 4.93
HB2 DGN B 4 0.23 2.49 6.26
HB3 DGN B 4 0.29 0.92 6.99
HG2 DGN B 4 -2.18 1.73 5.58
HG3 DGN B 4 -1.81 2.34 7.18
HE21 DGN B 4 -3.89 0.45 6.22
HE22 DGN B 4 -3.71 -0.95 7.21
N 28J B 5 1.30 2.41 3.43
CA 28J B 5 1.34 3.37 2.34
CB 28J B 5 0.99 2.64 1.03
CG2 28J B 5 0.02 3.48 0.25
CG1 28J B 5 2.23 2.31 0.16
CD1 28J B 5 2.92 1.01 0.55
C 28J B 5 2.63 4.11 2.19
O 28J B 5 3.61 3.89 2.96
HA 28J B 5 0.56 4.10 2.50
H22 28J B 5 0.49 1.72 1.30
H23 28J B 5 -0.98 3.30 0.63
H24 28J B 5 0.07 3.20 -0.79
H25 28J B 5 0.28 4.52 0.37
H26 28J B 5 1.92 2.21 -0.87
H27 28J B 5 2.96 3.11 0.23
H28 28J B 5 3.74 0.81 -0.12
H29 28J B 5 2.22 0.19 0.49
H30 28J B 5 3.30 1.08 1.57
N ILE B 6 2.55 5.03 1.20
CA ILE B 6 3.64 5.87 0.82
C ILE B 6 3.19 7.26 0.66
N SER B 7 4.02 8.11 1.26
CA SER B 7 3.95 9.54 1.11
C SER B 7 4.88 10.24 2.05
N DTH B 8 4.36 11.38 2.60
CA DTH B 8 5.03 12.14 3.67
CB DTH B 8 4.10 13.13 4.43
CG2 DTH B 8 2.65 12.66 4.52
OG1 DTH B 8 4.15 14.44 3.82
C DTH B 8 6.27 12.89 3.17
O DTH B 8 7.12 13.21 4.01
H DTH B 8 3.54 11.79 2.17
HA DTH B 8 5.40 11.41 4.38
HB DTH B 8 4.49 13.22 5.44
HG21 DTH B 8 2.05 13.36 5.08
HG22 DTH B 8 2.62 11.70 5.04
HG23 DTH B 8 2.23 12.52 3.54
N ALA B 9 6.36 13.22 1.91
CA ALA B 9 7.49 13.96 1.38
C ALA B 9 7.62 15.30 2.08
N EI4 B 10 6.90 16.31 1.58
CA EI4 B 10 6.94 17.64 2.16
CB EI4 B 10 6.80 18.69 1.07
CG EI4 B 10 8.10 19.19 0.44
CD2 EI4 B 10 9.04 17.91 0.11
NE2 EI4 B 10 9.05 17.92 -1.41
CE1 EI4 B 10 8.41 19.02 -1.95
ND1 EI4 B 10 7.87 19.77 -0.91
NT EI4 B 10 8.37 19.32 -3.19
C EI4 B 10 5.84 17.76 3.20
O EI4 B 10 5.92 18.56 4.14
H EI4 B 10 6.32 16.13 0.81
HA EI4 B 10 7.89 17.76 2.66
HB EI4 B 10 6.31 19.56 1.49
HBA EI4 B 10 6.19 18.28 0.28
HG1 EI4 B 10 8.60 19.91 1.08
HD2 EI4 B 10 8.61 16.99 0.48
HE EI4 B 10 9.51 17.22 -1.92
HND1 EI4 B 10 7.33 20.58 -1.08
HD1 EI4 B 10 10.04 18.06 0.53
H1 EI4 B 10 8.85 18.74 -3.87
HH12 EI4 B 10 7.87 20.13 -3.49
N ILE B 11 4.80 16.96 3.01
CA ILE B 11 3.68 16.92 3.92
C ILE B 11 3.59 15.55 4.58
N ZAE C 1 2.51 10.08 -2.07
CA ZAE C 1 2.15 8.82 -2.80
C ZAE C 1 0.68 8.43 -2.69
O ZAE C 1 -0.22 9.21 -3.11
CB ZAE C 1 2.44 8.99 -4.26
CG ZAE C 1 2.91 7.79 -5.02
CD1 ZAE C 1 1.96 6.93 -5.52
CD2 ZAE C 1 4.25 7.56 -5.32
CE1 ZAE C 1 2.32 5.86 -6.33
CE2 ZAE C 1 4.63 6.47 -6.11
CZ ZAE C 1 3.66 5.61 -6.60
C10 ZAE C 1 3.96 10.32 -2.17
H ZAE C 1 2.26 10.00 -1.06
HA ZAE C 1 2.74 8.02 -2.42
HB2 ZAE C 1 1.53 9.34 -4.75
HB3 ZAE C 1 3.19 9.75 -4.36
HD1 ZAE C 1 0.92 7.10 -5.26
HD2 ZAE C 1 5.01 8.23 -4.93
HE1 ZAE C 1 1.54 5.21 -6.73
HE2 ZAE C 1 5.68 6.29 -6.33
HZ ZAE C 1 3.94 4.78 -7.21
H11 ZAE C 1 4.19 10.77 -3.13
H12 ZAE C 1 4.50 9.38 -2.08
H13 ZAE C 1 4.26 10.99 -1.37
HN2 ZAE C 1 1.97 10.89 -2.49
N ILE C 2 0.40 7.30 -2.05
CA ILE C 2 -0.96 6.82 -2.07
C ILE C 2 -1.27 6.16 -0.75
N SER C 3 -2.51 5.74 -0.56
CA SER C 3 -2.79 5.10 0.69
C SER C 3 -3.47 3.78 0.46
N DGN C 4 -3.28 2.88 1.43
CA DGN C 4 -3.93 1.62 1.35
C DGN C 4 -2.89 0.50 1.31
O DGN C 4 -1.83 0.55 1.93
CB DGN C 4 -4.86 1.52 2.55
CG DGN C 4 -4.20 1.91 3.87
CD DGN C 4 -4.64 3.29 4.39
OE1 DGN C 4 -5.02 4.16 3.61
NE2 DGN C 4 -4.62 3.48 5.71
H DGN C 4 -2.69 3.07 2.23
HA DGN C 4 -4.50 1.60 0.44
HB2 DGN C 4 -5.24 0.52 2.62
HB3 DGN C 4 -5.68 2.21 2.39
HG2 DGN C 4 -3.13 1.92 3.73
HG3 DGN C 4 -4.46 1.16 4.61
HE21 DGN C 4 -4.35 2.74 6.30
HE22 DGN C 4 -4.84 4.38 6.04
N 28J C 5 -3.23 -0.56 0.60
CA 28J C 5 -2.28 -1.69 0.44
CB 28J C 5 -0.93 -1.22 -0.18
CG2 28J C 5 0.21 -2.14 0.25
CG1 28J C 5 -1.01 -1.19 -1.73
CD1 28J C 5 -1.42 0.15 -2.30
C 28J C 5 -2.83 -2.77 -0.44
O 28J C 5 -3.97 -2.67 -0.94
HA 28J C 5 -2.06 -2.10 1.43
H22 28J C 5 -0.71 -0.23 0.18
H23 28J C 5 0.04 -2.48 1.25
H24 28J C 5 1.14 -1.61 0.20
H25 28J C 5 0.24 -3.00 -0.42
H26 28J C 5 -0.05 -1.44 -2.15
H27 28J C 5 -1.73 -1.93 -2.07
H28 28J C 5 -0.70 0.90 -2.01
H29 28J C 5 -2.39 0.42 -1.93
H30 28J C 5 -1.46 0.09 -3.38
N ILE C 6 -1.99 -3.83 -0.59
CA ILE C 6 -2.30 -4.93 -1.51
C ILE C 6 -2.05 -6.35 -1.00
N SER C 7 -3.08 -7.11 -1.23
CA SER C 7 -3.15 -8.59 -0.96
C SER C 7 -4.47 -9.14 -1.36
N DTH C 8 -4.67 -10.45 -1.36
CA DTH C 8 -6.04 -10.89 -1.67
CB DTH C 8 -6.68 -11.78 -0.62
CG2 DTH C 8 -6.33 -11.33 0.79
OG1 DTH C 8 -6.29 -13.13 -0.82
C DTH C 8 -6.17 -11.59 -3.04
O DTH C 8 -7.31 -11.81 -3.48
H DTH C 8 -3.91 -11.11 -1.30
HA DTH C 8 -6.63 -9.98 -1.74
HB DTH C 8 -7.75 -11.71 -0.74
HG21 DTH C 8 -6.79 -11.98 1.51
HG22 DTH C 8 -6.68 -10.32 0.92
HG23 DTH C 8 -5.26 -11.35 0.90
N ALA C 9 -5.09 -12.00 -3.62
CA ALA C 9 -5.14 -12.63 -4.91
C ALA C 9 -5.94 -13.89 -4.79
N EI4 C 10 -5.27 -14.87 -4.25
CA EI4 C 10 -5.85 -16.15 -4.05
CB EI4 C 10 -4.72 -17.14 -4.07
CG EI4 C 10 -5.13 -18.54 -4.40
CD2 EI4 C 10 -5.50 -18.64 -5.99
NE2 EI4 C 10 -4.31 -19.37 -6.54
CE1 EI4 C 10 -3.51 -19.93 -5.53
ND1 EI4 C 10 -3.98 -19.49 -4.29
NT EI4 C 10 -2.57 -20.82 -5.69
C EI4 C 10 -6.60 -16.18 -2.72
O EI4 C 10 -7.71 -16.72 -2.63
H EI4 C 10 -4.34 -14.71 -3.96
HA EI4 C 10 -6.53 -16.35 -4.86
HB EI4 C 10 -4.25 -17.14 -3.11
HBA EI4 C 10 -4.01 -16.83 -4.81
HG1 EI4 C 10 -5.96 -18.89 -3.78
HD2 EI4 C 10 -5.55 -17.66 -6.44
HE EI4 C 10 -4.15 -19.53 -7.50
HND1 EI4 C 10 -3.53 -19.71 -3.44
HD1 EI4 C 10 -6.41 -19.20 -6.14
H1 EI4 C 10 -2.38 -21.19 -6.60
HH12 EI4 C 10 -2.05 -21.14 -4.90
N ILE C 11 -5.97 -15.60 -1.71
CA ILE C 11 -6.53 -15.52 -0.36
C ILE C 11 -7.02 -14.12 -0.10
N ZAE D 1 -12.15 -12.48 -0.33
CA ZAE D 1 -11.92 -11.35 -1.25
C ZAE D 1 -10.46 -10.89 -1.29
O ZAE D 1 -9.57 -11.70 -1.46
CB ZAE D 1 -12.32 -11.79 -2.63
CG ZAE D 1 -12.47 -10.63 -3.56
CD1 ZAE D 1 -11.67 -10.54 -4.70
CD2 ZAE D 1 -13.37 -9.61 -3.28
CE1 ZAE D 1 -11.78 -9.44 -5.52
CE2 ZAE D 1 -13.49 -8.51 -4.11
CZ ZAE D 1 -12.69 -8.43 -5.23
C10 ZAE D 1 -13.61 -12.62 -0.07
H ZAE D 1 -11.69 -12.33 0.57
HA ZAE D 1 -12.54 -10.52 -0.97
HB2 ZAE D 1 -11.57 -12.46 -3.04
HB3 ZAE D 1 -13.28 -12.30 -2.57
HD1 ZAE D 1 -10.96 -11.32 -4.92
HD2 ZAE D 1 -13.99 -9.68 -2.40
HE1 ZAE D 1 -11.17 -9.39 -6.39
HE2 ZAE D 1 -14.20 -7.73 -3.90
HZ ZAE D 1 -12.77 -7.59 -5.88
H11 ZAE D 1 -14.00 -11.70 0.34
H12 ZAE D 1 -13.77 -13.42 0.64
H13 ZAE D 1 -14.12 -12.86 -0.99
HN2 ZAE D 1 -11.78 -13.36 -0.76
N ILE D 2 -10.24 -9.58 -1.16
CA ILE D 2 -8.89 -9.03 -1.17
C ILE D 2 -8.67 -8.06 -0.01
N SER D 3 -7.39 -7.85 0.32
CA SER D 3 -7.04 -6.90 1.34
C SER D 3 -6.19 -5.77 0.91
N DGN D 4 -6.44 -4.70 1.64
CA DGN D 4 -5.79 -3.43 1.48
C DGN D 4 -6.87 -2.41 1.39
O DGN D 4 -7.91 -2.50 2.06
CB DGN D 4 -4.82 -3.04 2.60
CG DGN D 4 -5.44 -2.99 3.98
CD DGN D 4 -5.22 -4.26 4.78
OE1 DGN D 4 -5.11 -5.34 4.21
NE2 DGN D 4 -5.15 -4.16 6.12
H DGN D 4 -7.13 -4.78 2.36
HA DGN D 4 -5.26 -3.45 0.54
HB2 DGN D 4 -4.42 -2.06 2.37
HB3 DGN D 4 -4.01 -3.76 2.62
HG2 DGN D 4 -6.50 -2.80 3.87
HG3 DGN D 4 -4.98 -2.17 4.51
HE21 DGN D 4 -5.24 -3.28 6.53
HE22 DGN D 4 -5.01 -5.00 6.63
N 28J D 5 -6.54 -1.44 0.61
CA 28J D 5 -7.46 -0.33 0.33
CB 28J D 5 -8.94 -0.86 0.11
CG2 28J D 5 -9.98 0.23 0.41
CG1 28J D 5 -9.24 -1.45 -1.30
CD1 28J D 5 -10.34 -2.52 -1.29
C 28J D 5 -6.93 0.48 -0.86
O 28J D 5 -5.75 0.25 -1.26
HA 28J D 5 -7.46 0.31 1.20
H22 28J D 5 -9.10 -1.64 0.84
H23 28J D 5 -9.65 0.81 1.26
H24 28J D 5 -10.92 -0.23 0.63
H25 28J D 5 -10.08 0.87 -0.45
H26 28J D 5 -9.57 -0.66 -1.95
H27 28J D 5 -8.35 -1.89 -1.70
H28 28J D 5 -10.05 -3.35 -0.67
H29 28J D 5 -10.51 -2.88 -2.31
H30 28J D 5 -11.27 -2.10 -0.91
N ILE D 6 -7.75 1.47 -1.28
CA ILE D 6 -7.50 2.33 -2.44
C ILE D 6 -7.70 3.81 -2.15
N SER D 7 -6.61 4.55 -2.29
CA SER D 7 -6.63 6.01 -2.32
C SER D 7 -5.23 6.58 -2.41
N DTH D 8 -5.21 7.86 -2.41
CA DTH D 8 -3.97 8.54 -2.45
CB DTH D 8 -3.77 9.51 -1.26
CG2 DTH D 8 -4.44 9.01 0.04
OG1 DTH D 8 -4.32 10.78 -1.61
C DTH D 8 -3.73 9.25 -3.78
O DTH D 8 -2.58 9.44 -4.16
H DTH D 8 -6.05 8.36 -2.50
HA DTH D 8 -3.19 7.79 -2.41
HB DTH D 8 -2.71 9.61 -1.09
HG21 DTH D 8 -4.16 7.97 0.21
HG22 DTH D 8 -5.51 9.07 -0.06
HG23 DTH D 8 -4.11 9.61 0.87
N ALA D 9 -4.79 9.56 -4.54
CA ALA D 9 -4.59 10.20 -5.83
C ALA D 9 -4.07 11.57 -5.60
N EI4 D 10 -5.02 12.43 -5.30
CA EI4 D 10 -4.70 13.80 -5.04
CB EI4 D 10 -5.89 14.66 -5.31
CG EI4 D 10 -5.56 15.70 -6.31
CD2 EI4 D 10 -4.86 15.05 -7.64
NE2 EI4 D 10 -6.05 14.95 -8.55
CE1 EI4 D 10 -7.09 15.79 -8.13
ND1 EI4 D 10 -6.81 16.26 -6.87
NT EI4 D 10 -8.13 16.13 -8.83
C EI4 D 10 -4.20 13.95 -3.63
O EI4 D 10 -3.27 14.72 -3.36
H EI4 D 10 -5.95 12.11 -5.25
HA EI4 D 10 -3.91 14.08 -5.72
HB EI4 D 10 -6.21 15.14 -4.40
HBA EI4 D 10 -6.69 14.05 -5.70
HG1 EI4 D 10 -4.97 16.49 -5.86
HD2 EI4 D 10 -4.47 14.05 -7.45
HE EI4 D 10 -6.05 14.51 -9.42
HND1 EI4 D 10 -7.46 16.81 -6.36
HD1 EI4 D 10 -4.08 15.69 -8.03
H1 EI4 D 10 -8.21 15.83 -9.77
HH12 EI4 D 10 -8.86 16.68 -8.40
N ILE D 11 -4.82 13.21 -2.72
CA ILE D 11 -4.36 13.23 -1.33
C ILE D 11 -3.78 11.90 -0.91
N ALA E 1 -6.00 -11.95 9.25
CA ALA E 1 -7.31 -11.24 9.05
C ALA E 1 -7.31 -9.80 9.70
N DGL E 2 -7.77 -9.79 11.05
CA DGL E 2 -7.71 -8.51 11.96
C DGL E 2 -6.20 -7.97 12.14
O DGL E 2 -5.26 -8.74 11.56
CB DGL E 2 -8.22 -7.25 11.10
CG DGL E 2 -9.74 -6.98 11.07
CD DGL E 2 -10.16 -5.95 10.02
OE1 DGL E 2 -11.29 -5.98 9.49
H DGL E 2 -7.81 -10.70 11.47
HB2 DGL E 2 -7.86 -7.43 10.11
HB3 DGL E 2 -7.77 -6.31 11.50
HG2 DGL E 2 -9.99 -6.59 12.02
HG3 DGL E 2 -10.29 -7.90 10.85
N LYS E 3 -9.25 -5.08 9.71
CA LYS E 3 -9.44 -4.05 8.74
C LYS E 3 -10.42 -2.96 9.22
N DAL E 4 -9.69 -1.97 9.89
CA DAL E 4 -10.16 -0.54 10.54
CB DAL E 4 -11.34 -0.51 11.79
C DAL E 4 -10.06 0.47 9.15
O DAL E 4 -10.82 0.40 8.21
H DAL E 4 -8.75 -2.19 9.97
HA DAL E 4 -10.74 -0.63 10.39
HB1 DAL E 4 -11.12 -1.26 12.58
HB2 DAL E 4 -12.36 -0.73 11.41
HB3 DAL E 4 -11.33 0.52 12.27
N DAL E 5 -8.81 1.07 9.06
CA DAL E 5 -8.35 2.20 8.06
CB DAL E 5 -9.63 3.14 8.27
C DAL E 5 -8.58 1.20 6.67
O DAL E 5 -9.35 1.69 5.56
OXT DAL E 5 -8.04 0.12 6.54
H DAL E 5 -8.14 0.78 9.79
HA DAL E 5 -8.11 2.85 7.02
HB1 DAL E 5 -10.51 2.62 8.63
HB2 DAL E 5 -9.85 3.50 7.27
HB3 DAL E 5 -9.41 4.11 8.90
N ALA F 1 10.10 15.79 -6.74
CA ALA F 1 10.91 14.74 -7.42
C ALA F 1 11.48 13.69 -6.39
N DGL F 2 12.34 14.28 -5.44
CA DGL F 2 12.94 13.45 -4.25
C DGL F 2 11.82 12.59 -3.49
O DGL F 2 10.65 13.16 -3.42
CB DGL F 2 13.75 12.27 -4.86
CG DGL F 2 15.07 12.61 -5.65
CD DGL F 2 14.93 12.54 -7.19
OE1 DGL F 2 15.48 13.38 -7.94
H DGL F 2 12.34 15.26 -5.42
HB2 DGL F 2 13.08 11.74 -5.48
HB3 DGL F 2 14.09 11.66 -4.03
HG2 DGL F 2 15.78 11.88 -5.36
HG3 DGL F 2 15.43 13.62 -5.42
N LYS F 3 14.19 11.56 -7.65
CA LYS F 3 13.90 11.36 -9.05
C LYS F 3 15.15 11.07 -9.91
N DAL F 4 16.08 10.38 -9.12
CA DAL F 4 17.53 9.75 -9.50
CB DAL F 4 18.84 10.84 -9.78
C DAL F 4 16.99 8.40 -10.43
O DAL F 4 17.12 8.30 -11.65
H DAL F 4 15.80 10.28 -8.20
HA DAL F 4 17.58 9.97 -10.07
HB1 DAL F 4 18.74 11.39 -10.73
HB2 DAL F 4 19.83 10.32 -9.79
HB3 DAL F 4 18.85 11.59 -8.93
N DAL F 5 16.19 7.53 -9.58
CA DAL F 5 15.42 6.18 -10.12
CB DAL F 5 16.37 5.49 -11.21
C DAL F 5 14.12 6.39 -11.14
O DAL F 5 14.47 7.26 -12.00
OXT DAL F 5 12.86 6.57 -10.77
H DAL F 5 15.81 8.02 -8.78
HA DAL F 5 15.04 7.00 -10.19
HB1 DAL F 5 16.53 6.13 -12.07
HB2 DAL F 5 15.86 4.57 -11.63
HB3 DAL F 5 17.38 5.13 -10.80
N ALA G 1 -0.54 -19.88 -7.59
CA ALA G 1 -0.93 -20.29 -8.98
C ALA G 1 -2.28 -21.08 -8.97
N DGL G 2 -2.08 -22.44 -8.71
CA DGL G 2 -3.21 -23.48 -8.51
C DGL G 2 -4.23 -22.98 -7.38
O DGL G 2 -3.99 -23.50 -6.18
CB DGL G 2 -4.19 -23.36 -9.74
CG DGL G 2 -3.74 -24.01 -11.09
CD DGL G 2 -3.58 -23.02 -12.29
OE1 DGL G 2 -3.80 -23.38 -13.45
H DGL G 2 -1.17 -22.63 -8.30
HB2 DGL G 2 -4.34 -22.31 -9.87
HB3 DGL G 2 -5.14 -23.88 -9.47
HG2 DGL G 2 -4.48 -24.71 -11.35
HG3 DGL G 2 -2.76 -24.49 -10.97
N LYS G 3 -3.19 -21.81 -11.97
CA LYS G 3 -2.95 -20.76 -12.94
C LYS G 3 -4.25 -20.13 -13.53
N DAL G 4 -4.76 -19.21 -12.61
CA DAL G 4 -6.04 -18.19 -12.65
CB DAL G 4 -7.20 -18.31 -13.91
C DAL G 4 -5.30 -16.75 -12.04
O DAL G 4 -4.60 -16.01 -12.71
H DAL G 4 -4.26 -19.20 -11.80
HA DAL G 4 -5.88 -17.98 -13.21
HB1 DAL G 4 -7.50 -19.37 -14.09
HB2 DAL G 4 -6.83 -17.92 -14.88
HB3 DAL G 4 -8.12 -17.74 -13.60
N DAL G 5 -5.28 -16.77 -10.64
CA DAL G 5 -4.79 -15.69 -9.68
CB DAL G 5 -5.53 -14.38 -10.43
C DAL G 5 -3.14 -15.74 -9.94
O DAL G 5 -2.55 -16.66 -9.52
OXT DAL G 5 -2.44 -14.67 -10.55
H DAL G 5 -5.58 -17.66 -10.22
HA DAL G 5 -4.34 -14.97 -9.62
HB1 DAL G 5 -5.05 -14.13 -11.35
HB2 DAL G 5 -5.33 -13.51 -9.74
HB3 DAL G 5 -6.71 -14.40 -10.51
N ALA H 1 -7.31 12.74 -12.61
CA ALA H 1 -6.22 12.56 -13.60
C ALA H 1 -4.87 12.66 -12.84
N DGL H 2 -4.52 13.96 -12.52
CA DGL H 2 -3.29 14.33 -11.69
C DGL H 2 -2.94 13.19 -10.59
O DGL H 2 -1.98 12.44 -10.58
CB DGL H 2 -2.08 14.19 -12.76
CG DGL H 2 -2.33 13.70 -14.30
CD DGL H 2 -1.35 12.53 -14.69
OE1 DGL H 2 -0.89 12.43 -15.84
H DGL H 2 -5.21 14.66 -12.71
HA DGL H 2 -3.50 13.89 -11.67
HB2 DGL H 2 -1.42 13.53 -12.30
HB3 DGL H 2 -1.66 15.18 -12.85
HG2 DGL H 2 -2.10 14.51 -14.94
HG3 DGL H 2 -3.36 13.34 -14.52
N LYS H 3 -1.01 11.71 -13.72
CA LYS H 3 -0.17 10.55 -13.93
C LYS H 3 1.21 10.85 -14.57
N DAL H 4 2.03 11.43 -13.60
CA DAL H 4 3.61 11.88 -13.66
CB DAL H 4 4.03 13.51 -14.00
C DAL H 4 4.30 10.43 -14.30
O DAL H 4 4.18 10.10 -15.47
H DAL H 4 1.58 11.59 -12.77
HA DAL H 4 3.56 12.08 -14.24
HB1 DAL H 4 3.91 13.75 -15.07
HB2 DAL H 4 5.08 13.75 -13.73
HB3 DAL H 4 3.34 14.19 -13.40
N DAL H 5 4.64 9.54 -13.28
CA DAL H 5 5.33 8.19 -13.40
CB DAL H 5 6.81 8.76 -13.94
C DAL H 5 4.44 7.44 -14.60
O DAL H 5 3.29 7.31 -14.43
OXT DAL H 5 5.05 6.86 -15.75
H DAL H 5 4.30 9.80 -12.35
HA DAL H 5 5.72 7.65 -13.93
HB1 DAL H 5 7.55 8.69 -13.18
HB2 DAL H 5 6.65 9.87 -14.09
HB3 DAL H 5 7.19 8.39 -14.99
C1 MUB I . -1.38 -10.84 8.69
C2 MUB I . -2.07 -12.15 9.07
C3 MUB I . -2.86 -12.64 7.85
C4 MUB I . -3.94 -11.61 7.48
C5 MUB I . -3.33 -10.23 7.38
C6 MUB I . -3.77 -9.34 8.54
C7 MUB I . -0.50 -13.92 8.56
C8 MUB I . 0.46 -14.98 9.11
C9 MUB I . -4.42 -13.90 9.14
C10 MUB I . -5.78 -13.25 8.86
C11 MUB I . -4.21 -14.79 10.42
O1 MUB I . -0.01 -11.03 8.62
O3 MUB I . -3.42 -13.94 8.10
O4 MUB I . -4.61 -12.01 6.25
O5 MUB I . -1.87 -10.33 7.42
O6 MUB I . -4.05 -10.12 9.68
O7 MUB I . -0.54 -13.68 7.36
O10 MUB I . -6.62 -13.90 8.21
N2 MUB I . -1.12 -13.16 9.48
H1 MUB I . -1.55 -10.05 9.45
H2 MUB I . -2.63 -11.91 9.98
HN2 MUB I . -1.03 -13.36 10.44
H81 MUB I . 0.87 -15.52 8.27
H82 MUB I . -0.05 -15.65 9.76
H83 MUB I . 1.26 -14.47 9.67
H3 MUB I . -2.20 -12.88 7.00
H9 MUB I . -4.24 -12.87 9.46
H111 MUB I . -4.04 -15.85 10.15
H112 MUB I . -5.06 -14.74 11.02
H113 MUB I . -3.37 -14.39 10.98
H4 MUB I . -4.87 -11.74 8.02
H5 MUB I . -3.66 -9.63 6.51
H61 MUB I . -4.75 -8.93 8.26
H62 MUB I . -3.07 -8.49 8.78
HO6 MUB I . -4.46 -9.63 10.38
C1 NAG I . -3.78 -12.71 5.32
C2 NAG I . -4.52 -12.87 3.99
C3 NAG I . -3.64 -13.59 2.99
C4 NAG I . -2.22 -13.00 2.92
C5 NAG I . -1.62 -12.78 4.31
C6 NAG I . -0.32 -11.99 4.21
C7 NAG I . -5.79 -14.65 4.99
C8 NAG I . -7.18 -15.31 5.10
N2 NAG I . -5.74 -13.61 4.21
O3 NAG I . -4.26 -13.45 1.73
O4 NAG I . -1.40 -13.92 2.19
O5 NAG I . -2.53 -12.02 5.12
O6 NAG I . 0.09 -11.53 5.48
O7 NAG I . -4.79 -15.23 5.38
H1 NAG I . -3.62 -13.66 5.80
H2 NAG I . -4.98 -12.17 3.49
H3 NAG I . -3.61 -14.64 3.25
H4 NAG I . -2.32 -12.11 2.23
H5 NAG I . -1.34 -13.70 4.86
H61 NAG I . -0.46 -11.08 3.62
H62 NAG I . 0.45 -12.60 3.71
H81 NAG I . -7.10 -16.17 5.73
H82 NAG I . -7.53 -15.60 4.12
H83 NAG I . -7.88 -14.59 5.53
HN2 NAG I . -6.58 -13.20 3.92
HO3 NAG I . -3.72 -13.62 0.93
HO4 NAG I . -1.39 -14.72 2.72
HO6 NAG I . -0.65 -11.02 5.84
C1 MUB J . 6.06 15.65 -3.85
C2 MUB J . 6.78 16.83 -4.46
C3 MUB J . 6.76 16.70 -5.99
C4 MUB J . 7.41 15.39 -6.48
C5 MUB J . 6.79 14.24 -5.69
C6 MUB J . 7.82 13.69 -4.72
C7 MUB J . 5.08 18.46 -4.88
C8 MUB J . 4.41 19.78 -4.55
C9 MUB J . 8.79 17.87 -6.54
C10 MUB J . 9.57 16.88 -7.40
C11 MUB J . 9.53 19.07 -5.83
O1 MUB J . 4.94 16.07 -3.13
O3 MUB J . 7.36 17.85 -6.65
O4 MUB J . 7.23 15.23 -7.92
O5 MUB J . 5.66 14.72 -4.90
O6 MUB J . 8.65 14.73 -4.26
O7 MUB J . 4.44 17.65 -5.55
O10 MUB J . 9.55 16.99 -8.63
N2 MUB J . 6.13 18.07 -4.13
H1 MUB J . 6.71 15.07 -3.14
H2 MUB J . 7.77 16.88 -3.99
HN2 MUB J . 6.62 18.72 -3.58
H81 MUB J . 4.09 19.75 -3.52
H82 MUB J . 3.57 19.93 -5.20
H83 MUB J . 5.14 20.57 -4.71
H3 MUB J . 5.74 16.77 -6.39
H9 MUB J . 8.85 17.03 -5.87
H111 MUB J . 8.87 19.95 -5.69
H112 MUB J . 10.35 19.37 -6.43
H113 MUB J . 9.93 18.70 -4.88
H4 MUB J . 8.48 15.45 -6.57
H5 MUB J . 6.50 13.39 -6.37
H61 MUB J . 8.50 13.06 -5.32
H62 MUB J . 7.36 13.15 -3.85
HO6 MUB J . 9.44 14.50 -3.79
C1 NAG J . 6.03 15.83 -8.48
C2 NAG J . 5.94 15.51 -9.98
C3 NAG J . 4.70 16.16 -10.57
C4 NAG J . 3.45 15.82 -9.74
C5 NAG J . 3.68 16.11 -8.26
C6 NAG J . 2.49 15.68 -7.42
C7 NAG J . 7.44 17.22 -10.86
C8 NAG J . 8.77 17.45 -11.60
N2 NAG J . 7.15 15.94 -10.67
O3 NAG J . 4.54 15.67 -11.88
O4 NAG J . 2.36 16.59 -10.23
O5 NAG J . 4.85 15.40 -7.79
O6 NAG J . 2.41 14.27 -7.32
O7 NAG J . 6.58 18.09 -10.82
H1 NAG J . 6.21 16.91 -8.32
H2 NAG J . 5.97 14.60 -10.35
H3 NAG J . 4.80 17.24 -10.59
H4 NAG J . 3.25 14.75 -10.04
H5 NAG J . 3.78 17.16 -8.00
H61 NAG J . 1.52 15.99 -7.85
H62 NAG J . 2.58 16.14 -6.44
H81 NAG J . 8.73 16.90 -12.52
H82 NAG J . 9.59 17.09 -10.99
H83 NAG J . 8.90 18.51 -11.77
HN2 NAG J . 7.86 15.29 -10.71
HO3 NAG J . 5.28 15.97 -12.43
HO4 NAG J . 2.31 16.47 -11.18
HO6 NAG J . 3.34 13.98 -7.22
C1 MUB K . -0.66 -15.20 -4.47
C2 MUB K . 0.11 -16.52 -4.40
C3 MUB K . 1.14 -16.56 -5.54
C4 MUB K . 0.48 -16.27 -6.90
C5 MUB K . -0.26 -14.93 -6.86
C6 MUB K . -1.75 -15.12 -7.14
C7 MUB K . 2.05 -16.34 -2.97
C8 MUB K . 2.66 -16.63 -1.60
C9 MUB K . 0.95 -18.92 -5.85
C10 MUB K . 0.65 -19.25 -7.32
C11 MUB K . 0.62 -19.98 -4.74
O1 MUB K . -0.63 -14.55 -3.25
O3 MUB K . 1.84 -17.83 -5.57
O4 MUB K . 1.47 -16.30 -7.98
O5 MUB K . -0.12 -14.35 -5.52
O6 MUB K . -2.33 -16.05 -6.25
O7 MUB K . 2.58 -15.52 -3.71
O10 MUB K . 1.48 -18.95 -8.19
N2 MUB K . 0.77 -16.71 -3.13
H1 MUB K . -1.71 -15.37 -4.74
H2 MUB K . -0.65 -17.31 -4.40
HN2 MUB K . 0.35 -17.34 -2.50
H81 MUB K . 3.71 -16.33 -1.63
H82 MUB K . 2.60 -17.68 -1.37
H83 MUB K . 2.12 -16.06 -0.84
H3 MUB K . 2.01 -15.90 -5.34
H9 MUB K . 0.05 -18.34 -6.01
H111 MUB K . -0.03 -20.80 -5.12
H112 MUB K . 0.12 -19.51 -3.95
H113 MUB K . 1.56 -20.38 -4.35
H4 MUB K . 0.00 -17.13 -7.33
H5 MUB K . 0.09 -14.26 -7.68
H61 MUB K . -1.80 -15.63 -8.13
H62 MUB K . -2.33 -14.15 -7.16
HO6 MUB K . -2.85 -16.72 -6.67
C1 NAG K . 2.77 -15.76 -7.66
C2 NAG K . 3.63 -15.67 -8.93
C3 NAG K . 5.01 -15.15 -8.57
C4 NAG K . 4.91 -13.84 -7.76
C5 NAG K . 3.95 -14.00 -6.57
C6 NAG K . 3.74 -12.69 -5.84
C7 NAG K . 4.21 -18.03 -9.02
C8 NAG K . 4.18 -19.29 -9.91
N2 NAG K . 3.71 -16.95 -9.60
O3 NAG K . 5.72 -14.90 -9.77
O4 NAG K . 6.22 -13.50 -7.28
O5 NAG K . 2.67 -14.47 -7.05
O6 NAG K . 2.59 -12.76 -5.01
O7 NAG K . 4.99 -17.95 -8.07
H1 NAG K . 3.16 -16.51 -6.95
H2 NAG K . 3.34 -15.18 -9.73
H3 NAG K . 5.56 -15.87 -7.97
H4 NAG K . 4.66 -13.08 -8.54
H5 NAG K . 4.31 -14.67 -5.79
H61 NAG K . 3.55 -11.85 -6.52
H62 NAG K . 4.65 -12.48 -5.28
H81 NAG K . 4.71 -19.07 -10.82
H82 NAG K . 3.15 -19.54 -10.14
H83 NAG K . 4.64 -20.11 -9.38
HN2 NAG K . 3.11 -17.07 -10.35
HO3 NAG K . 5.92 -15.73 -10.21
HO4 NAG K . 6.83 -13.61 -8.01
HO6 NAG K . 1.95 -13.32 -5.47
C1 MUB L . -8.46 11.35 -8.20
C2 MUB L . -9.37 12.05 -9.17
C3 MUB L . -9.62 11.14 -10.40
C4 MUB L . -8.32 10.62 -11.00
C5 MUB L . -7.49 9.91 -9.95
C6 MUB L . -6.12 10.54 -9.80
C7 MUB L . -11.66 11.54 -8.61
C8 MUB L . -12.95 12.01 -7.92
C9 MUB L . -9.65 13.02 -11.85
C10 MUB L . -8.64 12.81 -12.97
C11 MUB L . -10.14 14.47 -11.46
O1 MUB L . -9.09 11.27 -6.96
O3 MUB L . -10.38 11.87 -11.38
O4 MUB L . -8.60 9.75 -12.14
O5 MUB L . -8.17 9.99 -8.65
O6 MUB L . -6.23 11.93 -9.72
O7 MUB L . -11.54 10.37 -8.95
O10 MUB L . -9.03 12.51 -14.10
N2 MUB L . -10.63 12.39 -8.54
H1 MUB L . -7.47 11.83 -8.12
H2 MUB L . -8.84 12.99 -9.30
HN2 MUB L . -10.76 13.30 -8.23
H81 MUB L . -13.31 12.90 -8.42
H82 MUB L . -12.77 12.23 -6.88
H83 MUB L . -13.69 11.20 -7.98
H3 MUB L . -10.30 10.30 -10.15
H9 MUB L . -8.75 12.84 -11.28
H111 MUB L . -11.21 14.61 -11.66
H112 MUB L . -9.60 15.17 -12.02
H113 MUB L . -9.90 14.63 -10.41
H4 MUB L . -7.84 11.31 -11.68
H5 MUB L . -7.24 8.86 -10.26
H61 MUB L . -5.54 10.38 -10.73
H62 MUB L . -5.55 10.19 -8.91
HO6 MUB L . -5.45 12.48 -9.66
C1 NAG L . -9.77 8.89 -12.04
C2 NAG L . -9.77 7.87 -13.18
C3 NAG L . -11.01 6.99 -13.08
C4 NAG L . -11.18 6.40 -11.68
C5 NAG L . -11.08 7.50 -10.62
C6 NAG L . -11.12 6.93 -9.21
C7 NAG L . -10.52 9.53 -14.79
C8 NAG L . -10.28 10.12 -16.19
N2 NAG L . -9.70 8.55 -14.45
O3 NAG L . -10.88 5.93 -14.03
O4 NAG L . -12.45 5.74 -11.59
O5 NAG L . -9.84 8.23 -10.77
O6 NAG L . -9.90 6.30 -8.88
O7 NAG L . -11.60 9.70 -14.22
H1 NAG L . -10.58 9.62 -12.13
H2 NAG L . -8.99 7.29 -13.31
H3 NAG L . -11.92 7.55 -13.32
H4 NAG L . -10.42 5.56 -11.65
H5 NAG L . -11.92 8.20 -10.63
H61 NAG L . -11.90 6.15 -9.08
H62 NAG L . -11.35 7.75 -8.53
H81 NAG L . -10.99 10.91 -16.36
H82 NAG L . -10.40 9.34 -16.94
H83 NAG L . -9.26 10.50 -16.24
HN2 NAG L . -8.88 8.45 -14.95
HO3 NAG L . -10.83 6.28 -14.92
HO4 NAG L . -12.52 5.16 -12.36
HO6 NAG L . -9.19 6.92 -9.12
P 2PO M . 0.89 -10.64 9.89
O1P 2PO M . 2.34 -10.85 9.53
O2P 2PO M . 0.40 -11.31 11.12
O3P 2PO M . 0.62 -9.07 10.03
P 2PO N . 1.85 -8.06 10.22
O1P 2PO N . 1.37 -6.67 9.97
O2P 2PO N . 2.51 -8.38 11.51
O3P 2PO N . 2.84 -8.49 9.04
C1 P1W O . 4.23 -8.19 9.10
C2 P1W O . 5.06 -9.39 8.72
C3 P1W O . 6.37 -9.31 8.47
C4 P1W O . 7.21 -10.54 8.13
C5 P1W O . 7.12 -7.99 8.49
H12 P1W O . 4.45 -7.38 8.43
H11 P1W O . 4.49 -7.90 10.11
H2 P1W O . 4.63 -10.34 9.02
H41 P1W O . 8.22 -10.38 8.49
H42 P1W O . 6.81 -11.41 8.63
H51 P1W O . 6.64 -7.29 7.82
H52 P1W O . 8.13 -8.16 8.16
H53 P1W O . 7.13 -7.58 9.51
C1 P1W P . 7.26 -10.81 6.62
C2 P1W P . 5.88 -10.86 6.05
C3 P1W P . 5.46 -10.06 5.05
C4 P1W P . 4.07 -10.11 4.50
C5 P1W P . 6.33 -8.99 4.36
H12 P1W P . 7.76 -11.75 6.44
H11 P1W P . 7.81 -10.01 6.15
H2 P1W P . 5.15 -11.30 6.71
H41 P1W P . 3.99 -9.47 3.64
H42 P1W P . 3.82 -11.13 4.21
H51 P1W P . 6.68 -8.30 5.12
H52 P1W P . 5.75 -8.47 3.62
H53 P1W P . 7.18 -9.46 3.87
C1 P1W Q . 2.57 10.13 -8.65
C2 P1W Q . 3.57 8.98 -8.51
C3 P1W Q . 3.79 8.08 -9.50
C4 P1W Q . 4.82 6.94 -9.47
C5 P1W Q . 2.93 8.13 -10.76
H12 P1W Q . 2.74 10.84 -7.86
H11 P1W Q . 2.74 10.62 -9.60
H2 P1W Q . 4.19 9.02 -7.64
H43 P1W Q . 5.46 7.02 -8.60
H41 P1W Q . 5.42 7.00 -10.37
H42 P1W Q . 4.30 5.99 -9.46
H51 P1W Q . 2.06 7.51 -10.63
H52 P1W Q . 3.51 7.77 -11.61
H53 P1W Q . 2.62 9.15 -10.95
C1 P1W R . 3.11 -9.64 5.57
C2 P1W R . 1.77 -9.33 4.96
C3 P1W R . 1.05 -8.23 5.26
C4 P1W R . -0.32 -7.93 4.64
C5 P1W R . 1.57 -7.11 6.18
H12 P1W R . 3.50 -8.76 6.03
H11 P1W R . 2.99 -10.42 6.31
H2 P1W R . 1.63 -9.78 3.99
H43 P1W R . -0.59 -6.88 4.80
H41 P1W R . -1.07 -8.55 5.09
H42 P1W R . -0.26 -8.13 3.58
H51 P1W R . 2.54 -6.80 5.82
H52 P1W R . 1.68 -7.49 7.19
H53 P1W R . 0.89 -6.27 6.18
P 2PO S . 5.10 16.62 -1.60
O1P 2PO S . 3.90 17.45 -1.26
O2P 2PO S . 6.44 17.22 -1.42
O3P 2PO S . 5.01 15.28 -0.72
P 2PO T . 3.60 14.72 -0.25
O1P 2PO T . 3.80 13.42 0.44
O2P 2PO T . 2.86 15.79 0.45
O3P 2PO T . 2.93 14.47 -1.65
C1 P1W U . 3.44 13.47 -2.49
C2 P1W U . 2.63 13.43 -3.76
C3 P1W U . 1.33 13.17 -3.78
C4 P1W U . 0.56 13.12 -5.10
C5 P1W U . 0.52 12.91 -2.47
H12 P1W U . 4.45 13.73 -2.72
H11 P1W U . 3.41 12.50 -2.01
H2 P1W U . 3.07 13.99 -4.59
H41 P1W U . -0.32 13.74 -5.05
H42 P1W U . 1.21 13.46 -5.90
H51 P1W U . -0.40 12.38 -2.73
H52 P1W U . 0.27 13.85 -2.02
H53 P1W U . 1.11 12.31 -1.76
C1 P1W V . -0.47 -8.53 -7.86
C2 P1W V . -0.74 -7.08 -8.06
C3 P1W V . 0.21 -6.21 -8.46
C4 P1W V . -0.06 -4.73 -8.64
C5 P1W V . 1.65 -6.64 -8.80
H12 P1W V . -0.58 -9.05 -8.80
H11 P1W V . 0.52 -8.68 -7.48
H2 P1W V . -1.58 -6.72 -7.49
H41 P1W V . -0.12 -4.25 -7.66
H42 P1W V . 0.72 -4.27 -9.22
H51 P1W V . 1.62 -7.59 -9.30
H52 P1W V . 2.22 -6.71 -7.89
H53 P1W V . 2.10 -5.90 -9.46
C1 P1W W . -1.39 -4.55 -9.36
C2 P1W W . -2.46 -4.10 -8.40
C3 P1W W . -3.70 -4.62 -8.37
C4 P1W W . -4.80 -4.18 -7.40
C5 P1W W . -4.10 -5.76 -9.30
H12 P1W W . -1.68 -5.48 -9.79
H11 P1W W . -1.27 -3.81 -10.14
H2 P1W W . -2.20 -3.25 -7.80
H43 P1W W . -5.75 -4.10 -7.93
H41 P1W W . -4.55 -3.21 -6.99
H42 P1W W . -4.89 -4.90 -6.59
H51 P1W W . -3.49 -6.62 -9.09
H52 P1W W . -3.95 -5.44 -10.32
H53 P1W W . -5.15 -6.01 -9.15
C1 P1W X . -5.54 0.30 -8.30
C2 P1W X . -7.02 0.32 -8.45
C3 P1W X . -7.87 -0.53 -7.83
C4 P1W X . -9.39 -0.46 -8.00
C5 P1W X . -7.39 -1.67 -6.92
H12 P1W X . -5.22 -0.70 -8.06
H11 P1W X . -5.09 0.59 -9.25
H2 P1W X . -7.40 1.09 -9.11
H43 P1W X . -9.70 -1.12 -8.81
H41 P1W X . -9.67 0.56 -8.24
H42 P1W X . -9.88 -0.76 -7.08
H51 P1W X . -8.16 -1.88 -6.19
H52 P1W X . -6.49 -1.36 -6.43
H53 P1W X . -7.19 -2.57 -7.50
C1 P1W Y . 0.13 11.70 -5.42
C2 P1W Y . 0.69 11.29 -6.75
C3 P1W Y . 0.52 10.07 -7.28
C4 P1W Y . 1.10 9.69 -8.61
C5 P1W Y . -0.36 8.98 -6.65
H12 P1W Y . -0.94 11.65 -5.46
H11 P1W Y . 0.51 11.05 -4.66
H2 P1W Y . 1.43 11.97 -7.16
H41 P1W Y . 1.04 8.61 -8.76
H42 P1W Y . 0.57 10.20 -9.40
H51 P1W Y . 0.06 8.01 -6.85
H52 P1W Y . -1.36 9.04 -7.06
H53 P1W Y . -0.42 9.13 -5.57
P 2PO Z . -1.68 -14.97 -2.07
O1P 2PO Z . -0.93 -15.27 -0.80
O2P 2PO Z . -2.66 -15.96 -2.59
O3P 2PO Z . -2.51 -13.64 -1.80
P 2PO AA . -1.76 -12.32 -1.46
O1P 2PO AA . -2.44 -11.67 -0.29
O2P 2PO AA . -0.31 -12.65 -1.36
O3P 2PO AA . -2.01 -11.47 -2.83
C1 P1W BA . -1.08 -11.54 -3.90
C2 P1W BA . -1.49 -10.49 -4.89
C3 P1W BA . -0.89 -10.22 -6.03
C4 P1W BA . -1.46 -9.11 -6.88
C5 P1W BA . 0.29 -11.01 -6.59
H12 P1W BA . -0.07 -11.35 -3.53
H11 P1W BA . -1.12 -12.52 -4.35
H2 P1W BA . -2.50 -10.20 -4.81
H41 P1W BA . -2.31 -9.48 -7.43
H42 P1W BA . -1.77 -8.31 -6.22
H51 P1W BA . 0.26 -10.98 -7.67
H52 P1W BA . 0.23 -12.04 -6.25
H53 P1W BA . 1.23 -10.57 -6.24
P 2PO CA . -9.17 12.48 -5.90
O1P 2PO CA . -10.48 12.42 -5.16
O2P 2PO CA . -8.76 13.79 -6.49
O3P 2PO CA . -7.99 12.01 -4.91
P 2PO DA . -8.20 10.70 -4.01
O1P 2PO DA . -6.97 10.53 -3.22
O2P 2PO DA . -9.52 10.84 -3.33
O3P 2PO DA . -8.31 9.48 -5.04
C1 P1W EA . -9.50 8.67 -5.07
C2 P1W EA . -9.14 7.19 -5.02
C3 P1W EA . -8.27 6.59 -5.89
C4 P1W EA . -7.94 5.11 -5.78
C5 P1W EA . -7.52 7.34 -7.02
H12 P1W EA . -10.13 8.91 -4.22
H11 P1W EA . -10.03 8.85 -5.97
H2 P1W EA . -9.26 6.75 -4.06
H41 P1W EA . -7.33 4.94 -4.89
H42 P1W EA . -8.85 4.53 -5.68
H51 P1W EA . -7.78 6.90 -7.97
H52 P1W EA . -6.46 7.25 -6.85
H53 P1W EA . -7.79 8.39 -7.01
C1 P1W FA . -7.16 4.60 -6.99
C2 P1W FA . -6.64 3.19 -6.78
C3 P1W FA . -5.56 2.68 -7.45
C4 P1W FA . -5.06 1.26 -7.22
C5 P1W FA . -4.73 3.47 -8.48
H12 P1W FA . -6.32 5.26 -7.18
H11 P1W FA . -7.82 4.60 -7.85
H2 P1W FA . -7.28 2.56 -6.20
H41 P1W FA . -3.98 1.27 -7.20
H42 P1W FA . -5.44 0.90 -6.27
H51 P1W FA . -4.35 2.79 -9.22
H52 P1W FA . -3.91 3.94 -7.96
H53 P1W FA . -5.34 4.23 -8.95
N ZAE A 1 11.20 14.95 1.28
CA ZAE A 1 9.85 15.39 0.84
C ZAE A 1 9.03 14.17 0.51
O ZAE A 1 8.05 14.25 -0.24
CB ZAE A 1 9.17 16.17 1.96
CG ZAE A 1 8.14 17.14 1.49
CD1 ZAE A 1 6.79 16.84 1.55
CD2 ZAE A 1 8.51 18.42 1.07
CE1 ZAE A 1 5.84 17.73 1.10
CE2 ZAE A 1 7.56 19.32 0.61
CZ ZAE A 1 6.22 18.99 0.68
C10 ZAE A 1 12.03 14.59 0.13
H ZAE A 1 11.11 14.11 1.89
HA ZAE A 1 9.94 16.02 -0.03
HB2 ZAE A 1 8.70 15.47 2.64
HB3 ZAE A 1 9.93 16.72 2.51
HD1 ZAE A 1 6.49 15.85 1.88
HD2 ZAE A 1 9.56 18.68 1.03
HE1 ZAE A 1 4.79 17.47 1.14
HE2 ZAE A 1 7.86 20.30 0.28
HZ ZAE A 1 5.48 19.70 0.34
H11 ZAE A 1 12.15 15.46 -0.51
H12 ZAE A 1 11.56 13.80 -0.43
H13 ZAE A 1 13.00 14.26 0.47
HN2 ZAE A 1 11.64 15.72 1.84
N ILE A 2 9.39 13.05 1.06
CA ILE A 2 8.63 11.86 0.82
C ILE A 2 7.85 11.48 1.98
N SER A 3 6.63 11.23 1.68
CA SER A 3 5.75 10.87 2.70
C SER A 3 5.27 9.49 2.42
N DGN A 4 5.13 8.74 3.50
CA DGN A 4 4.59 7.44 3.42
C DGN A 4 5.52 6.37 3.84
O DGN A 4 6.66 6.65 4.26
CB DGN A 4 3.32 7.32 4.28
CG DGN A 4 3.49 7.54 5.78
CD DGN A 4 2.37 6.95 6.65
OE1 DGN A 4 2.47 5.82 7.14
NE2 DGN A 4 1.32 7.73 6.89
H DGN A 4 5.44 9.08 4.38
HA DGN A 4 4.31 7.27 2.39
HB2 DGN A 4 2.92 6.32 4.13
HB3 DGN A 4 2.59 8.02 3.91
HG2 DGN A 4 3.55 8.59 5.96
HG3 DGN A 4 4.42 7.07 6.08
HE21 DGN A 4 1.33 8.65 6.51
HE22 DGN A 4 0.59 7.37 7.44
N 28J A 5 5.10 5.12 3.65
CA 28J A 5 5.89 4.06 4.20
CB 28J A 5 7.40 4.27 4.03
CG2 28J A 5 8.18 3.59 5.17
CG1 28J A 5 7.79 3.74 2.67
CD1 28J A 5 8.11 4.82 1.68
C 28J A 5 5.45 2.72 3.62
O 28J A 5 4.38 2.64 2.91
HA 28J A 5 5.68 4.04 5.26
H22 28J A 5 7.60 5.33 4.07
H23 28J A 5 7.54 3.47 6.03
H24 28J A 5 9.04 4.20 5.45
H25 28J A 5 8.52 2.61 4.83
H26 28J A 5 8.66 3.11 2.77
H27 28J A 5 6.98 3.17 2.28
H28 28J A 5 8.95 5.40 2.04
H29 28J A 5 7.25 5.47 1.58
H30 28J A 5 8.34 4.37 0.74
N ILE A 6 6.24 1.70 4.05
CA ILE A 6 6.13 0.28 3.67
C ILE A 6 6.16 -0.66 4.87
N SER A 7 5.30 -1.68 4.77
CA SER A 7 5.32 -2.88 5.65
C SER A 7 4.13 -3.81 5.45
N DTH A 8 4.33 -5.08 5.87
CA DTH A 8 3.30 -6.10 5.75
CB DTH A 8 2.84 -6.64 7.12
CG2 DTH A 8 2.54 -5.52 8.12
OG1 DTH A 8 3.84 -7.53 7.62
C DTH A 8 3.76 -7.35 4.97
O DTH A 8 3.00 -8.32 4.94
H DTH A 8 5.21 -5.34 6.24
HA DTH A 8 2.45 -5.65 5.26
HB DTH A 8 1.92 -7.21 6.97
HG21 DTH A 8 3.45 -4.98 8.34
HG22 DTH A 8 2.15 -5.95 9.04
HG23 DTH A 8 1.81 -4.84 7.71
N ALA A 9 4.98 -7.38 4.44
CA ALA A 9 5.45 -8.53 3.70
C ALA A 9 5.49 -9.79 4.51
N EI4 A 10 6.36 -9.81 5.49
CA EI4 A 10 6.50 -10.97 6.32
CB EI4 A 10 7.95 -11.11 6.81
CG EI4 A 10 8.71 -12.26 6.16
CD2 EI4 A 10 8.38 -12.33 4.59
NE2 EI4 A 10 9.74 -12.02 3.97
CE1 EI4 A 10 10.73 -11.87 4.93
ND1 EI4 A 10 10.20 -12.00 6.19
NT EI4 A 10 12.01 -11.78 4.69
C EI4 A 10 5.50 -10.88 7.47
O EI4 A 10 4.80 -11.84 7.79
H EI4 A 10 6.91 -9.01 5.68
HA EI4 A 10 6.25 -11.84 5.72
HB EI4 A 10 7.95 -11.25 7.88
HBA EI4 A 10 8.47 -10.20 6.56
HG1 EI4 A 10 8.49 -13.20 6.66
HD2 EI4 A 10 7.69 -11.58 4.29
HE EI4 A 10 9.91 -11.96 3.01
HND1 EI4 A 10 10.70 -11.95 7.01
HD1 EI4 A 10 8.07 -13.32 4.29
H1 EI4 A 10 12.35 -11.83 3.77
HH12 EI4 A 10 12.64 -11.62 5.47
N ILE A 11 5.44 -9.69 8.04
CA ILE A 11 4.51 -9.40 9.13
C ILE A 11 3.43 -8.44 8.66
N ZAE B 1 -0.93 -8.88 1.65
CA ZAE B 1 -0.49 -8.50 3.01
C ZAE B 1 0.38 -7.33 2.86
O ZAE B 1 1.60 -7.39 3.04
CB ZAE B 1 -1.70 -8.19 3.86
CG ZAE B 1 -1.54 -8.73 5.23
CD1 ZAE B 1 -1.29 -7.85 6.28
CD2 ZAE B 1 -1.75 -10.07 5.52
CE1 ZAE B 1 -1.13 -8.33 7.58
CE2 ZAE B 1 -1.60 -10.55 6.81
CZ ZAE B 1 -1.34 -9.66 7.85
C10 ZAE B 1 0.15 -9.50 0.95
H ZAE B 1 -1.23 -8.04 1.13
HA ZAE B 1 0.08 -9.30 3.44
HB2 ZAE B 1 -1.84 -7.13 3.91
HB3 ZAE B 1 -2.57 -8.65 3.42
HD1 ZAE B 1 -1.14 -6.81 6.07
HD2 ZAE B 1 -1.96 -10.75 4.71
HE1 ZAE B 1 -0.92 -7.64 8.38
HE2 ZAE B 1 -1.75 -11.60 7.02
HZ ZAE B 1 -1.23 -10.04 8.85
H11 ZAE B 1 0.99 -8.82 0.96
H12 ZAE B 1 -0.14 -9.68 -0.07
H13 ZAE B 1 0.42 -10.43 1.43
HN2 ZAE B 1 -1.75 -9.53 1.73
N ILE B 2 -0.24 -6.24 2.57
CA ILE B 2 0.54 -5.06 2.49
C ILE B 2 -0.23 -3.88 2.84
N SER B 3 0.55 -3.00 3.35
CA SER B 3 0.04 -1.84 3.88
C SER B 3 1.02 -0.75 3.72
N DGN B 4 0.50 0.32 3.22
CA DGN B 4 1.28 1.48 3.10
C DGN B 4 1.27 2.01 1.77
O DGN B 4 0.57 1.48 0.85
CB DGN B 4 0.90 2.58 4.11
CG DGN B 4 -0.28 3.49 3.77
CD DGN B 4 -0.77 4.35 4.92
OE1 DGN B 4 -1.25 5.47 4.74
NE2 DGN B 4 -0.68 3.82 6.11
H DGN B 4 -0.40 0.28 2.78
HA DGN B 4 2.30 1.18 3.32
HB2 DGN B 4 1.76 3.20 4.23
HB3 DGN B 4 0.69 2.11 5.06
HG2 DGN B 4 -1.11 2.88 3.41
HG3 DGN B 4 0.04 4.15 2.97
HE21 DGN B 4 -0.31 2.91 6.18
HE22 DGN B 4 -0.98 4.35 6.88
N 28J B 5 2.14 2.99 1.65
CA 28J B 5 2.21 3.74 0.45
CB 28J B 5 2.35 2.84 -0.77
CG2 28J B 5 1.78 3.55 -2.00
CG1 28J B 5 3.81 2.52 -0.99
CD1 28J B 5 4.22 1.19 -0.43
C 28J B 5 3.36 4.74 0.47
O 28J B 5 3.98 5.01 1.56
HA 28J B 5 1.29 4.29 0.35
H22 28J B 5 1.81 1.92 -0.61
H23 28J B 5 2.56 4.09 -2.50
H24 28J B 5 1.00 4.23 -1.70
H25 28J B 5 1.38 2.80 -2.67
H26 28J B 5 4.02 2.52 -2.05
H27 28J B 5 4.42 3.28 -0.51
H28 28J B 5 3.62 0.42 -0.89
H29 28J B 5 4.05 1.18 0.64
H30 28J B 5 5.26 1.01 -0.64
N ILE B 6 3.44 5.37 -0.74
CA ILE B 6 4.53 6.31 -1.13
C ILE B 6 4.09 7.43 -2.04
N SER B 7 4.93 8.47 -1.94
CA SER B 7 5.03 9.61 -2.87
C SER B 7 5.05 10.93 -2.15
N DTH B 8 5.34 12.01 -2.86
CA DTH B 8 5.26 13.30 -2.16
CB DTH B 8 4.05 14.18 -2.49
CG2 DTH B 8 2.67 13.55 -2.36
OG1 DTH B 8 4.21 14.71 -3.77
C DTH B 8 6.48 14.15 -2.50
O DTH B 8 6.47 15.36 -2.23
H DTH B 8 5.73 11.94 -3.77
HA DTH B 8 5.19 13.05 -1.11
HB DTH B 8 4.09 15.01 -1.80
HG21 DTH B 8 1.90 14.18 -2.75
HG22 DTH B 8 2.48 13.35 -1.30
HG23 DTH B 8 2.67 12.59 -2.88
N ALA B 9 7.44 13.59 -3.18
CA ALA B 9 8.59 14.37 -3.62
C ALA B 9 8.15 15.39 -4.66
N EI4 B 10 7.83 14.93 -5.86
CA EI4 B 10 7.38 15.84 -6.91
CB EI4 B 10 7.18 15.13 -8.23
CG EI4 B 10 8.23 15.49 -9.24
CD2 EI4 B 10 9.71 15.56 -8.52
NE2 EI4 B 10 10.40 14.36 -9.06
CE1 EI4 B 10 9.67 13.74 -10.07
ND1 EI4 B 10 8.44 14.37 -10.21
NT EI4 B 10 10.08 12.76 -10.86
C EI4 B 10 6.09 16.51 -6.49
O EI4 B 10 5.88 17.68 -6.78
H EI4 B 10 7.91 13.96 -6.05
HA EI4 B 10 8.14 16.60 -7.03
HB EI4 B 10 6.21 15.41 -8.64
HBA EI4 B 10 7.19 14.08 -8.07
HG1 EI4 B 10 8.00 16.38 -9.78
HD2 EI4 B 10 9.60 15.46 -7.45
HE EI4 B 10 11.31 14.04 -8.82
HND1 EI4 B 10 7.77 14.04 -10.86
HD1 EI4 B 10 10.22 16.46 -8.79
H1 EI4 B 10 11.01 12.40 -10.78
HH12 EI4 B 10 9.45 12.36 -11.54
N ILE B 11 5.23 15.77 -5.81
CA ILE B 11 3.95 16.35 -5.39
C ILE B 11 3.62 15.97 -4.00
N ZAE C 1 1.25 9.24 -3.50
CA ZAE C 1 0.48 9.68 -2.34
C ZAE C 1 -0.55 8.65 -2.15
O ZAE C 1 -1.71 8.91 -1.84
CB ZAE C 1 1.41 9.85 -1.15
CG ZAE C 1 0.92 10.95 -0.30
CD1 ZAE C 1 -0.42 11.03 0.01
CD2 ZAE C 1 1.81 11.85 0.31
CE1 ZAE C 1 -0.92 12.09 0.77
CE2 ZAE C 1 1.32 12.91 1.08
CZ ZAE C 1 -0.03 12.97 1.37
C10 ZAE C 1 0.40 9.24 -4.66
H ZAE C 1 1.59 8.27 -3.34
HA ZAE C 1 0.00 10.62 -2.56
HB2 ZAE C 1 1.46 8.94 -0.58
HB3 ZAE C 1 2.40 10.10 -1.52
HD1 ZAE C 1 -1.11 10.34 -0.45
HD2 ZAE C 1 2.86 11.78 0.09
HE1 ZAE C 1 -1.97 12.15 0.99
HE2 ZAE C 1 2.01 13.60 1.53
HZ ZAE C 1 -0.41 13.78 1.97
H11 ZAE C 1 1.00 9.02 -5.53
H12 ZAE C 1 -0.06 10.21 -4.78
H13 ZAE C 1 -0.36 8.49 -4.55
HN2 ZAE C 1 2.08 9.88 -3.63
N ILE C 2 -0.07 7.44 -2.32
CA ILE C 2 -0.96 6.38 -2.06
C ILE C 2 -0.67 5.75 -0.79
N SER C 3 -1.76 5.35 -0.28
CA SER C 3 -1.80 4.82 1.00
C SER C 3 -2.82 3.74 1.02
N DGN C 4 -2.37 2.61 1.55
CA DGN C 4 -3.27 1.53 1.76
C DGN C 4 -2.69 0.28 1.28
O DGN C 4 -1.56 0.24 0.73
CB DGN C 4 -3.72 1.38 3.23
CG DGN C 4 -2.68 0.93 4.27
CD DGN C 4 -3.29 0.31 5.51
OE1 DGN C 4 -3.42 -0.91 5.63
NE2 DGN C 4 -3.64 1.16 6.45
H DGN C 4 -1.39 2.48 1.65
HA DGN C 4 -4.14 1.72 1.16
HB2 DGN C 4 -4.52 0.66 3.24
HB3 DGN C 4 -4.11 2.33 3.55
HG2 DGN C 4 -2.08 1.77 4.56
HG3 DGN C 4 -2.05 0.19 3.80
HE21 DGN C 4 -3.47 2.11 6.29
HE22 DGN C 4 -4.05 0.80 7.26
N 28J C 5 -3.54 -0.71 1.39
CA 28J C 5 -3.14 -2.03 1.07
CB 28J C 5 -2.53 -2.14 -0.32
CG2 28J C 5 -1.59 -3.32 -0.34
CG1 28J C 5 -3.66 -2.31 -1.31
CD1 28J C 5 -3.42 -1.64 -2.62
C 28J C 5 -4.31 -2.99 1.08
O 28J C 5 -5.47 -2.60 1.41
HA 28J C 5 -2.41 -2.35 1.78
H22 28J C 5 -1.98 -1.23 -0.53
H23 28J C 5 -2.12 -4.19 -0.71
H24 28J C 5 -1.21 -3.52 0.65
H25 28J C 5 -0.77 -3.10 -1.00
H26 28J C 5 -3.79 -3.37 -1.50
H27 28J C 5 -4.57 -1.91 -0.90
H28 28J C 5 -4.26 -1.80 -3.26
H29 28J C 5 -2.53 -2.07 -3.08
H30 28J C 5 -3.26 -0.59 -2.46
N ILE C 6 -3.92 -4.25 0.82
CA ILE C 6 -4.88 -5.33 0.63
C ILE C 6 -4.45 -6.68 1.16
N SER C 7 -5.53 -7.48 1.31
CA SER C 7 -5.49 -8.96 1.47
C SER C 7 -6.74 -9.56 2.06
N DTH C 8 -6.89 -10.91 1.97
CA DTH C 8 -8.07 -11.50 2.62
CB DTH C 8 -7.86 -12.27 3.96
CG2 DTH C 8 -7.22 -11.46 5.07
OG1 DTH C 8 -7.13 -13.46 3.75
C DTH C 8 -8.75 -12.51 1.71
O DTH C 8 -9.59 -13.27 2.17
H DTH C 8 -6.32 -11.46 1.34
HA DTH C 8 -8.71 -10.67 2.83
HB DTH C 8 -8.84 -12.55 4.29
HG21 DTH C 8 -6.26 -11.06 4.75
HG22 DTH C 8 -7.06 -12.10 5.93
HG23 DTH C 8 -7.88 -10.65 5.35
N ALA C 9 -8.35 -12.54 0.45
CA ALA C 9 -8.91 -13.47 -0.49
C ALA C 9 -8.70 -14.91 -0.05
N EI4 C 10 -7.46 -15.33 0.19
CA EI4 C 10 -7.27 -16.71 0.65
CB EI4 C 10 -6.06 -17.36 -0.04
CG EI4 C 10 -6.44 -18.27 -1.21
CD2 EI4 C 10 -7.57 -17.56 -2.11
NE2 EI4 C 10 -6.84 -17.29 -3.41
CE1 EI4 C 10 -5.58 -17.83 -3.44
ND1 EI4 C 10 -5.31 -18.40 -2.19
NT EI4 C 10 -4.82 -17.93 -4.47
C EI4 C 10 -7.19 -16.79 2.18
O EI4 C 10 -7.69 -17.73 2.79
H EI4 C 10 -6.69 -14.74 0.06
HA EI4 C 10 -8.15 -17.27 0.35
HB EI4 C 10 -5.51 -17.94 0.69
HBA EI4 C 10 -5.43 -16.58 -0.41
HG1 EI4 C 10 -6.74 -19.24 -0.86
HD2 EI4 C 10 -7.90 -16.63 -1.65
HE EI4 C 10 -7.27 -16.83 -4.16
HND1 EI4 C 10 -4.45 -18.85 -1.98
HD1 EI4 C 10 -8.40 -18.24 -2.26
H1 EI4 C 10 -5.15 -17.62 -5.36
HH12 EI4 C 10 -3.90 -18.33 -4.38
N ILE C 11 -6.59 -15.77 2.80
CA ILE C 11 -6.48 -15.69 4.24
C ILE C 11 -7.31 -14.52 4.70
N ZAE D 1 -14.13 -11.38 0.74
CA ZAE D 1 -13.29 -11.72 1.92
C ZAE D 1 -12.03 -10.89 1.91
O ZAE D 1 -11.04 -11.21 2.56
CB ZAE D 1 -14.08 -11.47 3.22
CG ZAE D 1 -13.55 -12.23 4.41
CD1 ZAE D 1 -12.62 -11.64 5.27
CD2 ZAE D 1 -13.96 -13.54 4.66
CE1 ZAE D 1 -12.12 -12.35 6.35
CE2 ZAE D 1 -13.45 -14.25 5.74
CZ ZAE D 1 -12.53 -13.65 6.59
C10 ZAE D 1 -13.59 -12.00 -0.48
H ZAE D 1 -14.12 -10.35 0.61
HA ZAE D 1 -13.02 -12.78 1.88
HB2 ZAE D 1 -14.06 -10.42 3.47
HB3 ZAE D 1 -15.11 -11.78 3.08
HD1 ZAE D 1 -12.30 -10.63 5.09
HD2 ZAE D 1 -14.68 -14.00 4.00
HE1 ZAE D 1 -11.40 -11.88 7.01
HE2 ZAE D 1 -13.78 -15.26 5.92
HZ ZAE D 1 -12.14 -14.20 7.42
H11 ZAE D 1 -14.17 -11.68 -1.33
H12 ZAE D 1 -13.65 -13.08 -0.40
H13 ZAE D 1 -12.56 -11.71 -0.62
HN2 ZAE D 1 -15.11 -11.69 0.92
N ILE D 2 -12.05 -9.79 1.16
CA ILE D 2 -10.90 -8.92 1.11
C ILE D 2 -11.10 -7.73 1.96
N SER D 3 -10.06 -7.39 2.62
CA SER D 3 -10.14 -6.27 3.47
C SER D 3 -9.09 -5.29 3.07
N DGN D 4 -9.49 -4.01 3.07
CA DGN D 4 -8.57 -2.96 2.80
C DGN D 4 -8.88 -2.22 1.55
O DGN D 4 -9.82 -2.56 0.82
CB DGN D 4 -8.52 -1.98 3.96
CG DGN D 4 -9.86 -1.39 4.40
CD DGN D 4 -9.76 -0.16 5.30
OE1 DGN D 4 -9.72 0.98 4.82
NE2 DGN D 4 -9.76 -0.37 6.61
H DGN D 4 -10.44 -3.80 3.22
HA DGN D 4 -7.59 -3.41 2.68
HB2 DGN D 4 -7.88 -1.16 3.67
HB3 DGN D 4 -8.08 -2.47 4.82
HG2 DGN D 4 -10.41 -2.15 4.92
HG3 DGN D 4 -10.41 -1.11 3.51
HE21 DGN D 4 -9.84 -1.30 6.93
HE22 DGN D 4 -9.69 0.40 7.21
N 28J D 5 -8.03 -1.24 1.27
CA 28J D 5 -8.31 -0.37 0.16
CB 28J D 5 -8.77 -1.12 -1.09
CG2 28J D 5 -9.68 -0.23 -1.96
CG1 28J D 5 -7.54 -1.58 -1.86
CD1 28J D 5 -7.85 -2.53 -2.97
C 28J D 5 -7.09 0.49 -0.17
O 28J D 5 -6.04 0.42 0.54
HA 28J D 5 -9.11 0.30 0.45
H22 28J D 5 -9.33 -1.99 -0.79
H23 28J D 5 -10.34 -0.86 -2.55
H24 28J D 5 -9.09 0.39 -2.60
H25 28J D 5 -10.29 0.39 -1.32
H26 28J D 5 -7.05 -0.71 -2.28
H27 28J D 5 -6.87 -2.07 -1.18
H28 28J D 5 -6.94 -2.82 -3.47
H29 28J D 5 -8.51 -2.05 -3.68
H30 28J D 5 -8.33 -3.40 -2.57
N ILE D 6 -7.32 1.33 -1.20
CA ILE D 6 -6.36 2.26 -1.79
C ILE D 6 -6.98 3.65 -1.95
N SER D 7 -6.12 4.67 -1.87
CA SER D 7 -6.45 6.07 -2.26
C SER D 7 -5.47 7.08 -1.78
N DTH D 8 -5.83 8.35 -2.03
CA DTH D 8 -5.02 9.47 -1.62
CB DTH D 8 -5.86 10.73 -1.31
CG2 DTH D 8 -7.12 10.45 -0.50
OG1 DTH D 8 -6.19 11.37 -2.54
C DTH D 8 -4.00 9.87 -2.68
O DTH D 8 -3.35 10.91 -2.51
H DTH D 8 -6.64 8.52 -2.57
HA DTH D 8 -4.50 9.18 -0.72
HB DTH D 8 -5.23 11.41 -0.74
HG21 DTH D 8 -6.86 9.98 0.44
HG22 DTH D 8 -7.76 9.79 -1.06
HG23 DTH D 8 -7.65 11.37 -0.30
N ALA D 9 -3.83 9.12 -3.79
CA ALA D 9 -2.81 9.48 -4.81
C ALA D 9 -3.09 10.81 -5.49
N EI4 D 10 -4.22 10.99 -6.12
CA EI4 D 10 -4.55 12.24 -6.81
CB EI4 D 10 -5.40 11.97 -8.04
CG EI4 D 10 -4.89 12.55 -9.34
CD2 EI4 D 10 -3.32 12.27 -9.44
NE2 EI4 D 10 -3.20 11.37 -10.63
CE1 EI4 D 10 -4.40 11.15 -11.25
ND1 EI4 D 10 -5.39 11.82 -10.54
NT EI4 D 10 -4.59 10.44 -12.33
C EI4 D 10 -5.24 13.17 -5.83
O EI4 D 10 -5.12 14.40 -5.93
H EI4 D 10 -4.87 10.26 -6.12
HA EI4 D 10 -3.62 12.70 -7.10
HB EI4 D 10 -6.39 12.35 -7.89
HBA EI4 D 10 -5.46 10.90 -8.17
HG1 EI4 D 10 -5.09 13.61 -9.42
HD2 EI4 D 10 -2.97 11.74 -8.56
HE EI4 D 10 -2.33 11.01 -10.92
HND1 EI4 D 10 -6.36 11.79 -10.78
HD1 EI4 D 10 -2.78 13.17 -9.58
H1 EI4 D 10 -3.82 10.03 -12.81
HH12 EI4 D 10 -5.52 10.30 -12.68
N ILE D 11 -5.96 12.60 -4.89
CA ILE D 11 -6.63 13.38 -3.86
C ILE D 11 -6.35 12.78 -2.50
N ALA E 1 15.71 -9.60 4.13
CA ALA E 1 16.63 -10.47 3.36
C ALA E 1 15.88 -11.44 2.46
N DGL E 2 15.48 -12.65 3.07
CA DGL E 2 14.57 -13.56 2.26
C DGL E 2 13.24 -12.93 1.70
O DGL E 2 13.19 -11.67 1.66
CB DGL E 2 15.28 -14.03 0.95
CG DGL E 2 14.97 -13.25 -0.33
CD DGL E 2 14.59 -14.16 -1.53
OE1 DGL E 2 15.38 -14.30 -2.50
H DGL E 2 15.56 -12.71 4.02
HB2 DGL E 2 14.99 -15.06 0.87
HB3 DGL E 2 16.39 -14.02 1.13
HG2 DGL E 2 15.87 -12.70 -0.61
HG3 DGL E 2 14.17 -12.56 -0.16
N LYS E 3 13.40 -14.66 -1.51
CA LYS E 3 12.87 -15.53 -2.55
C LYS E 3 13.52 -16.94 -2.58
N DAL E 4 12.63 -17.86 -2.17
CA DAL E 4 12.74 -19.44 -2.13
CB DAL E 4 13.60 -20.35 -3.30
C DAL E 4 11.26 -19.69 -1.53
O DAL E 4 10.26 -20.13 -2.26
H DAL E 4 11.74 -17.50 -1.91
HA DAL E 4 12.48 -19.52 -2.61
HB1 DAL E 4 14.61 -19.92 -3.45
HB2 DAL E 4 13.12 -20.37 -4.28
HB3 DAL E 4 13.77 -21.40 -2.99
N DAL E 5 11.08 -19.33 -0.13
CA DAL E 5 9.44 -19.53 0.58
CB DAL E 5 9.65 -21.17 0.44
C DAL E 5 8.57 -18.80 -0.25
O DAL E 5 7.46 -19.11 -0.25
OXT DAL E 5 8.99 -17.58 -0.62
H DAL E 5 11.74 -18.62 0.13
HA DAL E 5 9.25 -19.12 1.74
HB1 DAL E 5 10.42 -21.45 1.28
HB2 DAL E 5 10.05 -21.15 -0.41
HB3 DAL E 5 8.83 -21.89 0.60
N ALA F 1 15.43 9.11 -6.67
CA ALA F 1 16.02 7.82 -7.08
C ALA F 1 15.08 6.63 -6.86
N DGL F 2 14.57 6.49 -5.53
CA DGL F 2 13.52 5.39 -5.31
C DGL F 2 12.50 5.14 -6.50
O DGL F 2 12.02 6.12 -7.06
CB DGL F 2 14.18 3.97 -5.13
CG DGL F 2 15.62 3.79 -5.60
CD DGL F 2 15.77 2.81 -6.80
OE1 DGL F 2 16.76 2.06 -6.89
H DGL F 2 14.76 7.16 -4.90
HB2 DGL F 2 13.51 3.32 -5.68
HB3 DGL F 2 14.10 3.67 -4.05
HG2 DGL F 2 16.18 3.37 -4.78
HG3 DGL F 2 16.05 4.73 -5.87
N LYS F 3 14.87 2.91 -7.73
CA LYS F 3 14.85 2.08 -8.94
C LYS F 3 14.59 0.57 -8.67
N DAL F 4 13.46 0.42 -7.93
CA DAL F 4 12.66 -0.88 -7.47
CB DAL F 4 13.08 -1.66 -5.98
C DAL F 4 12.48 -1.59 -8.97
O DAL F 4 13.24 -2.41 -9.48
H DAL F 4 13.04 1.28 -7.65
HA DAL F 4 13.09 -1.23 -7.50
HB1 DAL F 4 14.07 -2.16 -6.04
HB2 DAL F 4 12.36 -2.44 -5.67
HB3 DAL F 4 13.16 -0.95 -5.12
N DAL F 5 11.41 -1.15 -9.68
CA DAL F 5 10.78 -1.54 -11.18
CB DAL F 5 10.58 -3.15 -10.73
C DAL F 5 12.15 -1.29 -12.05
O DAL F 5 12.74 -0.18 -12.07
OXT DAL F 5 12.69 -2.31 -12.62
H DAL F 5 10.99 -0.26 -9.30
HA DAL F 5 10.59 -2.00 -12.02
HB1 DAL F 5 9.65 -3.37 -10.22
HB2 DAL F 5 11.38 -3.30 -10.10
HB3 DAL F 5 10.67 -3.87 -11.60
N ALA G 1 -0.22 -18.49 -0.95
CA ALA G 1 0.40 -19.67 -1.57
C ALA G 1 -0.43 -20.19 -2.68
N DGL G 2 -1.70 -20.63 -2.28
CA DGL G 2 -2.67 -21.03 -3.40
C DGL G 2 -2.55 -20.17 -4.72
O DGL G 2 -2.45 -18.95 -4.60
CB DGL G 2 -2.38 -22.51 -3.88
CG DGL G 2 -0.97 -23.07 -3.64
CD DGL G 2 -0.18 -23.32 -4.97
OE1 DGL G 2 -0.02 -24.49 -5.39
H DGL G 2 -1.98 -20.50 -1.40
HB2 DGL G 2 -2.61 -22.46 -4.92
HB3 DGL G 2 -3.13 -23.19 -3.40
HG2 DGL G 2 -1.06 -24.02 -3.13
HG3 DGL G 2 -0.40 -22.40 -3.03
N LYS G 3 0.37 -22.29 -5.51
CA LYS G 3 1.15 -22.33 -6.74
C LYS G 3 0.33 -22.76 -8.00
N DAL G 4 -0.98 -22.46 -7.82
CA DAL G 4 -2.24 -22.56 -8.80
CB DAL G 4 -2.53 -24.05 -9.65
C DAL G 4 -2.17 -21.02 -9.44
O DAL G 4 -2.03 -20.74 -10.64
H DAL G 4 -1.19 -22.04 -6.93
HA DAL G 4 -1.95 -22.64 -9.27
HB1 DAL G 4 -1.76 -24.25 -10.42
HB2 DAL G 4 -3.50 -24.07 -10.17
HB3 DAL G 4 -2.52 -24.94 -8.98
N DAL G 5 -2.20 -20.02 -8.53
CA DAL G 5 -2.20 -18.34 -8.63
CB DAL G 5 -3.58 -18.37 -9.62
C DAL G 5 -0.82 -18.21 -9.52
O DAL G 5 0.28 -18.71 -9.14
OXT DAL G 5 -0.90 -17.66 -10.68
H DAL G 5 -2.03 -20.34 -7.54
HA DAL G 5 -2.26 -17.43 -8.99
HB1 DAL G 5 -4.51 -18.40 -9.06
HB2 DAL G 5 -3.45 -19.22 -10.16
HB3 DAL G 5 -3.64 -17.48 -10.31
N ALA H 1 -0.55 6.32 -10.69
CA ALA H 1 0.50 5.47 -11.31
C ALA H 1 0.68 4.15 -10.58
N DGL H 2 1.25 4.25 -9.28
CA DGL H 2 1.34 2.96 -8.46
C DGL H 2 -0.01 2.15 -8.30
O DGL H 2 0.03 0.86 -8.59
CB DGL H 2 2.29 1.88 -9.13
CG DGL H 2 3.02 0.90 -8.22
CD DGL H 2 3.02 -0.57 -8.74
OE1 DGL H 2 4.09 -1.14 -9.02
H DGL H 2 1.42 5.11 -8.92
HA DGL H 2 0.63 3.10 -8.93
HB2 DGL H 2 2.99 2.49 -9.68
HB3 DGL H 2 1.70 1.31 -9.89
HG2 DGL H 2 2.51 0.90 -7.26
HG3 DGL H 2 4.04 1.20 -8.07
N LYS H 3 1.86 -1.09 -8.97
CA LYS H 3 1.66 -2.44 -9.48
C LYS H 3 2.20 -3.56 -8.54
N DAL H 4 1.23 -3.99 -7.71
CA DAL H 4 1.19 -5.21 -6.67
CB DAL H 4 2.59 -6.23 -6.56
C DAL H 4 -0.36 -5.66 -6.91
O DAL H 4 -0.77 -6.47 -7.77
H DAL H 4 0.36 -3.49 -7.79
HA DAL H 4 1.23 -5.59 -7.05
HB1 DAL H 4 2.50 -6.98 -5.73
HB2 DAL H 4 3.53 -5.70 -6.39
HB3 DAL H 4 2.75 -6.85 -7.48
N DAL H 5 -1.25 -4.95 -6.12
CA DAL H 5 -2.98 -4.96 -6.20
CB DAL H 5 -2.82 -6.49 -5.42
C DAL H 5 -3.37 -5.00 -7.61
O DAL H 5 -4.02 -6.01 -8.07
OXT DAL H 5 -3.10 -4.01 -8.31
H DAL H 5 -0.81 -4.11 -5.74
HA DAL H 5 -3.85 -5.16 -5.70
HB1 DAL H 5 -2.54 -6.41 -4.35
HB2 DAL H 5 -2.08 -6.89 -5.95
HB3 DAL H 5 -3.72 -7.21 -5.43
C1 MUB I . 11.43 -7.33 4.11
C2 MUB I . 12.48 -7.09 5.21
C3 MUB I . 13.72 -6.48 4.58
C4 MUB I . 14.06 -7.10 3.23
C5 MUB I . 12.91 -6.88 2.24
C6 MUB I . 12.60 -8.13 1.38
C7 MUB I . 12.10 -4.93 6.23
C8 MUB I . 11.51 -4.11 7.39
C9 MUB I . 15.07 -7.97 5.89
C10 MUB I . 16.13 -8.76 5.15
C11 MUB I . 14.49 -8.53 7.25
O1 MUB I . 10.19 -6.99 4.65
O3 MUB I . 14.81 -6.60 5.51
O4 MUB I . 15.32 -6.58 2.73
O5 MUB I . 11.69 -6.50 2.96
O6 MUB I . 12.39 -9.25 2.23
O7 MUB I . 12.71 -4.36 5.28
O10 MUB I . 17.31 -8.49 5.38
N2 MUB I . 11.93 -6.25 6.25
H1 MUB I . 11.43 -8.37 3.77
H2 MUB I . 12.57 -8.08 5.68
HN2 MUB I . 11.49 -6.66 7.03
H81 MUB I . 11.96 -4.48 8.32
H82 MUB I . 10.47 -4.23 7.39
H83 MUB I . 11.78 -3.06 7.23
H3 MUB I . 13.60 -5.37 4.57
H9 MUB I . 14.48 -8.43 5.11
H111 MUB I . 14.59 -7.78 8.06
H112 MUB I . 15.01 -9.39 7.53
H113 MUB I . 13.43 -8.81 7.11
H4 MUB I . 14.49 -8.11 3.33
H5 MUB I . 13.19 -6.14 1.47
H61 MUB I . 13.56 -8.37 0.88
H62 MUB I . 11.80 -8.02 0.63
HO6 MUB I . 12.70 -10.10 1.86
C1 NAG I . 15.52 -5.15 2.83
C2 NAG I . 16.84 -4.77 2.16
C3 NAG I . 17.07 -3.28 2.34
C4 NAG I . 15.86 -2.48 1.87
C5 NAG I . 14.58 -3.00 2.52
C6 NAG I . 13.34 -2.30 1.97
C7 NAG I . 18.22 -5.58 3.99
C8 NAG I . 19.42 -6.49 4.33
N2 NAG I . 17.94 -5.56 2.71
O3 NAG I . 18.22 -2.90 1.57
O4 NAG I . 16.05 -1.11 2.21
O5 NAG I . 14.45 -4.41 2.26
O6 NAG I . 12.19 -3.11 2.11
O7 NAG I . 17.92 -4.65 4.75
H1 NAG I . 15.57 -5.00 3.91
H2 NAG I . 17.03 -5.01 1.21
H3 NAG I . 17.26 -3.03 3.38
H4 NAG I . 15.94 -2.50 0.75
H5 NAG I . 14.48 -2.82 3.59
H61 NAG I . 13.41 -2.09 0.88
H62 NAG I . 13.23 -1.33 2.48
H81 NAG I . 20.29 -6.15 3.76
H82 NAG I . 19.19 -7.50 4.06
H83 NAG I . 19.61 -6.43 5.40
HN2 NAG I . 18.20 -6.32 2.17
HO3 NAG I . 19.00 -3.33 1.87
HO4 NAG I . 16.94 -0.86 1.94
HO6 NAG I . 12.52 -4.00 2.23
C1 MUB J . 11.53 10.75 -7.49
C2 MUB J . 12.59 11.62 -6.76
C3 MUB J . 13.72 11.92 -7.77
C4 MUB J . 14.08 10.69 -8.59
C5 MUB J . 12.87 10.24 -9.42
C6 MUB J . 12.68 8.72 -9.29
C7 MUB J . 12.33 14.01 -6.67
C8 MUB J . 11.70 15.21 -5.95
C9 MUB J . 15.44 11.53 -6.11
C10 MUB J . 16.16 10.28 -6.61
C11 MUB J . 15.53 11.96 -4.60
O1 MUB J . 10.24 11.12 -7.10
O3 MUB J . 14.86 12.45 -7.07
O4 MUB J . 15.23 10.95 -9.44
O5 MUB J . 11.65 10.88 -8.91
O6 MUB J . 12.71 8.36 -7.91
O7 MUB J . 12.75 14.13 -7.84
O10 MUB J . 17.30 10.41 -7.04
N2 MUB J . 12.03 12.82 -6.19
H1 MUB J . 11.63 9.70 -7.22
H2 MUB J . 12.87 11.04 -5.86
HN2 MUB J . 11.73 12.73 -5.25
H81 MUB J . 11.98 16.11 -6.49
H82 MUB J . 12.06 15.23 -4.97
H83 MUB J . 10.62 15.08 -5.97
H3 MUB J . 13.48 12.80 -8.39
H9 MUB J . 14.65 10.81 -6.18
H111 MUB J . 16.01 12.94 -4.48
H112 MUB J . 16.10 11.26 -4.09
H113 MUB J . 14.52 11.95 -4.15
H4 MUB J . 14.62 9.96 -7.99
H5 MUB J . 12.99 10.38 -10.46
H61 MUB J . 13.61 8.28 -9.65
H62 MUB J . 11.83 8.23 -9.81
HO6 MUB J . 12.40 7.46 -7.72
C1 NAG J . 15.28 12.24 -10.05
C2 NAG J . 16.54 12.33 -10.93
C3 NAG J . 16.58 13.68 -11.63
C4 NAG J . 15.24 13.98 -12.32
C5 NAG J . 14.07 13.79 -11.36
C6 NAG J . 12.71 13.96 -12.06
C7 NAG J . 18.05 12.86 -9.12
C8 NAG J . 19.35 12.44 -8.40
N2 NAG J . 17.74 12.09 -10.13
O3 NAG J . 17.61 13.66 -12.60
O4 NAG J . 15.25 15.31 -12.79
O5 NAG J . 14.10 12.47 -10.80
O6 NAG J . 12.24 12.74 -12.59
O7 NAG J . 17.62 14.01 -8.98
H1 NAG J . 15.38 12.93 -9.20
H2 NAG J . 16.80 11.64 -11.60
H3 NAG J . 16.77 14.47 -10.91
H4 NAG J . 15.29 13.33 -13.24
H5 NAG J . 13.99 14.52 -10.55
H61 NAG J . 12.76 14.67 -12.90
H62 NAG J . 12.02 14.36 -11.30
H81 NAG J . 20.17 12.48 -9.12
H82 NAG J . 19.26 11.45 -8.03
H83 NAG J . 19.54 13.12 -7.56
HN2 NAG J . 18.11 11.20 -10.18
HO3 NAG J . 18.45 13.52 -12.17
HO4 NAG J . 16.10 15.46 -13.24
HO6 NAG J . 12.98 12.12 -12.61
C1 MUB K . -2.41 -14.34 -1.73
C2 MUB K . -1.84 -14.72 -0.38
C3 MUB K . -0.32 -14.83 -0.48
C4 MUB K . 0.13 -15.58 -1.75
C5 MUB K . -0.39 -14.87 -2.99
C6 MUB K . -1.08 -15.87 -3.96
C7 MUB K . -1.40 -12.79 1.03
C8 MUB K . -1.94 -11.85 2.08
C9 MUB K . -0.43 -16.78 0.87
C10 MUB K . 0.28 -17.96 0.22
C11 MUB K . -1.56 -17.01 1.98
O1 MUB K . -3.37 -13.35 -1.49
O3 MUB K . 0.14 -15.47 0.71
O4 MUB K . 1.57 -15.70 -1.76
O5 MUB K . -1.38 -13.84 -2.61
O6 MUB K . -1.82 -16.83 -3.22
O7 MUB K . -0.34 -12.54 0.42
O10 MUB K . 1.46 -18.15 0.54
N2 MUB K . -2.23 -13.73 0.61
H1 MUB K . -2.80 -15.22 -2.26
H2 MUB K . -2.41 -15.60 -0.10
HN2 MUB K . -3.04 -13.94 1.13
H81 MUB K . -2.57 -11.11 1.58
H82 MUB K . -1.14 -11.39 2.57
H83 MUB K . -2.54 -12.44 2.78
H3 MUB K . 0.14 -13.82 -0.39
H9 MUB K . -0.93 -16.87 -0.10
H111 MUB K . -1.27 -16.54 2.93
H112 MUB K . -1.69 -18.02 2.13
H113 MUB K . -2.53 -16.61 1.61
H4 MUB K . 0.02 -16.66 -1.65
H5 MUB K . 0.41 -14.48 -3.61
H61 MUB K . -0.23 -16.49 -4.39
H62 MUB K . -1.66 -15.41 -4.79
HO6 MUB K . -1.99 -17.65 -3.74
C1 NAG K . 2.32 -14.54 -1.35
C2 NAG K . 3.80 -14.77 -1.63
C3 NAG K . 4.61 -13.54 -1.21
C4 NAG K . 4.01 -12.26 -1.81
C5 NAG K . 2.52 -12.17 -1.52
C6 NAG K . 1.89 -10.97 -2.21
C7 NAG K . 4.06 -16.19 0.33
C8 NAG K . 4.62 -17.53 0.83
N2 NAG K . 4.26 -15.98 -0.95
O3 NAG K . 5.95 -13.69 -1.66
O4 NAG K . 4.66 -11.14 -1.26
O5 NAG K . 1.85 -13.36 -2.00
O6 NAG K . 1.33 -11.32 -3.46
O7 NAG K . 3.87 -15.26 1.13
H1 NAG K . 2.13 -14.49 -0.27
H2 NAG K . 4.16 -15.07 -2.52
H3 NAG K . 4.60 -13.43 -0.13
H4 NAG K . 4.33 -12.33 -2.91
H5 NAG K . 2.26 -12.02 -0.47
H61 NAG K . 2.66 -10.20 -2.43
H62 NAG K . 1.17 -10.52 -1.52
H81 NAG K . 5.69 -17.56 0.63
H82 NAG K . 4.14 -18.34 0.33
H83 NAG K . 4.44 -17.62 1.91
HN2 NAG K . 4.40 -16.75 -1.53
HO3 NAG K . 6.39 -12.85 -1.61
HO4 NAG K . 4.53 -11.02 -0.31
HO6 NAG K . 1.38 -12.28 -3.52
C1 MUB L . -4.95 6.27 -8.80
C2 MUB L . -4.51 7.67 -9.26
C3 MUB L . -4.05 7.58 -10.71
C4 MUB L . -3.48 6.21 -11.14
C5 MUB L . -4.46 5.07 -10.83
C6 MUB L . -3.73 3.90 -10.14
C7 MUB L . -6.45 8.75 -10.18
C8 MUB L . -7.59 9.74 -10.06
C9 MUB L . -1.83 8.41 -10.31
C10 MUB L . -0.76 7.64 -11.06
C11 MUB L . -1.46 9.24 -9.01
O1 MUB L . -5.96 6.43 -7.87
O3 MUB L . -3.10 8.63 -10.95
O4 MUB L . -3.17 6.24 -12.55
O5 MUB L . -5.49 5.54 -9.90
O6 MUB L . -2.94 4.39 -9.06
O7 MUB L . -6.41 7.97 -11.15
O10 MUB L . -0.26 8.17 -12.05
N2 MUB L . -5.63 8.58 -9.15
H1 MUB L . -4.13 5.68 -8.39
H2 MUB L . -3.79 7.97 -8.50
HN2 MUB L . -5.64 9.23 -8.39
H81 MUB L . -7.16 10.70 -9.73
H82 MUB L . -8.28 9.40 -9.36
H83 MUB L . -8.03 9.86 -11.04
H3 MUB L . -4.89 7.88 -11.37
H9 MUB L . -2.04 7.40 -9.99
H111 MUB L . -1.77 8.71 -8.11
H112 MUB L . -1.94 10.15 -9.04
H113 MUB L . -0.36 9.44 -9.00
H4 MUB L . -2.44 6.12 -10.88
H5 MUB L . -4.87 4.61 -11.70
H61 MUB L . -2.97 3.53 -10.86
H62 MUB L . -4.39 3.07 -9.80
HO6 MUB L . -2.26 3.77 -8.76
C1 NAG L . -4.18 6.77 -13.43
C2 NAG L . -3.77 6.53 -14.88
C3 NAG L . -4.84 7.08 -15.82
C4 NAG L . -6.23 6.57 -15.43
C5 NAG L . -6.50 6.78 -13.95
C6 NAG L . -7.83 6.14 -13.52
C7 NAG L . -2.12 8.31 -14.74
C8 NAG L . -0.70 8.72 -15.14
N2 NAG L . -2.46 7.11 -15.17
O3 NAG L . -4.54 6.68 -17.15
O4 NAG L . -7.21 7.26 -16.20
O5 NAG L . -5.46 6.17 -13.16
O6 NAG L . -7.89 5.99 -12.11
O7 NAG L . -2.95 9.14 -14.37
H1 NAG L . -4.19 7.84 -13.20
H2 NAG L . -3.49 5.64 -15.24
H3 NAG L . -4.86 8.17 -15.78
H4 NAG L . -6.25 5.51 -15.84
H5 NAG L . -6.64 7.80 -13.62
H61 NAG L . -7.96 5.12 -13.94
H62 NAG L . -8.63 6.77 -13.90
H81 NAG L . -0.52 9.73 -14.75
H82 NAG L . -0.61 8.73 -16.20
H83 NAG L . 0.01 8.02 -14.72
HN2 NAG L . -1.76 6.49 -15.44
HO3 NAG L . -3.70 7.03 -17.40
HO4 NAG L . -6.96 7.23 -17.13
HO6 NAG L . -7.18 6.55 -11.77
P 2PO M . 9.43 -8.08 5.59
O1P 2PO M . 9.85 -7.91 7.00
O2P 2PO M . 9.53 -9.42 4.95
O3P 2PO M . 7.95 -7.54 5.41
P 2PO N . 7.60 -6.18 6.18
O1P 2PO N . 6.59 -6.47 7.24
O2P 2PO N . 8.87 -5.53 6.57
O3P 2PO N . 6.91 -5.30 5.02
C1 P1W O . 7.56 -5.12 3.76
C2 P1W O . 6.57 -4.60 2.74
C3 P1W O . 6.82 -4.46 1.44
C4 P1W O . 5.78 -3.95 0.47
C5 P1W O . 8.18 -4.85 0.82
H12 P1W O . 8.37 -4.42 3.87
H11 P1W O . 7.96 -6.07 3.43
H2 P1W O . 5.55 -4.64 3.09
H41 P1W O . 4.78 -4.16 0.86
H42 P1W O . 5.88 -2.87 0.37
H51 P1W O . 8.96 -4.67 1.55
H52 P1W O . 8.36 -4.25 -0.05
H53 P1W O . 8.16 -5.89 0.55
C1 P1W P . 5.90 -4.58 -0.92
C2 P1W P . 6.26 -3.55 -1.92
C3 P1W P . 5.43 -3.11 -2.87
C4 P1W P . 5.86 -2.09 -3.89
C5 P1W P . 3.98 -3.60 -3.02
H12 P1W P . 4.94 -5.02 -1.19
H11 P1W P . 6.64 -5.34 -0.89
H2 P1W P . 7.34 -3.41 -2.03
H41 P1W P . 5.05 -1.88 -4.57
H42 P1W P . 6.16 -1.19 -3.37
H51 P1W P . 3.96 -4.68 -3.10
H52 P1W P . 3.55 -3.18 -3.93
H53 P1W P . 3.39 -3.29 -2.18
C1 P1W Q . 6.43 3.46 -6.14
C2 P1W Q . 7.63 2.91 -6.87
C3 P1W Q . 8.67 3.65 -7.17
C4 P1W Q . 9.91 3.15 -7.91
C5 P1W Q . 8.73 5.15 -6.82
H12 P1W Q . 6.14 2.77 -5.34
H11 P1W Q . 6.66 4.41 -5.74
H2 P1W Q . 7.43 1.99 -7.40
H43 P1W Q . 10.04 2.10 -7.73
H41 P1W Q . 10.78 3.69 -7.55
H42 P1W Q . 9.80 3.32 -8.97
H51 P1W Q . 7.94 5.67 -7.33
H52 P1W Q . 9.68 5.55 -7.11
H53 P1W Q . 8.61 5.27 -5.74
C1 P1W R . 7.05 -2.64 -4.67
C2 P1W R . 6.61 -3.77 -5.55
C3 P1W R . 7.03 -4.99 -5.43
C4 P1W R . 6.59 -6.17 -6.32
C5 P1W R . 8.04 -5.41 -4.35
H12 P1W R . 7.79 -3.00 -3.97
H11 P1W R . 7.46 -1.87 -5.27
H2 P1W R . 5.91 -3.49 -6.34
H43 P1W R . 5.95 -5.81 -7.11
H41 P1W R . 6.04 -6.89 -5.72
H42 P1W R . 7.45 -6.66 -6.73
H51 P1W R . 8.87 -4.72 -4.36
H52 P1W R . 8.39 -6.41 -4.56
H53 P1W R . 7.56 -5.39 -3.38
P 2PO S . 9.42 10.21 -6.01
O1P 2PO S . 9.77 10.66 -4.66
O2P 2PO S . 9.65 8.77 -6.35
O3P 2PO S . 7.91 10.54 -6.29
P 2PO T . 7.43 11.98 -6.83
O1P 2PO T . 6.56 12.56 -5.78
O2P 2PO T . 8.67 12.76 -7.25
O3P 2PO T . 6.54 11.57 -8.09
C1 P1W U . 5.12 11.48 -7.92
C2 P1W U . 4.78 10.04 -8.03
C3 P1W U . 3.60 9.45 -7.99
C4 P1W U . 3.62 7.97 -8.12
C5 P1W U . 2.18 10.11 -7.81
H12 P1W U . 4.84 11.89 -6.96
H11 P1W U . 4.64 12.02 -8.71
H2 P1W U . 5.62 9.43 -8.29
H41 P1W U . 2.63 7.60 -8.35
H42 P1W U . 4.29 7.72 -8.94
H51 P1W U . 1.92 10.66 -8.72
H52 P1W U . 2.21 10.81 -6.99
H53 P1W U . 1.44 9.36 -7.62
C1 P1W V . -8.54 -8.96 -6.31
C2 P1W V . -8.16 -7.60 -5.83
C3 P1W V . -8.94 -6.53 -5.95
C4 P1W V . -8.50 -5.13 -5.51
C5 P1W V . -10.39 -6.60 -6.48
H12 P1W V . -9.50 -8.95 -6.80
H11 P1W V . -7.79 -9.34 -6.98
H2 P1W V . -7.09 -7.49 -5.60
H41 P1W V . -9.30 -4.43 -5.70
H42 P1W V . -8.28 -5.14 -4.45
H51 P1W V . -10.38 -6.65 -7.57
H52 P1W V . -10.93 -5.72 -6.18
H53 P1W V . -10.89 -7.48 -6.09
C1 P1W W . -7.26 -4.64 -6.27
C2 P1W W . -7.70 -3.81 -7.41
C3 P1W W . -7.59 -4.20 -8.66
C4 P1W W . -8.01 -3.33 -9.85
C5 P1W W . -7.09 -5.59 -9.05
H12 P1W W . -6.70 -5.51 -6.61
H11 P1W W . -6.66 -4.06 -5.61
H2 P1W W . -7.83 -2.77 -7.17
H43 P1W W . -7.97 -2.29 -9.58
H41 P1W W . -9.02 -3.59 -10.15
H42 P1W W . -7.34 -3.52 -10.69
H51 P1W W . -6.02 -5.65 -8.90
H52 P1W W . -7.30 -5.76 -10.11
H53 P1W W . -7.58 -6.35 -8.46
C1 P1W X . -6.50 0.98 -9.05
C2 P1W X . -6.16 -0.01 -7.98
C3 P1W X . -4.92 -0.37 -7.68
C4 P1W X . -4.59 -1.37 -6.58
C5 P1W X . -3.71 0.17 -8.43
H12 P1W X . -6.32 1.99 -8.69
H11 P1W X . -5.88 0.80 -9.90
H2 P1W X . -7.02 -0.55 -7.60
H43 P1W X . -4.26 -2.30 -7.02
H41 P1W X . -5.47 -1.56 -5.98
H42 P1W X . -3.82 -0.97 -5.94
H51 P1W X . -2.81 -0.27 -8.02
H52 P1W X . -3.67 1.25 -8.31
H53 P1W X . -3.78 -0.08 -9.48
C1 P1W Y . 4.13 7.31 -6.88
C2 P1W Y . 4.90 6.08 -7.21
C3 P1W Y . 4.51 4.90 -6.79
C4 P1W Y . 5.27 3.61 -7.09
C5 P1W Y . 3.20 4.67 -6.04
H12 P1W Y . 3.30 7.07 -6.23
H11 P1W Y . 4.77 7.99 -6.39
H2 P1W Y . 5.93 6.27 -7.48
H41 P1W Y . 4.60 2.76 -6.98
H42 P1W Y . 5.64 3.66 -8.10
H51 P1W Y . 2.36 4.98 -6.66
H52 P1W Y . 3.21 5.24 -5.13
H53 P1W Y . 3.09 3.62 -5.81
P 2PO Z . -4.88 -13.90 -1.14
O1P 2PO Z . -5.13 -13.91 0.32
O2P 2PO Z . -5.14 -15.12 -1.95
O3P 2PO Z . -5.69 -12.71 -1.75
P 2PO AA . -5.27 -11.30 -1.17
O1P 2PO AA . -6.52 -10.58 -0.78
O2P 2PO AA . -4.18 -11.50 -0.19
O3P 2PO AA . -4.71 -10.64 -2.50
C1 P1W BA . -5.22 -11.10 -3.72
C2 P1W BA . -6.54 -10.45 -3.94
C3 P1W BA . -7.31 -10.62 -4.99
C4 P1W BA . -8.60 -9.90 -5.10
C5 P1W BA . -6.96 -11.52 -6.18
H12 P1W BA . -4.54 -10.87 -4.51
H11 P1W BA . -5.35 -12.17 -3.65
H2 P1W BA . -6.97 -10.06 -3.02
H41 P1W BA . -9.42 -10.60 -5.21
H42 P1W BA . -8.76 -9.31 -4.20
H51 P1W BA . -6.12 -11.11 -6.72
H52 P1W BA . -7.82 -11.58 -6.85
H53 P1W BA . -6.70 -12.51 -5.83
P 2PO CA . -5.63 7.04 -6.40
O1P 2PO CA . -5.11 8.38 -6.62
O2P 2PO CA . -4.83 6.06 -5.60
O3P 2PO CA . -7.09 7.12 -5.82
P 2PO DA . -7.72 8.60 -5.74
O1P 2PO DA . -7.09 9.33 -4.62
O2P 2PO DA . -7.69 9.19 -7.10
O3P 2PO DA . -9.21 8.25 -5.33
C1 P1W EA . -9.55 6.90 -5.09
C2 P1W EA . -9.25 6.11 -6.33
C3 P1W EA . -9.86 6.26 -7.51
C4 P1W EA . -9.47 5.40 -8.67
C5 P1W EA . -11.02 7.26 -7.77
H12 P1W EA . -8.98 6.53 -4.26
H11 P1W EA . -10.60 6.84 -4.88
H2 P1W EA . -8.40 5.46 -6.24
H41 P1W EA . -9.80 5.85 -9.60
H42 P1W EA . -8.39 5.30 -8.69
H51 P1W EA . -11.91 6.70 -8.03
H52 P1W EA . -10.75 7.90 -8.58
H53 P1W EA . -11.20 7.84 -6.88
C1 P1W FA . -10.08 4.00 -8.54
C2 P1W FA . -9.24 3.01 -9.27
C3 P1W FA . -8.84 1.85 -8.73
C4 P1W FA . -7.96 0.84 -9.46
C5 P1W FA . -9.28 1.38 -7.33
H12 P1W FA . -11.08 4.02 -8.96
H11 P1W FA . -10.14 3.75 -7.50
H2 P1W FA . -8.74 3.40 -10.15
H41 P1W FA . -8.30 -0.16 -9.25
H42 P1W FA . -8.04 1.03 -10.53
H51 P1W FA . -8.86 0.41 -7.12
H52 P1W FA . -10.36 1.32 -7.30
H53 P1W FA . -8.94 2.08 -6.58
N ZAE A 1 4.70 16.22 9.83
CA ZAE A 1 5.95 15.42 9.64
C ZAE A 1 5.73 14.28 8.66
O ZAE A 1 5.40 14.51 7.50
CB ZAE A 1 7.08 16.32 9.14
CG ZAE A 1 8.39 15.60 8.89
CD1 ZAE A 1 8.99 15.64 7.65
CD2 ZAE A 1 9.02 14.91 9.92
CE1 ZAE A 1 10.20 15.00 7.43
CE2 ZAE A 1 10.22 14.26 9.70
CZ ZAE A 1 10.81 14.31 8.45
C10 ZAE A 1 4.83 17.15 10.97
H ZAE A 1 3.89 15.59 10.02
HA ZAE A 1 6.23 14.99 10.60
HB2 ZAE A 1 6.77 16.78 8.21
HB3 ZAE A 1 7.26 17.09 9.88
HD1 ZAE A 1 8.52 16.18 6.84
HD2 ZAE A 1 8.55 14.87 10.89
HE1 ZAE A 1 10.67 15.04 6.45
HE2 ZAE A 1 10.70 13.72 10.50
HZ ZAE A 1 11.76 13.80 8.29
H11 ZAE A 1 3.90 17.68 11.12
H12 ZAE A 1 5.62 17.85 10.79
H13 ZAE A 1 5.06 16.59 11.88
HN2 ZAE A 1 4.50 16.76 8.95
N ILE A 2 5.88 13.04 9.13
CA ILE A 2 5.75 11.88 8.26
C ILE A 2 4.87 10.82 8.88
N SER A 3 4.16 10.04 8.04
CA SER A 3 3.36 8.96 8.59
C SER A 3 3.07 7.90 7.57
N DGN A 4 2.67 6.78 8.17
CA DGN A 4 2.31 5.58 7.49
C DGN A 4 3.34 4.53 7.86
O DGN A 4 4.27 4.78 8.63
CB DGN A 4 0.87 5.14 7.84
CG DGN A 4 0.41 5.40 9.27
CD DGN A 4 -0.32 6.73 9.44
OE1 DGN A 4 -0.93 7.22 8.49
NE2 DGN A 4 -0.29 7.32 10.63
H DGN A 4 2.64 6.78 9.16
HA DGN A 4 2.38 5.76 6.43
HB2 DGN A 4 0.78 4.07 7.65
HB3 DGN A 4 0.19 5.65 7.18
HG2 DGN A 4 1.26 5.38 9.92
HG3 DGN A 4 -0.28 4.62 9.55
HE21 DGN A 4 0.20 6.88 11.36
HE22 DGN A 4 -0.77 8.16 10.74
N 28J A 5 3.19 3.39 7.24
CA 28J A 5 4.11 2.24 7.47
CB 28J A 5 5.64 2.63 7.51
CG2 28J A 5 6.41 1.66 8.40
CG1 28J A 5 6.25 2.62 6.11
CD1 28J A 5 7.71 3.07 6.05
C 28J A 5 3.89 1.17 6.41
O 28J A 5 2.95 1.33 5.57
HA 28J A 5 3.85 1.80 8.44
H22 28J A 5 5.72 3.62 7.93
H23 28J A 5 5.75 0.89 8.76
H24 28J A 5 6.83 2.20 9.24
H25 28J A 5 7.21 1.22 7.82
H26 28J A 5 6.22 1.61 5.73
H27 28J A 5 5.68 3.26 5.46
H28 28J A 5 7.82 4.01 6.56
H29 28J A 5 8.02 3.18 5.02
H30 28J A 5 8.33 2.33 6.54
N ILE A 6 4.73 0.08 6.53
CA ILE A 6 4.76 -1.08 5.63
C ILE A 6 4.83 -2.42 6.38
N SER A 7 3.89 -3.30 6.02
CA SER A 7 3.77 -4.72 6.50
C SER A 7 2.33 -5.10 6.78
N DTH A 8 2.11 -6.32 7.28
CA DTH A 8 0.73 -6.74 7.57
CB DTH A 8 0.40 -6.73 9.07
CG2 DTH A 8 0.68 -5.38 9.70
OG1 DTH A 8 1.14 -7.76 9.74
C DTH A 8 0.45 -8.16 7.08
O DTH A 8 -0.69 -8.60 7.17
H DTH A 8 2.85 -6.96 7.40
HA DTH A 8 0.07 -6.05 7.08
HB DTH A 8 -0.66 -6.94 9.19
HG21 DTH A 8 1.73 -5.12 9.56
HG22 DTH A 8 0.47 -5.41 10.76
HG23 DTH A 8 0.06 -4.62 9.25
N ALA A 9 1.49 -8.88 6.70
CA ALA A 9 1.37 -10.25 6.25
C ALA A 9 0.98 -11.16 7.37
N EI4 A 10 1.93 -11.33 8.25
CA EI4 A 10 1.71 -12.17 9.38
CB EI4 A 10 2.97 -12.98 9.69
CG EI4 A 10 2.90 -14.39 9.15
CD2 EI4 A 10 2.69 -14.37 7.56
NE2 EI4 A 10 3.95 -15.01 7.07
CE1 EI4 A 10 4.81 -15.40 8.08
ND1 EI4 A 10 4.23 -15.06 9.29
NT EI4 A 10 5.90 -16.07 7.95
C EI4 A 10 1.24 -11.31 10.53
O EI4 A 10 0.30 -11.63 11.24
H EI4 A 10 2.80 -10.87 8.14
HA EI4 A 10 0.91 -12.83 9.13
HB EI4 A 10 3.11 -13.02 10.76
HBA EI4 A 10 3.80 -12.48 9.24
HG1 EI4 A 10 2.14 -14.97 9.65
HD2 EI4 A 10 2.63 -13.36 7.19
HE EI4 A 10 4.16 -15.16 6.11
HND1 EI4 A 10 4.67 -15.23 10.16
HD1 EI4 A 10 1.82 -14.96 7.29
H1 EI4 A 10 6.21 -16.38 7.04
HH12 EI4 A 10 6.48 -16.28 8.75
N ILE A 11 1.93 -10.18 10.69
CA ILE A 11 1.56 -9.22 11.69
C ILE A 11 0.75 -8.10 11.07
N ZAE B 1 -1.70 -10.12 3.86
CA ZAE B 1 -1.11 -9.51 2.67
C ZAE B 1 -0.17 -8.47 3.14
O ZAE B 1 0.75 -8.72 3.91
CB ZAE B 1 -0.46 -10.56 1.80
CG ZAE B 1 0.44 -9.99 0.74
CD1 ZAE B 1 1.80 -10.11 0.89
CD2 ZAE B 1 -0.04 -9.42 -0.43
CE1 ZAE B 1 2.69 -9.68 -0.10
CE2 ZAE B 1 0.84 -8.98 -1.43
CZ ZAE B 1 2.21 -9.11 -1.25
C10 ZAE B 1 -2.41 -11.25 3.42
H ZAE B 1 -2.37 -9.47 4.30
HA ZAE B 1 -1.87 -9.00 2.10
HB2 ZAE B 1 0.12 -11.22 2.43
HB3 ZAE B 1 -1.25 -11.12 1.32
HD1 ZAE B 1 2.18 -10.55 1.79
HD2 ZAE B 1 -1.11 -9.30 -0.57
HE1 ZAE B 1 3.75 -9.79 0.06
HE2 ZAE B 1 0.46 -8.53 -2.33
HZ ZAE B 1 2.90 -8.78 -2.02
H11 ZAE B 1 -1.73 -12.01 3.07
H12 ZAE B 1 -3.07 -10.96 2.60
H13 ZAE B 1 -3.02 -11.65 4.23
HN2 ZAE B 1 -0.96 -10.40 4.53
N ILE B 2 -0.53 -7.29 2.74
CA ILE B 2 0.21 -6.13 3.11
C ILE B 2 -0.70 -4.95 3.16
N SER B 3 -0.19 -3.97 3.94
CA SER B 3 -0.82 -2.72 4.08
C SER B 3 0.08 -1.67 4.54
N DGN B 4 -0.33 -0.50 4.24
CA DGN B 4 0.30 0.68 4.70
C DGN B 4 0.67 1.41 3.49
O DGN B 4 0.41 1.00 2.35
CB DGN B 4 -0.53 1.55 5.71
CG DGN B 4 -1.67 0.92 6.54
CD DGN B 4 -1.21 -0.05 7.59
OE1 DGN B 4 -0.06 0.00 8.03
NE2 DGN B 4 -2.10 -0.89 8.03
H DGN B 4 -1.08 -0.42 3.56
HA DGN B 4 1.22 0.38 5.20
HB2 DGN B 4 -0.99 2.35 5.13
HB3 DGN B 4 0.14 2.00 6.41
HG2 DGN B 4 -2.38 0.43 5.89
HG3 DGN B 4 -2.17 1.72 7.07
HE21 DGN B 4 -3.01 -0.83 7.67
HE22 DGN B 4 -1.81 -1.57 8.68
N 28J B 5 1.30 2.48 3.79
CA 28J B 5 1.82 3.36 2.74
CB 28J B 5 2.76 2.58 1.75
CG2 28J B 5 2.63 3.15 0.34
CG1 28J B 5 4.26 2.62 2.12
CD1 28J B 5 5.04 1.43 1.57
C 28J B 5 2.58 4.49 3.37
O 28J B 5 2.68 4.53 4.63
HA 28J B 5 0.98 3.74 2.19
H22 28J B 5 2.44 1.55 1.71
H23 28J B 5 3.23 2.58 -0.34
H24 28J B 5 2.94 4.17 0.35
H25 28J B 5 1.58 3.09 0.05
H26 28J B 5 4.70 3.52 1.70
H27 28J B 5 4.38 2.64 3.19
H28 28J B 5 4.84 1.31 0.51
H29 28J B 5 4.75 0.53 2.10
H30 28J B 5 6.11 1.59 1.71
N ILE B 6 2.96 5.45 2.47
CA ILE B 6 3.81 6.60 2.81
C ILE B 6 3.25 7.94 2.36
N SER B 7 3.44 8.88 3.33
CA SER B 7 3.21 10.34 3.22
C SER B 7 2.52 10.96 4.42
N DTH B 8 2.12 12.26 4.26
CA DTH B 8 1.34 12.99 5.27
CB DTH B 8 -0.16 13.16 4.92
CG2 DTH B 8 -0.83 11.82 4.61
OG1 DTH B 8 -0.30 14.05 3.82
C DTH B 8 1.86 14.41 5.55
O DTH B 8 1.37 15.02 6.48
H DTH B 8 2.45 12.76 3.46
HA DTH B 8 1.40 12.42 6.19
HB DTH B 8 -0.66 13.58 5.79
HG21 DTH B 8 -0.32 11.34 3.78
HG22 DTH B 8 -1.87 11.98 4.36
HG23 DTH B 8 -0.77 11.18 5.48
N ALA B 9 2.72 14.91 4.69
CA ALA B 9 3.24 16.24 4.82
C ALA B 9 2.25 17.25 4.42
N EI4 B 10 1.98 17.30 3.15
CA EI4 B 10 1.03 18.26 2.71
CB EI4 B 10 1.37 18.79 1.32
CG EI4 B 10 1.84 20.23 1.36
CD2 EI4 B 10 3.28 20.32 2.09
NE2 EI4 B 10 4.19 20.76 0.98
CE1 EI4 B 10 3.50 20.98 -0.21
ND1 EI4 B 10 2.17 20.70 -0.02
NT EI4 B 10 4.00 21.46 -1.31
C EI4 B 10 -0.34 17.67 2.82
O EI4 B 10 -1.30 18.29 3.29
H EI4 B 10 2.36 16.64 2.51
HA EI4 B 10 1.09 19.08 3.41
HB EI4 B 10 0.51 18.73 0.68
HBA EI4 B 10 2.16 18.18 0.91
HG1 EI4 B 10 1.11 20.87 1.81
HD2 EI4 B 10 3.60 19.35 2.45
HE EI4 B 10 5.15 20.90 1.05
HND1 EI4 B 10 1.50 20.78 -0.74
HD1 EI4 B 10 3.26 21.06 2.89
H1 EI4 B 10 4.95 21.72 -1.36
HH12 EI4 B 10 3.41 21.53 -2.12
N ILE B 11 -0.42 16.42 2.42
CA ILE B 11 -1.65 15.67 2.52
C ILE B 11 -1.58 14.72 3.70
N ZAE C 1 2.52 9.96 -1.12
CA ZAE C 1 2.67 8.94 -2.19
C ZAE C 1 1.43 8.12 -2.31
O ZAE C 1 0.53 8.39 -3.11
CB ZAE C 1 3.03 9.53 -3.55
CG ZAE C 1 3.53 8.44 -4.42
CD1 ZAE C 1 2.83 8.07 -5.58
CD2 ZAE C 1 4.66 7.72 -4.05
CE1 ZAE C 1 3.28 7.00 -6.35
CE2 ZAE C 1 5.10 6.65 -4.83
CZ ZAE C 1 4.41 6.29 -5.97
C10 ZAE C 1 3.64 10.92 -1.15
H ZAE C 1 2.55 9.50 -0.20
HA ZAE C 1 3.45 8.27 -1.90
HB2 ZAE C 1 2.16 9.96 -4.01
HB3 ZAE C 1 3.80 10.28 -3.45
HD1 ZAE C 1 1.95 8.62 -5.88
HD2 ZAE C 1 5.19 7.99 -3.16
HE1 ZAE C 1 2.73 6.71 -7.24
HE2 ZAE C 1 5.97 6.09 -4.52
HZ ZAE C 1 4.74 5.46 -6.56
H11 ZAE C 1 3.45 11.67 -1.91
H12 ZAE C 1 4.55 10.40 -1.38
H13 ZAE C 1 3.74 11.42 -0.19
HN2 ZAE C 1 1.59 10.46 -1.20
N ILE C 2 1.39 7.12 -1.49
CA ILE C 2 0.28 6.22 -1.53
C ILE C 2 0.09 5.61 -0.19
N SER C 3 -1.04 5.01 -0.09
CA SER C 3 -1.40 4.41 1.12
C SER C 3 -2.41 3.34 0.84
N DGN C 4 -2.33 2.29 1.65
CA DGN C 4 -3.25 1.21 1.53
C DGN C 4 -2.56 -0.08 1.27
O DGN C 4 -1.30 -0.15 1.21
CB DGN C 4 -4.14 1.06 2.77
CG DGN C 4 -3.61 1.72 4.02
CD DGN C 4 -3.93 3.17 4.08
OE1 DGN C 4 -4.91 3.64 3.47
NE2 DGN C 4 -3.10 3.92 4.78
H DGN C 4 -1.58 2.24 2.33
HA DGN C 4 -3.88 1.42 0.69
HB2 DGN C 4 -4.26 0.00 2.98
HB3 DGN C 4 -5.10 1.48 2.55
HG2 DGN C 4 -2.54 1.60 4.05
HG3 DGN C 4 -4.05 1.23 4.88
HE21 DGN C 4 -2.34 3.48 5.22
HE22 DGN C 4 -3.28 4.90 4.84
N 28J C 5 -3.43 -1.08 1.02
CA 28J C 5 -2.97 -2.43 0.83
CB 28J C 5 -1.86 -2.53 -0.20
CG2 28J C 5 -1.04 -3.78 0.08
CG1 28J C 5 -2.48 -2.62 -1.59
CD1 28J C 5 -1.56 -2.24 -2.70
C 28J C 5 -4.08 -3.36 0.35
O 28J C 5 -5.26 -2.92 0.17
HA 28J C 5 -2.59 -2.79 1.78
H22 28J C 5 -1.22 -1.67 -0.14
H23 28J C 5 -1.19 -4.09 1.10
H24 28J C 5 0.01 -3.59 -0.10
H25 28J C 5 -1.36 -4.57 -0.58
H26 28J C 5 -2.82 -3.63 -1.76
H27 28J C 5 -3.34 -1.96 -1.62
H28 28J C 5 -1.18 -1.25 -2.54
H29 28J C 5 -2.09 -2.29 -3.64
H30 28J C 5 -0.73 -2.94 -2.72
N ILE C 6 -3.67 -4.65 0.24
CA ILE C 6 -4.50 -5.71 -0.35
C ILE C 6 -4.52 -6.99 0.47
N SER C 7 -5.75 -7.52 0.56
CA SER C 7 -6.08 -8.88 1.06
C SER C 7 -6.77 -8.83 2.41
N DTH C 8 -6.93 -9.98 3.11
CA DTH C 8 -7.63 -10.01 4.43
CB DTH C 8 -6.69 -9.97 5.68
CG2 DTH C 8 -5.63 -8.88 5.62
OG1 DTH C 8 -6.03 -11.21 5.86
C DTH C 8 -8.47 -11.28 4.58
O DTH C 8 -9.02 -11.51 5.66
H DTH C 8 -6.61 -10.82 2.72
HA DTH C 8 -8.26 -9.14 4.47
HB DTH C 8 -7.31 -9.79 6.55
HG21 DTH C 8 -5.03 -9.03 4.74
HG22 DTH C 8 -5.01 -8.96 6.51
HG23 DTH C 8 -6.11 -7.93 5.60
N ALA C 9 -8.49 -12.16 3.58
CA ALA C 9 -9.24 -13.41 3.72
C ALA C 9 -8.68 -14.32 4.79
N EI4 C 10 -7.54 -14.94 4.56
CA EI4 C 10 -7.03 -15.83 5.58
CB EI4 C 10 -6.04 -16.86 5.03
CG EI4 C 10 -6.70 -18.21 4.75
CD2 EI4 C 10 -7.86 -18.04 3.62
NE2 EI4 C 10 -7.36 -18.92 2.53
CE1 EI4 C 10 -6.15 -19.54 2.85
ND1 EI4 C 10 -5.75 -19.13 4.11
NT EI4 C 10 -5.54 -20.46 2.13
C EI4 C 10 -6.44 -15.00 6.72
O EI4 C 10 -6.63 -15.27 7.89
H EI4 C 10 -7.02 -14.79 3.73
HA EI4 C 10 -7.88 -16.36 5.99
HB EI4 C 10 -5.23 -17.01 5.71
HBA EI4 C 10 -5.65 -16.48 4.09
HG1 EI4 C 10 -7.09 -18.64 5.66
HD2 EI4 C 10 -7.93 -17.04 3.29
HE EI4 C 10 -7.78 -19.11 1.64
HND1 EI4 C 10 -4.92 -19.52 4.52
HD1 EI4 C 10 -8.80 -18.44 3.97
H1 EI4 C 10 -5.95 -20.81 1.29
HH12 EI4 C 10 -4.65 -20.84 2.42
N ILE C 11 -5.81 -13.92 6.31
CA ILE C 11 -5.18 -13.02 7.24
C ILE C 11 -5.92 -11.70 7.20
N ZAE D 1 -13.52 -11.41 4.66
CA ZAE D 1 -13.47 -11.16 3.19
C ZAE D 1 -12.17 -10.46 2.84
O ZAE D 1 -11.12 -10.78 3.37
CB ZAE D 1 -13.56 -12.48 2.41
CG ZAE D 1 -13.58 -12.28 0.92
CD1 ZAE D 1 -12.58 -12.82 0.12
CD2 ZAE D 1 -14.60 -11.53 0.32
CE1 ZAE D 1 -12.60 -12.63 -1.26
CE2 ZAE D 1 -14.62 -11.33 -1.05
CZ ZAE D 1 -13.62 -11.87 -1.84
C10 ZAE D 1 -14.85 -11.86 5.08
H ZAE D 1 -13.30 -10.53 5.17
HA ZAE D 1 -14.30 -10.53 2.92
HB2 ZAE D 1 -12.70 -13.09 2.65
HB3 ZAE D 1 -14.46 -12.99 2.68
HD1 ZAE D 1 -11.80 -13.40 0.56
HD2 ZAE D 1 -15.37 -11.10 0.94
HE1 ZAE D 1 -11.83 -13.05 -1.87
HE2 ZAE D 1 -15.41 -10.74 -1.50
HZ ZAE D 1 -13.63 -11.72 -2.90
H11 ZAE D 1 -14.85 -12.03 6.15
H12 ZAE D 1 -15.10 -12.78 4.58
H13 ZAE D 1 -15.58 -11.10 4.84
HN2 ZAE D 1 -12.78 -12.12 4.91
N ILE D 2 -12.26 -9.47 1.96
CA ILE D 2 -11.09 -8.70 1.59
C ILE D 2 -11.19 -7.33 2.15
N SER D 3 -10.05 -6.71 2.19
CA SER D 3 -10.02 -5.38 2.70
C SER D 3 -8.79 -4.69 2.15
N DGN D 4 -8.87 -3.35 2.11
CA DGN D 4 -7.74 -2.56 1.69
C DGN D 4 -7.98 -1.78 0.42
O DGN D 4 -9.05 -1.90 -0.20
CB DGN D 4 -7.35 -1.59 2.79
CG DGN D 4 -8.39 -1.33 3.88
CD DGN D 4 -8.17 -2.14 5.16
OE1 DGN D 4 -7.54 -3.19 5.13
NE2 DGN D 4 -8.66 -1.63 6.28
H DGN D 4 -9.71 -2.90 2.35
HA DGN D 4 -6.92 -3.24 1.52
HB2 DGN D 4 -7.12 -0.63 2.33
HB3 DGN D 4 -6.46 -1.96 3.27
HG2 DGN D 4 -9.36 -1.57 3.48
HG3 DGN D 4 -8.36 -0.29 4.14
HE21 DGN D 4 -9.13 -0.77 6.23
HE22 DGN D 4 -8.54 -2.13 7.11
N 28J D 5 -6.97 -1.04 0.00
CA 28J D 5 -7.15 -0.16 -1.12
CB 28J D 5 -7.88 -0.85 -2.28
CG2 28J D 5 -8.65 0.17 -3.12
CG1 28J D 5 -6.86 -1.62 -3.10
CD1 28J D 5 -7.38 -2.90 -3.67
C 28J D 5 -5.80 0.41 -1.59
O 28J D 5 -4.75 0.12 -0.94
HA 28J D 5 -7.76 0.68 -0.79
H22 28J D 5 -8.59 -1.54 -1.87
H23 28J D 5 -7.97 0.65 -3.82
H24 28J D 5 -9.08 0.92 -2.48
H25 28J D 5 -9.42 -0.33 -3.68
H26 28J D 5 -6.52 -0.99 -3.91
H27 28J D 5 -6.02 -1.86 -2.47
H28 28J D 5 -6.63 -3.33 -4.32
H29 28J D 5 -8.27 -2.68 -4.26
H30 28J D 5 -7.62 -3.57 -2.88
N ILE D 6 -5.89 1.23 -2.67
CA ILE D 6 -4.76 1.87 -3.32
C ILE D 6 -5.02 3.36 -3.56
N SER D 7 -4.04 4.16 -3.12
CA SER D 7 -3.96 5.62 -3.41
C SER D 7 -3.66 6.47 -2.19
N DTH D 8 -3.55 7.79 -2.45
CA DTH D 8 -3.27 8.75 -1.40
CB DTH D 8 -4.55 9.45 -0.88
CG2 DTH D 8 -5.60 8.45 -0.44
OG1 DTH D 8 -5.05 10.29 -1.91
C DTH D 8 -2.35 9.89 -1.87
O DTH D 8 -2.14 10.84 -1.10
H DTH D 8 -3.59 8.10 -3.40
HA DTH D 8 -2.80 8.24 -0.58
HB DTH D 8 -4.28 10.07 -0.03
HG21 DTH D 8 -5.90 7.84 -1.28
HG22 DTH D 8 -6.46 8.98 -0.06
HG23 DTH D 8 -5.19 7.81 0.34
N ALA D 9 -1.94 9.87 -3.15
CA ALA D 9 -1.10 10.91 -3.74
C ALA D 9 -1.80 12.26 -3.83
N EI4 D 10 -2.74 12.43 -4.75
CA EI4 D 10 -3.41 13.72 -4.80
CB EI4 D 10 -3.85 14.11 -6.22
CG EI4 D 10 -2.93 15.16 -6.86
CD2 EI4 D 10 -1.46 14.54 -7.08
NE2 EI4 D 10 -1.33 14.51 -8.57
CE1 EI4 D 10 -2.42 15.10 -9.22
ND1 EI4 D 10 -3.35 15.47 -8.27
NT EI4 D 10 -2.53 15.30 -10.49
C EI4 D 10 -4.57 13.70 -3.82
O EI4 D 10 -4.94 14.73 -3.23
H EI4 D 10 -3.00 11.71 -5.35
HA EI4 D 10 -2.70 14.47 -4.45
HB EI4 D 10 -4.86 14.50 -6.19
HBA EI4 D 10 -3.84 13.22 -6.83
HG1 EI4 D 10 -2.93 16.07 -6.27
HD2 EI4 D 10 -1.38 13.55 -6.67
HE EI4 D 10 -0.56 14.16 -9.04
HND1 EI4 D 10 -4.21 15.90 -8.50
HD1 EI4 D 10 -0.71 15.21 -6.66
H1 EI4 D 10 -1.79 15.03 -11.12
HH12 EI4 D 10 -3.37 15.67 -10.87
N ILE D 11 -5.09 12.52 -3.60
CA ILE D 11 -6.18 12.32 -2.66
C ILE D 11 -5.73 11.48 -1.50
N ALA E 1 10.67 -15.80 6.07
CA ALA E 1 10.78 -17.16 5.49
C ALA E 1 9.42 -17.88 5.58
N DGL E 2 9.00 -17.93 6.85
CA DGL E 2 7.59 -18.55 7.13
C DGL E 2 6.62 -18.22 5.85
O DGL E 2 6.37 -17.07 5.63
CB DGL E 2 7.59 -20.04 7.15
CG DGL E 2 8.93 -20.73 6.64
CD DGL E 2 8.71 -21.63 5.41
OE1 DGL E 2 9.34 -22.69 5.29
H DGL E 2 9.46 -17.55 7.58
HB2 DGL E 2 6.76 -20.38 6.55
HB3 DGL E 2 7.43 -20.33 8.17
HG2 DGL E 2 9.30 -21.36 7.44
HG3 DGL E 2 9.69 -19.99 6.40
N LYS E 3 7.87 -21.19 4.50
CA LYS E 3 7.55 -21.91 3.28
C LYS E 3 6.74 -23.23 3.49
N DAL E 4 5.69 -23.00 4.35
CA DAL E 4 4.53 -23.95 4.79
CB DAL E 4 4.83 -25.61 4.91
C DAL E 4 3.26 -23.18 4.00
O DAL E 4 2.67 -23.66 3.03
H DAL E 4 5.67 -22.08 4.71
HA DAL E 4 4.47 -24.26 4.29
HB1 DAL E 4 4.99 -26.05 3.93
HB2 DAL E 4 4.03 -26.14 5.40
HB3 DAL E 4 5.77 -25.81 5.51
N DAL E 5 2.94 -21.96 4.54
CA DAL E 5 1.81 -20.92 4.03
CB DAL E 5 0.63 -21.83 3.69
C DAL E 5 2.15 -20.17 2.60
O DAL E 5 1.83 -18.94 2.32
OXT DAL E 5 3.36 -20.52 2.24
H DAL E 5 3.67 -21.54 5.09
HA DAL E 5 2.52 -20.90 3.77
HB1 DAL E 5 0.94 -22.50 2.95
HB2 DAL E 5 -0.21 -21.25 3.31
HB3 DAL E 5 0.28 -22.39 4.58
N ALA F 1 7.38 19.90 -4.40
CA ALA F 1 7.92 21.25 -4.40
C ALA F 1 7.24 22.10 -3.32
N DGL F 2 7.89 23.27 -3.09
CA DGL F 2 7.50 24.16 -1.95
C DGL F 2 6.18 24.51 -2.81
O DGL F 2 6.22 25.23 -3.95
CB DGL F 2 7.18 23.31 -0.79
CG DGL F 2 7.66 23.62 0.65
CD DGL F 2 8.72 22.57 1.08
OE1 DGL F 2 8.41 21.54 1.68
H DGL F 2 8.73 23.44 -3.58
HB2 DGL F 2 7.47 22.35 -1.06
HB3 DGL F 2 6.10 23.39 -0.77
HG2 DGL F 2 6.80 23.53 1.32
HG3 DGL F 2 8.06 24.61 0.73
N LYS F 3 9.98 22.89 0.80
CA LYS F 3 11.17 22.06 1.12
C LYS F 3 12.53 22.84 1.32
N DAL F 4 12.96 22.70 2.63
CA DAL F 4 14.29 23.18 3.34
CB DAL F 4 15.07 24.60 2.85
C DAL F 4 15.01 21.71 3.65
O DAL F 4 15.79 21.15 2.88
H DAL F 4 12.34 22.19 3.20
HA DAL F 4 14.62 23.14 2.87
HB1 DAL F 4 15.66 24.40 1.96
HB2 DAL F 4 15.73 25.00 3.61
HB3 DAL F 4 14.34 25.41 2.59
N DAL F 5 14.62 21.13 4.83
CA DAL F 5 15.14 19.82 5.50
CB DAL F 5 16.67 20.24 5.72
C DAL F 5 14.78 18.76 4.31
O DAL F 5 13.73 18.85 3.71
OXT DAL F 5 15.72 17.89 3.96
H DAL F 5 13.86 21.58 5.31
HA DAL F 5 15.67 19.08 5.45
HB1 DAL F 5 16.73 21.10 6.27
HB2 DAL F 5 17.08 20.37 4.72
HB3 DAL F 5 17.24 19.40 6.19
N ALA G 1 -1.67 -19.81 -1.29
CA ALA G 1 -1.77 -21.27 -1.56
C ALA G 1 -3.16 -21.81 -1.26
N DGL G 2 -3.17 -23.14 -1.11
CA DGL G 2 -4.48 -23.87 -0.75
C DGL G 2 -5.15 -23.08 0.52
O DGL G 2 -4.62 -23.20 1.55
CB DGL G 2 -5.57 -23.72 -1.78
CG DGL G 2 -5.14 -24.03 -3.25
CD DGL G 2 -5.65 -23.01 -4.27
OE1 DGL G 2 -5.90 -23.35 -5.43
H DGL G 2 -2.39 -23.67 -1.17
HB2 DGL G 2 -5.94 -22.71 -1.71
HB3 DGL G 2 -6.37 -24.40 -1.49
HG2 DGL G 2 -5.55 -25.00 -3.51
HG3 DGL G 2 -4.05 -24.10 -3.33
N LYS G 3 -5.76 -21.78 -3.84
CA LYS G 3 -6.21 -20.67 -4.67
C LYS G 3 -7.50 -20.96 -5.50
N DAL G 4 -8.55 -21.18 -4.64
CA DAL G 4 -10.08 -21.41 -4.94
CB DAL G 4 -10.67 -22.96 -5.25
C DAL G 4 -10.41 -19.99 -5.74
O DAL G 4 -10.43 -19.90 -6.98
H DAL G 4 -8.30 -21.17 -3.69
HA DAL G 4 -10.03 -21.60 -5.50
HB1 DAL G 4 -10.30 -23.66 -4.52
HB2 DAL G 4 -10.37 -23.31 -6.24
HB3 DAL G 4 -11.79 -22.99 -5.21
N DAL G 5 -10.62 -18.91 -4.93
CA DAL G 5 -11.07 -17.46 -5.30
CB DAL G 5 -12.50 -17.82 -5.93
C DAL G 5 -9.85 -17.08 -6.32
O DAL G 5 -10.08 -16.54 -7.38
OXT DAL G 5 -8.60 -17.22 -5.86
H DAL G 5 -10.40 -19.06 -3.97
HA DAL G 5 -11.28 -16.84 -5.95
HB1 DAL G 5 -12.41 -18.13 -6.90
HB2 DAL G 5 -13.08 -16.91 -5.85
HB3 DAL G 5 -13.02 -18.59 -5.30
N ALA H 1 -2.73 12.05 -14.11
CA ALA H 1 -1.85 12.90 -14.94
C ALA H 1 -0.93 13.75 -14.08
N DGL H 2 -0.12 14.63 -14.79
CA DGL H 2 0.68 15.63 -14.07
C DGL H 2 0.02 16.48 -12.93
O DGL H 2 -1.14 16.29 -12.55
CB DGL H 2 1.77 14.88 -13.19
CG DGL H 2 2.99 15.75 -12.74
CD DGL H 2 3.53 16.61 -13.90
OE1 DGL H 2 4.49 16.23 -14.57
H DGL H 2 -0.27 14.73 -15.74
HA DGL H 2 -0.23 15.58 -13.87
HB2 DGL H 2 2.08 14.03 -13.75
HB3 DGL H 2 1.24 14.53 -12.29
HG2 DGL H 2 3.78 15.09 -12.43
HG3 DGL H 2 2.73 16.41 -11.91
N LYS H 3 2.95 17.77 -14.05
CA LYS H 3 3.29 18.74 -15.09
C LYS H 3 4.36 19.79 -14.66
N DAL H 4 5.31 19.92 -15.64
CA DAL H 4 6.52 20.91 -15.74
CB DAL H 4 6.39 22.54 -15.38
C DAL H 4 7.28 20.18 -17.00
O DAL H 4 7.11 20.58 -18.23
H DAL H 4 5.20 19.30 -16.41
HA DAL H 4 6.26 21.25 -16.18
HB1 DAL H 4 5.83 22.67 -14.46
HB2 DAL H 4 5.91 23.11 -16.16
HB3 DAL H 4 7.41 23.01 -15.22
N DAL H 5 8.13 19.05 -16.62
CA DAL H 5 8.91 18.23 -17.80
CB DAL H 5 9.76 19.53 -18.13
C DAL H 5 7.87 17.93 -18.73
O DAL H 5 6.83 17.45 -18.19
OXT DAL H 5 8.27 17.67 -19.85
H DAL H 5 7.92 18.72 -15.73
HA DAL H 5 9.60 17.11 -17.70
HB1 DAL H 5 10.45 19.56 -17.27
HB2 DAL H 5 9.11 20.29 -18.14
HB3 DAL H 5 10.42 19.57 -19.06
C1 MUB I . 7.71 -11.97 6.89
C2 MUB I . 9.23 -11.84 7.12
C3 MUB I . 9.97 -12.06 5.81
C4 MUB I . 9.23 -13.11 4.95
C5 MUB I . 7.84 -12.57 4.56
C6 MUB I . 6.81 -13.69 4.48
C7 MUB I . 10.11 -9.60 6.97
C8 MUB I . 10.51 -8.32 7.70
C9 MUB I . 11.49 -13.62 6.90
C10 MUB I . 11.74 -14.97 6.23
C11 MUB I . 11.71 -13.45 8.44
O1 MUB I . 7.03 -11.16 7.80
O3 MUB I . 11.34 -12.44 6.06
O4 MUB I . 10.01 -13.52 3.79
O5 MUB I . 7.39 -11.59 5.54
O6 MUB I . 6.95 -14.59 5.57
O7 MUB I . 10.04 -9.62 5.73
O10 MUB I . 12.86 -15.20 5.77
N2 MUB I . 9.61 -10.57 7.72
H1 MUB I . 7.35 -12.99 7.07
H2 MUB I . 9.45 -12.57 7.94
HN2 MUB I . 9.69 -10.52 8.71
H81 MUB I . 11.25 -8.56 8.46
H82 MUB I . 9.65 -7.89 8.18
H83 MUB I . 10.91 -7.62 6.97
H3 MUB I . 10.14 -11.11 5.30
H9 MUB I . 10.44 -13.93 6.79
H111 MUB I . 11.72 -14.44 8.95
H112 MUB I . 10.92 -12.90 8.84
H113 MUB I . 12.64 -12.90 8.62
H4 MUB I . 9.32 -14.09 5.41
H5 MUB I . 7.88 -12.19 3.56
H61 MUB I . 7.10 -14.29 3.59
H62 MUB I . 5.76 -13.32 4.36
HO6 MUB I . 6.70 -15.50 5.35
C1 NAG I . 10.91 -12.55 3.23
C2 NAG I . 11.49 -13.09 1.93
C3 NAG I . 12.48 -12.11 1.34
C4 NAG I . 11.83 -10.73 1.22
C5 NAG I . 11.20 -10.30 2.54
C6 NAG I . 10.44 -8.98 2.41
C7 NAG I . 13.26 -14.52 2.77
C8 NAG I . 13.75 -15.98 2.90
N2 NAG I . 12.10 -14.40 2.14
O3 NAG I . 12.87 -12.56 0.05
O4 NAG I . 12.80 -9.78 0.82
O5 NAG I . 10.26 -11.29 3.00
O6 NAG I . 9.84 -8.86 1.13
O7 NAG I . 14.08 -13.60 2.83
H1 NAG I . 11.67 -12.46 4.03
H2 NAG I . 10.90 -13.44 1.13
H3 NAG I . 13.37 -12.01 1.97
H4 NAG I . 11.15 -10.85 0.33
H5 NAG I . 11.93 -10.10 3.33
H61 NAG I . 11.10 -8.11 2.52
H62 NAG I . 9.70 -8.93 3.22
H81 NAG I . 14.63 -15.99 3.54
H82 NAG I . 13.99 -16.37 1.94
H83 NAG I . 12.95 -16.57 3.34
HN2 NAG I . 11.50 -15.16 2.12
HO3 NAG I . 13.39 -11.89 -0.38
HO4 NAG I . 12.34 -9.01 0.44
HO6 NAG I . 8.90 -9.04 1.27
C1 MUB J . 5.52 16.75 -1.44
C2 MUB J . 5.73 16.36 -2.92
C3 MUB J . 7.25 16.33 -3.21
C4 MUB J . 7.96 17.44 -2.42
C5 MUB J . 7.84 17.16 -0.92
C6 MUB J . 7.71 18.46 -0.13
C7 MUB J . 5.84 13.98 -3.33
C8 MUB J . 5.12 12.69 -3.72
C9 MUB J . 6.96 17.62 -5.22
C10 MUB J . 7.73 18.94 -5.29
C11 MUB J . 5.63 17.50 -6.03
O1 MUB J . 4.37 16.10 -0.95
O3 MUB J . 7.52 16.43 -4.63
O4 MUB J . 9.34 17.59 -2.86
O5 MUB J . 6.65 16.35 -0.65
O6 MUB J . 6.46 19.07 -0.39
O7 MUB J . 6.96 13.92 -2.81
O10 MUB J . 8.57 19.10 -6.19
N2 MUB J . 5.11 15.09 -3.26
H1 MUB J . 5.35 17.82 -1.33
H2 MUB J . 5.14 17.08 -3.53
HN2 MUB J . 4.22 15.11 -3.70
H81 MUB J . 5.73 11.85 -3.41
H82 MUB J . 4.99 12.68 -4.77
H83 MUB J . 4.15 12.68 -3.23
H3 MUB J . 7.65 15.32 -3.03
H9 MUB J . 6.67 18.01 -4.26
H111 MUB J . 5.70 16.71 -6.79
H112 MUB J . 5.48 18.41 -6.54
H113 MUB J . 4.79 17.35 -5.35
H4 MUB J . 7.73 18.44 -2.79
H5 MUB J . 8.74 16.69 -0.60
H61 MUB J . 8.45 19.15 -0.59
H62 MUB J . 7.91 18.32 0.96
HO6 MUB J . 5.74 18.79 0.21
C1 NAG J . 10.05 16.37 -3.20
C2 NAG J . 11.54 16.67 -3.35
C3 NAG J . 12.27 15.41 -3.77
C4 NAG J . 11.95 14.28 -2.80
C5 NAG J . 10.44 14.10 -2.63
C6 NAG J . 10.11 13.06 -1.57
C7 NAG J . 11.43 17.63 -5.60
C8 NAG J . 11.73 18.88 -6.44
N2 NAG J . 11.76 17.75 -4.32
O3 NAG J . 13.66 15.66 -3.78
O4 NAG J . 12.51 13.07 -3.27
O5 NAG J . 9.85 15.35 -2.22
O6 NAG J . 10.45 13.51 -0.27
O7 NAG J . 11.29 16.53 -6.15
H1 NAG J . 9.59 16.09 -4.17
H2 NAG J . 12.05 17.12 -2.56
H3 NAG J . 11.98 15.08 -4.78
H4 NAG J . 12.57 14.52 -1.90
H5 NAG J . 9.95 13.73 -3.53
H61 NAG J . 10.66 12.12 -1.70
H62 NAG J . 9.04 12.82 -1.66
H81 NAG J . 11.49 18.67 -7.48
H82 NAG J . 12.76 19.13 -6.35
H83 NAG J . 11.12 19.71 -6.07
HN2 NAG J . 11.84 18.63 -3.93
HO3 NAG J . 13.90 16.27 -4.46
HO4 NAG J . 13.42 13.26 -3.56
HO6 NAG J . 10.09 14.41 -0.21
C1 MUB K . -4.08 -15.96 -0.10
C2 MUB K . -2.57 -15.86 -0.41
C3 MUB K . -2.34 -16.28 -1.84
C4 MUB K . -3.29 -17.36 -2.34
C5 MUB K . -4.74 -16.88 -2.26
C6 MUB K . -5.71 -18.00 -1.86
C7 MUB K . -2.19 -13.60 -1.13
C8 MUB K . -1.66 -12.21 -0.83
C9 MUB K . -0.53 -17.63 -1.02
C10 MUB K . -0.50 -19.11 -1.38
C11 MUB K . 0.16 -17.11 0.29
O1 MUB K . -4.39 -14.94 0.79
O3 MUB K . -0.95 -16.67 -2.01
O4 MUB K . -2.93 -17.79 -3.68
O5 MUB K . -4.86 -15.78 -1.30
O6 MUB K . -5.34 -18.59 -0.63
O7 MUB K . -2.67 -13.86 -2.25
O10 MUB K . 0.54 -19.59 -1.84
N2 MUB K . -2.09 -14.51 -0.17
H1 MUB K . -4.29 -16.94 0.37
H2 MUB K . -2.10 -16.47 0.39
HN2 MUB K . -1.68 -14.26 0.69
H81 MUB K . -0.66 -12.28 -0.44
H82 MUB K . -2.30 -11.73 -0.11
H83 MUB K . -1.68 -11.63 -1.75
H3 MUB K . -2.39 -15.41 -2.51
H9 MUB K . -1.53 -17.91 -0.73
H111 MUB K . 0.84 -16.26 0.08
H112 MUB K . 0.75 -17.89 0.69
H113 MUB K . -0.59 -16.85 1.04
H4 MUB K . -3.02 -18.33 -1.90
H5 MUB K . -5.10 -16.61 -3.23
H61 MUB K . -5.52 -18.80 -2.60
H62 MUB K . -6.80 -17.74 -1.91
HO6 MUB K . -5.08 -19.53 -0.73
C1 NAG K . -2.42 -16.76 -4.56
C2 NAG K . -2.09 -17.36 -5.92
C3 NAG K . -1.47 -16.30 -6.81
C4 NAG K . -2.38 -15.08 -6.86
C5 NAG K . -2.73 -14.59 -5.45
C6 NAG K . -3.73 -13.44 -5.47
C7 NAG K . 0.06 -18.38 -5.37
C8 NAG K . 0.82 -19.71 -5.27
N2 NAG K . -1.20 -18.52 -5.77
O3 NAG K . -1.31 -16.83 -8.12
O4 NAG K . -1.75 -14.04 -7.57
O5 NAG K . -3.32 -15.66 -4.69
O6 NAG K . -5.01 -13.87 -5.91
O7 NAG K . 0.69 -17.33 -5.48
H1 NAG K . -1.50 -16.46 -4.03
H2 NAG K . -2.82 -17.88 -6.48
H3 NAG K . -0.49 -15.97 -6.44
H4 NAG K . -3.22 -15.39 -7.55
H5 NAG K . -1.88 -14.19 -4.91
H61 NAG K . -3.44 -12.64 -6.18
H62 NAG K . -3.76 -12.99 -4.47
H81 NAG K . 0.88 -20.16 -6.26
H82 NAG K . 0.29 -20.37 -4.61
H83 NAG K . 1.82 -19.52 -4.88
HN2 NAG K . -1.65 -19.37 -5.66
HO3 NAG K . -0.61 -17.47 -8.13
HO4 NAG K . -1.37 -14.42 -8.37
HO6 NAG K . -5.21 -14.66 -5.39
C1 MUB L . -3.33 10.12 -9.85
C2 MUB L . -4.30 9.70 -10.95
C3 MUB L . -3.50 9.05 -12.08
C4 MUB L . -2.10 9.68 -12.23
C5 MUB L . -1.28 9.44 -10.96
C6 MUB L . -0.35 10.62 -10.65
C7 MUB L . -5.18 7.48 -10.54
C8 MUB L . -6.32 6.62 -10.03
C9 MUB L . -4.62 10.49 -13.66
C10 MUB L . -3.74 11.27 -14.64
C11 MUB L . -6.03 11.04 -13.24
O1 MUB L . -3.97 10.05 -8.62
O3 MUB L . -4.25 9.14 -13.32
O4 MUB L . -1.41 9.22 -13.42
O5 MUB L . -2.17 9.25 -9.81
O6 MUB L . -1.06 11.84 -10.70
O7 MUB L . -4.09 6.98 -10.82
O10 MUB L . -3.92 11.11 -15.84
N2 MUB L . -5.33 8.80 -10.45
H1 MUB L . -2.99 11.16 -10.01
H2 MUB L . -4.86 10.63 -11.18
HN2 MUB L . -6.22 9.17 -10.23
H81 MUB L . -6.06 5.57 -10.17
H82 MUB L . -7.20 6.84 -10.57
H83 MUB L . -6.47 6.84 -8.97
H3 MUB L . -3.45 7.97 -11.94
H9 MUB L . -3.91 10.95 -12.96
H111 MUB L . -6.81 10.26 -13.37
H112 MUB L . -6.28 11.84 -13.86
H113 MUB L . -5.99 11.42 -12.21
H4 MUB L . -2.20 10.69 -12.61
H5 MUB L . -0.61 8.60 -11.08
H61 MUB L . 0.35 10.67 -11.51
H62 MUB L . 0.23 10.49 -9.71
HO6 MUB L . -0.78 12.43 -11.42
C1 NAG L . -1.68 7.86 -13.83
C2 NAG L . -0.74 7.50 -14.99
C3 NAG L . -1.03 6.08 -15.47
C4 NAG L . -0.99 5.13 -14.28
C5 NAG L . -1.89 5.60 -13.15
C6 NAG L . -1.78 4.71 -11.91
C7 NAG L . -1.98 8.56 -16.81
C8 NAG L . -1.92 9.64 -17.90
N2 NAG L . -0.87 8.46 -16.08
O3 NAG L . -0.04 5.72 -16.42
O4 NAG L . -1.40 3.84 -14.70
O5 NAG L . -1.52 6.94 -12.75
O6 NAG L . -0.43 4.60 -11.48
O7 NAG L . -2.79 7.62 -16.90
H1 NAG L . -2.73 7.92 -14.15
H2 NAG L . 0.30 7.60 -14.90
H3 NAG L . -2.01 6.00 -15.93
H4 NAG L . 0.12 5.02 -14.08
H5 NAG L . -2.95 5.57 -13.39
H61 NAG L . -2.11 3.68 -12.10
H62 NAG L . -2.43 5.13 -11.13
H81 NAG L . -1.07 9.43 -18.56
H82 NAG L . -1.79 10.59 -17.44
H83 NAG L . -2.85 9.62 -18.47
HN2 NAG L . -0.26 9.22 -16.04
HO3 NAG L . -0.12 6.25 -17.20
HO4 NAG L . -0.92 3.61 -15.50
HO6 NAG L . -0.15 5.50 -11.26
P 2PO M . 5.40 -11.06 7.70
O1P 2PO M . 4.87 -10.36 8.89
O2P 2PO M . 4.86 -12.43 7.42
O3P 2PO M . 5.15 -10.16 6.40
P 2PO N . 5.53 -8.62 6.41
O1P 2PO N . 4.30 -7.83 6.77
O2P 2PO N . 6.74 -8.46 7.24
O3P 2PO N . 5.90 -8.36 4.88
C1 P1W O . 7.27 -8.14 4.46
C2 P1W O . 7.30 -7.63 3.03
C3 P1W O . 6.88 -8.30 1.96
C4 P1W O . 6.91 -7.67 0.59
C5 P1W O . 6.33 -9.73 2.00
H12 P1W O . 7.73 -7.44 5.12
H11 P1W O . 7.79 -9.08 4.50
H2 P1W O . 7.39 -6.56 2.97
H41 P1W O . 7.84 -7.13 0.49
H42 P1W O . 6.88 -8.45 -0.16
H51 P1W O . 5.67 -9.85 2.85
H52 P1W O . 7.15 -10.43 2.09
H53 P1W O . 5.78 -9.94 1.09
C1 P1W P . 5.74 -6.70 0.36
C2 P1W P . 6.16 -5.67 -0.62
C3 P1W P . 5.93 -5.75 -1.92
C4 P1W P . 6.44 -4.68 -2.84
C5 P1W P . 5.09 -6.85 -2.57
H12 P1W P . 5.48 -6.21 1.30
H11 P1W P . 4.90 -7.24 -0.01
H2 P1W P . 6.92 -5.00 -0.24
H41 P1W P . 7.53 -4.60 -2.77
H42 P1W P . 6.16 -4.91 -3.87
H51 P1W P . 5.62 -7.79 -2.51
H52 P1W P . 4.92 -6.59 -3.61
H53 P1W P . 4.15 -6.93 -2.06
C1 P1W Q . 11.83 7.33 6.35
C2 P1W Q . 12.93 6.32 6.19
C3 P1W Q . 13.42 5.96 5.01
C4 P1W Q . 14.54 4.91 4.82
C5 P1W Q . 12.94 6.57 3.71
H12 P1W Q . 11.90 7.78 7.34
H11 P1W Q . 11.92 8.09 5.61
H2 P1W Q . 13.26 5.87 7.11
H43 P1W Q . 14.35 4.32 3.93
H41 P1W Q . 14.59 4.26 5.67
H42 P1W Q . 15.50 5.42 4.71
H51 P1W Q . 13.24 7.61 3.67
H52 P1W Q . 11.87 6.50 3.66
H53 P1W Q . 13.38 6.04 2.87
C1 P1W R . 5.80 -3.34 -2.43
C2 P1W R . 4.30 -3.41 -2.58
C3 P1W R . 3.66 -2.97 -3.66
C4 P1W R . 2.17 -3.03 -3.90
C5 P1W R . 4.45 -2.41 -4.84
H12 P1W R . 6.19 -2.55 -3.08
H11 P1W R . 6.05 -3.13 -1.41
H2 P1W R . 3.79 -3.98 -1.82
H43 P1W R . 1.85 -2.16 -4.44
H41 P1W R . 1.66 -3.07 -2.94
H42 P1W R . 1.93 -3.91 -4.46
H51 P1W R . 4.93 -1.50 -4.54
H52 P1W R . 3.79 -2.22 -5.66
H53 P1W R . 5.20 -3.13 -5.15
P 2PO S . 3.91 16.31 0.60
O1P 2PO S . 2.52 15.82 0.78
O2P 2PO S . 4.21 17.71 1.00
O3P 2PO S . 4.90 15.36 1.43
P 2PO T . 4.74 13.77 1.37
O1P 2PO T . 3.93 13.30 2.53
O2P 2PO T . 4.31 13.40 0.01
O3P 2PO T . 6.25 13.31 1.56
C1 P1W U . 7.00 13.86 2.63
C2 P1W U . 8.09 12.92 3.01
C3 P1W U . 7.84 11.69 3.44
C4 P1W U . 8.93 10.72 3.80
C5 P1W U . 6.43 11.18 3.64
H12 P1W U . 7.39 14.81 2.34
H11 P1W U . 6.33 13.98 3.47
H2 P1W U . 9.03 13.14 2.54
H41 P1W U . 9.23 10.17 2.90
H42 P1W U . 9.79 11.26 4.18
H51 P1W U . 5.73 11.97 3.36
H52 P1W U . 6.28 10.91 4.67
H53 P1W U . 6.27 10.32 3.01
C1 P1W V . -9.32 -9.83 -4.55
C2 P1W V . -9.95 -8.48 -4.56
C3 P1W V . -10.51 -8.00 -5.66
C4 P1W V . -11.08 -6.58 -5.80
C5 P1W V . -10.71 -8.84 -6.94
H12 P1W V . -10.02 -10.59 -4.22
H11 P1W V . -8.92 -10.07 -5.51
H2 P1W V . -9.52 -7.79 -3.84
H41 P1W V . -11.77 -6.56 -6.63
H42 P1W V . -11.61 -6.30 -4.89
H51 P1W V . -11.08 -9.83 -6.66
H52 P1W V . -9.77 -8.96 -7.45
H53 P1W V . -11.42 -8.37 -7.59
C1 P1W W . -9.96 -5.57 -6.07
C2 P1W W . -10.51 -4.18 -6.17
C3 P1W W . -9.85 -3.14 -6.65
C4 P1W W . -10.35 -1.68 -6.78
C5 P1W W . -8.41 -3.28 -7.17
H12 P1W W . -9.49 -5.83 -7.01
H11 P1W W . -9.24 -5.61 -5.28
H2 P1W W . -11.48 -4.05 -5.71
H43 P1W W . -9.73 -1.01 -6.22
H41 P1W W . -11.37 -1.62 -6.39
H42 P1W W . -10.36 -1.39 -7.81
H51 P1W W . -8.37 -4.06 -7.91
H52 P1W W . -7.77 -3.53 -6.34
H53 P1W W . -8.09 -2.35 -7.60
C1 P1W X . 5.34 2.49 -5.35
C2 P1W X . 4.90 1.39 -4.42
C3 P1W X . 4.92 1.48 -3.11
C4 P1W X . 4.46 0.38 -2.13
C5 P1W X . 5.43 2.73 -2.41
H12 P1W X . 4.73 3.36 -5.18
H11 P1W X . 6.37 2.72 -5.16
H2 P1W X . 4.59 0.48 -4.91
H43 P1W X . 3.56 0.68 -1.62
H41 P1W X . 5.25 0.21 -1.40
H42 P1W X . 4.29 -0.54 -2.67
H51 P1W X . 4.58 3.31 -2.05
H52 P1W X . 6.00 3.32 -3.11
H53 P1W X . 6.05 2.45 -1.57
C1 P1W Y . 8.47 9.70 4.86
C2 P1W Y . 9.50 8.63 5.05
C3 P1W Y . 9.40 7.69 6.00
C4 P1W Y . 10.46 6.65 6.21
C5 P1W Y . 8.20 7.59 6.95
H12 P1W Y . 7.54 9.26 4.54
H11 P1W Y . 8.32 10.24 5.79
H2 P1W Y . 10.47 8.87 4.62
H41 P1W Y . 10.25 6.09 7.13
H42 P1W Y . 10.48 5.98 5.37
H51 P1W Y . 8.55 7.61 7.97
H52 P1W Y . 7.68 6.65 6.77
H53 P1W Y . 7.52 8.41 6.78
P 2PO Z . -5.69 -15.10 1.75
O1P 2PO Z . -5.55 -14.26 2.96
O2P 2PO Z . -5.99 -16.55 1.91
O3P 2PO Z . -6.77 -14.45 0.80
P 2PO AA . -6.42 -13.03 0.21
O1P 2PO AA . -7.39 -12.01 0.72
O2P 2PO AA . -4.96 -12.79 0.42
O3P 2PO AA . -6.70 -13.20 -1.35
C1 P1W BA . -8.05 -13.22 -1.78
C2 P1W BA . -8.37 -11.82 -2.29
C3 P1W BA . -7.73 -11.14 -3.22
C4 P1W BA . -8.18 -9.73 -3.58
C5 P1W BA . -6.52 -11.67 -3.96
H12 P1W BA . -8.15 -13.96 -2.57
H11 P1W BA . -8.68 -13.49 -0.93
H2 P1W BA . -9.35 -11.49 -2.04
H41 P1W BA . -8.49 -9.18 -2.72
H42 P1W BA . -7.37 -9.21 -4.08
H51 P1W BA . -6.18 -12.58 -3.47
H52 P1W BA . -5.74 -10.94 -3.97
H53 P1W BA . -6.81 -11.91 -4.97
P 2PO CA . -3.16 10.44 -7.27
O1P 2PO CA . -4.09 10.48 -6.12
O2P 2PO CA . -2.33 11.65 -7.55
O3P 2PO CA . -2.19 9.19 -7.11
P 2PO DA . -2.74 7.79 -6.57
O1P 2PO DA . -2.79 7.86 -5.07
O2P 2PO DA . -3.99 7.45 -7.30
O3P 2PO DA . -1.59 6.77 -7.00
C1 P1W EA . -0.97 6.89 -8.29
C2 P1W EA . 0.10 5.80 -8.44
C3 P1W EA . -0.12 4.46 -8.39
C4 P1W EA . 1.02 3.46 -8.56
C5 P1W EA . -1.51 3.82 -8.22
H12 P1W EA . -1.73 6.77 -9.05
H11 P1W EA . -0.51 7.85 -8.36
H2 P1W EA . 1.04 6.16 -8.80
H41 P1W EA . 0.73 2.68 -9.26
H42 P1W EA . 1.90 3.98 -8.95
H51 P1W EA . -2.28 4.53 -8.52
H52 P1W EA . -1.66 3.54 -7.19
H53 P1W EA . -1.59 2.94 -8.85
C1 P1W FA . 1.39 2.79 -7.23
C2 P1W FA . 2.86 2.90 -7.02
C3 P1W FA . 3.71 1.87 -7.09
C4 P1W FA . 5.18 2.05 -6.80
C5 P1W FA . 3.30 0.44 -7.44
H12 P1W FA . 1.11 1.75 -7.26
H11 P1W FA . 0.87 3.29 -6.44
H2 P1W FA . 3.15 3.80 -6.47
H41 P1W FA . 5.71 1.13 -6.97
H42 P1W FA . 5.58 2.82 -7.45
H51 P1W FA . 2.57 0.09 -6.72
H52 P1W FA . 4.17 -0.20 -7.41
H53 P1W FA . 2.87 0.41 -8.43
N ZAE A 1 12.88 13.09 4.48
CA ZAE A 1 12.87 11.92 3.56
C ZAE A 1 11.46 11.63 3.11
O ZAE A 1 10.78 12.51 2.59
CB ZAE A 1 13.73 12.22 2.32
CG ZAE A 1 14.00 11.04 1.43
CD1 ZAE A 1 13.78 11.13 0.06
CD2 ZAE A 1 14.50 9.86 1.94
CE1 ZAE A 1 14.06 10.06 -0.78
CE2 ZAE A 1 14.78 8.79 1.12
CZ ZAE A 1 14.56 8.89 -0.24
C10 ZAE A 1 14.19 13.25 5.14
H ZAE A 1 12.17 12.95 5.22
HA ZAE A 1 13.27 11.05 4.07
HB2 ZAE A 1 13.23 12.98 1.74
HB3 ZAE A 1 14.69 12.60 2.64
HD1 ZAE A 1 13.39 12.05 -0.36
HD2 ZAE A 1 14.66 9.78 3.01
HE1 ZAE A 1 13.90 10.14 -1.85
HE2 ZAE A 1 15.17 7.88 1.54
HZ ZAE A 1 14.79 8.05 -0.89
H11 ZAE A 1 14.95 13.45 4.40
H12 ZAE A 1 14.44 12.35 5.68
H13 ZAE A 1 14.15 14.08 5.84
HN2 ZAE A 1 12.64 13.95 3.94
N ILE A 2 11.02 10.43 3.35
CA ILE A 2 9.69 10.03 2.94
C ILE A 2 8.81 9.51 4.12
N SER A 3 7.47 9.46 3.91
CA SER A 3 6.50 9.01 4.91
C SER A 3 5.74 7.80 4.43
N DGN A 4 5.67 6.81 5.24
CA DGN A 4 4.87 5.65 4.88
C DGN A 4 5.46 4.41 5.45
O DGN A 4 6.48 4.44 6.16
CB DGN A 4 3.38 5.78 5.28
CG DGN A 4 3.11 6.03 6.77
CD DGN A 4 1.65 5.78 7.17
OE1 DGN A 4 0.80 6.66 7.08
NE2 DGN A 4 1.37 4.56 7.60
H DGN A 4 6.16 6.82 6.09
HA DGN A 4 4.93 5.55 3.81
HB2 DGN A 4 2.88 4.88 5.00
HB3 DGN A 4 2.95 6.60 4.72
HG2 DGN A 4 3.35 7.06 7.01
HG3 DGN A 4 3.72 5.38 7.35
HE21 DGN A 4 2.09 3.89 7.62
HE22 DGN A 4 0.46 4.38 7.91
N 28J A 5 4.78 3.34 5.16
CA 28J A 5 5.22 2.05 5.65
CB 28J A 5 6.74 1.82 5.35
CG2 28J A 5 7.34 0.93 6.43
CG1 28J A 5 6.96 1.20 3.97
CD1 28J A 5 7.29 2.19 2.88
C 28J A 5 4.46 0.91 5.02
O 28J A 5 3.54 1.10 4.21
HA 28J A 5 5.09 2.03 6.70
H22 28J A 5 7.24 2.77 5.40
H23 28J A 5 6.93 -0.07 6.34
H24 28J A 5 7.10 1.33 7.41
H25 28J A 5 8.41 0.88 6.32
H26 28J A 5 7.76 0.49 4.03
H27 28J A 5 6.05 0.68 3.69
H28 28J A 5 7.41 1.66 1.94
H29 28J A 5 8.20 2.71 3.12
H30 28J A 5 6.49 2.91 2.78
N ILE A 6 4.78 -0.27 5.59
CA ILE A 6 4.27 -1.56 5.21
C ILE A 6 3.71 -2.29 6.41
N SER A 7 2.81 -3.20 6.07
CA SER A 7 2.19 -4.14 7.01
C SER A 7 1.19 -5.02 6.28
N DTH A 8 0.33 -5.70 7.05
CA DTH A 8 -0.75 -6.49 6.44
CB DTH A 8 -1.91 -6.87 7.42
CG2 DTH A 8 -2.30 -5.71 8.35
OG1 DTH A 8 -1.56 -8.03 8.20
C DTH A 8 -0.27 -7.77 5.77
O DTH A 8 -0.91 -8.29 4.87
H DTH A 8 0.48 -5.76 8.02
HA DTH A 8 -1.19 -5.87 5.67
HB DTH A 8 -2.78 -7.12 6.82
HG21 DTH A 8 -1.44 -5.40 8.93
HG22 DTH A 8 -3.07 -6.04 9.02
HG23 DTH A 8 -2.66 -4.88 7.76
N ALA A 9 0.89 -8.28 6.22
CA ALA A 9 1.42 -9.50 5.65
C ALA A 9 0.65 -10.70 6.11
N EI4 A 10 0.92 -11.10 7.33
CA EI4 A 10 0.24 -12.24 7.87
CB EI4 A 10 1.19 -13.08 8.73
CG EI4 A 10 0.52 -13.78 9.89
CD2 EI4 A 10 0.78 -15.37 9.79
NE2 EI4 A 10 1.75 -15.61 10.94
CE1 EI4 A 10 1.86 -14.49 11.76
ND1 EI4 A 10 1.18 -13.44 11.19
NT EI4 A 10 2.41 -14.47 12.93
C EI4 A 10 -1.01 -11.82 8.62
O EI4 A 10 -1.94 -12.60 8.83
H EI4 A 10 1.58 -10.61 7.87
HA EI4 A 10 -0.07 -12.85 7.04
HB EI4 A 10 1.96 -12.43 9.13
HBA EI4 A 10 1.67 -13.82 8.10
HG1 EI4 A 10 -0.54 -13.54 9.93
HD2 EI4 A 10 1.25 -15.64 8.87
HE EI4 A 10 2.14 -16.48 11.14
HND1 EI4 A 10 1.13 -12.54 11.59
HD1 EI4 A 10 -0.14 -15.93 9.95
H1 EI4 A 10 2.79 -15.30 13.32
HH12 EI4 A 10 2.45 -13.60 13.44
N ILE A 11 -1.03 -10.56 9.03
CA ILE A 11 -2.20 -9.98 9.67
C ILE A 11 -2.63 -8.74 8.88
N ZAE B 1 -1.83 -9.81 0.47
CA ZAE B 1 -0.57 -9.12 0.10
C ZAE B 1 0.00 -8.31 1.24
O ZAE B 1 0.45 -8.88 2.23
CB ZAE B 1 0.48 -10.16 -0.32
CG ZAE B 1 1.83 -9.60 -0.71
CD1 ZAE B 1 3.00 -10.08 -0.10
CD2 ZAE B 1 1.95 -8.62 -1.69
CE1 ZAE B 1 4.24 -9.59 -0.47
CE2 ZAE B 1 3.19 -8.13 -2.06
CZ ZAE B 1 4.34 -8.62 -1.45
C10 ZAE B 1 -2.42 -10.47 -0.70
H ZAE B 1 -2.52 -9.11 0.84
HA ZAE B 1 -0.76 -8.46 -0.72
HB2 ZAE B 1 0.63 -10.86 0.48
HB3 ZAE B 1 0.11 -10.70 -1.18
HD1 ZAE B 1 2.92 -10.83 0.66
HD2 ZAE B 1 1.06 -8.24 -2.17
HE1 ZAE B 1 5.13 -9.97 0.00
HE2 ZAE B 1 3.27 -7.37 -2.83
HZ ZAE B 1 5.32 -8.23 -1.74
H11 ZAE B 1 -1.78 -11.28 -1.02
H12 ZAE B 1 -2.54 -9.76 -1.51
H13 ZAE B 1 -3.39 -10.87 -0.44
HN2 ZAE B 1 -1.62 -10.49 1.23
N ILE B 2 -0.08 -7.00 1.14
CA ILE B 2 0.57 -6.14 2.10
C ILE B 2 -0.24 -4.83 2.22
N SER B 3 0.02 -4.04 3.27
CA SER B 3 -0.74 -2.85 3.53
C SER B 3 0.15 -1.70 3.92
N DGN B 4 -0.02 -0.59 3.22
CA DGN B 4 0.79 0.59 3.45
C DGN B 4 0.91 1.42 2.21
O DGN B 4 0.32 1.11 1.19
CB DGN B 4 0.28 1.42 4.66
CG DGN B 4 -0.79 2.48 4.37
CD DGN B 4 -1.39 3.06 5.64
OE1 DGN B 4 -1.26 2.51 6.73
NE2 DGN B 4 -2.04 4.20 5.52
H DGN B 4 -0.74 -0.54 2.53
HA DGN B 4 1.79 0.25 3.69
HB2 DGN B 4 1.14 1.94 5.09
HB3 DGN B 4 -0.11 0.74 5.39
HG2 DGN B 4 -1.58 2.04 3.79
HG3 DGN B 4 -0.34 3.27 3.82
HE21 DGN B 4 -2.09 4.62 4.64
HE22 DGN B 4 -2.49 4.56 6.31
N 28J B 5 1.65 2.47 2.33
CA 28J B 5 1.86 3.35 1.19
CB 28J B 5 2.20 2.48 -0.05
CG2 28J B 5 1.61 3.10 -1.29
CG1 28J B 5 3.70 2.26 -0.22
CD1 28J B 5 4.27 1.09 0.55
C 28J B 5 2.97 4.37 1.37
O 28J B 5 3.61 4.41 2.46
HA 28J B 5 0.95 3.86 0.97
H22 28J B 5 1.72 1.52 0.09
H23 28J B 5 2.13 4.03 -1.50
H24 28J B 5 0.55 3.31 -1.12
H25 28J B 5 1.71 2.44 -2.12
H26 28J B 5 3.92 2.10 -1.27
H27 28J B 5 4.22 3.16 0.10
H28 28J B 5 3.77 0.18 0.26
H29 28J B 5 4.12 1.25 1.61
H30 28J B 5 5.33 1.01 0.36
N ILE B 6 3.06 5.25 0.33
CA ILE B 6 4.06 6.30 0.23
C ILE B 6 3.44 7.68 -0.03
N SER B 7 4.06 8.68 0.58
CA SER B 7 3.75 10.12 0.43
C SER B 7 4.65 10.92 1.36
N DTH B 8 4.98 12.15 0.88
CA DTH B 8 5.67 13.17 1.72
CB DTH B 8 4.59 14.16 2.28
CG2 DTH B 8 3.24 13.48 2.48
OG1 DTH B 8 4.38 15.21 1.34
C DTH B 8 6.74 14.03 1.05
O DTH B 8 7.58 14.58 1.74
H DTH B 8 4.89 12.29 -0.07
HA DTH B 8 6.10 12.68 2.54
HB DTH B 8 4.93 14.56 3.22
HG21 DTH B 8 3.36 12.55 2.99
HG22 DTH B 8 2.78 13.31 1.51
HG23 DTH B 8 2.58 14.13 3.06
N ALA B 9 6.73 14.18 -0.29
CA ALA B 9 7.75 14.97 -0.98
C ALA B 9 7.30 16.41 -1.08
N EI4 B 10 6.33 16.64 -1.97
CA EI4 B 10 5.80 17.97 -2.14
CB EI4 B 10 4.94 18.05 -3.41
CG EI4 B 10 5.01 19.40 -4.14
CD2 EI4 B 10 6.52 19.67 -4.62
NE2 EI4 B 10 6.39 19.81 -6.11
CE1 EI4 B 10 5.08 19.64 -6.55
ND1 EI4 B 10 4.28 19.39 -5.45
NT EI4 B 10 4.66 19.75 -7.78
C EI4 B 10 4.99 18.33 -0.91
O EI4 B 10 4.93 19.48 -0.50
H EI4 B 10 5.97 15.89 -2.49
HA EI4 B 10 6.63 18.65 -2.23
HB EI4 B 10 3.91 17.86 -3.14
HBA EI4 B 10 5.25 17.28 -4.09
HG1 EI4 B 10 4.63 20.21 -3.51
HD2 EI4 B 10 7.15 18.84 -4.38
HE EI4 B 10 7.15 19.97 -6.71
HND1 EI4 B 10 3.29 19.27 -5.51
HD1 EI4 B 10 6.90 20.60 -4.20
H1 EI4 B 10 5.31 19.98 -8.52
HH12 EI4 B 10 3.71 19.60 -8.00
N ILE B 11 4.37 17.32 -0.33
CA ILE B 11 3.57 17.50 0.87
C ILE B 11 3.83 16.42 1.87
N ZAE C 1 2.46 9.95 -2.67
CA ZAE C 1 1.51 9.18 -3.57
C ZAE C 1 0.14 8.76 -2.94
O ZAE C 1 -0.84 9.47 -3.11
CB ZAE C 1 1.23 10.03 -4.80
CG ZAE C 1 0.47 9.30 -5.88
CD1 ZAE C 1 -0.70 9.86 -6.39
CD2 ZAE C 1 0.91 8.08 -6.39
CE1 ZAE C 1 -1.41 9.21 -7.39
CE2 ZAE C 1 0.20 7.44 -7.38
CZ ZAE C 1 -0.96 8.00 -7.89
C10 ZAE C 1 3.82 9.47 -2.94
H ZAE C 1 2.25 9.80 -1.66
HA ZAE C 1 2.02 8.29 -3.90
HB2 ZAE C 1 0.64 10.88 -4.50
HB3 ZAE C 1 2.15 10.37 -5.22
HD1 ZAE C 1 -1.05 10.80 -6.00
HD2 ZAE C 1 1.82 7.65 -6.00
HE1 ZAE C 1 -2.31 9.66 -7.77
HE2 ZAE C 1 0.56 6.49 -7.77
HZ ZAE C 1 -1.51 7.50 -8.67
H11 ZAE C 1 4.26 10.07 -3.72
H12 ZAE C 1 3.79 8.44 -3.24
H13 ZAE C 1 4.41 9.56 -2.05
HN2 ZAE C 1 2.39 10.98 -2.89
N ILE C 2 0.02 7.54 -2.35
CA ILE C 2 -1.27 7.06 -1.78
C ILE C 2 -1.06 5.96 -0.68
N SER C 3 -2.13 5.61 0.10
CA SER C 3 -1.96 4.60 1.15
C SER C 3 -3.10 3.58 1.28
N DGN C 4 -2.64 2.32 1.25
CA DGN C 4 -3.49 1.15 1.35
C DGN C 4 -2.80 -0.07 0.77
O DGN C 4 -1.62 -0.07 0.44
CB DGN C 4 -3.96 0.90 2.78
CG DGN C 4 -3.07 -0.03 3.59
CD DGN C 4 -3.43 -0.04 5.06
OE1 DGN C 4 -4.58 0.18 5.43
NE2 DGN C 4 -2.48 -0.34 5.93
H DGN C 4 -1.66 2.15 1.17
HA DGN C 4 -4.36 1.32 0.74
HB2 DGN C 4 -4.94 0.47 2.75
HB3 DGN C 4 -4.01 1.84 3.29
HG2 DGN C 4 -2.04 0.30 3.49
HG3 DGN C 4 -3.16 -1.04 3.19
HE21 DGN C 4 -1.59 -0.56 5.59
HE22 DGN C 4 -2.69 -0.28 6.89
N 28J C 5 -3.53 -1.15 0.83
CA 28J C 5 -3.06 -2.41 0.27
CB 28J C 5 -2.57 -2.20 -1.21
CG2 28J C 5 -1.56 -3.28 -1.56
CG1 28J C 5 -3.71 -2.19 -2.26
CD1 28J C 5 -3.92 -0.84 -2.93
C 28J C 5 -4.16 -3.45 0.24
O 28J C 5 -5.31 -3.13 0.60
HA 28J C 5 -2.24 -2.78 0.84
H22 28J C 5 -2.05 -1.26 -1.25
H23 28J C 5 -2.05 -4.24 -1.53
H24 28J C 5 -0.76 -3.27 -0.85
H25 28J C 5 -1.19 -3.10 -2.55
H26 28J C 5 -3.46 -2.90 -3.05
H27 28J C 5 -4.64 -2.50 -1.81
H28 28J C 5 -2.97 -0.45 -3.29
H29 28J C 5 -4.32 -0.14 -2.21
H30 28J C 5 -4.60 -0.93 -3.76
N ILE C 6 -3.74 -4.70 -0.11
CA ILE C 6 -4.62 -5.85 -0.24
C ILE C 6 -4.16 -7.07 0.52
N SER C 7 -5.19 -7.77 0.95
CA SER C 7 -5.11 -9.06 1.60
C SER C 7 -6.50 -9.56 1.84
N DTH C 8 -6.63 -10.85 2.11
CA DTH C 8 -7.92 -11.40 2.48
CB DTH C 8 -7.85 -12.13 3.85
CG2 DTH C 8 -7.28 -11.24 4.96
OG1 DTH C 8 -7.09 -13.34 3.72
C DTH C 8 -8.48 -12.40 1.45
O DTH C 8 -9.68 -12.67 1.45
H DTH C 8 -5.86 -11.46 1.96
HA DTH C 8 -8.61 -10.57 2.58
HB DTH C 8 -8.87 -12.40 4.12
HG21 DTH C 8 -6.29 -10.91 4.70
HG22 DTH C 8 -7.24 -11.82 5.88
HG23 DTH C 8 -7.93 -10.39 5.11
N ALA C 9 -7.63 -12.95 0.59
CA ALA C 9 -8.09 -13.95 -0.37
C ALA C 9 -7.93 -15.33 0.23
N EI4 C 10 -6.69 -15.68 0.50
CA EI4 C 10 -6.38 -16.97 1.07
CB EI4 C 10 -4.98 -17.42 0.68
CG EI4 C 10 -4.58 -18.75 1.26
CD2 EI4 C 10 -5.14 -19.95 0.33
NE2 EI4 C 10 -3.89 -20.58 -0.21
CE1 EI4 C 10 -2.73 -20.01 0.33
ND1 EI4 C 10 -3.10 -18.97 1.17
NT EI4 C 10 -1.54 -20.44 0.18
C EI4 C 10 -6.56 -16.89 2.58
O EI4 C 10 -7.04 -17.85 3.19
H EI4 C 10 -5.96 -15.06 0.29
HA EI4 C 10 -7.10 -17.67 0.67
HB EI4 C 10 -4.26 -16.68 0.99
HBA EI4 C 10 -4.93 -17.49 -0.41
HG1 EI4 C 10 -4.90 -18.84 2.29
HD2 EI4 C 10 -5.74 -19.56 -0.49
HE EI4 C 10 -3.89 -21.34 -0.83
HND1 EI4 C 10 -2.45 -18.42 1.65
HD1 EI4 C 10 -5.72 -20.67 0.91
H1 EI4 C 10 -1.35 -21.28 -0.36
HH12 EI4 C 10 -0.77 -19.95 0.60
N ILE C 11 -6.16 -15.77 3.16
CA ILE C 11 -6.32 -15.55 4.59
C ILE C 11 -7.14 -14.28 4.82
N ZAE D 1 -12.60 -12.72 -3.36
CA ZAE D 1 -11.63 -11.90 -4.14
C ZAE D 1 -10.53 -11.45 -3.20
O ZAE D 1 -9.85 -12.27 -2.58
CB ZAE D 1 -11.06 -12.68 -5.35
CG ZAE D 1 -10.02 -11.96 -6.20
CD1 ZAE D 1 -8.73 -12.48 -6.32
CD2 ZAE D 1 -10.33 -10.82 -6.91
CE1 ZAE D 1 -7.78 -11.88 -7.12
CE2 ZAE D 1 -9.37 -10.20 -7.71
CZ ZAE D 1 -8.11 -10.74 -7.83
C10 ZAE D 1 -13.82 -12.98 -4.12
H ZAE D 1 -12.85 -12.23 -2.49
HA ZAE D 1 -12.15 -11.02 -4.50
HB2 ZAE D 1 -10.64 -13.60 -4.99
HB3 ZAE D 1 -11.89 -12.92 -6.02
HD1 ZAE D 1 -8.46 -13.36 -5.77
HD2 ZAE D 1 -11.31 -10.40 -6.82
HE1 ZAE D 1 -6.79 -12.30 -7.22
HE2 ZAE D 1 -9.64 -9.31 -8.26
HZ ZAE D 1 -7.37 -10.27 -8.46
H11 ZAE D 1 -14.52 -13.55 -3.51
H12 ZAE D 1 -13.60 -13.54 -5.01
H13 ZAE D 1 -14.28 -12.04 -4.39
HN2 ZAE D 1 -12.13 -13.64 -3.10
N ILE D 2 -10.39 -10.15 -3.10
CA ILE D 2 -9.43 -9.52 -2.21
C ILE D 2 -10.05 -8.38 -1.41
N SER D 3 -9.38 -8.02 -0.32
CA SER D 3 -9.77 -6.96 0.55
C SER D 3 -8.66 -5.97 0.72
N DGN D 4 -9.02 -4.77 1.09
CA DGN D 4 -8.09 -3.70 1.28
C DGN D 4 -8.59 -2.54 0.47
O DGN D 4 -9.65 -2.62 -0.17
CB DGN D 4 -7.83 -3.32 2.76
CG DGN D 4 -9.05 -2.81 3.51
CD DGN D 4 -8.69 -2.29 4.89
OE1 DGN D 4 -7.75 -2.75 5.53
NE2 DGN D 4 -9.46 -1.31 5.36
H DGN D 4 -9.98 -4.59 1.24
HA DGN D 4 -7.16 -4.00 0.83
HB2 DGN D 4 -7.06 -2.56 2.78
HB3 DGN D 4 -7.46 -4.19 3.27
HG2 DGN D 4 -9.76 -3.60 3.63
HG3 DGN D 4 -9.48 -1.99 2.96
HE21 DGN D 4 -10.21 -1.00 4.81
HE22 DGN D 4 -9.23 -0.93 6.24
N 28J D 5 -7.86 -1.48 0.51
CA 28J D 5 -8.22 -0.27 -0.21
CB 28J D 5 -8.63 -0.55 -1.70
CG2 28J D 5 -9.53 0.57 -2.23
CG1 28J D 5 -7.37 -0.67 -2.56
CD1 28J D 5 -7.53 -1.40 -3.87
C 28J D 5 -7.07 0.72 -0.22
O 28J D 5 -5.98 0.42 0.30
HA 28J D 5 -9.07 0.16 0.27
H22 28J D 5 -9.18 -1.48 -1.75
H23 28J D 5 -10.24 0.86 -1.47
H24 28J D 5 -10.06 0.23 -3.11
H25 28J D 5 -8.92 1.43 -2.49
H26 28J D 5 -7.02 0.32 -2.78
H27 28J D 5 -6.61 -1.19 -1.98
H28 28J D 5 -8.34 -0.96 -4.43
H29 28J D 5 -7.75 -2.45 -3.68
H30 28J D 5 -6.62 -1.32 -4.44
N ILE D 6 -7.38 1.91 -0.77
CA ILE D 6 -6.46 3.05 -0.89
C ILE D 6 -7.08 4.31 -0.34
N SER D 7 -6.17 5.19 0.06
CA SER D 7 -6.47 6.58 0.49
C SER D 7 -5.26 7.20 1.19
N DTH D 8 -5.40 8.49 1.61
CA DTH D 8 -4.35 9.19 2.38
CB DTH D 8 -4.94 10.05 3.54
CG2 DTH D 8 -6.05 9.31 4.28
OG1 DTH D 8 -5.45 11.32 3.05
C DTH D 8 -3.47 10.10 1.54
O DTH D 8 -2.35 10.42 1.93
H DTH D 8 -6.19 9.01 1.33
HA DTH D 8 -3.73 8.44 2.84
HB DTH D 8 -4.15 10.26 4.25
HG21 DTH D 8 -6.44 9.93 5.07
HG22 DTH D 8 -5.66 8.40 4.70
HG23 DTH D 8 -6.84 9.08 3.59
N ALA D 9 -3.97 10.52 0.39
CA ALA D 9 -3.22 11.38 -0.51
C ALA D 9 -3.46 12.84 -0.17
N EI4 D 10 -4.69 13.27 -0.32
CA EI4 D 10 -5.06 14.63 -0.06
CB EI4 D 10 -6.30 14.99 -0.87
CG EI4 D 10 -6.81 16.41 -0.65
CD2 EI4 D 10 -6.33 17.36 -1.87
NE2 EI4 D 10 -7.62 17.83 -2.48
CE1 EI4 D 10 -8.73 17.32 -1.80
ND1 EI4 D 10 -8.30 16.49 -0.79
NT EI4 D 10 -9.96 17.67 -1.99
C EI4 D 10 -5.32 14.80 1.44
O EI4 D 10 -5.01 15.82 2.03
H EI4 D 10 -5.38 12.62 -0.60
HA EI4 D 10 -4.24 15.27 -0.34
HB EI4 D 10 -7.09 14.30 -0.63
HBA EI4 D 10 -6.05 14.87 -1.93
HG1 EI4 D 10 -6.49 16.79 0.31
HD2 EI4 D 10 -5.74 16.82 -2.59
HE EI4 D 10 -7.67 18.44 -3.24
HND1 EI4 D 10 -8.91 16.02 -0.18
HD1 EI4 D 10 -5.77 18.21 -1.48
H1 EI4 D 10 -10.18 18.40 -2.66
HH12 EI4 D 10 -10.69 17.22 -1.49
N ILE D 11 -5.90 13.75 2.00
CA ILE D 11 -6.19 13.70 3.42
C ILE D 11 -5.67 12.38 4.01
N ALA E 1 4.77 -14.09 14.96
CA ALA E 1 5.34 -15.42 15.32
C ALA E 1 5.52 -16.26 14.06
N DGL E 2 4.36 -16.91 13.63
CA DGL E 2 4.34 -17.70 12.29
C DGL E 2 4.97 -16.91 11.06
O DGL E 2 4.99 -15.61 11.20
CB DGL E 2 5.51 -18.79 12.31
CG DGL E 2 5.01 -20.28 12.48
CD DGL E 2 4.77 -20.99 11.13
OE1 DGL E 2 3.73 -21.60 10.92
H DGL E 2 3.56 -16.80 14.16
HB2 DGL E 2 6.16 -18.57 13.11
HB3 DGL E 2 6.04 -18.72 11.36
HG2 DGL E 2 4.12 -20.32 13.04
HG3 DGL E 2 5.79 -20.87 13.01
N LYS E 3 5.76 -20.93 10.26
CA LYS E 3 5.73 -21.54 8.95
C LYS E 3 4.53 -21.03 8.08
N DAL E 4 4.46 -19.66 8.15
CA DAL E 4 3.53 -18.63 7.38
CB DAL E 4 1.98 -18.31 7.95
C DAL E 4 4.00 -18.90 5.79
O DAL E 4 3.39 -19.64 5.02
H DAL E 4 5.10 -19.27 8.77
HA DAL E 4 3.11 -19.02 7.24
HB1 DAL E 4 1.30 -19.09 7.75
HB2 DAL E 4 1.58 -17.38 7.47
HB3 DAL E 4 2.00 -18.09 9.03
N DAL E 5 5.28 -18.39 5.49
CA DAL E 5 6.04 -18.31 4.14
CB DAL E 5 4.79 -17.58 3.39
C DAL E 5 6.15 -19.94 4.06
O DAL E 5 6.86 -20.60 4.87
OXT DAL E 5 6.01 -20.42 2.86
H DAL E 5 5.74 -18.06 6.30
HA DAL E 5 6.26 -18.61 3.24
HB1 DAL E 5 5.17 -17.41 2.30
HB2 DAL E 5 4.69 -16.60 3.77
HB3 DAL E 5 3.88 -18.10 3.31
N ALA F 1 1.76 16.70 -7.26
CA ALA F 1 1.49 18.06 -7.76
C ALA F 1 1.48 19.11 -6.64
N DGL F 2 1.18 20.42 -7.00
CA DGL F 2 0.89 21.50 -5.94
C DGL F 2 0.02 21.11 -4.75
O DGL F 2 -1.07 20.49 -5.12
CB DGL F 2 2.29 21.68 -5.12
CG DGL F 2 2.50 23.16 -4.57
CD DGL F 2 3.90 23.29 -3.91
OE1 DGL F 2 4.91 23.54 -4.59
H DGL F 2 0.86 20.52 -7.93
HB2 DGL F 2 3.08 21.47 -5.77
HB3 DGL F 2 2.27 21.01 -4.27
HG2 DGL F 2 1.77 23.37 -3.80
HG3 DGL F 2 2.42 23.89 -5.35
N LYS F 3 3.92 23.15 -2.60
CA LYS F 3 5.11 23.22 -1.77
C LYS F 3 5.68 24.69 -1.63
N DAL F 4 6.15 25.18 -2.80
CA DAL F 4 6.77 26.62 -3.04
CB DAL F 4 6.05 27.60 -4.26
C DAL F 4 8.43 26.32 -2.90
O DAL F 4 9.12 25.76 -3.77
H DAL F 4 6.20 24.53 -3.49
HA DAL F 4 6.90 26.49 -3.69
HB1 DAL F 4 4.97 27.61 -4.13
HB2 DAL F 4 6.26 27.28 -5.27
HB3 DAL F 4 6.41 28.65 -4.16
N DAL F 5 8.87 26.55 -1.60
CA DAL F 5 10.31 26.49 -0.99
CB DAL F 5 10.92 27.58 -2.06
C DAL F 5 10.48 24.92 -1.41
O DAL F 5 11.63 24.65 -1.98
OXT DAL F 5 9.93 23.99 -0.75
H DAL F 5 8.12 26.71 -0.98
HA DAL F 5 11.23 26.23 -1.02
HB1 DAL F 5 10.64 28.61 -1.68
HB2 DAL F 5 10.61 27.46 -3.00
HB3 DAL F 5 12.07 27.59 -2.00
N ALA G 1 -1.36 -16.29 -8.05
CA ALA G 1 -0.23 -16.41 -9.01
C ALA G 1 0.84 -15.39 -8.63
N DGL G 2 0.35 -14.15 -8.13
CA DGL G 2 1.44 -13.15 -7.62
C DGL G 2 2.51 -13.72 -6.66
O DGL G 2 2.17 -14.74 -6.03
CB DGL G 2 2.39 -12.74 -8.79
CG DGL G 2 2.84 -11.20 -8.75
CD DGL G 2 4.33 -11.07 -9.12
OE1 DGL G 2 4.73 -10.31 -10.01
H DGL G 2 -0.57 -14.06 -8.02
HB2 DGL G 2 1.89 -12.92 -9.68
HB3 DGL G 2 3.27 -13.35 -8.68
HG2 DGL G 2 2.69 -10.78 -7.78
HG3 DGL G 2 2.28 -10.61 -9.48
N LYS G 3 5.14 -11.79 -8.38
CA LYS G 3 6.57 -11.84 -8.53
C LYS G 3 7.22 -10.42 -8.47
N DAL G 4 6.74 -9.73 -7.38
CA DAL G 4 7.13 -8.32 -6.77
CB DAL G 4 6.77 -6.90 -7.59
C DAL G 4 8.57 -8.70 -5.98
O DAL G 4 9.68 -8.67 -6.51
H DAL G 4 6.03 -10.21 -6.90
HA DAL G 4 7.51 -8.15 -7.21
HB1 DAL G 4 5.74 -6.92 -7.95
HB2 DAL G 4 7.43 -6.71 -8.42
HB3 DAL G 4 6.84 -6.03 -6.89
N DAL G 5 8.37 -9.31 -4.74
CA DAL G 5 9.39 -9.69 -3.66
CB DAL G 5 10.23 -8.32 -3.60
C DAL G 5 10.05 -10.92 -4.53
O DAL G 5 9.37 -12.04 -4.51
OXT DAL G 5 11.20 -10.94 -4.98
H DAL G 5 7.42 -9.54 -4.56
HA DAL G 5 10.24 -9.97 -3.42
HB1 DAL G 5 10.80 -8.18 -4.48
HB2 DAL G 5 10.96 -8.48 -2.77
HB3 DAL G 5 9.66 -7.43 -3.32
N ALA H 1 -14.50 15.47 -4.91
CA ALA H 1 -15.14 16.61 -5.63
C ALA H 1 -14.38 17.94 -5.33
N DGL H 2 -14.47 18.40 -3.98
CA DGL H 2 -13.61 19.57 -3.49
C DGL H 2 -12.10 19.50 -3.56
O DGL H 2 -11.66 18.36 -4.12
CB DGL H 2 -13.95 20.80 -4.50
CG DGL H 2 -14.41 22.13 -3.77
CD DGL H 2 -13.61 23.36 -4.27
OE1 DGL H 2 -14.09 24.18 -5.06
H DGL H 2 -14.83 17.73 -3.35
HA DGL H 2 -13.22 18.87 -3.92
HB2 DGL H 2 -14.73 20.50 -5.13
HB3 DGL H 2 -13.05 21.03 -5.07
HG2 DGL H 2 -14.26 22.04 -2.72
HG3 DGL H 2 -15.45 22.32 -3.98
N LYS H 3 -12.39 23.48 -3.76
CA LYS H 3 -11.48 24.55 -4.08
C LYS H 3 -12.14 25.96 -3.96
N DAL H 4 -12.69 26.11 -2.71
CA DAL H 4 -13.35 27.38 -2.01
CB DAL H 4 -15.03 27.62 -2.09
C DAL H 4 -12.13 28.50 -2.22
O DAL H 4 -12.19 29.32 -3.16
H DAL H 4 -12.65 25.30 -2.17
HA DAL H 4 -13.58 27.62 -2.53
HB1 DAL H 4 -15.57 26.68 -1.90
HB2 DAL H 4 -15.37 27.99 -3.05
HB3 DAL H 4 -15.35 28.33 -1.32
N DAL H 5 -10.92 28.24 -1.40
CA DAL H 5 -9.79 29.32 -1.42
CB DAL H 5 -10.57 30.61 -1.09
C DAL H 5 -9.40 29.28 -2.89
O DAL H 5 -9.15 28.17 -3.43
OXT DAL H 5 -9.06 30.37 -3.41
H DAL H 5 -10.93 27.48 -0.84
HA DAL H 5 -8.65 29.19 -0.86
HB1 DAL H 5 -11.48 30.51 -1.72
HB2 DAL H 5 -10.07 31.50 -1.44
HB3 DAL H 5 -10.90 30.76 -0.05
C1 MUB I . 4.84 -10.45 11.62
C2 MUB I . 4.20 -10.25 12.99
C3 MUB I . 5.27 -10.43 14.09
C4 MUB I . 6.21 -11.59 13.75
C5 MUB I . 6.93 -11.32 12.40
C6 MUB I . 6.90 -12.56 11.50
C7 MUB I . 4.16 -7.93 13.75
C8 MUB I . 3.35 -6.63 13.89
C9 MUB I . 3.80 -11.87 15.37
C10 MUB I . 4.43 -13.15 15.90
C11 MUB I . 2.25 -11.77 15.23
O1 MUB I . 4.27 -9.61 10.67
O3 MUB I . 4.60 -10.66 15.35
O4 MUB I . 7.20 -11.82 14.80
O5 MUB I . 6.26 -10.25 11.69
O6 MUB I . 5.56 -13.02 11.37
O7 MUB I . 5.38 -7.90 13.90
O10 MUB I . 4.68 -13.23 17.09
N2 MUB I . 3.54 -8.96 13.14
H1 MUB I . 4.72 -11.46 11.23
H2 MUB I . 3.40 -10.98 12.99
HN2 MUB I . 2.58 -8.95 13.04
H81 MUB I . 3.98 -5.86 14.31
H82 MUB I . 2.52 -6.79 14.57
H83 MUB I . 2.96 -6.34 12.92
H3 MUB I . 5.82 -9.50 14.28
H9 MUB I . 4.17 -12.17 14.39
H111 MUB I . 1.81 -12.76 15.31
H112 MUB I . 2.00 -11.35 14.28
H113 MUB I . 1.85 -11.12 16.01
H4 MUB I . 5.78 -12.59 13.92
H5 MUB I . 7.95 -11.15 12.49
H61 MUB I . 7.41 -13.39 12.03
H62 MUB I . 7.36 -12.40 10.49
HO6 MUB I . 5.48 -13.98 11.23
C1 NAG I . 7.64 -10.63 15.47
C2 NAG I . 8.81 -11.00 16.41
C3 NAG I . 9.36 -9.76 17.10
C4 NAG I . 9.65 -8.65 16.09
C5 NAG I . 8.44 -8.39 15.20
C6 NAG I . 8.74 -7.37 14.12
C7 NAG I . 7.34 -11.86 18.11
C8 NAG I . 7.06 -13.05 19.05
N2 NAG I . 8.42 -12.01 17.36
O3 NAG I . 10.57 -10.10 17.79
O4 NAG I . 9.98 -7.46 16.78
O5 NAG I . 8.06 -9.62 14.54
O6 NAG I . 9.55 -7.93 13.09
O7 NAG I . 6.84 -10.77 18.34
H1 NAG I . 6.78 -10.30 16.05
H2 NAG I . 9.65 -11.52 16.06
H3 NAG I . 8.64 -9.37 17.83
H4 NAG I . 10.60 -9.00 15.62
H5 NAG I . 7.58 -7.98 15.72
H61 NAG I . 9.32 -6.51 14.51
H62 NAG I . 7.79 -6.99 13.74
H81 NAG I . 7.92 -13.17 19.71
H82 NAG I . 6.94 -13.95 18.46
H83 NAG I . 6.16 -12.86 19.60
HN2 NAG I . 8.76 -12.92 17.20
HO3 NAG I . 11.01 -9.30 18.11
HO4 NAG I . 10.36 -6.83 16.16
HO6 NAG I . 9.25 -8.82 12.95
C1 MUB J . 5.30 13.84 -5.28
C2 MUB J . 4.17 13.11 -5.96
C3 MUB J . 4.24 13.34 -7.46
C4 MUB J . 4.95 14.66 -7.79
C5 MUB J . 6.40 14.62 -7.27
C6 MUB J . 6.94 16.00 -6.94
C7 MUB J . 4.68 10.82 -6.59
C8 MUB J . 4.62 9.33 -6.22
C9 MUB J . 2.03 14.25 -7.37
C10 MUB J . 1.75 15.60 -8.05
C11 MUB J . 1.10 13.78 -6.22
O1 MUB J . 5.58 13.25 -4.06
O3 MUB J . 2.92 13.32 -8.03
O4 MUB J . 4.93 14.96 -9.22
O5 MUB J . 6.50 13.80 -6.07
O6 MUB J . 6.12 16.63 -5.95
O7 MUB J . 5.43 11.19 -7.49
O10 MUB J . 1.66 15.63 -9.28
N2 MUB J . 4.18 11.68 -5.69
H1 MUB J . 5.07 14.91 -5.14
H2 MUB J . 3.26 13.48 -5.49
HN2 MUB J . 3.58 11.36 -4.98
H81 MUB J . 5.23 9.16 -5.34
H82 MUB J . 5.01 8.75 -7.05
H83 MUB J . 3.59 9.05 -6.05
H3 MUB J . 4.70 12.47 -7.97
H9 MUB J . 2.84 14.78 -6.92
H111 MUB J . 0.84 12.72 -6.35
H112 MUB J . 0.21 14.33 -6.24
H113 MUB J . 1.58 13.97 -5.25
H4 MUB J . 4.35 15.54 -7.54
H5 MUB J . 7.08 14.30 -7.99
H61 MUB J . 6.83 16.61 -7.85
H62 MUB J . 8.02 15.97 -6.59
HO6 MUB J . 6.13 17.59 -5.98
C1 NAG J . 5.18 13.82 -10.06
C2 NAG J . 5.22 14.27 -11.53
C3 NAG J . 5.51 13.09 -12.45
C4 NAG J . 6.75 12.31 -11.97
C5 NAG J . 6.63 11.97 -10.48
C6 NAG J . 7.91 11.33 -9.97
C7 NAG J . 2.85 14.29 -11.96
C8 NAG J . 1.66 15.17 -12.36
N2 NAG J . 4.00 14.94 -11.89
O3 NAG J . 5.75 13.55 -13.77
O4 NAG J . 6.87 11.12 -12.71
O5 NAG J . 6.42 13.18 -9.71
O6 NAG J . 7.97 11.32 -8.55
O7 NAG J . 2.78 13.07 -12.09
H1 NAG J . 4.35 13.14 -9.90
H2 NAG J . 5.85 15.05 -11.82
H3 NAG J . 4.66 12.40 -12.47
H4 NAG J . 7.58 12.96 -12.33
H5 NAG J . 5.85 11.25 -10.23
H61 NAG J . 8.80 11.87 -10.30
H62 NAG J . 7.94 10.30 -10.39
H81 NAG J . 0.77 14.56 -12.41
H82 NAG J . 1.84 15.61 -13.32
H83 NAG J . 1.55 15.97 -11.62
HN2 NAG J . 3.98 15.91 -11.79
HO3 NAG J . 4.95 13.95 -14.14
HO4 NAG J . 6.70 11.32 -13.64
HO6 NAG J . 7.06 11.40 -8.24
C1 MUB K . -2.21 -15.76 -3.35
C2 MUB K . -3.36 -16.12 -4.28
C3 MUB K . -3.10 -17.49 -4.91
C4 MUB K . -1.60 -17.66 -5.17
C5 MUB K . -0.87 -17.71 -3.82
C6 MUB K . 0.51 -17.11 -3.93
C7 MUB K . -5.17 -17.30 -3.17
C8 MUB K . -6.54 -17.23 -2.48
C9 MUB K . -3.57 -16.65 -7.09
C10 MUB K . -2.52 -16.97 -8.15
C11 MUB K . -4.55 -15.46 -7.34
O1 MUB K . -2.66 -14.97 -2.31
O3 MUB K . -3.88 -17.65 -6.10
O4 MUB K . -1.26 -18.79 -6.00
O5 MUB K . -1.61 -16.96 -2.81
O6 MUB K . 0.41 -15.81 -4.48
O7 MUB K . -4.50 -18.33 -3.11
O10 MUB K . -2.73 -17.88 -8.95
N2 MUB K . -4.64 -16.13 -3.58
H1 MUB K . -1.41 -15.21 -3.88
H2 MUB K . -3.41 -15.28 -4.98
HN2 MUB K . -5.19 -15.32 -3.64
H81 MUB K . -6.83 -18.25 -2.20
H82 MUB K . -7.28 -16.84 -3.17
H83 MUB K . -6.47 -16.59 -1.62
H3 MUB K . -3.51 -18.30 -4.26
H9 MUB K . -2.76 -16.25 -6.52
H111 MUB K . -5.59 -15.84 -7.36
H112 MUB K . -4.35 -15.03 -8.27
H113 MUB K . -4.41 -14.68 -6.57
H4 MUB K . -1.23 -16.95 -5.92
H5 MUB K . -0.68 -18.66 -3.48
H61 MUB K . 1.07 -17.65 -4.69
H62 MUB K . 1.10 -16.98 -2.98
HO6 MUB K . 1.13 -15.44 -5.05
C1 NAG K . -1.95 -20.01 -5.70
C2 NAG K . -1.36 -21.16 -6.54
C3 NAG K . -2.00 -22.50 -6.19
C4 NAG K . -2.00 -22.72 -4.68
C5 NAG K . -2.58 -21.51 -3.95
C6 NAG K . -2.51 -21.67 -2.44
C7 NAG K . -2.60 -20.96 -8.61
C8 NAG K . -2.51 -20.62 -10.11
N2 NAG K . -1.45 -20.88 -7.96
O3 NAG K . -1.27 -23.55 -6.81
O4 NAG K . -2.78 -23.88 -4.37
O5 NAG K . -1.84 -20.33 -4.30
O6 NAG K . -1.19 -21.96 -2.01
O7 NAG K . -3.57 -21.58 -8.17
H1 NAG K . -2.98 -19.81 -5.98
H2 NAG K . -0.33 -21.29 -6.54
H3 NAG K . -3.03 -22.53 -6.54
H4 NAG K . -0.93 -23.01 -4.48
H5 NAG K . -3.64 -21.35 -4.14
H61 NAG K . -3.13 -22.51 -2.06
H62 NAG K . -2.88 -20.73 -2.00
H81 NAG K . -1.86 -21.34 -10.59
H82 NAG K . -2.09 -19.64 -10.22
H83 NAG K . -3.50 -20.64 -10.54
HN2 NAG K . -0.72 -20.37 -8.36
HO3 NAG K . -1.31 -23.47 -7.77
HO4 NAG K . -2.56 -24.57 -5.02
HO6 NAG K . -0.89 -22.70 -2.55
C1 MUB L . -10.35 13.40 -3.16
C2 MUB L . -11.59 12.54 -3.30
C3 MUB L . -12.04 12.52 -4.76
C4 MUB L . -11.73 13.86 -5.44
C5 MUB L . -10.21 14.09 -5.47
C6 MUB L . -9.83 15.57 -5.37
C7 MUB L . -10.98 10.22 -3.68
C8 MUB L . -10.76 8.82 -3.10
C9 MUB L . -14.24 13.16 -4.11
C10 MUB L . -15.01 14.20 -4.91
C11 MUB L . -14.62 12.91 -2.61
O1 MUB L . -9.58 12.89 -2.12
O3 MUB L . -13.43 12.21 -4.82
O4 MUB L . -12.28 13.95 -6.78
O5 MUB L . -9.57 13.39 -4.38
O6 MUB L . -10.32 16.13 -4.15
O7 MUB L . -10.79 10.43 -4.88
O10 MUB L . -15.95 13.84 -5.61
N2 MUB L . -11.36 11.19 -2.83
H1 MUB L . -10.58 14.44 -2.93
H2 MUB L . -12.30 12.99 -2.60
HN2 MUB L . -11.51 10.98 -1.87
H81 MUB L . -11.66 8.49 -2.58
H82 MUB L . -9.94 8.84 -2.39
H83 MUB L . -10.51 8.14 -3.91
H3 MUB L . -11.57 11.65 -5.28
H9 MUB L . -13.48 13.88 -4.10
H111 MUB L . -14.69 11.83 -2.42
H112 MUB L . -15.56 13.32 -2.42
H113 MUB L . -13.90 13.41 -1.95
H4 MUB L . -12.37 14.67 -5.07
H5 MUB L . -9.76 13.85 -6.39
H61 MUB L . -10.42 16.07 -6.15
H62 MUB L . -8.74 15.81 -5.53
HO6 MUB L . -10.80 16.98 -4.29
C1 NAG L . -12.15 12.77 -7.59
C2 NAG L . -12.62 13.08 -9.02
C3 NAG L . -12.46 11.87 -9.93
C4 NAG L . -11.04 11.31 -9.83
C5 NAG L . -10.65 11.07 -8.37
C6 NAG L . -9.22 10.58 -8.24
C7 NAG L . -14.98 12.86 -8.53
C8 NAG L . -16.34 13.56 -8.61
N2 NAG L . -13.98 13.57 -9.03
O3 NAG L . -12.71 12.27 -11.29
O4 NAG L . -10.96 10.10 -10.56
O5 NAG L . -10.78 12.30 -7.62
O6 NAG L . -8.33 11.67 -8.03
O7 NAG L . -14.92 11.63 -8.44
H1 NAG L . -12.77 12.03 -7.10
H2 NAG L . -12.22 13.90 -9.54
H3 NAG L . -13.16 11.08 -9.66
H4 NAG L . -10.44 12.05 -10.43
H5 NAG L . -11.24 10.28 -7.89
H61 NAG L . -8.85 10.08 -9.15
H62 NAG L . -9.18 9.85 -7.43
H81 NAG L . -16.60 13.69 -9.66
H82 NAG L . -16.26 14.53 -8.15
H83 NAG L . -17.07 12.98 -8.08
HN2 NAG L . -14.08 14.55 -9.07
HO3 NAG L . -13.62 12.54 -11.41
HO4 NAG L . -11.41 10.23 -11.41
HO6 NAG L . -8.89 12.43 -7.87
P 2PO M . 3.09 -10.17 9.72
O1P 2PO M . 1.88 -10.52 10.53
O2P 2PO M . 3.64 -11.22 8.82
O3P 2PO M . 2.70 -8.92 8.84
P 2PO N . 2.84 -7.53 9.55
O1P 2PO N . 2.45 -6.44 8.62
O2P 2PO N . 2.15 -7.66 10.85
O3P 2PO N . 4.42 -7.50 9.81
C1 P1W O . 5.22 -6.41 9.36
C2 P1W O . 5.53 -6.57 7.89
C3 P1W O . 6.21 -7.63 7.35
C4 P1W O . 6.46 -7.68 5.85
C5 P1W O . 6.72 -8.84 8.16
H12 P1W O . 4.65 -5.48 9.49
H11 P1W O . 6.11 -6.36 9.94
H2 P1W O . 5.00 -5.90 7.24
H41 P1W O . 5.77 -8.37 5.39
H42 P1W O . 6.29 -6.69 5.45
H51 P1W O . 7.50 -9.32 7.61
H52 P1W O . 5.91 -9.53 8.33
H53 P1W O . 7.10 -8.49 9.11
C1 P1W P . 7.88 -8.10 5.49
C2 P1W P . 8.05 -7.86 4.02
C3 P1W P . 9.23 -7.58 3.47
C4 P1W P . 9.33 -7.30 2.00
C5 P1W P . 10.55 -7.50 4.25
H12 P1W P . 8.03 -9.13 5.70
H11 P1W P . 8.58 -7.49 6.01
H2 P1W P . 7.13 -7.66 3.48
H41 P1W P . 10.24 -7.72 1.60
H42 P1W P . 8.47 -7.74 1.49
H51 P1W P . 10.44 -6.79 5.07
H52 P1W P . 11.33 -7.18 3.60
H53 P1W P . 10.79 -8.47 4.66
C1 P1W Q . 10.79 6.55 -7.31
C2 P1W Q . 10.44 5.18 -7.77
C3 P1W Q . 9.83 4.32 -6.93
C4 P1W Q . 9.42 2.89 -7.32
C5 P1W Q . 9.45 4.72 -5.52
H12 P1W Q . 10.73 6.59 -6.22
H11 P1W Q . 11.80 6.79 -7.63
H2 P1W Q . 11.02 4.83 -8.58
H43 P1W Q . 9.93 2.19 -6.65
H41 P1W Q . 9.71 2.67 -8.33
H42 P1W Q . 8.36 2.78 -7.20
H51 P1W Q . 8.81 3.95 -5.11
H52 P1W Q . 8.91 5.66 -5.55
H53 P1W Q . 10.34 4.83 -4.92
C1 P1W R . 9.31 -5.78 1.82
C2 P1W R . 10.69 -5.25 1.52
C3 P1W R . 11.27 -4.26 2.25
C4 P1W R . 12.67 -3.67 1.97
C5 P1W R . 10.55 -3.64 3.42
H12 P1W R . 8.95 -5.34 2.75
H11 P1W R . 8.64 -5.52 1.03
H2 P1W R . 11.27 -5.86 0.85
H43 P1W R . 13.35 -4.01 2.75
H41 P1W R . 12.60 -2.60 2.01
H42 P1W R . 13.03 -3.99 1.01
H51 P1W R . 10.36 -4.41 4.15
H52 P1W R . 9.61 -3.22 3.07
H53 P1W R . 11.17 -2.86 3.83
P 2PO S . 4.50 13.31 -2.86
O1P 2PO S . 3.28 12.53 -3.24
O2P 2PO S . 4.33 14.73 -2.43
O3P 2PO S . 5.23 12.52 -1.68
P 2PO T . 6.31 11.39 -2.05
O1P 2PO T . 6.16 10.29 -1.07
O2P 2PO T . 6.17 11.09 -3.48
O3P 2PO T . 7.67 12.14 -1.79
C1 P1W U . 8.81 11.45 -1.32
C2 P1W U . 9.48 10.72 -2.47
C3 P1W U . 10.44 11.26 -3.29
C4 P1W U . 11.02 10.45 -4.44
C5 P1W U . 11.04 12.67 -3.12
H12 P1W U . 9.51 12.15 -0.88
H11 P1W U . 8.51 10.72 -0.57
H2 P1W U . 9.02 9.78 -2.72
H41 P1W U . 12.08 10.65 -4.52
H42 P1W U . 10.86 9.40 -4.23
H51 P1W U . 11.08 12.93 -2.07
H52 P1W U . 10.43 13.39 -3.64
H53 P1W U . 12.05 12.68 -3.52
C1 P1W V . 1.87 -13.19 -1.91
C2 P1W V . 1.16 -12.58 -3.09
C3 P1W V . 1.73 -11.68 -3.93
C4 P1W V . 1.00 -11.04 -5.10
C5 P1W V . 3.23 -11.33 -3.84
H12 P1W V . 2.94 -13.16 -2.06
H11 P1W V . 1.63 -12.60 -1.04
H2 P1W V . 0.09 -12.72 -3.08
H41 P1W V . 1.71 -10.89 -5.90
H42 P1W V . 0.23 -11.71 -5.44
H51 P1W V . 3.43 -10.82 -2.91
H52 P1W V . 3.48 -10.70 -4.67
H53 P1W V . 3.81 -12.24 -3.88
C1 P1W W . 0.34 -9.70 -4.77
C2 P1W W . 1.26 -8.51 -4.93
C3 P1W W . 1.02 -7.48 -5.78
C4 P1W W . 1.96 -6.26 -5.89
C5 P1W W . -0.16 -7.44 -6.73
H12 P1W W . -0.04 -9.72 -3.76
H11 P1W W . -0.49 -9.57 -5.45
H2 P1W W . 2.21 -8.63 -4.46
H43 P1W W . 2.03 -5.96 -6.93
H41 P1W W . 2.93 -6.52 -5.52
H42 P1W W . 1.56 -5.44 -5.31
H51 P1W W . -0.08 -6.60 -7.39
H52 P1W W . -1.07 -7.38 -6.16
H53 P1W W . -0.18 -8.36 -7.32
C1 P1W X . -6.68 6.32 -9.61
C2 P1W X . -5.32 6.91 -9.90
C3 P1W X . -4.50 6.37 -10.83
C4 P1W X . -3.11 6.94 -11.15
C5 P1W X . -4.88 5.16 -11.62
H12 P1W X . -7.36 7.11 -9.34
H11 P1W X . -7.05 5.79 -10.47
H2 P1W X . -5.20 7.93 -9.57
H43 P1W X . -3.04 7.08 -12.23
H41 P1W X . -2.34 6.25 -10.84
H42 P1W X . -2.97 7.89 -10.66
H51 P1W X . -3.99 4.74 -12.07
H52 P1W X . -5.59 5.45 -12.39
H53 P1W X . -5.34 4.42 -10.97
C1 P1W Y . 10.33 10.80 -5.77
C2 P1W Y . 10.53 9.66 -6.75
C3 P1W Y . 9.61 8.67 -6.92
C4 P1W Y . 9.79 7.53 -7.89
C5 P1W Y . 8.29 8.61 -6.12
H12 P1W Y . 10.77 11.70 -6.16
H11 P1W Y . 9.28 10.95 -5.59
H2 P1W Y . 11.56 9.49 -7.01
H41 P1W Y . 8.86 7.01 -8.04
H42 P1W Y . 10.17 7.88 -8.85
H51 P1W Y . 7.83 7.64 -6.27
H52 P1W Y . 7.62 9.39 -6.44
H53 P1W Y . 8.51 8.73 -5.06
P 2PO Z . -3.14 -13.43 -2.54
O1P 2PO Z . -4.44 -13.41 -3.26
O2P 2PO Z . -2.02 -12.62 -3.08
O3P 2PO Z . -3.43 -12.93 -1.05
P 2PO AA . -3.85 -14.02 0.00
O1P 2PO AA . -4.63 -13.37 1.11
O2P 2PO AA . -4.45 -15.15 -0.73
O3P 2PO AA . -2.44 -14.48 0.56
C1 P1W BA . -1.43 -13.50 0.75
C2 P1W BA . -0.43 -13.59 -0.38
C3 P1W BA . 0.46 -14.60 -0.52
C4 P1W BA . 1.41 -14.61 -1.67
C5 P1W BA . 0.60 -15.75 0.47
H12 P1W BA . -1.87 -12.52 0.75
H11 P1W BA . -0.93 -13.67 1.68
H2 P1W BA . -0.58 -12.88 -1.17
H41 P1W BA . 2.26 -15.24 -1.44
H42 P1W BA . 0.92 -14.97 -2.56
H51 P1W BA . -0.34 -15.93 0.95
H52 P1W BA . 1.34 -15.47 1.22
H53 P1W BA . 0.93 -16.64 -0.05
P 2PO CA . -10.05 13.06 -0.58
O1P 2PO CA . -11.25 12.22 -0.32
O2P 2PO CA . -10.11 14.50 -0.25
O3P 2PO CA . -8.81 12.41 0.16
P 2PO DA . -7.95 11.38 -0.70
O1P 2PO DA . -6.69 11.06 0.04
O2P 2PO DA . -8.84 10.29 -1.10
O3P 2PO DA . -7.60 12.27 -1.99
C1 P1W EA . -6.68 11.78 -2.96
C2 P1W EA . -7.37 10.79 -3.87
C3 P1W EA . -6.75 10.21 -4.91
C4 P1W EA . -7.46 9.22 -5.84
C5 P1W EA . -5.29 10.51 -5.25
H12 P1W EA . -6.31 12.62 -3.53
H11 P1W EA . -5.87 11.30 -2.45
H2 P1W EA . -8.19 10.26 -3.41
H41 P1W EA . -8.53 9.35 -5.74
H42 P1W EA . -7.17 9.40 -6.86
H51 P1W EA . -4.67 10.17 -4.43
H52 P1W EA . -5.16 11.58 -5.38
H53 P1W EA . -5.02 9.99 -6.15
C1 P1W FA . -7.13 7.77 -5.46
C2 P1W FA . -7.30 6.89 -6.66
C3 P1W FA . -6.31 6.18 -7.23
C4 P1W FA . -6.56 5.35 -8.44
C5 P1W FA . -4.86 6.19 -6.74
H12 P1W FA . -7.78 7.43 -4.67
H11 P1W FA . -6.11 7.72 -5.14
H2 P1W FA . -8.20 7.10 -7.23
H41 P1W FA . -5.73 4.67 -8.61
H42 P1W FA . -7.48 4.80 -8.34
H51 P1W FA . -4.45 7.18 -6.84
H52 P1W FA . -4.27 5.49 -7.33
H53 P1W FA . -4.82 5.89 -5.70
N ZAE A 1 9.05 15.24 7.27
CA ZAE A 1 8.02 15.78 6.33
C ZAE A 1 7.26 14.62 5.73
O ZAE A 1 6.08 14.74 5.43
CB ZAE A 1 7.05 16.68 7.08
CG ZAE A 1 6.18 17.51 6.18
CD1 ZAE A 1 4.80 17.38 6.21
CD2 ZAE A 1 6.76 18.36 5.25
CE1 ZAE A 1 4.01 18.17 5.38
CE2 ZAE A 1 5.98 19.14 4.42
CZ ZAE A 1 4.60 19.01 4.47
C10 ZAE A 1 9.97 16.29 7.73
H ZAE A 1 9.62 14.52 6.79
HA ZAE A 1 8.51 16.34 5.55
HB2 ZAE A 1 6.40 16.07 7.69
HB3 ZAE A 1 7.60 17.36 7.72
HD1 ZAE A 1 4.34 16.72 6.92
HD2 ZAE A 1 7.84 18.46 5.22
HE1 ZAE A 1 2.94 18.06 5.41
HE2 ZAE A 1 6.43 19.81 3.71
HZ ZAE A 1 3.98 19.61 3.81
H11 ZAE A 1 10.70 15.87 8.39
H12 ZAE A 1 9.40 17.06 8.24
H13 ZAE A 1 10.46 16.73 6.87
HN2 ZAE A 1 8.57 14.79 8.09
N ILE A 2 7.94 13.51 5.57
CA ILE A 2 7.27 12.35 5.04
C ILE A 2 6.93 11.43 6.12
N SER A 3 5.90 10.70 5.86
CA SER A 3 5.46 9.79 6.81
C SER A 3 4.95 8.57 6.11
N DGN A 4 4.82 7.51 6.90
CA DGN A 4 4.25 6.29 6.41
C DGN A 4 5.15 5.11 6.45
O DGN A 4 6.34 5.22 6.81
CB DGN A 4 2.97 5.94 7.19
CG DGN A 4 3.07 6.02 8.73
CD DGN A 4 2.21 7.11 9.38
OE1 DGN A 4 2.01 8.18 8.81
NE2 DGN A 4 1.66 6.80 10.56
H DGN A 4 5.16 7.53 7.83
HA DGN A 4 3.97 6.47 5.38
HB2 DGN A 4 2.70 4.92 6.93
HB3 DGN A 4 2.17 6.59 6.87
HG2 DGN A 4 4.11 6.20 8.98
HG3 DGN A 4 2.78 5.07 9.13
HE21 DGN A 4 1.82 5.91 10.93
HE22 DGN A 4 1.11 7.49 10.99
N 28J A 5 4.63 3.96 6.03
CA 28J A 5 5.40 2.77 6.22
CB 28J A 5 6.87 2.91 5.79
CG2 28J A 5 7.76 2.00 6.66
CG1 28J A 5 6.96 2.57 4.32
CD1 28J A 5 8.34 2.71 3.77
C 28J A 5 4.75 1.57 5.52
O 28J A 5 3.65 1.70 4.90
HA 28J A 5 5.40 2.57 7.28
H22 28J A 5 7.19 3.93 5.94
H23 28J A 5 8.79 2.34 6.60
H24 28J A 5 7.70 0.98 6.31
H25 28J A 5 7.43 2.04 7.69
H26 28J A 5 6.64 1.55 4.18
H27 28J A 5 6.31 3.24 3.78
H28 28J A 5 8.97 1.93 4.18
H29 28J A 5 8.73 3.68 4.04
H30 28J A 5 8.29 2.61 2.70
N ILE A 6 5.42 0.41 5.78
CA ILE A 6 5.11 -0.92 5.23
C ILE A 6 5.00 -2.00 6.33
N SER A 7 3.94 -2.82 6.19
CA SER A 7 3.79 -4.11 6.94
C SER A 7 2.46 -4.82 6.80
N DTH A 8 2.34 -5.98 7.49
CA DTH A 8 1.13 -6.78 7.43
CB DTH A 8 0.41 -6.92 8.80
CG2 DTH A 8 0.41 -5.62 9.59
OG1 DTH A 8 1.04 -7.97 9.54
C DTH A 8 1.45 -8.19 6.92
O DTH A 8 0.57 -9.05 6.87
H DTH A 8 3.09 -6.29 8.05
HA DTH A 8 0.46 -6.30 6.75
HB DTH A 8 -0.61 -7.21 8.62
HG21 DTH A 8 -0.06 -4.83 9.01
HG22 DTH A 8 1.44 -5.32 9.80
HG23 DTH A 8 -0.13 -5.75 10.52
N ALA A 9 2.73 -8.43 6.62
CA ALA A 9 3.17 -9.75 6.10
C ALA A 9 2.76 -10.92 6.95
N EI4 A 10 3.21 -11.00 8.17
CA EI4 A 10 2.85 -12.14 8.97
CB EI4 A 10 4.07 -12.82 9.59
CG EI4 A 10 4.40 -14.17 8.95
CD2 EI4 A 10 4.22 -14.09 7.34
NE2 EI4 A 10 5.59 -14.40 6.84
CE1 EI4 A 10 6.51 -14.63 7.87
ND1 EI4 A 10 5.85 -14.48 9.08
NT EI4 A 10 7.75 -15.01 7.73
C EI4 A 10 1.82 -11.69 10.00
O EI4 A 10 0.98 -12.46 10.47
H EI4 A 10 3.75 -10.28 8.55
HA EI4 A 10 2.35 -12.84 8.32
HB EI4 A 10 3.92 -12.97 10.65
HBA EI4 A 10 4.93 -12.17 9.45
HG1 EI4 A 10 3.81 -14.97 9.38
HD2 EI4 A 10 3.92 -13.10 7.03
HE EI4 A 10 5.90 -14.46 5.88
HND1 EI4 A 10 6.36 -14.61 9.95
HD1 EI4 A 10 3.53 -14.85 6.99
H1 EI4 A 10 8.10 -15.23 6.82
HH12 EI4 A 10 8.33 -15.10 8.53
N ILE A 11 1.89 -10.40 10.29
CA ILE A 11 0.99 -9.77 11.23
C ILE A 11 0.25 -8.63 10.55
N ZAE B 1 -1.65 -9.22 2.23
CA ZAE B 1 -1.32 -9.07 3.65
C ZAE B 1 -0.40 -7.94 3.70
O ZAE B 1 0.71 -8.00 4.26
CB ZAE B 1 -2.58 -8.83 4.44
CG ZAE B 1 -2.58 -9.58 5.71
CD1 ZAE B 1 -2.80 -8.90 6.90
CD2 ZAE B 1 -2.35 -10.95 5.75
CE1 ZAE B 1 -2.81 -9.58 8.10
CE2 ZAE B 1 -2.37 -11.63 6.95
CZ ZAE B 1 -2.58 -10.95 8.13
C10 ZAE B 1 -1.87 -10.61 1.92
H ZAE B 1 -0.86 -8.89 1.66
HA ZAE B 1 -0.82 -9.95 4.01
HB2 ZAE B 1 -2.69 -7.78 4.66
HB3 ZAE B 1 -3.42 -9.17 3.85
HD1 ZAE B 1 -2.97 -7.84 6.88
HD2 ZAE B 1 -2.17 -11.48 4.82
HE1 ZAE B 1 -2.98 -9.04 9.02
HE2 ZAE B 1 -2.18 -12.70 6.97
HZ ZAE B 1 -2.58 -11.48 9.07
H11 ZAE B 1 -2.63 -11.00 2.58
H12 ZAE B 1 -0.95 -11.16 2.07
H13 ZAE B 1 -2.19 -10.71 0.90
HN2 ZAE B 1 -2.50 -8.65 2.01
N ILE B 2 -0.86 -6.88 3.15
CA ILE B 2 -0.09 -5.71 3.26
C ILE B 2 -0.96 -4.55 3.21
N SER B 3 -0.38 -3.60 3.82
CA SER B 3 -1.02 -2.39 4.07
C SER B 3 0.01 -1.38 4.35
N DGN B 4 -0.26 -0.24 3.80
CA DGN B 4 0.56 0.87 4.09
C DGN B 4 0.96 1.56 2.89
O DGN B 4 0.63 1.12 1.75
CB DGN B 4 -0.08 1.87 5.06
CG DGN B 4 -1.48 2.44 4.73
CD DGN B 4 -2.61 1.82 5.53
OE1 DGN B 4 -2.57 0.65 5.91
NE2 DGN B 4 -3.61 2.63 5.82
H DGN B 4 -0.94 -0.18 3.06
HA DGN B 4 1.45 0.47 4.55
HB2 DGN B 4 0.59 2.71 5.13
HB3 DGN B 4 -0.14 1.41 6.04
HG2 DGN B 4 -1.68 2.30 3.68
HG3 DGN B 4 -1.46 3.50 4.94
HE21 DGN B 4 -3.54 3.55 5.53
HE22 DGN B 4 -4.37 2.26 6.32
N 28J B 5 1.80 2.53 3.15
CA 28J B 5 2.16 3.39 2.09
CB 28J B 5 2.85 2.66 0.95
CG2 28J B 5 2.26 3.18 -0.35
CG1 28J B 5 4.32 2.94 1.05
CD1 28J B 5 5.17 1.89 0.40
C 28J B 5 3.06 4.53 2.54
O 28J B 5 3.31 4.71 3.78
HA 28J B 5 1.25 3.81 1.71
H22 28J B 5 2.66 1.60 1.03
H23 28J B 5 1.38 3.77 -0.14
H24 28J B 5 2.01 2.36 -1.00
H25 28J B 5 3.00 3.81 -0.83
H26 28J B 5 4.54 3.88 0.58
H27 28J B 5 4.61 2.99 2.09
H28 28J B 5 6.20 2.19 0.44
H29 28J B 5 4.86 1.79 -0.64
H30 28J B 5 5.04 0.96 0.91
N ILE B 6 3.37 5.36 1.52
CA ILE B 6 4.36 6.44 1.64
C ILE B 6 3.99 7.77 0.99
N SER B 7 4.66 8.79 1.55
CA SER B 7 4.81 10.15 0.99
C SER B 7 4.70 11.19 2.06
N DTH B 8 4.43 12.46 1.69
CA DTH B 8 4.33 13.52 2.71
CB DTH B 8 2.97 14.29 2.81
CG2 DTH B 8 1.75 13.39 2.81
OG1 DTH B 8 2.84 15.22 1.76
C DTH B 8 5.40 14.60 2.51
O DTH B 8 5.37 15.62 3.19
H DTH B 8 4.35 12.69 0.72
HA DTH B 8 4.49 13.03 3.67
HB DTH B 8 2.98 14.84 3.73
HG21 DTH B 8 1.76 12.77 3.70
HG22 DTH B 8 1.78 12.75 1.93
HG23 DTH B 8 0.86 13.99 2.78
N ALA B 9 6.27 14.42 1.51
CA ALA B 9 7.32 15.40 1.24
C ALA B 9 6.75 16.80 1.03
N EI4 B 10 6.02 16.99 -0.07
CA EI4 B 10 5.42 18.28 -0.39
CB EI4 B 10 5.45 18.54 -1.89
CG EI4 B 10 6.74 19.17 -2.42
CD2 EI4 B 10 8.00 18.55 -1.65
NE2 EI4 B 10 8.78 17.91 -2.77
CE1 EI4 B 10 8.16 18.07 -4.01
ND1 EI4 B 10 6.99 18.79 -3.84
NT EI4 B 10 8.60 17.61 -5.16
C EI4 B 10 4.00 18.36 0.16
O EI4 B 10 3.52 19.43 0.53
H EI4 B 10 5.92 16.25 -0.70
HA EI4 B 10 6.01 19.04 0.10
HB EI4 B 10 4.63 19.18 -2.15
HBA EI4 B 10 5.31 17.59 -2.41
HG1 EI4 B 10 6.71 20.25 -2.32
HD2 EI4 B 10 7.70 17.79 -0.95
HE EI4 B 10 9.63 17.43 -2.66
HND1 EI4 B 10 6.37 18.99 -4.59
HD1 EI4 B 10 8.59 19.33 -1.18
H1 EI4 B 10 9.47 17.13 -5.21
HH12 EI4 B 10 8.06 17.76 -5.99
N ILE B 11 3.33 17.22 0.24
CA ILE B 11 1.98 17.17 0.76
C ILE B 11 1.96 16.32 2.00
N ZAE C 1 1.16 8.98 2.23
CA ZAE C 1 0.33 9.71 1.26
C ZAE C 1 -0.49 8.68 0.61
O ZAE C 1 -1.73 8.68 0.63
CB ZAE C 1 -0.46 10.78 1.99
CG ZAE C 1 -0.99 11.78 1.02
CD1 ZAE C 1 -2.36 11.92 0.87
CD2 ZAE C 1 -0.14 12.50 0.19
CE1 ZAE C 1 -2.88 12.83 -0.03
CE2 ZAE C 1 -0.65 13.42 -0.71
CZ ZAE C 1 -2.03 13.55 -0.86
C10 ZAE C 1 2.17 9.85 2.78
H ZAE C 1 1.65 8.20 1.73
HA ZAE C 1 0.96 10.16 0.51
HB2 ZAE C 1 -1.30 10.34 2.51
HB3 ZAE C 1 0.18 11.30 2.68
HD1 ZAE C 1 -3.01 11.37 1.51
HD2 ZAE C 1 0.94 12.39 0.30
HE1 ZAE C 1 -3.94 12.93 -0.14
HE2 ZAE C 1 0.01 13.98 -1.36
HZ ZAE C 1 -2.44 14.25 -1.57
H11 ZAE C 1 2.67 10.36 1.97
H12 ZAE C 1 2.88 9.27 3.34
H13 ZAE C 1 1.70 10.58 3.43
HN2 ZAE C 1 0.55 8.59 2.98
N ILE C 2 0.23 7.74 0.03
CA ILE C 2 -0.44 6.63 -0.51
C ILE C 2 -0.38 5.52 0.41
N SER C 3 -1.54 5.04 0.50
CA SER C 3 -1.85 4.02 1.39
C SER C 3 -2.71 3.05 0.71
N DGN C 4 -2.53 1.83 1.15
CA DGN C 4 -3.37 0.79 0.69
C DGN C 4 -2.68 -0.47 0.67
O DGN C 4 -1.43 -0.54 0.82
CB DGN C 4 -4.69 0.67 1.50
CG DGN C 4 -4.60 0.67 3.04
CD DGN C 4 -5.82 1.24 3.75
OE1 DGN C 4 -6.52 2.11 3.22
NE2 DGN C 4 -6.09 0.72 4.92
H DGN C 4 -1.71 1.61 1.67
HA DGN C 4 -3.64 1.03 -0.32
HB2 DGN C 4 -5.16 -0.25 1.21
HB3 DGN C 4 -5.33 1.49 1.22
HG2 DGN C 4 -3.73 1.23 3.35
HG3 DGN C 4 -4.48 -0.36 3.36
HE21 DGN C 4 -5.51 0.01 5.25
HE22 DGN C 4 -6.86 1.08 5.42
N 28J C 5 -3.48 -1.46 0.35
CA 28J C 5 -3.00 -2.78 0.37
CB 28J C 5 -1.88 -3.02 -0.62
CG2 28J C 5 -1.01 -4.15 -0.10
CG1 28J C 5 -2.49 -3.39 -1.96
CD1 28J C 5 -1.48 -3.67 -3.03
C 28J C 5 -4.09 -3.78 0.04
O 28J C 5 -5.27 -3.39 -0.25
HA 28J C 5 -2.64 -2.99 1.36
H22 28J C 5 -1.28 -2.13 -0.71
H23 28J C 5 -0.01 -4.04 -0.48
H24 28J C 5 -1.42 -5.10 -0.40
H25 28J C 5 -0.98 -4.09 0.99
H26 28J C 5 -3.10 -4.27 -1.83
H27 28J C 5 -3.11 -2.57 -2.30
H28 28J C 5 -0.57 -4.03 -2.57
H29 28J C 5 -1.27 -2.76 -3.57
H30 28J C 5 -1.86 -4.43 -3.70
N ILE C 6 -3.68 -5.06 0.22
CA ILE C 6 -4.51 -6.20 -0.20
C ILE C 6 -4.60 -7.34 0.79
N SER C 7 -5.75 -8.04 0.59
CA SER C 7 -6.03 -9.39 1.14
C SER C 7 -7.50 -9.73 1.00
N DTH C 8 -7.89 -10.92 1.50
CA DTH C 8 -9.29 -11.32 1.40
CB DTH C 8 -10.05 -11.51 2.75
CG2 DTH C 8 -9.82 -10.39 3.73
OG1 DTH C 8 -9.70 -12.74 3.34
C DTH C 8 -9.43 -12.65 0.65
O DTH C 8 -10.54 -13.16 0.52
H DTH C 8 -7.21 -11.56 1.87
HA DTH C 8 -9.80 -10.53 0.86
HB DTH C 8 -11.11 -11.54 2.53
HG21 DTH C 8 -10.15 -9.45 3.31
HG22 DTH C 8 -8.76 -10.33 3.95
HG23 DTH C 8 -10.34 -10.60 4.64
N ALA C 9 -8.32 -13.23 0.23
CA ALA C 9 -8.36 -14.51 -0.48
C ALA C 9 -9.11 -15.57 0.31
N EI4 C 10 -8.52 -16.04 1.41
CA EI4 C 10 -9.15 -17.04 2.26
CB EI4 C 10 -8.12 -18.06 2.78
CG EI4 C 10 -8.06 -19.35 1.98
CD2 EI4 C 10 -8.27 -19.04 0.41
NE2 EI4 C 10 -6.94 -19.40 -0.17
CE1 EI4 C 10 -6.06 -19.94 0.77
ND1 EI4 C 10 -6.69 -19.93 2.02
NT EI4 C 10 -4.87 -20.41 0.52
C EI4 C 10 -9.86 -16.38 3.44
O EI4 C 10 -10.82 -16.92 3.99
H EI4 C 10 -7.62 -15.70 1.65
HA EI4 C 10 -9.88 -17.56 1.68
HB EI4 C 10 -8.37 -18.31 3.80
HBA EI4 C 10 -7.14 -17.59 2.77
HG1 EI4 C 10 -8.79 -20.07 2.35
HD2 EI4 C 10 -8.48 -18.00 0.25
HE EI4 C 10 -6.69 -19.30 -1.12
HND1 EI4 C 10 -6.23 -20.28 2.83
HD1 EI4 C 10 -9.06 -19.66 0.00
H1 EI4 C 10 -4.51 -20.42 -0.41
HH12 EI4 C 10 -4.31 -20.78 1.28
N ILE C 11 -9.40 -15.20 3.80
CA ILE C 11 -9.98 -14.48 4.92
C ILE C 11 -10.51 -13.17 4.44
N ZAE D 1 -13.00 -12.11 -3.94
CA ZAE D 1 -12.72 -12.55 -2.55
C ZAE D 1 -11.70 -11.62 -1.92
O ZAE D 1 -11.73 -11.37 -0.72
CB ZAE D 1 -13.99 -12.52 -1.70
CG ZAE D 1 -13.89 -13.34 -0.46
CD1 ZAE D 1 -14.08 -12.75 0.79
CD2 ZAE D 1 -13.59 -14.70 -0.52
CE1 ZAE D 1 -13.99 -13.50 1.95
CE2 ZAE D 1 -13.49 -15.45 0.63
CZ ZAE D 1 -13.68 -14.85 1.87
C10 ZAE D 1 -13.65 -13.17 -4.72
H ZAE D 1 -12.10 -11.88 -4.41
HA ZAE D 1 -12.31 -13.56 -2.56
HB2 ZAE D 1 -14.21 -11.51 -1.42
HB3 ZAE D 1 -14.81 -12.91 -2.29
HD1 ZAE D 1 -14.32 -11.70 0.85
HD2 ZAE D 1 -13.43 -15.15 -1.49
HE1 ZAE D 1 -14.14 -13.04 2.91
HE2 ZAE D 1 -13.25 -16.50 0.57
HZ ZAE D 1 -13.60 -15.45 2.77
H11 ZAE D 1 -13.85 -12.82 -5.72
H12 ZAE D 1 -14.58 -13.44 -4.24
H13 ZAE D 1 -13.01 -14.05 -4.76
HN2 ZAE D 1 -13.59 -11.24 -3.92
N ILE D 2 -10.83 -11.10 -2.75
CA ILE D 2 -9.85 -10.18 -2.24
C ILE D 2 -10.30 -8.80 -2.46
N SER D 3 -10.04 -8.01 -1.48
CA SER D 3 -10.45 -6.66 -1.56
C SER D 3 -9.28 -5.76 -1.28
N DGN D 4 -9.45 -4.49 -1.65
CA DGN D 4 -8.47 -3.48 -1.34
C DGN D 4 -7.86 -2.83 -2.54
O DGN D 4 -8.16 -3.20 -3.70
CB DGN D 4 -9.09 -2.40 -0.45
CG DGN D 4 -10.18 -1.52 -1.10
CD DGN D 4 -11.62 -1.94 -0.79
OE1 DGN D 4 -11.90 -3.11 -0.57
NE2 DGN D 4 -12.53 -0.96 -0.70
H DGN D 4 -10.25 -4.23 -2.17
HA DGN D 4 -7.68 -3.96 -0.79
HB2 DGN D 4 -8.30 -1.74 -0.13
HB3 DGN D 4 -9.52 -2.86 0.42
HG2 DGN D 4 -10.05 -1.56 -2.17
HG3 DGN D 4 -10.04 -0.51 -0.77
HE21 DGN D 4 -12.23 -0.04 -0.83
HE22 DGN D 4 -13.45 -1.21 -0.50
N 28J D 5 -6.95 -1.90 -2.29
CA 28J D 5 -6.43 -1.13 -3.38
CB 28J D 5 -6.00 -1.99 -4.56
CG2 28J D 5 -6.08 -1.18 -5.87
CG1 28J D 5 -4.60 -2.50 -4.30
CD1 28J D 5 -4.04 -3.32 -5.42
C 28J D 5 -5.25 -0.28 -2.92
O 28J D 5 -4.88 -0.27 -1.72
HA 28J D 5 -7.21 -0.47 -3.71
H22 28J D 5 -6.69 -2.82 -4.64
H23 28J D 5 -6.34 -1.83 -6.68
H24 28J D 5 -5.13 -0.72 -6.07
H25 28J D 5 -6.83 -0.41 -5.76
H26 28J D 5 -3.94 -1.66 -4.13
H27 28J D 5 -4.63 -3.12 -3.41
H28 28J D 5 -4.66 -4.18 -5.57
H29 28J D 5 -3.04 -3.63 -5.16
H30 28J D 5 -4.02 -2.73 -6.31
N ILE D 6 -4.76 0.48 -3.92
CA ILE D 6 -3.60 1.34 -3.81
C ILE D 6 -3.81 2.74 -4.40
N SER D 7 -3.35 3.75 -3.64
CA SER D 7 -3.18 5.14 -4.15
C SER D 7 -3.12 6.21 -3.07
N DTH D 8 -2.65 7.40 -3.48
CA DTH D 8 -2.62 8.51 -2.54
CB DTH D 8 -3.83 9.52 -2.60
CG2 DTH D 8 -5.20 8.82 -2.47
OG1 DTH D 8 -3.73 10.34 -3.75
C DTH D 8 -1.37 9.38 -2.65
O DTH D 8 -1.37 10.44 -2.02
H DTH D 8 -2.12 7.45 -4.34
HA DTH D 8 -2.60 8.08 -1.55
HB DTH D 8 -3.72 10.16 -1.73
HG21 DTH D 8 -5.28 8.29 -1.54
HG22 DTH D 8 -5.33 8.13 -3.30
HG23 DTH D 8 -5.98 9.58 -2.52
N ALA D 9 -0.43 9.02 -3.51
CA ALA D 9 0.79 9.75 -3.65
C ALA D 9 0.53 11.21 -3.90
N EI4 D 10 -0.04 11.55 -5.02
CA EI4 D 10 -0.38 12.93 -5.32
CB EI4 D 10 -0.05 13.24 -6.78
CG EI4 D 10 1.33 13.79 -7.02
CD2 EI4 D 10 2.41 12.86 -6.28
NE2 EI4 D 10 3.17 12.26 -7.42
CE1 EI4 D 10 2.78 12.79 -8.66
ND1 EI4 D 10 1.73 13.65 -8.45
NT EI4 D 10 3.35 12.53 -9.81
C EI4 D 10 -1.85 13.22 -4.98
O EI4 D 10 -2.18 14.28 -4.44
H EI4 D 10 -0.21 10.86 -5.69
HA EI4 D 10 0.24 13.56 -4.69
HB EI4 D 10 -0.76 13.96 -7.14
HBA EI4 D 10 -0.16 12.33 -7.34
HG1 EI4 D 10 1.42 14.81 -6.70
HD2 EI4 D 10 1.92 12.09 -5.71
HE EI4 D 10 3.92 11.62 -7.35
HND1 EI4 D 10 1.28 14.12 -9.23
HD1 EI4 D 10 3.06 13.45 -5.65
H1 EI4 D 10 4.18 11.98 -9.85
HH12 EI4 D 10 2.96 12.91 -10.65
N ILE D 11 -2.74 12.27 -5.28
CA ILE D 11 -4.16 12.40 -4.98
C ILE D 11 -4.46 11.58 -3.73
N ALA E 1 11.84 -13.85 5.97
CA ALA E 1 12.05 -14.75 4.81
C ALA E 1 11.00 -15.86 4.83
N DGL E 2 11.50 -17.16 5.03
CA DGL E 2 10.49 -18.23 5.25
C DGL E 2 9.34 -17.91 6.30
O DGL E 2 8.49 -18.84 6.46
CB DGL E 2 9.57 -18.40 3.95
CG DGL E 2 10.32 -18.21 2.57
CD DGL E 2 9.39 -17.63 1.47
OE1 DGL E 2 9.08 -18.31 0.49
H DGL E 2 12.44 -17.29 5.27
HB2 DGL E 2 8.81 -17.68 4.07
HB3 DGL E 2 9.14 -19.39 4.00
HG2 DGL E 2 10.69 -19.16 2.24
HG3 DGL E 2 11.16 -17.53 2.69
N LYS E 3 9.01 -16.39 1.62
CA LYS E 3 8.16 -15.68 0.66
C LYS E 3 6.70 -16.25 0.57
N DAL E 4 6.30 -16.70 1.84
CA DAL E 4 4.89 -17.24 2.30
CB DAL E 4 4.36 -18.82 1.75
C DAL E 4 4.09 -15.77 2.23
O DAL E 4 3.09 -15.59 1.54
H DAL E 4 7.00 -16.63 2.52
HA DAL E 4 4.64 -17.22 1.85
HB1 DAL E 4 4.18 -18.82 0.70
HB2 DAL E 4 3.47 -19.15 2.27
HB3 DAL E 4 5.13 -19.61 1.95
N DAL E 5 4.73 -14.71 3.02
CA DAL E 5 3.89 -13.29 3.29
CB DAL E 5 2.61 -13.68 3.66
C DAL E 5 4.15 -12.85 1.70
O DAL E 5 3.24 -12.43 0.97
OXT DAL E 5 5.32 -13.06 1.11
H DAL E 5 5.56 -15.01 3.34
HA DAL E 5 4.14 -12.05 3.20
HB1 DAL E 5 2.44 -14.70 3.32
HB2 DAL E 5 2.04 -13.01 3.15
HB3 DAL E 5 2.45 -13.65 4.71
N ALA F 1 12.91 14.86 -2.76
CA ALA F 1 13.98 14.58 -1.74
C ALA F 1 13.48 14.73 -0.28
N DGL F 2 12.92 15.98 0.08
CA DGL F 2 12.29 16.03 1.48
C DGL F 2 11.66 14.73 2.10
O DGL F 2 10.79 14.13 1.39
CB DGL F 2 13.32 16.21 2.66
CG DGL F 2 14.80 16.05 2.29
CD DGL F 2 15.50 14.97 3.12
OE1 DGL F 2 16.48 15.25 3.82
H DGL F 2 12.71 16.64 -0.65
HB2 DGL F 2 13.05 15.45 3.33
HB3 DGL F 2 13.16 17.18 3.15
HG2 DGL F 2 15.30 16.98 2.43
HG3 DGL F 2 14.87 15.77 1.25
N LYS F 3 15.03 13.76 2.99
CA LYS F 3 15.56 12.61 3.70
C LYS F 3 15.34 12.72 5.25
N DAL F 4 14.09 13.30 5.50
CA DAL F 4 13.34 13.52 6.86
CB DAL F 4 13.85 14.89 7.86
C DAL F 4 13.19 11.90 7.28
O DAL F 4 13.98 11.35 8.05
H DAL F 4 13.61 13.57 4.68
HA DAL F 4 13.71 13.39 7.22
HB1 DAL F 4 14.85 14.77 8.20
HB2 DAL F 4 13.19 15.04 8.70
HB3 DAL F 4 13.81 15.87 7.28
N DAL F 5 12.06 11.19 6.67
CA DAL F 5 11.70 9.64 7.28
CB DAL F 5 11.66 9.76 8.68
C DAL F 5 13.05 9.03 6.56
O DAL F 5 13.89 8.23 7.19
OXT DAL F 5 13.25 9.21 5.35
H DAL F 5 11.65 11.70 6.00
HA DAL F 5 11.47 8.51 6.78
HB1 DAL F 5 12.45 10.44 8.99
HB2 DAL F 5 11.85 8.80 8.95
HB3 DAL F 5 10.74 10.13 9.04
N ALA G 1 -3.28 -19.96 -2.65
CA ALA G 1 -4.03 -20.35 -3.85
C ALA G 1 -5.54 -19.84 -3.88
N DGL G 2 -5.83 -18.91 -4.80
CA DGL G 2 -7.17 -18.06 -4.93
C DGL G 2 -6.26 -16.77 -5.34
O DGL G 2 -5.18 -16.75 -6.00
CB DGL G 2 -7.92 -18.10 -6.26
CG DGL G 2 -7.03 -18.63 -7.39
CD DGL G 2 -7.03 -17.72 -8.57
OE1 DGL G 2 -7.74 -17.94 -9.57
H DGL G 2 -5.08 -18.75 -5.55
HB2 DGL G 2 -8.29 -17.09 -6.46
HB3 DGL G 2 -8.78 -18.73 -6.08
HG2 DGL G 2 -7.40 -19.59 -7.67
HG3 DGL G 2 -6.01 -18.73 -7.03
N LYS G 3 -6.20 -16.74 -8.49
CA LYS G 3 -6.05 -15.73 -9.49
C LYS G 3 -7.36 -14.91 -9.69
N DAL G 4 -7.80 -14.46 -8.43
CA DAL G 4 -9.00 -13.50 -8.08
CB DAL G 4 -10.61 -14.24 -7.93
C DAL G 4 -8.51 -12.20 -9.02
O DAL G 4 -9.16 -11.84 -10.01
H DAL G 4 -7.24 -14.77 -7.68
HA DAL G 4 -9.28 -13.50 -8.54
HB1 DAL G 4 -10.97 -14.58 -8.87
HB2 DAL G 4 -11.32 -13.54 -7.50
HB3 DAL G 4 -10.59 -15.13 -7.22
N DAL G 5 -7.27 -11.53 -8.60
CA DAL G 5 -6.90 -10.07 -9.36
CB DAL G 5 -8.05 -9.28 -9.31
C DAL G 5 -6.51 -10.85 -10.73
O DAL G 5 -5.66 -11.87 -10.75
OXT DAL G 5 -7.09 -10.59 -11.79
H DAL G 5 -6.82 -12.04 -7.93
HA DAL G 5 -5.83 -9.56 -9.85
HB1 DAL G 5 -7.96 -8.50 -10.06
HB2 DAL G 5 -8.00 -8.92 -8.37
HB3 DAL G 5 -8.95 -9.83 -9.51
N ALA H 1 4.21 9.82 -12.64
CA ALA H 1 5.55 10.30 -13.03
C ALA H 1 6.61 9.50 -12.26
N DGL H 2 7.93 9.50 -12.79
CA DGL H 2 9.00 8.93 -11.96
C DGL H 2 8.85 8.61 -10.47
O DGL H 2 8.52 7.52 -9.99
CB DGL H 2 9.16 7.35 -12.37
CG DGL H 2 7.90 6.60 -12.90
CD DGL H 2 7.63 5.25 -12.19
OE1 DGL H 2 7.29 4.26 -12.84
H DGL H 2 8.13 10.14 -13.56
HA DGL H 2 8.26 9.13 -11.54
HB2 DGL H 2 9.51 6.90 -11.48
HB3 DGL H 2 9.97 7.29 -13.13
HG2 DGL H 2 8.00 6.43 -13.95
HG3 DGL H 2 7.02 7.24 -12.75
N LYS H 3 7.75 5.25 -10.88
CA LYS H 3 7.51 4.06 -10.05
C LYS H 3 8.53 2.89 -10.33
N DAL H 4 9.83 3.41 -10.37
CA DAL H 4 11.20 2.66 -10.48
CB DAL H 4 11.55 1.86 -12.03
C DAL H 4 11.23 2.01 -8.93
O DAL H 4 11.16 0.80 -8.72
H DAL H 4 9.87 4.39 -10.27
HA DAL H 4 11.05 2.14 -10.50
HB1 DAL H 4 10.89 1.04 -12.21
HB2 DAL H 4 12.58 1.50 -12.07
HB3 DAL H 4 11.46 2.58 -12.90
N DAL H 5 11.32 2.99 -7.84
CA DAL H 5 11.63 2.38 -6.29
CB DAL H 5 12.73 1.52 -6.40
C DAL H 5 10.12 1.76 -6.21
O DAL H 5 9.06 2.42 -6.63
OXT DAL H 5 9.93 0.58 -5.86
H DAL H 5 11.20 3.88 -8.15
HA DAL H 5 11.13 2.59 -5.13
HB1 DAL H 5 13.63 2.14 -6.42
HB2 DAL H 5 12.54 1.08 -7.28
HB3 DAL H 5 12.81 0.83 -5.59
C1 MUB I . 8.53 -10.23 7.63
C2 MUB I . 9.93 -10.56 8.12
C3 MUB I . 10.94 -10.12 7.08
C4 MUB I . 10.58 -10.61 5.67
C5 MUB I . 9.20 -10.06 5.28
C6 MUB I . 8.26 -11.16 4.78
C7 MUB I . 10.69 -8.67 9.43
C8 MUB I . 10.95 -8.06 10.81
C9 MUB I . 12.35 -12.02 7.57
C10 MUB I . 12.69 -12.83 6.33
C11 MUB I . 12.44 -12.68 9.01
O1 MUB I . 7.89 -9.56 8.64
O3 MUB I . 12.27 -10.58 7.47
O4 MUB I . 11.62 -10.26 4.71
O5 MUB I . 8.58 -9.40 6.43
O6 MUB I . 7.95 -12.09 5.80
O7 MUB I . 10.90 -8.02 8.41
O10 MUB I . 13.65 -12.49 5.65
N2 MUB I . 10.21 -9.92 9.40
H1 MUB I . 7.98 -11.16 7.38
H2 MUB I . 9.90 -11.64 8.38
HN2 MUB I . 10.04 -10.42 10.24
H81 MUB I . 11.68 -8.67 11.34
H82 MUB I . 10.03 -8.04 11.38
H83 MUB I . 11.30 -7.05 10.69
H3 MUB I . 11.11 -9.03 7.15
H9 MUB I . 11.36 -12.23 7.21
H111 MUB I . 13.20 -12.17 9.63
H112 MUB I . 12.75 -13.68 8.90
H113 MUB I . 11.46 -12.69 9.48
H4 MUB I . 10.79 -11.68 5.54
H5 MUB I . 9.28 -9.40 4.43
H61 MUB I . 8.87 -11.77 4.07
H62 MUB I . 7.34 -10.81 4.25
HO6 MUB I . 7.00 -12.20 5.99
C1 NAG I . 12.29 -9.00 4.93
C2 NAG I . 13.25 -8.71 3.77
C3 NAG I . 14.01 -7.40 4.04
C4 NAG I . 13.03 -6.28 4.39
C5 NAG I . 12.08 -6.71 5.51
C6 NAG I . 11.04 -5.64 5.81
C7 NAG I . 15.12 -10.14 4.42
C8 NAG I . 15.94 -11.36 3.99
N2 NAG I . 14.15 -9.81 3.56
O3 NAG I . 14.73 -7.04 2.86
O4 NAG I . 13.76 -5.13 4.79
O5 NAG I . 11.38 -7.91 5.13
O6 NAG I . 10.10 -6.08 6.78
O7 NAG I . 15.60 -9.31 5.21
H1 NAG I . 12.84 -9.21 5.86
H2 NAG I . 12.90 -8.67 2.82
H3 NAG I . 14.70 -7.51 4.87
H4 NAG I . 12.59 -5.98 3.41
H5 NAG I . 12.53 -6.85 6.50
H61 NAG I . 10.42 -5.35 4.93
H62 NAG I . 11.55 -4.73 6.14
H81 NAG I . 15.28 -12.21 3.89
H82 NAG I . 16.67 -11.57 4.75
H83 NAG I . 16.45 -11.13 3.05
HN2 NAG I . 13.81 -10.51 2.97
HO3 NAG I . 15.39 -7.69 2.66
HO4 NAG I . 14.48 -5.02 4.16
HO6 NAG I . 10.56 -6.78 7.27
C1 MUB J . 8.24 13.83 -3.70
C2 MUB J . 9.18 14.47 -4.72
C3 MUB J . 10.34 13.51 -4.99
C4 MUB J . 10.95 12.91 -3.71
C5 MUB J . 9.85 12.24 -2.88
C6 MUB J . 9.80 12.81 -1.47
C7 MUB J . 8.36 13.89 -6.92
C8 MUB J . 7.64 14.33 -8.20
C9 MUB J . 12.00 15.25 -5.05
C10 MUB J . 13.16 14.92 -4.11
C11 MUB J . 11.76 16.75 -5.52
O1 MUB J . 6.94 13.97 -4.14
O3 MUB J . 11.36 14.18 -5.77
O4 MUB J . 12.03 11.98 -4.04
O5 MUB J . 8.56 12.44 -3.51
O6 MUB J . 10.53 14.01 -1.38
O7 MUB J . 8.80 12.75 -6.82
O10 MUB J . 14.25 14.62 -4.60
N2 MUB J . 8.50 14.81 -5.96
H1 MUB J . 8.28 14.34 -2.72
H2 MUB J . 9.42 15.46 -4.29
HN2 MUB J . 8.13 15.71 -6.08
H81 MUB J . 8.17 15.17 -8.66
H82 MUB J . 6.63 14.64 -7.96
H83 MUB J . 7.59 13.48 -8.88
H3 MUB J . 10.03 12.74 -5.72
H9 MUB J . 11.47 15.14 -4.14
H111 MUB J . 11.57 16.79 -6.60
H112 MUB J . 12.63 17.31 -5.34
H113 MUB J . 10.95 17.19 -4.93
H4 MUB J . 11.66 13.59 -3.24
H5 MUB J . 10.06 11.19 -2.71
H61 MUB J . 10.38 12.10 -0.85
H62 MUB J . 8.77 12.89 -1.02
HO6 MUB J . 10.77 14.25 -0.47
C1 NAG J . 11.88 11.25 -5.28
C2 NAG J . 13.01 10.22 -5.42
C3 NAG J . 12.86 9.45 -6.73
C4 NAG J . 11.43 8.93 -6.90
C5 NAG J . 10.40 10.03 -6.67
C6 NAG J . 8.99 9.49 -6.70
C7 NAG J . 14.71 11.77 -6.21
C8 NAG J . 16.09 12.35 -5.92
N2 NAG J . 14.29 10.88 -5.32
O3 NAG J . 13.78 8.37 -6.73
O4 NAG J . 11.29 8.41 -8.21
O5 NAG J . 10.60 10.62 -5.37
O6 NAG J . 8.07 10.37 -6.07
O7 NAG J . 14.22 11.86 -7.33
H1 NAG J . 11.99 12.06 -6.02
H2 NAG J . 13.20 9.55 -4.68
H3 NAG J . 13.09 10.11 -7.57
H4 NAG J . 11.40 8.00 -6.25
H5 NAG J . 10.36 10.82 -7.40
H61 NAG J . 8.86 8.52 -6.17
H62 NAG J . 8.73 9.31 -7.75
H81 NAG J . 16.37 13.02 -6.73
H82 NAG J . 16.81 11.55 -5.87
H83 NAG J . 16.07 12.88 -4.96
HN2 NAG J . 14.73 10.86 -4.44
HO3 NAG J . 14.67 8.69 -6.72
HO4 NAG J . 11.99 7.76 -8.35
HO6 NAG J . 8.32 11.26 -6.36
C1 MUB K . -3.27 -16.35 -0.10
C2 MUB K . -2.28 -17.50 0.07
C3 MUB K . -1.30 -17.52 -1.12
C4 MUB K . -2.01 -17.36 -2.47
C5 MUB K . -2.81 -16.06 -2.48
C6 MUB K . -4.24 -16.31 -2.89
C7 MUB K . -0.41 -16.67 1.38
C8 MUB K . 0.28 -16.58 2.74
C9 MUB K . -1.33 -19.93 -1.09
C10 MUB K . -1.99 -20.38 -2.40
C11 MUB K . -1.23 -20.92 0.12
O1 MUB K . -3.36 -15.64 1.09
O3 MUB K . -0.52 -18.74 -1.10
O4 MUB K . -1.04 -17.44 -3.57
O5 MUB K . -2.81 -15.46 -1.16
O6 MUB K . -4.83 -17.36 -2.14
O7 MUB K . 0.08 -16.10 0.39
O10 MUB K . -1.30 -20.96 -3.23
N2 MUB K . -1.54 -17.37 1.32
H1 MUB K . -4.29 -16.68 -0.35
H2 MUB K . -2.93 -18.40 0.22
HN2 MUB K . -1.90 -17.81 2.13
H81 MUB K . 1.27 -16.15 2.63
H82 MUB K . 0.38 -17.56 3.16
H83 MUB K . -0.33 -15.97 3.40
H3 MUB K . -0.48 -16.80 -0.93
H9 MUB K . -2.29 -19.44 -1.01
H111 MUB K . -0.17 -21.15 0.37
H112 MUB K . -1.69 -21.83 -0.13
H113 MUB K . -1.76 -20.52 0.99
H4 MUB K . -2.46 -18.29 -2.81
H5 MUB K . -2.43 -15.37 -3.23
H61 MUB K . -4.16 -16.75 -3.91
H62 MUB K . -4.90 -15.41 -2.99
HO6 MUB K . -5.76 -17.47 -2.36
C1 NAG K . 0.27 -16.87 -3.33
C2 NAG K . 1.10 -16.91 -4.61
C3 NAG K . 2.49 -16.33 -4.34
C4 NAG K . 2.38 -14.96 -3.66
C5 NAG K . 1.47 -15.03 -2.44
C6 NAG K . 1.24 -13.65 -1.86
C7 NAG K . 1.57 -19.29 -4.35
C8 NAG K . 1.59 -20.64 -5.05
N2 NAG K . 1.20 -18.27 -5.11
O3 NAG K . 3.18 -16.18 -5.57
O4 NAG K . 3.68 -14.55 -3.25
O5 NAG K . 0.17 -15.54 -2.83
O6 NAG K . 0.18 -13.69 -0.92
O7 NAG K . 2.19 -19.12 -3.30
H1 NAG K . 0.68 -17.56 -2.57
H2 NAG K . 0.76 -16.51 -5.47
H3 NAG K . 3.07 -16.98 -3.69
H4 NAG K . 2.13 -14.25 -4.49
H5 NAG K . 1.83 -15.60 -1.59
H61 NAG K . 0.96 -12.87 -2.60
H62 NAG K . 2.16 -13.35 -1.37
H81 NAG K . 1.91 -21.40 -4.35
H82 NAG K . 2.29 -20.60 -5.87
H83 NAG K . 0.60 -20.86 -5.45
HN2 NAG K . 0.70 -18.46 -5.94
HO3 NAG K . 3.25 -17.02 -6.02
HO4 NAG K . 4.28 -14.73 -3.98
HO6 NAG K . 0.24 -14.53 -0.47
C1 MUB L . 1.00 8.21 -8.88
C2 MUB L . 0.67 8.56 -10.30
C3 MUB L . 1.61 7.84 -11.21
C4 MUB L . 3.04 7.87 -10.68
C5 MUB L . 3.11 7.17 -9.32
C6 MUB L . 3.90 7.98 -8.30
C7 MUB L . -0.98 6.96 -10.99
C8 MUB L . -2.43 6.65 -11.31
C9 MUB L . 1.73 9.85 -12.52
C10 MUB L . 3.04 10.40 -13.06
C11 MUB L . 0.51 10.84 -12.36
O1 MUB L . -0.17 8.01 -8.24
O3 MUB L . 1.53 8.43 -12.54
O4 MUB L . 3.95 7.28 -11.65
O5 MUB L . 1.77 7.00 -8.81
O6 MUB L . 3.31 9.24 -8.08
O7 MUB L . -0.14 6.06 -11.01
O10 MUB L . 3.01 11.31 -13.88
N2 MUB L . -0.72 8.20 -10.63
H1 MUB L . 1.60 9.02 -8.39
H2 MUB L . 0.64 9.67 -10.31
HN2 MUB L . -1.42 8.89 -10.63
H81 MUB L . -2.77 7.28 -12.13
H82 MUB L . -3.04 6.84 -10.44
H83 MUB L . -2.51 5.60 -11.57
H3 MUB L . 1.20 6.82 -11.40
H9 MUB L . 2.28 9.89 -11.60
H111 MUB L . -0.41 10.41 -12.78
H112 MUB L . 0.72 11.72 -12.91
H113 MUB L . 0.39 11.13 -11.31
H4 MUB L . 3.48 8.87 -10.78
H5 MUB L . 3.63 6.23 -9.34
H61 MUB L . 4.86 8.23 -8.81
H62 MUB L . 4.10 7.47 -7.31
HO6 MUB L . 3.09 9.44 -7.16
C1 NAG L . 3.49 6.06 -12.27
C2 NAG L . 4.55 5.54 -13.26
C3 NAG L . 4.09 4.24 -13.92
C4 NAG L . 3.57 3.25 -12.87
C5 NAG L . 2.55 3.91 -11.95
C6 NAG L . 2.07 2.96 -10.86
C7 NAG L . 3.94 7.07 -15.05
C8 NAG L . 4.48 8.14 -16.02
N2 NAG L . 4.86 6.55 -14.24
O3 NAG L . 5.19 3.66 -14.60
O4 NAG L . 2.98 2.15 -13.53
O5 NAG L . 3.13 5.05 -11.31
O6 NAG L . 1.22 3.62 -9.92
O7 NAG L . 2.88 6.50 -15.29
H1 NAG L . 2.61 6.42 -12.81
H2 NAG L . 5.50 5.42 -12.95
H3 NAG L . 3.29 4.43 -14.63
H4 NAG L . 4.51 2.81 -12.40
H5 NAG L . 1.60 4.21 -12.41
H61 NAG L . 2.90 2.55 -10.27
H62 NAG L . 1.56 2.13 -11.36
H81 NAG L . 3.69 8.44 -16.69
H82 NAG L . 5.29 7.73 -16.59
H83 NAG L . 4.85 8.99 -15.44
HN2 NAG L . 5.68 7.07 -14.10
HO3 NAG L . 5.97 3.66 -14.04
HO4 NAG L . 3.55 1.88 -14.25
HO6 NAG L . 1.43 4.56 -10.04
P 2PO M . 7.22 -10.40 9.85
O1P 2PO M . 7.77 -9.96 11.17
O2P 2PO M . 7.27 -11.85 9.53
O3P 2PO M . 5.73 -9.90 9.73
P 2PO N . 5.52 -8.37 9.36
O1P 2PO N . 4.10 -8.15 9.00
O2P 2PO N . 6.12 -7.56 10.46
O3P 2PO N . 6.42 -8.17 8.05
C1 P1W O . 6.19 -7.06 7.21
C2 P1W O . 7.15 -7.13 6.04
C3 P1W O . 6.82 -6.84 4.78
C4 P1W O . 7.83 -6.90 3.65
C5 P1W O . 5.40 -6.43 4.36
H12 P1W O . 5.16 -7.07 6.87
H11 P1W O . 6.35 -6.15 7.77
H2 P1W O . 8.18 -7.11 6.33
H41 P1W O . 8.79 -7.21 4.04
H42 P1W O . 7.50 -7.62 2.92
H51 P1W O . 5.26 -5.38 4.59
H52 P1W O . 4.69 -7.02 4.90
H53 P1W O . 5.29 -6.59 3.30
C1 P1W P . 7.98 -5.53 2.99
C2 P1W P . 8.68 -5.71 1.69
C3 P1W P . 8.16 -5.33 0.51
C4 P1W P . 8.87 -5.58 -0.78
C5 P1W P . 6.82 -4.59 0.39
H12 P1W P . 8.56 -4.88 3.63
H11 P1W P . 7.00 -5.13 2.83
H2 P1W P . 9.48 -6.44 1.72
H41 P1W P . 8.52 -4.89 -1.53
H42 P1W P . 9.94 -5.45 -0.65
H51 P1W P . 6.52 -4.55 -0.65
H52 P1W P . 6.93 -3.58 0.77
H53 P1W P . 6.06 -5.11 0.95
C1 P1W Q . 11.45 5.47 -4.13
C2 P1W Q . 12.00 5.35 -2.74
C3 P1W Q . 12.38 6.39 -1.96
C4 P1W Q . 12.92 6.19 -0.54
C5 P1W Q . 12.31 7.84 -2.41
H12 P1W Q . 11.50 6.51 -4.43
H11 P1W Q . 12.05 4.88 -4.80
H2 P1W Q . 11.86 4.38 -2.30
H43 P1W Q . 13.24 5.17 -0.42
H41 P1W Q . 12.14 6.42 0.17
H42 P1W Q . 13.76 6.86 -0.38
H51 P1W Q . 12.33 8.48 -1.55
H52 P1W Q . 11.38 8.01 -2.94
H53 P1W Q . 13.13 8.07 -3.06
C1 P1W R . 8.59 -7.01 -1.25
C2 P1W R . 7.25 -7.08 -1.90
C3 P1W R . 6.25 -7.86 -1.48
C4 P1W R . 4.88 -7.95 -2.16
C5 P1W R . 6.39 -8.75 -0.26
H12 P1W R . 8.61 -7.66 -0.39
H11 P1W R . 9.34 -7.31 -1.95
H2 P1W R . 7.11 -6.40 -2.73
H43 P1W R . 4.10 -7.60 -1.47
H41 P1W R . 4.67 -8.96 -2.44
H42 P1W R . 4.87 -7.32 -3.04
H51 P1W R . 5.47 -9.29 -0.11
H52 P1W R . 6.59 -8.13 0.61
H53 P1W R . 7.20 -9.44 -0.41
P 2PO S . 6.12 15.31 -3.75
O1P 2PO S . 6.01 16.15 -4.96
O2P 2PO S . 6.71 15.94 -2.54
O3P 2PO S . 4.70 14.71 -3.35
P 2PO T . 4.60 13.61 -2.20
O1P 2PO T . 4.86 14.28 -0.89
O2P 2PO T . 3.34 12.86 -2.38
O3P 2PO T . 5.82 12.63 -2.52
C1 P1W U . 6.45 11.92 -1.45
C2 P1W U . 7.22 10.75 -2.00
C3 P1W U . 8.02 9.99 -1.25
C4 P1W U . 8.77 8.79 -1.81
C5 P1W U . 8.28 10.29 0.22
H12 P1W U . 7.12 12.57 -0.92
H11 P1W U . 5.71 11.55 -0.77
H2 P1W U . 6.80 10.33 -2.90
H41 P1W U . 9.69 9.13 -2.26
H42 P1W U . 8.99 8.09 -1.01
H51 P1W U . 9.34 10.28 0.41
H52 P1W U . 7.80 9.55 0.83
H53 P1W U . 7.89 11.27 0.46
C1 P1W V . -3.95 -13.12 -4.11
C2 P1W V . -2.67 -13.49 -4.82
C3 P1W V . -2.61 -13.90 -6.11
C4 P1W V . -1.31 -14.29 -6.78
C5 P1W V . -3.84 -13.97 -7.03
H12 P1W V . -4.77 -13.10 -4.80
H11 P1W V . -4.14 -13.85 -3.33
H2 P1W V . -1.79 -13.52 -4.19
H41 P1W V . -0.54 -14.40 -6.04
H42 P1W V . -1.44 -15.23 -7.31
H51 P1W V . -4.04 -12.99 -7.44
H52 P1W V . -4.70 -14.29 -6.46
H53 P1W V . -3.66 -14.68 -7.83
C1 P1W W . -0.88 -13.23 -7.80
C2 P1W W . -0.42 -11.98 -7.11
C3 P1W W . -0.99 -10.77 -7.30
C4 P1W W . -0.47 -9.52 -6.56
C5 P1W W . -2.17 -10.50 -8.22
H12 P1W W . -1.72 -13.00 -8.44
H11 P1W W . -0.08 -13.62 -8.40
H2 P1W W . 0.14 -12.17 -6.22
H43 P1W W . 0.61 -9.56 -6.51
H41 P1W W . -0.88 -9.51 -5.55
H42 P1W W . -0.79 -8.64 -7.09
H51 P1W W . -3.03 -11.05 -7.87
H52 P1W W . -1.92 -10.83 -9.22
H53 P1W W . -2.40 -9.45 -8.25
C1 P1W X . 4.64 -2.40 -4.76
C2 P1W X . 3.83 -3.66 -4.68
C3 P1W X . 2.54 -3.71 -4.99
C4 P1W X . 1.71 -5.00 -4.90
C5 P1W X . 1.76 -2.51 -5.52
H12 P1W X . 5.66 -2.64 -4.99
H11 P1W X . 4.23 -1.76 -5.52
H2 P1W X . 4.33 -4.48 -4.20
H43 P1W X . 1.70 -5.34 -3.87
H41 P1W X . 2.16 -5.76 -5.52
H42 P1W X . 0.70 -4.81 -5.22
H51 P1W X . 1.96 -1.66 -4.91
H52 P1W X . 0.70 -2.74 -5.49
H53 P1W X . 2.05 -2.31 -6.54
C1 P1W Y . 7.94 8.07 -2.88
C2 P1W Y . 8.81 7.16 -3.71
C3 P1W Y . 9.11 5.89 -3.35
C4 P1W Y . 10.01 5.01 -4.19
C5 P1W Y . 8.56 5.20 -2.10
H12 P1W Y . 7.48 8.81 -3.53
H11 P1W Y . 7.18 7.49 -2.39
H2 P1W Y . 9.37 7.67 -4.48
H41 P1W Y . 9.95 3.99 -3.83
H42 P1W Y . 9.68 5.04 -5.22
H51 P1W Y . 9.25 4.44 -1.77
H52 P1W Y . 7.61 4.74 -2.34
H53 P1W Y . 8.42 5.93 -1.31
P 2PO Z . -4.30 -16.12 2.33
O1P 2PO Z . -3.54 -17.08 3.15
O2P 2PO Z . -5.65 -16.56 1.86
O3P 2PO Z . -4.48 -14.76 3.15
P 2PO AA . -5.13 -13.51 2.42
O1P 2PO AA . -6.62 -13.63 2.49
O2P 2PO AA . -4.50 -12.27 2.95
O3P 2PO AA . -4.68 -13.70 0.91
C1 P1W BA . -3.80 -12.76 0.30
C2 P1W BA . -4.18 -12.57 -1.14
C3 P1W BA . -3.41 -11.93 -2.00
C4 P1W BA . -3.80 -11.76 -3.45
C5 P1W BA . -2.09 -11.26 -1.58
H12 P1W BA . -3.88 -11.83 0.82
H11 P1W BA . -2.79 -13.12 0.36
H2 P1W BA . -4.90 -13.27 -1.50
H41 P1W BA . -4.74 -11.23 -3.52
H42 P1W BA . -3.03 -11.20 -3.97
H51 P1W BA . -1.55 -11.94 -0.94
H52 P1W BA . -2.30 -10.35 -1.05
H53 P1W BA . -1.50 -11.05 -2.46
P 2PO CA . -0.63 9.07 -7.15
O1P 2PO CA . -2.10 9.18 -7.25
O2P 2PO CA . 0.16 10.32 -7.26
O3P 2PO CA . -0.21 8.25 -5.87
P 2PO DA . -0.40 6.68 -6.02
O1P 2PO DA . -0.32 6.06 -4.68
O2P 2PO DA . -1.64 6.50 -6.84
O3P 2PO DA . 0.89 6.24 -6.90
C1 P1W EA . 2.19 6.08 -6.30
C2 P1W EA . 2.23 4.77 -5.55
C3 P1W EA . 3.31 4.28 -4.91
C4 P1W EA . 3.26 2.98 -4.16
C5 P1W EA . 4.65 5.00 -4.88
H12 P1W EA . 2.95 6.06 -7.08
H11 P1W EA . 2.39 6.89 -5.62
H2 P1W EA . 1.26 4.36 -5.33
H41 P1W EA . 3.22 3.19 -3.10
H42 P1W EA . 2.36 2.44 -4.44
H51 P1W EA . 5.00 5.16 -5.90
H52 P1W EA . 5.38 4.39 -4.35
H53 P1W EA . 4.55 5.95 -4.38
C1 P1W FA . 4.48 2.09 -4.44
C2 P1W FA . 4.15 0.66 -4.22
C3 P1W FA . 4.97 -0.22 -3.60
C4 P1W FA . 4.60 -1.68 -3.41
C5 P1W FA . 6.34 0.16 -3.01
H12 P1W FA . 5.28 2.39 -3.78
H11 P1W FA . 4.77 2.24 -5.47
H2 P1W FA . 3.28 0.30 -4.76
H41 P1W FA . 5.29 -2.14 -2.73
H42 P1W FA . 3.60 -1.74 -3.00
H51 P1W FA . 7.00 0.47 -3.82
H52 P1W FA . 6.77 -0.69 -2.50
H53 P1W FA . 6.23 0.98 -2.32
N ZAE A 1 9.70 15.46 6.30
CA ZAE A 1 9.37 15.69 4.86
C ZAE A 1 8.72 14.45 4.32
O ZAE A 1 7.52 14.38 4.12
CB ZAE A 1 8.41 16.87 4.70
CG ZAE A 1 8.57 17.58 3.38
CD1 ZAE A 1 8.98 16.90 2.25
CD2 ZAE A 1 8.29 18.93 3.28
CE1 ZAE A 1 9.13 17.55 1.04
CE2 ZAE A 1 8.44 19.59 2.07
CZ ZAE A 1 8.85 18.90 0.95
C10 ZAE A 1 10.74 16.40 6.74
H ZAE A 1 10.07 14.50 6.40
HA ZAE A 1 10.28 15.88 4.31
HB2 ZAE A 1 7.39 16.51 4.77
HB3 ZAE A 1 8.59 17.59 5.49
HD1 ZAE A 1 9.20 15.83 2.32
HD2 ZAE A 1 7.96 19.48 4.15
HE1 ZAE A 1 9.46 17.01 0.18
HE2 ZAE A 1 8.23 20.65 2.01
HZ ZAE A 1 8.97 19.42 0.01
H11 ZAE A 1 10.94 16.23 7.79
H12 ZAE A 1 10.39 17.41 6.60
H13 ZAE A 1 11.64 16.24 6.17
HN2 ZAE A 1 8.83 15.55 6.87
N ILE A 2 9.53 13.41 4.16
CA ILE A 2 8.99 12.21 3.64
C ILE A 2 8.81 11.21 4.72
N SER A 3 7.66 10.63 4.70
CA SER A 3 7.35 9.68 5.69
C SER A 3 6.44 8.65 5.12
N DGN A 4 6.39 7.53 5.80
CA DGN A 4 5.48 6.48 5.44
C DGN A 4 6.20 5.20 5.13
O DGN A 4 7.42 5.16 4.99
CB DGN A 4 4.47 6.21 6.55
CG DGN A 4 5.07 5.81 7.91
CD DGN A 4 5.14 6.96 8.93
OE1 DGN A 4 5.25 8.12 8.56
NE2 DGN A 4 5.05 6.63 10.21
H DGN A 4 6.99 7.40 6.60
HA DGN A 4 4.96 6.81 4.56
HB2 DGN A 4 3.86 5.40 6.21
HB3 DGN A 4 3.88 7.08 6.68
HG2 DGN A 4 6.05 5.41 7.76
HG3 DGN A 4 4.44 5.04 8.33
HE21 DGN A 4 4.93 5.67 10.44
HE22 DGN A 4 5.11 7.33 10.89
N 28J A 5 5.41 4.15 4.94
CA 28J A 5 6.00 2.85 4.79
CB 28J A 5 7.13 2.82 3.71
CG2 28J A 5 8.20 1.78 4.06
CG1 28J A 5 6.49 2.56 2.37
CD1 28J A 5 7.46 2.67 1.22
C 28J A 5 4.96 1.79 4.46
O 28J A 5 3.75 2.09 4.39
HA 28J A 5 6.47 2.61 5.72
H22 28J A 5 7.61 3.80 3.69
H23 28J A 5 9.07 1.94 3.46
H24 28J A 5 7.82 0.79 3.89
H25 28J A 5 8.47 1.87 5.11
H26 28J A 5 6.08 1.57 2.37
H27 28J A 5 5.71 3.28 2.21
H28 28J A 5 6.89 2.67 0.30
H29 28J A 5 8.12 1.83 1.24
H30 28J A 5 8.02 3.58 1.31
N ILE A 6 5.47 0.53 4.46
CA ILE A 6 4.74 -0.71 4.17
C ILE A 6 4.81 -1.70 5.34
N SER A 7 3.84 -2.63 5.32
CA SER A 7 3.90 -3.85 6.19
C SER A 7 2.92 -4.94 5.76
N DTH A 8 3.39 -6.22 5.93
CA DTH A 8 2.49 -7.34 5.68
CB DTH A 8 2.11 -8.19 6.91
CG2 DTH A 8 1.73 -7.38 8.17
OG1 DTH A 8 3.17 -9.10 7.19
C DTH A 8 2.86 -8.35 4.61
O DTH A 8 2.15 -9.36 4.54
H DTH A 8 4.35 -6.37 6.12
HA DTH A 8 1.58 -6.88 5.34
HB DTH A 8 1.26 -8.79 6.61
HG21 DTH A 8 0.73 -6.96 8.03
HG22 DTH A 8 2.42 -6.60 8.33
HG23 DTH A 8 1.69 -8.05 9.03
N ALA A 9 3.92 -8.17 3.83
CA ALA A 9 4.25 -9.13 2.78
C ALA A 9 4.42 -10.55 3.30
N EI4 A 10 5.23 -10.73 4.33
CA EI4 A 10 5.38 -12.07 4.88
CB EI4 A 10 6.85 -12.46 4.91
CG EI4 A 10 7.19 -13.77 4.21
CD2 EI4 A 10 6.96 -13.58 2.61
NE2 EI4 A 10 8.37 -13.77 2.06
CE1 EI4 A 10 9.28 -14.04 3.04
ND1 EI4 A 10 8.68 -14.04 4.27
NT EI4 A 10 10.53 -14.34 2.84
C EI4 A 10 4.71 -12.17 6.26
O EI4 A 10 4.15 -13.21 6.61
H EI4 A 10 5.75 -9.99 4.71
HA EI4 A 10 4.85 -12.75 4.21
HB EI4 A 10 7.18 -12.53 5.93
HBA EI4 A 10 7.40 -11.68 4.41
HG1 EI4 A 10 6.62 -14.60 4.59
HD2 EI4 A 10 6.57 -12.59 2.40
HE EI4 A 10 8.59 -13.64 1.09
HND1 EI4 A 10 9.16 -14.27 5.11
HD1 EI4 A 10 6.32 -14.35 2.23
H1 EI4 A 10 10.92 -14.38 1.90
HH12 EI4 A 10 11.16 -14.52 3.61
N ILE A 11 4.79 -11.08 7.02
CA ILE A 11 4.15 -10.99 8.34
C ILE A 11 2.96 -10.06 8.23
N ZAE B 1 -4.84 -8.89 4.34
CA ZAE B 1 -3.42 -9.29 4.33
C ZAE B 1 -2.64 -8.12 4.82
O ZAE B 1 -2.18 -8.08 5.96
CB ZAE B 1 -3.22 -10.51 5.21
CG ZAE B 1 -1.91 -11.19 4.97
CD1 ZAE B 1 -1.02 -10.69 4.04
CD2 ZAE B 1 -1.57 -12.33 5.69
CE1 ZAE B 1 0.19 -11.32 3.81
CE2 ZAE B 1 -0.35 -12.96 5.47
CZ ZAE B 1 0.53 -12.46 4.54
C10 ZAE B 1 -5.68 -9.93 3.78
H ZAE B 1 -4.96 -8.02 3.78
HA ZAE B 1 -3.12 -9.51 3.31
HB2 ZAE B 1 -3.26 -10.22 6.25
HB3 ZAE B 1 -3.99 -11.22 5.01
HD1 ZAE B 1 -1.28 -9.81 3.48
HD2 ZAE B 1 -2.26 -12.72 6.42
HE1 ZAE B 1 0.88 -10.92 3.09
HE2 ZAE B 1 -0.10 -13.85 6.04
HZ ZAE B 1 1.47 -12.94 4.37
H11 ZAE B 1 -6.69 -9.81 4.18
H12 ZAE B 1 -5.30 -10.88 4.04
H13 ZAE B 1 -5.70 -9.81 2.71
HN2 ZAE B 1 -5.12 -8.67 5.33
N ILE B 2 -2.46 -7.16 3.96
CA ILE B 2 -1.76 -5.98 4.37
C ILE B 2 -2.03 -4.85 3.49
N SER B 3 -1.35 -3.83 3.85
CA SER B 3 -1.48 -2.60 3.19
C SER B 3 -0.27 -1.79 3.47
N DGN B 4 -0.29 -0.63 2.88
CA DGN B 4 0.76 0.29 3.13
C DGN B 4 0.93 1.18 1.99
O DGN B 4 0.30 1.00 0.92
CB DGN B 4 0.57 1.12 4.41
CG DGN B 4 -0.71 1.95 4.50
CD DGN B 4 -1.69 1.45 5.56
OE1 DGN B 4 -1.73 0.28 5.90
NE2 DGN B 4 -2.47 2.37 6.10
H DGN B 4 -1.00 -0.40 2.22
HA DGN B 4 1.66 -0.27 3.23
HB2 DGN B 4 1.39 1.80 4.47
HB3 DGN B 4 0.59 0.46 5.25
HG2 DGN B 4 -1.21 1.96 3.54
HG3 DGN B 4 -0.43 2.97 4.76
HE21 DGN B 4 -2.36 3.30 5.80
HE22 DGN B 4 -3.13 2.08 6.76
N 28J B 5 1.80 2.13 2.25
CA 28J B 5 2.00 3.16 1.31
CB 28J B 5 2.61 2.67 -0.05
CG2 28J B 5 2.26 3.67 -1.14
CG1 28J B 5 4.11 2.58 0.14
CD1 28J B 5 4.84 1.92 -0.98
C 28J B 5 2.99 4.16 1.83
O 28J B 5 3.47 4.10 2.97
HA 28J B 5 1.07 3.61 1.11
H22 28J B 5 2.20 1.70 -0.31
H23 28J B 5 2.35 3.23 -2.10
H24 28J B 5 2.92 4.54 -1.05
H25 28J B 5 1.24 4.01 -0.98
H26 28J B 5 4.50 3.58 0.25
H27 28J B 5 4.32 2.04 1.04
H28 28J B 5 5.60 1.25 -0.56
H29 28J B 5 5.34 2.68 -1.58
H30 28J B 5 4.15 1.36 -1.57
N ILE B 6 3.09 5.17 0.97
CA ILE B 6 4.03 6.27 1.04
C ILE B 6 3.42 7.60 0.74
N SER B 7 4.15 8.57 1.29
CA SER B 7 4.00 9.99 0.97
C SER B 7 5.11 10.86 1.56
N DTH B 8 5.05 12.15 1.22
CA DTH B 8 6.01 13.11 1.74
CB DTH B 8 5.35 14.43 2.21
CG2 DTH B 8 4.15 14.23 3.14
OG1 DTH B 8 4.96 15.19 1.09
C DTH B 8 7.09 13.61 0.76
O DTH B 8 7.75 14.56 1.13
H DTH B 8 4.37 12.44 0.58
HA DTH B 8 6.46 12.66 2.59
HB DTH B 8 6.11 14.99 2.74
HG21 DTH B 8 4.45 13.69 4.02
HG22 DTH B 8 3.38 13.70 2.62
HG23 DTH B 8 3.78 15.21 3.44
N ALA B 9 7.26 13.05 -0.46
CA ALA B 9 8.30 13.56 -1.41
C ALA B 9 8.10 15.03 -1.76
N EI4 B 10 6.93 15.36 -2.26
CA EI4 B 10 6.63 16.73 -2.63
CB EI4 B 10 5.91 16.73 -3.98
CG EI4 B 10 6.75 17.27 -5.11
CD2 EI4 B 10 8.11 16.41 -5.21
NE2 EI4 B 10 7.90 15.63 -6.48
CE1 EI4 B 10 6.80 16.07 -7.19
ND1 EI4 B 10 6.11 16.99 -6.45
NT EI4 B 10 6.54 15.78 -8.43
C EI4 B 10 5.82 17.39 -1.54
O EI4 B 10 6.07 18.54 -1.17
H EI4 B 10 6.26 14.67 -2.39
HA EI4 B 10 7.56 17.25 -2.74
HB EI4 B 10 5.01 17.32 -3.90
HBA EI4 B 10 5.63 15.71 -4.20
HG1 EI4 B 10 6.94 18.32 -4.98
HD2 EI4 B 10 8.23 15.75 -4.37
HE EI4 B 10 8.56 14.96 -6.82
HND1 EI4 B 10 5.29 17.44 -6.75
HD1 EI4 B 10 8.97 17.07 -5.30
H1 EI4 B 10 7.17 15.24 -8.97
HH12 EI4 B 10 5.69 16.11 -8.84
N ILE B 11 4.87 16.65 -1.02
CA ILE B 11 4.04 17.14 0.07
C ILE B 11 4.43 16.49 1.35
N ZAE C 1 -0.17 9.93 1.15
CA ZAE C 1 -0.14 9.85 -0.32
C ZAE C 1 -0.97 8.68 -0.75
O ZAE C 1 -2.18 8.67 -0.57
CB ZAE C 1 -0.67 11.13 -0.90
CG ZAE C 1 -0.03 11.48 -2.21
CD1 ZAE C 1 -0.08 10.57 -3.26
CD2 ZAE C 1 0.63 12.70 -2.41
CE1 ZAE C 1 0.50 10.87 -4.47
CE2 ZAE C 1 1.21 12.98 -3.64
CZ ZAE C 1 1.13 12.07 -4.66
C10 ZAE C 1 0.07 8.61 1.72
H ZAE C 1 -1.10 10.25 1.46
HA ZAE C 1 0.87 9.68 -0.65
HB2 ZAE C 1 -1.73 11.05 -1.06
HB3 ZAE C 1 -0.48 11.93 -0.20
HD1 ZAE C 1 -0.59 9.64 -3.11
HD2 ZAE C 1 0.70 13.41 -1.60
HE1 ZAE C 1 0.44 10.15 -5.27
HE2 ZAE C 1 1.70 13.93 -3.80
HZ ZAE C 1 1.59 12.29 -5.61
H11 ZAE C 1 -0.69 7.91 1.36
H12 ZAE C 1 0.02 8.67 2.79
H13 ZAE C 1 1.04 8.24 1.42
HN2 ZAE C 1 0.56 10.60 1.46
N ILE C 2 -0.32 7.68 -1.27
CA ILE C 2 -1.09 6.53 -1.59
C ILE C 2 -0.87 5.45 -0.66
N SER C 3 -1.94 4.74 -0.50
CA SER C 3 -2.00 3.63 0.37
C SER C 3 -3.15 2.77 0.04
N DGN C 4 -2.97 1.54 0.40
CA DGN C 4 -4.00 0.59 0.32
C DGN C 4 -3.41 -0.76 0.33
O DGN C 4 -2.18 -0.93 0.37
CB DGN C 4 -5.07 0.72 1.44
CG DGN C 4 -4.59 1.06 2.88
CD DGN C 4 -5.09 2.41 3.40
OE1 DGN C 4 -5.18 3.39 2.67
NE2 DGN C 4 -5.45 2.45 4.68
H DGN C 4 -2.02 1.22 0.60
HA DGN C 4 -4.48 0.70 -0.64
HB2 DGN C 4 -5.58 -0.24 1.49
HB3 DGN C 4 -5.77 1.46 1.14
HG2 DGN C 4 -3.51 1.04 2.91
HG3 DGN C 4 -4.97 0.30 3.54
HE21 DGN C 4 -5.41 1.61 5.20
HE22 DGN C 4 -5.75 3.30 5.05
N 28J C 5 -4.30 -1.69 0.30
CA 28J C 5 -3.93 -3.05 0.35
CB 28J C 5 -2.98 -3.44 -0.82
CG2 28J C 5 -2.07 -4.57 -0.38
CG1 28J C 5 -3.87 -3.90 -1.98
CD1 28J C 5 -3.15 -4.35 -3.21
C 28J C 5 -5.12 -3.93 0.17
O 28J C 5 -6.23 -3.48 -0.18
HA 28J C 5 -3.42 -3.25 1.27
H22 28J C 5 -2.40 -2.59 -1.12
H23 28J C 5 -1.37 -4.20 0.35
H24 28J C 5 -1.54 -4.95 -1.24
H25 28J C 5 -2.67 -5.36 0.05
H26 28J C 5 -4.45 -4.74 -1.65
H27 28J C 5 -4.55 -3.11 -2.25
H28 28J C 5 -2.52 -5.19 -2.97
H29 28J C 5 -2.55 -3.53 -3.60
H30 28J C 5 -3.89 -4.65 -3.95
N ILE C 6 -4.84 -5.19 0.47
CA ILE C 6 -5.78 -6.25 0.28
C ILE C 6 -6.02 -7.07 1.48
N SER C 7 -7.33 -7.35 1.58
CA SER C 7 -7.93 -8.31 2.50
C SER C 7 -9.07 -9.11 1.83
N DTH C 8 -9.40 -10.29 2.44
CA DTH C 8 -10.56 -11.10 2.00
CB DTH C 8 -11.34 -11.78 3.15
CG2 DTH C 8 -11.58 -10.83 4.31
OG1 DTH C 8 -10.64 -12.94 3.62
C DTH C 8 -10.27 -12.23 1.02
O DTH C 8 -11.19 -12.73 0.40
H DTH C 8 -8.81 -10.67 3.15
HA DTH C 8 -11.25 -10.40 1.53
HB DTH C 8 -12.30 -12.09 2.77
HG21 DTH C 8 -12.10 -9.97 3.96
HG22 DTH C 8 -10.62 -10.53 4.72
HG23 DTH C 8 -12.15 -11.33 5.07
N ALA C 9 -9.02 -12.70 0.98
CA ALA C 9 -8.63 -13.78 0.10
C ALA C 9 -9.19 -15.08 0.64
N EI4 C 10 -8.51 -15.60 1.63
CA EI4 C 10 -8.92 -16.83 2.25
CB EI4 C 10 -7.69 -17.55 2.79
CG EI4 C 10 -7.40 -18.88 2.12
CD2 EI4 C 10 -7.53 -18.71 0.51
NE2 EI4 C 10 -6.10 -18.92 0.05
CE1 EI4 C 10 -5.26 -19.25 1.09
ND1 EI4 C 10 -5.95 -19.24 2.28
NT EI4 C 10 -4.01 -19.60 0.97
C EI4 C 10 -9.90 -16.55 3.36
O EI4 C 10 -10.82 -17.33 3.61
H EI4 C 10 -7.74 -15.12 1.97
HA EI4 C 10 -9.38 -17.45 1.51
HB EI4 C 10 -7.83 -17.73 3.84
HBA EI4 C 10 -6.83 -16.91 2.66
HG1 EI4 C 10 -8.04 -19.67 2.50
HD2 EI4 C 10 -7.86 -17.71 0.26
HE EI4 C 10 -5.84 -18.86 -0.89
HND1 EI4 C 10 -5.55 -19.46 3.15
HD1 EI4 C 10 -8.19 -19.46 0.11
H1 EI4 C 10 -3.58 -19.66 0.06
HH12 EI4 C 10 -3.47 -19.82 1.78
N ILE C 11 -9.69 -15.42 4.00
CA ILE C 11 -10.57 -14.96 5.06
C ILE C 11 -11.34 -13.74 4.60
N ZAE D 1 -12.85 -13.95 -4.49
CA ZAE D 1 -11.50 -14.44 -4.02
C ZAE D 1 -10.78 -13.39 -3.18
O ZAE D 1 -10.83 -13.44 -1.96
CB ZAE D 1 -11.66 -15.75 -3.21
CG ZAE D 1 -10.39 -16.57 -3.05
CD1 ZAE D 1 -9.15 -15.96 -2.84
CD2 ZAE D 1 -10.44 -17.97 -3.08
CE1 ZAE D 1 -8.01 -16.71 -2.67
CE2 ZAE D 1 -9.28 -18.72 -2.91
CZ ZAE D 1 -8.07 -18.09 -2.70
C10 ZAE D 1 -13.44 -14.87 -5.50
H ZAE D 1 -12.76 -13.01 -4.93
HA ZAE D 1 -10.90 -14.65 -4.90
HB2 ZAE D 1 -12.01 -15.50 -2.21
HB3 ZAE D 1 -12.40 -16.37 -3.68
HD1 ZAE D 1 -9.11 -14.88 -2.81
HD2 ZAE D 1 -11.38 -18.46 -3.25
HE1 ZAE D 1 -7.07 -16.22 -2.50
HE2 ZAE D 1 -9.33 -19.80 -2.94
HZ ZAE D 1 -7.17 -18.68 -2.54
H11 ZAE D 1 -12.79 -14.94 -6.36
H12 ZAE D 1 -14.40 -14.51 -5.81
H13 ZAE D 1 -13.55 -15.86 -5.05
HN2 ZAE D 1 -13.49 -13.86 -3.66
N ILE D 2 -10.11 -12.47 -3.86
CA ILE D 2 -9.35 -11.42 -3.18
C ILE D 2 -9.92 -10.03 -3.38
N SER D 3 -9.81 -9.19 -2.37
CA SER D 3 -10.25 -7.80 -2.56
C SER D 3 -9.35 -6.81 -1.87
N DGN D 4 -9.45 -5.57 -2.36
CA DGN D 4 -8.73 -4.40 -1.88
C DGN D 4 -8.33 -3.49 -3.04
O DGN D 4 -8.62 -3.77 -4.21
CB DGN D 4 -9.54 -3.58 -0.87
CG DGN D 4 -11.02 -3.43 -1.20
CD DGN D 4 -11.94 -4.25 -0.29
OE1 DGN D 4 -11.58 -5.33 0.19
NE2 DGN D 4 -13.13 -3.75 -0.06
H DGN D 4 -10.08 -5.42 -3.11
HA DGN D 4 -7.82 -4.76 -1.41
HB2 DGN D 4 -9.10 -2.58 -0.83
HB3 DGN D 4 -9.44 -4.02 0.11
HG2 DGN D 4 -11.18 -3.73 -2.22
HG3 DGN D 4 -11.30 -2.38 -1.09
HE21 DGN D 4 -13.36 -2.89 -0.46
HE22 DGN D 4 -13.74 -4.26 0.52
N 28J D 5 -7.73 -2.37 -2.69
CA 28J D 5 -7.34 -1.34 -3.67
CB 28J D 5 -6.55 -1.94 -4.91
CG2 28J D 5 -7.08 -1.36 -6.23
CG1 28J D 5 -5.03 -1.72 -4.84
CD1 28J D 5 -4.25 -2.39 -5.97
C 28J D 5 -6.52 -0.26 -2.98
O 28J D 5 -6.14 -0.44 -1.81
HA 28J D 5 -8.25 -0.92 -4.04
H22 28J D 5 -6.74 -3.00 -4.94
H23 28J D 5 -8.16 -1.39 -6.24
H24 28J D 5 -6.70 -1.95 -7.06
H25 28J D 5 -6.74 -0.34 -6.34
H26 28J D 5 -4.82 -0.67 -4.90
H27 28J D 5 -4.65 -2.11 -3.91
H28 28J D 5 -3.19 -2.37 -5.76
H29 28J D 5 -4.44 -1.88 -6.90
H30 28J D 5 -4.57 -3.42 -6.07
N ILE D 6 -6.39 0.90 -3.67
CA ILE D 6 -5.64 2.07 -3.19
C ILE D 6 -6.50 3.34 -3.10
N SER D 7 -6.02 4.28 -2.27
CA SER D 7 -6.53 5.68 -2.28
C SER D 7 -5.59 6.67 -1.57
N DTH D 8 -5.86 7.95 -1.85
CA DTH D 8 -5.08 9.03 -1.27
CB DTH D 8 -5.96 10.17 -0.73
CG2 DTH D 8 -7.10 9.68 0.15
OG1 DTH D 8 -6.45 10.93 -1.83
C DTH D 8 -4.15 9.72 -2.28
O DTH D 8 -3.62 10.76 -1.93
H DTH D 8 -6.62 8.17 -2.43
HA DTH D 8 -4.51 8.63 -0.47
HB DTH D 8 -5.33 10.83 -0.14
HG21 DTH D 8 -7.79 9.08 -0.44
HG22 DTH D 8 -7.63 10.52 0.56
HG23 DTH D 8 -6.70 9.09 0.95
N ALA D 9 -3.98 9.18 -3.51
CA ALA D 9 -3.12 9.79 -4.56
C ALA D 9 -3.32 11.29 -4.67
N EI4 D 10 -4.40 11.75 -5.29
CA EI4 D 10 -4.58 13.19 -5.39
CB EI4 D 10 -4.97 13.61 -6.82
CG EI4 D 10 -3.84 14.33 -7.59
CD2 EI4 D 10 -2.37 13.75 -7.14
NE2 EI4 D 10 -1.87 13.11 -8.41
CE1 EI4 D 10 -2.72 13.30 -9.48
ND1 EI4 D 10 -3.85 13.97 -9.05
NT EI4 D 10 -2.50 12.93 -10.70
C EI4 D 10 -5.58 13.62 -4.33
O EI4 D 10 -5.57 14.77 -3.87
H EI4 D 10 -5.10 11.13 -5.61
HA EI4 D 10 -3.64 13.64 -5.14
HB EI4 D 10 -5.82 14.29 -6.79
HBA EI4 D 10 -5.24 12.73 -7.38
HG1 EI4 D 10 -3.90 15.41 -7.49
HD2 EI4 D 10 -2.47 13.00 -6.36
HE EI4 D 10 -1.00 12.65 -8.46
HND1 EI4 D 10 -4.60 14.22 -9.65
HD1 EI4 D 10 -1.72 14.55 -6.84
H1 EI4 D 10 -1.63 12.52 -10.97
HH12 EI4 D 10 -3.22 13.07 -11.41
N ILE D 11 -6.37 12.66 -3.84
CA ILE D 11 -7.33 12.94 -2.81
C ILE D 11 -6.93 12.23 -1.54
N ALA E 1 13.43 -11.20 -0.85
CA ALA E 1 13.52 -12.10 -2.02
C ALA E 1 13.15 -13.54 -1.62
N DGL E 2 13.78 -14.06 -0.51
CA DGL E 2 13.42 -15.43 0.08
C DGL E 2 11.91 -15.72 0.35
O DGL E 2 11.38 -16.80 0.41
CB DGL E 2 13.52 -16.55 -1.04
CG DGL E 2 14.86 -16.57 -1.84
CD DGL E 2 14.64 -16.85 -3.34
OE1 DGL E 2 15.35 -17.67 -3.94
H DGL E 2 14.23 -13.36 0.08
HB2 DGL E 2 12.72 -16.38 -1.68
HB3 DGL E 2 13.42 -17.54 -0.54
HG2 DGL E 2 15.49 -17.35 -1.46
HG3 DGL E 2 15.37 -15.62 -1.76
N LYS E 3 13.72 -16.14 -3.92
CA LYS E 3 13.40 -16.24 -5.33
C LYS E 3 12.84 -17.65 -5.72
N DAL E 4 11.83 -17.99 -4.84
CA DAL E 4 10.85 -19.24 -4.84
CB DAL E 4 11.26 -20.66 -4.00
C DAL E 4 10.21 -19.15 -6.39
O DAL E 4 10.62 -19.88 -7.31
H DAL E 4 11.68 -17.33 -4.14
HA DAL E 4 11.22 -19.60 -5.11
HB1 DAL E 4 11.62 -20.39 -2.99
HB2 DAL E 4 12.04 -21.23 -4.48
HB3 DAL E 4 10.38 -21.33 -3.85
N DAL E 5 9.32 -18.06 -6.62
CA DAL E 5 8.60 -17.91 -8.06
CB DAL E 5 7.97 -19.33 -8.17
C DAL E 5 9.86 -17.67 -8.87
O DAL E 5 10.10 -18.28 -9.91
OXT DAL E 5 10.57 -16.64 -8.50
H DAL E 5 9.30 -17.38 -5.88
HA DAL E 5 8.02 -17.07 -8.76
HB1 DAL E 5 8.72 -20.01 -7.81
HB2 DAL E 5 7.80 -19.43 -9.17
HB3 DAL E 5 6.99 -19.53 -7.61
N ALA F 1 7.50 11.34 -9.93
CA ALA F 1 8.83 11.55 -10.59
C ALA F 1 9.54 12.78 -9.99
N DGL F 2 8.78 13.90 -10.07
CA DGL F 2 9.32 15.25 -9.52
C DGL F 2 10.31 14.99 -8.24
O DGL F 2 9.88 14.30 -7.38
CB DGL F 2 10.35 15.98 -10.45
CG DGL F 2 11.19 15.06 -11.39
CD DGL F 2 12.69 15.07 -11.10
OE1 DGL F 2 13.49 15.68 -11.81
H DGL F 2 7.90 13.88 -10.47
HB2 DGL F 2 11.01 16.50 -9.80
HB3 DGL F 2 9.81 16.72 -11.07
HG2 DGL F 2 11.06 15.42 -12.41
HG3 DGL F 2 10.83 14.04 -11.35
N LYS F 3 13.08 14.34 -10.07
CA LYS F 3 14.45 14.20 -9.65
C LYS F 3 15.07 15.53 -9.10
N DAL F 4 14.14 16.20 -8.35
CA DAL F 4 14.25 17.53 -7.49
CB DAL F 4 14.22 19.04 -8.27
C DAL F 4 15.32 17.01 -6.28
O DAL F 4 16.53 17.18 -6.33
H DAL F 4 13.25 15.77 -8.35
HA DAL F 4 14.77 17.73 -7.71
HB1 DAL F 4 15.13 19.25 -8.79
HB2 DAL F 4 14.07 19.88 -7.53
HB3 DAL F 4 13.37 19.11 -8.98
N DAL F 5 14.73 16.18 -5.33
CA DAL F 5 15.34 15.58 -3.97
CB DAL F 5 15.97 16.99 -3.52
C DAL F 5 16.38 14.63 -4.84
O DAL F 5 17.58 14.57 -4.36
OXT DAL F 5 15.99 13.67 -5.61
H DAL F 5 13.79 15.92 -5.56
HA DAL F 5 16.06 15.21 -3.40
HB1 DAL F 5 15.18 17.57 -2.99
HB2 DAL F 5 16.32 17.51 -4.30
HB3 DAL F 5 16.79 16.84 -2.73
N ALA G 1 -1.21 -17.88 -2.78
CA ALA G 1 -1.17 -18.21 -4.24
C ALA G 1 -2.56 -17.96 -4.87
N DGL G 2 -3.46 -19.05 -4.79
CA DGL G 2 -4.90 -18.83 -5.15
C DGL G 2 -5.62 -17.54 -4.64
O DGL G 2 -5.22 -17.20 -3.40
CB DGL G 2 -4.99 -18.41 -6.69
CG DGL G 2 -3.83 -18.89 -7.62
CD DGL G 2 -3.47 -17.87 -8.71
OE1 DGL G 2 -3.45 -18.18 -9.90
H DGL G 2 -3.18 -19.79 -4.16
HB2 DGL G 2 -5.04 -17.36 -6.69
HB3 DGL G 2 -5.95 -18.82 -7.10
HG2 DGL G 2 -4.15 -19.79 -8.13
HG3 DGL G 2 -2.94 -19.10 -7.04
N LYS G 3 -3.15 -16.67 -8.27
CA LYS G 3 -2.75 -15.59 -9.12
C LYS G 3 -3.90 -15.12 -10.06
N DAL G 4 -5.12 -15.35 -9.45
CA DAL G 4 -6.59 -14.96 -9.89
CB DAL G 4 -7.45 -16.01 -10.93
C DAL G 4 -6.43 -13.27 -10.03
O DAL G 4 -5.97 -12.72 -11.01
H DAL G 4 -5.03 -15.84 -8.61
HA DAL G 4 -6.48 -14.91 -10.48
HB1 DAL G 4 -7.11 -15.95 -11.94
HB2 DAL G 4 -8.54 -15.75 -10.93
HB3 DAL G 4 -7.39 -17.06 -10.58
N DAL G 5 -6.68 -12.59 -8.84
CA DAL G 5 -6.77 -11.00 -8.57
CB DAL G 5 -7.82 -10.77 -9.76
C DAL G 5 -5.23 -10.74 -9.10
O DAL G 5 -4.26 -11.35 -8.50
OXT DAL G 5 -4.95 -9.90 -10.02
H DAL G 5 -6.81 -13.21 -8.05
HA DAL G 5 -6.54 -10.07 -8.72
HB1 DAL G 5 -8.84 -10.96 -9.37
HB2 DAL G 5 -7.63 -11.37 -10.54
HB3 DAL G 5 -7.83 -9.67 -10.08
N ALA H 1 -5.77 11.25 -13.76
CA ALA H 1 -4.82 12.09 -14.56
C ALA H 1 -4.44 13.36 -13.77
N DGL H 2 -5.34 14.44 -13.99
CA DGL H 2 -5.15 15.70 -13.20
C DGL H 2 -5.07 15.59 -11.60
O DGL H 2 -5.31 14.38 -11.15
CB DGL H 2 -3.72 16.33 -13.50
CG DGL H 2 -3.34 16.57 -15.02
CD DGL H 2 -2.43 15.47 -15.61
OE1 DGL H 2 -2.61 15.05 -16.75
H DGL H 2 -6.08 14.31 -14.54
HA DGL H 2 -5.05 15.04 -12.88
HB2 DGL H 2 -3.01 15.63 -13.09
HB3 DGL H 2 -3.61 17.29 -12.97
HG2 DGL H 2 -2.81 17.52 -15.07
HG3 DGL H 2 -4.23 16.66 -15.63
N LYS H 3 -1.48 15.05 -14.82
CA LYS H 3 -0.53 14.03 -15.18
C LYS H 3 0.46 14.41 -16.34
N DAL H 4 1.51 15.13 -15.83
CA DAL H 4 2.82 15.71 -16.53
CB DAL H 4 2.69 16.64 -17.94
C DAL H 4 3.89 14.39 -16.37
O DAL H 4 3.74 13.35 -17.01
H DAL H 4 1.43 15.32 -14.86
HA DAL H 4 2.68 15.43 -16.97
HB1 DAL H 4 2.41 16.05 -18.80
HB2 DAL H 4 3.66 17.13 -18.18
HB3 DAL H 4 1.96 17.46 -17.80
N DAL H 5 4.67 14.48 -15.25
CA DAL H 5 5.88 13.58 -14.68
CB DAL H 5 6.84 13.94 -16.06
C DAL H 5 5.19 12.11 -14.81
O DAL H 5 4.36 11.76 -13.87
OXT DAL H 5 5.66 11.19 -15.56
H DAL H 5 4.36 15.21 -14.63
HA DAL H 5 6.52 12.92 -14.71
HB1 DAL H 5 7.30 14.95 -15.94
HB2 DAL H 5 6.32 13.90 -16.92
HB3 DAL H 5 7.76 13.21 -16.13
C1 MUB I . 10.39 -9.10 2.84
C2 MUB I . 11.72 -8.57 2.36
C3 MUB I . 11.59 -8.08 0.93
C4 MUB I . 10.76 -9.06 0.10
C5 MUB I . 9.33 -9.14 0.69
C6 MUB I . 8.84 -10.58 0.82
C7 MUB I . 11.84 -6.23 2.94
C8 MUB I . 12.40 -5.14 3.86
C9 MUB I . 13.69 -9.11 0.41
C10 MUB I . 13.81 -9.90 -0.88
C11 MUB I . 14.69 -9.40 1.59
O1 MUB I . 10.21 -8.75 4.17
O3 MUB I . 12.91 -7.90 0.38
O4 MUB I . 10.69 -8.72 -1.32
O5 MUB I . 9.32 -8.57 2.03
O6 MUB I . 9.78 -11.36 1.54
O7 MUB I . 11.02 -5.94 2.07
O10 MUB I . 14.12 -9.30 -1.90
N2 MUB I . 12.20 -7.50 3.20
H1 MUB I . 10.30 -10.19 2.76
H2 MUB I . 12.40 -9.41 2.52
HN2 MUB I . 12.86 -7.69 3.90
H81 MUB I . 13.49 -5.17 3.83
H82 MUB I . 12.07 -5.30 4.87
H83 MUB I . 12.04 -4.18 3.51
H3 MUB I . 11.21 -7.04 0.92
H9 MUB I . 12.84 -9.70 0.59
H111 MUB I . 15.21 -8.47 1.87
H112 MUB I . 15.40 -10.08 1.25
H113 MUB I . 14.15 -9.85 2.43
H4 MUB I . 11.30 -9.98 -0.04
H5 MUB I . 8.58 -8.74 0.11
H61 MUB I . 8.92 -11.00 -0.21
H62 MUB I . 7.79 -10.73 1.21
HO6 MUB I . 9.37 -11.92 2.21
C1 NAG I . 11.11 -7.38 -1.65
C2 NAG I . 10.85 -7.11 -3.13
C3 NAG I . 11.31 -5.73 -3.52
C4 NAG I . 10.71 -4.68 -2.57
C5 NAG I . 10.95 -5.08 -1.11
C6 NAG I . 10.26 -4.11 -0.14
C7 NAG I . 12.75 -8.13 -4.24
C8 NAG I . 13.21 -9.30 -5.12
N2 NAG I . 11.45 -8.14 -3.96
O3 NAG I . 10.91 -5.44 -4.85
O4 NAG I . 11.32 -3.43 -2.82
O5 NAG I . 10.44 -6.40 -0.86
O6 NAG I . 8.90 -3.94 -0.47
O7 NAG I . 13.43 -7.11 -4.16
H1 NAG I . 12.19 -7.39 -1.45
H2 NAG I . 9.90 -7.24 -3.51
H3 NAG I . 12.40 -5.66 -3.45
H4 NAG I . 9.66 -4.58 -2.94
H5 NAG I . 11.99 -5.03 -0.79
H61 NAG I . 10.71 -3.10 -0.17
H62 NAG I . 10.41 -4.50 0.87
H81 NAG I . 12.68 -9.26 -6.07
H82 NAG I . 12.98 -10.23 -4.63
H83 NAG I . 14.29 -9.23 -5.28
HN2 NAG I . 10.97 -8.98 -4.05
HO3 NAG I . 11.40 -5.97 -5.47
HO4 NAG I . 11.34 -3.31 -3.79
HO6 NAG I . 8.66 -4.71 -0.97
C1 MUB J . 5.44 11.52 -5.87
C2 MUB J . 4.62 10.64 -6.78
C3 MUB J . 5.48 9.51 -7.31
C4 MUB J . 6.98 9.87 -7.27
C5 MUB J . 7.44 10.18 -5.81
C6 MUB J . 8.57 11.20 -5.76
C7 MUB J . 3.51 8.90 -5.52
C8 MUB J . 2.23 8.40 -4.83
C9 MUB J . 5.28 10.30 -9.57
C10 MUB J . 6.62 10.36 -10.30
C11 MUB J . 4.08 11.14 -10.11
O1 MUB J . 4.60 12.28 -5.06
O3 MUB J . 5.06 9.20 -8.66
O4 MUB J . 7.83 8.83 -7.83
O5 MUB J . 6.32 10.72 -5.05
O6 MUB J . 8.26 12.33 -6.54
O7 MUB J . 4.50 8.17 -5.56
O10 MUB J . 6.88 9.48 -11.13
N2 MUB J . 3.46 10.10 -6.11
H1 MUB J . 6.09 12.22 -6.40
H2 MUB J . 4.24 11.33 -7.53
HN2 MUB J . 2.65 10.65 -6.05
H81 MUB J . 1.44 8.27 -5.57
H82 MUB J . 1.90 9.13 -4.11
H83 MUB J . 2.45 7.47 -4.31
H3 MUB J . 5.26 8.57 -6.79
H9 MUB J . 5.75 10.88 -8.83
H111 MUB J . 3.24 10.48 -10.39
H112 MUB J . 4.38 11.66 -10.96
H113 MUB J . 3.77 11.88 -9.35
H4 MUB J . 7.22 10.59 -8.02
H5 MUB J . 7.89 9.39 -5.32
H61 MUB J . 9.41 10.71 -6.33
H62 MUB J . 8.98 11.49 -4.74
HO6 MUB J . 9.02 12.93 -6.67
C1 NAG J . 7.22 7.51 -7.90
C2 NAG J . 8.26 6.50 -8.38
C3 NAG J . 7.63 5.12 -8.48
C4 NAG J . 6.95 4.74 -7.17
C5 NAG J . 5.99 5.86 -6.71
C6 NAG J . 5.38 5.55 -5.36
C7 NAG J . 8.21 6.80 -10.79
C8 NAG J . 9.01 7.30 -12.00
N2 NAG J . 8.86 6.91 -9.64
O3 NAG J . 8.64 4.16 -8.76
O4 NAG J . 6.23 3.53 -7.34
O5 NAG J . 6.72 7.11 -6.62
O6 NAG J . 6.38 5.44 -4.36
O7 NAG J . 7.29 6.01 -10.94
H1 NAG J . 6.43 7.63 -8.63
H2 NAG J . 9.14 6.42 -7.85
H3 NAG J . 6.88 5.09 -9.28
H4 NAG J . 7.82 4.47 -6.49
H5 NAG J . 5.13 5.98 -7.36
H61 NAG J . 4.83 4.59 -5.34
H62 NAG J . 4.66 6.34 -5.13
H81 NAG J . 8.41 7.17 -12.89
H82 NAG J . 9.91 6.73 -12.09
H83 NAG J . 9.26 8.35 -11.85
HN2 NAG J . 9.59 7.55 -9.57
HO3 NAG J . 9.01 4.31 -9.64
HO4 NAG J . 6.80 2.92 -7.80
HO6 NAG J . 6.98 6.17 -4.51
C1 MUB K . -3.28 -15.07 1.16
C2 MUB K . -2.12 -16.07 1.08
C3 MUB K . -1.03 -15.51 0.16
C4 MUB K . -1.67 -15.20 -1.21
C5 MUB K . -2.78 -14.17 -1.01
C6 MUB K . -4.11 -14.67 -1.57
C7 MUB K . -0.52 -15.67 2.86
C8 MUB K . 0.04 -16.06 4.25
C9 MUB K . -0.40 -17.76 -0.45
C10 MUB K . -0.17 -18.11 -1.92
C11 MUB K . -0.70 -18.92 0.56
O1 MUB K . -3.54 -14.73 2.49
O3 MUB K . 0.04 -16.48 0.03
O4 MUB K . -0.73 -14.75 -2.24
O5 MUB K . -2.97 -13.89 0.41
O6 MUB K . -4.30 -16.04 -1.24
O7 MUB K . -0.13 -14.64 2.30
O10 MUB K . 0.94 -18.46 -2.29
N2 MUB K . -1.56 -16.37 2.39
H1 MUB K . -4.20 -15.49 0.73
H2 MUB K . -2.59 -17.01 0.76
HN2 MUB K . -1.86 -17.18 2.85
H81 MUB K . 0.35 -17.10 4.22
H82 MUB K . -0.71 -15.92 5.00
H83 MUB K . 0.89 -15.41 4.46
H3 MUB K . -0.50 -14.67 0.61
H9 MUB K . -1.33 -17.36 -0.74
H111 MUB K . 0.07 -18.97 1.34
H112 MUB K . -0.70 -19.83 0.05
H113 MUB K . -1.71 -18.79 1.00
H4 MUB K . -1.88 -16.10 -1.78
H5 MUB K . -2.63 -13.30 -1.54
H61 MUB K . -3.98 -14.68 -2.67
H62 MUB K . -5.01 -14.05 -1.30
HO6 MUB K . -4.70 -16.56 -1.96
C1 NAG K . 0.57 -14.36 -1.77
C2 NAG K . 1.39 -13.79 -2.93
C3 NAG K . 2.76 -13.33 -2.46
C4 NAG K . 2.61 -12.37 -1.28
C5 NAG K . 1.77 -13.02 -0.19
C6 NAG K . 1.54 -12.07 0.99
C7 NAG K . 2.22 -15.86 -3.87
C8 NAG K . 2.22 -16.78 -5.10
N2 NAG K . 1.51 -14.77 -4.00
O3 NAG K . 3.44 -12.66 -3.52
O4 NAG K . 3.90 -12.04 -0.79
O5 NAG K . 0.47 -13.37 -0.71
O6 NAG K . 0.89 -10.89 0.57
O7 NAG K . 3.15 -15.95 -3.05
H1 NAG K . 0.94 -15.37 -1.55
H2 NAG K . 0.93 -13.03 -3.45
H3 NAG K . 3.36 -14.15 -2.10
H4 NAG K . 2.26 -11.42 -1.73
H5 NAG K . 2.17 -13.89 0.29
H61 NAG K . 2.45 -11.72 1.55
H62 NAG K . 0.91 -12.60 1.72
H81 NAG K . 2.90 -16.38 -5.84
H82 NAG K . 1.22 -16.79 -5.52
H83 NAG K . 2.49 -17.78 -4.81
HN2 NAG K . 0.78 -14.75 -4.67
HO3 NAG K . 3.62 -13.26 -4.25
HO4 NAG K . 4.39 -11.81 -1.59
HO6 NAG K . 0.44 -11.10 -0.25
C1 MUB L . -6.85 9.50 -9.24
C2 MUB L . -7.48 9.04 -10.54
C3 MUB L . -6.44 8.30 -11.38
C4 MUB L . -5.10 9.06 -11.37
C5 MUB L . -4.57 9.10 -9.93
C6 MUB L . -4.01 10.49 -9.56
C7 MUB L . -8.50 6.87 -10.17
C8 MUB L . -9.77 6.02 -9.93
C9 MUB L . -7.35 9.41 -13.31
C10 MUB L . -6.38 10.12 -14.25
C11 MUB L . -8.85 9.85 -13.27
O1 MUB L . -7.73 9.27 -8.19
O3 MUB L . -6.96 8.15 -12.72
O4 MUB L . -4.09 8.49 -12.26
O5 MUB L . -5.63 8.79 -8.99
O6 MUB L . -5.03 11.47 -9.65
O7 MUB L . -7.39 6.33 -10.21
O10 MUB L . -6.09 9.59 -15.31
N2 MUB L . -8.64 8.20 -10.31
H1 MUB L . -6.61 10.57 -9.27
H2 MUB L . -7.88 9.96 -10.98
HN2 MUB L . -9.54 8.60 -10.28
H81 MUB L . -10.45 6.17 -10.76
H82 MUB L . -10.23 6.33 -9.02
H83 MUB L . -9.47 4.98 -9.86
H3 MUB L . -6.36 7.26 -11.04
H9 MUB L . -6.86 9.95 -12.54
H111 MUB L . -9.51 9.00 -13.50
H112 MUB L . -9.01 10.58 -14.00
H113 MUB L . -9.10 10.30 -12.30
H4 MUB L . -5.17 9.98 -11.94
H5 MUB L . -3.74 8.51 -9.76
H61 MUB L . -3.32 10.76 -10.38
H62 MUB L . -3.47 10.54 -8.58
HO6 MUB L . -4.74 12.37 -9.43
C1 NAG L . -4.44 7.21 -12.85
C2 NAG L . -3.29 6.72 -13.73
C3 NAG L . -3.68 5.43 -14.41
C4 NAG L . -4.16 4.41 -13.37
C5 NAG L . -5.23 5.00 -12.47
C6 NAG L . -5.62 4.05 -11.34
C7 NAG L . -3.61 7.95 -15.80
C8 NAG L . -3.08 9.10 -16.66
N2 NAG L . -2.92 7.76 -14.68
O3 NAG L . -2.57 4.90 -15.12
O4 NAG L . -4.68 3.27 -14.05
O5 NAG L . -4.74 6.22 -11.85
O6 NAG L . -4.51 3.76 -10.50
O7 NAG L . -4.31 7.08 -16.30
H1 NAG L . -5.29 7.44 -13.46
H2 NAG L . -2.33 6.58 -13.34
H3 NAG L . -4.51 5.60 -15.11
H4 NAG L . -3.19 4.06 -12.91
H5 NAG L . -6.18 5.21 -12.96
H61 NAG L . -5.96 3.07 -11.72
H62 NAG L . -6.44 4.49 -10.79
H81 NAG L . -3.73 9.22 -17.52
H82 NAG L . -2.08 8.85 -17.01
H83 NAG L . -3.03 10.01 -16.06
HN2 NAG L . -2.39 8.49 -14.33
HO3 NAG L . -2.47 5.34 -15.96
HO4 NAG L . -4.05 3.03 -14.74
HO6 NAG L . -4.27 4.60 -10.09
P 2PO M . 9.18 -9.59 5.06
O1P 2PO M . 9.17 -9.11 6.46
O2P 2PO M . 9.36 -11.03 4.79
O3P 2PO M . 7.83 -9.13 4.40
P 2PO N . 7.28 -7.78 4.96
O1P 2PO N . 6.17 -8.09 5.91
O2P 2PO N . 8.44 -6.97 5.42
O3P 2PO N . 6.65 -7.14 3.67
C1 P1W O . 6.76 -5.77 3.47
C2 P1W O . 5.98 -5.41 2.26
C3 P1W O . 6.33 -5.71 1.02
C4 P1W O . 5.47 -5.30 -0.13
C5 P1W O . 7.61 -6.47 0.64
H12 P1W O . 6.37 -5.24 4.34
H11 P1W O . 7.80 -5.51 3.33
H2 P1W O . 4.94 -5.24 2.45
H41 P1W O . 5.42 -4.22 -0.17
H42 P1W O . 5.86 -5.70 -1.03
H51 P1W O . 7.85 -6.29 -0.40
H52 P1W O . 7.46 -7.52 0.79
H53 P1W O . 8.44 -6.14 1.26
C1 P1W P . 4.03 -5.83 0.08
C2 P1W P . 3.06 -5.09 -0.81
C3 P1W P . 1.99 -4.41 -0.34
C4 P1W P . 1.03 -3.69 -1.25
C5 P1W P . 1.64 -4.30 1.15
H12 P1W P . 3.74 -5.71 1.10
H11 P1W P . 4.02 -6.88 -0.19
H2 P1W P . 3.06 -5.43 -1.84
H41 P1W P . 1.19 -3.99 -2.27
H42 P1W P . 0.01 -3.91 -0.95
H51 P1W P . 0.61 -4.04 1.26
H52 P1W P . 2.27 -3.55 1.61
H53 P1W P . 1.83 -5.26 1.63
C1 P1W Q . 13.39 5.04 -3.65
C2 P1W Q . 14.16 4.27 -2.61
C3 P1W Q . 13.66 3.92 -1.41
C4 P1W Q . 14.46 3.12 -0.37
C5 P1W Q . 12.24 4.28 -0.98
H12 P1W Q . 13.69 4.71 -4.63
H11 P1W Q . 12.33 4.86 -3.51
H2 P1W Q . 15.18 4.06 -2.85
H43 P1W Q . 15.40 2.81 -0.80
H41 P1W Q . 13.88 2.24 -0.08
H42 P1W Q . 14.63 3.74 0.50
H51 P1W Q . 12.15 4.13 0.09
H52 P1W Q . 11.53 3.65 -1.49
H53 P1W Q . 12.02 5.32 -1.21
C1 P1W R . 1.25 -2.18 -1.14
C2 P1W R . 1.58 -1.63 -2.49
C3 P1W R . 0.66 -0.99 -3.25
C4 P1W R . 0.93 -0.43 -4.65
C5 P1W R . -0.76 -0.76 -2.75
H12 P1W R . 2.06 -1.98 -0.47
H11 P1W R . 0.34 -1.71 -0.78
H2 P1W R . 2.49 -1.99 -2.93
H43 P1W R . 1.74 -0.97 -5.13
H41 P1W R . 1.19 0.61 -4.57
H42 P1W R . 0.03 -0.54 -5.25
H51 P1W R . -0.74 0.00 -1.97
H52 P1W R . -1.16 -1.67 -2.36
H53 P1W R . -1.37 -0.41 -3.57
P 2PO S . 5.22 13.25 -3.97
O1P 2PO S . 4.17 14.13 -3.38
O2P 2PO S . 6.44 13.89 -4.51
O3P 2PO S . 5.64 12.20 -2.86
P 2PO T . 4.48 11.36 -2.18
O1P 2PO T . 3.89 12.21 -1.12
O2P 2PO T . 3.58 10.84 -3.22
O3P 2PO T . 5.28 10.15 -1.49
C1 P1W U . 6.70 10.13 -1.49
C2 P1W U . 7.19 9.11 -2.48
C3 P1W U . 8.48 8.72 -2.65
C4 P1W U . 8.86 7.68 -3.68
C5 P1W U . 9.65 9.30 -1.83
H12 P1W U . 7.07 11.10 -1.75
H11 P1W U . 7.05 9.87 -0.50
H2 P1W U . 6.40 8.53 -2.93
H41 P1W U . 8.98 6.71 -3.18
H42 P1W U . 8.08 7.60 -4.42
H51 P1W U . 10.32 8.50 -1.57
H52 P1W U . 9.27 9.77 -0.94
H53 P1W U . 10.17 10.03 -2.43
C1 P1W V . -1.87 -10.81 -2.40
C2 P1W V . -1.79 -10.28 -3.81
C3 P1W V . -0.68 -9.76 -4.34
C4 P1W V . -0.67 -9.24 -5.74
C5 P1W V . 0.64 -9.60 -3.58
H12 P1W V . -1.81 -11.88 -2.43
H11 P1W V . -1.06 -10.40 -1.85
H2 P1W V . -2.75 -10.14 -4.30
H41 P1W V . 0.35 -9.03 -6.06
H42 P1W V . -1.12 -9.97 -6.40
H51 P1W V . 0.88 -10.53 -3.10
H52 P1W V . 0.54 -8.82 -2.83
H53 P1W V . 1.42 -9.34 -4.26
C1 P1W W . -1.50 -7.96 -5.78
C2 P1W W . -0.79 -6.84 -5.07
C3 P1W W . -0.33 -5.73 -5.69
C4 P1W W . 0.38 -4.59 -4.93
C5 P1W W . -0.45 -5.51 -7.20
H12 P1W W . -2.43 -8.15 -5.29
H11 P1W W . -1.67 -7.69 -6.80
H2 P1W W . -0.84 -6.88 -4.00
H43 P1W W . 1.35 -4.41 -5.37
H41 P1W W . 0.49 -4.86 -3.90
H42 P1W W . -0.23 -3.68 -5.00
H51 P1W W . 0.00 -6.34 -7.71
H52 P1W W . 0.06 -4.60 -7.45
H53 P1W W . -1.49 -5.43 -7.47
C1 P1W X . 2.65 0.52 -7.60
C2 P1W X . 3.47 1.31 -6.62
C3 P1W X . 4.49 0.75 -5.92
C4 P1W X . 5.36 1.51 -4.90
C5 P1W X . 4.86 -0.70 -6.12
H12 P1W X . 3.21 -0.33 -7.94
H11 P1W X . 1.75 0.17 -7.11
H2 P1W X . 3.14 2.30 -6.42
H43 P1W X . 5.36 0.99 -3.95
H41 P1W X . 5.00 2.51 -4.76
H42 P1W X . 6.38 1.54 -5.28
H51 P1W X . 5.61 -0.96 -5.38
H52 P1W X . 5.28 -0.81 -7.11
H53 P1W X . 4.00 -1.33 -6.02
C1 P1W Y . 10.17 8.05 -4.37
C2 P1W Y . 11.30 7.29 -3.72
C3 P1W Y . 12.57 7.33 -4.16
C4 P1W Y . 13.67 6.54 -3.50
C5 P1W Y . 13.02 8.19 -5.35
H12 P1W Y . 10.34 9.11 -4.29
H11 P1W Y . 10.11 7.76 -5.41
H2 P1W Y . 10.98 6.50 -3.06
H41 P1W Y . 14.61 6.76 -3.98
H42 P1W Y . 13.73 6.79 -2.45
H51 P1W Y . 12.19 8.35 -6.02
H52 P1W Y . 13.83 7.69 -5.88
H53 P1W Y . 13.37 9.15 -4.99
P 2PO Z . -4.66 -15.56 3.34
O1P 2PO Z . -4.36 -15.42 4.79
O2P 2PO Z . -4.77 -16.92 2.78
O3P 2PO Z . -6.03 -14.79 3.04
P 2PO AA . -6.04 -13.22 3.17
O1P 2PO AA . -7.46 -12.74 3.30
O2P 2PO AA . -5.05 -12.83 4.19
O3P 2PO AA . -5.49 -12.80 1.73
C1 P1W BA . -4.42 -11.89 1.61
C2 P1W BA . -4.28 -11.48 0.18
C3 P1W BA . -3.27 -10.77 -0.27
C4 P1W BA . -3.19 -10.37 -1.76
C5 P1W BA . -2.16 -10.28 0.66
H12 P1W BA . -4.62 -11.03 2.22
H11 P1W BA . -3.51 -12.35 1.96
H2 P1W BA . -4.75 -12.15 -0.51
H41 P1W BA . -3.99 -10.88 -2.29
H42 P1W BA . -3.31 -9.32 -1.87
H51 P1W BA . -1.74 -9.37 0.30
H52 P1W BA . -1.39 -11.05 0.70
H53 P1W BA . -2.56 -10.14 1.66
P 2PO CA . -7.19 9.25 -6.69
O1P 2PO CA . -8.22 8.67 -5.79
O2P 2PO CA . -6.64 10.59 -6.36
O3P 2PO CA . -5.99 8.22 -6.81
P 2PO DA . -5.99 6.94 -5.88
O1P 2PO DA . -5.68 7.36 -4.49
O2P 2PO DA . -7.23 6.17 -6.14
O3P 2PO DA . -4.74 6.10 -6.45
C1 P1W EA . -4.13 6.47 -7.69
C2 P1W EA . -3.05 5.47 -8.02
C3 P1W EA . -2.03 5.66 -8.89
C4 P1W EA . -0.98 4.60 -9.18
C5 P1W EA . -1.83 6.99 -9.66
H12 P1W EA . -4.89 6.47 -8.47
H11 P1W EA . -3.70 7.46 -7.61
H2 P1W EA . -2.97 4.65 -7.32
H41 P1W EA . -1.48 3.65 -9.34
H42 P1W EA . -0.43 4.87 -10.06
H51 P1W EA . -2.05 7.81 -8.99
H52 P1W EA . -2.50 7.02 -10.51
H53 P1W EA . -0.81 7.05 -10.00
C1 P1W FA . -0.01 4.44 -8.02
C2 P1W FA . 1.14 3.57 -8.42
C3 P1W FA . 1.09 2.22 -8.41
C4 P1W FA . 2.27 1.39 -8.79
C5 P1W FA . -0.16 1.41 -8.02
H12 P1W FA . -0.50 4.00 -7.16
H11 P1W FA . 0.39 5.41 -7.74
H2 P1W FA . 2.09 4.06 -8.41
H41 P1W FA . 2.03 0.77 -9.64
H42 P1W FA . 3.10 2.05 -9.03
H51 P1W FA . -0.26 1.41 -6.94
H52 P1W FA . -0.06 0.39 -8.37
H53 P1W FA . -1.05 1.85 -8.45
N ZAE A 1 14.22 7.23 -4.83
CA ZAE A 1 13.38 6.03 -5.15
C ZAE A 1 11.97 6.15 -4.62
O ZAE A 1 11.13 6.85 -5.17
CB ZAE A 1 13.34 5.76 -6.64
CG ZAE A 1 13.00 4.34 -6.88
CD1 ZAE A 1 11.93 3.97 -7.70
CD2 ZAE A 1 13.72 3.35 -6.25
CE1 ZAE A 1 11.59 2.67 -7.85
CE2 ZAE A 1 13.38 2.03 -6.42
CZ ZAE A 1 12.29 1.72 -7.23
C10 ZAE A 1 15.64 6.95 -5.19
H ZAE A 1 14.19 7.43 -3.81
HA ZAE A 1 13.85 5.19 -4.67
HB2 ZAE A 1 12.58 6.37 -7.10
HB3 ZAE A 1 14.30 5.98 -7.09
HD1 ZAE A 1 11.36 4.73 -8.21
HD2 ZAE A 1 14.56 3.61 -5.63
HE1 ZAE A 1 10.76 2.38 -8.48
HE2 ZAE A 1 13.93 1.26 -5.93
HZ ZAE A 1 11.97 0.73 -7.37
H11 ZAE A 1 16.27 7.75 -4.83
H12 ZAE A 1 15.73 6.87 -6.26
H13 ZAE A 1 15.94 6.01 -4.74
HN2 ZAE A 1 13.86 8.06 -5.36
N ILE A 2 11.71 5.43 -3.56
CA ILE A 2 10.38 5.40 -2.98
C ILE A 2 10.43 5.54 -1.48
N SER A 3 9.42 6.21 -0.86
CA SER A 3 9.44 6.32 0.59
C SER A 3 8.10 6.01 1.17
N DGN A 4 8.16 5.13 2.16
CA DGN A 4 7.01 4.67 2.87
C DGN A 4 7.29 3.27 3.36
O DGN A 4 8.42 2.78 3.31
CB DGN A 4 6.64 5.58 4.07
CG DGN A 4 7.20 5.12 5.43
CD DGN A 4 8.20 6.08 6.06
OE1 DGN A 4 7.81 7.03 6.73
NE2 DGN A 4 9.48 5.81 5.87
H DGN A 4 9.04 4.78 2.41
HA DGN A 4 6.18 4.64 2.18
HB2 DGN A 4 5.56 5.60 4.14
HB3 DGN A 4 7.01 6.57 3.87
HG2 DGN A 4 7.69 4.17 5.28
HG3 DGN A 4 6.37 4.99 6.11
HE21 DGN A 4 9.72 5.02 5.35
HE22 DGN A 4 10.14 6.41 6.28
N 28J A 5 6.23 2.58 3.75
CA 28J A 5 6.41 1.21 4.30
CB 28J A 5 7.46 0.35 3.54
CG2 28J A 5 8.05 -0.71 4.47
CG1 28J A 5 6.77 -0.32 2.36
CD1 28J A 5 7.70 -1.07 1.42
C 28J A 5 5.11 0.41 4.37
O 28J A 5 4.04 0.96 3.96
HA 28J A 5 6.77 1.32 5.32
H22 28J A 5 8.26 0.98 3.19
H23 28J A 5 9.03 -1.03 4.10
H24 28J A 5 7.40 -1.58 4.52
H25 28J A 5 8.17 -0.30 5.47
H26 28J A 5 6.06 -1.04 2.75
H27 28J A 5 6.25 0.43 1.78
H28 28J A 5 7.13 -1.48 0.61
H29 28J A 5 8.19 -1.85 1.96
H30 28J A 5 8.43 -0.37 1.03
N ILE A 6 5.26 -0.85 4.95
CA ILE A 6 4.19 -1.88 5.08
C ILE A 6 4.06 -2.44 6.52
N SER A 7 2.78 -2.78 6.86
CA SER A 7 2.34 -3.47 8.11
C SER A 7 0.96 -4.06 7.96
N DTH A 8 0.67 -5.14 8.75
CA DTH A 8 -0.72 -5.62 8.81
CB DTH A 8 -1.26 -5.83 10.25
CG2 DTH A 8 -0.92 -4.66 11.15
OG1 DTH A 8 -0.77 -7.05 10.82
C DTH A 8 -0.90 -6.88 7.97
O DTH A 8 -2.01 -7.19 7.53
H DTH A 8 1.39 -5.70 9.15
HA DTH A 8 -1.31 -4.83 8.37
HB DTH A 8 -2.33 -5.90 10.18
HG21 DTH A 8 0.16 -4.51 11.19
HG22 DTH A 8 -1.29 -4.84 12.15
HG23 DTH A 8 -1.37 -3.76 10.76
N ALA A 9 0.19 -7.58 7.77
CA ALA A 9 0.18 -8.75 6.96
C ALA A 9 -0.42 -9.87 7.72
N EI4 A 10 0.24 -10.17 8.79
CA EI4 A 10 -0.19 -11.20 9.65
CB EI4 A 10 1.02 -12.02 9.99
CG EI4 A 10 0.75 -13.28 10.75
CD2 EI4 A 10 0.27 -14.40 9.73
NE2 EI4 A 10 1.32 -15.45 9.85
CE1 EI4 A 10 2.30 -15.13 10.76
ND1 EI4 A 10 2.01 -13.89 11.30
NT EI4 A 10 3.34 -15.85 11.07
C EI4 A 10 -0.87 -10.62 10.87
O EI4 A 10 -1.89 -11.13 11.35
H EI4 A 10 1.07 -9.68 9.01
HA EI4 A 10 -0.89 -11.81 9.11
HB EI4 A 10 1.69 -11.39 10.57
HBA EI4 A 10 1.51 -12.28 9.08
HG1 EI4 A 10 0.03 -13.15 11.54
HD2 EI4 A 10 0.28 -14.01 8.72
HE EI4 A 10 1.29 -16.29 9.32
HND1 EI4 A 10 2.59 -13.44 11.97
HD1 EI4 A 10 -0.69 -14.77 10.00
H1 EI4 A 10 3.48 -16.75 10.64
HH12 EI4 A 10 4.01 -15.52 11.74
N ILE A 11 -0.28 -9.55 11.38
CA ILE A 11 -0.82 -8.84 12.52
C ILE A 11 -1.41 -7.52 12.01
N ZAE B 1 -2.10 -10.30 2.77
CA ZAE B 1 -1.29 -9.31 2.00
C ZAE B 1 -0.62 -8.39 3.00
O ZAE B 1 -0.16 -8.81 4.07
CB ZAE B 1 -0.21 -10.06 1.28
CG ZAE B 1 0.65 -9.50 0.16
CD1 ZAE B 1 2.01 -9.34 0.34
CD2 ZAE B 1 0.16 -9.44 -1.16
CE1 ZAE B 1 2.87 -9.14 -0.74
CE2 ZAE B 1 1.02 -9.19 -2.23
CZ ZAE B 1 2.37 -9.07 -2.01
C10 ZAE B 1 -2.47 -11.48 1.97
H ZAE B 1 -2.96 -9.85 3.12
HA ZAE B 1 -1.89 -8.75 1.32
HB2 ZAE B 1 0.48 -10.40 2.05
HB3 ZAE B 1 -0.67 -10.93 0.87
HD1 ZAE B 1 2.42 -9.35 1.34
HD2 ZAE B 1 -0.90 -9.52 -1.34
HE1 ZAE B 1 3.93 -9.03 -0.56
HE2 ZAE B 1 0.63 -9.14 -3.23
HZ ZAE B 1 3.05 -8.94 -2.84
H11 ZAE B 1 -3.30 -12.00 2.45
H12 ZAE B 1 -1.64 -12.16 1.86
H13 ZAE B 1 -2.79 -11.15 0.99
HN2 ZAE B 1 -1.53 -10.59 3.60
N ILE B 2 -0.61 -7.14 2.65
CA ILE B 2 0.05 -6.11 3.45
C ILE B 2 -0.55 -4.67 3.33
N SER B 3 -0.03 -3.74 4.18
CA SER B 3 -0.59 -2.42 4.22
C SER B 3 0.38 -1.30 4.59
N DGN B 4 0.32 -0.28 3.73
CA DGN B 4 1.08 0.97 3.82
C DGN B 4 1.12 1.67 2.47
O DGN B 4 0.32 1.39 1.57
CB DGN B 4 0.53 1.99 4.88
CG DGN B 4 -0.08 3.31 4.35
CD DGN B 4 -0.86 4.06 5.39
OE1 DGN B 4 -0.30 4.76 6.23
NE2 DGN B 4 -2.17 3.95 5.31
H DGN B 4 -0.22 -0.43 2.90
HA DGN B 4 2.09 0.71 4.11
HB2 DGN B 4 1.36 2.26 5.52
HB3 DGN B 4 -0.21 1.51 5.47
HG2 DGN B 4 -0.72 3.11 3.51
HG3 DGN B 4 0.74 3.96 4.02
HE21 DGN B 4 -2.54 3.40 4.59
HE22 DGN B 4 -2.71 4.40 5.98
N 28J B 5 2.08 2.54 2.30
CA 28J B 5 2.15 3.32 1.02
CB 28J B 5 2.03 2.46 -0.33
CG2 28J B 5 1.43 3.28 -1.47
CG1 28J B 5 3.32 1.91 -0.89
CD1 28J B 5 3.72 0.61 -0.17
C 28J B 5 3.39 4.11 0.91
O 28J B 5 4.26 4.09 1.85
HA 28J B 5 1.33 4.02 1.03
H22 28J B 5 1.36 1.65 -0.14
H23 28J B 5 2.20 3.89 -1.92
H24 28J B 5 0.65 3.91 -1.07
H25 28J B 5 1.02 2.61 -2.22
H26 28J B 5 3.22 1.69 -1.95
H27 28J B 5 4.10 2.64 -0.76
H28 28J B 5 4.62 0.20 -0.61
H29 28J B 5 2.90 -0.10 -0.29
H30 28J B 5 3.88 0.81 0.88
N ILE B 6 3.36 4.91 -0.19
CA ILE B 6 4.47 5.65 -0.64
C ILE B 6 4.22 7.08 -1.06
N SER B 7 5.22 7.83 -0.59
CA SER B 7 5.51 9.23 -0.97
C SER B 7 6.98 9.48 -1.08
N DTH B 8 7.34 10.50 -1.89
CA DTH B 8 8.73 10.98 -1.89
CB DTH B 8 8.87 12.50 -1.60
CG2 DTH B 8 7.82 12.98 -0.59
OG1 DTH B 8 8.76 13.23 -2.82
C DTH B 8 9.53 10.58 -3.14
O DTH B 8 10.76 10.57 -3.12
H DTH B 8 6.71 10.85 -2.60
HA DTH B 8 9.20 10.48 -1.06
HB DTH B 8 9.86 12.67 -1.19
HG21 DTH B 8 7.94 14.04 -0.42
HG22 DTH B 8 7.94 12.44 0.34
HG23 DTH B 8 6.83 12.79 -0.98
N ALA B 9 8.81 10.24 -4.18
CA ALA B 9 9.43 9.80 -5.42
C ALA B 9 10.21 10.93 -6.02
N EI4 B 10 9.46 11.92 -6.44
CA EI4 B 10 10.01 13.08 -7.06
CB EI4 B 10 9.12 13.47 -8.24
CG EI4 B 10 9.87 14.01 -9.45
CD2 EI4 B 10 10.74 12.82 -10.10
NE2 EI4 B 10 10.11 12.67 -11.46
CE1 EI4 B 10 9.08 13.59 -11.68
ND1 EI4 B 10 8.91 14.35 -10.55
NT EI4 B 10 8.46 13.76 -12.79
C EI4 B 10 10.12 14.18 -6.00
O EI4 B 10 11.14 14.88 -5.93
H EI4 B 10 8.49 11.85 -6.33
HA EI4 B 10 10.98 12.84 -7.41
HB EI4 B 10 8.40 14.21 -7.92
HBA EI4 B 10 8.58 12.58 -8.55
HG1 EI4 B 10 10.47 14.87 -9.17
HD2 EI4 B 10 10.64 11.91 -9.54
HE EI4 B 10 10.41 12.02 -12.15
HND1 EI4 B 10 8.25 15.08 -10.49
HD1 EI4 B 10 11.78 13.11 -10.18
H1 EI4 B 10 8.70 13.22 -13.60
HH12 EI4 B 10 7.72 14.43 -12.84
N ILE B 11 9.06 14.35 -5.22
CA ILE B 11 9.04 15.31 -4.13
C ILE B 11 9.19 14.60 -2.79
N ZAE C 1 1.39 10.54 -2.41
CA ZAE C 1 0.96 9.67 -3.52
C ZAE C 1 -0.19 8.78 -3.10
O ZAE C 1 -1.33 9.22 -3.10
CB ZAE C 1 0.52 10.49 -4.74
CG ZAE C 1 0.36 9.67 -5.98
CD1 ZAE C 1 -0.90 9.28 -6.44
CD2 ZAE C 1 1.48 9.29 -6.70
CE1 ZAE C 1 -1.03 8.52 -7.60
CE2 ZAE C 1 1.36 8.53 -7.85
CZ ZAE C 1 0.11 8.15 -8.30
C10 ZAE C 1 2.06 11.75 -2.92
H ZAE C 1 2.05 10.03 -1.80
HA ZAE C 1 1.79 9.04 -3.81
HB2 ZAE C 1 -0.44 10.95 -4.53
HB3 ZAE C 1 1.24 11.26 -4.94
HD1 ZAE C 1 -1.78 9.58 -5.89
HD2 ZAE C 1 2.45 9.58 -6.34
HE1 ZAE C 1 -2.00 8.23 -7.95
HE2 ZAE C 1 2.24 8.24 -8.39
HZ ZAE C 1 0.02 7.56 -9.20
H11 ZAE C 1 2.71 11.47 -3.74
H12 ZAE C 1 2.65 12.19 -2.13
H13 ZAE C 1 1.33 12.45 -3.26
HN2 ZAE C 1 0.55 10.79 -1.83
N ILE C 2 0.08 7.54 -2.70
CA ILE C 2 -1.06 6.73 -2.32
C ILE C 2 -0.83 6.03 -1.05
N SER C 3 -1.92 5.57 -0.50
CA SER C 3 -1.83 4.93 0.73
C SER C 3 -2.80 3.78 0.69
N DGN C 4 -2.45 2.74 1.39
CA DGN C 4 -3.35 1.65 1.48
C DGN C 4 -2.71 0.30 1.17
O DGN C 4 -1.49 0.21 1.00
CB DGN C 4 -3.97 1.72 2.88
CG DGN C 4 -3.78 0.49 3.77
CD DGN C 4 -3.55 0.83 5.24
OE1 DGN C 4 -4.48 1.04 5.99
NE2 DGN C 4 -2.30 0.90 5.68
H DGN C 4 -1.56 2.72 1.85
HA DGN C 4 -4.12 1.82 0.75
HB2 DGN C 4 -5.03 1.92 2.77
HB3 DGN C 4 -3.52 2.56 3.38
HG2 DGN C 4 -2.95 -0.09 3.39
HG3 DGN C 4 -4.69 -0.08 3.72
HE21 DGN C 4 -1.57 0.73 5.04
HE22 DGN C 4 -2.16 1.13 6.62
N 28J C 5 -3.55 -0.76 1.12
CA 28J C 5 -3.02 -2.10 0.81
CB 28J C 5 -2.08 -2.16 -0.40
CG2 28J C 5 -1.16 -3.39 -0.40
CG1 28J C 5 -2.97 -2.20 -1.62
CD1 28J C 5 -2.55 -1.28 -2.72
C 28J C 5 -4.13 -3.05 0.42
O 28J C 5 -5.35 -2.68 0.37
HA 28J C 5 -2.49 -2.49 1.68
H22 28J C 5 -1.50 -1.27 -0.43
H23 28J C 5 -1.73 -4.28 -0.60
H24 28J C 5 -0.66 -3.48 0.55
H25 28J C 5 -0.41 -3.28 -1.18
H26 28J C 5 -2.95 -3.22 -1.99
H27 28J C 5 -3.98 -1.96 -1.32
H28 28J C 5 -2.56 -0.27 -2.36
H29 28J C 5 -3.24 -1.38 -3.53
H30 28J C 5 -1.56 -1.55 -3.05
N ILE C 6 -3.67 -4.25 0.15
CA ILE C 6 -4.48 -5.33 -0.38
C ILE C 6 -4.16 -6.65 0.24
N SER C 7 -5.22 -7.43 0.30
CA SER C 7 -5.18 -8.86 0.67
C SER C 7 -6.49 -9.60 0.49
N DTH C 8 -6.49 -10.54 -0.58
CA DTH C 8 -7.63 -11.45 -0.89
CB DTH C 8 -7.73 -12.70 0.02
CG2 DTH C 8 -7.21 -12.46 1.44
OG1 DTH C 8 -7.05 -13.80 -0.59
C DTH C 8 -7.71 -11.86 -2.38
O DTH C 8 -8.80 -12.14 -2.83
H DTH C 8 -5.67 -10.60 -1.17
HA DTH C 8 -8.53 -10.86 -0.73
HB DTH C 8 -8.78 -12.96 0.09
HG21 DTH C 8 -7.80 -11.70 1.93
HG22 DTH C 8 -6.18 -12.13 1.39
HG23 DTH C 8 -7.28 -13.37 2.01
N ALA C 9 -6.59 -11.95 -3.08
CA ALA C 9 -6.60 -12.28 -4.49
C ALA C 9 -7.01 -13.69 -4.69
N EI4 C 10 -6.13 -14.58 -4.28
CA EI4 C 10 -6.39 -15.98 -4.47
CB EI4 C 10 -5.14 -16.67 -5.01
CG EI4 C 10 -5.45 -18.00 -5.67
CD2 EI4 C 10 -5.14 -17.90 -7.29
NE2 EI4 C 10 -3.87 -18.67 -7.42
CE1 EI4 C 10 -3.57 -19.38 -6.27
ND1 EI4 C 10 -4.47 -19.02 -5.25
NT EI4 C 10 -2.68 -20.33 -6.15
C EI4 C 10 -6.89 -16.54 -3.15
O EI4 C 10 -7.73 -17.45 -3.11
H EI4 C 10 -5.34 -14.29 -3.75
HA EI4 C 10 -7.18 -16.06 -5.20
HB EI4 C 10 -4.45 -16.84 -4.19
HBA EI4 C 10 -4.68 -16.02 -5.73
HG1 EI4 C 10 -6.45 -18.34 -5.43
HD2 EI4 C 10 -4.96 -16.87 -7.59
HE EI4 C 10 -3.32 -18.81 -8.24
HND1 EI4 C 10 -4.35 -19.42 -4.33
HD1 EI4 C 10 -5.94 -18.34 -7.87
H1 EI4 C 10 -2.15 -20.62 -6.95
HH12 EI4 C 10 -2.50 -20.76 -5.26
N ILE C 11 -6.37 -15.95 -2.09
CA ILE C 11 -6.75 -16.29 -0.75
C ILE C 11 -7.43 -15.10 -0.09
N ZAE D 1 -12.67 -12.65 3.96
CA ZAE D 1 -12.61 -12.20 2.54
C ZAE D 1 -11.32 -11.43 2.24
O ZAE D 1 -10.23 -11.96 2.41
CB ZAE D 1 -12.68 -13.40 1.59
CG ZAE D 1 -12.67 -13.04 0.14
CD1 ZAE D 1 -11.61 -13.40 -0.69
CD2 ZAE D 1 -13.73 -12.33 -0.42
CE1 ZAE D 1 -11.62 -13.06 -2.04
CE2 ZAE D 1 -13.74 -11.99 -1.75
CZ ZAE D 1 -12.68 -12.36 -2.57
C10 ZAE D 1 -13.97 -13.31 4.23
H ZAE D 1 -12.58 -11.85 4.59
HA ZAE D 1 -13.45 -11.56 2.35
HB2 ZAE D 1 -11.82 -14.05 1.77
HB3 ZAE D 1 -13.59 -13.96 1.78
HD1 ZAE D 1 -10.77 -13.95 -0.28
HD2 ZAE D 1 -14.56 -12.04 0.22
HE1 ZAE D 1 -10.79 -13.35 -2.67
HE2 ZAE D 1 -14.57 -11.44 -2.16
HZ ZAE D 1 -12.68 -12.09 -3.62
H11 ZAE D 1 -14.04 -13.54 5.29
H12 ZAE D 1 -14.04 -14.23 3.67
H13 ZAE D 1 -14.77 -12.65 3.94
HN2 ZAE D 1 -11.88 -13.32 4.14
N ILE D 2 -11.45 -10.16 1.84
CA ILE D 2 -10.28 -9.37 1.47
C ILE D 2 -10.06 -8.12 2.36
N SER D 3 -8.80 -7.87 2.80
CA SER D 3 -8.54 -6.69 3.63
C SER D 3 -7.64 -5.65 3.02
N DGN D 4 -7.85 -4.43 3.55
CA DGN D 4 -7.12 -3.26 3.18
C DGN D 4 -8.09 -2.21 2.71
O DGN D 4 -9.27 -2.17 3.10
CB DGN D 4 -6.29 -2.67 4.33
CG DGN D 4 -6.93 -1.50 5.03
CD DGN D 4 -7.71 -1.92 6.25
OE1 DGN D 4 -7.20 -1.97 7.35
NE2 DGN D 4 -9.01 -2.18 6.07
H DGN D 4 -8.57 -4.34 4.23
HA DGN D 4 -6.47 -3.52 2.37
HB2 DGN D 4 -5.34 -2.35 3.93
HB3 DGN D 4 -6.11 -3.44 5.07
HG2 DGN D 4 -7.59 -1.00 4.33
HG3 DGN D 4 -6.16 -0.83 5.34
HE21 DGN D 4 -9.38 -2.07 5.16
HE22 DGN D 4 -9.52 -2.46 6.83
N 28J D 5 -7.51 -1.29 1.94
CA 28J D 5 -8.26 -0.20 1.32
CB 28J D 5 -9.67 -0.69 0.76
CG2 28J D 5 -10.70 0.42 0.84
CG1 28J D 5 -9.68 -1.28 -0.68
CD1 28J D 5 -9.11 -2.72 -0.75
C 28J D 5 -7.39 0.46 0.26
O 28J D 5 -6.16 0.20 0.21
HA 28J D 5 -8.44 0.54 2.09
H22 28J D 5 -10.00 -1.47 1.44
H23 28J D 5 -10.52 1.15 0.06
H24 28J D 5 -10.65 0.89 1.80
H25 28J D 5 -11.69 0.01 0.72
H26 28J D 5 -10.70 -1.33 -1.04
H27 28J D 5 -9.10 -0.67 -1.34
H28 28J D 5 -9.65 -3.36 -0.06
H29 28J D 5 -8.06 -2.71 -0.49
H30 28J D 5 -9.22 -3.11 -1.76
N ILE D 6 -8.01 1.42 -0.47
CA ILE D 6 -7.40 2.12 -1.59
C ILE D 6 -7.60 3.64 -1.53
N SER D 7 -6.48 4.37 -1.78
CA SER D 7 -6.47 5.82 -2.06
C SER D 7 -5.23 6.34 -2.70
N DTH D 8 -5.47 7.08 -3.80
CA DTH D 8 -4.39 7.67 -4.55
CB DTH D 8 -4.08 9.17 -4.26
CG2 DTH D 8 -4.29 9.57 -2.81
OG1 DTH D 8 -4.88 10.02 -5.05
C DTH D 8 -4.50 7.44 -6.05
O DTH D 8 -3.43 7.28 -6.67
H DTH D 8 -6.40 7.15 -4.15
HA DTH D 8 -3.51 7.11 -4.27
HB DTH D 8 -3.04 9.32 -4.51
HG21 DTH D 8 -3.65 8.97 -2.17
HG22 DTH D 8 -5.32 9.39 -2.54
HG23 DTH D 8 -4.06 10.61 -2.68
N ALA D 9 -5.72 7.42 -6.62
CA ALA D 9 -5.91 7.19 -8.06
C ALA D 9 -5.82 8.47 -8.85
N EI4 D 10 -6.67 9.42 -8.52
CA EI4 D 10 -6.67 10.67 -9.24
CB EI4 D 10 -8.09 11.08 -9.61
CG EI4 D 10 -8.11 12.10 -10.71
CD2 EI4 D 10 -8.23 11.35 -12.14
NE2 EI4 D 10 -9.61 11.75 -12.60
CE1 EI4 D 10 -10.21 12.65 -11.74
ND1 EI4 D 10 -9.39 12.87 -10.67
NT EI4 D 10 -11.33 13.28 -11.96
C EI4 D 10 -5.98 11.69 -8.39
O EI4 D 10 -5.51 12.73 -8.86
H EI4 D 10 -7.25 9.30 -7.73
HA EI4 D 10 -6.11 10.53 -10.15
HB EI4 D 10 -8.58 11.48 -8.73
HBA EI4 D 10 -8.63 10.20 -9.93
HG1 EI4 D 10 -7.28 12.78 -10.63
HD2 EI4 D 10 -8.18 10.28 -12.01
HE EI4 D 10 -10.00 11.43 -13.44
HND1 EI4 D 10 -9.63 13.47 -9.91
HD1 EI4 D 10 -7.47 11.70 -12.82
H1 EI4 D 10 -11.83 13.15 -12.82
HH12 EI4 D 10 -11.70 13.90 -11.26
N ILE D 11 -5.94 11.37 -7.13
CA ILE D 11 -5.25 12.16 -6.17
C ILE D 11 -4.30 11.28 -5.40
N ALA E 1 1.58 -16.44 6.31
CA ALA E 1 0.35 -16.96 5.75
C ALA E 1 -0.95 -16.15 6.23
N DGL E 2 -1.42 -16.56 7.39
CA DGL E 2 -2.71 -16.23 8.00
C DGL E 2 -2.16 -16.88 9.42
O DGL E 2 -0.99 -17.41 9.64
CB DGL E 2 -3.04 -14.87 8.52
CG DGL E 2 -4.57 -14.81 8.54
CD DGL E 2 -5.12 -13.46 8.73
OE1 DGL E 2 -6.25 -13.15 8.32
H DGL E 2 -0.73 -17.12 8.01
HB2 DGL E 2 -2.51 -14.18 7.82
HB3 DGL E 2 -2.55 -14.73 9.53
HG2 DGL E 2 -4.89 -15.44 9.38
HG3 DGL E 2 -4.99 -15.26 7.64
N LYS E 3 -4.30 -12.64 9.26
CA LYS E 3 -4.62 -11.29 9.54
C LYS E 3 -5.63 -11.14 10.72
N DAL E 4 -4.94 -10.73 11.87
CA DAL E 4 -5.50 -10.34 13.30
CB DAL E 4 -6.29 -11.58 14.20
C DAL E 4 -6.09 -8.82 12.89
O DAL E 4 -7.16 -8.62 12.37
H DAL E 4 -3.97 -10.66 11.73
HA DAL E 4 -6.07 -10.40 13.21
HB1 DAL E 4 -6.56 -11.23 15.19
HB2 DAL E 4 -5.66 -12.47 14.33
HB3 DAL E 4 -7.26 -11.93 13.72
N DAL E 5 -5.30 -7.77 13.26
CA DAL E 5 -5.60 -6.20 13.17
CB DAL E 5 -6.86 -6.22 14.12
C DAL E 5 -5.96 -6.20 11.54
O DAL E 5 -4.99 -6.54 10.68
OXT DAL E 5 -7.02 -5.75 11.12
H DAL E 5 -4.37 -8.01 13.60
HA DAL E 5 -6.12 -5.30 12.86
HB1 DAL E 5 -6.61 -6.10 15.09
HB2 DAL E 5 -7.31 -7.17 13.93
HB3 DAL E 5 -7.61 -5.44 13.83
N ALA F 1 6.61 11.40 -12.72
CA ALA F 1 7.33 10.50 -13.68
C ALA F 1 8.44 9.75 -12.95
N DGL F 2 8.78 8.48 -13.43
CA DGL F 2 9.97 7.82 -12.85
C DGL F 2 10.02 6.29 -12.54
O DGL F 2 10.20 6.04 -11.30
CB DGL F 2 11.12 7.73 -13.96
CG DGL F 2 10.74 8.16 -15.42
CD DGL F 2 10.45 6.94 -16.36
OE1 DGL F 2 10.69 7.01 -17.57
H DGL F 2 8.36 8.16 -14.27
HB2 DGL F 2 11.43 6.71 -13.89
HB3 DGL F 2 11.94 8.37 -13.59
HG2 DGL F 2 11.56 8.70 -15.84
HG3 DGL F 2 9.86 8.81 -15.43
N LYS F 3 9.91 5.89 -15.80
CA LYS F 3 9.54 4.66 -16.51
C LYS F 3 10.73 3.82 -17.06
N DAL F 4 11.55 3.46 -16.00
CA DAL F 4 12.85 2.51 -15.94
CB DAL F 4 13.95 2.48 -17.20
C DAL F 4 12.24 1.24 -15.00
O DAL F 4 11.93 0.16 -15.41
H DAL F 4 11.29 3.88 -15.15
HA DAL F 4 12.72 2.12 -16.47
HB1 DAL F 4 14.15 3.49 -17.55
HB2 DAL F 4 13.61 1.90 -18.05
HB3 DAL F 4 14.94 2.07 -16.87
N DAL F 5 12.16 1.61 -13.70
CA DAL F 5 11.65 0.50 -12.51
CB DAL F 5 12.42 -0.76 -12.72
C DAL F 5 10.02 0.10 -12.85
O DAL F 5 9.47 1.07 -13.29
OXT DAL F 5 9.38 -0.82 -12.17
H DAL F 5 12.26 2.45 -13.48
HA DAL F 5 11.21 0.90 -13.01
HB1 DAL F 5 12.24 -1.05 -13.72
HB2 DAL F 5 12.00 -1.52 -12.06
HB3 DAL F 5 13.48 -0.68 -12.56
N ALA G 1 1.68 -18.89 -5.56
CA ALA G 1 1.72 -20.21 -6.21
C ALA G 1 0.62 -21.09 -5.58
N DGL G 2 0.89 -21.51 -4.28
CA DGL G 2 -0.12 -22.52 -3.68
C DGL G 2 -1.10 -21.31 -3.65
O DGL G 2 -0.91 -20.19 -2.85
CB DGL G 2 -0.54 -23.44 -4.62
CG DGL G 2 -1.67 -24.50 -4.38
CD DGL G 2 -2.78 -24.38 -5.48
OE1 DGL G 2 -2.99 -25.31 -6.24
H DGL G 2 1.79 -21.32 -3.91
HB2 DGL G 2 0.38 -23.93 -4.83
HB3 DGL G 2 -0.84 -22.81 -5.38
HG2 DGL G 2 -2.13 -24.25 -3.44
HG3 DGL G 2 -1.31 -25.53 -4.35
N LYS G 3 -3.46 -23.24 -5.55
CA LYS G 3 -4.49 -22.97 -6.56
C LYS G 3 -5.74 -23.90 -6.54
N DAL G 4 -6.50 -23.66 -5.39
CA DAL G 4 -7.90 -24.25 -4.93
CB DAL G 4 -7.90 -25.77 -4.12
C DAL G 4 -8.78 -23.82 -6.30
O DAL G 4 -8.90 -24.50 -7.28
H DAL G 4 -6.08 -22.99 -4.80
HA DAL G 4 -7.91 -24.72 -5.27
HB1 DAL G 4 -7.53 -26.56 -4.76
HB2 DAL G 4 -8.91 -26.05 -3.78
HB3 DAL G 4 -7.23 -25.78 -3.19
N DAL G 5 -9.43 -22.62 -6.23
CA DAL G 5 -10.50 -21.94 -7.23
CB DAL G 5 -11.53 -23.13 -7.18
C DAL G 5 -9.45 -22.03 -8.54
O DAL G 5 -8.27 -21.65 -8.47
OXT DAL G 5 -9.84 -22.75 -9.61
H DAL G 5 -9.20 -22.05 -5.39
HA DAL G 5 -11.01 -21.72 -8.19
HB1 DAL G 5 -12.23 -23.02 -6.44
HB2 DAL G 5 -10.92 -23.99 -7.04
HB3 DAL G 5 -12.05 -23.25 -8.16
N ALA H 1 -15.06 9.76 -11.64
CA ALA H 1 -15.18 10.60 -12.85
C ALA H 1 -14.56 11.99 -12.51
N DGL H 2 -15.39 12.83 -11.85
CA DGL H 2 -14.89 14.16 -11.38
C DGL H 2 -13.74 13.85 -10.42
O DGL H 2 -12.80 14.65 -10.39
CB DGL H 2 -14.29 14.90 -12.66
CG DGL H 2 -15.03 14.79 -14.08
CD DGL H 2 -14.03 14.70 -15.27
OE1 DGL H 2 -14.10 15.49 -16.22
H DGL H 2 -16.35 12.57 -11.66
HA DGL H 2 -14.50 13.95 -11.51
HB2 DGL H 2 -13.32 14.44 -12.73
HB3 DGL H 2 -14.18 15.93 -12.39
HG2 DGL H 2 -15.60 15.68 -14.22
HG3 DGL H 2 -15.70 13.93 -14.14
N LYS H 3 -13.13 13.73 -15.24
CA LYS H 3 -12.15 13.50 -16.30
C LYS H 3 -11.16 14.67 -16.56
N DAL H 4 -10.22 14.74 -15.53
CA DAL H 4 -8.93 15.67 -15.36
CB DAL H 4 -9.11 17.34 -15.73
C DAL H 4 -7.80 14.59 -16.00
O DAL H 4 -7.81 14.16 -17.12
H DAL H 4 -10.38 14.08 -14.82
HA DAL H 4 -8.86 15.81 -15.92
HB1 DAL H 4 -9.37 17.48 -16.77
HB2 DAL H 4 -8.19 17.91 -15.54
HB3 DAL H 4 -9.94 17.84 -15.14
N DAL H 5 -6.78 14.25 -15.14
CA DAL H 5 -5.44 13.41 -15.42
CB DAL H 5 -4.92 14.32 -16.60
C DAL H 5 -6.29 12.06 -15.96
O DAL H 5 -7.27 11.60 -15.34
OXT DAL H 5 -6.03 11.61 -17.18
H DAL H 5 -6.91 14.59 -14.17
HA DAL H 5 -4.76 12.64 -15.88
HB1 DAL H 5 -4.29 15.07 -16.26
HB2 DAL H 5 -5.80 14.70 -17.01
HB3 DAL H 5 -4.39 13.71 -17.35
C1 MUB I . 3.75 -12.17 7.33
C2 MUB I . 4.37 -13.57 7.41
C3 MUB I . 4.44 -14.18 6.01
C4 MUB I . 3.08 -14.09 5.29
C5 MUB I . 2.67 -12.61 5.21
C6 MUB I . 1.28 -12.39 5.81
C7 MUB I . 6.77 -13.35 7.29
C8 MUB I . 8.14 -13.35 7.97
C9 MUB I . 3.99 -16.39 6.85
C10 MUB I . 2.80 -17.02 6.13
C11 MUB I . 4.44 -16.96 8.25
O1 MUB I . 4.56 -11.26 8.01
O3 MUB I . 4.89 -15.56 6.09
O4 MUB I . 3.12 -14.74 3.99
O5 MUB I . 3.61 -11.78 5.95
O6 MUB I . 1.18 -12.99 7.09
O7 MUB I . 6.67 -13.01 6.10
O10 MUB I . 3.01 -17.94 5.36
N2 MUB I . 5.67 -13.55 8.03
H1 MUB I . 2.75 -12.16 7.76
H2 MUB I . 3.78 -14.13 8.15
HN2 MUB I . 5.76 -13.83 8.97
H81 MUB I . 8.25 -14.28 8.52
H82 MUB I . 8.21 -12.53 8.65
H83 MUB I . 8.90 -13.25 7.21
H3 MUB I . 5.27 -13.76 5.43
H9 MUB I . 3.35 -15.56 7.05
H111 MUB I . 5.47 -17.35 8.19
H112 MUB I . 3.81 -17.76 8.50
H113 MUB I . 4.32 -16.19 9.02
H4 MUB I . 2.37 -14.82 5.65
H5 MUB I . 2.56 -12.26 4.28
H61 MUB I . 0.57 -12.99 5.19
H62 MUB I . 0.96 -11.30 5.87
HO6 MUB I . 0.32 -12.84 7.50
C1 NAG I . 4.39 -14.78 3.31
C2 NAG I . 4.23 -15.35 1.90
C3 NAG I . 5.59 -15.49 1.26
C4 NAG I . 6.32 -14.13 1.30
C5 NAG I . 6.35 -13.56 2.71
C6 NAG I . 6.94 -12.16 2.74
C7 NAG I . 4.16 -17.76 2.41
C8 NAG I . 3.26 -19.02 2.38
N2 NAG I . 3.55 -16.66 1.96
O3 NAG I . 5.43 -15.90 -0.09
O4 NAG I . 7.65 -14.31 0.84
O5 NAG I . 5.01 -13.49 3.24
O6 NAG I . 6.62 -11.47 3.94
O7 NAG I . 5.37 -17.88 2.49
H1 NAG I . 4.98 -15.47 3.96
H2 NAG I . 3.58 -14.82 1.30
H3 NAG I . 6.24 -16.22 1.78
H4 NAG I . 5.83 -13.56 0.47
H5 NAG I . 6.96 -14.12 3.40
H61 NAG I . 6.58 -11.52 1.93
H62 NAG I . 8.03 -12.26 2.60
H81 NAG I . 2.92 -19.18 1.37
H82 NAG I . 2.42 -18.88 3.03
H83 NAG I . 3.84 -19.87 2.73
HN2 NAG I . 2.59 -16.63 1.93
HO3 NAG I . 5.15 -16.80 -0.12
HO4 NAG I . 7.64 -14.87 0.05
HO6 NAG I . 6.75 -12.12 4.65
C1 MUB J . 4.96 10.98 -8.32
C2 MUB J . 4.87 12.13 -9.32
C3 MUB J . 3.96 11.72 -10.49
C4 MUB J . 4.51 10.47 -11.19
C5 MUB J . 4.78 9.40 -10.13
C6 MUB J . 6.29 9.20 -9.98
C7 MUB J . 3.07 13.55 -8.60
C8 MUB J . 2.56 14.89 -8.05
C9 MUB J . 5.06 13.22 -12.02
C10 MUB J . 5.66 12.31 -13.10
C11 MUB J . 5.60 14.69 -11.86
O1 MUB J . 4.44 11.35 -7.07
O3 MUB J . 3.82 12.84 -11.41
O4 MUB J . 3.65 9.99 -12.28
O5 MUB J . 4.26 9.83 -8.84
O6 MUB J . 6.96 10.45 -10.01
O7 MUB J . 2.28 12.58 -8.68
O10 MUB J . 5.20 12.39 -14.23
N2 MUB J . 4.39 13.37 -8.74
H1 MUB J . 5.98 10.65 -8.14
H2 MUB J . 5.92 12.33 -9.58
HN2 MUB J . 5.01 14.14 -8.69
H81 MUB J . 2.96 15.68 -8.66
H82 MUB J . 2.87 15.01 -7.04
H83 MUB J . 1.47 14.87 -8.09
H3 MUB J . 2.91 11.60 -10.14
H9 MUB J . 5.59 12.64 -11.32
H111 MUB J . 4.76 15.40 -11.87
H112 MUB J . 6.21 14.91 -12.68
H113 MUB J . 6.21 14.78 -10.95
H4 MUB J . 5.29 10.72 -11.91
H5 MUB J . 4.40 8.48 -10.40
H61 MUB J . 6.61 8.74 -10.94
H62 MUB J . 6.65 8.54 -9.14
HO6 MUB J . 7.90 10.39 -10.18
C1 NAG J . 2.45 10.74 -12.54
C2 NAG J . 1.71 10.12 -13.73
C3 NAG J . 0.44 10.89 -14.03
C4 NAG J . -0.39 11.07 -12.76
C5 NAG J . 0.46 11.64 -11.62
C6 NAG J . -0.33 11.73 -10.33
C7 NAG J . 2.86 11.17 -15.62
C8 NAG J . 3.80 10.95 -16.82
N2 NAG J . 2.58 10.07 -14.91
O3 NAG J . -0.32 10.19 -14.99
O4 NAG J . -1.48 11.92 -13.02
O5 NAG J . 1.60 10.80 -11.39
O6 NAG J . -0.90 10.47 -9.98
O7 NAG J . 2.19 12.20 -15.55
H1 NAG J . 2.84 11.74 -12.80
H2 NAG J . 1.51 9.12 -13.61
H3 NAG J . 0.66 11.89 -14.43
H4 NAG J . -0.84 10.04 -12.62
H5 NAG J . 0.80 12.66 -11.79
H61 NAG J . -1.17 12.44 -10.37
H62 NAG J . 0.36 12.09 -9.55
H81 NAG J . 4.04 11.90 -17.27
H82 NAG J . 3.31 10.32 -17.54
H83 NAG J . 4.71 10.45 -16.47
HN2 NAG J . 3.15 9.30 -14.99
HO3 NAG J . 0.09 10.23 -15.84
HO4 NAG J . -1.90 11.58 -13.81
HO6 NAG J . -0.34 9.84 -10.41
C1 MUB K . -0.95 -14.93 -3.09
C2 MUB K . 0.45 -15.16 -3.60
C3 MUB K . 0.43 -15.28 -5.11
C4 MUB K . -0.49 -16.43 -5.56
C5 MUB K . -1.86 -16.26 -4.89
C6 MUB K . -2.16 -17.39 -3.91
C7 MUB K . 1.51 -13.01 -3.89
C8 MUB K . 2.49 -11.94 -3.39
C9 MUB K . 2.42 -16.61 -4.97
C10 MUB K . 2.58 -17.89 -5.79
C11 MUB K . 3.25 -16.41 -3.65
O1 MUB K . -0.99 -13.67 -2.51
O3 MUB K . 1.79 -15.47 -5.60
O4 MUB K . -0.59 -16.53 -7.01
O5 MUB K . -1.90 -14.99 -4.17
O6 MUB K . -1.00 -17.76 -3.18
O7 MUB K . 0.85 -12.82 -4.93
O10 MUB K . 3.43 -17.91 -6.67
N2 MUB K . 1.37 -14.13 -3.17
H1 MUB K . -1.23 -15.68 -2.34
H2 MUB K . 0.79 -16.04 -3.03
HN2 MUB K . 1.91 -14.26 -2.35
H81 MUB K . 3.48 -12.38 -3.30
H82 MUB K . 2.17 -11.56 -2.45
H83 MUB K . 2.50 -11.13 -4.12
H3 MUB K . 0.19 -14.30 -5.56
H9 MUB K . 1.49 -17.00 -4.69
H111 MUB K . 3.88 -15.51 -3.71
H112 MUB K . 3.88 -17.24 -3.53
H113 MUB K . 2.58 -16.38 -2.77
H4 MUB K . 0.03 -17.38 -5.48
H5 MUB K . -2.62 -16.34 -5.56
H61 MUB K . -2.38 -18.29 -4.51
H62 MUB K . -3.01 -17.19 -3.19
HO6 MUB K . -0.93 -18.68 -2.95
C1 NAG K . 0.01 -15.48 -7.79
C2 NAG K . -0.02 -15.82 -9.28
C3 NAG K . 0.68 -14.75 -10.08
C4 NAG K . 0.11 -13.37 -9.70
C5 NAG K . 0.17 -13.15 -8.19
C6 NAG K . -0.45 -11.80 -7.81
C7 NAG K . 1.90 -17.31 -9.48
C8 NAG K . 2.34 -18.76 -9.73
N2 NAG K . 0.58 -17.14 -9.50
O3 NAG K . 0.47 -14.97 -11.46
O4 NAG K . 0.87 -12.35 -10.36
O5 NAG K . -0.56 -14.19 -7.53
O6 NAG K . -1.86 -11.84 -7.88
O7 NAG K . 2.70 -16.40 -9.68
H1 NAG K . 1.05 -15.52 -7.42
H2 NAG K . -0.95 -16.00 -9.68
H3 NAG K . 1.75 -14.73 -9.89
H4 NAG K . -0.89 -13.36 -10.22
H5 NAG K . 1.17 -13.09 -7.78
H61 NAG K . -0.13 -10.98 -8.44
H62 NAG K . -0.11 -11.57 -6.78
H81 NAG K . 3.42 -18.84 -9.59
H82 NAG K . 2.10 -19.05 -10.72
H83 NAG K . 1.83 -19.42 -9.02
HN2 NAG K . 0.01 -17.89 -9.33
HO3 NAG K . 0.94 -15.75 -11.74
HO4 NAG K . 0.97 -12.62 -11.29
HO6 NAG K . -2.09 -12.73 -7.61
C1 MUB L . -11.79 8.17 -8.00
C2 MUB L . -13.20 7.75 -8.38
C3 MUB L . -13.19 7.09 -9.74
C4 MUB L . -12.61 8.03 -10.83
C5 MUB L . -11.28 8.62 -10.32
C6 MUB L . -11.37 10.11 -10.03
C7 MUB L . -13.54 5.55 -7.44
C8 MUB L . -14.18 4.64 -6.36
C9 MUB L . -15.43 7.81 -10.16
C10 MUB L . -15.60 8.51 -11.50
C11 MUB L . -16.49 8.06 -9.01
O1 MUB L . -11.40 7.41 -6.90
O3 MUB L . -14.54 6.69 -10.08
O4 MUB L . -12.48 7.38 -12.11
O5 MUB L . -10.88 7.93 -9.09
O6 MUB L . -12.59 10.45 -9.39
O7 MUB L . -12.85 5.05 -8.35
O10 MUB L . -16.11 7.89 -12.42
N2 MUB L . -13.78 6.86 -7.38
H1 MUB L . -11.75 9.23 -7.73
H2 MUB L . -13.79 8.66 -8.25
HN2 MUB L . -14.33 7.25 -6.65
H81 MUB L . -15.26 4.72 -6.43
H82 MUB L . -13.85 4.96 -5.39
H83 MUB L . -13.84 3.62 -6.54
H3 MUB L . -12.67 6.11 -9.68
H9 MUB L . -14.65 8.48 -9.98
H111 MUB L . -17.00 7.12 -8.76
H112 MUB L . -17.22 8.72 -9.37
H113 MUB L . -16.01 8.52 -8.14
H4 MUB L . -13.37 8.72 -11.18
H5 MUB L . -10.55 8.58 -11.03
H61 MUB L . -11.44 10.61 -11.02
H62 MUB L . -10.49 10.55 -9.45
HO6 MUB L . -12.87 11.36 -9.49
C1 NAG L . -12.67 5.95 -12.15
C2 NAG L . -12.56 5.44 -13.59
C3 NAG L . -12.86 3.97 -13.63
C4 NAG L . -11.97 3.22 -12.61
C5 NAG L . -12.09 3.84 -11.23
C6 NAG L . -11.14 3.19 -10.23
C7 NAG L . -14.77 6.04 -14.43
C8 NAG L . -15.54 6.93 -15.42
N2 NAG L . -13.45 6.20 -14.47
O3 NAG L . -12.60 3.47 -14.93
O4 NAG L . -12.37 1.86 -12.55
O5 NAG L . -11.75 5.25 -11.30
O6 NAG L . -9.80 3.58 -10.43
O7 NAG L . -15.30 5.02 -13.99
H1 NAG L . -13.70 5.88 -11.77
H2 NAG L . -11.66 5.64 -14.05
H3 NAG L . -13.90 3.75 -13.37
H4 NAG L . -10.96 3.20 -13.12
H5 NAG L . -13.06 3.75 -10.76
H61 NAG L . -11.14 2.09 -10.29
H62 NAG L . -11.49 3.43 -9.22
H81 NAG L . -16.61 6.73 -15.31
H82 NAG L . -15.23 6.69 -16.42
H83 NAG L . -15.33 7.97 -15.22
HN2 NAG L . -13.09 7.02 -14.82
HO3 NAG L . -13.26 3.76 -15.54
HO4 NAG L . -12.47 1.54 -13.46
HO6 NAG L . -9.87 4.48 -10.79
P 2PO M . 4.53 -11.18 9.64
O1P 2PO M . 5.78 -10.60 10.16
O2P 2PO M . 4.11 -12.49 10.10
O3P 2PO M . 3.37 -10.15 9.98
P 2PO N . 3.61 -8.64 9.61
O1P 2PO N . 2.26 -7.96 9.52
O2P 2PO N . 4.64 -8.11 10.54
O3P 2PO N . 4.25 -8.84 8.15
C1 P1W O . 4.67 -7.75 7.36
C2 P1W O . 6.00 -7.27 7.84
C3 P1W O . 6.18 -6.24 8.61
C4 P1W O . 7.57 -5.89 9.03
C5 P1W O . 5.03 -5.40 9.14
H12 P1W O . 4.73 -8.05 6.33
H11 P1W O . 3.95 -6.93 7.46
H2 P1W O . 6.78 -8.00 7.78
H41 P1W O . 7.56 -5.69 10.09
H42 P1W O . 8.21 -6.73 8.83
H51 P1W O . 4.10 -5.98 9.11
H52 P1W O . 4.91 -4.52 8.54
H53 P1W O . 5.23 -5.11 10.17
C1 P1W P . 8.12 -4.67 8.30
C2 P1W P . 7.69 -3.39 8.95
C3 P1W P . 8.36 -2.23 8.77
C4 P1W P . 7.97 -0.94 9.42
C5 P1W P . 9.59 -2.09 7.88
H12 P1W P . 7.76 -4.69 7.28
H11 P1W P . 9.18 -4.74 8.30
H2 P1W P . 7.00 -3.50 9.77
H41 P1W P . 7.22 -1.13 10.16
H42 P1W P . 8.84 -0.51 9.88
H51 P1W P . 10.37 -2.76 8.22
H52 P1W P . 9.96 -1.07 7.93
H53 P1W P . 9.34 -2.33 6.87
C1 P1W Q . 5.13 4.28 -11.17
C2 P1W Q . 6.21 3.40 -10.59
C3 P1W Q . 7.15 3.84 -9.74
C4 P1W Q . 8.25 2.95 -9.12
C5 P1W Q . 7.22 5.30 -9.28
H12 P1W Q . 5.10 5.21 -10.63
H11 P1W Q . 5.33 4.47 -12.20
H2 P1W Q . 6.01 2.34 -10.69
H43 P1W Q . 8.69 2.34 -9.90
H41 P1W Q . 7.80 2.30 -8.37
H42 P1W Q . 9.00 3.56 -8.66
H51 P1W Q . 7.32 5.94 -10.15
H52 P1W Q . 8.07 5.43 -8.63
H53 P1W Q . 6.32 5.57 -8.75
C1 P1W R . 7.42 0.03 8.39
C2 P1W R . 5.94 -0.13 8.22
C3 P1W R . 5.11 0.84 7.80
C4 P1W R . 3.60 0.66 7.57
C5 P1W R . 5.59 2.23 7.40
H12 P1W R . 7.91 -0.15 7.44
H11 P1W R . 7.62 1.03 8.72
H2 P1W R . 5.54 -1.07 8.57
H43 P1W R . 3.22 -0.17 8.17
H41 P1W R . 3.44 0.43 6.51
H42 P1W R . 3.08 1.56 7.82
H51 P1W R . 5.17 2.47 6.44
H52 P1W R . 6.66 2.22 7.33
H53 P1W R . 5.29 2.99 8.13
P 2PO S . 5.35 12.13 -5.97
O1P 2PO S . 4.46 12.79 -4.97
O2P 2PO S . 6.34 12.98 -6.68
O3P 2PO S . 6.15 10.97 -5.20
P 2PO T . 5.38 9.68 -4.66
O1P 2PO T . 6.36 8.73 -4.09
O2P 2PO T . 4.26 10.10 -3.79
O3P 2PO T . 4.81 9.05 -6.01
C1 P1W U . 5.44 7.88 -6.53
C2 P1W U . 4.33 6.94 -6.93
C3 P1W U . 3.32 6.51 -6.16
C4 P1W U . 2.31 5.54 -6.75
C5 P1W U . 3.07 6.94 -4.68
H12 P1W U . 6.04 8.15 -7.38
H11 P1W U . 6.04 7.45 -5.76
H2 P1W U . 4.25 6.80 -8.00
H41 P1W U . 1.58 5.26 -6.00
H42 P1W U . 1.79 6.04 -7.56
H51 P1W U . 2.15 6.51 -4.33
H52 P1W U . 2.99 8.03 -4.63
H53 P1W U . 3.89 6.62 -4.06
C1 P1W V . -1.57 -8.50 -6.40
C2 P1W V . -0.24 -8.01 -5.95
C3 P1W V . 0.34 -6.90 -6.41
C4 P1W V . 1.75 -6.51 -6.01
C5 P1W V . -0.37 -5.88 -7.32
H12 P1W V . -1.89 -8.02 -7.31
H11 P1W V . -1.55 -9.57 -6.54
H2 P1W V . 0.37 -8.78 -5.50
H41 P1W V . 2.27 -7.38 -5.61
H42 P1W V . 2.29 -6.13 -6.87
H51 P1W V . -0.89 -6.41 -8.11
H52 P1W V . 0.36 -5.22 -7.77
H53 P1W V . -1.07 -5.30 -6.75
C1 P1W W . 1.70 -5.42 -4.93
C2 P1W W . 1.29 -5.99 -3.60
C3 P1W W . 0.12 -5.73 -2.99
C4 P1W W . -0.35 -6.28 -1.61
C5 P1W W . -0.90 -4.81 -3.63
H12 P1W W . 0.97 -4.67 -5.22
H11 P1W W . 2.66 -4.95 -4.84
H2 P1W W . 1.88 -6.82 -3.30
H43 P1W W . -1.20 -5.75 -1.25
H41 P1W W . 0.45 -6.19 -0.89
H42 P1W W . -0.59 -7.33 -1.72
H51 P1W W . -0.42 -3.90 -3.94
H52 P1W W . -1.68 -4.60 -2.93
H53 P1W W . -1.32 -5.30 -4.51
C1 P1W X . -3.63 -0.71 -7.92
C2 P1W X . -3.75 -2.13 -8.40
C3 P1W X . -3.74 -3.19 -7.60
C4 P1W X . -3.84 -4.68 -8.05
C5 P1W X . -3.63 -3.03 -6.08
H12 P1W X . -4.42 -0.52 -7.21
H11 P1W X . -2.67 -0.57 -7.46
H2 P1W X . -3.88 -2.24 -9.47
H43 P1W X . -4.48 -5.22 -7.38
H41 P1W X . -2.86 -5.13 -8.04
H42 P1W X . -4.24 -4.72 -9.06
H51 P1W X . -2.73 -2.48 -5.85
H52 P1W X . -3.58 -4.00 -5.63
H53 P1W X . -4.49 -2.50 -5.71
C1 P1W Y . 2.95 4.28 -7.32
C2 P1W Y . 3.25 4.45 -8.77
C3 P1W Y . 3.41 3.42 -9.60
C4 P1W Y . 3.75 3.62 -11.06
C5 P1W Y . 3.29 1.96 -9.18
H12 P1W Y . 2.27 3.45 -7.18
H11 P1W Y . 3.85 4.08 -6.77
H2 P1W Y . 3.62 5.43 -9.03
H41 P1W Y . 3.77 2.65 -11.56
H42 P1W Y . 3.01 4.25 -11.52
H51 P1W Y . 3.82 1.34 -9.88
H52 P1W Y . 2.24 1.68 -9.18
H53 P1W Y . 3.70 1.82 -8.19
P 2PO Z . -0.79 -13.54 -0.91
O1P 2PO Z . 0.24 -12.53 -0.58
O2P 2PO Z . -0.64 -14.91 -0.35
O3P 2PO Z . -2.20 -12.98 -0.48
P 2PO AA . -3.20 -12.57 -1.64
O1P 2PO AA . -3.67 -13.80 -2.35
O2P 2PO AA . -4.20 -11.63 -1.08
O3P 2PO AA . -2.23 -11.78 -2.60
C1 P1W BA . -2.34 -11.97 -4.01
C2 P1W BA . -2.08 -10.62 -4.69
C3 P1W BA . -2.83 -9.52 -4.54
C4 P1W BA . -2.55 -8.20 -5.25
C5 P1W BA . -4.09 -9.51 -3.70
H12 P1W BA . -1.63 -12.71 -4.30
H11 P1W BA . -3.34 -12.32 -4.24
H2 P1W BA . -1.08 -10.52 -5.07
H41 P1W BA . -3.46 -7.77 -5.64
H42 P1W BA . -2.08 -7.50 -4.57
H51 P1W BA . -4.95 -9.45 -4.38
H52 P1W BA . -4.10 -8.68 -3.03
H53 P1W BA . -4.15 -10.44 -3.16
P 2PO CA . -11.74 7.94 -5.42
O1P 2PO CA . -11.65 6.83 -4.43
O2P 2PO CA . -13.01 8.71 -5.48
O3P 2PO CA . -10.54 8.95 -5.18
P 2PO DA . -9.07 8.37 -5.24
O1P 2PO DA . -8.26 9.16 -6.22
O2P 2PO DA . -8.57 8.23 -3.85
O3P 2PO DA . -9.30 6.91 -5.85
C1 P1W EA . -8.68 5.80 -5.22
C2 P1W EA . -8.57 4.68 -6.23
C3 P1W EA . -7.50 3.90 -6.41
C4 P1W EA . -7.46 2.81 -7.46
C5 P1W EA . -6.21 4.06 -5.61
H12 P1W EA . -7.71 6.10 -4.85
H11 P1W EA . -9.30 5.49 -4.38
H2 P1W EA . -9.50 4.39 -6.68
H41 P1W EA . -7.26 1.84 -7.00
H42 P1W EA . -8.40 2.77 -8.00
H51 P1W EA . -5.64 4.90 -6.02
H52 P1W EA . -5.61 3.16 -5.67
H53 P1W EA . -6.46 4.26 -4.58
C1 P1W FA . -6.35 3.14 -8.46
C2 P1W FA . -5.69 1.85 -8.84
C3 P1W FA . -4.41 1.56 -8.61
C4 P1W FA . -3.78 0.27 -9.10
C5 P1W FA . -3.47 2.47 -7.80
H12 P1W FA . -5.63 3.82 -8.01
H11 P1W FA . -6.78 3.59 -9.32
H2 P1W FA . -6.23 1.30 -9.61
H41 P1W FA . -4.41 -0.18 -9.85
H42 P1W FA . -2.80 0.48 -9.52
H51 P1W FA . -3.47 3.47 -8.23
H52 P1W FA . -2.46 2.07 -7.83
H53 P1W FA . -3.80 2.53 -6.77
N ZAE A 1 9.30 14.91 6.04
CA ZAE A 1 8.12 15.25 5.19
C ZAE A 1 7.55 13.97 4.62
O ZAE A 1 6.36 13.73 4.67
CB ZAE A 1 7.04 15.95 6.01
CG ZAE A 1 6.56 17.24 5.42
CD1 ZAE A 1 5.21 17.49 5.26
CD2 ZAE A 1 7.47 18.22 5.04
CE1 ZAE A 1 4.77 18.68 4.72
CE2 ZAE A 1 7.03 19.41 4.50
CZ ZAE A 1 5.68 19.64 4.34
C10 ZAE A 1 10.06 16.12 6.41
H ZAE A 1 9.94 14.29 5.52
HA ZAE A 1 8.43 15.89 4.38
HB2 ZAE A 1 6.20 15.29 6.11
HB3 ZAE A 1 7.45 16.17 7.00
HD1 ZAE A 1 4.49 16.73 5.56
HD2 ZAE A 1 8.53 18.04 5.16
HE1 ZAE A 1 3.71 18.86 4.60
HE2 ZAE A 1 7.75 20.17 4.20
HZ ZAE A 1 5.34 20.58 3.92
H11 ZAE A 1 10.87 15.85 7.06
H12 ZAE A 1 9.40 16.81 6.92
H13 ZAE A 1 10.44 16.59 5.52
HN2 ZAE A 1 8.96 14.41 6.90
N ILE A 2 8.43 13.13 4.11
CA ILE A 2 7.96 11.88 3.60
C ILE A 2 8.13 10.82 4.58
N SER A 3 7.09 10.07 4.68
CA SER A 3 7.10 9.02 5.62
C SER A 3 6.19 7.94 5.13
N DGN A 4 6.30 6.79 5.79
CA DGN A 4 5.42 5.70 5.49
C DGN A 4 6.11 4.52 4.89
O DGN A 4 7.32 4.56 4.65
CB DGN A 4 4.72 5.22 6.77
CG DGN A 4 4.31 6.31 7.77
CD DGN A 4 3.24 7.27 7.24
OE1 DGN A 4 3.56 8.34 6.73
NE2 DGN A 4 1.97 6.89 7.35
H DGN A 4 7.00 6.67 6.48
HA DGN A 4 4.68 6.05 4.81
HB2 DGN A 4 5.40 4.56 7.28
HB3 DGN A 4 3.84 4.66 6.49
HG2 DGN A 4 5.19 6.87 8.04
HG3 DGN A 4 3.91 5.82 8.64
HE21 DGN A 4 1.79 6.00 7.74
HE22 DGN A 4 1.28 7.50 7.02
N 28J A 5 5.34 3.49 4.56
CA 28J A 5 5.98 2.28 4.10
CB 28J A 5 7.13 2.55 3.11
CG2 28J A 5 8.18 1.42 3.16
CG1 28J A 5 6.54 2.72 1.73
CD1 28J A 5 7.55 2.95 0.66
C 28J A 5 4.98 1.33 3.49
O 28J A 5 3.73 1.55 3.60
HA 28J A 5 6.41 1.81 4.97
H22 28J A 5 7.62 3.47 3.39
H23 28J A 5 8.00 0.73 2.35
H24 28J A 5 8.10 0.89 4.10
H25 28J A 5 9.17 1.83 3.06
H26 28J A 5 5.98 1.82 1.48
H27 28J A 5 5.86 3.55 1.75
H28 28J A 5 8.26 2.14 0.65
H29 28J A 5 8.06 3.88 0.86
H30 28J A 5 7.05 3.01 -0.29
N ILE A 6 5.58 0.22 2.94
CA ILE A 6 4.91 -0.87 2.24
C ILE A 6 5.37 -2.23 2.71
N SER A 7 4.43 -3.15 2.63
CA SER A 7 4.68 -4.60 2.77
C SER A 7 3.71 -5.30 3.68
N DTH A 8 4.17 -6.48 4.10
CA DTH A 8 3.40 -7.22 5.08
CB DTH A 8 4.19 -7.70 6.33
CG2 DTH A 8 4.99 -6.62 7.10
OG1 DTH A 8 5.06 -8.73 5.91
C DTH A 8 2.82 -8.53 4.54
O DTH A 8 2.15 -9.23 5.33
H DTH A 8 4.94 -6.90 3.65
HA DTH A 8 2.60 -6.58 5.42
HB DTH A 8 3.48 -8.13 7.01
HG21 DTH A 8 5.72 -6.16 6.45
HG22 DTH A 8 5.50 -7.09 7.93
HG23 DTH A 8 4.31 -5.87 7.47
N ALA A 9 3.10 -8.92 3.27
CA ALA A 9 2.63 -10.20 2.78
C ALA A 9 3.54 -11.27 3.31
N EI4 A 10 4.71 -11.48 2.70
CA EI4 A 10 5.58 -12.54 3.21
CB EI4 A 10 6.82 -12.80 2.42
CG EI4 A 10 6.56 -13.78 1.31
CD2 EI4 A 10 5.16 -13.47 0.59
NE2 EI4 A 10 5.59 -13.00 -0.77
CE1 EI4 A 10 6.95 -13.10 -0.98
ND1 EI4 A 10 7.53 -13.57 0.20
NT EI4 A 10 7.59 -12.78 -2.07
C EI4 A 10 6.00 -12.27 4.63
O EI4 A 10 6.31 -13.19 5.38
H EI4 A 10 4.98 -10.90 1.92
HA EI4 A 10 5.01 -13.45 3.21
HB EI4 A 10 7.57 -13.25 3.09
HBA EI4 A 10 7.23 -11.88 2.02
HG1 EI4 A 10 6.59 -14.80 1.66
HD2 EI4 A 10 4.62 -12.71 1.11
HE EI4 A 10 4.96 -12.68 -1.46
HND1 EI4 A 10 8.50 -13.73 0.31
HD1 EI4 A 10 4.57 -14.38 0.50
H1 EI4 A 10 7.08 -12.41 -2.85
HH12 EI4 A 10 8.58 -12.90 -2.14
N ILE A 11 5.99 -11.01 5.00
CA ILE A 11 6.43 -10.65 6.35
C ILE A 11 5.60 -9.55 6.93
N ZAE B 1 -1.48 -8.81 0.38
CA ZAE B 1 -0.56 -8.95 1.50
C ZAE B 1 0.26 -7.72 1.55
O ZAE B 1 1.46 -7.73 1.82
CB ZAE B 1 -1.37 -9.15 2.78
CG ZAE B 1 -1.14 -10.51 3.37
CD1 ZAE B 1 -0.43 -10.62 4.55
CD2 ZAE B 1 -1.65 -11.66 2.79
CE1 ZAE B 1 -0.20 -11.85 5.15
CE2 ZAE B 1 -1.44 -12.91 3.38
CZ ZAE B 1 -0.71 -13.00 4.56
C10 ZAE B 1 -1.48 -10.02 -0.40
H ZAE B 1 -1.17 -8.04 -0.23
HA ZAE B 1 0.09 -9.79 1.35
HB2 ZAE B 1 -1.11 -8.41 3.51
HB3 ZAE B 1 -2.41 -9.08 2.53
HD1 ZAE B 1 -0.03 -9.73 5.01
HD2 ZAE B 1 -2.21 -11.60 1.87
HE1 ZAE B 1 0.35 -11.91 6.07
HE2 ZAE B 1 -1.83 -13.80 2.92
HZ ZAE B 1 -0.54 -13.96 5.02
H11 ZAE B 1 -2.17 -9.90 -1.22
H12 ZAE B 1 -1.80 -10.84 0.22
H13 ZAE B 1 -0.49 -10.21 -0.79
HN2 ZAE B 1 -2.44 -8.59 0.74
N ILE B 2 -0.40 -6.64 1.28
CA ILE B 2 0.28 -5.40 1.34
C ILE B 2 -0.62 -4.34 1.78
N SER B 3 0.04 -3.52 2.50
CA SER B 3 -0.59 -2.45 3.15
C SER B 3 0.40 -1.40 3.37
N DGN B 4 -0.10 -0.20 3.28
CA DGN B 4 0.73 0.90 3.58
C DGN B 4 0.85 1.78 2.42
O DGN B 4 0.25 1.51 1.34
CB DGN B 4 0.23 1.72 4.77
CG DGN B 4 -0.22 0.95 6.01
CD DGN B 4 0.82 0.04 6.61
OE1 DGN B 4 0.87 -1.16 6.33
NE2 DGN B 4 1.67 0.61 7.43
H DGN B 4 -1.01 -0.08 2.88
HA DGN B 4 1.71 0.54 3.80
HB2 DGN B 4 -0.60 2.31 4.44
HB3 DGN B 4 1.02 2.38 5.07
HG2 DGN B 4 -1.10 0.36 5.75
HG3 DGN B 4 -0.50 1.68 6.76
HE21 DGN B 4 1.58 1.57 7.59
HE22 DGN B 4 2.36 0.05 7.85
N 28J B 5 1.70 2.76 2.62
CA 28J B 5 1.86 3.76 1.64
CB 28J B 5 2.21 3.19 0.26
CG2 28J B 5 1.37 3.87 -0.81
CG1 28J B 5 3.67 3.41 0.00
CD1 28J B 5 4.18 2.70 -1.22
C 28J B 5 2.93 4.76 2.02
O 28J B 5 3.45 4.72 3.19
HA 28J B 5 0.92 4.28 1.55
H22 28J B 5 1.99 2.13 0.25
H23 28J B 5 1.64 4.92 -0.86
H24 28J B 5 0.32 3.80 -0.56
H25 28J B 5 1.55 3.41 -1.75
H26 28J B 5 3.86 4.46 -0.13
H27 28J B 5 4.24 3.05 0.85
H28 28J B 5 3.94 1.65 -1.14
H29 28J B 5 5.24 2.83 -1.29
H30 28J B 5 3.70 3.11 -2.10
N ILE B 6 3.07 5.73 1.06
CA ILE B 6 4.13 6.77 1.07
C ILE B 6 3.72 8.13 0.54
N SER B 7 4.52 9.08 1.02
CA SER B 7 4.61 10.45 0.51
C SER B 7 4.61 11.46 1.64
N DTH B 8 4.36 12.73 1.32
CA DTH B 8 4.27 13.74 2.36
CB DTH B 8 2.95 14.53 2.44
CG2 DTH B 8 1.70 13.68 2.30
OG1 DTH B 8 2.95 15.54 1.47
C DTH B 8 5.43 14.72 2.16
O DTH B 8 5.74 15.54 3.03
H DTH B 8 4.41 13.02 0.36
HA DTH B 8 4.42 13.23 3.32
HB DTH B 8 2.91 15.01 3.41
HG21 DTH B 8 1.48 13.50 1.25
HG22 DTH B 8 0.86 14.22 2.73
HG23 DTH B 8 1.82 12.76 2.82
N ALA B 9 6.05 14.66 0.98
CA ALA B 9 7.21 15.44 0.73
C ALA B 9 6.86 16.93 0.71
N EI4 B 10 6.27 17.39 -0.35
CA EI4 B 10 5.87 18.78 -0.43
CB EI4 B 10 5.85 19.28 -1.87
CG EI4 B 10 7.23 19.60 -2.44
CD2 EI4 B 10 8.36 19.00 -1.49
NE2 EI4 B 10 9.03 17.97 -2.35
CE1 EI4 B 10 8.53 17.93 -3.64
ND1 EI4 B 10 7.49 18.86 -3.73
NT EI4 B 10 8.98 17.22 -4.64
C EI4 B 10 4.51 18.91 0.19
O EI4 B 10 4.12 19.96 0.69
H EI4 B 10 6.11 16.81 -1.12
HA EI4 B 10 6.56 19.37 0.15
HB EI4 B 10 5.25 20.17 -1.93
HBA EI4 B 10 5.40 18.51 -2.48
HG1 EI4 B 10 7.38 20.66 -2.58
HD2 EI4 B 10 7.93 18.50 -0.64
HE EI4 B 10 9.81 17.44 -2.05
HND1 EI4 B 10 6.96 19.00 -4.55
HD1 EI4 B 10 9.04 19.78 -1.18
H1 EI4 B 10 9.80 16.63 -4.51
HH12 EI4 B 10 8.53 17.26 -5.53
N ILE B 11 3.78 17.82 0.14
CA ILE B 11 2.46 17.79 0.77
C ILE B 11 2.39 16.79 1.88
N ZAE C 1 0.33 9.85 2.07
CA ZAE C 1 -0.50 10.18 0.92
C ZAE C 1 -1.24 8.97 0.57
O ZAE C 1 -2.41 8.78 0.88
CB ZAE C 1 -1.40 11.34 1.26
CG ZAE C 1 -1.38 12.40 0.22
CD1 ZAE C 1 -2.51 13.16 0.00
CD2 ZAE C 1 -0.24 12.65 -0.55
CE1 ZAE C 1 -2.53 14.16 -0.97
CE2 ZAE C 1 -0.24 13.66 -1.50
CZ ZAE C 1 -1.39 14.41 -1.72
C10 ZAE C 1 1.63 10.43 1.90
H ZAE C 1 0.44 8.82 2.14
HA ZAE C 1 0.12 10.45 0.08
HB2 ZAE C 1 -2.42 10.99 1.37
HB3 ZAE C 1 -1.07 11.78 2.19
HD1 ZAE C 1 -3.39 12.97 0.59
HD2 ZAE C 1 0.65 12.07 -0.38
HE1 ZAE C 1 -3.43 14.73 -1.13
HE2 ZAE C 1 0.64 13.85 -2.09
HZ ZAE C 1 -1.41 15.19 -2.47
H11 ZAE C 1 2.11 10.51 2.86
H12 ZAE C 1 1.53 11.42 1.47
H13 ZAE C 1 2.23 9.81 1.25
HN2 ZAE C 1 -0.12 10.22 2.94
N ILE C 2 -0.50 8.08 -0.04
CA ILE C 2 -1.11 6.86 -0.37
C ILE C 2 -0.82 5.87 0.66
N SER C 3 -1.85 5.13 0.83
CA SER C 3 -1.89 4.18 1.84
C SER C 3 -2.93 3.19 1.51
N DGN C 4 -2.72 2.04 2.06
CA DGN C 4 -3.68 1.02 1.94
C DGN C 4 -3.10 -0.13 1.26
O DGN C 4 -1.95 -0.08 0.75
CB DGN C 4 -4.29 0.58 3.28
CG DGN C 4 -4.63 1.68 4.29
CD DGN C 4 -5.65 2.68 3.79
OE1 DGN C 4 -5.32 3.72 3.21
NE2 DGN C 4 -6.92 2.38 3.99
H DGN C 4 -1.82 1.84 2.46
HA DGN C 4 -4.47 1.39 1.32
HB2 DGN C 4 -3.58 -0.08 3.76
HB3 DGN C 4 -5.19 0.03 3.08
HG2 DGN C 4 -3.73 2.20 4.56
HG3 DGN C 4 -5.04 1.20 5.16
HE21 DGN C 4 -7.11 1.53 4.44
HE22 DGN C 4 -7.60 3.01 3.68
N 28J C 5 -3.94 -1.13 1.21
CA 28J C 5 -3.56 -2.37 0.66
CB 28J C 5 -3.16 -2.26 -0.81
CG2 28J C 5 -2.14 -3.34 -1.14
CG1 28J C 5 -4.38 -2.39 -1.70
CD1 28J C 5 -4.07 -2.32 -3.17
C 28J C 5 -4.69 -3.35 0.72
O 28J C 5 -5.78 -3.04 1.29
HA 28J C 5 -2.73 -2.75 1.21
H22 28J C 5 -2.70 -1.28 -0.98
H23 28J C 5 -1.63 -3.09 -2.05
H24 28J C 5 -2.64 -4.28 -1.25
H25 28J C 5 -1.43 -3.40 -0.34
H26 28J C 5 -4.84 -3.35 -1.50
H27 28J C 5 -5.08 -1.61 -1.46
H28 28J C 5 -3.51 -3.20 -3.46
H29 28J C 5 -3.48 -1.43 -3.37
H30 28J C 5 -4.98 -2.28 -3.73
N ILE C 6 -4.36 -4.55 0.23
CA ILE C 6 -5.34 -5.62 0.04
C ILE C 6 -4.85 -7.01 0.35
N SER C 7 -5.89 -7.81 0.63
CA SER C 7 -5.86 -9.28 0.77
C SER C 7 -7.01 -9.72 1.66
N DTH C 8 -7.05 -11.00 2.02
CA DTH C 8 -8.14 -11.48 2.86
CB DTH C 8 -7.72 -12.15 4.19
CG2 DTH C 8 -6.73 -11.33 5.00
OG1 DTH C 8 -7.19 -13.43 3.93
C DTH C 8 -8.95 -12.55 2.09
O DTH C 8 -9.90 -13.12 2.61
H DTH C 8 -6.37 -11.64 1.66
HA DTH C 8 -8.75 -10.61 3.10
HB DTH C 8 -8.62 -12.27 4.79
HG21 DTH C 8 -5.83 -11.16 4.42
HG22 DTH C 8 -6.49 -11.87 5.90
HG23 DTH C 8 -7.17 -10.38 5.25
N ALA C 9 -8.50 -12.86 0.87
CA ALA C 9 -9.15 -13.89 0.05
C ALA C 9 -9.25 -15.22 0.82
N EI4 C 10 -8.13 -15.93 0.92
CA EI4 C 10 -8.12 -17.22 1.63
CB EI4 C 10 -7.28 -18.21 0.85
CG EI4 C 10 -8.05 -19.10 -0.14
CD2 EI4 C 10 -9.31 -18.26 -0.71
NE2 EI4 C 10 -8.95 -18.07 -2.16
CE1 EI4 C 10 -7.79 -18.75 -2.52
ND1 EI4 C 10 -7.26 -19.34 -1.39
NT EI4 C 10 -7.31 -18.84 -3.73
C EI4 C 10 -7.60 -17.02 3.05
O EI4 C 10 -7.82 -17.86 3.92
H EI4 C 10 -7.32 -15.60 0.50
HA EI4 C 10 -9.13 -17.58 1.69
HB EI4 C 10 -6.79 -18.86 1.55
HBA EI4 C 10 -6.53 -17.67 0.30
HG1 EI4 C 10 -8.35 -20.03 0.31
HD2 EI4 C 10 -9.40 -17.31 -0.23
HE EI4 C 10 -9.52 -17.56 -2.78
HND1 EI4 C 10 -6.42 -19.88 -1.40
HD1 EI4 C 10 -10.23 -18.84 -0.61
H1 EI4 C 10 -7.77 -18.43 -4.50
HH12 EI4 C 10 -6.45 -19.35 -3.88
N ILE C 11 -6.92 -15.91 3.28
CA ILE C 11 -6.40 -15.59 4.61
C ILE C 11 -6.94 -14.27 5.07
N ZAE D 1 -14.18 -11.58 3.98
CA ZAE D 1 -12.85 -12.25 4.03
C ZAE D 1 -11.82 -11.31 3.46
O ZAE D 1 -10.72 -11.17 4.01
CB ZAE D 1 -12.49 -12.61 5.46
CG ZAE D 1 -11.96 -14.00 5.63
CD1 ZAE D 1 -10.62 -14.24 5.89
CD2 ZAE D 1 -12.82 -15.09 5.54
CE1 ZAE D 1 -10.14 -15.52 6.06
CE2 ZAE D 1 -12.35 -16.39 5.71
CZ ZAE D 1 -11.01 -16.60 5.97
C10 ZAE D 1 -15.27 -12.54 4.26
H ZAE D 1 -14.34 -11.19 3.04
HA ZAE D 1 -12.88 -13.15 3.42
HB2 ZAE D 1 -11.72 -11.93 5.81
HB3 ZAE D 1 -13.36 -12.51 6.09
HD1 ZAE D 1 -9.94 -13.40 5.96
HD2 ZAE D 1 -13.87 -14.93 5.35
HE1 ZAE D 1 -9.10 -15.70 6.25
HE2 ZAE D 1 -13.03 -17.23 5.64
HZ ZAE D 1 -10.64 -17.60 6.10
H11 ZAE D 1 -16.21 -12.03 4.20
H12 ZAE D 1 -15.13 -12.95 5.26
H13 ZAE D 1 -15.24 -13.33 3.54
HN2 ZAE D 1 -14.19 -10.80 4.68
N ILE D 2 -12.17 -10.63 2.40
CA ILE D 2 -11.24 -9.69 1.82
C ILE D 2 -11.51 -8.34 2.33
N SER D 3 -10.43 -7.73 2.67
CA SER D 3 -10.53 -6.42 3.20
C SER D 3 -9.38 -5.60 2.71
N DGN D 4 -9.56 -4.29 2.77
CA DGN D 4 -8.52 -3.38 2.41
C DGN D 4 -8.85 -2.57 1.20
O DGN D 4 -9.85 -2.81 0.52
CB DGN D 4 -8.22 -2.43 3.57
CG DGN D 4 -8.55 -2.96 4.97
CD DGN D 4 -7.56 -3.99 5.51
OE1 DGN D 4 -7.67 -5.19 5.26
NE2 DGN D 4 -6.56 -3.51 6.24
H DGN D 4 -10.44 -3.93 3.03
HA DGN D 4 -7.64 -3.97 2.20
HB2 DGN D 4 -8.80 -1.54 3.41
HB3 DGN D 4 -7.18 -2.18 3.54
HG2 DGN D 4 -9.53 -3.42 4.92
HG3 DGN D 4 -8.58 -2.13 5.64
HE21 DGN D 4 -6.51 -2.54 6.39
HE22 DGN D 4 -5.90 -4.16 6.61
N 28J D 5 -7.95 -1.63 0.90
CA 28J D 5 -8.22 -0.71 -0.19
CB 28J D 5 -8.71 -1.41 -1.46
CG2 28J D 5 -9.61 -0.48 -2.27
CG1 28J D 5 -7.51 -1.88 -2.26
CD1 28J D 5 -7.86 -2.50 -3.57
C 28J D 5 -6.97 0.11 -0.49
O 28J D 5 -5.97 0.05 0.26
HA 28J D 5 -9.00 -0.05 0.15
H22 28J D 5 -9.29 -2.28 -1.18
H23 28J D 5 -10.09 0.23 -1.60
H24 28J D 5 -10.37 -1.06 -2.79
H25 28J D 5 -9.02 0.06 -3.00
H26 28J D 5 -6.87 -1.02 -2.46
H27 28J D 5 -6.96 -2.60 -1.67
H28 28J D 5 -6.95 -2.84 -4.06
H29 28J D 5 -8.36 -1.77 -4.19
H30 28J D 5 -8.51 -3.35 -3.41
N ILE D 6 -7.10 0.91 -1.58
CA ILE D 6 -6.05 1.80 -2.09
C ILE D 6 -6.59 3.17 -2.41
N SER D 7 -5.80 4.16 -1.99
CA SER D 7 -5.95 5.58 -2.40
C SER D 7 -5.16 6.55 -1.52
N DTH D 8 -5.18 7.82 -1.96
CA DTH D 8 -4.49 8.88 -1.26
CB DTH D 8 -5.42 10.02 -0.80
CG2 DTH D 8 -6.68 9.50 -0.14
OG1 DTH D 8 -5.74 10.81 -1.94
C DTH D 8 -3.40 9.54 -2.10
O DTH D 8 -2.68 10.38 -1.57
H DTH D 8 -5.67 8.06 -2.79
HA DTH D 8 -4.03 8.45 -0.38
HB DTH D 8 -4.87 10.64 -0.09
HG21 DTH D 8 -7.23 8.88 -0.83
HG22 DTH D 8 -7.30 10.34 0.16
HG23 DTH D 8 -6.42 8.92 0.74
N ALA D 9 -3.31 9.24 -3.41
CA ALA D 9 -2.30 9.84 -4.26
C ALA D 9 -2.66 11.20 -4.76
N EI4 D 10 -3.76 11.31 -5.48
CA EI4 D 10 -4.14 12.61 -5.99
CB EI4 D 10 -4.84 12.51 -7.35
CG EI4 D 10 -3.98 13.00 -8.51
CD2 EI4 D 10 -2.58 12.17 -8.53
NE2 EI4 D 10 -2.62 11.49 -9.87
CE1 EI4 D 10 -3.77 11.78 -10.59
ND1 EI4 D 10 -4.57 12.64 -9.84
NT EI4 D 10 -4.00 11.40 -11.80
C EI4 D 10 -5.00 13.30 -4.94
O EI4 D 10 -5.10 14.52 -4.89
H EI4 D 10 -4.33 10.52 -5.65
HA EI4 D 10 -3.24 13.19 -6.12
HB EI4 D 10 -5.76 13.07 -7.34
HBA EI4 D 10 -5.08 11.46 -7.53
HG1 EI4 D 10 -3.83 14.07 -8.46
HD2 EI4 D 10 -2.56 11.46 -7.73
HE EI4 D 10 -1.91 10.90 -10.19
HND1 EI4 D 10 -5.44 12.97 -10.16
HD1 EI4 D 10 -1.74 12.85 -8.48
H1 EI4 D 10 -3.33 10.88 -12.32
HH12 EI4 D 10 -4.89 11.60 -12.22
N ILE D 11 -5.57 12.48 -4.07
CA ILE D 11 -6.39 12.96 -2.97
C ILE D 11 -6.09 12.18 -1.70
N ALA E 1 3.38 -9.46 -7.92
CA ALA E 1 4.10 -9.03 -9.17
C ALA E 1 4.15 -7.46 -9.37
N DGL E 2 3.32 -6.98 -10.42
CA DGL E 2 3.13 -5.46 -10.58
C DGL E 2 2.87 -4.60 -9.26
O DGL E 2 2.21 -5.24 -8.34
CB DGL E 2 4.54 -4.82 -10.99
CG DGL E 2 5.13 -5.24 -12.39
CD DGL E 2 6.37 -6.16 -12.28
OE1 DGL E 2 7.20 -6.22 -13.19
H DGL E 2 2.70 -7.61 -10.81
HB2 DGL E 2 5.21 -5.14 -10.23
HB3 DGL E 2 4.46 -3.72 -10.99
HG2 DGL E 2 5.43 -4.34 -12.91
HG3 DGL E 2 4.39 -5.77 -13.00
N LYS E 3 6.48 -6.85 -11.18
CA LYS E 3 7.57 -7.79 -10.90
C LYS E 3 8.96 -7.11 -10.76
N DAL E 4 8.82 -5.92 -10.08
CA DAL E 4 9.91 -4.86 -9.58
CB DAL E 4 10.45 -3.62 -10.61
C DAL E 4 10.80 -5.88 -8.55
O DAL E 4 11.62 -6.74 -8.95
H DAL E 4 7.87 -5.68 -9.89
HA DAL E 4 10.36 -5.01 -10.00
HB1 DAL E 4 11.15 -4.01 -11.35
HB2 DAL E 4 10.96 -2.81 -10.05
HB3 DAL E 4 9.58 -3.16 -11.15
N DAL E 5 10.38 -5.80 -7.23
CA DAL E 5 10.98 -6.52 -6.01
CB DAL E 5 12.55 -5.99 -6.16
C DAL E 5 10.67 -8.13 -6.39
O DAL E 5 11.54 -8.90 -7.05
OXT DAL E 5 9.55 -8.52 -6.14
H DAL E 5 9.54 -5.26 -7.07
HA DAL E 5 11.49 -7.08 -5.83
HB1 DAL E 5 12.94 -6.31 -7.09
HB2 DAL E 5 13.13 -6.52 -5.36
HB3 DAL E 5 12.75 -4.89 -5.98
N ALA F 1 11.12 12.95 -6.08
CA ALA F 1 12.20 11.98 -5.74
C ALA F 1 12.28 11.70 -4.21
N DGL F 2 12.78 12.75 -3.53
CA DGL F 2 12.87 12.71 -1.94
C DGL F 2 11.33 12.56 -1.31
O DGL F 2 10.52 13.40 -1.68
CB DGL F 2 13.50 11.34 -1.47
CG DGL F 2 14.92 10.97 -2.04
CD DGL F 2 15.08 9.45 -2.34
OE1 DGL F 2 16.13 8.87 -2.09
H DGL F 2 13.01 13.59 -3.97
HB2 DGL F 2 12.80 10.59 -1.82
HB3 DGL F 2 13.56 11.30 -0.37
HG2 DGL F 2 15.64 11.23 -1.30
HG3 DGL F 2 15.13 11.51 -2.95
N LYS F 3 14.05 8.86 -2.90
CA LYS F 3 14.03 7.46 -3.28
C LYS F 3 14.25 6.48 -2.09
N DAL F 4 13.13 6.49 -1.28
CA DAL F 4 12.79 5.61 0.01
CB DAL F 4 13.07 6.20 1.58
C DAL F 4 13.07 4.06 -0.62
O DAL F 4 14.18 3.48 -0.58
H DAL F 4 12.45 7.14 -1.56
HA DAL F 4 13.39 5.56 0.25
HB1 DAL F 4 12.76 7.25 1.64
HB2 DAL F 4 14.11 6.13 1.88
HB3 DAL F 4 12.44 5.62 2.32
N DAL F 5 11.95 3.54 -1.31
CA DAL F 5 11.93 2.11 -2.05
CB DAL F 5 11.82 1.13 -0.75
C DAL F 5 13.33 1.80 -2.88
O DAL F 5 13.54 2.74 -3.73
OXT DAL F 5 13.97 0.72 -2.95
H DAL F 5 11.26 4.24 -1.55
HA DAL F 5 12.35 2.38 -2.01
HB1 DAL F 5 11.82 0.11 -1.11
HB2 DAL F 5 10.87 1.33 -0.28
HB3 DAL F 5 12.64 1.27 0.02
N ALA G 1 -6.96 -17.46 -7.15
CA ALA G 1 -8.03 -17.19 -8.16
C ALA G 1 -9.26 -16.52 -7.49
N DGL G 2 -10.00 -17.38 -6.67
CA DGL G 2 -11.20 -16.82 -5.85
C DGL G 2 -10.97 -15.35 -5.18
O DGL G 2 -9.90 -15.23 -4.49
CB DGL G 2 -12.38 -16.41 -6.86
CG DGL G 2 -12.28 -16.93 -8.34
CD DGL G 2 -12.56 -15.83 -9.39
OE1 DGL G 2 -13.59 -15.83 -10.08
H DGL G 2 -9.65 -18.29 -6.53
HB2 DGL G 2 -12.34 -15.34 -6.88
HB3 DGL G 2 -13.37 -16.72 -6.47
HG2 DGL G 2 -13.02 -17.69 -8.48
HG3 DGL G 2 -11.30 -17.35 -8.55
N LYS G 3 -11.62 -14.91 -9.52
CA LYS G 3 -11.69 -13.80 -10.45
C LYS G 3 -12.84 -12.80 -10.15
N DAL G 4 -12.83 -12.51 -8.79
CA DAL G 4 -13.72 -11.48 -7.95
CB DAL G 4 -15.13 -12.00 -7.15
C DAL G 4 -13.46 -10.08 -8.87
O DAL G 4 -14.28 -9.63 -9.71
H DAL G 4 -12.18 -13.03 -8.28
HA DAL G 4 -14.26 -11.54 -8.30
HB1 DAL G 4 -15.96 -12.09 -7.84
HB2 DAL G 4 -15.43 -11.30 -6.35
HB3 DAL G 4 -14.95 -13.00 -6.68
N DAL G 5 -12.16 -9.58 -8.74
CA DAL G 5 -11.59 -8.28 -9.44
CB DAL G 5 -12.53 -7.11 -8.72
C DAL G 5 -11.79 -8.48 -11.08
O DAL G 5 -11.08 -9.39 -11.54
OXT DAL G 5 -12.61 -7.79 -11.82
H DAL G 5 -11.52 -10.19 -8.25
HA DAL G 5 -12.00 -8.20 -9.68
HB1 DAL G 5 -13.56 -7.39 -8.91
HB2 DAL G 5 -12.34 -6.18 -9.23
HB3 DAL G 5 -12.39 -6.94 -7.61
N ALA H 1 -7.22 8.10 -14.48
CA ALA H 1 -6.57 8.85 -15.59
C ALA H 1 -6.48 10.35 -15.25
N DGL H 2 -7.73 10.89 -14.95
CA DGL H 2 -7.80 12.36 -14.44
C DGL H 2 -6.85 12.57 -13.13
O DGL H 2 -6.28 13.64 -12.96
CB DGL H 2 -7.12 13.30 -15.53
CG DGL H 2 -7.56 13.09 -17.05
CD DGL H 2 -6.35 13.09 -18.01
OE1 DGL H 2 -6.41 13.61 -19.13
H DGL H 2 -8.49 10.31 -14.88
HA DGL H 2 -7.42 11.80 -14.07
HB2 DGL H 2 -6.08 13.11 -15.45
HB3 DGL H 2 -7.33 14.36 -15.28
HG2 DGL H 2 -8.20 13.91 -17.33
HG3 DGL H 2 -8.11 12.16 -17.19
N LYS H 3 -5.29 12.44 -17.59
CA LYS H 3 -4.06 12.30 -18.35
C LYS H 3 -3.35 13.66 -18.64
N DAL H 4 -3.41 14.49 -17.53
CA DAL H 4 -2.80 15.95 -17.25
CB DAL H 4 -3.12 17.29 -18.23
C DAL H 4 -1.31 15.51 -16.60
O DAL H 4 -0.22 15.56 -17.21
H DAL H 4 -3.92 14.10 -16.80
HA DAL H 4 -2.52 15.97 -17.81
HB1 DAL H 4 -4.19 17.30 -18.51
HB2 DAL H 4 -2.54 17.30 -19.14
HB3 DAL H 4 -2.92 18.23 -17.66
N DAL H 5 -1.47 14.93 -15.33
CA DAL H 5 -0.29 14.30 -14.41
CB DAL H 5 0.67 15.62 -14.22
C DAL H 5 0.58 13.13 -15.23
O DAL H 5 -0.28 12.23 -15.67
OXT DAL H 5 1.77 12.77 -15.01
H DAL H 5 -2.43 14.64 -15.15
HA DAL H 5 -0.39 14.13 -14.96
HB1 DAL H 5 0.12 16.34 -13.62
HB2 DAL H 5 0.86 16.03 -15.17
HB3 DAL H 5 1.67 15.42 -13.69
C1 MUB I . 4.80 -10.06 -2.96
C2 MUB I . 3.49 -10.53 -3.65
C3 MUB I . 3.90 -11.69 -4.59
C4 MUB I . 5.15 -11.36 -5.40
C5 MUB I . 6.32 -11.28 -4.43
C6 MUB I . 7.20 -10.09 -4.77
C7 MUB I . 2.54 -12.21 -2.24
C8 MUB I . 1.49 -12.68 -1.22
C9 MUB I . 2.33 -11.11 -6.32
C10 MUB I . 3.10 -10.80 -7.62
C11 MUB I . 0.89 -10.52 -6.04
O1 MUB I . 4.58 -9.80 -1.60
O3 MUB I . 2.82 -12.13 -5.43
O4 MUB I . 5.38 -12.33 -6.47
O5 MUB I . 5.82 -11.09 -3.08
O6 MUB I . 6.44 -8.89 -4.76
O7 MUB I . 3.51 -12.91 -2.51
O10 MUB I . 3.40 -11.73 -8.39
N2 MUB I . 2.48 -10.96 -2.70
H1 MUB I . 5.17 -9.10 -3.39
H2 MUB I . 3.03 -9.64 -4.18
HN2 MUB I . 1.69 -10.41 -2.47
H81 MUB I . 0.54 -12.83 -1.72
H82 MUB I . 1.36 -11.94 -0.45
H83 MUB I . 1.83 -13.60 -0.76
H3 MUB I . 4.07 -12.59 -4.01
H9 MUB I . 3.03 -10.36 -5.96
H111 MUB I . 0.66 -9.65 -6.69
H112 MUB I . 0.84 -10.20 -5.03
H113 MUB I . 0.17 -11.31 -6.17
H4 MUB I . 4.97 -10.49 -6.06
H5 MUB I . 6.95 -12.12 -4.47
H61 MUB I . 7.43 -10.22 -5.85
H62 MUB I . 8.17 -10.00 -4.20
HO6 MUB I . 6.99 -8.10 -4.87
C1 NAG I . 5.03 -13.69 -6.15
C2 NAG I . 5.70 -14.66 -7.14
C3 NAG I . 5.32 -16.08 -6.81
C4 NAG I . 5.58 -16.39 -5.34
C5 NAG I . 4.95 -15.33 -4.43
C6 NAG I . 5.32 -15.55 -2.98
C7 NAG I . 4.16 -14.61 -9.02
C8 NAG I . 3.98 -14.17 -10.49
N2 NAG I . 5.36 -14.32 -8.51
O3 NAG I . 6.09 -16.95 -7.62
O4 NAG I . 5.04 -17.66 -5.02
O5 NAG I . 5.41 -14.01 -4.81
O6 NAG I . 6.73 -15.51 -2.78
O7 NAG I . 3.39 -15.40 -8.50
H1 NAG I . 3.93 -13.67 -6.28
H2 NAG I . 6.74 -14.63 -7.35
H3 NAG I . 4.24 -16.27 -7.00
H4 NAG I . 6.69 -16.53 -5.32
H5 NAG I . 3.86 -15.35 -4.43
H61 NAG I . 5.02 -16.57 -2.69
H62 NAG I . 4.83 -14.81 -2.36
H81 NAG I . 4.14 -13.10 -10.56
H82 NAG I . 2.98 -14.41 -10.81
H83 NAG I . 4.71 -14.71 -11.10
HN2 NAG I . 5.93 -13.69 -8.96
HO3 NAG I . 5.79 -16.86 -8.53
HO4 NAG I . 5.30 -18.29 -5.70
HO6 NAG I . 7.17 -15.79 -3.59
C1 MUB J . 6.56 14.24 -4.77
C2 MUB J . 7.47 14.76 -5.89
C3 MUB J . 7.71 13.60 -6.88
C4 MUB J . 8.29 12.37 -6.17
C5 MUB J . 7.38 12.00 -5.00
C6 MUB J . 8.11 12.22 -3.69
C7 MUB J . 6.05 15.67 -7.57
C8 MUB J . 5.54 16.88 -8.31
C9 MUB J . 9.83 14.47 -7.56
C10 MUB J . 10.94 13.43 -7.36
C11 MUB J . 10.18 16.01 -7.58
O1 MUB J . 5.40 15.00 -4.65
O3 MUB J . 8.53 14.02 -7.99
O4 MUB J . 8.50 11.25 -7.08
O5 MUB J . 6.22 12.86 -4.99
O6 MUB J . 8.98 13.34 -3.78
O7 MUB J . 5.38 14.64 -7.58
O10 MUB J . 11.56 13.00 -8.35
N2 MUB J . 6.92 15.90 -6.61
H1 MUB J . 7.06 14.36 -3.79
H2 MUB J . 8.38 15.16 -5.39
HN2 MUB J . 7.46 16.73 -6.63
H81 MUB J . 4.82 16.58 -9.06
H82 MUB J . 6.37 17.36 -8.78
H83 MUB J . 5.09 17.56 -7.58
H3 MUB J . 6.78 13.33 -7.41
H9 MUB J . 9.68 14.22 -6.51
H111 MUB J . 10.00 16.46 -8.58
H112 MUB J . 11.19 16.14 -7.36
H113 MUB J . 9.60 16.50 -6.80
H4 MUB J . 9.37 12.50 -6.00
H5 MUB J . 7.09 10.96 -5.02
H61 MUB J . 8.85 11.39 -3.66
H62 MUB J . 7.53 12.18 -2.73
HO6 MUB J . 9.56 13.46 -3.01
C1 NAG J . 7.78 11.32 -8.32
C2 NAG J . 8.04 10.04 -9.14
C3 NAG J . 7.25 10.09 -10.44
C4 NAG J . 5.78 10.46 -10.20
C5 NAG J . 5.65 11.69 -9.31
C6 NAG J . 4.20 11.97 -8.94
C7 NAG J . 10.12 10.69 -10.22
C8 NAG J . 11.62 10.36 -10.35
N2 NAG J . 9.45 9.87 -9.40
O3 NAG J . 7.32 8.82 -11.07
O4 NAG J . 5.19 10.74 -11.45
O5 NAG J . 6.37 11.50 -8.07
O6 NAG J . 3.61 10.87 -8.26
O7 NAG J . 9.56 11.39 -11.05
H1 NAG J . 8.22 12.20 -8.82
H2 NAG J . 7.90 9.09 -8.68
H3 NAG J . 7.66 10.85 -11.14
H4 NAG J . 5.34 9.48 -9.84
H5 NAG J . 5.99 12.61 -9.78
H61 NAG J . 3.57 12.16 -9.82
H62 NAG J . 4.20 12.88 -8.32
H81 NAG J . 12.07 11.08 -11.02
H82 NAG J . 11.73 9.37 -10.76
H83 NAG J . 12.07 10.40 -9.37
HN2 NAG J . 9.94 9.34 -8.76
HO3 NAG J . 8.24 8.70 -11.30
HO4 NAG J . 5.44 10.03 -12.08
HO6 NAG J . 4.19 10.70 -7.51
C1 MUB K . -4.90 -15.34 -3.43
C2 MUB K . -4.43 -16.63 -4.09
C3 MUB K . -3.97 -16.33 -5.52
C4 MUB K . -5.01 -15.49 -6.27
C5 MUB K . -5.30 -14.19 -5.50
C6 MUB K . -6.79 -14.07 -5.18
C7 MUB K . -2.12 -17.00 -3.52
C8 MUB K . -1.09 -17.77 -2.70
C9 MUB K . -4.80 -18.41 -6.33
C10 MUB K . -5.81 -18.15 -7.46
C11 MUB K . -4.84 -19.77 -5.54
O1 MUB K . -4.34 -15.23 -2.17
O3 MUB K . -3.65 -17.55 -6.21
O4 MUB K . -4.59 -15.21 -7.64
O5 MUB K . -4.57 -14.21 -4.25
O6 MUB K . -7.30 -15.28 -4.63
O7 MUB K . -1.76 -16.06 -4.24
O10 MUB K . -5.51 -18.48 -8.62
N2 MUB K . -3.40 -17.30 -3.33
H1 MUB K . -6.01 -15.35 -3.30
H2 MUB K . -5.30 -17.32 -3.98
HN2 MUB K . -3.62 -18.07 -2.74
H81 MUB K . -1.19 -18.82 -2.93
H82 MUB K . -1.29 -17.62 -1.65
H83 MUB K . -0.10 -17.40 -2.94
H3 MUB K . -2.99 -15.83 -5.50
H9 MUB K . -5.50 -17.74 -5.80
H111 MUB K . -4.00 -20.43 -5.80
H112 MUB K . -5.73 -20.28 -5.77
H113 MUB K . -4.86 -19.55 -4.47
H4 MUB K . -5.85 -16.12 -6.58
H5 MUB K . -5.10 -13.30 -6.07
H61 MUB K . -7.33 -13.97 -6.15
H62 MUB K . -7.04 -13.19 -4.52
HO6 MUB K . -8.26 -15.26 -4.51
C1 NAG K . -3.18 -15.21 -7.86
C2 NAG K . -2.87 -14.68 -9.26
C3 NAG K . -1.36 -14.65 -9.50
C4 NAG K . -0.64 -13.93 -8.36
C5 NAG K . -1.06 -14.50 -7.01
C6 NAG K . -0.45 -13.73 -5.86
C7 NAG K . -3.27 -16.76 -10.45
C8 NAG K . -4.11 -17.44 -11.55
N2 NAG K . -3.55 -15.48 -10.27
O3 NAG K . -1.12 -13.97 -10.73
O4 NAG K . 0.76 -14.10 -8.52
O5 NAG K . -2.51 -14.41 -6.87
O6 NAG K . -1.23 -12.59 -5.52
O7 NAG K . -2.19 -17.25 -10.10
H1 NAG K . -2.93 -16.28 -7.76
H2 NAG K . -3.27 -13.77 -9.64
H3 NAG K . -0.95 -15.68 -9.59
H4 NAG K . -0.82 -12.85 -8.58
H5 NAG K . -0.76 -15.53 -6.82
H61 NAG K . 0.55 -13.34 -6.11
H62 NAG K . -0.33 -14.41 -5.02
H81 NAG K . -3.93 -18.50 -11.51
H82 NAG K . -3.82 -17.06 -12.51
H83 NAG K . -5.16 -17.21 -11.38
HN2 NAG K . -4.41 -15.13 -10.56
HO3 NAG K . -1.50 -14.47 -11.45
HO4 NAG K . 0.99 -13.91 -9.43
HO6 NAG K . -2.15 -12.85 -5.65
C1 MUB L . -6.88 7.43 -9.60
C2 MUB L . -7.71 6.62 -10.57
C3 MUB L . -6.77 5.85 -11.50
C4 MUB L . -5.69 6.78 -12.09
C5 MUB L . -4.86 7.38 -10.96
C6 MUB L . -4.76 8.90 -11.08
C7 MUB L . -8.16 4.52 -9.45
C8 MUB L . -9.17 3.62 -8.74
C9 MUB L . -8.26 6.14 -13.36
C10 MUB L . -7.53 6.77 -14.55
C11 MUB L . -9.82 6.26 -13.23
O1 MUB L . -7.36 7.19 -8.31
O3 MUB L . -7.54 5.20 -12.54
O4 MUB L . -4.86 6.10 -13.08
O5 MUB L . -5.48 7.07 -9.67
O6 MUB L . -6.05 9.51 -11.10
O7 MUB L . -6.98 4.22 -9.51
O10 MUB L . -7.20 6.04 -15.50
N2 MUB L . -8.62 5.70 -9.89
H1 MUB L . -6.99 8.52 -9.81
H2 MUB L . -8.39 7.36 -11.03
HN2 MUB L . -9.58 5.91 -9.82
H81 MUB L . -10.01 3.45 -9.41
H82 MUB L . -9.51 4.09 -7.85
H83 MUB L . -8.68 2.68 -8.49
H3 MUB L . -6.34 4.99 -10.98
H9 MUB L . -7.84 7.04 -12.87
H111 MUB L . -10.32 5.28 -13.28
H112 MUB L . -10.18 6.85 -14.00
H113 MUB L . -10.05 6.78 -12.29
H4 MUB L . -6.13 7.44 -12.84
H5 MUB L . -3.83 7.04 -11.00
H61 MUB L . -4.38 9.08 -12.11
H62 MUB L . -4.07 9.39 -10.35
HO6 MUB L . -6.11 10.28 -11.68
C1 NAG L . -4.73 4.67 -12.90
C2 NAG L . -3.67 4.12 -13.87
C3 NAG L . -3.56 2.61 -13.72
C4 NAG L . -3.35 2.23 -12.25
C5 NAG L . -4.42 2.88 -11.37
C6 NAG L . -4.16 2.61 -9.89
C7 NAG L . -4.99 3.94 -15.91
C8 NAG L . -5.16 4.50 -17.33
N2 NAG L . -3.99 4.49 -15.24
O3 NAG L . -2.46 2.16 -14.49
O4 NAG L . -3.43 0.82 -12.12
O5 NAG L . -4.41 4.31 -11.56
O6 NAG L . -2.98 3.24 -9.44
O7 NAG L . -5.44 2.83 -15.63
H1 NAG L . -5.74 4.32 -13.16
H2 NAG L . -2.69 4.54 -13.88
H3 NAG L . -4.47 2.09 -14.09
H4 NAG L . -2.28 2.47 -12.08
H5 NAG L . -5.43 2.50 -11.54
H61 NAG L . -4.02 1.53 -9.68
H62 NAG L . -5.05 2.93 -9.33
H81 NAG L . -6.01 4.02 -17.80
H82 NAG L . -4.27 4.30 -17.91
H83 NAG L . -5.31 5.58 -17.28
HN2 NAG L . -3.67 5.38 -15.51
HO3 NAG L . -2.64 2.29 -15.42
HO4 NAG L . -2.89 0.43 -12.83
HO6 NAG L . -3.02 4.14 -9.80
P 2PO M . 3.93 -8.40 -1.10
O1P 2PO M . 2.46 -8.50 -1.08
O2P 2PO M . 4.52 -7.28 -1.87
O3P 2PO M . 4.43 -8.32 0.43
P 2PO N . 5.80 -8.99 0.93
O1P 2PO N . 5.88 -8.76 2.40
O2P 2PO N . 5.91 -10.44 0.44
O3P 2PO N . 6.94 -8.08 0.26
C1 P1W O . 7.84 -7.32 1.10
C2 P1W O . 8.66 -6.47 0.19
C3 P1W O . 8.24 -5.62 -0.69
C4 P1W O . 9.30 -4.93 -1.50
C5 P1W O . 6.77 -5.25 -0.94
H12 P1W O . 7.29 -6.72 1.81
H11 P1W O . 8.49 -8.00 1.66
H2 P1W O . 9.62 -6.26 0.57
H41 P1W O . 10.22 -4.86 -0.93
H42 P1W O . 9.47 -5.50 -2.39
H51 P1W O . 6.14 -5.96 -0.42
H52 P1W O . 6.57 -5.28 -1.99
H53 P1W O . 6.58 -4.26 -0.56
C1 P1W P . 8.86 -3.54 -1.91
C2 P1W P . 8.29 -3.58 -3.30
C3 P1W P . 7.75 -2.51 -3.90
C4 P1W P . 7.15 -2.56 -5.28
C5 P1W P . 7.72 -1.12 -3.26
H12 P1W P . 9.71 -2.87 -1.89
H11 P1W P . 8.11 -3.20 -1.22
H2 P1W P . 8.11 -4.57 -3.69
H41 P1W P . 7.09 -1.57 -5.69
H42 P1W P . 7.79 -3.17 -5.92
H51 P1W P . 8.59 -1.00 -2.63
H52 P1W P . 6.83 -1.03 -2.66
H53 P1W P . 7.73 -0.36 -4.02
C1 P1W Q . 7.26 7.12 -6.95
C2 P1W Q . 8.72 6.83 -6.77
C3 P1W Q . 9.52 7.48 -5.91
C4 P1W Q . 11.00 7.17 -5.76
C5 P1W Q . 9.01 8.61 -5.00
H12 P1W Q . 7.07 8.16 -6.74
H11 P1W Q . 6.98 6.89 -7.96
H2 P1W Q . 9.08 5.99 -7.32
H43 P1W Q . 11.36 7.54 -4.81
H41 P1W Q . 11.56 7.64 -6.55
H42 P1W Q . 11.15 6.09 -5.82
H51 P1W Q . 8.00 8.88 -5.30
H52 P1W Q . 9.66 9.46 -5.10
H53 P1W Q . 9.00 8.27 -3.97
C1 P1W R . 5.76 -3.19 -5.26
C2 P1W R . 4.74 -2.23 -4.71
C3 P1W R . 3.42 -2.44 -4.81
C4 P1W R . 2.35 -1.47 -4.26
C5 P1W R . 2.84 -3.67 -5.51
H12 P1W R . 5.79 -4.07 -4.62
H11 P1W R . 5.49 -3.48 -6.25
H2 P1W R . 5.12 -1.25 -4.52
H43 P1W R . 2.75 -0.90 -3.44
H41 P1W R . 1.51 -2.05 -3.92
H42 P1W R . 2.02 -0.80 -5.05
H51 P1W R . 3.35 -4.55 -5.17
H52 P1W R . 2.98 -3.56 -6.56
H53 P1W R . 1.78 -3.75 -5.30
P 2PO S . 5.44 16.39 -3.84
O1P 2PO S . 5.39 17.52 -4.80
O2P 2PO S . 6.58 16.36 -2.88
O3P 2PO S . 4.06 16.45 -3.00
P 2PO T . 3.25 15.17 -2.46
O1P 2PO T . 3.77 14.86 -1.11
O2P 2PO T . 1.77 15.42 -2.63
O3P 2PO T . 3.66 13.96 -3.38
C1 P1W U . 2.60 13.09 -3.78
C2 P1W U . 3.25 11.90 -4.38
C3 P1W U . 2.68 10.82 -4.82
C4 P1W U . 3.53 9.75 -5.43
C5 P1W U . 1.18 10.57 -4.83
H12 P1W U . 1.99 12.83 -2.93
H11 P1W U . 2.01 13.59 -4.52
H2 P1W U . 4.17 12.14 -4.85
H41 P1W U . 3.03 9.35 -6.26
H42 P1W U . 4.47 10.19 -5.73
H51 P1W U . 0.66 11.49 -4.63
H52 P1W U . 0.94 9.85 -4.07
H53 P1W U . 0.88 10.19 -5.80
C1 P1W V . -4.71 -9.36 -5.32
C2 P1W V . -5.90 -8.47 -5.07
C3 P1W V . -6.54 -7.78 -6.04
C4 P1W V . -7.71 -6.89 -5.76
C5 P1W V . -6.15 -7.85 -7.52
H12 P1W V . -4.39 -9.24 -6.35
H11 P1W V . -3.90 -9.07 -4.67
H2 P1W V . -6.05 -8.21 -4.03
H41 P1W V . -7.66 -6.55 -4.72
H42 P1W V . -7.69 -6.04 -6.42
H51 P1W V . -6.20 -8.87 -7.86
H52 P1W V . -5.14 -7.49 -7.65
H53 P1W V . -6.82 -7.23 -8.11
C1 P1W W . -9.02 -7.65 -5.96
C2 P1W W . -9.76 -7.77 -4.66
C3 P1W W . -10.63 -6.85 -4.21
C4 P1W W . -11.38 -6.98 -2.88
C5 P1W W . -10.99 -5.60 -5.00
H12 P1W W . -8.80 -8.63 -6.34
H11 P1W W . -9.63 -7.11 -6.67
H2 P1W W . -9.78 -8.77 -4.26
H43 P1W W . -12.45 -7.00 -3.05
H41 P1W W . -11.15 -6.12 -2.26
H42 P1W W . -11.08 -7.88 -2.37
H51 P1W W . -11.54 -5.89 -5.90
H52 P1W W . -10.09 -5.10 -5.30
H53 P1W W . -11.61 -4.94 -4.40
C1 P1W X . 1.57 1.68 -8.00
C2 P1W X . 1.61 2.47 -9.27
C3 P1W X . 0.92 2.13 -10.36
C4 P1W X . 0.96 2.94 -11.68
C5 P1W X . 0.00 0.92 -10.42
H12 P1W X . 0.57 1.30 -7.84
H11 P1W X . 2.27 0.86 -8.06
H2 P1W X . 2.29 3.30 -9.27
H43 P1W X . 1.66 3.77 -11.60
H41 P1W X . -0.03 3.32 -11.88
H42 P1W X . 1.26 2.29 -12.49
H51 P1W X . -0.23 0.71 -11.44
H52 P1W X . -0.90 1.15 -9.87
H53 P1W X . 0.49 0.05 -9.97
C1 P1W Y . 3.82 8.64 -4.45
C2 P1W Y . 5.10 7.96 -4.82
C3 P1W Y . 5.14 6.95 -5.67
C4 P1W Y . 6.43 6.24 -6.01
C5 P1W Y . 3.91 6.44 -6.42
H12 P1W Y . 3.01 7.92 -4.48
H11 P1W Y . 3.89 9.05 -3.47
H2 P1W Y . 5.90 8.13 -4.12
H41 P1W Y . 6.99 6.07 -5.11
H42 P1W Y . 6.22 5.31 -6.50
H51 P1W Y . 4.21 5.82 -7.24
H52 P1W Y . 3.34 7.28 -6.79
H53 P1W Y . 3.28 5.86 -5.75
P 2PO Z . -4.86 -16.26 -1.04
O1P 2PO Z . -3.73 -17.09 -0.55
O2P 2PO Z . -6.03 -16.99 -1.60
O3P 2PO Z . -5.36 -15.29 0.13
P 2PO AA . -4.82 -13.79 0.21
O1P 2PO AA . -5.54 -13.08 1.30
O2P 2PO AA . -3.34 -13.83 0.25
O3P 2PO AA . -5.27 -13.18 -1.21
C1 P1W BA . -5.83 -11.88 -1.32
C2 P1W BA . -5.93 -11.46 -2.79
C3 P1W BA . -4.87 -11.23 -3.61
C4 P1W BA . -5.04 -10.84 -5.07
C5 P1W BA . -3.41 -11.34 -3.15
H12 P1W BA . -6.83 -11.89 -0.89
H11 P1W BA . -5.22 -11.17 -0.80
H2 P1W BA . -6.90 -11.58 -3.22
H41 P1W BA . -4.40 -11.46 -5.68
H42 P1W BA . -6.07 -11.02 -5.36
H51 P1W BA . -3.36 -12.02 -2.30
H52 P1W BA . -3.05 -10.37 -2.86
H53 P1W BA . -2.80 -11.74 -3.95
P 2PO CA . -8.53 8.13 -7.72
O1P 2PO CA . -9.50 7.32 -6.93
O2P 2PO CA . -9.07 9.00 -8.81
O3P 2PO CA . -7.69 9.03 -6.73
P 2PO DA . -6.59 8.29 -5.83
O1P 2PO DA . -5.80 9.32 -5.10
O2P 2PO DA . -7.28 7.23 -5.05
O3P 2PO DA . -5.64 7.60 -6.92
C1 P1W EA . -4.44 8.23 -7.33
C2 P1W EA . -3.40 7.17 -7.62
C3 P1W EA . -3.18 6.09 -6.85
C4 P1W EA . -2.14 5.05 -7.22
C5 P1W EA . -3.99 5.78 -5.60
H12 P1W EA . -4.63 8.82 -8.23
H11 P1W EA . -4.08 8.88 -6.55
H2 P1W EA . -3.07 7.15 -8.65
H41 P1W EA . -2.61 4.09 -7.32
H42 P1W EA . -1.67 5.33 -8.17
H51 P1W EA . -4.99 5.46 -5.88
H52 P1W EA . -4.05 6.68 -4.99
H53 P1W EA . -3.50 5.00 -5.04
C1 P1W FA . -1.05 4.96 -6.15
C2 P1W FA . 0.17 4.30 -6.72
C3 P1W FA . 0.72 3.18 -6.22
C4 P1W FA . 1.96 2.56 -6.81
C5 P1W FA . 0.14 2.41 -5.02
H12 P1W FA . -1.41 4.38 -5.31
H11 P1W FA . -0.79 5.96 -5.82
H2 P1W FA . 0.77 4.96 -7.33
H41 P1W FA . 2.61 3.36 -7.16
H42 P1W FA . 2.46 1.97 -6.07
H51 P1W FA . 0.01 3.09 -4.19
H52 P1W FA . 0.82 1.63 -4.74
H53 P1W FA . -0.81 1.98 -5.29
N ZAE A 1 6.49 16.60 6.90
CA ZAE A 1 5.64 16.86 5.71
C ZAE A 1 4.65 15.76 5.52
O ZAE A 1 3.46 15.91 5.78
CB ZAE A 1 4.88 18.15 5.86
CG ZAE A 1 4.43 18.74 4.58
CD1 ZAE A 1 3.25 18.33 3.99
CD2 ZAE A 1 5.16 19.75 3.98
CE1 ZAE A 1 2.79 18.92 2.83
CE2 ZAE A 1 4.72 20.33 2.80
CZ ZAE A 1 3.53 19.92 2.24
C10 ZAE A 1 7.73 17.39 6.83
H ZAE A 1 6.75 15.60 6.93
HA ZAE A 1 6.27 16.94 4.84
HB2 ZAE A 1 4.00 17.95 6.46
HB3 ZAE A 1 5.49 18.87 6.38
HD1 ZAE A 1 2.67 17.54 4.45
HD2 ZAE A 1 6.10 20.07 4.42
HE1 ZAE A 1 1.86 18.59 2.38
HE2 ZAE A 1 5.31 21.12 2.34
HZ ZAE A 1 3.18 20.39 1.33
H11 ZAE A 1 7.48 18.44 6.74
H12 ZAE A 1 8.31 17.08 5.98
H13 ZAE A 1 8.30 17.23 7.74
HN2 ZAE A 1 5.95 16.83 7.77
N ILE A 2 5.16 14.66 5.09
CA ILE A 2 4.38 13.50 4.79
C ILE A 2 5.03 12.29 5.39
N SER A 3 4.38 11.15 5.22
CA SER A 3 4.85 9.96 5.84
C SER A 3 4.15 8.78 5.20
N DGN A 4 4.27 7.67 5.87
CA DGN A 4 3.59 6.49 5.45
C DGN A 4 4.54 5.33 5.62
O DGN A 4 5.71 5.54 5.97
CB DGN A 4 2.27 6.36 6.25
CG DGN A 4 2.41 5.91 7.70
CD DGN A 4 2.76 7.00 8.69
OE1 DGN A 4 2.33 8.14 8.55
NE2 DGN A 4 3.51 6.65 9.73
H DGN A 4 4.77 7.66 6.71
HA DGN A 4 3.36 6.61 4.40
HB2 DGN A 4 1.65 5.66 5.75
HB3 DGN A 4 1.79 7.33 6.26
HG2 DGN A 4 3.16 5.14 7.74
HG3 DGN A 4 1.47 5.49 7.99
HE21 DGN A 4 3.81 5.72 9.81
HE22 DGN A 4 3.72 7.34 10.40
N 28J A 5 4.09 4.11 5.32
CA 28J A 5 4.95 2.95 5.49
CB 28J A 5 6.38 3.19 4.91
CG2 28J A 5 7.40 2.50 5.80
CG1 28J A 5 6.55 2.72 3.44
CD1 28J A 5 7.86 3.18 2.76
C 28J A 5 4.37 1.68 4.89
O 28J A 5 3.33 1.70 4.23
HA 28J A 5 5.06 2.79 6.55
H22 28J A 5 6.57 4.25 4.96
H23 28J A 5 7.26 1.43 5.74
H24 28J A 5 7.24 2.82 6.82
H25 28J A 5 8.39 2.76 5.48
H26 28J A 5 6.54 1.64 3.40
H27 28J A 5 5.72 3.09 2.84
H28 28J A 5 8.70 2.71 3.25
H29 28J A 5 7.94 4.25 2.84
H30 28J A 5 7.84 2.90 1.71
N ILE A 6 5.04 0.58 5.21
CA ILE A 6 4.64 -0.70 4.69
C ILE A 6 4.37 -1.76 5.74
N SER A 7 3.21 -2.45 5.62
CA SER A 7 2.99 -3.68 6.39
C SER A 7 1.96 -4.59 5.74
N DTH A 8 2.34 -5.83 5.56
CA DTH A 8 1.36 -6.72 5.03
CB DTH A 8 0.47 -7.43 6.11
CG2 DTH A 8 -0.03 -6.55 7.26
OG1 DTH A 8 1.17 -8.54 6.62
C DTH A 8 1.91 -7.78 4.13
O DTH A 8 1.12 -8.54 3.61
H DTH A 8 3.29 -6.09 5.66
HA DTH A 8 0.72 -6.12 4.42
HB DTH A 8 -0.40 -7.81 5.59
HG21 DTH A 8 0.80 -6.16 7.82
HG22 DTH A 8 -0.65 -7.16 7.91
HG23 DTH A 8 -0.62 -5.75 6.86
N ALA A 9 3.22 -7.74 3.81
CA ALA A 9 3.80 -8.77 3.04
C ALA A 9 3.45 -10.10 3.69
N EI4 A 10 4.34 -10.62 4.58
CA EI4 A 10 3.98 -11.88 5.36
CB EI4 A 10 5.06 -12.43 6.28
CG EI4 A 10 5.48 -13.87 5.97
CD2 EI4 A 10 6.07 -13.93 4.47
NE2 EI4 A 10 7.51 -14.30 4.69
CE1 EI4 A 10 7.81 -14.54 6.02
ND1 EI4 A 10 6.66 -14.31 6.78
NT EI4 A 10 8.96 -14.93 6.49
C EI4 A 10 2.71 -11.80 6.24
O EI4 A 10 1.95 -12.76 6.30
H EI4 A 10 5.27 -10.26 4.60
HA EI4 A 10 3.78 -12.65 4.61
HB EI4 A 10 4.66 -12.44 7.29
HBA EI4 A 10 5.93 -11.78 6.26
HG1 EI4 A 10 4.65 -14.55 6.09
HD2 EI4 A 10 6.00 -12.97 3.99
HE EI4 A 10 8.16 -14.40 3.96
HND1 EI4 A 10 6.62 -14.44 7.75
HD1 EI4 A 10 5.57 -14.70 3.89
H1 EI4 A 10 9.75 -15.05 5.88
HH12 EI4 A 10 9.08 -15.10 7.48
N ILE A 11 2.49 -10.69 6.97
CA ILE A 11 1.30 -10.60 7.87
C ILE A 11 0.44 -9.43 7.45
N ZAE B 1 -7.21 -6.63 5.72
CA ZAE B 1 -6.03 -7.52 5.62
C ZAE B 1 -4.76 -6.68 5.77
O ZAE B 1 -4.41 -6.32 6.90
CB ZAE B 1 -6.15 -8.55 6.77
CG ZAE B 1 -5.26 -9.77 6.74
CD1 ZAE B 1 -3.87 -9.65 6.72
CD2 ZAE B 1 -5.81 -11.06 6.84
CE1 ZAE B 1 -3.06 -10.78 6.78
CE2 ZAE B 1 -4.99 -12.19 6.88
CZ ZAE B 1 -3.61 -12.04 6.86
C10 ZAE B 1 -8.45 -7.38 5.49
H ZAE B 1 -7.15 -5.87 5.04
HA ZAE B 1 -6.03 -8.03 4.65
HB2 ZAE B 1 -5.96 -8.02 7.70
HB3 ZAE B 1 -7.17 -8.89 6.80
HD1 ZAE B 1 -3.44 -8.67 6.65
HD2 ZAE B 1 -6.88 -11.19 6.85
HE1 ZAE B 1 -1.98 -10.67 6.76
HE2 ZAE B 1 -5.42 -13.18 6.95
HZ ZAE B 1 -2.97 -12.92 6.91
H11 ZAE B 1 -8.32 -8.03 4.65
H12 ZAE B 1 -9.25 -6.68 5.29
H13 ZAE B 1 -8.69 -7.95 6.38
HN2 ZAE B 1 -7.22 -6.22 6.70
N ILE B 2 -4.06 -6.33 4.68
CA ILE B 2 -2.86 -5.50 4.83
C ILE B 2 -3.00 -4.10 4.25
N SER B 3 -2.14 -3.19 4.74
CA SER B 3 -2.25 -1.81 4.36
C SER B 3 -0.93 -1.15 4.35
N DGN B 4 -0.93 0.04 3.79
CA DGN B 4 0.25 0.80 3.93
C DGN B 4 0.26 1.83 2.86
O DGN B 4 -0.77 1.94 2.14
CB DGN B 4 0.42 1.25 5.42
CG DGN B 4 -0.26 2.50 6.04
CD DGN B 4 -1.77 2.61 5.86
OE1 DGN B 4 -2.53 2.07 6.66
NE2 DGN B 4 -2.22 3.37 4.88
H DGN B 4 -1.65 0.33 3.14
HA DGN B 4 1.05 0.12 3.69
HB2 DGN B 4 1.48 1.32 5.62
HB3 DGN B 4 0.04 0.43 6.02
HG2 DGN B 4 0.22 3.40 5.69
HG3 DGN B 4 -0.10 2.42 7.11
HE21 DGN B 4 -1.58 3.82 4.30
HE22 DGN B 4 -3.20 3.44 4.77
N 28J B 5 1.34 2.66 2.82
CA 28J B 5 1.50 3.61 1.72
CB 28J B 5 1.28 2.81 0.38
CG2 28J B 5 -0.07 3.08 -0.15
CG1 28J B 5 2.27 2.93 -0.79
CD1 28J B 5 2.20 1.65 -1.63
C 28J B 5 2.80 4.35 1.72
O 28J B 5 3.62 4.28 2.64
HA 28J B 5 0.72 4.32 1.81
H22 28J B 5 1.26 1.79 0.67
H23 28J B 5 -0.81 2.67 0.54
H24 28J B 5 -0.18 2.60 -1.10
H25 28J B 5 -0.22 4.15 -0.25
H26 28J B 5 2.02 3.77 -1.44
H27 28J B 5 3.29 3.03 -0.42
H28 28J B 5 2.26 0.79 -0.95
H29 28J B 5 3.02 1.61 -2.32
H30 28J B 5 1.25 1.60 -2.16
N ILE B 6 2.82 5.25 0.75
CA ILE B 6 3.97 6.06 0.51
C ILE B 6 3.70 7.54 0.42
N SER B 7 4.41 8.28 1.35
CA SER B 7 4.56 9.78 1.34
C SER B 7 5.82 10.31 2.05
N DTH B 8 6.93 10.38 1.28
CA DTH B 8 8.30 10.77 1.78
CB DTH B 8 8.61 12.22 2.45
CG2 DTH B 8 7.77 12.66 3.63
OG1 DTH B 8 8.52 13.33 1.55
C DTH B 8 9.32 10.72 0.67
O DTH B 8 10.47 10.36 0.92
H DTH B 8 6.84 10.15 0.31
HA DTH B 8 8.58 10.00 2.50
HB DTH B 8 9.62 12.17 2.81
HG21 DTH B 8 6.72 12.57 3.40
HG22 DTH B 8 7.99 13.71 3.83
HG23 DTH B 8 8.01 12.09 4.51
N ALA B 9 8.91 11.13 -0.52
CA ALA B 9 9.83 11.17 -1.65
C ALA B 9 10.38 12.55 -1.79
N EI4 B 10 9.52 13.47 -2.14
CA EI4 B 10 10.04 14.80 -2.35
CB EI4 B 10 9.18 15.58 -3.34
CG EI4 B 10 9.46 17.07 -3.32
CD2 EI4 B 10 11.02 17.33 -3.65
NE2 EI4 B 10 10.96 18.05 -4.98
CE1 EI4 B 10 9.65 18.34 -5.36
ND1 EI4 B 10 8.77 17.79 -4.46
NT EI4 B 10 9.33 19.17 -6.30
C EI4 B 10 10.13 15.46 -1.03
O EI4 B 10 11.10 16.15 -0.70
H EI4 B 10 8.54 13.29 -2.15
HA EI4 B 10 11.03 14.69 -2.75
HB EI4 B 10 8.13 15.42 -3.11
HBA EI4 B 10 9.39 15.19 -4.32
HG1 EI4 B 10 9.17 17.51 -2.38
HD2 EI4 B 10 11.57 16.40 -3.76
HE EI4 B 10 11.75 18.35 -5.47
HND1 EI4 B 10 7.80 17.89 -4.54
HD1 EI4 B 10 11.48 17.97 -2.89
H1 EI4 B 10 10.04 19.68 -6.80
HH12 EI4 B 10 8.37 19.30 -6.54
N ILE B 11 9.12 15.19 -0.27
CA ILE B 11 9.03 15.69 1.05
C ILE B 11 9.21 14.55 1.99
N ZAE C 1 1.44 10.01 -0.65
CA ZAE C 1 0.28 10.46 -1.41
C ZAE C 1 -0.78 9.42 -1.58
O ZAE C 1 -1.95 9.75 -1.73
CB ZAE C 1 -0.25 11.74 -0.84
CG ZAE C 1 -0.37 12.74 -1.90
CD1 ZAE C 1 -1.31 12.57 -2.91
CD2 ZAE C 1 0.45 13.87 -1.94
CE1 ZAE C 1 -1.45 13.49 -3.92
CE2 ZAE C 1 0.32 14.81 -2.96
CZ ZAE C 1 -0.63 14.61 -3.95
C10 ZAE C 1 2.52 10.93 -0.98
H ZAE C 1 1.73 9.05 -0.94
HA ZAE C 1 0.61 10.66 -2.41
HB2 ZAE C 1 -1.22 11.57 -0.40
HB3 ZAE C 1 0.45 12.10 -0.09
HD1 ZAE C 1 -1.95 11.70 -2.89
HD2 ZAE C 1 1.19 14.03 -1.17
HE1 ZAE C 1 -2.19 13.34 -4.68
HE2 ZAE C 1 0.96 15.67 -2.99
HZ ZAE C 1 -0.73 15.33 -4.74
H11 ZAE C 1 3.45 10.43 -0.78
H12 ZAE C 1 2.44 11.80 -0.35
H13 ZAE C 1 2.46 11.21 -2.02
HN2 ZAE C 1 1.22 10.02 0.37
N ILE C 2 -0.38 8.18 -1.53
CA ILE C 2 -1.32 7.14 -1.83
C ILE C 2 -1.33 6.12 -0.72
N SER C 3 -2.52 5.57 -0.37
CA SER C 3 -2.58 4.56 0.66
C SER C 3 -3.49 3.44 0.29
N DGN C 4 -3.11 2.26 0.77
CA DGN C 4 -3.86 1.08 0.50
C DGN C 4 -3.04 -0.15 0.74
O DGN C 4 -1.88 -0.12 1.21
CB DGN C 4 -5.18 1.03 1.29
CG DGN C 4 -5.04 1.00 2.81
CD DGN C 4 -5.38 2.34 3.45
OE1 DGN C 4 -6.04 3.17 2.83
NE2 DGN C 4 -4.94 2.54 4.68
H DGN C 4 -2.28 2.20 1.34
HA DGN C 4 -4.11 1.10 -0.54
HB2 DGN C 4 -5.73 0.16 0.99
HB3 DGN C 4 -5.76 1.91 1.04
HG2 DGN C 4 -4.03 0.75 3.07
HG3 DGN C 4 -5.71 0.25 3.20
HE21 DGN C 4 -4.43 1.82 5.11
HE22 DGN C 4 -5.15 3.39 5.10
N 28J C 5 -3.69 -1.23 0.42
CA 28J C 5 -3.14 -2.57 0.53
CB 28J C 5 -1.69 -2.67 -0.07
CG2 28J C 5 -0.67 -2.76 1.04
CG1 28J C 5 -1.60 -3.93 -0.94
CD1 28J C 5 -0.30 -4.13 -1.68
C 28J C 5 -3.98 -3.60 -0.22
O 28J C 5 -4.82 -3.25 -1.06
HA 28J C 5 -3.08 -2.82 1.57
H22 28J C 5 -1.48 -1.81 -0.67
H23 28J C 5 -0.51 -3.80 1.29
H24 28J C 5 -1.06 -2.24 1.90
H25 28J C 5 0.24 -2.30 0.72
H26 28J C 5 -1.75 -4.79 -0.30
H27 28J C 5 -2.41 -3.90 -1.65
H28 28J C 5 -0.35 -5.08 -2.21
H29 28J C 5 0.51 -4.16 -0.97
H30 28J C 5 -0.17 -3.33 -2.38
N ILE C 6 -3.79 -4.85 0.25
CA ILE C 6 -4.31 -6.06 -0.39
C ILE C 6 -5.08 -6.86 0.63
N SER C 7 -6.01 -7.62 0.10
CA SER C 7 -6.84 -8.59 0.82
C SER C 7 -7.64 -9.42 -0.14
N DTH C 8 -7.98 -10.63 0.24
CA DTH C 8 -8.83 -11.36 -0.66
CB DTH C 8 -10.02 -12.01 0.05
CG2 DTH C 8 -10.76 -11.01 0.94
OG1 DTH C 8 -9.61 -13.14 0.80
C DTH C 8 -8.06 -12.41 -1.46
O DTH C 8 -8.53 -12.84 -2.51
H DTH C 8 -7.59 -11.05 1.05
HA DTH C 8 -9.23 -10.62 -1.34
HB DTH C 8 -10.71 -12.34 -0.72
HG21 DTH C 8 -10.09 -10.62 1.70
HG22 DTH C 8 -11.58 -11.52 1.42
HG23 DTH C 8 -11.14 -10.20 0.34
N ALA C 9 -6.89 -12.82 -0.96
CA ALA C 9 -6.10 -13.84 -1.65
C ALA C 9 -6.81 -15.16 -1.55
N EI4 C 10 -6.81 -15.67 -0.34
CA EI4 C 10 -7.45 -16.91 -0.05
CB EI4 C 10 -6.56 -17.69 0.89
CG EI4 C 10 -7.14 -18.97 1.44
CD2 EI4 C 10 -6.61 -20.22 0.56
NE2 EI4 C 10 -5.87 -21.03 1.56
CE1 EI4 C 10 -5.86 -20.44 2.83
ND1 EI4 C 10 -6.57 -19.27 2.78
NT EI4 C 10 -5.31 -20.93 3.89
C EI4 C 10 -8.84 -16.62 0.53
O EI4 C 10 -9.83 -17.26 0.17
H EI4 C 10 -6.32 -15.20 0.38
HA EI4 C 10 -7.57 -17.46 -0.97
HB EI4 C 10 -6.30 -17.06 1.72
HBA EI4 C 10 -5.65 -17.94 0.36
HG1 EI4 C 10 -8.22 -18.93 1.47
HD2 EI4 C 10 -5.95 -19.88 -0.22
HE EI4 C 10 -5.42 -21.88 1.35
HND1 EI4 C 10 -6.70 -18.69 3.57
HD1 EI4 C 10 -7.44 -20.76 0.14
H1 EI4 C 10 -4.86 -21.83 3.86
HH12 EI4 C 10 -5.32 -20.42 4.74
N ILE C 11 -8.88 -15.66 1.45
CA ILE C 11 -10.14 -15.18 2.05
C ILE C 11 -10.66 -14.01 1.25
N ZAE D 1 -8.47 -13.73 -7.46
CA ZAE D 1 -7.16 -14.10 -6.85
C ZAE D 1 -6.77 -13.19 -5.72
O ZAE D 1 -6.86 -13.55 -4.56
CB ZAE D 1 -7.24 -15.50 -6.29
CG ZAE D 1 -5.94 -16.18 -6.31
CD1 ZAE D 1 -5.00 -15.93 -5.32
CD2 ZAE D 1 -5.67 -17.12 -7.29
CE1 ZAE D 1 -3.79 -16.57 -5.34
CE2 ZAE D 1 -4.46 -17.76 -7.32
CZ ZAE D 1 -3.53 -17.51 -6.33
C10 ZAE D 1 -8.58 -14.32 -8.80
H ZAE D 1 -8.54 -12.70 -7.54
HA ZAE D 1 -6.39 -14.08 -7.61
HB2 ZAE D 1 -7.58 -15.44 -5.27
HB3 ZAE D 1 -7.95 -16.06 -6.87
HD1 ZAE D 1 -5.22 -15.21 -4.56
HD2 ZAE D 1 -6.40 -17.31 -8.06
HE1 ZAE D 1 -3.06 -16.38 -4.58
HE2 ZAE D 1 -4.25 -18.49 -8.09
HZ ZAE D 1 -2.60 -18.02 -6.34
H11 ZAE D 1 -9.54 -14.05 -9.23
H12 ZAE D 1 -8.51 -15.40 -8.74
H13 ZAE D 1 -7.79 -13.95 -9.44
HN2 ZAE D 1 -9.23 -14.08 -6.84
N ILE D 2 -6.30 -12.02 -6.06
CA ILE D 2 -5.90 -11.07 -5.06
C ILE D 2 -6.67 -9.79 -5.25
N SER D 3 -6.92 -9.07 -4.17
CA SER D 3 -7.59 -7.81 -4.30
C SER D 3 -7.06 -6.83 -3.33
N DGN D 4 -7.55 -5.64 -3.51
CA DGN D 4 -7.22 -4.54 -2.67
C DGN D 4 -7.54 -3.29 -3.41
O DGN D 4 -8.06 -3.33 -4.54
CB DGN D 4 -7.94 -4.59 -1.31
CG DGN D 4 -9.44 -4.32 -1.34
CD DGN D 4 -10.28 -5.57 -1.51
OE1 DGN D 4 -9.92 -6.65 -1.05
NE2 DGN D 4 -11.43 -5.43 -2.16
H DGN D 4 -8.15 -5.47 -4.27
HA DGN D 4 -6.15 -4.56 -2.50
HB2 DGN D 4 -7.49 -3.85 -0.67
HB3 DGN D 4 -7.78 -5.56 -0.88
HG2 DGN D 4 -9.65 -3.64 -2.14
HG3 DGN D 4 -9.72 -3.86 -0.40
HE21 DGN D 4 -11.66 -4.54 -2.50
HE22 DGN D 4 -11.99 -6.23 -2.29
N 28J D 5 -7.24 -2.21 -2.77
CA 28J D 5 -7.49 -0.90 -3.34
CB 28J D 5 -7.12 -0.84 -4.88
CG2 28J D 5 -8.12 0.02 -5.64
CG1 28J D 5 -5.69 -0.33 -5.16
CD1 28J D 5 -5.30 -0.36 -6.64
C 28J D 5 -6.73 0.16 -2.57
O 28J D 5 -6.01 -0.17 -1.58
HA 28J D 5 -8.54 -0.72 -3.25
H22 28J D 5 -7.20 -1.84 -5.27
H23 28J D 5 -9.12 -0.38 -5.50
H24 28J D 5 -7.87 0.02 -6.70
H25 28J D 5 -8.09 1.02 -5.27
H26 28J D 5 -5.62 0.69 -4.83
H27 28J D 5 -4.97 -0.93 -4.62
H28 28J D 5 -5.50 -1.35 -7.04
H29 28J D 5 -4.26 -0.12 -6.75
H30 28J D 5 -5.89 0.36 -7.18
N ILE D 6 -7.01 1.42 -2.96
CA ILE D 6 -6.39 2.61 -2.41
C ILE D 6 -7.37 3.64 -1.85
N SER D 7 -6.96 4.20 -0.71
CA SER D 7 -7.57 5.39 -0.11
C SER D 7 -6.54 6.19 0.71
N DTH D 8 -7.03 7.14 1.54
CA DTH D 8 -6.16 7.90 2.44
CB DTH D 8 -6.93 8.59 3.60
CG2 DTH D 8 -7.99 7.66 4.17
OG1 DTH D 8 -7.52 9.82 3.14
C DTH D 8 -5.36 8.99 1.74
O DTH D 8 -4.46 9.57 2.35
H DTH D 8 -7.99 7.37 1.50
HA DTH D 8 -5.47 7.20 2.88
HB DTH D 8 -6.22 8.81 4.38
HG21 DTH D 8 -8.51 8.15 4.98
HG22 DTH D 8 -7.54 6.76 4.53
HG23 DTH D 8 -8.71 7.42 3.39
N ALA D 9 -5.72 9.31 0.51
CA ALA D 9 -5.03 10.33 -0.24
C ALA D 9 -5.14 11.67 0.44
N EI4 D 10 -6.32 12.25 0.32
CA EI4 D 10 -6.53 13.54 0.90
CB EI4 D 10 -7.40 14.41 -0.03
CG EI4 D 10 -7.40 15.88 0.32
CD2 EI4 D 10 -6.31 16.66 -0.60
NE2 EI4 D 10 -7.17 17.56 -1.44
CE1 EI4 D 10 -8.50 17.50 -1.08
ND1 EI4 D 10 -8.67 16.55 -0.10
NT EI4 D 10 -9.43 18.31 -1.50
C EI4 D 10 -7.12 13.36 2.28
O EI4 D 10 -6.78 14.07 3.23
H EI4 D 10 -7.07 11.78 -0.11
HA EI4 D 10 -5.57 14.01 1.00
HB EI4 D 10 -8.41 14.06 0.00
HBA EI4 D 10 -7.01 14.30 -1.04
HG1 EI4 D 10 -7.23 16.04 1.38
HD2 EI4 D 10 -5.76 15.97 -1.22
HE EI4 D 10 -6.81 18.16 -2.12
HND1 EI4 D 10 -9.55 16.34 0.30
HD1 EI4 D 10 -5.63 17.24 0.02
H1 EI4 D 10 -9.21 19.07 -2.11
HH12 EI4 D 10 -10.38 18.16 -1.22
N ILE D 11 -7.98 12.37 2.37
CA ILE D 11 -8.63 12.01 3.61
C ILE D 11 -8.04 10.71 4.15
N ALA E 1 11.81 -11.65 7.54
CA ALA E 1 12.72 -12.77 7.18
C ALA E 1 13.37 -12.56 5.80
N DGL E 2 13.01 -13.48 4.95
CA DGL E 2 13.46 -13.42 3.44
C DGL E 2 13.49 -11.88 2.89
O DGL E 2 12.39 -11.38 2.67
CB DGL E 2 14.96 -13.77 3.28
CG DGL E 2 15.75 -14.04 4.62
CD DGL E 2 16.96 -13.12 4.82
OE1 DGL E 2 18.08 -13.57 5.03
H DGL E 2 12.39 -14.23 5.16
HB2 DGL E 2 15.45 -12.94 2.79
HB3 DGL E 2 15.07 -14.65 2.65
HG2 DGL E 2 16.11 -15.06 4.61
HG3 DGL E 2 15.08 -13.92 5.46
N LYS E 3 16.72 -11.82 4.77
CA LYS E 3 17.72 -10.80 4.96
C LYS E 3 18.73 -10.70 3.76
N DAL E 4 18.02 -10.50 2.60
CA DAL E 4 18.52 -10.20 1.13
CB DAL E 4 19.32 -11.44 0.27
C DAL E 4 19.07 -8.61 1.30
O DAL E 4 19.92 -8.32 2.15
H DAL E 4 17.05 -10.54 2.70
HA DAL E 4 19.07 -10.26 1.23
HB1 DAL E 4 18.75 -12.37 0.32
HB2 DAL E 4 20.32 -11.65 0.65
HB3 DAL E 4 19.42 -11.18 -0.81
N DAL E 5 18.36 -7.67 0.51
CA DAL E 5 18.89 -6.15 0.31
CB DAL E 5 20.30 -6.33 0.00
C DAL E 5 18.58 -5.81 1.86
O DAL E 5 19.37 -5.04 2.44
OXT DAL E 5 17.43 -6.09 2.47
H DAL E 5 17.61 -8.06 0.04
HA DAL E 5 18.70 -5.05 0.44
HB1 DAL E 5 20.46 -6.53 -1.08
HB2 DAL E 5 20.60 -7.16 0.56
HB3 DAL E 5 20.81 -5.44 0.27
N ALA F 1 9.20 16.37 -8.16
CA ALA F 1 10.45 16.53 -8.94
C ALA F 1 11.66 15.92 -8.20
N DGL F 2 12.38 16.84 -7.41
CA DGL F 2 13.42 16.28 -6.48
C DGL F 2 13.07 14.99 -5.74
O DGL F 2 11.86 15.00 -5.29
CB DGL F 2 14.60 15.75 -7.34
CG DGL F 2 15.95 15.68 -6.52
CD DGL F 2 16.72 14.40 -6.88
OE1 DGL F 2 17.79 14.45 -7.49
H DGL F 2 11.98 17.69 -7.27
HB2 DGL F 2 14.77 16.40 -8.18
HB3 DGL F 2 14.33 14.78 -7.65
HG2 DGL F 2 15.74 15.67 -5.46
HG3 DGL F 2 16.57 16.53 -6.74
N LYS F 3 16.16 13.27 -6.50
CA LYS F 3 16.72 11.96 -6.75
C LYS F 3 18.23 11.83 -6.32
N DAL F 4 18.31 11.79 -4.95
CA DAL F 4 19.55 11.56 -4.02
CB DAL F 4 20.42 12.93 -3.47
C DAL F 4 20.20 10.16 -4.69
O DAL F 4 21.04 10.19 -5.60
H DAL F 4 17.47 11.91 -4.49
HA DAL F 4 19.95 11.75 -4.36
HB1 DAL F 4 20.99 13.39 -4.26
HB2 DAL F 4 21.13 12.66 -2.67
HB3 DAL F 4 19.75 13.69 -3.02
N DAL F 5 19.56 8.96 -4.24
CA DAL F 5 20.20 7.53 -4.54
CB DAL F 5 21.57 7.62 -4.01
C DAL F 5 19.99 7.69 -6.11
O DAL F 5 18.81 7.97 -6.66
OXT DAL F 5 20.91 7.31 -6.86
H DAL F 5 18.82 9.12 -3.66
HA DAL F 5 20.08 6.48 -5.01
HB1 DAL F 5 21.94 8.59 -4.21
HB2 DAL F 5 22.11 6.88 -4.53
HB3 DAL F 5 21.59 7.41 -2.94
N ALA G 1 -1.77 -20.67 -0.33
CA ALA G 1 -1.49 -21.12 -1.73
C ALA G 1 -2.55 -20.62 -2.71
N DGL G 2 -3.70 -21.40 -2.67
CA DGL G 2 -4.94 -21.00 -3.46
C DGL G 2 -5.48 -19.54 -3.15
O DGL G 2 -5.17 -19.11 -1.97
CB DGL G 2 -4.54 -20.90 -4.99
CG DGL G 2 -4.01 -22.24 -5.64
CD DGL G 2 -2.58 -22.14 -6.24
OE1 DGL G 2 -2.25 -22.84 -7.20
H DGL G 2 -3.77 -22.06 -1.97
HB2 DGL G 2 -3.80 -20.15 -5.10
HB3 DGL G 2 -5.45 -20.61 -5.53
HG2 DGL G 2 -4.69 -22.54 -6.45
HG3 DGL G 2 -4.01 -23.05 -4.90
N LYS G 3 -1.76 -21.29 -5.66
CA LYS G 3 -0.37 -21.08 -6.07
C LYS G 3 -0.19 -20.43 -7.49
N DAL G 4 -0.53 -19.09 -7.42
CA DAL G 4 -0.47 -17.92 -8.45
CB DAL G 4 -1.52 -17.94 -9.77
C DAL G 4 1.18 -17.57 -8.39
O DAL G 4 1.97 -17.90 -9.28
H DAL G 4 -0.85 -18.83 -6.55
HA DAL G 4 -0.25 -18.19 -8.95
HB1 DAL G 4 -1.15 -18.57 -10.56
HB2 DAL G 4 -1.64 -16.92 -10.19
HB3 DAL G 4 -2.52 -18.27 -9.48
N DAL G 5 1.58 -16.94 -7.16
CA DAL G 5 3.04 -16.34 -7.02
CB DAL G 5 3.17 -15.44 -8.15
C DAL G 5 3.71 -17.74 -7.06
O DAL G 5 3.26 -18.78 -6.35
OXT DAL G 5 4.85 -17.83 -7.55
H DAL G 5 0.86 -16.88 -6.51
HA DAL G 5 3.98 -16.27 -6.35
HB1 DAL G 5 2.71 -15.89 -9.00
HB2 DAL G 5 4.21 -15.33 -8.28
HB3 DAL G 5 2.73 -14.45 -7.97
N ALA H 1 -9.36 18.04 -4.74
CA ALA H 1 -8.60 19.29 -4.88
C ALA H 1 -9.22 20.41 -4.03
N DGL H 2 -8.61 21.60 -4.09
CA DGL H 2 -9.17 22.82 -3.42
C DGL H 2 -10.61 23.02 -4.02
O DGL H 2 -11.56 23.17 -3.25
CB DGL H 2 -9.26 22.52 -1.83
CG DGL H 2 -8.16 23.22 -0.91
CD DGL H 2 -6.80 22.50 -0.99
OE1 DGL H 2 -5.77 23.13 -1.23
H DGL H 2 -7.79 21.69 -4.63
HA DGL H 2 -9.44 22.49 -3.36
HB2 DGL H 2 -9.15 21.47 -1.71
HB3 DGL H 2 -10.23 22.83 -1.49
HG2 DGL H 2 -8.51 23.17 0.11
HG3 DGL H 2 -8.02 24.26 -1.18
N LYS H 3 -6.80 21.19 -0.79
CA LYS H 3 -5.61 20.36 -0.84
C LYS H 3 -4.63 20.57 0.35
N DAL H 4 -5.17 20.04 1.50
CA DAL H 4 -4.53 19.87 2.92
CB DAL H 4 -4.61 21.17 4.03
C DAL H 4 -3.13 18.97 2.58
O DAL H 4 -2.09 19.51 2.24
H DAL H 4 -6.08 19.70 1.40
HA DAL H 4 -4.16 20.27 2.85
HB1 DAL H 4 -3.92 21.96 3.76
HB2 DAL H 4 -4.35 20.84 5.05
HB3 DAL H 4 -5.63 21.60 4.10
N DAL H 5 -3.40 17.59 2.52
CA DAL H 5 -2.45 16.30 2.54
CB DAL H 5 -1.62 16.85 3.74
C DAL H 5 -1.69 16.80 1.13
O DAL H 5 -2.32 17.15 0.04
OXT DAL H 5 -0.45 16.59 1.04
H DAL H 5 -4.37 17.42 2.55
HA DAL H 5 -1.65 15.52 2.20
HB1 DAL H 5 -1.62 17.94 3.78
HB2 DAL H 5 -0.62 16.52 3.61
HB3 DAL H 5 -2.00 16.45 4.67
C1 MUB I . 7.92 -8.45 5.93
C2 MUB I . 8.50 -8.86 7.27
C3 MUB I . 10.02 -8.75 7.19
C4 MUB I . 10.60 -9.53 6.00
C5 MUB I . 9.98 -8.98 4.73
C6 MUB I . 9.32 -10.06 3.90
C7 MUB I . 8.59 -6.77 8.46
C8 MUB I . 8.09 -5.82 9.58
C9 MUB I . 10.14 -10.45 8.86
C10 MUB I . 11.05 -11.65 8.67
C11 MUB I . 8.87 -10.53 9.80
O1 MUB I . 7.06 -7.38 6.16
O3 MUB I . 10.62 -9.17 8.43
O4 MUB I . 12.06 -9.43 5.98
O5 MUB I . 8.98 -7.98 5.05
O6 MUB I . 10.10 -11.25 3.91
O7 MUB I . 9.43 -6.38 7.64
O10 MUB I . 11.25 -12.42 9.60
N2 MUB I . 8.03 -7.97 8.33
H1 MUB I . 7.46 -9.29 5.39
H2 MUB I . 8.08 -9.87 7.44
HN2 MUB I . 7.37 -8.27 8.99
H81 MUB I . 7.04 -5.64 9.44
H82 MUB I . 8.61 -4.87 9.51
H83 MUB I . 8.30 -6.27 10.53
H3 MUB I . 10.30 -7.70 7.06
H9 MUB I . 9.83 -10.82 7.90
H111 MUB I . 8.98 -9.85 10.65
H112 MUB I . 8.79 -11.50 10.18
H113 MUB I . 7.96 -10.32 9.21
H4 MUB I . 10.46 -10.62 6.20
H5 MUB I . 10.66 -8.57 4.00
H61 MUB I . 9.34 -9.76 2.84
H62 MUB I . 8.27 -10.31 4.20
HO6 MUB I . 10.96 -11.18 3.43
C1 NAG I . 12.58 -8.19 6.51
C2 NAG I . 14.11 -8.18 6.39
C3 NAG I . 14.66 -6.89 6.97
C4 NAG I . 13.96 -5.68 6.34
C5 NAG I . 12.45 -5.81 6.39
C6 NAG I . 11.80 -4.71 5.57
C7 NAG I . 14.59 -9.54 8.33
C8 NAG I . 15.28 -10.81 8.84
N2 NAG I . 14.71 -9.34 7.04
O3 NAG I . 16.05 -6.80 6.70
O4 NAG I . 14.35 -4.50 7.03
O5 NAG I . 12.03 -7.07 5.82
O6 NAG I . 10.39 -4.83 5.54
O7 NAG I . 14.17 -8.69 9.11
H1 NAG I . 12.28 -8.24 7.56
H2 NAG I . 14.69 -8.36 5.52
H3 NAG I . 14.51 -6.84 8.05
H4 NAG I . 14.47 -5.59 5.34
H5 NAG I . 12.02 -5.70 7.38
H61 NAG I . 12.12 -4.79 4.52
H62 NAG I . 12.15 -3.71 5.88
H81 NAG I . 16.35 -10.70 8.72
H82 NAG I . 14.95 -11.66 8.26
H83 NAG I . 15.01 -10.97 9.88
HN2 NAG I . 15.04 -10.06 6.46
HO3 NAG I . 16.51 -7.43 7.27
HO4 NAG I . 15.31 -4.54 7.15
HO6 NAG I . 10.10 -5.46 6.22
C1 MUB J . 6.77 13.12 -5.03
C2 MUB J . 6.33 14.45 -5.67
C3 MUB J . 6.31 14.32 -7.21
C4 MUB J . 7.66 13.87 -7.74
C5 MUB J . 8.12 12.61 -7.00
C6 MUB J . 9.43 12.81 -6.24
C7 MUB J . 3.92 14.65 -5.93
C8 MUB J . 2.60 15.20 -5.38
C9 MUB J . 6.81 16.66 -7.59
C10 MUB J . 8.00 16.89 -8.54
C11 MUB J . 6.37 17.80 -6.61
O1 MUB J . 5.74 12.58 -4.23
O3 MUB J . 5.90 15.56 -7.83
O4 MUB J . 7.66 13.66 -9.18
O5 MUB J . 7.11 12.16 -6.05
O6 MUB J . 9.56 14.15 -5.80
O7 MUB J . 3.91 13.78 -6.80
O10 MUB J . 7.81 17.44 -9.62
N2 MUB J . 5.02 14.90 -5.21
H1 MUB J . 7.62 13.26 -4.34
H2 MUB J . 7.00 15.24 -5.31
HN2 MUB J . 4.99 15.61 -4.52
H81 MUB J . 2.42 14.76 -4.40
H82 MUB J . 1.79 14.93 -6.04
H83 MUB J . 2.67 16.28 -5.32
H3 MUB J . 5.47 13.67 -7.52
H9 MUB J . 7.55 16.08 -7.07
H111 MUB J . 5.33 18.09 -6.81
H112 MUB J . 6.97 18.62 -6.75
H113 MUB J . 6.51 17.45 -5.58
H4 MUB J . 8.35 14.72 -7.88
H5 MUB J . 8.37 11.84 -7.74
H61 MUB J . 10.23 12.67 -7.00
H62 MUB J . 9.54 12.06 -5.43
HO6 MUB J . 10.51 14.38 -5.63
C1 NAG J . 6.40 13.30 -9.77
C2 NAG J . 6.58 13.01 -11.26
C3 NAG J . 5.24 12.62 -11.90
C4 NAG J . 4.58 11.50 -11.10
C5 NAG J . 4.50 11.86 -9.62
C6 NAG J . 3.93 10.72 -8.79
C7 NAG J . 6.63 15.34 -11.96
C8 NAG J . 7.45 16.39 -12.72
N2 NAG J . 7.19 14.14 -11.94
O3 NAG J . 5.48 12.18 -13.23
O4 NAG J . 3.27 11.27 -11.61
O5 NAG J . 5.81 12.15 -9.11
O6 NAG J . 4.96 9.90 -8.27
O7 NAG J . 5.42 15.52 -11.77
H1 NAG J . 5.76 14.17 -9.60
H2 NAG J . 7.31 12.31 -11.62
H3 NAG J . 4.55 13.48 -11.94
H4 NAG J . 5.15 10.60 -11.41
H5 NAG J . 3.81 12.69 -9.40
H61 NAG J . 3.27 10.05 -9.38
H62 NAG J . 3.31 11.15 -7.99
H81 NAG J . 7.63 16.03 -13.74
H82 NAG J . 8.40 16.52 -12.23
H83 NAG J . 6.91 17.33 -12.72
HN2 NAG J . 8.15 14.07 -12.10
HO3 NAG J . 5.85 12.87 -13.78
HO4 NAG J . 3.31 11.27 -12.57
HO6 NAG J . 5.73 10.47 -8.17
C1 MUB K . -3.20 -16.55 2.21
C2 MUB K . -2.74 -17.94 2.66
C3 MUB K . -1.28 -18.13 2.24
C4 MUB K . -1.14 -18.01 0.71
C5 MUB K . -1.82 -16.72 0.26
C6 MUB K . -3.10 -17.03 -0.52
C7 MUB K . -1.87 -17.79 4.91
C8 MUB K . -2.05 -18.11 6.40
C9 MUB K . -1.48 -20.53 2.11
C10 MUB K . -1.04 -21.05 0.74
C11 MUB K . -2.43 -21.39 3.01
O1 MUB K . -3.48 -15.75 3.31
O3 MUB K . -0.78 -19.42 2.69
O4 MUB K . 0.24 -18.07 0.26
O5 MUB K . -2.19 -15.92 1.41
O6 MUB K . -3.61 -18.30 -0.15
O7 MUB K . -1.06 -16.93 4.57
O10 MUB K . -0.01 -21.72 0.65
N2 MUB K . -2.86 -18.17 4.09
H1 MUB K . -4.10 -16.58 1.61
H2 MUB K . -3.48 -18.62 2.20
HN2 MUB K . -3.50 -18.85 4.39
H81 MUB K . -2.14 -19.19 6.51
H82 MUB K . -2.92 -17.63 6.78
H83 MUB K . -1.17 -17.76 6.93
H3 MUB K . -0.62 -17.43 2.78
H9 MUB K . -2.12 -19.94 1.48
H111 MUB K . -1.92 -21.67 3.95
H112 MUB K . -2.67 -22.26 2.50
H113 MUB K . -3.35 -20.83 3.21
H4 MUB K . -1.37 -18.97 0.20
H5 MUB K . -1.22 -16.15 -0.45
H61 MUB K . -2.79 -17.18 -1.56
H62 MUB K . -3.89 -16.23 -0.50
HO6 MUB K . -4.27 -18.65 -0.79
C1 NAG K . 1.21 -17.81 1.30
C2 NAG K . 2.64 -17.89 0.72
C3 NAG K . 3.66 -17.61 1.80
C4 NAG K . 3.34 -16.30 2.54
C5 NAG K . 1.89 -16.28 3.01
C6 NAG K . 1.51 -14.94 3.61
C7 NAG K . 2.94 -20.31 0.79
C8 NAG K . 3.17 -21.56 -0.06
N2 NAG K . 2.86 -19.18 0.09
O3 NAG K . 4.96 -17.52 1.22
O4 NAG K . 4.21 -16.17 3.65
O5 NAG K . 1.00 -16.52 1.90
O6 NAG K . 1.57 -13.90 2.65
O7 NAG K . 3.15 -20.31 2.01
H1 NAG K . 1.04 -18.60 2.04
H2 NAG K . 2.92 -17.33 -0.14
H3 NAG K . 3.68 -18.41 2.55
H4 NAG K . 3.69 -15.52 1.81
H5 NAG K . 1.66 -16.99 3.82
H61 NAG K . 2.17 -14.63 4.44
H62 NAG K . 0.49 -15.04 4.02
H81 NAG K . 4.12 -21.46 -0.57
H82 NAG K . 2.38 -21.66 -0.77
H83 NAG K . 3.18 -22.43 0.60
HN2 NAG K . 2.69 -19.23 -0.87
HO3 NAG K . 5.60 -17.22 1.86
HO4 NAG K . 4.03 -16.88 4.26
HO6 NAG K . 0.81 -14.03 2.07
C1 MUB L . -8.49 12.32 -3.21
C2 MUB L . -9.51 13.21 -3.93
C3 MUB L . -9.00 13.54 -5.34
C4 MUB L . -7.54 14.02 -5.33
C5 MUB L . -6.65 12.97 -4.66
C6 MUB L . -5.83 13.56 -3.51
C7 MUB L . -11.16 11.82 -5.02
C8 MUB L . -12.58 11.23 -5.03
C9 MUB L . -10.02 15.71 -5.17
C10 MUB L . -9.10 16.90 -5.42
C11 MUB L . -11.33 15.90 -4.34
O1 MUB L . -9.15 11.21 -2.69
O3 MUB L . -9.86 14.51 -5.97
O4 MUB L . -7.07 14.32 -6.67
O5 MUB L . -7.46 11.88 -4.12
O6 MUB L . -6.52 14.66 -2.90
O7 MUB L . -10.33 11.43 -5.85
O10 MUB L . -8.11 16.76 -6.15
N2 MUB L . -10.83 12.61 -4.00
H1 MUB L . -8.02 12.83 -2.36
H2 MUB L . -9.65 14.08 -3.27
HN2 MUB L . -11.52 12.88 -3.36
H81 MUB L . -12.70 10.61 -4.14
H82 MUB L . -12.72 10.65 -5.91
H83 MUB L . -13.29 12.06 -5.02
H3 MUB L . -9.17 12.66 -5.99
H9 MUB L . -9.23 15.48 -4.46
H111 MUB L . -12.23 15.74 -4.98
H112 MUB L . -11.38 16.87 -3.98
H113 MUB L . -11.32 15.22 -3.49
H4 MUB L . -7.47 15.08 -5.04
H5 MUB L . -5.89 12.61 -5.34
H61 MUB L . -4.94 14.04 -3.98
H62 MUB L . -5.49 12.81 -2.76
HO6 MUB L . -6.16 15.51 -3.16
C1 NAG L . -7.68 13.54 -7.72
C2 NAG L . -6.96 13.81 -9.05
C3 NAG L . -7.60 13.01 -10.17
C4 NAG L . -7.68 11.53 -9.78
C5 NAG L . -8.35 11.36 -8.41
C6 NAG L . -8.34 9.91 -7.96
C7 NAG L . -8.09 15.92 -9.42
C8 NAG L . -7.88 17.41 -9.72
N2 NAG L . -6.96 15.23 -9.34
O3 NAG L . -6.79 13.13 -11.35
O4 NAG L . -8.43 10.82 -10.77
O5 NAG L . -7.65 12.14 -7.42
O6 NAG L . -7.03 9.50 -7.61
O7 NAG L . -9.17 15.40 -9.68
H1 NAG L . -8.71 13.89 -7.76
H2 NAG L . -5.90 13.74 -9.19
H3 NAG L . -8.60 13.35 -10.40
H4 NAG L . -6.63 11.17 -9.90
H5 NAG L . -9.43 11.61 -8.40
H61 NAG L . -8.68 9.21 -8.74
H62 NAG L . -9.04 9.82 -7.11
H81 NAG L . -7.36 17.51 -10.66
H82 NAG L . -7.28 17.85 -8.94
H83 NAG L . -8.84 17.91 -9.75
HN2 NAG L . -6.14 15.71 -9.14
HO3 NAG L . -7.08 12.51 -12.02
HO4 NAG L . -9.33 11.15 -10.76
HO6 NAG L . -6.72 10.11 -6.94
P 2PO M . 5.51 -7.55 6.61
O1P 2PO M . 5.19 -6.61 7.70
O2P 2PO M . 5.11 -8.98 6.70
O3P 2PO M . 4.90 -6.89 5.38
P 2PO N . 5.67 -5.58 4.93
O1P 2PO N . 4.85 -5.04 3.85
O2P 2PO N . 6.00 -4.72 6.11
O3P 2PO N . 7.01 -6.29 4.43
C1 P1W O . 7.40 -6.32 3.07
C2 P1W O . 8.34 -5.18 2.91
C3 P1W O . 9.19 -4.96 1.96
C4 P1W O . 10.02 -3.72 2.06
C5 P1W O . 9.43 -5.83 0.77
H12 P1W O . 7.89 -7.26 2.85
H11 P1W O . 6.52 -6.19 2.45
H2 P1W O . 8.10 -4.36 3.50
H41 P1W O . 10.29 -3.58 3.10
H42 P1W O . 10.89 -3.82 1.46
H51 P1W O . 8.49 -6.01 0.25
H52 P1W O . 9.85 -6.77 1.08
H53 P1W O . 10.12 -5.33 0.09
C1 P1W P . 9.20 -2.51 1.61
C2 P1W P . 8.77 -2.65 0.16
C3 P1W P . 8.18 -1.65 -0.56
C4 P1W P . 7.77 -1.80 -2.00
C5 P1W P . 7.85 -0.26 0.01
H12 P1W P . 9.83 -1.64 1.71
H11 P1W P . 8.33 -2.41 2.24
H2 P1W P . 8.69 -3.68 -0.18
H41 P1W P . 7.48 -0.84 -2.41
H42 P1W P . 8.60 -2.19 -2.58
H51 P1W P . 7.09 0.19 -0.60
H52 P1W P . 8.75 0.34 -0.02
H53 P1W P . 7.51 -0.36 1.02
C1 P1W Q . 0.76 8.06 -7.05
C2 P1W Q . 1.52 9.37 -6.98
C3 P1W Q . 2.01 9.86 -5.83
C4 P1W Q . 2.79 11.18 -5.69
C5 P1W Q . 1.83 9.11 -4.54
H12 P1W Q . 1.04 7.44 -6.20
H11 P1W Q . -0.29 8.26 -7.00
H2 P1W Q . 1.55 9.94 -7.89
H43 P1W Q . 3.81 11.04 -6.04
H41 P1W Q . 2.81 11.46 -4.65
H42 P1W Q . 2.30 11.96 -6.26
H51 P1W Q . 0.78 8.91 -4.40
H52 P1W Q . 2.21 9.71 -3.73
H53 P1W Q . 2.37 8.18 -4.59
C1 P1W R . 6.60 -2.77 -2.14
C2 P1W R . 6.02 -2.65 -3.52
C3 P1W R . 4.73 -2.34 -3.74
C4 P1W R . 4.13 -2.22 -5.13
C5 P1W R . 3.76 -2.03 -2.61
H12 P1W R . 5.84 -2.53 -1.41
H11 P1W R . 6.95 -3.77 -2.00
H2 P1W R . 6.58 -3.15 -4.28
H43 P1W R . 4.91 -2.10 -5.86
H41 P1W R . 3.47 -1.37 -5.15
H42 P1W R . 3.56 -3.12 -5.34
H51 P1W R . 4.09 -1.16 -2.06
H52 P1W R . 3.71 -2.87 -1.93
H53 P1W R . 2.78 -1.85 -3.02
P 2PO S . 5.52 13.00 -2.66
O1P 2PO S . 4.42 14.02 -2.61
O2P 2PO S . 6.83 13.39 -2.07
O3P 2PO S . 5.00 11.63 -1.93
P 2PO T . 5.45 10.15 -2.45
O1P 2PO T . 6.74 9.69 -1.84
O2P 2PO T . 4.27 9.26 -2.33
O3P 2PO T . 5.72 10.49 -3.97
C1 P1W U . 6.35 9.52 -4.80
C2 P1W U . 5.41 8.37 -4.92
C3 P1W U . 5.67 7.20 -5.53
C4 P1W U . 4.62 6.11 -5.56
C5 P1W U . 7.02 6.88 -6.20
H12 P1W U . 6.53 9.96 -5.77
H11 P1W U . 7.28 9.22 -4.35
H2 P1W U . 4.48 8.51 -4.39
H41 P1W U . 4.95 5.26 -4.98
H42 P1W U . 3.71 6.50 -5.12
H51 P1W U . 7.83 7.07 -5.50
H52 P1W U . 7.15 7.52 -7.07
H53 P1W U . 7.04 5.85 -6.51
C1 P1W V . 1.11 -11.32 0.47
C2 P1W V . 1.83 -10.28 -0.34
C3 P1W V . 3.14 -10.29 -0.55
C4 P1W V . 3.82 -9.22 -1.35
C5 P1W V . 4.07 -11.38 -0.01
H12 P1W V . 1.18 -12.27 -0.03
H11 P1W V . 1.57 -11.38 1.45
H2 P1W V . 1.25 -9.39 -0.52
H41 P1W V . 3.13 -8.41 -1.52
H42 P1W V . 4.67 -8.86 -0.80
H51 P1W V . 4.27 -11.20 1.04
H52 P1W V . 5.00 -11.36 -0.55
H53 P1W V . 3.60 -12.35 -0.13
C1 P1W W . 4.27 -9.80 -2.68
C2 P1W W . 4.29 -8.74 -3.75
C3 P1W W . 3.38 -8.64 -4.72
C4 P1W W . 3.40 -7.54 -5.79
C5 P1W W . 2.22 -9.62 -4.86
H12 P1W W . 3.59 -10.59 -2.97
H11 P1W W . 5.26 -10.20 -2.56
H2 P1W W . 5.05 -7.97 -3.62
H43 P1W W . 3.46 -7.99 -6.77
H41 P1W W . 4.27 -6.91 -5.63
H42 P1W W . 2.50 -6.95 -5.72
H51 P1W W . 2.60 -10.59 -5.13
H52 P1W W . 1.54 -9.27 -5.61
H53 P1W W . 1.71 -9.70 -3.91
C1 P1W X . -7.01 4.87 -10.42
C2 P1W X . -5.87 3.94 -10.16
C3 P1W X . -4.88 4.24 -9.29
C4 P1W X . -3.68 3.32 -9.00
C5 P1W X . -4.87 5.53 -8.51
H12 P1W X . -7.05 5.64 -9.66
H11 P1W X . -6.89 5.33 -11.39
H2 P1W X . -5.97 2.95 -10.57
H43 P1W X . -3.57 3.21 -7.93
H41 P1W X . -2.79 3.76 -9.40
H42 P1W X . -3.84 2.36 -9.46
H51 P1W X . -3.96 5.60 -7.96
H52 P1W X . -5.71 5.51 -7.82
H53 P1W X . -4.97 6.36 -9.18
C1 P1W Y . 4.28 5.66 -6.97
C2 P1W Y . 2.89 6.09 -7.23
C3 P1W Y . 2.51 6.87 -8.23
C4 P1W Y . 1.09 7.30 -8.34
C5 P1W Y . 3.46 7.39 -9.32
H12 P1W Y . 4.37 4.59 -7.05
H11 P1W Y . 4.94 6.14 -7.67
H2 P1W Y . 2.23 5.96 -6.38
H41 P1W Y . 0.96 7.95 -9.19
H42 P1W Y . 0.45 6.43 -8.42
H51 P1W Y . 3.93 6.55 -9.83
H52 P1W Y . 4.23 7.99 -8.86
H53 P1W Y . 2.91 7.98 -10.03
P 2PO Z . -4.99 -15.69 3.86
O1P 2PO Z . -5.03 -15.06 5.19
O2P 2PO Z . -5.60 -17.04 3.71
O3P 2PO Z . -5.72 -14.72 2.80
P 2PO AA . -5.32 -13.17 2.69
O1P 2PO AA . -6.14 -12.57 1.63
O2P 2PO AA . -5.37 -12.57 4.04
O3P 2PO AA . -3.78 -13.21 2.18
C1 P1W BA . -2.72 -12.83 3.07
C2 P1W BA . -1.83 -11.82 2.36
C3 P1W BA . -1.19 -12.03 1.20
C4 P1W BA . -0.34 -10.92 0.63
C5 P1W BA . -1.31 -13.30 0.35
H12 P1W BA . -3.13 -12.36 3.95
H11 P1W BA . -2.14 -13.69 3.35
H2 P1W BA . -2.03 -10.81 2.66
H41 P1W BA . -0.73 -10.62 -0.33
H42 P1W BA . -0.39 -10.07 1.31
H51 P1W BA . -2.32 -13.69 0.43
H52 P1W BA . -0.61 -14.04 0.71
H53 P1W BA . -1.11 -13.06 -0.68
P 2PO CA . -9.98 11.30 -1.30
O1P 2PO CA . -11.43 11.11 -1.57
O2P 2PO CA . -9.55 12.51 -0.57
O3P 2PO CA . -9.43 10.03 -0.51
P 2PO DA . -9.12 8.71 -1.32
O1P 2PO DA . -7.87 8.11 -0.82
O2P 2PO DA . -10.36 7.90 -1.37
O3P 2PO DA . -8.83 9.30 -2.78
C1 P1W EA . -8.22 8.46 -3.72
C2 P1W EA . -9.27 7.98 -4.67
C3 P1W EA . -8.97 7.22 -5.72
C4 P1W EA . -10.03 6.72 -6.66
C5 P1W EA . -7.57 6.79 -6.01
H12 P1W EA . -7.43 8.98 -4.24
H11 P1W EA . -7.81 7.60 -3.21
H2 P1W EA . -10.23 7.85 -4.22
H41 P1W EA . -10.99 6.81 -6.17
H42 P1W EA . -10.04 7.33 -7.55
H51 P1W EA . -7.35 5.88 -5.47
H52 P1W EA . -6.88 7.57 -5.70
H53 P1W EA . -7.46 6.61 -7.07
C1 P1W FA . -9.81 5.26 -7.04
C2 P1W FA . -9.38 5.19 -8.46
C3 P1W FA . -8.81 4.11 -8.98
C4 P1W FA . -8.33 4.09 -10.39
C5 P1W FA . -8.58 2.83 -8.20
H12 P1W FA . -10.72 4.69 -6.92
H11 P1W FA . -9.03 4.84 -6.42
H2 P1W FA . -9.20 6.15 -8.90
H41 P1W FA . -8.16 3.08 -10.72
H42 P1W FA . -9.06 4.58 -11.04
H51 P1W FA . -8.62 1.99 -8.88
H52 P1W FA . -9.36 2.72 -7.44
H53 P1W FA . -7.62 2.86 -7.72
N ZAE A 1 11.95 13.60 4.25
CA ZAE A 1 11.53 13.70 2.84
C ZAE A 1 10.31 12.83 2.58
O ZAE A 1 9.21 13.12 3.05
CB ZAE A 1 11.19 15.15 2.47
CG ZAE A 1 11.34 15.44 1.00
CD1 ZAE A 1 10.27 15.35 0.14
CD2 ZAE A 1 12.58 15.82 0.49
CE1 ZAE A 1 10.42 15.62 -1.21
CE2 ZAE A 1 12.73 16.10 -0.86
CZ ZAE A 1 11.65 16.00 -1.70
C10 ZAE A 1 13.31 14.17 4.43
H ZAE A 1 11.98 12.61 4.55
HA ZAE A 1 12.34 13.36 2.20
HB2 ZAE A 1 10.17 15.35 2.74
HB3 ZAE A 1 11.84 15.81 3.00
HD1 ZAE A 1 9.30 15.06 0.52
HD2 ZAE A 1 13.43 15.89 1.15
HE1 ZAE A 1 9.56 15.55 -1.89
HE2 ZAE A 1 13.69 16.39 -1.24
HZ ZAE A 1 11.77 16.22 -2.75
H11 ZAE A 1 13.58 14.11 5.48
H12 ZAE A 1 13.31 15.20 4.13
H13 ZAE A 1 14.01 13.61 3.84
HN2 ZAE A 1 11.25 14.11 4.86
N ILE A 2 10.52 11.74 1.86
CA ILE A 2 9.42 10.86 1.54
C ILE A 2 9.71 9.40 2.01
N SER A 3 8.82 8.78 2.82
CA SER A 3 9.14 7.46 3.32
C SER A 3 7.86 6.70 3.70
N DGN A 4 8.01 5.42 3.97
CA DGN A 4 6.91 4.55 4.32
C DGN A 4 7.29 3.13 4.02
O DGN A 4 8.42 2.84 3.61
CB DGN A 4 6.44 4.70 5.79
CG DGN A 4 7.44 4.28 6.87
CD DGN A 4 8.66 5.18 6.92
OE1 DGN A 4 8.62 6.28 7.45
NE2 DGN A 4 9.75 4.69 6.37
H DGN A 4 8.91 5.02 3.88
HA DGN A 4 6.09 4.80 3.67
HB2 DGN A 4 5.55 4.09 5.92
HB3 DGN A 4 6.17 5.73 5.96
HG2 DGN A 4 7.76 3.28 6.67
HG3 DGN A 4 6.95 4.32 7.83
HE21 DGN A 4 9.69 3.80 5.95
HE22 DGN A 4 10.57 5.22 6.42
N 28J A 5 6.32 2.24 4.18
CA 28J A 5 6.57 0.85 3.93
CB 28J A 5 7.34 0.63 2.61
CG2 28J A 5 8.43 -0.42 2.81
CG1 28J A 5 6.39 0.23 1.48
CD1 28J A 5 7.06 0.00 0.15
C 28J A 5 5.30 0.02 3.89
O 28J A 5 4.15 0.56 3.94
HA 28J A 5 7.19 0.47 4.73
H22 28J A 5 7.83 1.56 2.35
H23 28J A 5 8.95 -0.58 1.88
H24 28J A 5 7.98 -1.35 3.12
H25 28J A 5 9.13 -0.08 3.55
H26 28J A 5 5.88 -0.68 1.76
H27 28J A 5 5.66 1.02 1.35
H28 28J A 5 6.32 -0.17 -0.61
H29 28J A 5 7.70 -0.86 0.22
H30 28J A 5 7.65 0.87 -0.11
N ILE A 6 5.53 -1.28 3.85
CA ILE A 6 4.52 -2.30 3.78
C ILE A 6 4.73 -3.29 4.92
N SER A 7 3.63 -3.60 5.63
CA SER A 7 3.61 -4.63 6.72
C SER A 7 2.20 -5.03 7.08
N DTH A 8 2.08 -5.94 8.08
CA DTH A 8 0.77 -6.42 8.59
CB DTH A 8 0.62 -6.26 10.13
CG2 DTH A 8 1.21 -4.94 10.61
OG1 DTH A 8 1.25 -7.35 10.83
C DTH A 8 0.53 -7.89 8.24
O DTH A 8 -0.60 -8.35 8.27
H DTH A 8 2.89 -6.34 8.46
HA DTH A 8 0.01 -5.83 8.12
HB DTH A 8 -0.44 -6.25 10.37
HG21 DTH A 8 2.25 -4.89 10.33
HG22 DTH A 8 1.13 -4.88 11.68
HG23 DTH A 8 0.68 -4.11 10.17
N ALA A 9 1.61 -8.60 7.96
CA ALA A 9 1.49 -10.00 7.61
C ALA A 9 1.06 -10.84 8.76
N EI4 A 10 1.95 -10.99 9.71
CA EI4 A 10 1.58 -11.82 10.80
CB EI4 A 10 2.71 -12.81 11.16
CG EI4 A 10 2.58 -13.41 12.55
CD2 EI4 A 10 2.76 -15.02 12.46
NE2 EI4 A 10 4.00 -15.25 13.29
CE1 EI4 A 10 4.49 -14.10 13.84
ND1 EI4 A 10 3.73 -13.01 13.42
NT EI4 A 10 5.41 -14.03 14.74
C EI4 A 10 1.16 -10.92 11.93
O EI4 A 10 0.25 -11.23 12.70
H EI4 A 10 2.79 -10.47 9.71
HA EI4 A 10 0.72 -12.39 10.49
HB EI4 A 10 3.66 -12.30 11.07
HBA EI4 A 10 2.68 -13.61 10.43
HG1 EI4 A 10 1.64 -13.12 13.00
HD2 EI4 A 10 2.92 -15.33 11.44
HE EI4 A 10 4.38 -16.15 13.42
HND1 EI4 A 10 3.90 -12.09 13.71
HD1 EI4 A 10 1.91 -15.51 12.91
H1 EI4 A 10 5.78 -14.87 15.16
HH12 EI4 A 10 5.81 -13.16 15.00
N ILE A 11 1.81 -9.78 11.95
CA ILE A 11 1.54 -8.75 12.90
C ILE A 11 0.85 -7.58 12.21
N ZAE B 1 -5.17 -9.49 4.83
CA ZAE B 1 -3.92 -9.58 3.99
C ZAE B 1 -2.78 -8.58 4.28
O ZAE B 1 -2.28 -8.58 5.38
CB ZAE B 1 -3.35 -10.96 4.20
CG ZAE B 1 -2.92 -11.66 2.95
CD1 ZAE B 1 -1.60 -11.63 2.55
CD2 ZAE B 1 -3.85 -12.34 2.15
CE1 ZAE B 1 -1.19 -12.29 1.40
CE2 ZAE B 1 -3.44 -12.99 1.02
CZ ZAE B 1 -2.11 -12.96 0.62
C10 ZAE B 1 -6.05 -10.63 4.53
H ZAE B 1 -5.69 -8.63 4.66
HA ZAE B 1 -4.21 -9.49 2.96
HB2 ZAE B 1 -2.47 -10.88 4.84
HB3 ZAE B 1 -4.08 -11.57 4.69
HD1 ZAE B 1 -0.87 -11.12 3.16
HD2 ZAE B 1 -4.88 -12.36 2.44
HE1 ZAE B 1 -0.14 -12.28 1.11
HE2 ZAE B 1 -4.17 -13.52 0.41
HZ ZAE B 1 -1.80 -13.46 -0.27
H11 ZAE B 1 -7.09 -10.34 4.63
H12 ZAE B 1 -5.84 -11.43 5.23
H13 ZAE B 1 -5.86 -10.97 3.53
HN2 ZAE B 1 -4.91 -9.51 5.83
N ILE B 2 -2.31 -7.75 3.31
CA ILE B 2 -1.18 -6.83 3.57
C ILE B 2 -1.53 -5.33 3.28
N SER B 3 -0.89 -4.37 3.97
CA SER B 3 -1.30 -2.99 3.80
C SER B 3 -0.20 -2.05 4.22
N DGN B 4 -0.18 -0.87 3.56
CA DGN B 4 0.82 0.13 3.87
C DGN B 4 0.93 1.16 2.77
O DGN B 4 0.19 1.14 1.75
CB DGN B 4 0.58 0.73 5.26
CG DGN B 4 -0.65 1.63 5.43
CD DGN B 4 -1.95 0.85 5.49
OE1 DGN B 4 -2.37 0.40 6.57
NE2 DGN B 4 -2.60 0.68 4.35
H DGN B 4 -0.88 -0.68 2.84
HA DGN B 4 1.76 -0.39 3.88
HB2 DGN B 4 1.45 1.31 5.54
HB3 DGN B 4 0.47 -0.09 5.95
HG2 DGN B 4 -0.70 2.32 4.62
HG3 DGN B 4 -0.54 2.16 6.37
HE21 DGN B 4 -2.21 1.08 3.54
HE22 DGN B 4 -3.45 0.20 4.37
N 28J B 5 1.85 2.07 2.97
CA 28J B 5 2.06 3.06 1.95
CB 28J B 5 2.37 2.35 0.61
CG2 28J B 5 1.39 2.79 -0.45
CG1 28J B 5 3.83 2.54 0.17
CD1 28J B 5 4.17 1.71 -1.06
C 28J B 5 3.17 4.02 2.26
O 28J B 5 4.01 3.81 3.16
HA 28J B 5 1.16 3.60 1.82
H22 28J B 5 2.20 1.29 0.79
H23 28J B 5 0.43 2.34 -0.24
H24 28J B 5 1.73 2.47 -1.41
H25 28J B 5 1.30 3.87 -0.45
H26 28J B 5 4.01 3.58 -0.07
H27 28J B 5 4.49 2.22 0.96
H28 28J B 5 3.52 2.00 -1.87
H29 28J B 5 4.01 0.66 -0.83
H30 28J B 5 5.19 1.87 -1.34
N ILE B 6 3.09 5.11 1.49
CA ILE B 6 4.04 6.16 1.59
C ILE B 6 3.37 7.48 1.76
N SER B 7 3.91 8.18 2.78
CA SER B 7 3.54 9.53 3.18
C SER B 7 4.76 10.16 3.91
N DTH B 8 4.62 11.41 4.46
CA DTH B 8 5.68 12.06 5.30
CB DTH B 8 5.20 12.49 6.74
CG2 DTH B 8 4.46 11.35 7.43
OG1 DTH B 8 4.44 13.75 6.69
C DTH B 8 6.29 13.31 4.64
O DTH B 8 7.36 13.74 5.07
H DTH B 8 3.83 11.92 4.23
HA DTH B 8 6.46 11.33 5.43
HB DTH B 8 6.10 12.67 7.30
HG21 DTH B 8 3.56 11.11 6.88
HG22 DTH B 8 4.19 11.64 8.43
HG23 DTH B 8 5.10 10.48 7.47
N ALA B 9 5.61 13.93 3.70
CA ALA B 9 6.12 15.12 3.04
C ALA B 9 6.06 16.33 3.90
N EI4 B 10 4.86 16.75 4.15
CA EI4 B 10 4.67 17.95 4.89
CB EI4 B 10 3.47 18.71 4.31
CG EI4 B 10 2.98 19.83 5.22
CD2 EI4 B 10 3.72 21.22 4.87
NE2 EI4 B 10 2.60 22.07 4.36
CE1 EI4 B 10 1.36 21.45 4.48
ND1 EI4 B 10 1.54 20.16 4.94
NT EI4 B 10 0.21 22.06 4.41
C EI4 B 10 4.52 17.57 6.33
O EI4 B 10 5.06 18.20 7.23
H EI4 B 10 4.08 16.17 3.93
HA EI4 B 10 5.56 18.54 4.77
HB EI4 B 10 2.66 18.03 4.11
HBA EI4 B 10 3.79 19.16 3.38
HG1 EI4 B 10 3.08 19.54 6.25
HD2 EI4 B 10 4.47 21.08 4.11
HE EI4 B 10 2.72 22.99 4.05
HND1 EI4 B 10 0.80 19.54 5.09
HD1 EI4 B 10 4.16 21.66 5.77
H1 EI4 B 10 0.18 23.05 4.30
HH12 EI4 B 10 -0.63 21.53 4.47
N ILE B 11 3.82 16.47 6.48
CA ILE B 11 3.52 15.92 7.75
C ILE B 11 4.22 14.53 7.91
N ZAE C 1 -0.62 10.61 0.85
CA ZAE C 1 0.09 10.37 -0.43
C ZAE C 1 -0.30 9.07 -1.08
O ZAE C 1 -1.41 8.96 -1.60
CB ZAE C 1 -0.32 11.43 -1.41
CG ZAE C 1 0.85 11.87 -2.14
CD1 ZAE C 1 1.33 11.13 -3.20
CD2 ZAE C 1 1.50 13.01 -1.74
CE1 ZAE C 1 2.46 11.52 -3.84
CE2 ZAE C 1 2.62 13.40 -2.39
CZ ZAE C 1 3.11 12.66 -3.44
C10 ZAE C 1 -0.10 11.84 1.51
H ZAE C 1 -0.48 9.81 1.48
HA ZAE C 1 1.16 10.42 -0.29
HB2 ZAE C 1 -1.03 11.01 -2.12
HB3 ZAE C 1 -0.76 12.26 -0.90
HD1 ZAE C 1 0.80 10.23 -3.50
HD2 ZAE C 1 1.10 13.59 -0.91
HE1 ZAE C 1 2.85 10.94 -4.66
HE2 ZAE C 1 3.14 14.29 -2.07
HZ ZAE C 1 4.01 12.99 -3.94
H11 ZAE C 1 -0.78 12.13 2.29
H12 ZAE C 1 0.00 12.63 0.79
H13 ZAE C 1 0.88 11.63 1.94
HN2 ZAE C 1 -1.65 10.72 0.65
N ILE C 2 0.58 8.11 -1.18
CA ILE C 2 0.08 6.85 -1.73
C ILE C 2 -0.12 5.79 -0.65
N SER C 3 -1.21 5.00 -0.83
CA SER C 3 -1.61 3.95 0.07
C SER C 3 -2.46 2.90 -0.54
N DGN C 4 -2.60 1.82 0.17
CA DGN C 4 -3.52 0.84 -0.19
C DGN C 4 -2.92 -0.47 0.18
O DGN C 4 -1.79 -0.54 0.70
CB DGN C 4 -4.99 1.08 0.39
CG DGN C 4 -5.25 1.10 1.94
CD DGN C 4 -5.47 2.48 2.54
OE1 DGN C 4 -6.59 3.00 2.54
NE2 DGN C 4 -4.43 3.05 3.10
H DGN C 4 -1.89 1.59 0.85
HA DGN C 4 -3.60 0.84 -1.27
HB2 DGN C 4 -5.62 0.31 -0.01
HB3 DGN C 4 -5.34 2.02 0.01
HG2 DGN C 4 -4.44 0.61 2.46
HG3 DGN C 4 -6.16 0.54 2.11
HE21 DGN C 4 -3.59 2.56 3.10
HE22 DGN C 4 -4.54 3.94 3.49
N 28J C 5 -3.58 -1.45 -0.21
CA 28J C 5 -3.09 -2.75 0.12
CB 28J C 5 -1.65 -2.98 -0.42
CG2 28J C 5 -0.70 -3.35 0.71
CG1 28J C 5 -1.68 -4.03 -1.53
CD1 28J C 5 -0.32 -4.37 -2.09
C 28J C 5 -4.00 -3.80 -0.42
O 28J C 5 -4.76 -3.51 -1.35
HA 28J C 5 -3.06 -2.83 1.19
H22 28J C 5 -1.30 -2.04 -0.84
H23 28J C 5 -0.47 -2.47 1.29
H24 28J C 5 0.21 -3.76 0.30
H25 28J C 5 -1.17 -4.09 1.34
H26 28J C 5 -2.10 -4.94 -1.15
H27 28J C 5 -2.29 -3.68 -2.35
H28 28J C 5 -0.43 -4.75 -3.09
H29 28J C 5 0.15 -5.12 -1.47
H30 28J C 5 0.29 -3.48 -2.10
N ILE C 6 -3.83 -4.99 0.16
CA ILE C 6 -4.57 -6.18 -0.11
C ILE C 6 -5.26 -6.80 1.11
N SER C 7 -6.50 -7.26 0.93
CA SER C 7 -7.27 -8.04 1.97
C SER C 7 -8.51 -8.66 1.38
N DTH C 8 -9.27 -9.39 2.21
CA DTH C 8 -10.46 -10.06 1.68
CB DTH C 8 -11.82 -9.56 2.25
CG2 DTH C 8 -11.85 -8.04 2.34
OG1 DTH C 8 -12.08 -10.18 3.53
C DTH C 8 -10.36 -11.57 1.88
O DTH C 8 -11.04 -12.33 1.21
H DTH C 8 -9.04 -9.48 3.16
HA DTH C 8 -10.45 -9.89 0.60
HB DTH C 8 -12.58 -9.87 1.55
HG21 DTH C 8 -11.09 -7.71 3.01
HG22 DTH C 8 -12.82 -7.71 2.69
HG23 DTH C 8 -11.67 -7.61 1.36
N ALA C 9 -9.48 -12.01 2.78
CA ALA C 9 -9.31 -13.44 2.97
C ALA C 9 -10.52 -14.07 3.48
N EI4 C 10 -10.88 -13.68 4.65
CA EI4 C 10 -11.99 -14.29 5.22
CB EI4 C 10 -11.69 -14.68 6.68
CG EI4 C 10 -12.88 -15.26 7.39
CD2 EI4 C 10 -12.80 -16.88 7.36
NE2 EI4 C 10 -12.52 -17.20 8.80
CE1 EI4 C 10 -12.63 -16.09 9.62
ND1 EI4 C 10 -12.81 -14.97 8.85
NT EI4 C 10 -12.81 -16.14 10.90
C EI4 C 10 -13.12 -13.34 5.04
O EI4 C 10 -14.19 -13.66 4.50
H EI4 C 10 -10.44 -12.87 5.07
HA EI4 C 10 -12.19 -15.18 4.66
HB EI4 C 10 -11.34 -13.81 7.21
HBA EI4 C 10 -10.89 -15.42 6.66
HG1 EI4 C 10 -13.80 -14.88 6.98
HD2 EI4 C 10 -11.98 -17.23 6.76
HE EI4 C 10 -12.39 -18.12 9.14
HND1 EI4 C 10 -12.91 -14.07 9.23
HD1 EI4 C 10 -13.75 -17.31 7.05
H1 EI4 C 10 -12.91 -17.02 11.37
HH12 EI4 C 10 -12.83 -15.29 11.44
N ILE C 11 -12.82 -12.12 5.41
CA ILE C 11 -13.71 -11.02 5.30
C ILE C 11 -13.47 -10.29 3.97
N ZAE D 1 -13.66 -12.51 -2.89
CA ZAE D 1 -12.43 -13.15 -2.35
C ZAE D 1 -11.49 -12.11 -1.83
O ZAE D 1 -11.86 -11.25 -1.03
CB ZAE D 1 -12.76 -14.11 -1.22
CG ZAE D 1 -11.79 -15.24 -1.11
CD1 ZAE D 1 -10.63 -15.10 -0.37
CD2 ZAE D 1 -12.04 -16.45 -1.73
CE1 ZAE D 1 -9.73 -16.14 -0.25
CE2 ZAE D 1 -11.14 -17.49 -1.63
CZ ZAE D 1 -9.98 -17.33 -0.88
C10 ZAE D 1 -14.43 -13.46 -3.71
H ZAE D 1 -13.40 -11.71 -3.50
HA ZAE D 1 -11.96 -13.70 -3.15
HB2 ZAE D 1 -12.76 -13.57 -0.28
HB3 ZAE D 1 -13.75 -14.53 -1.37
HD1 ZAE D 1 -10.43 -14.16 0.13
HD2 ZAE D 1 -12.94 -16.56 -2.32
HE1 ZAE D 1 -8.82 -16.01 0.33
HE2 ZAE D 1 -11.35 -18.43 -2.13
HZ ZAE D 1 -9.28 -18.15 -0.79
H11 ZAE D 1 -15.35 -12.99 -4.04
H12 ZAE D 1 -14.65 -14.34 -3.13
H13 ZAE D 1 -13.85 -13.75 -4.58
HN2 ZAE D 1 -14.24 -12.15 -2.09
N ILE D 2 -10.27 -12.16 -2.31
CA ILE D 2 -9.27 -11.22 -1.90
C ILE D 2 -9.01 -10.17 -2.99
N SER D 3 -8.94 -8.89 -2.61
CA SER D 3 -8.68 -7.84 -3.54
C SER D 3 -8.04 -6.69 -2.86
N DGN D 4 -7.61 -5.75 -3.67
CA DGN D 4 -6.97 -4.55 -3.22
C DGN D 4 -6.12 -3.98 -4.31
O DGN D 4 -6.01 -4.55 -5.41
CB DGN D 4 -7.98 -3.52 -2.69
CG DGN D 4 -8.85 -2.82 -3.71
CD DGN D 4 -9.94 -3.71 -4.29
OE1 DGN D 4 -11.00 -3.87 -3.69
NE2 DGN D 4 -9.68 -4.26 -5.46
H DGN D 4 -7.73 -5.87 -4.64
HA DGN D 4 -6.32 -4.84 -2.42
HB2 DGN D 4 -7.42 -2.76 -2.16
HB3 DGN D 4 -8.63 -4.01 -1.98
HG2 DGN D 4 -8.24 -2.47 -4.53
HG3 DGN D 4 -9.33 -1.98 -3.24
HE21 DGN D 4 -8.82 -4.07 -5.89
HE22 DGN D 4 -10.38 -4.83 -5.85
N 28J D 5 -5.51 -2.89 -3.99
CA 28J D 5 -4.68 -2.18 -4.95
CB 28J D 5 -3.68 -3.14 -5.69
CG2 28J D 5 -3.66 -2.81 -7.18
CG1 28J D 5 -2.28 -3.03 -5.08
CD1 28J D 5 -1.28 -4.09 -5.51
C 28J D 5 -3.90 -1.06 -4.28
O 28J D 5 -4.01 -0.87 -3.06
HA 28J D 5 -5.33 -1.75 -5.69
H22 28J D 5 -4.04 -4.16 -5.58
H23 28J D 5 -3.52 -1.74 -7.31
H24 28J D 5 -4.59 -3.10 -7.65
H25 28J D 5 -2.85 -3.34 -7.65
H26 28J D 5 -1.87 -2.07 -5.35
H27 28J D 5 -2.37 -3.08 -4.00
H28 28J D 5 -1.32 -4.22 -6.58
H29 28J D 5 -1.51 -5.02 -5.02
H30 28J D 5 -0.29 -3.77 -5.23
N ILE D 6 -3.21 -0.29 -5.17
CA ILE D 6 -2.35 0.85 -4.83
C ILE D 6 -2.79 2.08 -5.63
N SER D 7 -3.17 3.13 -4.89
CA SER D 7 -3.54 4.46 -5.42
C SER D 7 -3.09 5.59 -4.49
N DTH D 8 -2.99 6.81 -5.01
CA DTH D 8 -2.54 7.95 -4.22
CB DTH D 8 -3.69 8.92 -3.86
CG2 DTH D 8 -4.96 8.17 -3.52
OG1 DTH D 8 -3.93 9.83 -4.96
C DTH D 8 -1.46 8.81 -4.94
O DTH D 8 -0.80 9.62 -4.28
H DTH D 8 -3.25 6.96 -5.95
HA DTH D 8 -2.15 7.55 -3.29
HB DTH D 8 -3.38 9.49 -2.99
HG21 DTH D 8 -5.28 7.62 -4.38
HG22 DTH D 8 -5.73 8.87 -3.23
HG23 DTH D 8 -4.76 7.49 -2.70
N ALA D 9 -1.31 8.69 -6.26
CA ALA D 9 -0.34 9.53 -6.99
C ALA D 9 -0.62 10.97 -6.82
N EI4 D 10 -1.53 11.44 -7.61
CA EI4 D 10 -1.81 12.82 -7.59
CB EI4 D 10 -1.93 13.37 -9.02
CG EI4 D 10 -2.71 14.66 -9.12
CD2 EI4 D 10 -1.82 15.82 -9.84
NE2 EI4 D 10 -2.54 16.02 -11.14
CE1 EI4 D 10 -3.72 15.29 -11.21
ND1 EI4 D 10 -3.84 14.51 -10.08
NT EI4 D 10 -4.63 15.43 -12.10
C EI4 D 10 -3.03 13.01 -6.74
O EI4 D 10 -3.23 14.06 -6.10
H EI4 D 10 -2.07 10.83 -8.17
HA EI4 D 10 -0.98 13.32 -7.10
HB EI4 D 10 -2.41 12.62 -9.64
HBA EI4 D 10 -0.92 13.53 -9.39
HG1 EI4 D 10 -3.07 14.98 -8.15
HD2 EI4 D 10 -0.81 15.48 -10.02
HE EI4 D 10 -2.23 16.64 -11.83
HND1 EI4 D 10 -4.61 13.92 -9.92
HD1 EI4 D 10 -1.82 16.73 -9.24
H1 EI4 D 10 -4.55 16.13 -12.79
HH12 EI4 D 10 -5.40 14.78 -12.12
N ILE D 11 -3.81 11.95 -6.69
CA ILE D 11 -5.00 11.90 -5.88
C ILE D 11 -4.78 10.97 -4.69
N ALA E 1 6.71 -16.83 12.02
CA ALA E 1 6.03 -18.17 12.19
C ALA E 1 5.02 -18.29 13.33
N DGL E 2 5.56 -17.88 14.46
CA DGL E 2 4.92 -17.88 15.74
C DGL E 2 5.74 -17.03 16.50
O DGL E 2 6.23 -16.08 15.90
CB DGL E 2 3.56 -17.18 15.80
CG DGL E 2 2.80 -17.41 17.06
CD DGL E 2 1.39 -16.85 17.03
OE1 DGL E 2 0.48 -17.40 17.66
H DGL E 2 6.28 -17.36 14.37
HB2 DGL E 2 2.94 -17.61 15.06
HB3 DGL E 2 3.70 -16.12 15.65
HG2 DGL E 2 3.30 -17.00 17.91
HG3 DGL E 2 2.70 -18.45 17.16
N LYS E 3 1.22 -15.80 16.27
CA LYS E 3 -0.04 -15.13 16.09
C LYS E 3 -0.49 -14.37 17.37
N DAL E 4 0.41 -13.36 17.65
CA DAL E 4 0.37 -12.21 18.68
CB DAL E 4 0.59 -12.72 20.28
C DAL E 4 -0.90 -11.34 18.05
O DAL E 4 -2.02 -11.48 18.50
H DAL E 4 1.21 -13.36 17.09
HA DAL E 4 -0.17 -12.22 19.06
HB1 DAL E 4 -0.18 -13.37 20.62
HB2 DAL E 4 0.66 -11.86 20.95
HB3 DAL E 4 1.56 -13.24 20.37
N DAL E 5 -0.56 -10.38 17.09
CA DAL E 5 -1.43 -9.29 16.36
CB DAL E 5 -1.84 -8.61 17.74
C DAL E 5 -2.45 -10.38 15.83
O DAL E 5 -1.94 -11.14 15.00
OXT DAL E 5 -3.70 -10.40 16.05
H DAL E 5 0.39 -10.38 16.85
HA DAL E 5 -2.34 -8.82 16.03
HB1 DAL E 5 -2.75 -7.99 17.68
HB2 DAL E 5 -1.02 -7.96 18.08
HB3 DAL E 5 -1.98 -9.38 18.43
N ALA F 1 0.19 21.94 -0.76
CA ALA F 1 0.62 23.33 -0.69
C ALA F 1 1.43 23.72 0.56
N DGL F 2 1.22 24.91 0.91
CA DGL F 2 1.78 25.54 1.91
C DGL F 2 1.24 24.74 3.16
O DGL F 2 2.03 24.64 4.13
CB DGL F 2 3.29 25.46 2.27
CG DGL F 2 3.99 25.76 1.02
CD DGL F 2 5.33 25.11 0.95
OE1 DGL F 2 6.33 25.78 0.77
H DGL F 2 0.41 25.37 0.66
HB2 DGL F 2 3.53 24.42 2.64
HB3 DGL F 2 3.48 26.15 3.10
HG2 DGL F 2 4.06 26.80 0.91
HG3 DGL F 2 3.36 25.35 0.22
N LYS F 3 5.32 23.80 1.09
CA LYS F 3 6.50 22.99 1.08
C LYS F 3 7.46 23.34 2.27
N DAL F 4 6.86 22.98 3.47
CA DAL F 4 7.45 22.96 4.90
CB DAL F 4 7.31 24.41 5.74
C DAL F 4 8.80 22.07 4.62
O DAL F 4 9.90 22.60 4.55
H DAL F 4 5.95 22.66 3.39
HA DAL F 4 7.95 23.31 4.92
HB1 DAL F 4 7.89 25.19 5.29
HB2 DAL F 4 7.64 24.29 6.78
HB3 DAL F 4 6.27 24.73 5.81
N DAL F 5 8.61 20.68 4.56
CA DAL F 5 9.66 19.62 4.37
CB DAL F 5 10.35 19.70 5.82
C DAL F 5 10.40 20.18 3.08
O DAL F 5 11.62 20.03 2.95
OXT DAL F 5 9.65 20.35 2.09
H DAL F 5 7.69 20.37 4.61
HA DAL F 5 10.54 19.53 4.38
HB1 DAL F 5 10.92 20.57 5.97
HB2 DAL F 5 11.04 18.80 5.92
HB3 DAL F 5 9.60 19.57 6.56
N ALA G 1 -9.24 -19.40 8.45
CA ALA G 1 -9.25 -20.56 7.52
C ALA G 1 -9.78 -20.11 6.19
N DGL G 2 -11.00 -20.25 6.06
CA DGL G 2 -11.78 -19.58 4.92
C DGL G 2 -10.95 -18.42 4.23
O DGL G 2 -10.89 -17.53 5.08
CB DGL G 2 -11.80 -20.53 3.69
CG DGL G 2 -10.91 -21.81 3.90
CD DGL G 2 -9.79 -21.86 2.86
OE1 DGL G 2 -9.34 -22.93 2.47
H DGL G 2 -11.67 -20.47 6.82
HB2 DGL G 2 -11.34 -20.00 2.82
HB3 DGL G 2 -12.78 -20.80 3.48
HG2 DGL G 2 -11.51 -22.70 3.81
HG3 DGL G 2 -10.46 -21.78 4.88
N LYS G 3 -9.38 -20.68 2.42
CA LYS G 3 -8.34 -20.52 1.45
C LYS G 3 -8.55 -21.37 0.16
N DAL G 4 -9.34 -20.69 -0.74
CA DAL G 4 -9.72 -21.03 -2.20
CB DAL G 4 -10.59 -22.45 -2.45
C DAL G 4 -8.35 -20.57 -2.97
O DAL G 4 -7.98 -21.27 -3.98
H DAL G 4 -9.71 -19.84 -0.43
HA DAL G 4 -9.41 -21.53 -2.25
HB1 DAL G 4 -9.99 -23.32 -2.28
HB2 DAL G 4 -11.01 -22.50 -3.45
HB3 DAL G 4 -11.45 -22.50 -1.76
N DAL G 5 -7.63 -19.44 -2.43
CA DAL G 5 -6.32 -18.99 -3.11
CB DAL G 5 -6.82 -18.68 -4.54
C DAL G 5 -5.47 -20.13 -3.14
O DAL G 5 -5.48 -20.66 -2.05
OXT DAL G 5 -4.43 -19.77 -3.72
H DAL G 5 -7.86 -19.10 -1.54
HA DAL G 5 -5.69 -18.03 -2.59
HB1 DAL G 5 -7.39 -19.58 -4.79
HB2 DAL G 5 -6.05 -18.52 -5.26
HB3 DAL G 5 -7.52 -17.82 -4.59
N ALA H 1 -8.06 12.14 -11.78
CA ALA H 1 -8.17 13.63 -11.63
C ALA H 1 -9.02 14.13 -10.48
N DGL H 2 -9.39 13.16 -9.70
CA DGL H 2 -10.20 13.27 -8.57
C DGL H 2 -10.20 11.95 -8.02
O DGL H 2 -10.83 11.82 -6.96
CB DGL H 2 -9.63 14.08 -7.40
CG DGL H 2 -10.68 14.53 -6.46
CD DGL H 2 -10.29 14.37 -5.00
OE1 DGL H 2 -10.10 15.36 -4.30
H DGL H 2 -8.95 12.40 -9.75
HA DGL H 2 -11.22 13.67 -8.83
HB2 DGL H 2 -9.21 14.99 -7.77
HB3 DGL H 2 -8.87 13.48 -6.85
HG2 DGL H 2 -11.60 14.01 -6.62
HG3 DGL H 2 -10.77 15.55 -6.63
N LYS H 3 -10.14 13.13 -4.58
CA LYS H 3 -9.78 12.80 -3.24
C LYS H 3 -10.98 13.02 -2.23
N DAL H 4 -11.31 11.82 -1.62
CA DAL H 4 -12.35 11.47 -0.48
CB DAL H 4 -13.73 12.37 -0.33
C DAL H 4 -11.29 11.15 0.73
O DAL H 4 -10.84 12.06 1.46
H DAL H 4 -10.80 11.04 -1.93
HA DAL H 4 -12.29 11.95 -0.21
HB1 DAL H 4 -14.26 12.35 -1.27
HB2 DAL H 4 -13.55 13.37 -0.03
HB3 DAL H 4 -14.38 11.89 0.43
N DAL H 5 -10.98 9.78 0.82
CA DAL H 5 -9.89 9.24 1.75
CB DAL H 5 -10.32 9.66 3.21
C DAL H 5 -8.49 9.72 1.73
O DAL H 5 -8.27 10.43 0.62
OXT DAL H 5 -7.64 9.04 2.13
H DAL H 5 -11.32 9.26 0.11
HA DAL H 5 -9.67 9.91 1.21
HB1 DAL H 5 -10.27 10.73 3.34
HB2 DAL H 5 -9.68 9.17 3.95
HB3 DAL H 5 -11.32 9.35 3.38
C1 MUB I . 6.00 -12.29 9.09
C2 MUB I . 7.21 -12.93 9.79
C3 MUB I . 7.70 -14.13 8.98
C4 MUB I . 6.56 -15.09 8.63
C5 MUB I . 5.48 -14.33 7.85
C6 MUB I . 4.10 -14.48 8.48
C7 MUB I . 9.14 -11.75 8.98
C8 MUB I . 10.25 -10.74 9.24
C9 MUB I . 8.31 -15.30 10.98
C10 MUB I . 7.67 -16.66 11.08
C11 MUB I . 8.76 -14.57 12.29
O1 MUB I . 6.24 -10.95 8.88
O3 MUB I . 8.75 -14.83 9.69
O4 MUB I . 7.03 -16.26 7.88
O5 MUB I . 5.78 -12.91 7.80
O6 MUB I . 3.23 -13.44 8.07
O7 MUB I . 9.00 -12.25 7.87
O10 MUB I . 7.97 -17.53 10.25
N2 MUB I . 8.28 -11.98 9.98
H1 MUB I . 5.10 -12.39 9.70
H2 MUB I . 6.85 -13.15 10.80
HN2 MUB I . 8.43 -11.57 10.86
H81 MUB I . 10.83 -11.06 10.09
H82 MUB I . 9.83 -9.77 9.43
H83 MUB I . 10.87 -10.69 8.34
H3 MUB I . 8.25 -13.78 8.08
H9 MUB I . 7.31 -15.02 10.82
H111 MUB I . 9.85 -14.42 12.28
H112 MUB I . 8.52 -15.16 13.10
H113 MUB I . 8.22 -13.62 12.38
H4 MUB I . 6.28 -15.72 9.50
H5 MUB I . 5.36 -14.70 6.90
H61 MUB I . 4.23 -14.31 9.56
H62 MUB I . 3.63 -15.49 8.36
HO6 MUB I . 3.54 -12.95 7.29
C1 NAG I . 8.21 -16.06 7.07
C2 NAG I . 8.43 -17.28 6.18
C3 NAG I . 9.71 -17.11 5.36
C4 NAG I . 9.67 -15.77 4.62
C5 NAG I . 9.36 -14.62 5.58
C6 NAG I . 9.22 -13.29 4.86
C7 NAG I . 9.41 -18.72 7.90
C8 NAG I . 9.26 -20.05 8.63
N2 NAG I . 8.47 -18.50 6.97
O3 NAG I . 9.83 -18.17 4.42
O4 NAG I . 10.92 -15.54 4.00
O5 NAG I . 8.12 -14.87 6.28
O6 NAG I . 7.98 -13.21 4.18
O7 NAG I . 10.50 -18.15 7.86
H1 NAG I . 9.00 -15.96 7.84
H2 NAG I . 7.62 -17.54 5.54
H3 NAG I . 10.62 -17.11 5.99
H4 NAG I . 8.98 -15.99 3.78
H5 NAG I . 10.17 -14.44 6.31
H61 NAG I . 9.99 -13.13 4.09
H62 NAG I . 9.33 -12.48 5.60
H81 NAG I . 9.30 -20.86 7.91
H82 NAG I . 8.32 -20.08 9.14
H83 NAG I . 10.07 -20.13 9.36
HN2 NAG I . 7.62 -18.98 7.04
HO3 NAG I . 10.54 -17.98 3.81
HO4 NAG I . 11.58 -15.38 4.67
HO6 NAG I . 7.30 -13.45 4.82
C1 MUB J . 1.23 17.55 0.98
C2 MUB J . 0.13 17.92 -0.04
C3 MUB J . 0.78 18.39 -1.38
C4 MUB J . 1.89 19.40 -1.10
C5 MUB J . 3.00 18.73 -0.29
C6 MUB J . 3.52 19.63 0.81
C7 MUB J . -0.49 15.88 -1.21
C8 MUB J . -1.50 14.74 -1.42
C9 MUB J . -0.97 20.03 -1.61
C10 MUB J . -0.54 21.48 -1.78
C11 MUB J . -2.31 19.78 -0.90
O1 MUB J . 1.00 16.26 1.50
O3 MUB J . -0.24 18.96 -2.26
O4 MUB J . 2.41 20.02 -2.33
O5 MUB J . 2.53 17.49 0.33
O6 MUB J . 2.47 20.11 1.62
O7 MUB J . 0.41 16.04 -2.02
O10 MUB J . -0.79 22.09 -2.84
N2 MUB J . -0.78 16.81 -0.30
H1 MUB J . 1.25 18.27 1.82
H2 MUB J . -0.56 18.65 0.38
HN2 MUB J . -1.52 16.67 0.35
H81 MUB J . -1.63 14.19 -0.49
H82 MUB J . -1.14 14.06 -2.18
H83 MUB J . -2.43 15.18 -1.74
H3 MUB J . 1.19 17.55 -1.96
H9 MUB J . -0.25 20.05 -0.85
H111 MUB J . -2.97 19.19 -1.54
H112 MUB J . -2.77 20.70 -0.72
H113 MUB J . -2.13 19.30 0.07
H4 MUB J . 1.54 20.41 -0.82
H5 MUB J . 3.82 18.52 -0.94
H61 MUB J . 3.85 20.53 0.24
H62 MUB J . 4.40 19.22 1.35
HO6 MUB J . 2.48 21.08 1.70
C1 NAG J . 2.39 19.22 -3.53
C2 NAG J . 3.08 19.99 -4.68
C3 NAG J . 3.01 19.17 -5.97
C4 NAG J . 3.55 17.77 -5.72
C5 NAG J . 2.83 17.13 -4.54
C6 NAG J . 3.34 15.76 -4.22
C7 NAG J . 1.20 21.40 -5.34
C8 NAG J . 0.69 22.84 -5.49
N2 NAG J . 2.45 21.28 -4.87
O3 NAG J . 3.78 19.80 -6.97
O4 NAG J . 3.36 16.96 -6.88
O5 NAG J . 2.99 17.94 -3.36
O6 NAG J . 4.50 15.82 -3.41
O7 NAG J . 0.63 20.48 -5.93
H1 NAG J . 1.29 19.10 -3.70
H2 NAG J . 4.10 20.24 -4.43
H3 NAG J . 1.97 19.07 -6.36
H4 NAG J . 4.65 17.93 -5.68
H5 NAG J . 1.76 16.98 -4.77
H61 NAG J . 3.60 15.19 -5.13
H62 NAG J . 2.49 15.26 -3.73
H81 NAG J . -0.33 22.81 -5.88
H82 NAG J . 1.31 23.37 -6.18
H83 NAG J . 0.71 23.32 -4.52
HN2 NAG J . 2.86 22.04 -4.42
HO3 NAG J . 3.41 20.67 -7.19
HO4 NAG J . 3.57 17.51 -7.63
HO6 NAG J . 4.60 16.77 -3.24
C1 MUB K . -8.48 -14.48 8.39
C2 MUB K . -8.73 -15.44 9.58
C3 MUB K . -7.55 -16.43 9.72
C4 MUB K . -7.31 -17.14 8.39
C5 MUB K . -7.00 -16.09 7.32
C6 MUB K . -7.90 -16.25 6.10
C7 MUB K . -7.93 -14.45 11.65
C8 MUB K . -8.27 -13.79 12.98
C9 MUB K . -8.96 -18.20 10.59
C10 MUB K . -8.87 -19.48 9.74
C11 MUB K . -10.20 -17.98 11.50
O1 MUB K . -8.52 -13.12 8.77
O3 MUB K . -7.78 -17.39 10.79
O4 MUB K . -6.26 -18.16 8.49
O5 MUB K . -7.17 -14.74 7.82
O6 MUB K . -9.26 -16.30 6.50
O7 MUB K . -6.79 -14.38 11.21
O10 MUB K . -8.38 -20.51 10.24
N2 MUB K . -8.97 -14.76 10.86
H1 MUB K . -9.25 -14.55 7.62
H2 MUB K . -9.69 -15.92 9.41
HN2 MUB K . -9.87 -14.83 11.24
H81 MUB K . -8.91 -14.45 13.55
H82 MUB K . -8.78 -12.86 12.82
H83 MUB K . -7.34 -13.60 13.52
H3 MUB K . -6.65 -15.93 10.14
H9 MUB K . -9.19 -17.71 9.67
H111 MUB K . -9.89 -17.92 12.56
H112 MUB K . -10.85 -18.80 11.42
H113 MUB K . -10.75 -17.09 11.18
H4 MUB K . -8.02 -17.96 8.20
H5 MUB K . -6.02 -16.20 6.97
H61 MUB K . -7.66 -17.25 5.69
H62 MUB K . -7.69 -15.44 5.37
HO6 MUB K . -9.84 -16.77 5.88
C1 NAG K . -5.14 -17.84 9.34
C2 NAG K . -4.04 -18.90 9.14
C3 NAG K . -2.85 -18.59 10.03
C4 NAG K . -2.42 -17.13 9.91
C5 NAG K . -3.60 -16.16 9.98
C6 NAG K . -3.18 -14.76 9.57
C7 NAG K . -5.00 -20.55 10.65
C8 NAG K . -5.50 -21.98 10.83
N2 NAG K . -4.55 -20.23 9.43
O3 NAG K . -1.77 -19.43 9.66
O4 NAG K . -1.52 -16.82 10.97
O5 NAG K . -4.64 -16.54 9.06
O6 NAG K . -4.31 -13.96 9.27
O7 NAG K . -4.81 -19.83 11.63
H1 NAG K . -5.57 -17.89 10.38
H2 NAG K . -3.70 -19.08 8.15
H3 NAG K . -3.11 -18.81 11.10
H4 NAG K . -1.72 -17.12 9.06
H5 NAG K . -4.03 -16.08 11.00
H61 NAG K . -2.54 -14.68 8.69
H62 NAG K . -2.63 -14.32 10.40
H81 NAG K . -6.30 -22.16 10.11
H82 NAG K . -5.89 -22.11 11.82
H83 NAG K . -4.67 -22.66 10.67
HN2 NAG K . -4.73 -20.84 8.68
HO3 NAG K . -1.98 -20.37 9.74
HO4 NAG K . -0.94 -17.57 11.12
HO6 NAG K . -4.91 -14.56 8.81
C1 MUB L . -4.39 8.58 -10.68
C2 MUB L . -5.52 8.41 -11.69
C3 MUB L . -5.13 9.09 -13.01
C4 MUB L . -4.20 10.29 -12.79
C5 MUB L . -2.89 9.81 -12.16
C6 MUB L . -2.26 10.87 -11.26
C7 MUB L . -5.20 6.34 -12.87
C8 MUB L . -5.57 4.87 -13.06
C9 MUB L . -7.31 10.09 -12.91
C10 MUB L . -7.35 11.59 -12.81
C11 MUB L . -8.51 9.25 -12.35
O1 MUB L . -4.39 7.50 -9.80
O3 MUB L . -6.32 9.46 -13.75
O4 MUB L . -3.97 11.00 -14.04
O5 MUB L . -3.10 8.62 -11.34
O6 MUB L . -2.78 10.80 -9.94
O7 MUB L . -4.30 6.85 -13.55
O10 MUB L . -6.66 12.27 -13.60
N2 MUB L . -5.83 7.01 -11.91
H1 MUB L . -4.51 9.49 -10.08
H2 MUB L . -6.39 8.81 -11.18
HN2 MUB L . -6.54 6.58 -11.40
H81 MUB L . -6.61 4.80 -13.35
H82 MUB L . -5.43 4.33 -12.15
H83 MUB L . -4.92 4.45 -13.83
H3 MUB L . -4.67 8.35 -13.70
H9 MUB L . -6.64 10.22 -12.10
H111 MUB L . -8.98 8.67 -13.16
H112 MUB L . -9.21 9.89 -11.96
H113 MUB L . -8.15 8.61 -11.53
H4 MUB L . -4.75 11.14 -12.35
H5 MUB L . -2.16 9.62 -12.86
H61 MUB L . -2.62 11.85 -11.64
H62 MUB L . -1.14 10.89 -11.28
HO6 MUB L . -2.82 9.91 -9.57
C1 NAG L . -3.80 10.18 -15.21
C2 NAG L . -3.41 11.06 -16.41
C3 NAG L . -3.31 10.19 -17.66
C4 NAG L . -2.37 9.00 -17.40
C5 NAG L . -2.78 8.24 -16.14
C6 NAG L . -1.80 7.14 -15.80
C7 NAG L . -5.68 11.90 -16.69
C8 NAG L . -6.54 13.16 -16.87
N2 NAG L . -4.37 12.13 -16.58
O3 NAG L . -2.80 10.98 -18.73
O4 NAG L . -2.41 8.12 -18.51
O5 NAG L . -2.84 9.14 -15.01
O6 NAG L . -0.60 7.66 -15.24
O7 NAG L . -6.14 10.79 -16.98
H1 NAG L . -4.81 9.75 -15.35
H2 NAG L . -2.53 11.65 -16.31
H3 NAG L . -4.29 9.79 -17.96
H4 NAG L . -1.38 9.48 -17.46
H5 NAG L . -3.74 7.72 -16.24
H61 NAG L . -1.49 6.57 -16.68
H62 NAG L . -2.29 6.43 -15.12
H81 NAG L . -6.21 13.68 -17.77
H82 NAG L . -6.42 13.80 -16.03
H83 NAG L . -7.58 12.87 -16.95
HN2 NAG L . -4.07 13.04 -16.35
HO3 NAG L . -3.41 11.67 -19.00
HO4 NAG L . -2.33 8.64 -19.31
HO6 NAG L . -0.87 8.45 -14.76
P 2PO M . 5.91 -9.85 10.03
O1P 2PO M . 6.88 -9.99 11.15
O2P 2PO M . 4.45 -9.90 10.34
O3P 2PO M . 6.22 -8.47 9.27
P 2PO N . 5.52 -8.25 7.88
O1P 2PO N . 5.55 -9.52 7.08
O2P 2PO N . 4.21 -7.57 8.12
O3P 2PO N . 6.49 -7.24 7.17
C1 P1W O . 6.34 -7.05 5.78
C2 P1W O . 7.06 -8.17 5.11
C3 P1W O . 8.36 -8.39 5.19
C4 P1W O . 8.94 -9.57 4.49
C5 P1W O . 9.31 -7.53 5.99
H12 P1W O . 5.28 -7.08 5.53
H11 P1W O . 6.75 -6.10 5.50
H2 P1W O . 6.44 -8.94 4.74
H41 P1W O . 9.83 -9.90 5.01
H42 P1W O . 8.21 -10.36 4.48
H51 P1W O . 8.90 -6.53 6.07
H52 P1W O . 10.26 -7.51 5.49
H53 P1W O . 9.42 -7.95 6.98
C1 P1W P . 9.30 -9.26 3.06
C2 P1W P . 8.79 -10.31 2.14
C3 P1W P . 7.88 -10.06 1.19
C4 P1W P . 7.39 -11.14 0.27
C5 P1W P . 7.22 -8.70 1.01
H12 P1W P . 10.37 -9.24 2.97
H11 P1W P . 8.89 -8.30 2.79
H2 P1W P . 8.85 -11.31 2.55
H41 P1W P . 6.75 -10.72 -0.49
H42 P1W P . 8.22 -11.66 -0.17
H51 P1W P . 6.46 -8.77 0.24
H52 P1W P . 7.95 -7.97 0.74
H53 P1W P . 6.74 -8.41 1.93
C1 P1W Q . 6.63 9.68 -6.68
C2 P1W Q . 6.90 11.12 -6.32
C3 P1W Q . 8.09 11.59 -5.91
C4 P1W Q . 8.34 13.05 -5.54
C5 P1W Q . 9.36 10.73 -5.82
H12 P1W Q . 6.32 9.63 -7.72
H11 P1W Q . 7.54 9.10 -6.57
H2 P1W Q . 6.19 11.81 -6.76
H43 P1W Q . 8.65 13.11 -4.51
H41 P1W Q . 7.42 13.61 -5.67
H42 P1W Q . 9.11 13.46 -6.18
H51 P1W Q . 9.62 10.38 -6.82
H52 P1W Q . 9.18 9.89 -5.18
H53 P1W Q . 10.17 11.32 -5.43
C1 P1W R . 6.58 -12.14 1.10
C2 P1W R . 5.28 -11.50 1.45
C3 P1W R . 4.23 -12.17 1.93
C4 P1W R . 2.87 -11.53 2.25
C5 P1W R . 4.34 -13.63 2.34
H12 P1W R . 7.13 -12.40 1.99
H11 P1W R . 6.39 -13.02 0.51
H2 P1W R . 5.17 -10.48 1.10
H43 P1W R . 2.74 -10.64 1.66
H41 P1W R . 2.83 -11.30 3.30
H42 P1W R . 2.09 -12.24 2.00
H51 P1W R . 3.50 -13.88 2.99
H52 P1W R . 5.26 -13.78 2.88
H53 P1W R . 4.32 -14.25 1.47
P 2PO S . -0.05 15.88 2.68
O1P 2PO S . -1.42 15.90 2.10
O2P 2PO S . 0.22 16.69 3.88
O3P 2PO S . 0.31 14.34 3.02
P 2PO T . 1.83 13.95 3.32
O1P 2PO T . 2.63 15.19 3.52
O2P 2PO T . 1.84 12.90 4.36
O3P 2PO T . 2.22 13.28 1.93
C1 P1W U . 3.48 12.65 1.76
C2 P1W U . 3.45 11.85 0.49
C3 P1W U . 4.45 11.07 0.08
C4 P1W U . 4.37 10.27 -1.21
C5 P1W U . 5.71 10.86 0.90
H12 P1W U . 4.23 13.42 1.69
H11 P1W U . 3.67 12.01 2.60
H2 P1W U . 2.47 11.74 0.06
H41 P1W U . 4.20 9.25 -0.93
H42 P1W U . 3.55 10.63 -1.79
H51 P1W U . 5.51 10.11 1.64
H52 P1W U . 5.98 11.77 1.36
H53 P1W U . 6.50 10.53 0.25
C1 P1W V . -2.91 -11.12 7.44
C2 P1W V . -2.95 -12.57 7.04
C3 P1W V . -2.01 -13.16 6.29
C4 P1W V . -2.12 -14.60 5.89
C5 P1W V . -0.73 -12.48 5.84
H12 P1W V . -1.90 -10.87 7.75
H11 P1W V . -3.20 -10.52 6.60
H2 P1W V . -3.95 -12.98 7.04
H41 P1W V . -1.18 -15.10 6.09
H42 P1W V . -2.91 -15.07 6.46
H51 P1W V . 0.12 -13.00 6.26
H52 P1W V . -0.73 -11.46 6.16
H53 P1W V . -0.67 -12.52 4.76
C1 P1W W . -2.44 -14.70 4.40
C2 P1W W . -3.90 -15.03 4.16
C3 P1W W . -4.32 -15.89 3.21
C4 P1W W . -5.77 -16.28 2.98
C5 P1W W . -3.33 -16.60 2.29
H12 P1W W . -1.83 -15.47 3.96
H11 P1W W . -2.22 -13.76 3.93
H2 P1W W . -4.53 -14.81 4.99
H43 P1W W . -6.31 -16.25 3.91
H41 P1W W . -5.79 -17.29 2.57
H42 P1W W . -6.23 -15.60 2.28
H51 P1W W . -3.83 -16.92 1.40
H52 P1W W . -2.92 -17.46 2.81
H53 P1W W . -2.53 -15.92 2.03
C1 P1W X . 4.18 -0.23 -7.35
C2 P1W X . 5.61 -0.25 -6.89
C3 P1W X . 6.36 0.84 -6.81
C4 P1W X . 7.83 0.88 -6.39
C5 P1W X . 5.76 2.21 -7.01
H12 P1W X . 3.59 -0.92 -6.76
H11 P1W X . 3.78 0.76 -7.25
H2 P1W X . 5.97 -1.21 -6.57
H43 P1W X . 7.91 1.31 -5.40
H41 P1W X . 8.38 1.50 -7.08
H42 P1W X . 8.24 -0.11 -6.38
H51 P1W X . 4.99 2.37 -6.28
H52 P1W X . 5.34 2.28 -8.01
H53 P1W X . 6.53 2.95 -6.90
C1 P1W Y . 5.66 10.30 -2.08
C2 P1W Y . 5.37 10.17 -3.55
C3 P1W Y . 5.87 9.18 -4.35
C4 P1W Y . 5.54 9.06 -5.81
C5 P1W Y . 6.81 8.09 -3.88
H12 P1W Y . 6.27 9.47 -1.78
H11 P1W Y . 6.17 11.23 -1.90
H2 P1W Y . 4.99 11.07 -4.00
H41 P1W Y . 5.41 8.02 -6.08
H42 P1W Y . 4.61 9.59 -6.01
H51 P1W Y . 6.24 7.29 -3.41
H52 P1W Y . 7.51 8.50 -3.16
H53 P1W Y . 7.35 7.69 -4.71
P 2PO Z . -9.90 -12.22 8.95
O1P 2PO Z . -9.62 -11.17 9.94
O2P 2PO Z . -11.01 -13.16 9.26
O3P 2PO Z . -10.21 -11.50 7.49
P 2PO AA . -8.98 -10.95 6.60
O1P 2PO AA . -7.90 -12.00 6.36
O2P 2PO AA . -9.51 -10.22 5.42
O3P 2PO AA . -8.52 -9.91 7.68
C1 P1W BA . -7.28 -9.28 7.66
C2 P1W BA . -6.21 -10.25 8.04
C3 P1W BA . -4.93 -9.91 8.21
C4 P1W BA . -3.87 -10.91 8.59
C5 P1W BA . -4.44 -8.48 8.09
H12 P1W BA . -7.13 -8.93 6.68
H11 P1W BA . -7.29 -8.45 8.35
H2 P1W BA . -6.57 -11.22 8.36
H41 P1W BA . -3.33 -10.56 9.44
H42 P1W BA . -4.35 -11.86 8.82
H51 P1W BA . -4.64 -8.11 7.10
H52 P1W BA . -3.38 -8.48 8.27
H53 P1W BA . -4.95 -7.86 8.82
P 2PO CA . -3.46 7.48 -8.48
O1P 2PO CA . -3.81 6.29 -7.67
O2P 2PO CA . -3.48 8.81 -7.84
O3P 2PO CA . -2.01 7.24 -9.11
P 2PO DA . -1.21 6.00 -8.55
O1P 2PO DA . 0.13 5.92 -9.18
O2P 2PO DA . -1.33 6.04 -7.05
O3P 2PO DA . -2.06 4.79 -9.09
C1 P1W EA . -1.85 4.42 -10.43
C2 P1W EA . -0.68 3.50 -10.43
C3 P1W EA . -0.20 2.92 -11.49
C4 P1W EA . 1.01 2.02 -11.39
C5 P1W EA . -0.75 3.19 -12.88
H12 P1W EA . -2.72 3.95 -10.84
H11 P1W EA . -1.61 5.32 -11.01
H2 P1W EA . 0.01 3.67 -9.63
H41 P1W EA . 1.04 1.38 -12.24
H42 P1W EA . 1.88 2.64 -11.35
H51 P1W EA . -1.81 2.97 -12.89
H52 P1W EA . -0.25 2.56 -13.60
H53 P1W EA . -0.59 4.22 -13.11
C1 P1W FA . 0.98 1.16 -10.13
C2 P1W FA . 2.36 0.84 -9.66
C3 P1W FA . 2.77 -0.39 -9.31
C4 P1W FA . 4.15 -0.66 -8.81
C5 P1W FA . 1.88 -1.63 -9.33
H12 P1W FA . 0.49 0.25 -10.34
H11 P1W FA . 0.46 1.69 -9.36
H2 P1W FA . 2.90 1.70 -9.28
H41 P1W FA . 4.37 -1.71 -8.89
H42 P1W FA . 4.87 -0.08 -9.37
H51 P1W FA . 1.69 -1.91 -10.35
H52 P1W FA . 0.94 -1.40 -8.84
H53 P1W FA . 2.36 -2.43 -8.82
N ZAE A 1 13.30 12.60 6.22
CA ZAE A 1 12.16 13.48 5.83
C ZAE A 1 10.89 12.67 5.57
O ZAE A 1 10.02 12.57 6.43
CB ZAE A 1 11.90 14.53 6.93
CG ZAE A 1 11.11 15.72 6.46
CD1 ZAE A 1 9.79 15.59 6.04
CD2 ZAE A 1 11.69 16.99 6.44
CE1 ZAE A 1 9.07 16.68 5.62
CE2 ZAE A 1 10.97 18.08 6.01
CZ ZAE A 1 9.66 17.93 5.61
C10 ZAE A 1 14.58 13.34 6.15
H ZAE A 1 13.36 11.81 5.56
HA ZAE A 1 12.42 14.00 4.92
HB2 ZAE A 1 11.35 14.07 7.74
HB3 ZAE A 1 12.84 14.89 7.31
HD1 ZAE A 1 9.34 14.61 6.06
HD2 ZAE A 1 12.71 17.11 6.76
HE1 ZAE A 1 8.04 16.56 5.30
HE2 ZAE A 1 11.43 19.06 5.99
HZ ZAE A 1 9.09 18.78 5.27
H11 ZAE A 1 15.40 12.66 6.28
H12 ZAE A 1 14.61 14.10 6.92
H13 ZAE A 1 14.67 13.82 5.17
HN2 ZAE A 1 13.14 12.23 7.18
N ILE A 2 10.82 12.07 4.39
CA ILE A 2 9.66 11.29 3.99
C ILE A 2 9.96 9.77 4.03
N SER A 3 9.16 8.95 4.77
CA SER A 3 9.47 7.53 4.87
C SER A 3 8.22 6.70 5.17
N DGN A 4 8.37 5.40 5.12
CA DGN A 4 7.27 4.49 5.38
C DGN A 4 7.58 3.15 4.78
O DGN A 4 8.66 2.94 4.20
CB DGN A 4 6.91 4.37 6.88
CG DGN A 4 7.95 3.72 7.79
CD DGN A 4 9.09 4.65 8.17
OE1 DGN A 4 8.90 5.85 8.31
NE2 DGN A 4 10.27 4.09 8.35
H DGN A 4 9.24 5.03 4.84
HA DGN A 4 6.42 4.87 4.85
HB2 DGN A 4 6.00 3.79 6.96
HB3 DGN A 4 6.72 5.36 7.26
HG2 DGN A 4 8.37 2.86 7.30
HG3 DGN A 4 7.46 3.41 8.71
HE21 DGN A 4 10.35 3.11 8.22
HE22 DGN A 4 11.02 4.66 8.59
N 28J A 5 6.64 2.23 4.93
CA 28J A 5 6.80 0.90 4.40
CB 28J A 5 7.32 0.96 2.92
CG2 28J A 5 8.29 -0.18 2.66
CG1 28J A 5 6.15 0.92 1.93
CD1 28J A 5 6.57 0.95 0.47
C 28J A 5 5.53 0.11 4.45
O 28J A 5 4.44 0.65 4.71
HA 28J A 5 7.56 0.41 4.98
H22 28J A 5 7.86 1.88 2.79
H23 28J A 5 9.14 -0.08 3.31
H24 28J A 5 8.61 -0.15 1.63
H25 28J A 5 7.80 -1.12 2.85
H26 28J A 5 5.58 0.02 2.08
H27 28J A 5 5.51 1.78 2.10
H28 28J A 5 7.21 0.11 0.27
H29 28J A 5 7.13 1.86 0.28
H30 28J A 5 5.70 0.93 -0.16
N ILE A 6 5.71 -1.19 4.25
CA ILE A 6 4.63 -2.13 4.26
C ILE A 6 4.84 -3.24 5.28
N SER A 7 3.80 -3.45 6.09
CA SER A 7 3.74 -4.51 7.11
C SER A 7 2.29 -4.93 7.38
N DTH A 8 2.08 -5.76 8.45
CA DTH A 8 0.73 -6.18 8.88
CB DTH A 8 0.58 -6.22 10.42
CG2 DTH A 8 1.23 -5.01 11.04
OG1 DTH A 8 1.16 -7.45 10.96
C DTH A 8 0.36 -7.53 8.32
O DTH A 8 -0.81 -7.89 8.25
H DTH A 8 2.87 -6.15 8.90
HA DTH A 8 0.05 -5.44 8.50
HB DTH A 8 -0.48 -6.21 10.65
HG21 DTH A 8 2.27 -4.97 10.77
HG22 DTH A 8 1.16 -5.05 12.12
HG23 DTH A 8 0.74 -4.11 10.68
N ALA A 9 1.36 -8.32 8.00
CA ALA A 9 1.12 -9.61 7.42
C ALA A 9 0.67 -10.58 8.44
N EI4 A 10 1.54 -10.91 9.34
CA EI4 A 10 1.14 -11.88 10.30
CB EI4 A 10 2.24 -12.91 10.53
CG EI4 A 10 1.81 -14.33 10.18
CD2 EI4 A 10 1.02 -14.34 8.77
NE2 EI4 A 10 1.87 -15.24 7.92
CE1 EI4 A 10 2.99 -15.71 8.59
ND1 EI4 A 10 3.00 -15.19 9.86
NT EI4 A 10 3.76 -16.64 8.17
C EI4 A 10 0.75 -11.12 11.51
O EI4 A 10 -0.27 -11.39 12.16
H EI4 A 10 2.40 -10.42 9.44
HA EI4 A 10 0.27 -12.38 9.89
HB EI4 A 10 2.56 -12.88 11.55
HBA EI4 A 10 3.08 -12.65 9.90
HG1 EI4 A 10 1.23 -14.75 10.98
HD2 EI4 A 10 0.95 -13.35 8.35
HE EI4 A 10 1.68 -15.44 6.97
HND1 EI4 A 10 3.69 -15.46 10.53
HD1 EI4 A 10 0.03 -14.77 8.89
H1 EI4 A 10 3.59 -17.09 7.29
HH12 EI4 A 10 4.58 -16.90 8.71
N ILE A 11 1.54 -10.10 11.73
CA ILE A 11 1.36 -9.19 12.80
C ILE A 11 0.75 -7.88 12.28
N ZAE B 1 -3.31 -8.38 4.87
CA ZAE B 1 -2.25 -9.21 4.29
C ZAE B 1 -1.07 -8.30 4.24
O ZAE B 1 -0.20 -8.30 5.09
CB ZAE B 1 -2.01 -10.48 5.14
CG ZAE B 1 -0.95 -11.41 4.62
CD1 ZAE B 1 0.26 -10.93 4.20
CD2 ZAE B 1 -1.13 -12.79 4.65
CE1 ZAE B 1 1.28 -11.77 3.81
CE2 ZAE B 1 -0.13 -13.65 4.23
CZ ZAE B 1 1.08 -13.14 3.81
C10 ZAE B 1 -4.28 -9.21 5.56
H ZAE B 1 -3.79 -7.87 4.13
HA ZAE B 1 -2.52 -9.48 3.29
HB2 ZAE B 1 -1.74 -10.19 6.14
HB3 ZAE B 1 -2.94 -11.04 5.17
HD1 ZAE B 1 0.41 -9.86 4.18
HD2 ZAE B 1 -2.08 -13.20 4.97
HE1 ZAE B 1 2.23 -11.36 3.47
HE2 ZAE B 1 -0.28 -14.71 4.24
HZ ZAE B 1 1.88 -13.80 3.50
H11 ZAE B 1 -3.86 -9.55 6.50
H12 ZAE B 1 -4.55 -10.04 4.95
H13 ZAE B 1 -5.16 -8.59 5.77
HN2 ZAE B 1 -2.88 -7.69 5.53
N ILE B 2 -1.12 -7.40 3.29
CA ILE B 2 -0.06 -6.43 3.15
C ILE B 2 -0.62 -5.01 3.13
N SER B 3 0.04 -4.09 3.91
CA SER B 3 -0.41 -2.72 4.07
C SER B 3 0.72 -1.85 4.58
N DGN B 4 0.58 -0.58 4.33
CA DGN B 4 1.53 0.39 4.80
C DGN B 4 1.43 1.59 3.96
O DGN B 4 0.60 1.65 3.02
CB DGN B 4 1.51 0.71 6.34
CG DGN B 4 0.18 0.76 7.10
CD DGN B 4 -0.24 -0.58 7.68
OE1 DGN B 4 0.58 -1.45 7.95
NE2 DGN B 4 -1.53 -0.71 7.91
H DGN B 4 -0.14 -0.29 3.72
HA DGN B 4 2.52 -0.01 4.56
HB2 DGN B 4 2.00 1.67 6.47
HB3 DGN B 4 2.12 -0.03 6.82
HG2 DGN B 4 -0.61 1.11 6.46
HG3 DGN B 4 0.29 1.44 7.93
HE21 DGN B 4 -2.11 0.05 7.70
HE22 DGN B 4 -1.85 -1.56 8.27
N 28J B 5 2.26 2.54 4.31
CA 28J B 5 2.33 3.76 3.58
CB 28J B 5 2.60 3.49 2.09
CG2 28J B 5 1.30 3.56 1.34
CG1 28J B 5 3.58 4.53 1.54
CD1 28J B 5 3.86 4.43 0.06
C 28J B 5 3.44 4.63 4.03
O 28J B 5 4.49 4.21 4.52
HA 28J B 5 1.39 4.26 3.67
H22 28J B 5 3.01 2.49 1.98
H23 28J B 5 0.66 2.74 1.67
H24 28J B 5 1.48 3.50 0.29
H25 28J B 5 0.81 4.49 1.59
H26 28J B 5 3.18 5.51 1.74
H27 28J B 5 4.52 4.43 2.07
H28 28J B 5 2.93 4.43 -0.48
H29 28J B 5 4.41 3.53 -0.13
H30 28J B 5 4.45 5.28 -0.23
N ILE B 6 3.16 5.90 3.83
CA ILE B 6 4.10 6.91 4.12
C ILE B 6 3.55 7.92 5.04
N SER B 7 4.45 8.27 5.97
CA SER B 7 4.29 9.33 6.95
C SER B 7 5.70 9.71 7.55
N DTH B 8 5.80 10.52 8.67
CA DTH B 8 7.15 10.85 9.29
CB DTH B 8 7.22 10.76 10.85
CG2 DTH B 8 6.69 9.41 11.31
OG1 DTH B 8 6.53 11.89 11.48
C DTH B 8 7.65 12.26 8.97
O DTH B 8 8.82 12.57 9.16
H DTH B 8 4.99 10.95 9.03
HA DTH B 8 7.86 10.13 8.91
HB DTH B 8 8.26 10.82 11.13
HG21 DTH B 8 5.68 9.30 11.00
HG22 DTH B 8 6.78 9.34 12.37
HG23 DTH B 8 7.30 8.64 10.84
N ALA B 9 6.75 13.14 8.57
CA ALA B 9 7.10 14.50 8.23
C ALA B 9 7.35 15.36 9.44
N EI4 B 10 6.31 15.68 10.15
CA EI4 B 10 6.47 16.55 11.28
CB EI4 B 10 5.25 17.48 11.44
CG EI4 B 10 5.47 18.87 10.87
CD2 EI4 B 10 6.11 18.80 9.38
NE2 EI4 B 10 5.05 19.42 8.53
CE1 EI4 B 10 4.00 19.93 9.26
ND1 EI4 B 10 4.18 19.62 10.60
NT EI4 B 10 3.10 20.77 8.81
C EI4 B 10 6.73 15.70 12.47
O EI4 B 10 7.50 16.03 13.38
H EI4 B 10 5.43 15.26 9.96
HA EI4 B 10 7.34 17.16 11.09
HB EI4 B 10 5.01 17.57 12.49
HBA EI4 B 10 4.41 17.01 10.93
HG1 EI4 B 10 6.10 19.45 11.54
HD2 EI4 B 10 6.29 17.77 9.09
HE EI4 B 10 5.15 19.53 7.54
HND1 EI4 B 10 3.56 19.88 11.32
HD1 EI4 B 10 7.03 19.38 9.33
H1 EI4 B 10 3.19 21.12 7.88
HH12 EI4 B 10 2.35 21.05 9.39
N ILE B 11 6.12 14.54 12.40
CA ILE B 11 6.20 13.56 13.42
C ILE B 11 6.87 12.28 12.85
N ZAE C 1 -0.04 9.60 5.59
CA ZAE C 1 -1.07 10.27 4.76
C ZAE C 1 -1.44 9.38 3.60
O ZAE C 1 -2.50 9.49 3.02
CB ZAE C 1 -2.32 10.56 5.59
CG ZAE C 1 -3.08 11.66 4.97
CD1 ZAE C 1 -4.12 11.42 4.08
CD2 ZAE C 1 -2.68 12.97 5.19
CE1 ZAE C 1 -4.76 12.48 3.45
CE2 ZAE C 1 -3.33 14.02 4.58
CZ ZAE C 1 -4.35 13.77 3.69
C10 ZAE C 1 0.44 10.48 6.66
H ZAE C 1 0.76 9.36 4.99
HA ZAE C 1 -0.68 11.20 4.39
HB2 ZAE C 1 -2.96 9.69 5.64
HB3 ZAE C 1 -2.03 10.86 6.59
HD1 ZAE C 1 -4.44 10.41 3.90
HD2 ZAE C 1 -1.88 13.17 5.89
HE1 ZAE C 1 -5.57 12.29 2.76
HE2 ZAE C 1 -3.01 15.03 4.75
HZ ZAE C 1 -4.84 14.59 3.21
H11 ZAE C 1 0.14 10.07 7.61
H12 ZAE C 1 0.04 11.47 6.54
H13 ZAE C 1 1.53 10.52 6.61
HN2 ZAE C 1 -0.43 8.71 5.99
N ILE C 2 -0.51 8.52 3.19
CA ILE C 2 -0.86 7.58 2.13
C ILE C 2 -0.54 6.22 2.57
N SER C 3 -1.49 5.36 2.35
CA SER C 3 -1.40 4.03 2.84
C SER C 3 -2.29 3.13 2.06
N DGN C 4 -2.15 1.87 2.33
CA DGN C 4 -3.03 0.95 1.74
C DGN C 4 -2.38 -0.33 1.49
O DGN C 4 -1.15 -0.48 1.67
CB DGN C 4 -4.41 0.77 2.45
CG DGN C 4 -4.43 0.28 3.90
CD DGN C 4 -4.08 1.34 4.92
OE1 DGN C 4 -4.44 2.51 4.79
NE2 DGN C 4 -3.43 0.93 6.00
H DGN C 4 -1.35 1.54 2.84
HA DGN C 4 -3.24 1.34 0.76
HB2 DGN C 4 -4.97 0.06 1.86
HB3 DGN C 4 -4.91 1.72 2.41
HG2 DGN C 4 -3.77 -0.55 4.01
HG3 DGN C 4 -5.44 -0.04 4.10
HE21 DGN C 4 -3.21 -0.03 6.07
HE22 DGN C 4 -3.16 1.59 6.67
N 28J C 5 -3.20 -1.21 1.02
CA 28J C 5 -2.77 -2.50 0.73
CB 28J C 5 -1.57 -2.49 -0.25
CG2 28J C 5 -0.36 -2.98 0.47
CG1 28J C 5 -1.87 -3.34 -1.48
CD1 28J C 5 -0.68 -3.62 -2.35
C 28J C 5 -3.86 -3.28 0.09
O 28J C 5 -4.89 -2.76 -0.38
HA 28J C 5 -2.46 -2.97 1.64
H22 28J C 5 -1.40 -1.46 -0.56
H23 28J C 5 0.04 -2.19 1.09
H24 28J C 5 0.38 -3.29 -0.23
H25 28J C 5 -0.65 -3.82 1.10
H26 28J C 5 -2.26 -4.30 -1.14
H27 28J C 5 -2.63 -2.86 -2.07
H28 28J C 5 -0.05 -4.36 -1.89
H29 28J C 5 -0.14 -2.70 -2.49
H30 28J C 5 -1.03 -3.98 -3.31
N ILE C 6 -3.57 -4.56 0.11
CA ILE C 6 -4.39 -5.57 -0.45
C ILE C 6 -4.59 -6.69 0.53
N SER C 7 -5.74 -7.37 0.35
CA SER C 7 -6.02 -8.70 0.93
C SER C 7 -7.51 -9.17 0.76
N DTH C 8 -7.91 -10.25 1.48
CA DTH C 8 -9.27 -10.77 1.31
CB DTH C 8 -10.18 -10.79 2.55
CG2 DTH C 8 -10.13 -9.52 3.37
OG1 DTH C 8 -9.84 -11.91 3.35
C DTH C 8 -9.26 -12.22 0.77
O DTH C 8 -10.29 -12.90 0.77
H DTH C 8 -7.29 -10.71 2.09
HA DTH C 8 -9.75 -10.11 0.57
HB DTH C 8 -11.20 -10.92 2.20
HG21 DTH C 8 -9.13 -9.35 3.72
HG22 DTH C 8 -10.80 -9.61 4.21
HG23 DTH C 8 -10.45 -8.69 2.76
N ALA C 9 -8.10 -12.73 0.38
CA ALA C 9 -8.06 -14.07 -0.17
C ALA C 9 -8.73 -15.08 0.71
N EI4 C 10 -8.19 -15.32 1.86
CA EI4 C 10 -8.81 -16.32 2.67
CB EI4 C 10 -7.77 -17.04 3.51
CG EI4 C 10 -7.61 -18.51 3.11
CD2 EI4 C 10 -7.47 -18.64 1.51
NE2 EI4 C 10 -6.07 -19.17 1.33
CE1 EI4 C 10 -5.46 -19.45 2.54
ND1 EI4 C 10 -6.31 -19.08 3.58
NT EI4 C 10 -4.37 -20.10 2.70
C EI4 C 10 -9.93 -15.68 3.46
O EI4 C 10 -11.07 -16.14 3.47
H EI4 C 10 -7.44 -14.78 2.20
HA EI4 C 10 -9.26 -17.02 1.99
HB EI4 C 10 -8.04 -17.01 4.55
HBA EI4 C 10 -6.82 -16.56 3.36
HG1 EI4 C 10 -8.43 -19.11 3.49
HD2 EI4 C 10 -7.58 -17.69 1.01
HE EI4 C 10 -5.67 -19.35 0.45
HND1 EI4 C 10 -6.08 -19.18 4.53
HD1 EI4 C 10 -8.20 -19.36 1.11
H1 EI4 C 10 -3.93 -20.55 1.91
HH12 EI4 C 10 -3.94 -20.16 3.60
N ILE C 11 -9.58 -14.56 4.05
CA ILE C 11 -10.49 -13.78 4.82
C ILE C 11 -10.93 -12.57 4.00
N ZAE D 1 -15.11 -9.23 -4.67
CA ZAE D 1 -14.71 -10.17 -3.58
C ZAE D 1 -13.61 -9.54 -2.75
O ZAE D 1 -13.88 -8.82 -1.80
CB ZAE D 1 -15.90 -10.47 -2.67
CG ZAE D 1 -15.63 -11.51 -1.63
CD1 ZAE D 1 -15.30 -11.14 -0.33
CD2 ZAE D 1 -15.69 -12.86 -1.94
CE1 ZAE D 1 -15.06 -12.10 0.65
CE2 ZAE D 1 -15.45 -13.83 -0.98
CZ ZAE D 1 -15.13 -13.45 0.31
C10 ZAE D 1 -15.75 -9.95 -5.79
H ZAE D 1 -14.26 -8.76 -5.04
HA ZAE D 1 -14.35 -11.09 -4.02
HB2 ZAE D 1 -16.19 -9.57 -2.17
HB3 ZAE D 1 -16.73 -10.82 -3.28
HD1 ZAE D 1 -15.25 -10.09 -0.08
HD2 ZAE D 1 -15.93 -13.15 -2.95
HE1 ZAE D 1 -14.81 -11.80 1.65
HE2 ZAE D 1 -15.50 -14.88 -1.24
HZ ZAE D 1 -14.94 -14.20 1.07
H11 ZAE D 1 -16.04 -9.24 -6.54
H12 ZAE D 1 -16.62 -10.48 -5.42
H13 ZAE D 1 -15.05 -10.66 -6.21
HN2 ZAE D 1 -15.76 -8.50 -4.28
N ILE D 2 -12.38 -9.80 -3.14
CA ILE D 2 -11.24 -9.26 -2.42
C ILE D 2 -10.41 -8.45 -3.33
N SER D 3 -9.73 -7.52 -2.74
CA SER D 3 -8.94 -6.64 -3.54
C SER D 3 -8.22 -5.67 -2.65
N DGN D 4 -7.64 -4.67 -3.27
CA DGN D 4 -7.04 -3.62 -2.52
C DGN D 4 -6.19 -2.75 -3.39
O DGN D 4 -5.97 -3.04 -4.57
CB DGN D 4 -8.08 -2.77 -1.81
CG DGN D 4 -8.88 -1.83 -2.70
CD DGN D 4 -10.13 -2.46 -3.33
OE1 DGN D 4 -10.74 -3.37 -2.77
NE2 DGN D 4 -10.54 -1.94 -4.49
H DGN D 4 -7.62 -4.63 -4.26
HA DGN D 4 -6.40 -4.08 -1.80
HB2 DGN D 4 -7.57 -2.18 -1.07
HB3 DGN D 4 -8.76 -3.44 -1.30
HG2 DGN D 4 -8.24 -1.48 -3.49
HG3 DGN D 4 -9.20 -1.00 -2.09
HE21 DGN D 4 -10.04 -1.20 -4.88
HE22 DGN D 4 -11.34 -2.33 -4.91
N 28J D 5 -5.70 -1.68 -2.77
CA 28J D 5 -4.92 -0.71 -3.48
CB 28J D 5 -3.86 -1.37 -4.41
CG2 28J D 5 -4.09 -0.93 -5.86
CG1 28J D 5 -2.44 -1.04 -3.96
CD1 28J D 5 -1.37 -1.61 -4.86
C 28J D 5 -4.27 0.25 -2.51
O 28J D 5 -4.36 0.07 -1.28
HA 28J D 5 -5.60 -0.16 -4.10
H22 28J D 5 -4.01 -2.44 -4.37
H23 28J D 5 -3.81 0.10 -5.98
H24 28J D 5 -5.14 -1.06 -6.12
H25 28J D 5 -3.50 -1.55 -6.52
H26 28J D 5 -2.32 0.03 -3.92
H27 28J D 5 -2.29 -1.45 -2.97
H28 28J D 5 -1.45 -1.17 -5.84
H29 28J D 5 -1.50 -2.68 -4.93
H30 28J D 5 -0.40 -1.40 -4.44
N ILE D 6 -3.68 1.30 -3.12
CA ILE D 6 -2.99 2.37 -2.43
C ILE D 6 -3.47 3.71 -2.91
N SER D 7 -3.38 4.67 -2.00
CA SER D 7 -3.54 6.09 -2.32
C SER D 7 -3.39 6.96 -1.08
N DTH D 8 -3.40 8.26 -1.33
CA DTH D 8 -3.35 9.21 -0.25
CB DTH D 8 -4.66 10.02 -0.14
CG2 DTH D 8 -5.92 9.14 -0.21
OG1 DTH D 8 -4.68 10.99 -1.17
C DTH D 8 -2.17 10.17 -0.36
O DTH D 8 -1.82 10.81 0.62
H DTH D 8 -3.38 8.57 -2.27
HA DTH D 8 -3.25 8.64 0.67
HB DTH D 8 -4.65 10.52 0.82
HG21 DTH D 8 -5.93 8.60 -1.15
HG22 DTH D 8 -6.79 9.78 -0.16
HG23 DTH D 8 -5.92 8.44 0.61
N ALA D 9 -1.56 10.29 -1.54
CA ALA D 9 -0.41 11.18 -1.72
C ALA D 9 -0.88 12.61 -1.78
N EI4 D 10 -1.43 13.01 -2.93
CA EI4 D 10 -1.94 14.36 -3.03
CB EI4 D 10 -2.00 14.88 -4.48
CG EI4 D 10 -0.81 15.74 -4.85
CD2 EI4 D 10 0.57 14.98 -4.44
NE2 EI4 D 10 1.27 14.81 -5.78
CE1 EI4 D 10 0.54 15.39 -6.82
ND1 EI4 D 10 -0.63 15.92 -6.33
NT EI4 D 10 0.96 15.59 -8.04
C EI4 D 10 -3.30 14.42 -2.40
O EI4 D 10 -3.66 15.40 -1.76
H EI4 D 10 -1.54 12.38 -3.68
HA EI4 D 10 -1.27 14.99 -2.48
HB EI4 D 10 -2.90 15.48 -4.60
HBA EI4 D 10 -2.05 14.04 -5.16
HG1 EI4 D 10 -0.89 16.72 -4.40
HD2 EI4 D 10 0.37 14.01 -4.02
HE EI4 D 10 2.16 14.42 -5.87
HND1 EI4 D 10 -1.33 16.31 -6.89
HD1 EI4 D 10 1.17 15.60 -3.78
H1 EI4 D 10 1.92 15.39 -8.30
HH12 EI4 D 10 0.33 15.94 -8.74
N ILE D 11 -4.04 13.33 -2.57
CA ILE D 11 -5.37 13.23 -1.97
C ILE D 11 -5.39 12.19 -0.87
N ALA E 1 5.04 -15.93 11.62
CA ALA E 1 4.08 -17.03 11.93
C ALA E 1 3.13 -16.59 13.08
N DGL E 2 2.35 -17.60 13.60
CA DGL E 2 1.54 -17.33 14.83
C DGL E 2 2.26 -16.65 16.01
O DGL E 2 1.69 -16.31 16.91
CB DGL E 2 0.57 -16.24 14.49
CG DGL E 2 -0.87 -16.51 15.12
CD DGL E 2 -1.93 -15.71 14.36
OE1 DGL E 2 -3.13 -16.03 14.39
H DGL E 2 2.59 -18.51 13.36
HB2 DGL E 2 0.48 -16.19 13.45
HB3 DGL E 2 0.94 -15.30 14.89
HG2 DGL E 2 -0.87 -16.18 16.15
HG3 DGL E 2 -1.13 -17.57 15.09
N LYS E 3 -1.48 -14.66 13.68
CA LYS E 3 -2.31 -13.80 12.88
C LYS E 3 -3.27 -12.86 13.67
N DAL E 4 -4.11 -12.19 12.84
CA DAL E 4 -5.23 -11.12 13.19
CB DAL E 4 -6.75 -11.72 13.67
C DAL E 4 -4.94 -10.01 11.93
O DAL E 4 -5.82 -9.33 11.39
H DAL E 4 -3.93 -12.35 11.90
HA DAL E 4 -5.64 -11.31 12.73
HB1 DAL E 4 -7.27 -12.23 12.88
HB2 DAL E 4 -7.40 -10.89 14.01
HB3 DAL E 4 -6.63 -12.40 14.53
N DAL E 5 -3.63 -9.96 11.53
CA DAL E 5 -2.94 -9.04 10.51
CB DAL E 5 -3.39 -7.70 11.32
C DAL E 5 -3.84 -9.45 9.24
O DAL E 5 -3.85 -10.66 8.79
OXT DAL E 5 -4.10 -8.50 8.43
H DAL E 5 -3.07 -10.68 11.93
HA DAL E 5 -2.96 -8.33 9.87
HB1 DAL E 5 -2.60 -6.91 11.01
HB2 DAL E 5 -3.27 -7.82 12.34
HB3 DAL E 5 -4.34 -7.25 11.04
N ALA F 1 1.94 21.27 4.81
CA ALA F 1 2.47 22.36 3.97
C ALA F 1 4.01 22.26 3.90
N DGL F 2 4.58 21.62 4.96
CA DGL F 2 6.17 21.65 5.15
C DGL F 2 6.01 20.22 5.67
O DGL F 2 4.90 19.77 5.99
CB DGL F 2 7.13 21.26 4.00
CG DGL F 2 8.04 22.55 3.71
CD DGL F 2 8.37 22.72 2.24
OE1 DGL F 2 9.47 23.15 1.86
H DGL F 2 3.97 21.29 5.67
HB2 DGL F 2 6.57 21.00 3.16
HB3 DGL F 2 7.78 20.45 4.34
HG2 DGL F 2 8.97 22.47 4.25
HG3 DGL F 2 7.54 23.48 4.04
N LYS F 3 7.40 22.39 1.43
CA LYS F 3 7.50 22.45 0.02
C LYS F 3 8.83 21.82 -0.53
N DAL F 4 8.90 20.50 -0.11
CA DAL F 4 9.96 19.38 -0.46
CB DAL F 4 11.33 19.20 0.52
C DAL F 4 9.90 19.41 -2.14
O DAL F 4 10.63 20.12 -2.81
H DAL F 4 8.17 20.23 0.48
HA DAL F 4 10.42 19.73 -0.58
HB1 DAL F 4 11.04 19.19 1.57
HB2 DAL F 4 12.04 19.99 0.37
HB3 DAL F 4 11.84 18.22 0.32
N DAL F 5 8.85 18.71 -2.69
CA DAL F 5 8.49 18.49 -4.16
CB DAL F 5 9.82 17.58 -4.43
C DAL F 5 8.53 20.03 -4.64
O DAL F 5 8.99 20.20 -5.81
OXT DAL F 5 7.70 20.89 -4.16
H DAL F 5 8.20 18.34 -2.01
HA DAL F 5 8.73 18.55 -5.06
HB1 DAL F 5 9.55 16.94 -5.35
HB2 DAL F 5 9.97 16.89 -3.65
HB3 DAL F 5 10.73 18.10 -4.70
N ALA G 1 -2.05 -19.80 -0.41
CA ALA G 1 -2.32 -21.06 -1.09
C ALA G 1 -3.77 -21.17 -1.68
N DGL G 2 -4.13 -22.39 -1.98
CA DGL G 2 -5.22 -22.72 -2.77
C DGL G 2 -5.01 -24.27 -2.39
O DGL G 2 -5.89 -25.20 -2.63
CB DGL G 2 -6.60 -22.40 -2.37
CG DGL G 2 -7.53 -22.41 -3.67
CD DGL G 2 -6.98 -21.47 -4.74
OE1 DGL G 2 -7.02 -21.72 -5.94
H DGL G 2 -3.52 -23.15 -1.70
HB2 DGL G 2 -6.65 -21.49 -1.89
HB3 DGL G 2 -6.91 -23.26 -1.73
HG2 DGL G 2 -8.48 -22.09 -3.38
HG3 DGL G 2 -7.59 -23.41 -4.14
N LYS G 3 -6.44 -20.39 -4.24
CA LYS G 3 -5.86 -19.35 -5.02
C LYS G 3 -6.92 -18.63 -5.91
N DAL G 4 -8.12 -18.53 -5.22
CA DAL G 4 -9.47 -17.78 -5.58
CB DAL G 4 -10.64 -18.59 -6.51
C DAL G 4 -8.92 -16.20 -5.81
O DAL G 4 -8.41 -15.82 -6.84
H DAL G 4 -8.11 -18.98 -4.35
HA DAL G 4 -9.40 -17.77 -6.19
HB1 DAL G 4 -10.83 -19.57 -6.08
HB2 DAL G 4 -10.34 -18.71 -7.53
HB3 DAL G 4 -11.61 -18.04 -6.49
N DAL G 5 -8.94 -15.43 -4.64
CA DAL G 5 -8.61 -13.90 -4.45
CB DAL G 5 -9.45 -13.43 -5.70
C DAL G 5 -7.03 -14.10 -4.81
O DAL G 5 -6.28 -14.56 -3.87
OXT DAL G 5 -6.53 -13.72 -5.89
H DAL G 5 -9.19 -15.96 -3.83
HA DAL G 5 -8.16 -13.07 -4.67
HB1 DAL G 5 -10.52 -13.48 -5.45
HB2 DAL G 5 -9.26 -13.98 -6.54
HB3 DAL G 5 -9.26 -12.33 -5.91
N ALA H 1 4.02 10.91 -9.49
CA ALA H 1 4.91 10.00 -10.24
C ALA H 1 4.79 8.57 -9.78
N DGL H 2 5.96 8.00 -9.38
CA DGL H 2 6.05 6.66 -8.81
C DGL H 2 4.65 6.34 -7.95
O DGL H 2 3.85 5.46 -8.33
CB DGL H 2 5.91 5.45 -9.77
CG DGL H 2 5.35 5.81 -11.17
CD DGL H 2 4.20 4.86 -11.61
OE1 DGL H 2 4.19 4.36 -12.74
H DGL H 2 6.78 8.56 -9.44
HA DGL H 2 5.80 6.95 -8.37
HB2 DGL H 2 5.35 4.71 -9.33
HB3 DGL H 2 6.97 5.03 -9.93
HG2 DGL H 2 6.12 5.73 -11.93
HG3 DGL H 2 4.96 6.83 -11.20
N LYS H 3 3.26 4.66 -10.72
CA LYS H 3 2.10 3.85 -10.96
C LYS H 3 2.38 2.29 -10.95
N DAL H 4 1.79 1.73 -9.84
CA DAL H 4 1.69 0.23 -9.38
CB DAL H 4 3.12 -0.65 -9.11
C DAL H 4 0.35 -0.28 -10.27
O DAL H 4 0.32 -0.27 -11.50
H DAL H 4 1.36 2.38 -9.24
HA DAL H 4 1.95 -0.05 -9.86
HB1 DAL H 4 3.62 -0.86 -10.02
HB2 DAL H 4 2.88 -1.62 -8.61
HB3 DAL H 4 3.79 -0.10 -8.44
N DAL H 5 -0.79 -0.54 -9.52
CA DAL H 5 -2.20 -1.10 -9.97
CB DAL H 5 -1.59 -2.37 -10.69
C DAL H 5 -2.47 0.11 -11.02
O DAL H 5 -2.56 1.30 -10.55
OXT DAL H 5 -2.75 -0.11 -12.24
H DAL H 5 -0.67 -0.31 -8.55
HA DAL H 5 -2.89 -1.31 -10.61
HB1 DAL H 5 -1.19 -3.06 -9.94
HB2 DAL H 5 -0.86 -2.12 -11.38
HB3 DAL H 5 -2.42 -2.96 -11.21
C1 MUB I . 5.69 -11.86 8.27
C2 MUB I . 6.92 -12.44 8.99
C3 MUB I . 7.31 -13.81 8.39
C4 MUB I . 6.10 -14.44 7.68
C5 MUB I . 5.68 -13.56 6.50
C6 MUB I . 4.25 -13.81 6.03
C7 MUB I . 9.10 -11.78 8.15
C8 MUB I . 10.29 -10.81 8.21
C9 MUB I . 6.96 -14.79 10.57
C10 MUB I . 6.06 -16.03 10.72
C11 MUB I . 7.23 -13.90 11.81
O1 MUB I . 5.60 -10.46 8.44
O3 MUB I . 7.82 -14.70 9.41
O4 MUB I . 6.36 -15.81 7.24
O5 MUB I . 5.78 -12.13 6.85
O6 MUB I . 3.31 -13.11 6.85
O7 MUB I . 9.00 -12.55 7.19
O10 MUB I . 6.17 -16.96 9.92
N2 MUB I . 8.06 -11.55 8.99
H1 MUB I . 4.75 -12.24 8.68
H2 MUB I . 6.68 -12.50 10.06
HN2 MUB I . 8.17 -10.93 9.74
H81 MUB I . 10.72 -10.85 9.22
H82 MUB I . 9.97 -9.81 7.99
H83 MUB I . 11.03 -11.13 7.47
H3 MUB I . 8.21 -13.72 7.75
H9 MUB I . 6.17 -14.34 10.02
H111 MUB I . 8.30 -13.66 11.89
H112 MUB I . 6.93 -14.39 12.67
H113 MUB I . 6.63 -12.97 11.73
H4 MUB I . 5.33 -14.80 8.38
H5 MUB I . 6.24 -13.78 5.66
H61 MUB I . 4.07 -14.88 6.24
H62 MUB I . 4.13 -13.58 4.95
HO6 MUB I . 2.76 -12.50 6.33
C1 NAG I . 7.67 -16.03 6.66
C2 NAG I . 7.74 -17.48 6.14
C3 NAG I . 9.12 -17.75 5.53
C4 NAG I . 9.47 -16.67 4.50
C5 NAG I . 9.30 -15.28 5.10
C6 NAG I . 9.56 -14.19 4.08
C7 NAG I . 8.25 -18.58 8.24
C8 NAG I . 7.75 -19.60 9.27
N2 NAG I . 7.44 -18.41 7.20
O3 NAG I . 9.11 -19.02 4.88
O4 NAG I . 10.82 -16.85 4.09
O5 NAG I . 7.95 -15.11 5.60
O6 NAG I . 9.09 -12.93 4.53
O7 NAG I . 9.45 -18.29 8.18
H1 NAG I . 8.35 -15.88 7.50
H2 NAG I . 7.01 -17.78 5.45
H3 NAG I . 9.90 -17.77 6.29
H4 NAG I . 8.85 -16.97 3.63
H5 NAG I . 10.01 -15.06 5.92
H61 NAG I . 9.05 -14.37 3.13
H62 NAG I . 10.64 -14.18 3.86
H81 NAG I . 8.48 -19.65 10.08
H82 NAG I . 7.65 -20.56 8.81
H83 NAG I . 6.79 -19.27 9.65
HN2 NAG I . 6.50 -18.66 7.30
HO3 NAG I . 9.00 -19.73 5.51
HO4 NAG I . 10.96 -17.78 3.92
HO6 NAG I . 9.08 -13.00 5.49
C1 MUB J . 2.16 16.42 6.75
C2 MUB J . 0.95 17.34 6.81
C3 MUB J . 0.51 17.70 5.39
C4 MUB J . 1.71 17.94 4.48
C5 MUB J . 2.53 16.65 4.36
C6 MUB J . 4.03 16.92 4.31
C7 MUB J . -1.16 16.12 6.85
C8 MUB J . -2.37 15.57 7.64
C9 MUB J . 0.24 19.98 6.03
C10 MUB J . 0.62 21.14 5.13
C11 MUB J . 0.14 20.19 7.58
O1 MUB J . 2.08 15.48 7.77
O3 MUB J . -0.37 18.83 5.41
O4 MUB J . 1.33 18.43 3.16
O5 MUB J . 2.26 15.75 5.48
O6 MUB J . 4.51 17.30 5.59
O7 MUB J . -0.92 15.66 5.73
O10 MUB J . -0.26 21.84 4.64
N2 MUB J . -0.19 16.78 7.52
H1 MUB J . 3.11 16.95 6.96
H2 MUB J . 1.22 18.20 7.42
HN2 MUB J . -0.38 17.15 8.42
H81 MUB J . -3.03 15.07 6.94
H82 MUB J . -2.89 16.39 8.10
H83 MUB J . -2.02 14.89 8.40
H3 MUB J . -0.17 16.92 5.00
H9 MUB J . 1.21 19.63 5.83
H111 MUB J . -0.74 19.67 7.96
H112 MUB J . 0.04 21.20 7.79
H113 MUB J . 1.08 19.84 8.06
H4 MUB J . 2.24 18.86 4.71
H5 MUB J . 2.37 16.15 3.46
H61 MUB J . 3.97 17.91 3.82
H62 MUB J . 4.73 16.34 3.66
HO6 MUB J . 4.78 18.25 5.62
C1 NAG J . 0.08 17.90 2.67
C2 NAG J . -0.17 18.38 1.24
C3 NAG J . -1.53 17.91 0.77
C4 NAG J . -1.66 16.39 0.95
C5 NAG J . -1.24 15.94 2.35
C6 NAG J . -1.16 14.43 2.44
C7 NAG J . -1.04 20.59 1.71
C8 NAG J . -0.81 22.10 1.57
N2 NAG J . -0.09 19.82 1.18
O3 NAG J . -1.69 18.22 -0.60
O4 NAG J . -2.99 16.01 0.71
O5 NAG J . 0.07 16.46 2.68
O6 NAG J . -0.44 14.00 3.58
O7 NAG J . -2.16 20.16 1.98
H1 NAG J . -0.66 18.27 3.36
H2 NAG J . 0.55 18.13 0.52
H3 NAG J . -2.33 18.41 1.34
H4 NAG J . -1.16 15.97 0.04
H5 NAG J . -1.93 16.23 3.18
H61 NAG J . -0.62 13.97 1.59
H62 NAG J . -2.18 14.00 2.43
H81 NAG J . -0.84 22.36 0.52
H82 NAG J . 0.16 22.35 1.96
H83 NAG J . -1.57 22.63 2.13
HN2 NAG J . 0.79 20.22 0.99
HO3 NAG J . -1.67 19.16 -0.79
HO4 NAG J . -3.01 16.18 -0.24
HO6 NAG J . -0.54 14.72 4.23
C1 MUB K . -3.45 -15.56 0.71
C2 MUB K . -1.97 -15.64 1.02
C3 MUB K . -1.21 -16.14 -0.21
C4 MUB K . -2.17 -16.76 -1.24
C5 MUB K . -3.19 -15.71 -1.70
C6 MUB K . -4.39 -16.33 -2.42
C7 MUB K . -0.94 -13.51 0.54
C8 MUB K . -0.42 -12.16 1.02
C9 MUB K . -0.73 -18.19 0.90
C10 MUB K . -0.84 -19.51 0.18
C11 MUB K . -0.86 -18.16 2.45
O1 MUB K . -4.09 -14.82 1.69
O3 MUB K . -0.19 -17.06 0.18
O4 MUB K . -1.47 -17.33 -2.38
O5 MUB K . -3.69 -14.94 -0.58
O6 MUB K . -4.94 -17.40 -1.68
O7 MUB K . -0.90 -13.80 -0.65
O10 MUB K . 0.16 -20.22 0.05
N2 MUB K . -1.45 -14.37 1.45
H1 MUB K . -3.90 -16.57 0.73
H2 MUB K . -1.88 -16.29 1.90
HN2 MUB K . -1.47 -14.12 2.40
H81 MUB K . 0.39 -12.33 1.73
H82 MUB K . -1.20 -11.61 1.50
H83 MUB K . -0.07 -11.60 0.16
H3 MUB K . -0.62 -15.30 -0.63
H9 MUB K . -1.70 -18.02 0.51
H111 MUB K . -0.09 -17.52 2.88
H112 MUB K . -0.73 -19.12 2.83
H113 MUB K . -1.88 -17.84 2.73
H4 MUB K . -2.55 -17.72 -0.91
H5 MUB K . -2.81 -15.08 -2.43
H61 MUB K . -3.94 -16.83 -3.30
H62 MUB K . -5.17 -15.61 -2.81
HO6 MUB K . -4.78 -18.27 -2.07
C1 NAG K . -0.36 -16.55 -2.88
C2 NAG K . 0.23 -17.26 -4.11
C3 NAG K . 1.40 -16.45 -4.68
C4 NAG K . 0.99 -14.99 -4.89
C5 NAG K . 0.36 -14.41 -3.63
C6 NAG K . -0.14 -12.99 -3.85
C7 NAG K . 1.67 -18.84 -2.96
C8 NAG K . 1.92 -20.33 -2.70
N2 NAG K . 0.63 -18.60 -3.77
O3 NAG K . 1.79 -17.01 -5.93
O4 NAG K . 2.13 -14.23 -5.24
O5 NAG K . -0.77 -15.22 -3.23
O6 NAG K . -1.10 -12.63 -2.87
O7 NAG K . 2.55 -18.01 -2.76
H1 NAG K . 0.32 -16.55 -2.04
H2 NAG K . -0.44 -17.47 -4.89
H3 NAG K . 2.26 -16.47 -4.00
H4 NAG K . 0.37 -15.05 -5.83
H5 NAG K . 1.06 -14.33 -2.79
H61 NAG K . -0.62 -12.85 -4.81
H62 NAG K . 0.74 -12.32 -3.81
H81 NAG K . 2.16 -20.82 -3.64
H82 NAG K . 1.04 -20.78 -2.27
H83 NAG K . 2.75 -20.43 -1.99
HN2 NAG K . -0.05 -19.30 -3.89
HO3 NAG K . 2.14 -17.89 -5.80
HO4 NAG K . 2.62 -14.71 -5.92
HO6 NAG K . -0.97 -13.22 -2.13
C1 MUB L . -0.17 10.90 -8.59
C2 MUB L . 0.25 12.35 -8.44
C3 MUB L . 0.86 12.85 -9.76
C4 MUB L . 1.29 11.67 -10.63
C5 MUB L . 0.11 10.75 -10.95
C6 MUB L . 0.58 9.32 -11.17
C7 MUB L . -1.59 13.77 -9.03
C8 MUB L . -2.75 14.65 -8.59
C9 MUB L . 3.05 13.07 -8.83
C10 MUB L . 4.01 12.26 -9.69
C11 MUB L . 3.42 13.41 -7.36
O1 MUB L . -1.00 10.53 -7.55
O3 MUB L . 1.96 13.74 -9.49
O4 MUB L . 1.96 12.10 -11.85
O5 MUB L . -0.83 10.71 -9.84
O6 MUB L . 1.23 8.82 -10.01
O7 MUB L . -1.49 13.45 -10.21
O10 MUB L . 4.64 12.83 -10.58
N2 MUB L . -0.86 13.19 -8.07
H1 MUB L . 0.68 10.20 -8.56
H2 MUB L . 0.91 12.37 -7.57
HN2 MUB L . -0.95 13.49 -7.13
H81 MUB L . -2.36 15.46 -7.98
H82 MUB L . -3.44 14.08 -8.02
H83 MUB L . -3.23 15.03 -9.48
H3 MUB L . 0.17 13.53 -10.28
H9 MUB L . 2.53 12.18 -8.82
H111 MUB L . 3.43 14.48 -7.21
H112 MUB L . 4.36 13.03 -7.14
H113 MUB L . 2.69 12.90 -6.68
H4 MUB L . 2.17 11.22 -10.16
H5 MUB L . -0.38 10.94 -11.82
H61 MUB L . 1.42 9.37 -11.90
H62 MUB L . -0.18 8.56 -11.55
HO6 MUB L . 2.04 8.32 -10.16
C1 NAG L . 1.27 13.15 -12.57
C2 NAG L . 2.00 13.41 -13.88
C3 NAG L . 1.29 14.52 -14.64
C4 NAG L . -0.21 14.19 -14.79
C5 NAG L . -0.82 13.84 -13.43
C6 NAG L . -2.28 13.39 -13.55
C7 NAG L . 3.75 14.84 -12.99
C8 NAG L . 5.26 15.01 -12.82
N2 NAG L . 3.39 13.74 -13.65
O3 NAG L . 1.85 14.64 -15.95
O4 NAG L . -0.89 15.32 -15.33
O5 NAG L . -0.08 12.76 -12.82
O6 NAG L . -2.75 12.82 -12.34
O7 NAG L . 3.00 15.81 -12.89
H1 NAG L . 1.34 14.03 -11.89
H2 NAG L . 2.18 12.62 -14.53
H3 NAG L . 1.38 15.48 -14.13
H4 NAG L . -0.22 13.44 -15.62
H5 NAG L . -0.88 14.67 -12.75
H61 NAG L . -2.39 12.63 -14.33
H62 NAG L . -2.85 14.28 -13.85
H81 NAG L . 5.45 15.95 -12.29
H82 NAG L . 5.73 15.04 -13.78
H83 NAG L . 5.65 14.17 -12.25
HN2 NAG L . 4.03 13.00 -13.70
HO3 NAG L . 2.78 14.89 -15.84
HO4 NAG L . -0.37 15.65 -16.07
HO6 NAG L . -2.07 12.98 -11.67
P 2PO M . 5.39 -9.71 9.89
O1P 2PO M . 6.45 -10.20 10.82
O2P 2PO M . 3.97 -9.85 10.31
O3P 2PO M . 5.65 -8.13 9.58
P 2PO N . 5.55 -7.59 8.08
O1P 2PO N . 4.12 -7.53 7.60
O2P 2PO N . 6.39 -6.38 7.97
O3P 2PO N . 6.26 -8.83 7.39
C1 P1W O . 6.50 -8.88 6.02
C2 P1W O . 7.76 -8.14 5.75
C3 P1W O . 8.34 -8.13 4.55
C4 P1W O . 9.63 -7.38 4.30
C5 P1W O . 7.75 -8.90 3.34
H12 P1W O . 6.60 -9.91 5.72
H11 P1W O . 5.68 -8.40 5.50
H2 P1W O . 7.95 -7.33 6.43
H41 P1W O . 10.25 -7.46 5.18
H42 P1W O . 10.13 -7.82 3.47
H51 P1W O . 7.74 -9.97 3.54
H52 P1W O . 8.35 -8.71 2.47
H53 P1W O . 6.74 -8.56 3.16
C1 P1W P . 9.38 -5.89 4.02
C2 P1W P . 9.95 -5.55 2.67
C3 P1W P . 9.26 -5.55 1.52
C4 P1W P . 9.92 -5.23 0.22
C5 P1W P . 7.77 -5.86 1.41
H12 P1W P . 9.87 -5.30 4.76
H11 P1W P . 8.33 -5.68 4.02
H2 P1W P . 11.01 -5.29 2.67
H41 P1W P . 9.31 -4.54 -0.34
H42 P1W P . 10.89 -4.78 0.43
H51 P1W P . 7.40 -5.52 0.45
H52 P1W P . 7.23 -5.35 2.20
H53 P1W P . 7.61 -6.92 1.51
C1 P1W Q . 4.99 16.12 -0.05
C2 P1W Q . 6.49 16.12 -0.22
C3 P1W Q . 7.35 16.28 0.80
C4 P1W Q . 8.88 16.29 0.65
C5 P1W Q . 6.87 16.42 2.24
H12 P1W Q . 4.73 16.41 0.96
H11 P1W Q . 4.56 16.82 -0.76
H2 P1W Q . 6.81 16.26 -1.23
H43 P1W Q . 9.30 15.39 1.05
H41 P1W Q . 9.30 17.15 1.18
H42 P1W Q . 9.14 16.36 -0.40
H51 P1W Q . 6.33 15.52 2.51
H52 P1W Q . 6.22 17.28 2.33
H53 P1W Q . 7.72 16.53 2.89
C1 P1W R . 10.11 -6.52 -0.57
C2 P1W R . 9.42 -6.45 -1.91
C3 P1W R . 8.42 -7.29 -2.28
C4 P1W R . 7.72 -7.18 -3.63
C5 P1W R . 7.89 -8.41 -1.38
H12 P1W R . 9.72 -7.34 0.00
H11 P1W R . 11.17 -6.67 -0.73
H2 P1W R . 9.55 -5.53 -2.44
H43 P1W R . 8.12 -7.88 -4.34
H41 P1W R . 7.83 -6.18 -4.01
H42 P1W R . 6.67 -7.39 -3.48
H51 P1W R . 7.48 -7.96 -0.50
H52 P1W R . 8.69 -9.08 -1.11
H53 P1W R . 7.12 -8.95 -1.90
P 2PO S . 2.14 16.00 9.29
O1P 2PO S . 0.81 15.82 9.91
O2P 2PO S . 2.74 17.36 9.29
O3P 2PO S . 3.19 15.00 9.97
P 2PO T . 2.97 13.43 9.86
O1P 2PO T . 4.26 12.74 10.08
O2P 2PO T . 1.79 13.06 10.67
O3P 2PO T . 2.55 13.29 8.32
C1 P1W U . 3.52 12.95 7.34
C2 P1W U . 2.81 12.72 6.04
C3 P1W U . 3.39 12.45 4.86
C4 P1W U . 2.58 12.22 3.59
C5 P1W U . 4.92 12.26 4.72
H12 P1W U . 4.21 13.76 7.24
H11 P1W U . 4.04 12.06 7.67
H2 P1W U . 1.76 12.48 6.15
H41 P1W U . 3.05 11.45 3.00
H42 P1W U . 1.61 11.87 3.90
H51 P1W U . 5.12 11.62 3.88
H52 P1W U . 5.29 11.78 5.61
H53 P1W U . 5.40 13.21 4.59
C1 P1W V . -4.02 -11.72 -3.52
C2 P1W V . -4.59 -11.33 -4.86
C3 P1W V . -3.83 -11.23 -5.96
C4 P1W V . -4.39 -10.76 -7.29
C5 P1W V . -2.33 -11.57 -5.98
H12 P1W V . -4.05 -12.79 -3.40
H11 P1W V . -3.01 -11.36 -3.45
H2 P1W V . -5.51 -10.77 -4.78
H41 P1W V . -4.11 -11.45 -8.07
H42 P1W V . -5.47 -10.70 -7.24
H51 P1W V . -1.91 -11.30 -6.94
H52 P1W V . -2.19 -12.63 -5.80
H53 P1W V . -1.82 -11.01 -5.20
C1 P1W W . -3.83 -9.38 -7.61
C2 P1W W . -4.75 -8.30 -7.10
C3 P1W W . -4.92 -7.14 -7.77
C4 P1W W . -5.81 -5.96 -7.34
C5 P1W W . -4.23 -6.90 -9.09
H12 P1W W . -3.69 -9.26 -8.69
H11 P1W W . -2.85 -9.26 -7.13
H2 P1W W . -4.96 -8.37 -6.06
H43 P1W W . -6.31 -6.16 -6.40
H41 P1W W . -6.54 -5.78 -8.10
H42 P1W W . -5.19 -5.07 -7.22
H51 P1W W . -4.56 -7.64 -9.81
H52 P1W W . -3.15 -6.99 -8.96
H53 P1W W . -4.47 -5.91 -9.44
C1 P1W X . 4.53 4.55 -3.82
C2 P1W X . 5.64 4.93 -4.75
C3 P1W X . 6.61 4.06 -5.09
C4 P1W X . 7.75 4.41 -6.05
C5 P1W X . 6.68 2.65 -4.53
H12 P1W X . 4.25 3.52 -4.00
H11 P1W X . 4.88 4.66 -2.81
H2 P1W X . 5.85 5.99 -4.73
H43 P1W X . 7.70 5.46 -6.33
H41 P1W X . 7.68 3.80 -6.94
H42 P1W X . 8.70 4.22 -5.55
H51 P1W X . 6.72 2.70 -3.44
H52 P1W X . 7.57 2.17 -4.90
H53 P1W X . 5.81 2.08 -4.82
C1 P1W Y . 2.35 13.48 2.73
C2 P1W Y . 3.48 13.74 1.77
C3 P1W Y . 3.32 14.46 0.62
C4 P1W Y . 4.45 14.73 -0.31
C5 P1W Y . 1.98 15.01 0.16
H12 P1W Y . 2.23 14.33 3.37
H11 P1W Y . 1.43 13.33 2.16
H2 P1W Y . 4.25 12.98 1.80
H41 P1W Y . 5.25 14.01 -0.18
H42 P1W Y . 4.09 14.70 -1.34
H51 P1W Y . 1.37 14.19 -0.16
H52 P1W Y . 2.14 15.68 -0.68
H53 P1W Y . 1.51 15.55 0.97
P 2PO Z . -4.17 -15.35 3.20
O1P 2PO Z . -2.94 -14.93 3.94
O2P 2PO Z . -4.53 -16.78 3.18
O3P 2PO Z . -5.41 -14.52 3.78
P 2PO AA . -5.51 -13.00 3.38
O1P 2PO AA . -6.88 -12.48 3.61
O2P 2PO AA . -4.34 -12.29 3.99
O3P 2PO AA . -5.30 -13.03 1.82
C1 P1W BA . -4.45 -12.08 1.26
C2 P1W BA . -4.92 -11.82 -0.14
C3 P1W BA . -4.26 -11.20 -1.09
C4 P1W BA . -4.86 -11.04 -2.46
C5 P1W BA . -2.87 -10.62 -0.90
H12 P1W BA . -4.50 -11.17 1.86
H11 P1W BA . -3.44 -12.45 1.26
H2 P1W BA . -5.74 -12.44 -0.44
H41 P1W BA . -5.86 -11.47 -2.47
H42 P1W BA . -4.93 -9.99 -2.69
H51 P1W BA . -2.92 -9.86 -0.12
H52 P1W BA . -2.53 -10.18 -1.82
H53 P1W BA . -2.21 -11.40 -0.59
P 2PO CA . -0.46 10.70 -6.05
O1P 2PO CA . -0.84 12.04 -5.54
O2P 2PO CA . 0.98 10.33 -6.00
O3P 2PO CA . -1.26 9.60 -5.23
P 2PO DA . -2.85 9.62 -5.12
O1P 2PO DA . -3.22 8.60 -4.14
O2P 2PO DA . -3.32 11.03 -4.88
O3P 2PO DA . -3.29 9.14 -6.58
C1 P1W EA . -3.20 7.75 -6.95
C2 P1W EA . -1.76 7.39 -7.14
C3 P1W EA . -1.29 6.30 -7.78
C4 P1W EA . 0.19 6.09 -7.85
C5 P1W EA . -2.14 5.21 -8.47
H12 P1W EA . -3.63 7.16 -6.15
H11 P1W EA . -3.75 7.59 -7.86
H2 P1W EA . -1.10 8.22 -6.98
H41 P1W EA . 0.47 5.78 -8.84
H42 P1W EA . 0.70 7.02 -7.60
H51 P1W EA . -2.28 5.47 -9.51
H52 P1W EA . -3.09 5.14 -7.98
H53 P1W EA . -1.63 4.26 -8.41
C1 P1W FA . 0.59 5.04 -6.84
C2 P1W FA . 1.54 5.63 -5.82
C3 P1W FA . 2.40 4.88 -5.09
C4 P1W FA . 3.34 5.46 -4.05
C5 P1W FA . 2.54 3.38 -5.29
H12 P1W FA . 1.05 4.20 -7.35
H11 P1W FA . -0.31 4.70 -6.33
H2 P1W FA . 1.33 6.65 -5.56
H41 P1W FA . 3.70 6.42 -4.39
H42 P1W FA . 2.82 5.58 -3.10
H51 P1W FA . 2.50 2.87 -4.34
H52 P1W FA . 3.49 3.19 -5.77
H53 P1W FA . 1.74 3.01 -5.93
N ZAE A 1 10.10 13.76 6.49
CA ZAE A 1 9.15 14.45 5.56
C ZAE A 1 8.03 13.49 5.19
O ZAE A 1 6.86 13.79 5.39
CB ZAE A 1 8.58 15.72 6.21
CG ZAE A 1 8.37 16.83 5.22
CD1 ZAE A 1 7.18 17.56 5.22
CD2 ZAE A 1 9.33 17.12 4.26
CE1 ZAE A 1 6.98 18.56 4.28
CE2 ZAE A 1 9.13 18.12 3.33
CZ ZAE A 1 7.95 18.84 3.34
C10 ZAE A 1 11.41 14.42 6.50
H ZAE A 1 10.23 12.77 6.18
HA ZAE A 1 9.69 14.72 4.66
HB2 ZAE A 1 7.62 15.49 6.66
HB3 ZAE A 1 9.25 16.08 6.97
HD1 ZAE A 1 6.43 17.34 5.95
HD2 ZAE A 1 10.25 16.56 4.26
HE1 ZAE A 1 6.05 19.12 4.29
HE2 ZAE A 1 9.89 18.33 2.60
HZ ZAE A 1 7.79 19.62 2.61
H11 ZAE A 1 11.85 14.36 5.51
H12 ZAE A 1 12.07 13.92 7.21
H13 ZAE A 1 11.30 15.45 6.78
HN2 ZAE A 1 9.68 13.75 7.46
N ILE A 2 8.40 12.33 4.68
CA ILE A 2 7.39 11.34 4.32
C ILE A 2 7.60 10.12 5.13
N SER A 3 6.60 9.32 5.13
CA SER A 3 6.68 8.10 5.84
C SER A 3 5.83 7.08 5.15
N DGN A 4 6.03 5.83 5.52
CA DGN A 4 5.21 4.77 5.01
C DGN A 4 5.96 3.78 4.16
O DGN A 4 7.17 3.94 3.92
CB DGN A 4 4.56 4.00 6.17
CG DGN A 4 4.95 4.48 7.58
CD DGN A 4 3.89 5.37 8.25
OE1 DGN A 4 3.15 6.07 7.59
NE2 DGN A 4 3.81 5.29 9.58
H DGN A 4 6.76 5.61 6.17
HA DGN A 4 4.45 5.22 4.43
HB2 DGN A 4 4.87 2.97 6.08
HB3 DGN A 4 3.50 4.06 6.06
HG2 DGN A 4 5.87 5.03 7.51
HG3 DGN A 4 5.10 3.61 8.20
HE21 DGN A 4 4.41 4.68 10.06
HE22 DGN A 4 3.14 5.86 10.04
N 28J A 5 5.24 2.77 3.67
CA 28J A 5 5.91 1.72 2.94
CB 28J A 5 7.00 2.27 1.98
CG2 28J A 5 8.14 1.27 1.89
CG1 28J A 5 6.37 2.55 0.63
CD1 28J A 5 7.32 3.10 -0.38
C 28J A 5 4.97 0.82 2.17
O 28J A 5 3.74 0.88 2.32
HA 28J A 5 6.44 1.14 3.68
H22 28J A 5 7.39 3.20 2.39
H23 28J A 5 8.02 0.66 1.01
H24 28J A 5 8.14 0.63 2.77
H25 28J A 5 9.08 1.80 1.84
H26 28J A 5 5.97 1.62 0.24
H27 28J A 5 5.55 3.25 0.76
H28 28J A 5 6.82 3.18 -1.34
H29 28J A 5 8.17 2.45 -0.45
H30 28J A 5 7.63 4.08 -0.06
N ILE A 6 5.61 -0.13 1.44
CA ILE A 6 4.95 -1.10 0.58
C ILE A 6 5.41 -2.53 0.86
N SER A 7 4.44 -3.46 0.76
CA SER A 7 4.70 -4.92 0.72
C SER A 7 4.01 -5.73 1.82
N DTH A 8 4.38 -7.02 1.87
CA DTH A 8 3.85 -7.95 2.86
CB DTH A 8 4.88 -8.39 3.94
CG2 DTH A 8 5.48 -7.21 4.69
OG1 DTH A 8 5.89 -9.20 3.32
C DTH A 8 3.41 -9.28 2.23
O DTH A 8 3.00 -10.16 2.96
H DTH A 8 5.00 -7.37 1.19
HA DTH A 8 3.03 -7.45 3.36
HB DTH A 8 4.35 -9.02 4.65
HG21 DTH A 8 5.98 -6.56 4.00
HG22 DTH A 8 6.19 -7.59 5.42
HG23 DTH A 8 4.70 -6.67 5.19
N ALA A 9 3.58 -9.44 0.90
CA ALA A 9 3.23 -10.70 0.23
C ALA A 9 4.01 -11.89 0.77
N EI4 A 10 5.19 -12.14 0.24
CA EI4 A 10 5.96 -13.26 0.72
CB EI4 A 10 6.93 -13.75 -0.35
CG EI4 A 10 6.34 -14.81 -1.27
CD2 EI4 A 10 4.94 -14.30 -1.92
NE2 EI4 A 10 5.28 -14.21 -3.39
CE1 EI4 A 10 6.58 -14.61 -3.66
ND1 EI4 A 10 7.21 -14.95 -2.49
NT EI4 A 10 7.12 -14.70 -4.82
C EI4 A 10 6.63 -12.89 2.02
O EI4 A 10 6.88 -13.74 2.88
H EI4 A 10 5.57 -11.54 -0.45
HA EI4 A 10 5.24 -14.06 0.92
HB EI4 A 10 7.81 -14.17 0.12
HBA EI4 A 10 7.23 -12.91 -0.96
HG1 EI4 A 10 6.23 -15.75 -0.76
HD2 EI4 A 10 4.67 -13.32 -1.56
HE EI4 A 10 4.63 -13.98 -4.09
HND1 EI4 A 10 8.14 -15.26 -2.44
HD1 EI4 A 10 4.15 -15.01 -1.74
H1 EI4 A 10 6.60 -14.49 -5.65
HH12 EI4 A 10 8.09 -14.98 -4.91
N ILE A 11 6.88 -11.60 2.17
CA ILE A 11 7.48 -11.08 3.39
C ILE A 11 6.45 -10.23 4.12
N ZAE B 1 -2.52 -9.12 -1.23
CA ZAE B 1 -1.19 -9.67 -0.85
C ZAE B 1 -0.22 -8.65 -0.26
O ZAE B 1 0.82 -9.01 0.29
CB ZAE B 1 -1.35 -10.88 0.07
CG ZAE B 1 -0.57 -12.02 -0.47
CD1 ZAE B 1 0.29 -12.75 0.34
CD2 ZAE B 1 -0.67 -12.38 -1.82
CE1 ZAE B 1 1.06 -13.78 -0.17
CE2 ZAE B 1 0.10 -13.42 -2.33
CZ ZAE B 1 0.95 -14.13 -1.51
C10 ZAE B 1 -3.30 -10.19 -1.89
H ZAE B 1 -2.42 -8.34 -1.90
HA ZAE B 1 -0.74 -10.02 -1.76
HB2 ZAE B 1 -0.97 -10.65 1.05
HB3 ZAE B 1 -2.39 -11.15 0.13
HD1 ZAE B 1 0.37 -12.48 1.39
HD2 ZAE B 1 -1.34 -11.83 -2.47
HE1 ZAE B 1 1.73 -14.33 0.48
HE2 ZAE B 1 0.01 -13.69 -3.39
HZ ZAE B 1 1.55 -14.94 -1.91
H11 ZAE B 1 -3.44 -11.02 -1.20
H12 ZAE B 1 -2.75 -10.53 -2.76
H13 ZAE B 1 -4.26 -9.81 -2.18
HN2 ZAE B 1 -3.02 -8.76 -0.37
N ILE B 2 -0.57 -7.38 -0.38
CA ILE B 2 0.31 -6.32 0.07
C ILE B 2 -0.49 -5.21 0.61
N SER B 3 0.17 -4.38 1.31
CA SER B 3 -0.54 -3.34 1.93
C SER B 3 0.40 -2.21 2.19
N DGN B 4 -0.16 -1.01 2.23
CA DGN B 4 0.62 0.11 2.64
C DGN B 4 0.77 1.15 1.56
O DGN B 4 0.16 1.08 0.49
CB DGN B 4 -0.02 0.73 3.87
CG DGN B 4 -0.75 -0.25 4.79
CD DGN B 4 0.16 -0.89 5.83
OE1 DGN B 4 1.35 -1.09 5.60
NE2 DGN B 4 -0.38 -1.20 7.02
H DGN B 4 -1.09 -0.88 1.90
HA DGN B 4 1.59 -0.25 2.91
HB2 DGN B 4 -0.74 1.48 3.54
HB3 DGN B 4 0.75 1.21 4.45
HG2 DGN B 4 -1.20 -1.03 4.19
HG3 DGN B 4 -1.54 0.28 5.30
HE21 DGN B 4 -1.32 -0.97 7.18
HE22 DGN B 4 0.17 -1.69 7.66
N 28J B 5 1.60 2.15 1.86
CA 28J B 5 1.73 3.21 0.91
CB 28J B 5 1.96 2.67 -0.52
CG2 28J B 5 1.02 3.40 -1.45
CG1 28J B 5 3.41 2.82 -0.94
CD1 28J B 5 3.71 2.26 -2.28
C 28J B 5 2.83 4.19 1.19
O 28J B 5 3.52 4.11 2.22
HA 28J B 5 0.80 3.71 0.88
H22 28J B 5 1.69 1.61 -0.53
H23 28J B 5 1.32 3.26 -2.46
H24 28J B 5 1.03 4.47 -1.21
H25 28J B 5 0.01 3.03 -1.30
H26 28J B 5 3.67 3.87 -0.93
H27 28J B 5 4.04 2.30 -0.21
H28 28J B 5 3.33 1.24 -2.32
H29 28J B 5 4.76 2.26 -2.46
H30 28J B 5 3.20 2.85 -3.03
N ILE B 6 2.88 5.20 0.29
CA ILE B 6 3.92 6.17 0.32
C ILE B 6 3.53 7.63 0.20
N SER B 7 4.15 8.45 1.08
CA SER B 7 4.19 9.92 0.93
C SER B 7 3.88 10.65 2.20
N DTH B 8 3.75 11.97 2.09
CA DTH B 8 3.33 12.72 3.27
CB DTH B 8 1.80 13.07 3.33
CG2 DTH B 8 0.86 11.86 3.35
OG1 DTH B 8 1.47 13.98 2.29
C DTH B 8 4.01 14.07 3.38
O DTH B 8 3.64 14.86 4.24
H DTH B 8 4.12 12.44 1.27
HA DTH B 8 3.56 12.12 4.13
HB DTH B 8 1.65 13.60 4.26
HG21 DTH B 8 1.02 11.24 2.49
HG22 DTH B 8 -0.17 12.21 3.35
HG23 DTH B 8 1.04 11.29 4.25
N ALA B 9 4.95 14.35 2.46
CA ALA B 9 5.64 15.63 2.43
C ALA B 9 4.65 16.78 2.28
N EI4 B 10 4.14 17.02 1.09
CA EI4 B 10 3.18 18.11 0.92
CB EI4 B 10 3.27 18.67 -0.49
CG EI4 B 10 4.11 19.92 -0.63
CD2 EI4 B 10 5.56 19.68 0.05
NE2 EI4 B 10 6.51 19.86 -1.12
CE1 EI4 B 10 5.84 20.14 -2.28
ND1 EI4 B 10 4.49 20.18 -2.08
NT EI4 B 10 6.42 20.35 -3.44
C EI4 B 10 1.77 17.66 1.27
O EI4 B 10 0.96 18.45 1.76
H EI4 B 10 4.38 16.46 0.34
HA EI4 B 10 3.47 18.89 1.61
HB EI4 B 10 2.27 18.90 -0.84
HBA EI4 B 10 3.68 17.91 -1.14
HG1 EI4 B 10 3.62 20.78 -0.21
HD2 EI4 B 10 5.63 18.69 0.47
HE EI4 B 10 7.49 19.73 -1.05
HND1 EI4 B 10 3.83 20.36 -2.79
HD1 EI4 B 10 5.75 20.44 0.80
H1 EI4 B 10 7.43 20.35 -3.52
HH12 EI4 B 10 5.87 20.54 -4.25
N ILE B 11 1.49 16.39 1.05
CA ILE B 11 0.18 15.83 1.39
C ILE B 11 0.35 14.86 2.53
N ZAE C 1 2.31 9.29 -2.95
CA ZAE C 1 1.08 9.52 -3.77
C ZAE C 1 -0.12 8.69 -3.37
O ZAE C 1 -1.25 9.06 -3.69
CB ZAE C 1 0.70 11.00 -3.75
CG ZAE C 1 0.13 11.55 -5.04
CD1 ZAE C 1 -0.96 12.43 -5.02
CD2 ZAE C 1 0.64 11.21 -6.29
CE1 ZAE C 1 -1.43 13.02 -6.18
CE2 ZAE C 1 0.17 11.78 -7.45
CZ ZAE C 1 -0.90 12.65 -7.41
C10 ZAE C 1 3.45 9.97 -3.59
H ZAE C 1 2.54 8.28 -2.89
HA ZAE C 1 1.33 9.25 -4.78
HB2 ZAE C 1 -0.03 11.14 -2.97
HB3 ZAE C 1 1.58 11.58 -3.52
HD1 ZAE C 1 -1.38 12.72 -4.06
HD2 ZAE C 1 1.45 10.52 -6.35
HE1 ZAE C 1 -2.25 13.71 -6.15
HE2 ZAE C 1 0.58 11.50 -8.41
HZ ZAE C 1 -1.26 13.11 -8.31
H11 ZAE C 1 3.46 9.76 -4.66
H12 ZAE C 1 4.36 9.61 -3.17
H13 ZAE C 1 3.38 11.03 -3.43
HN2 ZAE C 1 2.17 9.66 -1.97
N ILE C 2 0.08 7.62 -2.63
CA ILE C 2 -1.03 6.74 -2.31
C ILE C 2 -0.81 6.04 -1.02
N SER C 3 -1.87 5.48 -0.54
CA SER C 3 -1.78 4.75 0.67
C SER C 3 -2.87 3.73 0.74
N DGN C 4 -2.51 2.56 1.24
CA DGN C 4 -3.47 1.52 1.45
C DGN C 4 -3.07 0.24 0.73
O DGN C 4 -2.03 0.16 0.04
CB DGN C 4 -3.64 1.26 2.95
CG DGN C 4 -3.50 2.51 3.84
CD DGN C 4 -4.64 3.51 3.65
OE1 DGN C 4 -5.76 3.13 3.29
NE2 DGN C 4 -4.39 4.78 3.90
H DGN C 4 -1.55 2.36 1.45
HA DGN C 4 -4.41 1.85 1.05
HB2 DGN C 4 -2.90 0.54 3.27
HB3 DGN C 4 -4.62 0.84 3.12
HG2 DGN C 4 -2.57 3.00 3.59
HG3 DGN C 4 -3.49 2.20 4.87
HE21 DGN C 4 -3.50 5.03 4.23
HE22 DGN C 4 -5.10 5.44 3.73
N 28J C 5 -3.91 -0.79 0.89
CA 28J C 5 -3.59 -2.09 0.32
CB 28J C 5 -3.32 -2.00 -1.20
CG2 28J C 5 -1.99 -2.65 -1.52
CG1 28J C 5 -4.46 -2.67 -1.98
CD1 28J C 5 -4.51 -2.29 -3.43
C 28J C 5 -4.68 -3.13 0.46
O 28J C 5 -5.81 -2.82 0.87
HA 28J C 5 -2.70 -2.44 0.77
H22 28J C 5 -3.26 -0.95 -1.48
H23 28J C 5 -2.06 -3.71 -1.30
H24 28J C 5 -1.21 -2.21 -0.90
H25 28J C 5 -1.75 -2.52 -2.55
H26 28J C 5 -4.35 -3.74 -1.92
H27 28J C 5 -5.41 -2.39 -1.52
H28 28J C 5 -5.28 -2.87 -3.91
H29 28J C 5 -3.55 -2.51 -3.87
H30 28J C 5 -4.73 -1.24 -3.52
N ILE C 6 -4.28 -4.40 0.08
CA ILE C 6 -5.18 -5.52 0.04
C ILE C 6 -4.71 -6.86 0.60
N SER C 7 -5.58 -7.38 1.46
CA SER C 7 -5.52 -8.75 2.02
C SER C 7 -6.14 -8.76 3.40
N DTH C 8 -6.14 -9.96 4.04
CA DTH C 8 -6.55 -10.04 5.44
CB DTH C 8 -5.33 -10.24 6.39
CG2 DTH C 8 -4.34 -9.07 6.34
OG1 DTH C 8 -4.65 -11.48 6.11
C DTH C 8 -7.46 -11.23 5.71
O DTH C 8 -8.16 -11.31 6.72
H DTH C 8 -6.04 -10.80 3.51
HA DTH C 8 -6.98 -9.10 5.70
HB DTH C 8 -5.71 -10.30 7.41
HG21 DTH C 8 -3.98 -8.95 5.33
HG22 DTH C 8 -3.50 -9.28 6.99
HG23 DTH C 8 -4.83 -8.17 6.66
N ALA C 9 -7.35 -12.20 4.82
CA ALA C 9 -8.09 -13.44 4.94
C ALA C 9 -7.17 -14.50 5.52
N EI4 C 10 -6.22 -14.91 4.72
CA EI4 C 10 -5.27 -15.91 5.13
CB EI4 C 10 -4.62 -16.54 3.90
CG EI4 C 10 -4.13 -17.97 4.08
CD2 EI4 C 10 -5.40 -18.96 4.04
NE2 EI4 C 10 -5.12 -19.81 2.83
CE1 EI4 C 10 -3.94 -19.46 2.19
ND1 EI4 C 10 -3.34 -18.42 2.88
NT EI4 C 10 -3.44 -20.01 1.13
C EI4 C 10 -4.26 -15.30 6.09
O EI4 C 10 -3.78 -15.96 7.02
H EI4 C 10 -6.14 -14.51 3.81
HA EI4 C 10 -5.82 -16.68 5.65
HB EI4 C 10 -3.79 -15.93 3.60
HBA EI4 C 10 -5.35 -16.54 3.10
HG1 EI4 C 10 -3.54 -18.08 4.99
HD2 EI4 C 10 -6.32 -18.41 3.88
HE EI4 C 10 -5.71 -20.54 2.54
HND1 EI4 C 10 -2.50 -18.00 2.61
HD1 EI4 C 10 -5.45 -19.56 4.95
H1 EI4 C 10 -3.93 -20.78 0.70
HH12 EI4 C 10 -2.61 -19.67 0.73
N ILE C 11 -3.93 -14.03 5.87
CA ILE C 11 -3.03 -13.26 6.74
C ILE C 11 -3.70 -11.94 7.09
N ZAE D 1 -13.99 -11.19 3.58
CA ZAE D 1 -12.95 -11.96 2.89
C ZAE D 1 -11.68 -11.17 2.67
O ZAE D 1 -10.62 -11.59 3.10
CB ZAE D 1 -12.61 -13.19 3.68
CG ZAE D 1 -12.52 -14.38 2.82
CD1 ZAE D 1 -11.46 -15.24 2.93
CD2 ZAE D 1 -13.47 -14.58 1.84
CE1 ZAE D 1 -11.37 -16.34 2.11
CE2 ZAE D 1 -13.39 -15.68 1.01
CZ ZAE D 1 -12.33 -16.55 1.13
C10 ZAE D 1 -15.30 -11.86 3.42
H ZAE D 1 -14.06 -10.23 3.21
HA ZAE D 1 -13.33 -12.27 1.92
HB2 ZAE D 1 -11.64 -13.04 4.15
HB3 ZAE D 1 -13.36 -13.35 4.44
HD1 ZAE D 1 -10.72 -15.09 3.69
HD2 ZAE D 1 -14.29 -13.90 1.74
HE1 ZAE D 1 -10.53 -17.01 2.19
HE2 ZAE D 1 -14.13 -15.85 0.25
HZ ZAE D 1 -12.26 -17.41 0.49
H11 ZAE D 1 -16.04 -11.33 3.99
H12 ZAE D 1 -15.22 -12.88 3.77
H13 ZAE D 1 -15.57 -11.85 2.37
HN2 ZAE D 1 -13.74 -11.14 4.60
N ILE D 2 -11.80 -10.04 2.02
CA ILE D 2 -10.61 -9.26 1.74
C ILE D 2 -10.61 -8.00 2.55
N SER D 3 -9.46 -7.36 2.72
CA SER D 3 -9.48 -6.10 3.45
C SER D 3 -8.44 -5.13 2.98
N DGN D 4 -8.81 -3.84 3.06
CA DGN D 4 -7.98 -2.71 2.65
C DGN D 4 -8.62 -1.98 1.49
O DGN D 4 -9.72 -2.31 1.05
CB DGN D 4 -7.84 -1.66 3.79
CG DGN D 4 -7.74 -2.27 5.19
CD DGN D 4 -6.44 -3.03 5.39
OE1 DGN D 4 -5.82 -3.49 4.45
NE2 DGN D 4 -6.01 -3.18 6.65
H DGN D 4 -9.70 -3.65 3.42
HA DGN D 4 -7.02 -3.07 2.38
HB2 DGN D 4 -8.71 -1.01 3.75
HB3 DGN D 4 -6.95 -1.07 3.60
HG2 DGN D 4 -8.57 -2.95 5.32
HG3 DGN D 4 -7.80 -1.48 5.92
HE21 DGN D 4 -6.54 -2.78 7.38
HE22 DGN D 4 -5.19 -3.69 6.79
N 28J D 5 -7.90 -0.98 1.02
CA 28J D 5 -8.40 -0.11 -0.07
CB 28J D 5 -9.18 -0.89 -1.19
CG2 28J D 5 -10.31 -0.04 -1.77
CG1 28J D 5 -8.25 -1.38 -2.31
CD1 28J D 5 -8.92 -2.32 -3.28
C 28J D 5 -7.25 0.71 -0.67
O 28J D 5 -6.12 0.62 -0.18
HA 28J D 5 -9.10 0.57 0.39
H22 28J D 5 -9.63 -1.76 -0.73
H23 28J D 5 -10.92 0.36 -0.98
H24 28J D 5 -10.92 -0.66 -2.42
H25 28J D 5 -9.89 0.77 -2.35
H26 28J D 5 -7.91 -0.51 -2.87
H27 28J D 5 -7.40 -1.88 -1.87
H28 28J D 5 -9.77 -1.85 -3.73
H29 28J D 5 -9.25 -3.21 -2.75
H30 28J D 5 -8.22 -2.61 -4.05
N ILE D 6 -7.61 1.54 -1.69
CA ILE D 6 -6.67 2.41 -2.43
C ILE D 6 -7.12 3.85 -2.51
N SER D 7 -6.19 4.72 -2.14
CA SER D 7 -6.29 6.17 -2.41
C SER D 7 -5.29 6.96 -1.57
N DTH D 8 -5.46 8.29 -1.59
CA DTH D 8 -4.61 9.18 -0.84
CB DTH D 8 -5.38 9.92 0.28
CG2 DTH D 8 -6.28 8.97 1.06
OG1 DTH D 8 -6.16 10.96 -0.31
C DTH D 8 -3.94 10.25 -1.70
O DTH D 8 -2.89 10.76 -1.35
H DTH D 8 -6.18 8.68 -2.15
HA DTH D 8 -3.84 8.57 -0.35
HB DTH D 8 -4.67 10.36 0.96
HG21 DTH D 8 -6.96 8.48 0.39
HG22 DTH D 8 -6.84 9.53 1.79
HG23 DTH D 8 -5.68 8.24 1.57
N ALA D 9 -4.60 10.61 -2.83
CA ALA D 9 -4.10 11.63 -3.75
C ALA D 9 -4.43 13.01 -3.22
N EI4 D 10 -5.66 13.39 -3.49
CA EI4 D 10 -6.16 14.67 -3.10
CB EI4 D 10 -7.25 15.12 -4.07
CG EI4 D 10 -6.83 16.21 -5.02
CD2 EI4 D 10 -5.34 15.89 -5.61
NE2 EI4 D 10 -5.62 15.78 -7.09
CE1 EI4 D 10 -6.96 15.91 -7.40
ND1 EI4 D 10 -7.67 16.16 -6.25
NT EI4 D 10 -7.47 15.89 -8.58
C EI4 D 10 -6.66 14.56 -1.68
O EI4 D 10 -6.67 15.53 -0.93
H EI4 D 10 -6.26 12.76 -3.94
HA EI4 D 10 -5.35 15.38 -3.14
HB EI4 D 10 -8.11 15.45 -3.52
HBA EI4 D 10 -7.54 14.26 -4.66
HG1 EI4 D 10 -6.89 17.19 -4.55
HD2 EI4 D 10 -4.96 14.96 -5.22
HE EI4 D 10 -4.91 15.57 -7.75
HND1 EI4 D 10 -8.64 16.31 -6.24
HD1 EI4 D 10 -4.67 16.72 -5.41
H1 EI4 D 10 -6.88 15.79 -9.39
HH12 EI4 D 10 -8.46 15.98 -8.69
N ILE D 11 -7.05 13.35 -1.34
CA ILE D 11 -7.52 13.06 0.00
C ILE D 11 -6.69 11.93 0.60
N ALA E 1 10.37 -12.94 -7.46
CA ALA E 1 10.18 -13.88 -8.59
C ALA E 1 8.91 -14.62 -8.45
N DGL E 2 8.90 -15.91 -8.95
CA DGL E 2 7.75 -16.77 -8.69
C DGL E 2 7.29 -16.70 -7.15
O DGL E 2 8.16 -16.90 -6.30
CB DGL E 2 6.47 -16.20 -9.38
CG DGL E 2 6.65 -15.81 -10.90
CD DGL E 2 5.77 -14.57 -11.31
OE1 DGL E 2 5.14 -14.56 -12.36
H DGL E 2 9.71 -16.23 -9.35
HB2 DGL E 2 6.14 -15.37 -8.80
HB3 DGL E 2 5.74 -17.01 -9.30
HG2 DGL E 2 6.32 -16.64 -11.52
HG3 DGL E 2 7.67 -15.60 -11.15
N LYS E 3 5.80 -13.54 -10.48
CA LYS E 3 5.08 -12.30 -10.72
C LYS E 3 3.52 -12.45 -10.73
N DAL E 4 3.11 -13.19 -9.66
CA DAL E 4 1.70 -13.54 -9.13
CB DAL E 4 0.60 -14.16 -10.33
C DAL E 4 1.47 -12.20 -8.13
O DAL E 4 0.66 -11.30 -8.44
H DAL E 4 3.84 -13.56 -9.11
HA DAL E 4 1.33 -13.13 -9.39
HB1 DAL E 4 0.35 -13.43 -11.07
HB2 DAL E 4 -0.36 -14.46 -9.85
HB3 DAL E 4 0.97 -15.07 -10.82
N DAL E 5 2.22 -12.17 -6.91
CA DAL E 5 2.03 -10.95 -5.83
CB DAL E 5 0.54 -11.07 -5.58
C DAL E 5 2.44 -9.88 -6.75
O DAL E 5 1.83 -8.83 -6.82
OXT DAL E 5 3.64 -10.01 -7.29
H DAL E 5 2.88 -12.91 -6.81
HA DAL E 5 2.57 -10.34 -4.97
HB1 DAL E 5 0.30 -11.91 -4.94
HB2 DAL E 5 0.20 -11.30 -6.58
HB3 DAL E 5 0.13 -10.18 -5.23
N ALA F 1 7.49 19.46 -5.94
CA ALA F 1 8.65 20.30 -6.16
C ALA F 1 9.44 20.49 -4.84
N DGL F 2 10.44 19.66 -4.63
CA DGL F 2 11.30 19.72 -3.37
C DGL F 2 11.33 18.84 -2.12
O DGL F 2 12.00 19.12 -1.21
CB DGL F 2 12.74 19.41 -3.85
CG DGL F 2 12.98 17.88 -4.22
CD DGL F 2 13.89 17.12 -3.23
OE1 DGL F 2 15.10 17.01 -3.42
H DGL F 2 10.56 18.83 -5.20
HB2 DGL F 2 13.39 19.65 -3.01
HB3 DGL F 2 13.00 20.01 -4.70
HG2 DGL F 2 13.47 17.84 -5.19
HG3 DGL F 2 12.03 17.36 -4.30
N LYS F 3 13.28 16.58 -2.19
CA LYS F 3 13.96 15.82 -1.16
C LYS F 3 14.87 16.71 -0.24
N DAL F 4 14.24 17.87 0.07
CA DAL F 4 14.63 19.01 1.04
CB DAL F 4 15.93 20.03 0.49
C DAL F 4 14.52 18.16 2.49
O DAL F 4 15.57 17.79 3.08
H DAL F 4 13.37 18.01 -0.39
HA DAL F 4 15.17 18.87 1.24
HB1 DAL F 4 16.86 19.51 0.44
HB2 DAL F 4 16.08 20.88 1.21
HB3 DAL F 4 15.72 20.51 -0.48
N DAL F 5 13.22 17.90 2.99
CA DAL F 5 13.01 17.15 4.44
CB DAL F 5 13.75 18.13 5.33
C DAL F 5 13.75 15.93 4.04
O DAL F 5 13.36 15.31 2.94
OXT DAL F 5 14.52 15.38 4.82
H DAL F 5 12.48 18.19 2.40
HA DAL F 5 12.31 16.43 5.07
HB1 DAL F 5 13.19 19.01 5.56
HB2 DAL F 5 14.56 18.39 4.66
HB3 DAL F 5 14.11 17.64 6.18
N ALA G 1 -8.70 -19.25 -1.86
CA ALA G 1 -9.62 -19.84 -2.87
C ALA G 1 -10.57 -18.80 -3.46
N DGL G 2 -11.83 -19.27 -3.79
CA DGL G 2 -12.87 -18.26 -4.12
C DGL G 2 -13.09 -17.02 -3.21
O DGL G 2 -13.12 -17.29 -1.95
CB DGL G 2 -12.43 -17.52 -5.42
CG DGL G 2 -12.66 -18.30 -6.79
CD DGL G 2 -13.65 -17.58 -7.76
OE1 DGL G 2 -13.58 -17.77 -8.98
H DGL G 2 -12.06 -20.20 -3.56
HB2 DGL G 2 -11.40 -17.25 -5.31
HB3 DGL G 2 -13.04 -16.62 -5.43
HG2 DGL G 2 -13.04 -19.26 -6.57
HG3 DGL G 2 -11.72 -18.41 -7.33
N LYS G 3 -14.56 -16.78 -7.21
CA LYS G 3 -15.56 -16.00 -7.96
C LYS G 3 -16.72 -16.91 -8.56
N DAL G 4 -16.25 -17.92 -9.33
CA DAL G 4 -17.12 -19.00 -10.06
CB DAL G 4 -17.00 -20.54 -9.15
C DAL G 4 -16.59 -18.89 -11.64
O DAL G 4 -15.44 -18.46 -11.92
H DAL G 4 -15.30 -17.84 -9.55
HA DAL G 4 -16.64 -19.43 -10.19
HB1 DAL G 4 -17.36 -20.38 -8.13
HB2 DAL G 4 -16.02 -20.97 -9.09
HB3 DAL G 4 -17.68 -21.32 -9.59
N DAL G 5 -17.56 -19.21 -12.64
CA DAL G 5 -17.17 -19.20 -14.24
CB DAL G 5 -16.00 -20.12 -14.23
C DAL G 5 -16.86 -17.73 -14.22
O DAL G 5 -17.74 -16.86 -13.73
OXT DAL G 5 -15.86 -17.29 -14.79
H DAL G 5 -18.44 -19.47 -12.27
HA DAL G 5 -17.53 -18.95 -15.33
HB1 DAL G 5 -16.27 -21.17 -14.20
HB2 DAL G 5 -15.57 -19.85 -13.30
HB3 DAL G 5 -15.39 -19.88 -15.04
N ALA H 1 -7.67 14.68 -12.48
CA ALA H 1 -7.23 15.90 -13.19
C ALA H 1 -5.72 15.97 -13.18
N DGL H 2 -5.16 17.08 -12.56
CA DGL H 2 -3.64 17.16 -12.45
C DGL H 2 -3.58 15.98 -11.61
O DGL H 2 -2.63 15.29 -11.74
CB DGL H 2 -3.12 16.83 -13.85
CG DGL H 2 -3.53 17.65 -15.15
CD DGL H 2 -3.25 16.78 -16.42
OE1 DGL H 2 -2.64 17.26 -17.37
H DGL H 2 -5.76 17.80 -12.23
HA DGL H 2 -2.82 17.63 -11.73
HB2 DGL H 2 -3.45 15.81 -13.98
HB3 DGL H 2 -2.10 16.91 -13.73
HG2 DGL H 2 -2.89 18.52 -15.20
HG3 DGL H 2 -4.56 17.97 -15.16
N LYS H 3 -3.67 15.51 -16.40
CA LYS H 3 -3.52 14.59 -17.52
C LYS H 3 -2.05 14.42 -18.05
N DAL H 4 -1.18 14.17 -17.02
CA DAL H 4 0.32 13.83 -16.99
CB DAL H 4 1.34 14.92 -17.89
C DAL H 4 0.21 12.14 -17.20
O DAL H 4 0.24 11.64 -18.33
H DAL H 4 -1.60 14.22 -16.11
HA DAL H 4 0.46 13.66 -17.56
HB1 DAL H 4 1.17 14.88 -18.94
HB2 DAL H 4 2.42 14.65 -17.72
HB3 DAL H 4 1.25 15.96 -17.54
N DAL H 5 0.08 11.37 -15.99
CA DAL H 5 0.15 9.73 -16.05
CB DAL H 5 1.33 9.52 -16.87
C DAL H 5 -1.20 9.64 -16.76
O DAL H 5 -2.34 10.02 -16.20
OXT DAL H 5 -1.24 9.12 -17.88
H DAL H 5 0.03 11.92 -15.19
HA DAL H 5 -0.25 8.69 -15.63
HB1 DAL H 5 1.32 8.57 -17.29
HB2 DAL H 5 2.21 9.68 -16.28
HB3 DAL H 5 1.26 10.29 -17.61
C1 MUB I . 7.98 -10.03 -4.50
C2 MUB I . 9.49 -10.00 -4.55
C3 MUB I . 9.95 -9.52 -5.93
C4 MUB I . 9.04 -10.08 -7.04
C5 MUB I . 7.60 -9.56 -6.86
C6 MUB I . 6.54 -10.61 -7.17
C7 MUB I . 10.18 -7.86 -3.70
C8 MUB I . 10.79 -7.04 -2.55
C9 MUB I . 11.53 -11.31 -6.01
C10 MUB I . 11.49 -12.19 -7.27
C11 MUB I . 12.17 -11.86 -4.68
O1 MUB I . 7.57 -9.66 -3.24
O3 MUB I . 11.32 -9.89 -6.16
O4 MUB I . 9.55 -9.78 -8.37
O5 MUB I . 7.41 -9.11 -5.48
O6 MUB I . 6.61 -11.70 -6.27
O7 MUB I . 9.74 -7.29 -4.70
O10 MUB I . 12.40 -12.14 -8.08
N2 MUB I . 10.04 -9.17 -3.51
H1 MUB I . 7.61 -11.05 -4.72
H2 MUB I . 9.79 -11.02 -4.25
HN2 MUB I . 10.42 -9.58 -2.69
H81 MUB I . 11.80 -7.39 -2.36
H82 MUB I . 10.20 -7.17 -1.67
H83 MUB I . 10.78 -6.00 -2.84
H3 MUB I . 10.02 -8.41 -5.94
H9 MUB I . 10.49 -11.53 -5.97
H111 MUB I . 13.04 -11.26 -4.38
H112 MUB I . 12.49 -12.83 -4.84
H113 MUB I . 11.40 -11.90 -3.89
H4 MUB I . 9.19 -11.16 -7.17
H5 MUB I . 7.39 -8.79 -7.56
H61 MUB I . 6.84 -11.06 -8.14
H62 MUB I . 5.49 -10.23 -7.25
HO6 MUB I . 5.78 -11.90 -5.81
C1 NAG I . 10.13 -8.46 -8.52
C2 NAG I . 10.39 -8.17 -10.01
C3 NAG I . 10.99 -6.80 -10.22
C4 NAG I . 10.16 -5.74 -9.48
C5 NAG I . 9.93 -6.15 -8.03
C6 NAG I . 9.04 -5.15 -7.30
C7 NAG I . 12.42 -9.51 -10.05
C8 NAG I . 13.16 -10.66 -10.76
N2 NAG I . 11.24 -9.23 -10.58
O3 NAG I . 11.00 -6.49 -11.61
O4 NAG I . 10.83 -4.49 -9.54
O5 NAG I . 9.29 -7.44 -7.97
O6 NAG I . 7.67 -5.34 -7.60
O7 NAG I . 13.05 -8.71 -9.36
H1 NAG I . 11.07 -8.54 -7.97
H2 NAG I . 9.56 -8.28 -10.63
H3 NAG I . 12.01 -6.74 -9.85
H4 NAG I . 9.26 -5.59 -10.16
H5 NAG I . 10.83 -6.17 -7.43
H61 NAG I . 9.26 -4.10 -7.55
H62 NAG I . 9.24 -5.25 -6.21
H81 NAG I . 13.32 -10.38 -11.80
H82 NAG I . 12.55 -11.55 -10.73
H83 NAG I . 14.10 -10.84 -10.26
HN2 NAG I . 10.77 -9.89 -11.10
HO3 NAG I . 10.11 -6.57 -11.96
HO4 NAG I . 11.09 -4.34 -10.44
HO6 NAG I . 7.49 -6.24 -7.30
C1 MUB J . 6.08 15.43 -3.77
C2 MUB J . 5.23 16.22 -4.74
C3 MUB J . 5.83 16.10 -6.13
C4 MUB J . 7.35 16.32 -6.08
C5 MUB J . 7.99 15.23 -5.21
C6 MUB J . 8.99 15.82 -4.21
C7 MUB J . 3.49 14.69 -5.42
C8 MUB J . 2.02 14.27 -5.34
C9 MUB J . 5.32 18.40 -6.54
C10 MUB J . 6.57 19.21 -6.91
C11 MUB J . 4.06 19.16 -5.99
O1 MUB J . 5.25 14.74 -2.94
O3 MUB J . 5.20 17.04 -7.02
O4 MUB J . 7.94 16.35 -7.40
O5 MUB J . 6.96 14.52 -4.46
O6 MUB J . 8.40 16.90 -3.49
O7 MUB J . 4.27 14.11 -6.17
O10 MUB J . 6.71 19.59 -8.07
N2 MUB J . 3.85 15.76 -4.70
H1 MUB J . 6.71 16.08 -3.15
H2 MUB J . 5.21 17.21 -4.25
HN2 MUB J . 3.19 16.20 -4.12
H81 MUB J . 1.77 14.07 -4.29
H82 MUB J . 1.88 13.38 -5.91
H83 MUB J . 1.42 15.06 -5.74
H3 MUB J . 5.54 15.12 -6.58
H9 MUB J . 5.89 18.10 -5.70
H111 MUB J . 3.20 19.05 -6.66
H112 MUB J . 4.29 20.18 -5.93
H113 MUB J . 3.82 18.81 -4.97
H4 MUB J . 7.62 17.36 -5.88
H5 MUB J . 8.60 14.57 -5.77
H61 MUB J . 9.76 16.32 -4.83
H62 MUB J . 9.53 15.10 -3.53
HO6 MUB J . 9.01 17.30 -2.84
C1 NAG J . 7.33 15.44 -8.34
C2 NAG J . 8.15 15.40 -9.63
C3 NAG J . 7.56 14.43 -10.63
C4 NAG J . 7.34 13.07 -9.95
C5 NAG J . 6.59 13.23 -8.63
C6 NAG J . 6.53 11.91 -7.91
C7 NAG J . 7.12 17.42 -10.49
C8 NAG J . 7.37 18.83 -11.04
N2 NAG J . 8.23 16.75 -10.19
O3 NAG J . 8.47 14.26 -11.72
O4 NAG J . 6.58 12.24 -10.81
O5 NAG J . 7.27 14.14 -7.78
O6 NAG J . 7.73 11.64 -7.21
O7 NAG J . 6.05 16.85 -10.70
H1 NAG J . 6.34 15.86 -8.53
H2 NAG J . 9.17 15.21 -9.52
H3 NAG J . 6.60 14.75 -11.02
H4 NAG J . 8.33 12.55 -9.99
H5 NAG J . 5.56 13.56 -8.72
H61 NAG J . 6.49 11.26 -8.79
H62 NAG J . 5.63 11.99 -7.29
H81 NAG J . 7.94 18.74 -11.97
H82 NAG J . 7.95 19.39 -10.33
H83 NAG J . 6.43 19.32 -11.20
HN2 NAG J . 9.05 17.23 -10.01
HO3 NAG J . 8.53 15.07 -12.21
HO4 NAG J . 6.97 12.25 -11.70
HO6 NAG J . 7.99 12.48 -6.83
C1 MUB K . -6.09 -15.69 -1.18
C2 MUB K . -5.63 -16.74 -0.16
C3 MUB K . -5.16 -18.00 -0.91
C4 MUB K . -5.72 -18.05 -2.34
C5 MUB K . -5.34 -16.81 -3.16
C6 MUB K . -6.45 -16.50 -4.14
C7 MUB K . -3.31 -16.45 0.41
C8 MUB K . -2.26 -15.91 1.39
C9 MUB K . -6.98 -19.29 -0.03
C10 MUB K . -7.84 -20.00 -1.11
C11 MUB K . -7.60 -19.00 1.38
O1 MUB K . -6.22 -14.46 -0.59
O3 MUB K . -5.55 -19.20 -0.20
O4 MUB K . -5.31 -19.27 -3.01
O5 MUB K . -5.18 -15.66 -2.29
O6 MUB K . -7.68 -16.31 -3.46
O7 MUB K . -2.97 -16.87 -0.69
O10 MUB K . -7.70 -21.21 -1.26
N2 MUB K . -4.59 -16.23 0.72
H1 MUB K . -7.07 -15.93 -1.56
H2 MUB K . -6.50 -16.84 0.52
HN2 MUB K . -4.83 -15.88 1.61
H81 MUB K . -2.39 -16.41 2.34
H82 MUB K . -2.41 -14.85 1.52
H83 MUB K . -1.29 -16.10 0.98
H3 MUB K . -4.05 -18.08 -0.88
H9 MUB K . -7.17 -18.43 -0.62
H111 MUB K . -7.04 -19.51 2.18
H112 MUB K . -8.57 -19.34 1.41
H113 MUB K . -7.61 -17.90 1.56
H4 MUB K . -6.77 -18.35 -2.29
H5 MUB K . -4.50 -16.96 -3.78
H61 MUB K . -6.59 -17.42 -4.76
H62 MUB K . -6.14 -15.63 -4.77
HO6 MUB K . -8.50 -16.61 -3.90
C1 NAG K . -3.93 -19.61 -2.85
C2 NAG K . -3.58 -20.84 -3.71
C3 NAG K . -2.11 -21.21 -3.56
C4 NAG K . -1.24 -19.97 -3.79
C5 NAG K . -1.71 -18.79 -2.97
C6 NAG K . -0.94 -17.52 -3.30
C7 NAG K . -4.64 -22.31 -2.09
C8 NAG K . -5.59 -23.51 -1.89
N2 NAG K . -4.45 -21.96 -3.36
O3 NAG K . -1.79 -22.21 -4.51
O4 NAG K . 0.10 -20.29 -3.44
O5 NAG K . -3.10 -18.53 -3.24
O6 NAG K . -1.68 -16.35 -2.96
O7 NAG K . -3.89 -21.96 -1.18
H1 NAG K . -3.85 -19.86 -1.79
H2 NAG K . -3.81 -20.82 -4.71
H3 NAG K . -1.91 -21.59 -2.56
H4 NAG K . -1.22 -19.89 -4.92
H5 NAG K . -1.60 -18.90 -1.90
H61 NAG K . -0.69 -17.43 -4.36
H62 NAG K . 0.01 -17.57 -2.73
H81 NAG K . -5.72 -23.68 -0.82
H82 NAG K . -5.17 -24.38 -2.33
H83 NAG K . -6.56 -23.29 -2.35
HN2 NAG K . -5.08 -22.26 -4.04
HO3 NAG K . -2.32 -22.98 -4.34
HO4 NAG K . 0.35 -21.10 -3.90
HO6 NAG K . -2.27 -16.62 -2.26
C1 MUB L . -6.97 11.77 -8.45
C2 MUB L . -8.13 11.58 -9.41
C3 MUB L . -7.60 11.47 -10.83
C4 MUB L . -6.31 12.29 -11.00
C5 MUB L . -5.20 11.72 -10.11
C6 MUB L . -4.21 12.77 -9.64
C7 MUB L . -8.74 9.27 -9.68
C8 MUB L . -9.65 8.10 -9.27
C9 MUB L . -9.25 13.10 -11.42
C10 MUB L . -8.97 14.37 -12.23
C11 MUB L . -10.46 13.07 -10.40
O1 MUB L . -7.33 11.28 -7.21
O3 MUB L . -8.60 11.88 -11.79
O4 MUB L . -5.89 12.37 -12.39
O5 MUB L . -5.78 11.09 -8.92
O6 MUB L . -4.87 13.93 -9.18
O7 MUB L . -7.79 9.07 -10.43
O10 MUB L . -9.92 15.01 -12.69
N2 MUB L . -8.94 10.42 -9.07
H1 MUB L . -6.74 12.85 -8.34
H2 MUB L . -8.80 12.43 -9.18
HN2 MUB L . -9.72 10.54 -8.47
H81 MUB L . -9.47 7.87 -8.23
H82 MUB L . -9.42 7.24 -9.89
H83 MUB L . -10.69 8.40 -9.45
H3 MUB L . -7.44 10.40 -11.11
H9 MUB L . -8.39 13.45 -10.86
H111 MUB L . -10.86 12.04 -10.32
H112 MUB L . -11.21 13.69 -10.74
H113 MUB L . -10.13 13.45 -9.41
H4 MUB L . -6.51 13.37 -10.95
H5 MUB L . -4.60 11.04 -10.65
H61 MUB L . -3.65 13.12 -10.54
H62 MUB L . -3.47 12.41 -8.87
HO6 MUB L . -4.70 14.74 -9.72
C1 NAG L . -5.99 11.13 -13.14
C2 NAG L . -5.44 11.34 -14.56
C3 NAG L . -5.54 10.06 -15.38
C4 NAG L . -4.94 8.88 -14.60
C5 NAG L . -5.52 8.82 -13.19
C6 NAG L . -4.86 7.71 -12.37
C7 NAG L . -7.44 12.43 -15.42
C8 NAG L . -7.98 13.70 -16.09
N2 NAG L . -6.13 12.44 -15.21
O3 NAG L . -4.84 10.23 -16.61
O4 NAG L . -5.24 7.67 -15.29
O5 NAG L . -5.29 10.07 -12.51
O6 NAG L . -5.14 7.85 -10.99
O7 NAG L . -8.09 11.38 -15.47
H1 NAG L . -7.07 10.95 -13.16
H2 NAG L . -4.46 11.68 -14.59
H3 NAG L . -6.58 9.81 -15.63
H4 NAG L . -3.83 8.99 -14.75
H5 NAG L . -6.58 8.58 -13.14
H61 NAG L . -3.77 7.70 -12.45
H62 NAG L . -5.22 6.74 -12.77
H81 NAG L . -7.69 13.70 -17.14
H82 NAG L . -7.55 14.57 -15.61
H83 NAG L . -9.06 13.72 -15.99
HN2 NAG L . -5.66 13.29 -15.16
HO3 NAG L . -3.89 10.24 -16.42
HO4 NAG L . -4.60 7.01 -14.99
HO6 NAG L . -5.89 8.46 -10.95
P 2PO M . 7.45 -10.78 -2.10
O1P 2PO M . 8.79 -11.10 -1.53
O2P 2PO M . 6.64 -11.90 -2.62
O3P 2PO M . 6.61 -10.01 -1.00
P 2PO N . 6.47 -8.44 -1.19
O1P 2PO N . 5.29 -7.98 -0.42
O2P 2PO N . 7.78 -7.82 -0.94
O3P 2PO N . 6.12 -8.30 -2.75
C1 P1W O . 4.79 -8.41 -3.20
C2 P1W O . 4.68 -7.84 -4.59
C3 P1W O . 4.94 -6.54 -4.90
C4 P1W O . 4.81 -6.04 -6.32
C5 P1W O . 5.34 -5.50 -3.87
H12 P1W O . 4.49 -9.45 -3.20
H11 P1W O . 4.14 -7.86 -2.52
H2 P1W O . 4.64 -8.58 -5.36
H41 P1W O . 5.23 -5.04 -6.39
H42 P1W O . 5.33 -6.71 -7.00
H51 P1W O . 5.46 -5.97 -2.90
H52 P1W O . 4.57 -4.74 -3.81
H53 P1W O . 6.27 -5.04 -4.16
C1 P1W P . 3.34 -5.99 -6.71
C2 P1W P . 2.79 -4.67 -6.28
C3 P1W P . 1.97 -3.91 -7.04
C4 P1W P . 1.48 -2.56 -6.59
C5 P1W P . 1.43 -4.39 -8.39
H12 P1W P . 2.81 -6.80 -6.22
H11 P1W P . 3.26 -6.09 -7.79
H2 P1W P . 3.33 -4.22 -5.45
H41 P1W P . 2.02 -2.27 -5.69
H42 P1W P . 1.68 -1.83 -7.37
H51 P1W P . 0.96 -5.35 -8.28
H52 P1W P . 2.24 -4.46 -9.10
H53 P1W P . 0.70 -3.67 -8.76
C1 P1W Q . 11.32 6.26 1.77
C2 P1W Q . 12.49 5.34 1.97
C3 P1W Q . 12.63 4.19 1.29
C4 P1W Q . 13.80 3.23 1.49
C5 P1W Q . 11.63 3.74 0.22
H12 P1W Q . 11.26 6.57 0.75
H11 P1W Q . 10.42 5.72 2.05
H2 P1W Q . 13.05 5.52 2.87
H43 P1W Q . 14.26 3.38 2.47
H41 P1W Q . 14.54 3.39 0.73
H42 P1W Q . 13.44 2.21 1.42
H51 P1W Q . 11.97 2.81 -0.20
H52 P1W Q . 11.58 4.49 -0.55
H53 P1W Q . 10.66 3.61 0.66
C1 P1W R . -0.01 -2.62 -6.30
C2 P1W R . -0.36 -1.63 -5.21
C3 P1W R . -1.10 -0.52 -5.42
C4 P1W R . -1.44 0.48 -4.30
C5 P1W R . -1.66 -0.14 -6.78
H12 P1W R . -0.27 -3.60 -5.97
H11 P1W R . -0.56 -2.37 -7.19
H2 P1W R . -0.02 -1.90 -4.23
H43 P1W R . -2.26 0.10 -3.70
H41 P1W R . -1.74 1.42 -4.74
H42 P1W R . -0.58 0.64 -3.67
H51 P1W R . -0.86 -0.13 -7.51
H52 P1W R . -2.11 0.83 -6.72
H53 P1W R . -2.39 -0.88 -7.08
P 2PO S . 4.70 15.51 -1.64
O1P 2PO S . 3.22 15.55 -1.63
O2P 2PO S . 5.46 16.79 -1.50
O3P 2PO S . 5.18 14.49 -0.55
P 2PO T . 5.40 13.03 -1.12
O1P 2PO T . 5.72 12.12 -0.02
O2P 2PO T . 4.23 12.73 -2.01
O3P 2PO T . 6.72 13.26 -2.01
C1 P1W U . 7.98 13.41 -1.36
C2 P1W U . 8.67 12.10 -1.44
C3 P1W U . 9.93 11.87 -1.06
C4 P1W U . 10.55 10.51 -1.19
C5 P1W U . 10.87 12.94 -0.48
H12 P1W U . 8.56 14.17 -1.86
H11 P1W U . 7.83 13.69 -0.33
H2 P1W U . 8.00 11.26 -1.54
H41 P1W U . 9.78 9.76 -1.10
H42 P1W U . 11.03 10.43 -2.15
H51 P1W U . 10.79 12.95 0.59
H52 P1W U . 10.60 13.90 -0.87
H53 P1W U . 11.90 12.72 -0.77
C1 P1W V . -5.08 -12.35 -4.49
C2 P1W V . -5.50 -11.51 -5.68
C3 P1W V . -4.85 -10.39 -6.05
C4 P1W V . -5.28 -9.52 -7.22
C5 P1W V . -3.61 -9.87 -5.33
H12 P1W V . -4.61 -13.26 -4.84
H11 P1W V . -4.40 -11.79 -3.89
H2 P1W V . -6.53 -11.67 -5.97
H41 P1W V . -4.47 -8.87 -7.51
H42 P1W V . -5.56 -10.15 -8.06
H51 P1W V . -3.87 -9.65 -4.30
H52 P1W V . -3.25 -8.97 -5.80
H53 P1W V . -2.83 -10.62 -5.35
C1 P1W W . -6.47 -8.66 -6.82
C2 P1W W . -7.75 -9.35 -7.19
C3 P1W W . -8.43 -9.08 -8.32
C4 P1W W . -9.75 -9.78 -8.70
C5 P1W W . -7.96 -8.06 -9.34
H12 P1W W . -6.41 -7.70 -7.32
H11 P1W W . -6.45 -8.51 -5.75
H2 P1W W . -7.97 -10.24 -6.61
H43 P1W W . -10.55 -9.05 -8.77
H41 P1W W . -10.00 -10.52 -7.95
H42 P1W W . -9.63 -10.28 -9.65
H51 P1W W . -6.89 -8.19 -9.50
H52 P1W W . -8.15 -7.07 -8.99
H53 P1W W . -8.46 -8.22 -10.28
C1 P1W X . 0.83 5.16 -9.43
C2 P1W X . 1.20 3.82 -8.83
C3 P1W X . 2.08 3.68 -7.83
C4 P1W X . 2.48 2.32 -7.22
C5 P1W X . 2.77 4.87 -7.18
H12 P1W X . 0.58 5.86 -8.63
H11 P1W X . 1.66 5.54 -9.99
H2 P1W X . 0.73 2.97 -9.30
H43 P1W X . 1.60 1.84 -6.80
H41 P1W X . 3.20 2.48 -6.43
H42 P1W X . 2.91 1.68 -7.98
H51 P1W X . 2.03 5.63 -6.98
H52 P1W X . 3.51 5.26 -7.85
H53 P1W X . 3.23 4.56 -6.26
C1 P1W Y . 11.57 10.30 -0.08
C2 P1W Y . 11.20 9.11 0.76
C3 P1W Y . 11.87 8.72 1.88
C4 P1W Y . 11.48 7.48 2.69
C5 P1W Y . 13.04 9.51 2.46
H12 P1W Y . 11.63 11.19 0.53
H11 P1W Y . 12.54 10.13 -0.54
H2 P1W Y . 10.48 8.45 0.29
H41 P1W Y . 12.28 7.27 3.39
H42 P1W Y . 10.57 7.66 3.22
H51 P1W Y . 12.66 10.28 3.13
H52 P1W Y . 13.59 9.99 1.66
H53 P1W Y . 13.69 8.85 3.01
P 2PO Z . -7.25 -14.30 0.66
O1P 2PO Z . -6.96 -15.34 1.69
O2P 2PO Z . -8.62 -14.19 0.15
O3P 2PO Z . -6.87 -12.88 1.31
P 2PO AA . -5.36 -12.57 1.57
O1P 2PO AA . -5.16 -12.34 3.04
O2P 2PO AA . -4.55 -13.61 0.90
O3P 2PO AA . -5.19 -11.18 0.77
C1 P1W BA . -6.12 -10.81 -0.27
C2 P1W BA . -5.95 -11.76 -1.43
C3 P1W BA . -6.58 -11.67 -2.58
C4 P1W BA . -6.33 -12.70 -3.67
C5 P1W BA . -7.60 -10.58 -2.92
H12 P1W BA . -7.13 -10.87 0.12
H11 P1W BA . -5.91 -9.80 -0.59
H2 P1W BA . -5.05 -12.33 -1.39
H41 P1W BA . -6.14 -13.66 -3.21
H42 P1W BA . -7.16 -12.75 -4.32
H51 P1W BA . -8.60 -10.94 -2.70
H52 P1W BA . -7.52 -10.32 -3.96
H53 P1W BA . -7.39 -9.72 -2.31
P 2PO CA . -8.49 12.02 -6.39
O1P 2PO CA . -9.79 11.33 -6.60
O2P 2PO CA . -8.43 13.47 -6.68
O3P 2PO CA . -8.01 11.76 -4.89
P 2PO DA . -8.00 10.26 -4.34
O1P 2PO DA . -7.54 10.31 -2.92
O2P 2PO DA . -9.30 9.64 -4.64
O3P 2PO DA . -6.86 9.57 -5.26
C1 P1W EA . -6.27 8.31 -4.92
C2 P1W EA . -4.98 8.11 -5.70
C3 P1W EA . -4.92 7.97 -7.05
C4 P1W EA . -3.59 7.80 -7.79
C5 P1W EA . -6.16 8.03 -7.96
H12 P1W EA . -6.05 8.29 -3.86
H11 P1W EA . -6.95 7.50 -5.15
H2 P1W EA . -4.11 8.47 -5.17
H41 P1W EA . -3.66 8.28 -8.74
H42 P1W EA . -2.81 8.24 -7.19
H51 P1W EA . -6.36 7.05 -8.36
H52 P1W EA . -5.97 8.72 -8.77
H53 P1W EA . -7.01 8.37 -7.39
C1 P1W FA . -3.27 6.31 -8.02
C2 P1W FA . -2.06 6.20 -8.91
C3 P1W FA . -1.63 5.05 -9.46
C4 P1W FA . -0.40 5.00 -10.33
C5 P1W FA . -2.30 3.68 -9.25
H12 P1W FA . -4.10 5.82 -8.49
H11 P1W FA . -3.04 5.85 -7.07
H2 P1W FA . -1.38 7.04 -8.84
H41 P1W FA . -0.33 4.04 -10.84
H42 P1W FA . -0.42 5.80 -11.05
H51 P1W FA . -1.73 3.11 -8.53
H52 P1W FA . -2.36 3.14 -10.18
H53 P1W FA . -3.31 3.83 -8.87
N ZAE A 1 8.88 14.75 6.47
CA ZAE A 1 7.49 15.15 6.10
C ZAE A 1 6.81 13.99 5.41
O ZAE A 1 5.62 13.74 5.60
CB ZAE A 1 6.69 15.51 7.35
CG ZAE A 1 5.73 16.64 7.11
CD1 ZAE A 1 4.37 16.46 7.27
CD2 ZAE A 1 6.20 17.89 6.75
CE1 ZAE A 1 3.48 17.51 7.04
CE2 ZAE A 1 5.34 18.94 6.52
CZ ZAE A 1 3.98 18.74 6.67
C10 ZAE A 1 9.65 15.90 6.95
H ZAE A 1 9.37 14.36 5.63
HA ZAE A 1 7.53 15.99 5.43
HB2 ZAE A 1 6.11 14.66 7.67
HB3 ZAE A 1 7.36 15.80 8.13
HD1 ZAE A 1 3.99 15.49 7.55
HD2 ZAE A 1 7.27 18.04 6.63
HE1 ZAE A 1 2.42 17.35 7.15
HE2 ZAE A 1 5.71 19.91 6.23
HZ ZAE A 1 3.30 19.56 6.49
H11 ZAE A 1 10.65 15.58 7.19
H12 ZAE A 1 9.19 16.30 7.85
H13 ZAE A 1 9.69 16.66 6.19
HN2 ZAE A 1 8.84 13.99 7.20
N ILE A 2 7.57 13.27 4.62
CA ILE A 2 7.02 12.14 3.93
C ILE A 2 7.48 10.89 4.58
N SER A 3 6.63 9.93 4.49
CA SER A 3 6.95 8.69 5.10
C SER A 3 6.14 7.61 4.44
N DGN A 4 6.42 6.37 4.85
CA DGN A 4 5.64 5.26 4.38
C DGN A 4 6.42 4.24 3.62
O DGN A 4 7.65 4.30 3.56
CB DGN A 4 4.96 4.56 5.58
CG DGN A 4 5.70 4.61 6.92
CD DGN A 4 5.10 5.60 7.92
OE1 DGN A 4 4.50 6.59 7.55
NE2 DGN A 4 5.25 5.28 9.21
H DGN A 4 7.20 6.20 5.46
HA DGN A 4 4.88 5.64 3.74
HB2 DGN A 4 4.83 3.52 5.31
HB3 DGN A 4 3.99 5.00 5.72
HG2 DGN A 4 6.72 4.89 6.73
HG3 DGN A 4 5.67 3.62 7.35
HE21 DGN A 4 5.72 4.44 9.44
HE22 DGN A 4 4.88 5.91 9.88
N 28J A 5 5.70 3.27 3.05
CA 28J A 5 6.40 2.20 2.42
CB 28J A 5 7.36 2.70 1.32
CG2 28J A 5 6.94 4.10 0.86
CG1 28J A 5 8.78 2.65 1.87
CD1 28J A 5 9.82 3.10 0.90
C 28J A 5 5.48 1.13 1.84
O 28J A 5 4.25 1.13 2.11
HA 28J A 5 7.02 1.76 3.18
H22 28J A 5 7.29 2.03 0.48
H23 28J A 5 5.94 4.30 1.23
H24 28J A 5 6.95 4.16 -0.21
H25 28J A 5 7.62 4.82 1.28
H26 28J A 5 8.82 3.29 2.74
H27 28J A 5 9.00 1.65 2.16
H28 28J A 5 9.82 2.43 0.07
H29 28J A 5 10.78 3.08 1.39
H30 28J A 5 9.58 4.10 0.57
N ILE A 6 6.16 0.16 1.18
CA ILE A 6 5.54 -0.95 0.50
C ILE A 6 6.06 -2.32 0.92
N SER A 7 5.11 -3.26 1.09
CA SER A 7 5.40 -4.72 1.24
C SER A 7 4.72 -5.37 2.45
N DTH A 8 5.23 -6.55 2.81
CA DTH A 8 4.71 -7.21 4.01
CB DTH A 8 5.71 -7.41 5.19
CG2 DTH A 8 6.44 -6.13 5.61
OG1 DTH A 8 6.63 -8.47 4.88
C DTH A 8 4.14 -8.58 3.71
O DTH A 8 3.66 -9.25 4.62
H DTH A 8 5.80 -7.06 2.17
HA DTH A 8 3.90 -6.59 4.37
HB DTH A 8 5.13 -7.75 6.03
HG21 DTH A 8 5.72 -5.38 5.92
HG22 DTH A 8 7.02 -5.75 4.79
HG23 DTH A 8 7.09 -6.36 6.44
N ALA A 9 4.32 -9.05 2.47
CA ALA A 9 3.76 -10.30 2.06
C ALA A 9 4.69 -11.46 2.44
N EI4 A 10 5.94 -11.43 2.05
CA EI4 A 10 6.88 -12.47 2.44
CB EI4 A 10 7.96 -12.61 1.38
CG EI4 A 10 7.60 -13.48 0.18
CD2 EI4 A 10 6.11 -13.07 -0.36
NE2 EI4 A 10 6.45 -12.27 -1.60
CE1 EI4 A 10 7.77 -12.41 -1.99
ND1 EI4 A 10 8.47 -13.09 -0.98
NT EI4 A 10 8.24 -12.09 -3.15
C EI4 A 10 7.50 -12.14 3.83
O EI4 A 10 7.93 -13.03 4.55
H EI4 A 10 6.23 -10.71 1.44
HA EI4 A 10 6.35 -13.41 2.53
HB EI4 A 10 8.85 -13.02 1.83
HBA EI4 A 10 8.19 -11.63 1.01
HG1 EI4 A 10 7.67 -14.51 0.43
HD2 EI4 A 10 5.58 -12.45 0.36
HE EI4 A 10 5.79 -11.76 -2.12
HND1 EI4 A 10 9.41 -13.38 -1.14
HD1 EI4 A 10 5.54 -13.96 -0.59
H1 EI4 A 10 7.64 -11.69 -3.85
HH12 EI4 A 10 9.23 -12.20 -3.34
N ILE A 11 7.49 -10.86 4.19
CA ILE A 11 7.99 -10.40 5.48
C ILE A 11 7.10 -9.27 5.98
N ZAE B 1 -1.47 -9.21 0.76
CA ZAE B 1 -0.45 -9.45 1.82
C ZAE B 1 0.47 -8.30 1.91
O ZAE B 1 1.59 -8.38 2.44
CB ZAE B 1 -1.04 -9.76 3.20
CG ZAE B 1 -0.10 -10.66 3.91
CD1 ZAE B 1 0.37 -10.33 5.17
CD2 ZAE B 1 0.37 -11.81 3.28
CE1 ZAE B 1 1.32 -11.12 5.80
CE2 ZAE B 1 1.31 -12.61 3.91
CZ ZAE B 1 1.78 -12.27 5.17
C10 ZAE B 1 -2.03 -10.50 0.26
H ZAE B 1 -1.02 -8.76 -0.04
HA ZAE B 1 0.13 -10.29 1.51
HB2 ZAE B 1 -1.14 -8.85 3.78
HB3 ZAE B 1 -2.01 -10.24 3.10
HD1 ZAE B 1 0.01 -9.43 5.67
HD2 ZAE B 1 0.00 -12.07 2.30
HE1 ZAE B 1 1.68 -10.86 6.78
HE2 ZAE B 1 1.67 -13.50 3.42
HZ ZAE B 1 2.52 -12.89 5.66
H11 ZAE B 1 -2.74 -10.29 -0.51
H12 ZAE B 1 -2.51 -11.01 1.08
H13 ZAE B 1 -1.23 -11.12 -0.13
HN2 ZAE B 1 -2.23 -8.58 1.10
N ILE B 2 -0.02 -7.21 1.39
CA ILE B 2 0.78 -6.04 1.34
C ILE B 2 -0.04 -4.87 1.62
N SER B 3 0.67 -3.88 2.05
CA SER B 3 0.05 -2.68 2.42
C SER B 3 1.10 -1.63 2.47
N DGN B 4 0.61 -0.40 2.47
CA DGN B 4 1.50 0.73 2.61
C DGN B 4 1.36 1.68 1.49
O DGN B 4 0.56 1.46 0.54
CB DGN B 4 1.30 1.50 3.92
CG DGN B 4 -0.11 1.49 4.46
CD DGN B 4 -0.25 0.51 5.60
OE1 DGN B 4 0.43 -0.51 5.65
NE2 DGN B 4 -1.15 0.81 6.51
H DGN B 4 -0.38 -0.23 2.31
HA DGN B 4 2.50 0.34 2.59
HB2 DGN B 4 1.58 2.53 3.74
HB3 DGN B 4 1.95 1.08 4.66
HG2 DGN B 4 -0.79 1.21 3.67
HG3 DGN B 4 -0.35 2.48 4.81
HE21 DGN B 4 -1.66 1.67 6.42
HE22 DGN B 4 -1.32 0.16 7.23
N 28J B 5 2.22 2.72 1.59
CA 28J B 5 2.15 3.81 0.66
CB 28J B 5 2.30 3.37 -0.80
CG2 28J B 5 1.22 4.04 -1.62
CG1 28J B 5 3.67 3.80 -1.29
CD1 28J B 5 4.01 3.28 -2.63
C 28J B 5 3.22 4.88 0.90
O 28J B 5 4.04 4.80 1.84
HA 28J B 5 1.18 4.25 0.76
H22 28J B 5 2.21 2.29 -0.87
H23 28J B 5 0.26 3.82 -1.18
H24 28J B 5 1.24 3.69 -2.64
H25 28J B 5 1.38 5.12 -1.60
H26 28J B 5 3.69 4.88 -1.33
H27 28J B 5 4.42 3.47 -0.58
H28 28J B 5 5.02 3.59 -2.89
H29 28J B 5 3.31 3.66 -3.35
H30 28J B 5 3.97 2.20 -2.61
N ILE B 6 3.09 5.97 0.06
CA ILE B 6 4.08 7.05 -0.01
C ILE B 6 3.51 8.44 -0.08
N SER B 7 4.23 9.30 0.65
CA SER B 7 4.15 10.78 0.61
C SER B 7 3.67 11.32 1.94
N DTH B 8 3.18 12.56 1.93
CA DTH B 8 2.73 13.18 3.18
CB DTH B 8 1.24 13.62 3.24
CG2 DTH B 8 0.28 12.60 2.65
OG1 DTH B 8 1.04 14.84 2.56
C DTH B 8 3.54 14.43 3.50
O DTH B 8 3.37 15.01 4.58
H DTH B 8 3.16 13.08 1.08
HA DTH B 8 2.90 12.46 3.97
HB DTH B 8 0.97 13.77 4.27
HG21 DTH B 8 0.37 11.66 3.18
HG22 DTH B 8 0.50 12.47 1.61
HG23 DTH B 8 -0.73 12.97 2.75
N ALA B 9 4.37 14.88 2.57
CA ALA B 9 5.18 16.07 2.80
C ALA B 9 4.34 17.34 2.74
N EI4 B 10 3.82 17.65 1.56
CA EI4 B 10 2.99 18.83 1.37
CB EI4 B 10 3.10 19.29 -0.07
CG EI4 B 10 4.14 20.37 -0.34
CD2 EI4 B 10 5.45 20.09 0.54
NE2 EI4 B 10 6.53 19.89 -0.50
CE1 EI4 B 10 6.04 19.98 -1.81
ND1 EI4 B 10 4.68 20.27 -1.75
NT EI4 B 10 6.73 19.85 -2.88
C EI4 B 10 1.53 18.53 1.73
O EI4 B 10 0.74 19.44 1.98
H EI4 B 10 4.02 17.07 0.79
HA EI4 B 10 3.35 19.61 2.03
HB EI4 B 10 2.15 19.67 -0.38
HBA EI4 B 10 3.34 18.43 -0.68
HG1 EI4 B 10 3.74 21.36 -0.15
HD2 EI4 B 10 5.33 19.20 1.14
HE EI4 B 10 7.45 19.70 -0.28
HND1 EI4 B 10 4.11 20.36 -2.55
HD1 EI4 B 10 5.68 20.94 1.17
H1 EI4 B 10 7.71 19.69 -2.81
HH12 EI4 B 10 6.27 19.91 -3.77
N ILE B 11 1.18 17.25 1.73
CA ILE B 11 -0.17 16.84 2.09
C ILE B 11 -0.13 15.59 2.91
N ZAE C 1 -0.44 9.84 1.64
CA ZAE C 1 -1.12 10.17 0.39
C ZAE C 1 -1.71 8.92 -0.10
O ZAE C 1 -2.90 8.62 0.02
CB ZAE C 1 -2.12 11.27 0.62
CG ZAE C 1 -1.96 12.35 -0.38
CD1 ZAE C 1 -3.08 13.01 -0.86
CD2 ZAE C 1 -0.71 12.70 -0.87
CE1 ZAE C 1 -2.97 13.99 -1.82
CE2 ZAE C 1 -0.59 13.70 -1.83
CZ ZAE C 1 -1.72 14.34 -2.31
C10 ZAE C 1 0.98 9.81 1.45
H ZAE C 1 -0.73 8.89 1.95
HA ZAE C 1 -0.39 10.49 -0.35
HB2 ZAE C 1 -3.13 10.88 0.54
HB3 ZAE C 1 -1.96 11.68 1.60
HD1 ZAE C 1 -4.05 12.73 -0.48
HD2 ZAE C 1 0.17 12.19 -0.50
HE1 ZAE C 1 -3.85 14.48 -2.19
HE2 ZAE C 1 0.39 13.97 -2.22
HZ ZAE C 1 -1.63 15.10 -3.06
H11 ZAE C 1 1.44 9.91 2.41
H12 ZAE C 1 1.26 10.65 0.82
H13 ZAE C 1 1.28 8.88 0.99
HN2 ZAE C 1 -0.69 10.53 2.37
N ILE C 2 -0.81 8.14 -0.62
CA ILE C 2 -1.20 6.86 -1.07
C ILE C 2 -0.78 5.86 -0.11
N SER C 3 -1.73 5.03 0.07
CA SER C 3 -1.64 4.01 1.00
C SER C 3 -2.70 3.02 0.72
N DGN C 4 -2.47 1.91 1.35
CA DGN C 4 -3.44 0.88 1.37
C DGN C 4 -2.84 -0.34 0.84
O DGN C 4 -1.67 -0.33 0.39
CB DGN C 4 -4.07 0.59 2.79
CG DGN C 4 -3.54 1.34 4.02
CD DGN C 4 -4.32 2.60 4.35
OE1 DGN C 4 -4.80 3.32 3.48
NE2 DGN C 4 -4.49 2.84 5.63
H DGN C 4 -1.52 1.70 1.61
HA DGN C 4 -4.23 1.16 0.70
HB2 DGN C 4 -3.92 -0.47 2.98
HB3 DGN C 4 -5.12 0.77 2.73
HG2 DGN C 4 -2.50 1.60 3.87
HG3 DGN C 4 -3.62 0.68 4.87
HE21 DGN C 4 -4.12 2.19 6.27
HE22 DGN C 4 -4.94 3.68 5.90
N 28J C 5 -3.64 -1.35 0.82
CA 28J C 5 -3.17 -2.62 0.43
CB 28J C 5 -2.52 -2.61 -0.96
CG2 28J C 5 -1.28 -3.48 -0.96
CG1 28J C 5 -3.53 -3.12 -1.97
CD1 28J C 5 -2.98 -3.21 -3.35
C 28J C 5 -4.31 -3.61 0.41
O 28J C 5 -5.48 -3.23 0.59
HA 28J C 5 -2.44 -2.93 1.14
H22 28J C 5 -2.23 -1.60 -1.21
H23 28J C 5 -1.55 -4.48 -0.62
H24 28J C 5 -0.55 -3.07 -0.27
H25 28J C 5 -0.87 -3.54 -1.94
H26 28J C 5 -3.85 -4.11 -1.67
H27 28J C 5 -4.38 -2.45 -1.99
H28 28J C 5 -3.78 -3.42 -4.04
H29 28J C 5 -2.23 -3.99 -3.39
H30 28J C 5 -2.52 -2.26 -3.61
N ILE C 6 -3.91 -4.89 0.25
CA ILE C 6 -4.84 -6.00 0.14
C ILE C 6 -4.51 -7.16 1.03
N SER C 7 -5.65 -7.77 1.45
CA SER C 7 -5.73 -9.06 2.15
C SER C 7 -6.51 -9.03 3.46
N DTH C 8 -6.32 -10.11 4.24
CA DTH C 8 -6.99 -10.24 5.51
CB DTH C 8 -6.03 -10.29 6.75
CG2 DTH C 8 -5.00 -9.16 6.74
OG1 DTH C 8 -5.41 -11.56 6.83
C DTH C 8 -7.83 -11.51 5.56
O DTH C 8 -8.49 -11.75 6.57
H DTH C 8 -5.75 -10.86 3.90
HA DTH C 8 -7.65 -9.40 5.61
HB DTH C 8 -6.65 -10.17 7.64
HG21 DTH C 8 -4.39 -9.21 5.85
HG22 DTH C 8 -4.36 -9.24 7.61
HG23 DTH C 8 -5.50 -8.21 6.77
N ALA C 9 -7.78 -12.33 4.49
CA ALA C 9 -8.54 -13.58 4.43
C ALA C 9 -7.97 -14.65 5.37
N EI4 C 10 -6.73 -15.03 5.14
CA EI4 C 10 -6.10 -16.05 5.97
CB EI4 C 10 -5.09 -16.83 5.14
CG EI4 C 10 -5.60 -18.14 4.55
CD2 EI4 C 10 -7.06 -17.89 3.90
NE2 EI4 C 10 -6.79 -18.00 2.42
CE1 EI4 C 10 -5.48 -18.41 2.16
ND1 EI4 C 10 -4.77 -18.49 3.37
NT EI4 C 10 -5.01 -18.73 0.99
C EI4 C 10 -5.45 -15.39 7.20
O EI4 C 10 -5.38 -15.98 8.28
H EI4 C 10 -6.22 -14.64 4.39
HA EI4 C 10 -6.87 -16.72 6.32
HB EI4 C 10 -4.25 -17.06 5.77
HBA EI4 C 10 -4.76 -16.20 4.33
HG1 EI4 C 10 -5.62 -18.93 5.28
HD2 EI4 C 10 -7.44 -16.92 4.13
HE EI4 C 10 -7.44 -17.82 1.72
HND1 EI4 C 10 -3.85 -18.85 3.38
HD1 EI4 C 10 -7.75 -18.68 4.20
H1 EI4 C 10 -5.59 -18.69 0.18
HH12 EI4 C 10 -4.05 -19.02 0.90
N ILE C 11 -4.97 -14.16 7.01
CA ILE C 11 -4.37 -13.39 8.10
C ILE C 11 -4.96 -12.00 8.12
N ZAE D 1 -14.00 -11.70 3.58
CA ZAE D 1 -12.84 -12.12 4.42
C ZAE D 1 -11.66 -11.22 4.15
O ZAE D 1 -10.84 -10.97 5.02
CB ZAE D 1 -13.19 -12.05 5.91
CG ZAE D 1 -12.42 -13.04 6.74
CD1 ZAE D 1 -11.53 -12.59 7.72
CD2 ZAE D 1 -12.60 -14.40 6.56
CE1 ZAE D 1 -10.81 -13.50 8.48
CE2 ZAE D 1 -11.88 -15.31 7.31
CZ ZAE D 1 -11.00 -14.86 8.28
C10 ZAE D 1 -15.16 -12.56 3.81
H ZAE D 1 -13.73 -11.76 2.58
HA ZAE D 1 -12.57 -13.14 4.16
HB2 ZAE D 1 -12.98 -11.07 6.28
HB3 ZAE D 1 -14.24 -12.26 6.04
HD1 ZAE D 1 -11.39 -11.54 7.86
HD2 ZAE D 1 -13.29 -14.75 5.80
HE1 ZAE D 1 -10.12 -13.15 9.22
HE2 ZAE D 1 -12.01 -16.37 7.16
HZ ZAE D 1 -10.43 -15.57 8.87
H11 ZAE D 1 -15.87 -12.40 3.01
H12 ZAE D 1 -15.61 -12.32 4.76
H13 ZAE D 1 -14.84 -13.60 3.81
HN2 ZAE D 1 -14.23 -10.69 3.81
N ILE D 2 -11.60 -10.71 2.94
CA ILE D 2 -10.52 -9.81 2.59
C ILE D 2 -11.02 -8.42 2.53
N SER D 3 -10.14 -7.53 2.82
CA SER D 3 -10.54 -6.17 2.81
C SER D 3 -9.36 -5.32 2.41
N DGN D 4 -9.65 -4.04 2.16
CA DGN D 4 -8.60 -3.09 1.87
C DGN D 4 -8.66 -2.54 0.48
O DGN D 4 -9.50 -2.94 -0.33
CB DGN D 4 -8.65 -1.93 2.87
CG DGN D 4 -10.05 -1.54 3.38
CD DGN D 4 -10.37 -2.05 4.78
OE1 DGN D 4 -9.85 -3.08 5.23
NE2 DGN D 4 -11.21 -1.31 5.51
H DGN D 4 -10.60 -3.72 2.13
HA DGN D 4 -7.67 -3.62 1.99
HB2 DGN D 4 -8.23 -1.07 2.37
HB3 DGN D 4 -8.05 -2.19 3.71
HG2 DGN D 4 -10.78 -1.93 2.68
HG3 DGN D 4 -10.10 -0.47 3.38
HE21 DGN D 4 -11.56 -0.49 5.11
HE22 DGN D 4 -11.43 -1.63 6.41
N 28J D 5 -7.70 -1.68 0.18
CA 28J D 5 -7.72 -1.00 -1.09
CB 28J D 5 -8.01 -1.96 -2.25
CG2 28J D 5 -8.79 -1.25 -3.34
CG1 28J D 5 -6.69 -2.52 -2.74
CD1 28J D 5 -6.83 -3.57 -3.81
C 28J D 5 -6.44 -0.25 -1.36
O 28J D 5 -5.53 -0.18 -0.50
HA 28J D 5 -8.54 -0.29 -1.05
H22 28J D 5 -8.63 -2.78 -1.87
H23 28J D 5 -8.83 -0.18 -3.13
H24 28J D 5 -9.78 -1.64 -3.38
H25 28J D 5 -8.30 -1.40 -4.29
H26 28J D 5 -6.09 -1.72 -3.14
H27 28J D 5 -6.17 -2.97 -1.90
H28 28J D 5 -7.19 -3.11 -4.72
H29 28J D 5 -7.53 -4.32 -3.48
H30 28J D 5 -5.87 -4.03 -3.99
N ILE D 6 -6.44 0.36 -2.58
CA ILE D 6 -5.34 1.11 -3.15
C ILE D 6 -5.74 2.48 -3.71
N SER D 7 -5.09 3.52 -3.16
CA SER D 7 -5.12 4.90 -3.72
C SER D 7 -4.85 5.98 -2.67
N DTH D 8 -5.00 7.23 -3.11
CA DTH D 8 -4.80 8.35 -2.22
CB DTH D 8 -6.07 9.16 -1.93
CG2 DTH D 8 -7.31 8.28 -1.77
OG1 DTH D 8 -6.25 10.14 -2.95
C DTH D 8 -3.75 9.29 -2.83
O DTH D 8 -3.36 10.27 -2.20
H DTH D 8 -5.18 7.39 -4.07
HA DTH D 8 -4.43 7.96 -1.28
HB DTH D 8 -5.91 9.70 -1.00
HG21 DTH D 8 -7.16 7.60 -0.94
HG22 DTH D 8 -7.46 7.72 -2.67
HG23 DTH D 8 -8.16 8.90 -1.58
N ALA D 9 -3.32 9.02 -4.08
CA ALA D 9 -2.30 9.84 -4.72
C ALA D 9 -2.67 11.29 -4.65
N EI4 D 10 -3.55 11.73 -5.51
CA EI4 D 10 -3.93 13.11 -5.49
CB EI4 D 10 -4.05 13.60 -6.91
CG EI4 D 10 -2.76 14.16 -7.49
CD2 EI4 D 10 -1.50 13.52 -6.74
NE2 EI4 D 10 -0.82 12.74 -7.83
CE1 EI4 D 10 -1.44 12.90 -9.06
ND1 EI4 D 10 -2.56 13.69 -8.90
NT EI4 D 10 -0.98 12.51 -10.21
C EI4 D 10 -5.23 13.30 -4.73
O EI4 D 10 -5.57 14.41 -4.32
H EI4 D 10 -3.93 11.12 -6.17
HA EI4 D 10 -3.15 13.68 -5.00
HB EI4 D 10 -4.80 14.36 -6.97
HBA EI4 D 10 -4.36 12.76 -7.53
HG1 EI4 D 10 -2.74 15.24 -7.42
HD2 EI4 D 10 -1.82 12.86 -5.95
HE EI4 D 10 -0.01 12.20 -7.68
HND1 EI4 D 10 -3.14 13.97 -9.65
HD1 EI4 D 10 -0.86 14.30 -6.37
H1 EI4 D 10 -0.09 12.06 -10.27
HH12 EI4 D 10 -1.52 12.66 -11.03
N ILE D 11 -5.95 12.22 -4.54
CA ILE D 11 -7.19 12.24 -3.78
C ILE D 11 -7.12 11.24 -2.65
N ALA E 1 13.47 -9.60 -3.46
CA ALA E 1 14.05 -10.11 -4.73
C ALA E 1 12.94 -10.77 -5.65
N DGL E 2 13.03 -12.18 -5.73
CA DGL E 2 11.91 -12.98 -6.44
C DGL E 2 10.40 -12.57 -6.05
O DGL E 2 10.30 -11.98 -4.87
CB DGL E 2 11.86 -12.47 -7.94
CG DGL E 2 13.19 -12.53 -8.78
CD DGL E 2 13.59 -11.18 -9.44
OE1 DGL E 2 14.20 -11.13 -10.51
H DGL E 2 13.64 -12.62 -5.08
HB2 DGL E 2 11.51 -11.47 -7.87
HB3 DGL E 2 11.12 -13.09 -8.51
HG2 DGL E 2 13.04 -13.24 -9.59
HG3 DGL E 2 14.04 -12.85 -8.17
N LYS E 3 13.27 -10.11 -8.76
CA LYS E 3 13.58 -8.76 -9.17
C LYS E 3 13.01 -8.38 -10.57
N DAL E 4 11.65 -8.69 -10.60
CA DAL E 4 10.54 -8.44 -11.73
CB DAL E 4 10.24 -9.65 -12.95
C DAL E 4 10.71 -6.75 -11.93
O DAL E 4 11.47 -6.23 -12.78
H DAL E 4 11.35 -9.13 -9.79
HA DAL E 4 10.93 -8.47 -12.19
HB1 DAL E 4 10.18 -10.67 -12.50
HB2 DAL E 4 11.03 -9.70 -13.72
HB3 DAL E 4 9.24 -9.47 -13.49
N DAL E 5 10.18 -6.04 -10.86
CA DAL E 5 10.11 -4.52 -10.71
CB DAL E 5 9.26 -4.15 -12.12
C DAL E 5 11.76 -4.15 -10.67
O DAL E 5 12.68 -4.67 -9.78
OXT DAL E 5 12.05 -3.13 -11.34
H DAL E 5 9.90 -6.60 -10.07
HA DAL E 5 10.38 -3.82 -11.09
HB1 DAL E 5 9.88 -4.40 -12.94
HB2 DAL E 5 9.18 -3.04 -12.13
HB3 DAL E 5 8.17 -4.54 -12.24
N ALA F 1 11.37 16.40 -0.76
CA ALA F 1 12.46 15.89 0.11
C ALA F 1 11.96 15.58 1.57
N DGL F 2 12.87 14.92 2.39
CA DGL F 2 12.51 14.58 3.85
C DGL F 2 11.37 13.54 4.19
O DGL F 2 10.21 14.01 4.45
CB DGL F 2 13.74 13.80 4.48
CG DGL F 2 14.42 12.72 3.57
CD DGL F 2 14.49 11.30 4.20
OE1 DGL F 2 15.56 10.82 4.60
H DGL F 2 13.75 14.73 2.01
HB2 DGL F 2 13.33 13.33 5.36
HB3 DGL F 2 14.55 14.50 4.78
HG2 DGL F 2 15.44 13.04 3.40
HG3 DGL F 2 13.90 12.63 2.61
N LYS F 3 13.36 10.64 4.23
CA LYS F 3 13.22 9.30 4.74
C LYS F 3 13.29 9.19 6.29
N DAL F 4 12.07 9.60 6.82
CA DAL F 4 11.54 9.65 8.34
CB DAL F 4 12.41 10.53 9.55
C DAL F 4 10.89 8.06 8.44
O DAL F 4 11.54 7.04 8.08
H DAL F 4 11.45 9.93 6.14
HA DAL F 4 12.03 9.38 8.56
HB1 DAL F 4 13.31 10.00 9.87
HB2 DAL F 4 11.80 10.71 10.47
HB3 DAL F 4 12.73 11.55 9.14
N DAL F 5 9.49 8.05 8.59
CA DAL F 5 8.60 6.73 8.74
CB DAL F 5 9.07 6.12 10.22
C DAL F 5 8.96 5.74 7.46
O DAL F 5 8.54 6.19 6.38
OXT DAL F 5 9.66 4.59 7.54
H DAL F 5 9.05 8.94 8.49
HA DAL F 5 9.03 6.50 8.68
HB1 DAL F 5 10.15 6.00 10.16
HB2 DAL F 5 8.65 5.14 10.32
HB3 DAL F 5 8.78 6.73 11.19
N ALA G 1 -7.90 -13.47 -5.85
CA ALA G 1 -7.41 -12.92 -7.14
C ALA G 1 -8.00 -11.48 -7.42
N DGL G 2 -7.89 -11.05 -8.73
CA DGL G 2 -8.41 -9.67 -9.18
C DGL G 2 -7.59 -8.33 -9.04
O DGL G 2 -8.19 -7.24 -8.91
CB DGL G 2 -8.52 -9.72 -10.76
CG DGL G 2 -7.25 -10.25 -11.52
CD DGL G 2 -6.34 -9.15 -12.12
OE1 DGL G 2 -6.35 -8.88 -13.33
H DGL G 2 -7.49 -11.68 -9.38
HB2 DGL G 2 -8.70 -8.70 -11.04
HB3 DGL G 2 -9.37 -10.35 -11.08
HG2 DGL G 2 -7.61 -10.85 -12.35
HG3 DGL G 2 -6.63 -10.87 -10.87
N LYS G 3 -5.53 -8.56 -11.26
CA LYS G 3 -4.58 -7.53 -11.62
C LYS G 3 -5.24 -6.18 -12.04
N DAL G 4 -6.16 -5.81 -11.07
CA DAL G 4 -7.07 -4.50 -10.90
CB DAL G 4 -8.37 -4.20 -12.03
C DAL G 4 -5.89 -3.42 -10.31
O DAL G 4 -4.90 -3.06 -10.99
H DAL G 4 -6.28 -6.50 -10.36
HA DAL G 4 -6.92 -4.27 -11.44
HB1 DAL G 4 -8.00 -3.82 -12.99
HB2 DAL G 4 -9.09 -3.43 -11.66
HB3 DAL G 4 -8.96 -5.16 -12.23
N DAL G 5 -5.94 -3.26 -8.93
CA DAL G 5 -5.04 -2.33 -8.07
CB DAL G 5 -5.28 -0.87 -8.87
C DAL G 5 -3.52 -3.00 -8.23
O DAL G 5 -3.48 -4.20 -8.13
OXT DAL G 5 -2.40 -2.26 -8.62
H DAL G 5 -6.56 -3.89 -8.45
HA DAL G 5 -4.47 -1.98 -8.28
HB1 DAL G 5 -5.01 -1.02 -9.89
HB2 DAL G 5 -4.55 -0.17 -8.46
HB3 DAL G 5 -6.31 -0.34 -8.77
N ALA H 1 0.04 10.82 -12.86
CA ALA H 1 1.50 10.74 -13.15
C ALA H 1 2.30 10.27 -11.90
N DGL H 2 3.58 10.87 -11.80
CA DGL H 2 4.45 10.57 -10.54
C DGL H 2 3.69 10.02 -9.28
O DGL H 2 3.82 8.85 -8.96
CB DGL H 2 5.33 9.31 -10.75
CG DGL H 2 4.87 8.31 -11.86
CD DGL H 2 4.83 6.84 -11.43
OE1 DGL H 2 5.07 5.93 -12.24
H DGL H 2 3.72 11.66 -12.40
HA DGL H 2 3.75 10.56 -10.51
HB2 DGL H 2 5.28 8.83 -9.79
HB3 DGL H 2 6.39 9.60 -10.98
HG2 DGL H 2 5.59 8.39 -12.67
HG3 DGL H 2 3.88 8.57 -12.22
N LYS H 3 4.49 6.61 -10.19
CA LYS H 3 4.36 5.28 -9.61
C LYS H 3 5.71 4.55 -9.42
N DAL H 4 6.20 4.10 -10.63
CA DAL H 4 7.57 3.34 -11.00
CB DAL H 4 8.99 4.27 -11.38
C DAL H 4 6.94 2.03 -11.92
O DAL H 4 7.11 1.88 -13.14
H DAL H 4 5.56 4.25 -11.36
HA DAL H 4 7.58 3.62 -11.57
HB1 DAL H 4 9.15 5.06 -10.62
HB2 DAL H 4 8.93 4.78 -12.36
HB3 DAL H 4 9.92 3.60 -11.38
N DAL H 5 5.97 1.30 -11.16
CA DAL H 5 5.18 0.04 -11.70
CB DAL H 5 6.29 -0.96 -12.18
C DAL H 5 4.25 0.26 -13.07
O DAL H 5 3.58 1.31 -12.90
OXT DAL H 5 3.77 -0.70 -13.87
H DAL H 5 5.64 1.80 -10.38
HA DAL H 5 5.12 0.72 -11.98
HB1 DAL H 5 5.81 -1.87 -12.53
HB2 DAL H 5 6.96 -1.26 -11.38
HB3 DAL H 5 6.91 -0.53 -13.01
C1 MUB I . 9.51 -8.05 -1.50
C2 MUB I . 10.82 -7.98 -0.76
C3 MUB I . 11.76 -7.07 -1.52
C4 MUB I . 11.66 -7.26 -3.04
C5 MUB I . 10.24 -7.01 -3.54
C6 MUB I . 9.76 -8.15 -4.46
C7 MUB I . 10.73 -6.18 0.83
C8 MUB I . 10.52 -5.74 2.27
C9 MUB I . 13.51 -8.66 -1.18
C10 MUB I . 14.23 -9.08 -2.45
C11 MUB I . 13.56 -9.58 0.10
O1 MUB I . 8.52 -8.00 -0.56
O3 MUB I . 13.10 -7.27 -1.06
O4 MUB I . 12.63 -6.44 -3.74
O5 MUB I . 9.35 -6.94 -2.41
O6 MUB I . 9.83 -9.39 -3.79
O7 MUB I . 10.76 -5.34 -0.08
O10 MUB I . 15.45 -8.85 -2.55
N2 MUB I . 10.62 -7.47 0.59
H1 MUB I . 9.45 -8.98 -2.13
H2 MUB I . 11.10 -9.02 -0.60
HN2 MUB I . 10.60 -8.12 1.33
H81 MUB I . 10.64 -4.65 2.32
H82 MUB I . 11.25 -6.21 2.88
H83 MUB I . 9.53 -6.03 2.58
H3 MUB I . 11.58 -6.02 -1.22
H9 MUB I . 12.65 -8.99 -1.76
H111 MUB I . 14.08 -9.10 0.95
H112 MUB I . 14.09 -10.45 -0.14
H113 MUB I . 12.54 -9.86 0.37
H4 MUB I . 12.16 -8.19 -3.32
H5 MUB I . 10.17 -6.12 -4.19
H61 MUB I . 10.52 -8.23 -5.25
H62 MUB I . 8.72 -7.99 -4.88
HO6 MUB I . 10.03 -10.14 -4.36
C1 NAG I . 12.83 -5.14 -3.18
C2 NAG I . 13.79 -4.33 -4.05
C3 NAG I . 14.02 -2.96 -3.44
C4 NAG I . 12.68 -2.27 -3.11
C5 NAG I . 11.77 -3.20 -2.31
C6 NAG I . 10.39 -2.58 -2.09
C7 NAG I . 15.80 -5.43 -3.24
C8 NAG I . 17.06 -6.17 -3.66
N2 NAG I . 15.04 -5.05 -4.25
O3 NAG I . 14.74 -2.17 -4.36
O4 NAG I . 12.93 -1.09 -2.36
O5 NAG I . 11.59 -4.44 -3.02
O6 NAG I . 9.45 -3.56 -1.67
O7 NAG I . 15.73 -4.89 -2.13
H1 NAG I . 13.28 -5.36 -2.17
H2 NAG I . 13.61 -4.21 -5.04
H3 NAG I . 14.59 -3.03 -2.51
H4 NAG I . 12.33 -1.88 -4.11
H5 NAG I . 12.10 -3.42 -1.30
H61 NAG I . 10.00 -2.15 -3.02
H62 NAG I . 10.54 -1.77 -1.35
H81 NAG I . 17.62 -6.43 -2.78
H82 NAG I . 17.66 -5.54 -4.30
H83 NAG I . 16.79 -7.06 -4.22
HN2 NAG I . 15.13 -5.49 -5.10
HO3 NAG I . 15.65 -2.46 -4.44
HO4 NAG I . 13.63 -0.59 -2.80
HO6 NAG I . 9.97 -4.21 -1.16
C1 MUB J . 6.85 15.23 -2.48
C2 MUB J . 7.68 16.35 -3.09
C3 MUB J . 8.93 15.73 -3.75
C4 MUB J . 9.52 14.59 -2.91
C5 MUB J . 8.48 13.48 -2.66
C6 MUB J . 8.43 13.14 -1.17
C7 MUB J . 6.96 16.80 -5.36
C8 MUB J . 6.15 17.67 -6.32
C9 MUB J . 10.35 17.39 -2.79
C10 MUB J . 11.56 16.84 -2.05
C11 MUB J . 9.83 18.84 -2.46
O1 MUB J . 5.50 15.53 -2.59
O3 MUB J . 9.91 16.74 -4.01
O4 MUB J . 10.73 14.04 -3.52
O5 MUB J . 7.17 13.96 -3.06
O6 MUB J . 8.34 14.30 -0.37
O7 MUB J . 7.51 15.78 -5.77
O10 MUB J . 12.63 16.68 -2.66
N2 MUB J . 6.92 17.12 -4.06
H1 MUB J . 7.04 15.17 -1.38
H2 MUB J . 7.85 17.07 -2.29
HN2 MUB J . 6.46 17.93 -3.78
H81 MUB J . 6.49 18.69 -6.24
H82 MUB J . 5.11 17.63 -6.06
H83 MUB J . 6.27 17.30 -7.33
H3 MUB J . 8.69 15.41 -4.79
H9 MUB J . 9.84 16.73 -2.09
H111 MUB J . 9.85 19.51 -3.34
H112 MUB J . 10.46 19.28 -1.74
H113 MUB J . 8.83 18.77 -2.04
H4 MUB J . 10.08 15.01 -2.07
H5 MUB J . 8.74 12.53 -3.12
H61 MUB J . 9.43 12.74 -0.92
H62 MUB J . 7.66 12.36 -0.87
HO6 MUB J . 8.57 14.13 0.54
C1 NAG J . 10.81 14.19 -4.95
C2 NAG J . 12.06 13.46 -5.47
C3 NAG J . 12.13 13.59 -6.99
C4 NAG J . 10.80 13.20 -7.65
C5 NAG J . 9.64 13.93 -7.00
C6 NAG J . 8.30 13.48 -7.57
C7 NAG J . 13.71 15.19 -5.08
C8 NAG J . 14.97 15.56 -4.29
N2 NAG J . 13.25 13.99 -4.83
O3 NAG J . 13.16 12.73 -7.46
O4 NAG J . 10.86 13.50 -9.04
O5 NAG J . 9.64 13.68 -5.58
O6 NAG J . 8.02 12.13 -7.21
O7 NAG J . 13.42 15.81 -6.11
H1 NAG J . 10.91 15.28 -5.08
H2 NAG J . 12.23 12.50 -5.21
H3 NAG J . 12.37 14.61 -7.29
H4 NAG J . 10.82 12.06 -7.62
H5 NAG J . 9.62 15.00 -7.17
H61 NAG J . 8.26 13.51 -8.67
H62 NAG J . 7.54 14.16 -7.18
H81 NAG J . 15.28 16.54 -4.57
H82 NAG J . 15.76 14.85 -4.51
H83 NAG J . 14.74 15.52 -3.22
HN2 NAG J . 13.51 13.54 -4.02
HO3 NAG J . 14.03 12.98 -7.12
HO4 NAG J . 11.73 13.22 -9.36
HO6 NAG J . 8.38 12.01 -6.32
C1 MUB K . -5.55 -15.33 -1.17
C2 MUB K . -6.96 -15.52 -1.71
C3 MUB K . -6.95 -16.67 -2.72
C4 MUB K . -5.61 -16.71 -3.46
C5 MUB K . -4.46 -17.03 -2.49
C6 MUB K . -3.18 -16.27 -2.92
C7 MUB K . -8.25 -17.03 -0.33
C8 MUB K . -9.29 -17.20 0.78
C9 MUB K . -8.24 -15.18 -4.08
C10 MUB K . -7.62 -14.74 -5.41
C11 MUB K . -9.36 -14.29 -3.40
O1 MUB K . -5.59 -14.75 0.09
O3 MUB K . -8.05 -16.54 -3.64
O4 MUB K . -5.64 -17.65 -4.56
O5 MUB K . -4.83 -16.59 -1.15
O6 MUB K . -3.47 -14.96 -3.34
O7 MUB K . -7.68 -18.01 -0.81
O10 MUB K . -6.86 -15.52 -6.01
N2 MUB K . -7.92 -15.77 -0.65
H1 MUB K . -4.98 -14.61 -1.79
H2 MUB K . -7.25 -14.53 -2.09
HN2 MUB K . -8.40 -15.01 -0.25
H81 MUB K . -10.20 -16.69 0.49
H82 MUB K . -8.90 -16.77 1.69
H83 MUB K . -9.47 -18.27 0.93
H3 MUB K . -7.20 -17.64 -2.24
H9 MUB K . -7.29 -14.80 -3.73
H111 MUB K . -10.34 -14.81 -3.38
H112 MUB K . -9.47 -13.41 -3.94
H113 MUB K . -9.02 -14.03 -2.40
H4 MUB K . -5.52 -15.86 -4.14
H5 MUB K . -4.15 -18.08 -2.53
H61 MUB K . -2.84 -16.76 -3.84
H62 MUB K . -2.35 -16.29 -2.16
HO6 MUB K . -3.07 -14.74 -4.18
C1 NAG K . -6.44 -18.82 -4.33
C2 NAG K . -6.22 -19.84 -5.46
C3 NAG K . -7.04 -21.09 -5.21
C4 NAG K . -6.82 -21.63 -3.78
C5 NAG K . -7.01 -20.51 -2.75
C6 NAG K . -6.67 -20.99 -1.34
C7 NAG K . -7.70 -18.62 -6.96
C8 NAG K . -7.83 -18.05 -8.38
N2 NAG K . -6.55 -19.24 -6.75
O3 NAG K . -6.67 -22.09 -6.14
O4 NAG K . -7.74 -22.68 -3.52
O5 NAG K . -6.13 -19.42 -3.05
O6 NAG K . -5.27 -21.00 -1.12
O7 NAG K . -8.69 -18.83 -6.26
H1 NAG K . -7.46 -18.43 -4.35
H2 NAG K . -5.29 -20.14 -5.75
H3 NAG K . -8.12 -20.90 -5.32
H4 NAG K . -5.82 -22.15 -3.85
H5 NAG K . -8.02 -20.14 -2.65
H61 NAG K . -7.01 -22.03 -1.16
H62 NAG K . -7.20 -20.34 -0.64
H81 NAG K . -7.04 -17.34 -8.55
H82 NAG K . -8.79 -17.57 -8.48
H83 NAG K . -7.78 -18.87 -9.10
HN2 NAG K . -5.79 -19.06 -7.32
HO3 NAG K . -7.14 -22.91 -5.98
HO4 NAG K . -7.41 -23.20 -2.78
HO6 NAG K . -4.86 -20.66 -1.93
C1 MUB L . -3.47 9.01 -10.20
C2 MUB L . -3.74 9.96 -11.36
C3 MUB L . -3.31 9.28 -12.66
C4 MUB L . -1.99 8.51 -12.45
C5 MUB L . -2.20 7.36 -11.46
C6 MUB L . -1.01 7.19 -10.52
C7 MUB L . -5.99 9.65 -12.20
C8 MUB L . -7.44 10.13 -12.21
C9 MUB L . -2.32 11.36 -13.33
C10 MUB L . -0.86 11.30 -13.77
C11 MUB L . -2.93 12.72 -12.82
O1 MUB L . -4.48 9.15 -9.26
O3 MUB L . -3.19 10.27 -13.70
O4 MUB L . -1.46 8.03 -13.72
O5 MUB L . -3.39 7.63 -10.66
O6 MUB L . -0.58 8.43 -10.00
O7 MUB L . -5.67 8.61 -12.78
O10 MUB L . -0.56 11.60 -14.93
N2 MUB L . -5.14 10.33 -11.42
H1 MUB L . -2.49 9.26 -9.72
H2 MUB L . -3.25 10.90 -11.09
HN2 MUB L . -5.44 11.15 -10.98
H81 MUB L . -8.00 9.51 -12.92
H82 MUB L . -7.47 11.15 -12.51
H83 MUB L . -7.84 10.03 -11.21
H3 MUB L . -4.11 8.67 -13.08
H9 MUB L . -1.87 10.89 -12.45
H111 MUB L . -3.75 13.09 -13.48
H112 MUB L . -2.19 13.45 -12.80
H113 MUB L . -3.30 12.58 -11.80
H4 MUB L . -1.14 9.18 -12.31
H5 MUB L . -2.26 6.39 -12.00
H61 MUB L . -0.17 6.87 -11.17
H62 MUB L . -1.17 6.44 -9.69
HO6 MUB L . 0.26 8.74 -10.36
C1 NAG L . -2.43 7.72 -14.72
C2 NAG L . -1.76 7.00 -15.90
C3 NAG L . -2.78 6.68 -16.98
C4 NAG L . -4.01 5.97 -16.38
C5 NAG L . -4.56 6.74 -15.19
C6 NAG L . -5.70 6.00 -14.51
C7 NAG L . -0.86 9.02 -16.91
C8 NAG L . 0.43 9.70 -17.39
N2 NAG L . -0.67 7.81 -16.43
O3 NAG L . -2.18 5.85 -17.94
O4 NAG L . -5.01 5.86 -17.39
O5 NAG L . -3.51 6.93 -14.21
O6 NAG L . -5.23 4.95 -13.70
O7 NAG L . -1.96 9.38 -17.35
H1 NAG L . -2.80 8.72 -15.02
H2 NAG L . -1.20 6.16 -15.74
H3 NAG L . -3.14 7.59 -17.48
H4 NAG L . -3.65 4.91 -16.22
H5 NAG L . -5.00 7.70 -15.42
H61 NAG L . -6.39 5.52 -15.23
H62 NAG L . -6.29 6.74 -13.95
H81 NAG L . 0.87 9.09 -18.15
H82 NAG L . 1.11 9.80 -16.56
H83 NAG L . 0.19 10.69 -17.78
HN2 NAG L . 0.20 7.57 -16.09
HO3 NAG L . -1.46 6.30 -18.40
HO4 NAG L . -4.59 5.53 -18.19
HO6 NAG L . -4.34 5.23 -13.42
P 2PO M . 8.31 -9.29 0.36
O1P 2PO M . 7.66 -8.84 1.61
O2P 2PO M . 9.55 -10.09 0.46
O3P 2PO M . 7.27 -10.03 -0.57
P 2PO N . 6.12 -9.11 -1.13
O1P 2PO N . 5.05 -9.97 -1.72
O2P 2PO N . 5.78 -8.15 -0.02
O3P 2PO N . 6.85 -8.29 -2.32
C1 P1W O . 6.52 -8.51 -3.69
C2 P1W O . 6.00 -7.24 -4.30
C3 P1W O . 4.72 -6.90 -4.31
C4 P1W O . 4.26 -5.58 -4.91
C5 P1W O . 3.61 -7.76 -3.71
H12 P1W O . 7.40 -8.84 -4.23
H11 P1W O . 5.75 -9.28 -3.76
H2 P1W O . 6.75 -6.47 -4.39
H41 P1W O . 3.27 -5.38 -4.56
H42 P1W O . 4.93 -4.80 -4.59
H51 P1W O . 3.64 -7.69 -2.63
H52 P1W O . 3.77 -8.78 -4.01
H53 P1W O . 2.64 -7.43 -4.07
C1 P1W P . 4.24 -5.66 -6.43
C2 P1W P . 4.87 -4.42 -7.04
C3 P1W P . 5.19 -4.31 -8.35
C4 P1W P . 5.82 -3.07 -8.94
C5 P1W P . 4.93 -5.41 -9.39
H12 P1W P . 3.22 -5.73 -6.78
H11 P1W P . 4.79 -6.52 -6.75
H2 P1W P . 5.24 -3.71 -6.32
H41 P1W P . 5.48 -2.94 -9.95
H42 P1W P . 5.54 -2.21 -8.35
H51 P1W P . 4.99 -6.38 -8.91
H52 P1W P . 5.68 -5.35 -10.17
H53 P1W P . 3.94 -5.29 -9.83
C1 P1W Q . 9.03 7.68 -4.69
C2 P1W Q . 10.43 7.16 -4.80
C3 P1W Q . 10.80 6.11 -5.56
C4 P1W Q . 12.24 5.61 -5.64
C5 P1W Q . 9.81 5.31 -6.43
H12 P1W Q . 8.34 6.91 -5.01
H11 P1W Q . 8.83 7.94 -3.66
H2 P1W Q . 11.19 7.80 -4.36
H43 P1W Q . 12.28 4.58 -5.98
H41 P1W Q . 12.69 5.67 -4.66
H42 P1W Q . 12.80 6.24 -6.32
H51 P1W Q . 9.11 5.96 -6.90
H52 P1W Q . 9.26 4.63 -5.81
H53 P1W Q . 10.36 4.75 -7.19
C1 P1W R . 7.34 -3.19 -8.93
C2 P1W R . 7.83 -3.09 -7.53
C3 P1W R . 8.37 -4.12 -6.87
C4 P1W R . 8.84 -4.02 -5.41
C5 P1W R . 8.60 -5.50 -7.50
H12 P1W R . 7.76 -2.38 -9.52
H11 P1W R . 7.62 -4.14 -9.35
H2 P1W R . 7.55 -2.19 -7.01
H43 P1W R . 8.47 -4.85 -4.84
H41 P1W R . 8.48 -3.10 -4.98
H42 P1W R . 9.92 -4.02 -5.39
H51 P1W R . 7.65 -5.91 -7.78
H52 P1W R . 9.07 -6.13 -6.76
H53 P1W R . 9.24 -5.41 -8.37
P 2PO S . 5.01 16.82 -1.75
O1P 2PO S . 4.25 17.75 -2.63
O2P 2PO S . 6.20 17.36 -1.03
O3P 2PO S . 4.04 16.18 -0.66
P 2PO T . 2.91 15.16 -1.12
O1P 2PO T . 2.38 14.46 0.09
O2P 2PO T . 1.96 15.90 -1.98
O3P 2PO T . 3.70 14.11 -2.04
C1 P1W U . 3.10 13.60 -3.24
C2 P1W U . 4.13 12.85 -4.05
C3 P1W U . 3.88 12.28 -5.24
C4 P1W U . 4.94 11.55 -6.03
C5 P1W U . 2.49 12.33 -5.88
H12 P1W U . 2.27 12.94 -3.00
H11 P1W U . 2.73 14.43 -3.84
H2 P1W U . 5.14 13.13 -3.82
H41 P1W U . 4.62 11.47 -7.06
H42 P1W U . 5.88 12.11 -5.99
H51 P1W U . 2.01 11.36 -5.77
H52 P1W U . 2.60 12.56 -6.93
H53 P1W U . 1.90 13.09 -5.40
C1 P1W V . 0.25 -12.90 -1.62
C2 P1W V . -0.80 -12.20 -2.43
C3 P1W V . -0.62 -11.78 -3.70
C4 P1W V . -1.70 -11.06 -4.49
C5 P1W V . 0.68 -12.03 -4.50
H12 P1W V . 1.11 -13.11 -2.25
H11 P1W V . 0.54 -12.27 -0.79
H2 P1W V . -1.62 -11.81 -1.85
H41 P1W V . -1.97 -11.66 -5.35
H42 P1W V . -2.55 -10.90 -3.86
H51 P1W V . 0.54 -11.67 -5.51
H52 P1W V . 0.88 -13.08 -4.53
H53 P1W V . 1.50 -11.50 -4.04
C1 P1W W . -1.19 -9.70 -4.98
C2 P1W W . -2.31 -8.71 -5.01
C3 P1W W . -3.22 -8.61 -6.01
C4 P1W W . -4.36 -7.58 -5.99
C5 P1W W . -3.22 -9.51 -7.24
H12 P1W W . -0.78 -9.81 -5.97
H11 P1W W . -0.43 -9.35 -4.30
H2 P1W W . -2.41 -8.11 -4.13
H43 P1W W . -4.47 -7.15 -6.98
H41 P1W W . -4.11 -6.79 -5.29
H42 P1W W . -5.27 -8.06 -5.68
H51 P1W W . -4.11 -9.33 -7.81
H52 P1W W . -3.20 -10.55 -6.92
H53 P1W W . -2.34 -9.30 -7.85
C1 P1W X . -0.93 -0.63 -11.71
C2 P1W X . -0.23 -0.54 -10.38
C3 P1W X . 0.56 0.47 -10.02
C4 P1W X . 1.26 0.53 -8.65
C5 P1W X . 0.83 1.66 -10.92
H12 P1W X . -0.54 0.13 -12.36
H11 P1W X . -0.74 -1.60 -12.14
H2 P1W X . -0.41 -1.37 -9.71
H43 P1W X . 2.22 0.05 -8.70
H41 P1W X . 0.64 0.04 -7.91
H42 P1W X . 1.38 1.58 -8.36
H51 P1W X . -0.11 2.05 -11.29
H52 P1W X . 1.44 1.34 -11.74
H53 P1W X . 1.35 2.44 -10.36
C1 P1W Y . 5.15 10.16 -5.44
C2 P1W Y . 6.60 9.95 -5.15
C3 P1W Y . 7.39 9.15 -5.87
C4 P1W Y . 8.86 8.92 -5.56
C5 P1W Y . 6.89 8.42 -7.12
H12 P1W Y . 4.83 9.41 -6.15
H11 P1W Y . 4.58 10.07 -4.54
H2 P1W Y . 6.89 10.22 -4.14
H41 P1W Y . 9.42 8.77 -6.48
H42 P1W Y . 9.25 9.77 -5.03
H51 P1W Y . 6.18 7.65 -6.81
H52 P1W Y . 7.73 7.96 -7.60
H53 P1W Y . 6.41 9.10 -7.81
P 2PO Z . -6.21 -13.27 0.15
O1P 2PO Z . -7.70 -13.32 0.14
O2P 2PO Z . -5.55 -12.46 -0.91
O3P 2PO Z . -5.69 -12.74 1.57
P 2PO AA . -4.92 -13.73 2.56
O1P 2PO AA . -4.59 -12.99 3.81
O2P 2PO AA . -5.71 -14.98 2.65
O3P 2PO AA . -3.56 -14.05 1.75
C1 P1W BA . -2.29 -13.62 2.26
C2 P1W BA . -1.20 -13.91 1.26
C3 P1W BA . -1.41 -13.94 -0.06
C4 P1W BA . -0.31 -14.22 -1.06
C5 P1W BA . -2.79 -13.70 -0.67
H12 P1W BA . -2.33 -12.56 2.46
H11 P1W BA . -2.08 -14.15 3.18
H2 P1W BA . -0.21 -13.71 1.63
H41 P1W BA . 0.50 -14.75 -0.56
H42 P1W BA . -0.69 -14.82 -1.87
H51 P1W BA . -2.71 -13.73 -1.75
H52 P1W BA . -3.15 -12.74 -0.34
H53 P1W BA . -3.47 -14.49 -0.33
P 2PO CA . -4.64 10.53 -8.46
O1P 2PO CA . -5.74 11.33 -9.05
O2P 2PO CA . -3.30 11.17 -8.31
O3P 2PO CA . -5.11 10.00 -7.05
P 2PO DA . -5.71 8.52 -6.98
O1P 2PO DA . -5.71 8.07 -5.57
O2P 2PO DA . -7.00 8.51 -7.72
O3P 2PO DA . -4.63 7.68 -7.81
C1 P1W EA . -4.03 6.51 -7.24
C2 P1W EA . -3.46 5.66 -8.35
C3 P1W EA . -2.72 4.55 -8.20
C4 P1W EA . -2.20 3.78 -9.39
C5 P1W EA . -2.32 3.95 -6.82
H12 P1W EA . -3.25 6.82 -6.57
H11 P1W EA . -4.78 5.95 -6.70
H2 P1W EA . -3.86 5.90 -9.33
H41 P1W EA . -1.75 4.47 -10.09
H42 P1W EA . -1.47 3.05 -9.08
H51 P1W EA . -1.51 3.25 -6.95
H52 P1W EA . -3.17 3.45 -6.39
H53 P1W EA . -2.00 4.75 -6.15
C1 P1W FA . -3.35 3.05 -10.08
C2 P1W FA . -2.98 1.61 -10.23
C3 P1W FA . -2.77 1.03 -11.42
C4 P1W FA . -2.44 -0.44 -11.54
C5 P1W FA . -2.79 1.80 -12.75
H12 P1W FA . -3.54 3.49 -11.06
H11 P1W FA . -4.23 3.13 -9.46
H2 P1W FA . -3.18 1.01 -9.35
H41 P1W FA . -2.77 -0.96 -10.64
H42 P1W FA . -2.94 -0.86 -12.41
H51 P1W FA . -3.82 2.01 -13.02
H52 P1W FA . -2.33 1.20 -13.52
H53 P1W FA . -2.25 2.73 -12.65
N ZAE A 1 10.34 13.98 3.93
CA ZAE A 1 9.86 14.20 2.53
C ZAE A 1 9.17 12.94 2.06
O ZAE A 1 8.19 12.99 1.34
CB ZAE A 1 8.88 15.36 2.49
CG ZAE A 1 9.49 16.67 2.88
CD1 ZAE A 1 10.10 17.47 1.93
CD2 ZAE A 1 9.44 17.11 4.19
CE1 ZAE A 1 10.66 18.69 2.28
CE2 ZAE A 1 9.99 18.32 4.55
CZ ZAE A 1 10.60 19.11 3.60
C10 ZAE A 1 11.80 13.83 3.96
H ZAE A 1 9.92 13.12 4.32
HA ZAE A 1 10.70 14.40 1.89
HB2 ZAE A 1 8.49 15.46 1.49
HB3 ZAE A 1 8.06 15.16 3.17
HD1 ZAE A 1 10.14 17.14 0.90
HD2 ZAE A 1 8.97 16.49 4.94
HE1 ZAE A 1 11.12 19.30 1.54
HE2 ZAE A 1 9.95 18.65 5.59
HZ ZAE A 1 11.03 20.06 3.88
H11 ZAE A 1 12.12 13.63 4.97
H12 ZAE A 1 12.27 14.73 3.61
H13 ZAE A 1 12.09 13.00 3.33
HN2 ZAE A 1 10.05 14.80 4.52
N ILE A 2 9.66 11.81 2.52
CA ILE A 2 9.06 10.56 2.14
C ILE A 2 8.24 10.04 3.23
N SER A 3 7.06 9.71 2.87
CA SER A 3 6.17 9.21 3.83
C SER A 3 5.60 7.91 3.34
N DGN A 4 5.31 7.04 4.28
CA DGN A 4 4.67 5.80 3.97
C DGN A 4 5.38 4.64 4.57
O DGN A 4 6.47 4.78 5.11
CB DGN A 4 3.22 5.77 4.43
CG DGN A 4 2.94 6.39 5.81
CD DGN A 4 1.98 7.59 5.79
OE1 DGN A 4 1.17 7.74 4.87
NE2 DGN A 4 2.04 8.42 6.82
H DGN A 4 5.55 7.22 5.23
HA DGN A 4 4.69 5.70 2.90
HB2 DGN A 4 2.93 4.74 4.49
HB3 DGN A 4 2.61 6.27 3.71
HG2 DGN A 4 3.88 6.71 6.25
HG3 DGN A 4 2.50 5.63 6.43
HE21 DGN A 4 2.68 8.23 7.54
HE22 DGN A 4 1.43 9.20 6.82
N 28J A 5 4.77 3.47 4.40
CA 28J A 5 5.31 2.32 5.04
CB 28J A 5 6.85 2.18 4.88
CG2 28J A 5 7.47 1.51 6.12
CG1 28J A 5 7.16 1.40 3.61
CD1 28J A 5 8.58 1.53 3.17
C 28J A 5 4.66 1.05 4.58
O 28J A 5 3.66 1.09 3.83
HA 28J A 5 5.12 2.44 6.08
H22 28J A 5 7.28 3.17 4.80
H23 28J A 5 6.81 1.66 6.97
H24 28J A 5 8.43 1.94 6.34
H25 28J A 5 7.58 0.45 5.95
H26 28J A 5 6.95 0.35 3.79
H27 28J A 5 6.52 1.76 2.82
H28 28J A 5 9.23 1.19 3.97
H29 28J A 5 8.79 2.56 2.95
H30 28J A 5 8.74 0.92 2.29
N ILE A 6 5.20 -0.03 5.18
CA ILE A 6 4.81 -1.38 4.94
C ILE A 6 4.59 -2.23 6.18
N SER A 7 3.49 -2.97 6.12
CA SER A 7 3.21 -4.10 7.06
C SER A 7 1.78 -4.61 6.99
N DTH A 8 1.57 -5.82 7.54
CA DTH A 8 0.21 -6.34 7.62
CB DTH A 8 -0.30 -6.53 9.08
CG2 DTH A 8 0.04 -5.36 10.04
OG1 DTH A 8 0.16 -7.77 9.59
C DTH A 8 0.05 -7.66 6.86
O DTH A 8 -1.04 -8.23 6.85
H DTH A 8 2.34 -6.38 7.78
HA DTH A 8 -0.42 -5.62 7.14
HB DTH A 8 -1.38 -6.59 9.01
HG21 DTH A 8 -0.37 -4.43 9.66
HG22 DTH A 8 1.11 -5.26 10.13
HG23 DTH A 8 -0.38 -5.56 11.01
N ALA A 9 1.11 -8.13 6.24
CA ALA A 9 1.03 -9.33 5.45
C ALA A 9 0.45 -10.48 6.25
N EI4 A 10 1.19 -10.92 7.24
CA EI4 A 10 0.73 -12.02 8.07
CB EI4 A 10 1.89 -12.94 8.35
CG EI4 A 10 2.68 -12.60 9.60
CD2 EI4 A 10 2.56 -13.83 10.65
NE2 EI4 A 10 3.98 -14.29 10.79
CE1 EI4 A 10 4.85 -13.54 10.03
ND1 EI4 A 10 4.16 -12.58 9.33
NT EI4 A 10 6.16 -13.60 10.08
C EI4 A 10 0.03 -11.50 9.34
O EI4 A 10 -0.93 -12.11 9.81
H EI4 A 10 2.07 -10.52 7.41
HA EI4 A 10 -0.01 -12.56 7.48
HB EI4 A 10 2.57 -12.92 7.51
HBA EI4 A 10 1.52 -13.94 8.47
HG1 EI4 A 10 2.36 -11.67 10.03
HD2 EI4 A 10 1.95 -14.62 10.25
HE EI4 A 10 4.27 -15.02 11.40
HND1 EI4 A 10 4.59 -11.93 8.74
HD1 EI4 A 10 2.18 -13.48 11.60
H1 EI4 A 10 6.61 -14.22 10.72
HH12 EI4 A 10 6.71 -13.06 9.45
N ILE A 11 0.52 -10.38 9.88
CA ILE A 11 -0.09 -9.74 11.05
C ILE A 11 -0.61 -8.38 10.63
N ZAE B 1 -4.74 -7.59 4.37
CA ZAE B 1 -3.83 -7.58 5.54
C ZAE B 1 -2.72 -6.59 5.37
O ZAE B 1 -2.33 -5.93 6.33
CB ZAE B 1 -4.60 -7.22 6.81
CG ZAE B 1 -5.91 -7.91 6.87
CD1 ZAE B 1 -5.98 -9.23 7.33
CD2 ZAE B 1 -7.06 -7.28 6.46
CE1 ZAE B 1 -7.19 -9.90 7.36
CE2 ZAE B 1 -8.27 -7.94 6.50
CZ ZAE B 1 -8.34 -9.26 6.95
C10 ZAE B 1 -5.18 -8.98 4.10
H ZAE B 1 -4.24 -7.24 3.53
HA ZAE B 1 -3.39 -8.56 5.66
HB2 ZAE B 1 -4.02 -7.52 7.67
HB3 ZAE B 1 -4.76 -6.15 6.85
HD1 ZAE B 1 -5.09 -9.73 7.66
HD2 ZAE B 1 -7.02 -6.25 6.11
HE1 ZAE B 1 -7.24 -10.93 7.71
HE2 ZAE B 1 -9.16 -7.43 6.20
HZ ZAE B 1 -9.28 -9.77 6.97
H11 ZAE B 1 -6.07 -8.95 3.47
H12 ZAE B 1 -5.42 -9.47 5.03
H13 ZAE B 1 -4.39 -9.52 3.59
HN2 ZAE B 1 -5.57 -6.97 4.56
N ILE B 2 -2.24 -6.42 4.16
CA ILE B 2 -1.16 -5.47 4.07
C ILE B 2 -1.62 -4.15 3.69
N SER B 3 -1.02 -3.25 4.39
CA SER B 3 -1.38 -1.91 4.25
C SER B 3 -0.17 -1.08 4.20
N DGN B 4 -0.40 0.05 3.65
CA DGN B 4 0.61 1.02 3.62
C DGN B 4 0.71 1.57 2.28
O DGN B 4 -0.02 1.20 1.36
CB DGN B 4 0.38 2.18 4.60
CG DGN B 4 -0.24 1.86 5.97
CD DGN B 4 -0.84 3.08 6.66
OE1 DGN B 4 -0.87 3.18 7.88
NE2 DGN B 4 -1.25 4.02 5.85
H DGN B 4 -1.22 0.19 3.11
HA DGN B 4 1.52 0.54 3.83
HB2 DGN B 4 -0.25 2.90 4.12
HB3 DGN B 4 1.35 2.64 4.78
HG2 DGN B 4 0.52 1.43 6.62
HG3 DGN B 4 -1.02 1.14 5.83
HE21 DGN B 4 -1.14 3.90 4.89
HE22 DGN B 4 -1.68 4.82 6.25
N 28J B 5 1.66 2.42 2.20
CA 28J B 5 1.87 3.11 1.01
CB 28J B 5 1.82 2.15 -0.21
CG2 28J B 5 1.10 2.79 -1.38
CG1 28J B 5 3.21 1.76 -0.64
CD1 28J B 5 3.24 0.53 -1.49
C 28J B 5 3.18 3.81 1.01
O 28J B 5 3.95 3.76 1.98
HA 28J B 5 1.09 3.83 0.90
H22 28J B 5 1.27 1.27 0.07
H23 28J B 5 0.19 3.26 -1.02
H24 28J B 5 0.85 2.05 -2.11
H25 28J B 5 1.73 3.55 -1.81
H26 28J B 5 3.63 2.56 -1.23
H27 28J B 5 3.82 1.59 0.22
H28 28J B 5 2.75 0.71 -2.44
H29 28J B 5 2.73 -0.28 -0.98
H30 28J B 5 4.26 0.25 -1.68
N ILE B 6 3.33 4.48 -0.13
CA ILE B 6 4.53 5.21 -0.49
C ILE B 6 4.26 6.52 -1.21
N SER B 7 5.27 7.38 -1.10
CA SER B 7 5.47 8.56 -1.99
C SER B 7 5.58 9.83 -1.21
N DTH B 8 5.19 10.94 -1.83
CA DTH B 8 5.16 12.23 -1.16
CB DTH B 8 4.17 13.22 -1.81
CG2 DTH B 8 2.88 12.54 -2.20
OG1 DTH B 8 4.74 13.80 -2.97
C DTH B 8 6.53 12.90 -1.12
O DTH B 8 6.69 13.96 -0.53
H DTH B 8 4.96 10.89 -2.80
HA DTH B 8 4.82 12.07 -0.13
HB DTH B 8 3.93 14.01 -1.11
HG21 DTH B 8 2.13 12.69 -1.43
HG22 DTH B 8 3.05 11.47 -2.33
HG23 DTH B 8 2.51 12.95 -3.13
N ALA B 9 7.50 12.33 -1.82
CA ALA B 9 8.85 12.90 -1.84
C ALA B 9 8.86 14.25 -2.58
N EI4 B 10 8.74 14.17 -3.89
CA EI4 B 10 8.73 15.35 -4.74
CB EI4 B 10 9.25 14.95 -6.10
CG EI4 B 10 8.22 14.78 -7.20
CD2 EI4 B 10 8.66 15.63 -8.49
NE2 EI4 B 10 8.89 14.57 -9.52
CE1 EI4 B 10 8.61 13.29 -9.05
ND1 EI4 B 10 8.23 13.37 -7.73
NT EI4 B 10 8.67 12.21 -9.74
C EI4 B 10 7.32 15.96 -4.82
O EI4 B 10 7.16 17.15 -5.08
H EI4 B 10 8.67 13.28 -4.31
HA EI4 B 10 9.40 16.08 -4.31
HB EI4 B 10 9.77 14.01 -6.00
HBA EI4 B 10 9.96 15.69 -6.43
HG1 EI4 B 10 7.23 15.06 -6.85
HD2 EI4 B 10 9.56 16.17 -8.30
HE EI4 B 10 9.19 14.78 -10.44
HND1 EI4 B 10 7.99 12.59 -7.18
HD1 EI4 B 10 7.85 16.30 -8.79
H1 EI4 B 10 8.90 12.23 -10.72
HH12 EI4 B 10 8.51 11.33 -9.30
N ILE B 11 6.32 15.12 -4.59
CA ILE B 11 4.92 15.57 -4.61
C ILE B 11 4.20 15.07 -3.38
N ZAE C 1 1.83 8.87 0.51
CA ZAE C 1 0.65 9.55 -0.04
C ZAE C 1 -0.36 8.52 -0.37
O ZAE C 1 -1.53 8.58 -0.01
CB ZAE C 1 0.15 10.53 1.01
CG ZAE C 1 1.17 11.54 1.37
CD1 ZAE C 1 1.24 12.72 0.67
CD2 ZAE C 1 2.05 11.35 2.43
CE1 ZAE C 1 2.16 13.71 1.00
CE2 ZAE C 1 2.99 12.33 2.77
CZ ZAE C 1 3.03 13.50 2.04
C10 ZAE C 1 2.99 9.41 -0.11
H ZAE C 1 1.79 7.86 0.32
HA ZAE C 1 0.92 10.08 -0.94
HB2 ZAE C 1 -0.71 11.04 0.62
HB3 ZAE C 1 -0.12 9.98 1.89
HD1 ZAE C 1 0.56 12.88 -0.15
HD2 ZAE C 1 2.02 10.43 2.99
HE1 ZAE C 1 2.20 14.62 0.44
HE2 ZAE C 1 3.67 12.17 3.58
HZ ZAE C 1 3.75 14.25 2.30
H11 ZAE C 1 3.87 8.99 0.33
H12 ZAE C 1 3.01 10.49 0.01
H13 ZAE C 1 2.98 9.18 -1.18
HN2 ZAE C 1 1.86 9.02 1.55
N ILE C 2 0.10 7.50 -1.02
CA ILE C 2 -0.80 6.43 -1.36
C ILE C 2 -0.74 5.38 -0.32
N SER C 3 -1.92 5.09 0.23
CA SER C 3 -2.07 4.00 1.12
C SER C 3 -3.17 3.11 0.71
N DGN C 4 -3.03 1.97 1.28
CA DGN C 4 -3.95 0.93 1.15
C DGN C 4 -3.16 -0.30 1.07
O DGN C 4 -1.94 -0.28 1.14
CB DGN C 4 -5.01 0.87 2.30
CG DGN C 4 -4.49 0.58 3.71
CD DGN C 4 -4.88 1.65 4.71
OE1 DGN C 4 -6.00 1.70 5.19
NE2 DGN C 4 -3.93 2.49 5.08
H DGN C 4 -2.21 1.79 1.79
HA DGN C 4 -4.47 1.04 0.21
HB2 DGN C 4 -5.73 0.10 2.06
HB3 DGN C 4 -5.52 1.81 2.33
HG2 DGN C 4 -3.42 0.49 3.69
HG3 DGN C 4 -4.93 -0.35 4.05
HE21 DGN C 4 -3.04 2.38 4.70
HE22 DGN C 4 -4.16 3.19 5.74
N 28J C 5 -3.88 -1.33 0.96
CA 28J C 5 -3.34 -2.64 0.81
CB 28J C 5 -2.19 -2.75 -0.27
CG2 28J C 5 -1.11 -3.72 0.21
CG1 28J C 5 -2.73 -3.26 -1.63
CD1 28J C 5 -1.79 -3.06 -2.80
C 28J C 5 -4.43 -3.58 0.42
O 28J C 5 -5.59 -3.17 0.29
HA 28J C 5 -2.93 -2.93 1.77
H22 28J C 5 -1.73 -1.78 -0.40
H23 28J C 5 -1.54 -4.70 0.33
H24 28J C 5 -0.71 -3.38 1.16
H25 28J C 5 -0.32 -3.75 -0.52
H26 28J C 5 -2.91 -4.33 -1.55
H27 28J C 5 -3.66 -2.77 -1.85
H28 28J C 5 -2.22 -3.48 -3.70
H29 28J C 5 -0.85 -3.54 -2.61
H30 28J C 5 -1.62 -2.00 -2.96
N ILE C 6 -3.99 -4.83 0.27
CA ILE C 6 -4.80 -5.96 -0.24
C ILE C 6 -4.44 -7.23 0.44
N SER C 7 -5.36 -8.14 0.21
CA SER C 7 -5.26 -9.57 0.50
C SER C 7 -6.28 -10.00 1.50
N DTH C 8 -6.17 -11.23 1.96
CA DTH C 8 -7.01 -11.59 3.08
CB DTH C 8 -6.24 -12.33 4.19
CG2 DTH C 8 -4.75 -11.96 4.23
OG1 DTH C 8 -6.30 -13.70 4.01
C DTH C 8 -8.23 -12.36 2.63
O DTH C 8 -9.30 -12.23 3.21
H DTH C 8 -5.68 -11.92 1.45
HA DTH C 8 -7.36 -10.66 3.50
HB DTH C 8 -6.69 -12.06 5.13
HG21 DTH C 8 -4.44 -11.59 3.28
HG22 DTH C 8 -4.17 -12.84 4.49
HG23 DTH C 8 -4.58 -11.20 4.99
N ALA C 9 -8.06 -13.13 1.59
CA ALA C 9 -9.14 -13.89 1.05
C ALA C 9 -9.22 -15.20 1.76
N EI4 C 10 -8.28 -16.01 1.37
CA EI4 C 10 -8.14 -17.32 1.91
CB EI4 C 10 -7.24 -18.11 0.99
CG EI4 C 10 -6.08 -18.74 1.70
CD2 EI4 C 10 -5.90 -20.26 1.18
NE2 EI4 C 10 -4.55 -20.22 0.50
CE1 EI4 C 10 -3.94 -18.97 0.62
ND1 EI4 C 10 -4.78 -18.11 1.27
NT EI4 C 10 -2.70 -18.71 0.34
C EI4 C 10 -7.58 -17.23 3.32
O EI4 C 10 -7.82 -18.10 4.15
H EI4 C 10 -7.64 -15.71 0.70
HA EI4 C 10 -9.11 -17.77 1.94
HB EI4 C 10 -6.84 -17.44 0.22
HBA EI4 C 10 -7.82 -18.88 0.53
HG1 EI4 C 10 -6.19 -18.69 2.77
HD2 EI4 C 10 -6.68 -20.51 0.47
HE EI4 C 10 -4.14 -21.01 0.08
HND1 EI4 C 10 -4.55 -17.18 1.47
HD1 EI4 C 10 -5.91 -20.95 2.01
H1 EI4 C 10 -2.08 -19.44 0.06
HH12 EI4 C 10 -2.37 -17.77 0.41
N ILE C 11 -6.83 -16.16 3.57
CA ILE C 11 -6.26 -15.91 4.89
C ILE C 11 -6.28 -14.46 5.21
N ZAE D 1 -14.19 -11.86 -0.78
CA ZAE D 1 -12.90 -12.58 -0.59
C ZAE D 1 -11.75 -11.59 -0.58
O ZAE D 1 -10.79 -11.78 0.15
CB ZAE D 1 -12.90 -13.36 0.74
CG ZAE D 1 -14.02 -14.39 0.93
CD1 ZAE D 1 -13.80 -15.74 0.67
CD2 ZAE D 1 -15.27 -14.01 1.43
CE1 ZAE D 1 -14.80 -16.68 0.90
CE2 ZAE D 1 -16.27 -14.95 1.64
CZ ZAE D 1 -16.03 -16.29 1.38
C10 ZAE D 1 -14.76 -12.08 -2.13
H ZAE D 1 -14.04 -10.85 -0.64
HA ZAE D 1 -12.75 -13.28 -1.42
HB2 ZAE D 1 -11.96 -13.88 0.86
HB3 ZAE D 1 -13.00 -12.65 1.54
HD1 ZAE D 1 -12.84 -16.05 0.28
HD2 ZAE D 1 -15.46 -12.97 1.63
HE1 ZAE D 1 -14.61 -17.72 0.68
HE2 ZAE D 1 -17.23 -14.65 2.02
HZ ZAE D 1 -16.80 -17.02 1.56
H11 ZAE D 1 -15.69 -11.54 -2.20
H12 ZAE D 1 -14.93 -13.13 -2.29
H13 ZAE D 1 -14.08 -11.70 -2.87
HN2 ZAE D 1 -14.85 -12.19 -0.04
N ILE D 2 -11.88 -10.48 -1.30
CA ILE D 2 -10.75 -9.55 -1.35
C ILE D 2 -10.94 -8.32 -0.50
N SER D 3 -10.02 -8.08 0.46
CA SER D 3 -10.15 -6.88 1.28
C SER D 3 -8.98 -5.94 1.07
N DGN D 4 -9.29 -4.68 1.31
CA DGN D 4 -8.35 -3.60 1.25
C DGN D 4 -8.77 -2.61 0.17
O DGN D 4 -9.74 -2.84 -0.56
CB DGN D 4 -8.22 -2.92 2.63
CG DGN D 4 -9.54 -2.47 3.26
CD DGN D 4 -10.04 -3.40 4.37
OE1 DGN D 4 -9.24 -4.05 5.05
NE2 DGN D 4 -11.36 -3.48 4.59
H DGN D 4 -10.23 -4.45 1.54
HA DGN D 4 -7.40 -4.03 0.98
HB2 DGN D 4 -7.59 -2.05 2.51
HB3 DGN D 4 -7.74 -3.61 3.30
HG2 DGN D 4 -10.30 -2.40 2.50
HG3 DGN D 4 -9.40 -1.49 3.70
HE21 DGN D 4 -11.96 -2.95 4.02
HE22 DGN D 4 -11.67 -4.03 5.34
N 28J D 5 -7.98 -1.53 0.04
CA 28J D 5 -8.26 -0.46 -0.97
CB 28J D 5 -8.65 -1.03 -2.38
CG2 28J D 5 -9.58 -0.07 -3.11
CG1 28J D 5 -7.39 -1.29 -3.21
CD1 28J D 5 -7.64 -1.98 -4.53
C 28J D 5 -7.05 0.48 -1.14
O 28J D 5 -6.02 0.28 -0.47
HA 28J D 5 -9.09 0.11 -0.59
H22 28J D 5 -9.18 -1.98 -2.23
H23 28J D 5 -10.30 0.35 -2.42
H24 28J D 5 -10.11 -0.60 -3.89
H25 28J D 5 -9.00 0.72 -3.55
H26 28J D 5 -6.92 -0.35 -3.41
H27 28J D 5 -6.72 -1.91 -2.63
H28 28J D 5 -8.33 -1.40 -5.12
H29 28J D 5 -8.06 -2.96 -4.36
H30 28J D 5 -6.71 -2.07 -5.06
N ILE D 6 -7.23 1.50 -2.05
CA ILE D 6 -6.22 2.53 -2.41
C ILE D 6 -6.81 3.95 -2.44
N SER D 7 -5.94 4.92 -2.11
CA SER D 7 -6.19 6.40 -2.21
C SER D 7 -5.56 7.16 -1.05
N DTH D 8 -5.75 8.48 -0.95
CA DTH D 8 -5.23 9.15 0.25
CB DTH D 8 -6.18 10.17 0.89
CG2 DTH D 8 -7.54 9.58 1.25
OG1 DTH D 8 -6.29 11.29 0.01
C DTH D 8 -3.92 9.88 0.01
O DTH D 8 -3.28 10.27 0.98
H DTH D 8 -6.13 9.01 -1.70
HA DTH D 8 -5.05 8.38 0.97
HB DTH D 8 -5.70 10.50 1.79
HG21 DTH D 8 -8.04 9.21 0.36
HG22 DTH D 8 -8.15 10.34 1.71
HG23 DTH D 8 -7.41 8.77 1.95
N ALA D 9 -3.57 10.11 -1.23
CA ALA D 9 -2.31 10.74 -1.56
C ALA D 9 -2.42 12.22 -1.48
N EI4 D 10 -3.13 12.73 -2.43
CA EI4 D 10 -3.35 14.12 -2.50
CB EI4 D 10 -3.64 14.49 -3.94
CG EI4 D 10 -5.04 14.96 -4.22
CD2 EI4 D 10 -5.03 16.58 -4.26
NE2 EI4 D 10 -5.52 16.86 -5.66
CE1 EI4 D 10 -5.69 15.70 -6.41
ND1 EI4 D 10 -5.45 14.60 -5.61
NT EI4 D 10 -6.03 15.65 -7.65
C EI4 D 10 -4.48 14.48 -1.52
O EI4 D 10 -4.48 15.56 -0.93
H EI4 D 10 -3.52 12.15 -3.12
HA EI4 D 10 -2.44 14.61 -2.18
HB EI4 D 10 -3.46 13.61 -4.55
HBA EI4 D 10 -2.96 15.26 -4.25
HG1 EI4 D 10 -5.75 14.58 -3.50
HD2 EI4 D 10 -4.03 16.96 -4.13
HE EI4 D 10 -5.64 17.78 -6.00
HND1 EI4 D 10 -5.51 13.68 -5.93
HD1 EI4 D 10 -5.71 16.99 -3.51
H1 EI4 D 10 -6.19 16.50 -8.17
HH12 EI4 D 10 -6.09 14.77 -8.11
N ILE D 11 -5.41 13.54 -1.36
CA ILE D 11 -6.52 13.68 -0.41
C ILE D 11 -6.48 12.57 0.62
N ALA E 1 8.39 -12.20 12.57
CA ALA E 1 9.49 -13.20 12.83
C ALA E 1 9.69 -14.22 11.67
N DGL E 2 10.32 -15.44 12.05
CA DGL E 2 10.39 -16.52 10.99
C DGL E 2 9.25 -16.70 9.95
O DGL E 2 8.08 -16.50 10.45
CB DGL E 2 11.64 -16.29 10.03
CG DGL E 2 11.98 -14.81 9.71
CD DGL E 2 11.86 -14.43 8.22
OE1 DGL E 2 12.85 -14.22 7.53
H DGL E 2 10.50 -15.60 12.97
HB2 DGL E 2 11.40 -16.77 9.10
HB3 DGL E 2 12.56 -16.76 10.42
HG2 DGL E 2 13.01 -14.64 10.00
HG3 DGL E 2 11.34 -14.14 10.29
N LYS E 3 10.62 -14.29 7.78
CA LYS E 3 10.29 -13.91 6.43
C LYS E 3 10.65 -15.00 5.39
N DAL E 4 10.48 -16.22 5.94
CA DAL E 4 10.61 -17.68 5.31
CB DAL E 4 12.11 -18.26 4.84
C DAL E 4 9.08 -17.76 4.55
O DAL E 4 8.90 -17.64 3.32
H DAL E 4 10.23 -16.20 6.89
HA DAL E 4 10.81 -17.55 4.68
HB1 DAL E 4 12.32 -18.07 3.80
HB2 DAL E 4 12.15 -19.37 4.98
HB3 DAL E 4 12.92 -17.83 5.47
N DAL E 5 8.01 -17.77 5.43
CA DAL E 5 6.52 -17.92 5.11
CB DAL E 5 6.62 -19.25 4.14
C DAL E 5 6.29 -16.48 4.37
O DAL E 5 5.97 -16.37 3.13
OXT DAL E 5 6.17 -15.50 5.14
H DAL E 5 8.25 -17.60 6.41
HA DAL E 5 5.96 -17.87 4.50
HB1 DAL E 5 6.72 -20.14 4.78
HB2 DAL E 5 7.43 -19.16 3.53
HB3 DAL E 5 5.67 -19.40 3.49
N ALA F 1 12.22 9.12 -6.92
CA ALA F 1 13.23 8.16 -6.36
C ALA F 1 13.09 8.04 -4.81
N DGL F 2 12.99 9.29 -4.14
CA DGL F 2 12.73 9.24 -2.66
C DGL F 2 11.92 8.07 -2.03
O DGL F 2 10.89 7.74 -2.70
CB DGL F 2 14.11 9.11 -1.86
CG DGL F 2 15.13 8.08 -2.43
CD DGL F 2 15.73 7.14 -1.37
OE1 DGL F 2 16.95 6.93 -1.32
H DGL F 2 12.86 10.07 -4.67
HB2 DGL F 2 13.86 8.82 -0.86
HB3 DGL F 2 14.62 10.09 -1.82
HG2 DGL F 2 15.94 8.64 -2.87
HG3 DGL F 2 14.66 7.48 -3.20
N LYS F 3 14.87 6.55 -0.57
CA LYS F 3 15.22 5.61 0.47
C LYS F 3 16.12 6.24 1.57
N DAL F 4 15.67 7.51 1.84
CA DAL F 4 16.13 8.60 2.94
CB DAL F 4 17.70 8.59 3.56
C DAL F 4 14.70 8.63 3.87
O DAL F 4 14.45 9.57 4.68
H DAL F 4 14.95 7.81 1.22
HA DAL F 4 16.26 8.18 3.35
HB1 DAL F 4 18.43 8.52 2.75
HB2 DAL F 4 17.87 7.78 4.25
HB3 DAL F 4 17.88 9.55 4.10
N DAL F 5 13.92 7.47 3.73
CA DAL F 5 12.48 7.15 4.28
CB DAL F 5 13.26 6.27 5.50
C DAL F 5 11.95 6.18 3.11
O DAL F 5 12.78 5.56 2.42
OXT DAL F 5 10.68 6.05 2.89
H DAL F 5 14.39 6.78 3.26
HA DAL F 5 11.78 6.62 4.72
HB1 DAL F 5 13.53 6.93 6.35
HB2 DAL F 5 14.13 5.85 5.11
HB3 DAL F 5 12.61 5.43 5.93
N ALA G 1 0.51 -14.63 3.13
CA ALA G 1 1.50 -15.47 3.86
C ALA G 1 0.91 -16.86 4.25
N DGL G 2 1.45 -17.43 5.43
CA DGL G 2 0.84 -18.73 5.96
C DGL G 2 -0.67 -19.01 5.64
O DGL G 2 -1.48 -18.07 5.97
CB DGL G 2 1.44 -19.98 5.18
CG DGL G 2 1.83 -19.67 3.71
CD DGL G 2 1.35 -20.72 2.70
OE1 DGL G 2 2.15 -21.27 1.93
H DGL G 2 2.05 -16.87 5.95
HB2 DGL G 2 0.65 -20.72 5.17
HB3 DGL G 2 2.32 -20.40 5.73
HG2 DGL G 2 2.91 -19.61 3.64
HG3 DGL G 2 1.41 -18.72 3.42
N LYS G 3 0.05 -20.94 2.65
CA LYS G 3 -0.58 -21.87 1.75
C LYS G 3 -0.27 -23.35 2.10
N DAL G 4 -0.27 -23.51 3.46
CA DAL G 4 -0.16 -24.82 4.37
CB DAL G 4 1.36 -25.39 4.87
C DAL G 4 -1.46 -25.73 3.76
O DAL G 4 -1.34 -26.62 2.91
H DAL G 4 -0.38 -22.67 3.94
HA DAL G 4 0.16 -25.15 3.97
HB1 DAL G 4 1.99 -24.56 5.24
HB2 DAL G 4 1.91 -25.89 4.08
HB3 DAL G 4 1.25 -26.10 5.72
N DAL G 5 -2.69 -25.18 4.08
CA DAL G 5 -4.12 -25.76 3.86
CB DAL G 5 -3.90 -27.26 4.42
C DAL G 5 -4.06 -25.64 2.19
O DAL G 5 -3.95 -24.49 1.67
OXT DAL G 5 -4.45 -26.63 1.43
H DAL G 5 -2.64 -24.27 4.51
HA DAL G 5 -4.77 -26.22 3.35
HB1 DAL G 5 -3.23 -27.81 3.80
HB2 DAL G 5 -4.89 -27.73 4.31
HB3 DAL G 5 -3.63 -27.34 5.50
N ALA H 1 -8.51 14.72 -9.19
CA ALA H 1 -8.34 15.54 -10.41
C ALA H 1 -6.86 15.61 -10.88
N DGL H 2 -6.45 16.90 -11.34
CA DGL H 2 -4.98 17.11 -11.79
C DGL H 2 -4.48 16.93 -10.40
O DGL H 2 -3.44 16.38 -10.29
CB DGL H 2 -4.67 15.95 -12.74
CG DGL H 2 -5.49 15.66 -14.06
CD DGL H 2 -5.60 14.14 -14.35
OE1 DGL H 2 -5.64 13.72 -15.51
H DGL H 2 -7.14 17.59 -11.33
HA DGL H 2 -4.22 18.04 -11.88
HB2 DGL H 2 -4.81 15.11 -12.10
HB3 DGL H 2 -3.68 16.06 -13.06
HG2 DGL H 2 -4.91 16.09 -14.86
HG3 DGL H 2 -6.50 16.09 -14.07
N LYS H 3 -5.63 13.33 -13.31
CA LYS H 3 -5.79 11.88 -13.40
C LYS H 3 -4.75 11.16 -14.33
N DAL H 4 -3.48 11.30 -13.78
CA DAL H 4 -2.05 10.69 -14.22
CB DAL H 4 -1.12 11.50 -15.37
C DAL H 4 -2.38 9.03 -14.17
O DAL H 4 -2.81 8.38 -15.12
H DAL H 4 -3.47 11.87 -12.99
HA DAL H 4 -2.20 10.59 -14.78
HB1 DAL H 4 -1.06 12.58 -15.13
HB2 DAL H 4 -1.52 11.42 -16.37
HB3 DAL H 4 -0.08 11.11 -15.38
N DAL H 5 -2.48 8.60 -12.95
CA DAL H 5 -2.76 7.00 -12.47
CB DAL H 5 -1.62 6.07 -13.01
C DAL H 5 -4.20 6.42 -13.27
O DAL H 5 -5.05 7.14 -12.98
OXT DAL H 5 -4.40 5.08 -13.19
H DAL H 5 -2.41 9.19 -12.13
HA DAL H 5 -3.23 7.40 -12.63
HB1 DAL H 5 -1.60 6.15 -14.10
HB2 DAL H 5 -1.83 5.03 -12.77
HB3 DAL H 5 -0.59 6.31 -12.64
C1 MUB I . 6.93 -9.34 9.11
C2 MUB I . 6.43 -9.11 10.51
C3 MUB I . 7.59 -8.78 11.43
C4 MUB I . 8.84 -9.62 11.10
C5 MUB I . 9.25 -9.41 9.65
C6 MUB I . 9.58 -10.72 8.94
C7 MUB I . 5.82 -6.77 10.81
C8 MUB I . 4.72 -5.70 10.86
C9 MUB I . 6.85 -10.36 13.07
C10 MUB I . 7.98 -11.28 13.49
C11 MUB I . 5.37 -10.80 13.32
O1 MUB I . 6.01 -8.80 8.22
O3 MUB I . 7.16 -8.98 12.79
O4 MUB I . 9.94 -9.30 12.00
O5 MUB I . 8.21 -8.73 8.91
O6 MUB I . 8.56 -11.68 9.17
O7 MUB I . 7.01 -6.44 10.94
O10 MUB I . 8.57 -11.03 14.55
N2 MUB I . 5.44 -8.04 10.56
H1 MUB I . 7.11 -10.40 8.90
H2 MUB I . 5.86 -10.00 10.76
HN2 MUB I . 4.50 -8.27 10.47
H81 MUB I . 4.24 -5.64 9.89
H82 MUB I . 5.14 -4.75 11.11
H83 MUB I . 4.00 -5.98 11.63
H3 MUB I . 7.77 -7.69 11.39
H9 MUB I . 7.10 -10.68 12.09
H111 MUB I . 4.89 -10.11 14.03
H112 MUB I . 5.36 -11.75 13.75
H113 MUB I . 4.83 -10.86 12.37
H4 MUB I . 8.72 -10.64 11.47
H5 MUB I . 10.16 -8.93 9.51
H61 MUB I . 10.49 -11.15 9.43
H62 MUB I . 9.76 -10.61 7.82
HO6 MUB I . 8.90 -12.53 9.50
C1 NAG I . 10.00 -7.93 12.44
C2 NAG I . 11.33 -7.69 13.15
C3 NAG I . 11.44 -6.24 13.63
C4 NAG I . 11.13 -5.27 12.48
C5 NAG I . 9.82 -5.63 11.80
C6 NAG I . 9.54 -4.75 10.59
C7 NAG I . 10.64 -8.71 15.22
C8 NAG I . 10.98 -9.78 16.27
N2 NAG I . 11.51 -8.63 14.23
O3 NAG I . 12.76 -6.01 14.10
O4 NAG I . 11.05 -3.95 13.02
O5 NAG I . 9.87 -7.01 11.33
O6 NAG I . 10.51 -4.92 9.58
O7 NAG I . 9.88 -7.78 15.50
H1 NAG I . 9.16 -7.84 13.12
H2 NAG I . 12.23 -7.91 12.72
H3 NAG I . 10.74 -6.05 14.43
H4 NAG I . 12.08 -5.27 11.87
H5 NAG I . 8.94 -5.49 12.42
H61 NAG I . 9.56 -3.67 10.85
H62 NAG I . 8.52 -4.98 10.24
H81 NAG I . 11.95 -9.55 16.69
H82 NAG I . 11.01 -10.74 15.80
H83 NAG I . 10.21 -9.77 17.03
HN2 NAG I . 12.08 -9.40 14.06
HO3 NAG I . 12.86 -5.08 14.35
HO4 NAG I . 11.03 -3.31 12.30
HO6 NAG I . 10.78 -5.84 9.63
C1 MUB J . 8.01 9.22 -6.40
C2 MUB J . 8.35 10.08 -7.60
C3 MUB J . 9.08 9.24 -8.65
C4 MUB J . 9.84 8.06 -8.02
C5 MUB J . 8.92 7.19 -7.16
C6 MUB J . 9.61 6.75 -5.87
C7 MUB J . 6.49 10.09 -9.17
C8 MUB J . 5.26 10.80 -9.76
C9 MUB J . 11.10 10.51 -8.61
C10 MUB J . 12.18 9.50 -8.23
C11 MUB J . 11.41 12.04 -8.48
O1 MUB J . 6.92 9.76 -5.72
O3 MUB J . 9.98 10.07 -9.40
O4 MUB J . 10.51 7.24 -9.02
O5 MUB J . 7.72 7.89 -6.80
O6 MUB J . 10.06 7.88 -5.14
O7 MUB J . 6.84 8.99 -9.61
O10 MUB J . 12.83 8.98 -9.14
N2 MUB J . 7.17 10.70 -8.17
H1 MUB J . 8.81 9.19 -5.67
H2 MUB J . 8.94 10.91 -7.17
HN2 MUB J . 6.87 11.58 -7.85
H81 MUB J . 5.55 11.77 -10.14
H82 MUB J . 4.51 10.92 -9.00
H83 MUB J . 4.85 10.17 -10.55
H3 MUB J . 8.35 8.90 -9.41
H9 MUB J . 10.64 10.23 -7.70
H111 MUB J . 11.33 12.52 -9.46
H112 MUB J . 12.39 12.16 -8.14
H113 MUB J . 10.74 12.50 -7.74
H4 MUB J . 10.77 8.42 -7.59
H5 MUB J . 8.68 6.25 -7.54
H61 MUB J . 10.56 6.26 -6.17
H62 MUB J . 9.06 6.03 -5.20
HO6 MUB J . 10.32 7.65 -4.23
C1 NAG J . 9.81 7.14 -10.28
C2 NAG J . 10.53 6.14 -11.19
C3 NAG J . 9.81 5.99 -12.52
C4 NAG J . 8.30 5.73 -12.30
C5 NAG J . 7.71 6.76 -11.33
C6 NAG J . 6.26 6.46 -11.01
C7 NAG J . 12.26 7.64 -11.95
C8 NAG J . 13.77 7.87 -12.05
N2 NAG J . 11.92 6.50 -11.38
O3 NAG J . 10.36 4.90 -13.25
O4 NAG J . 7.63 5.81 -13.55
O5 NAG J . 8.45 6.75 -10.09
O6 NAG J . 6.13 5.22 -10.31
O7 NAG J . 11.48 8.28 -12.66
H1 NAG J . 9.88 8.15 -10.69
H2 NAG J . 10.76 5.18 -10.90
H3 NAG J . 9.91 6.89 -13.11
H4 NAG J . 8.28 4.65 -12.02
H5 NAG J . 7.67 7.78 -11.71
H61 NAG J . 5.63 6.34 -11.92
H62 NAG J . 5.87 7.30 -10.43
H81 NAG J . 13.95 8.81 -12.56
H82 NAG J . 14.22 7.07 -12.61
H83 NAG J . 14.20 7.88 -11.05
HN2 NAG J . 12.59 6.04 -10.82
HO3 NAG J . 11.28 5.09 -13.47
HO4 NAG J . 8.16 5.32 -14.20
HO6 NAG J . 6.04 4.54 -10.98
C1 MUB K . -2.71 -14.45 -0.59
C2 MUB K . -2.22 -13.13 -0.07
C3 MUB K . -0.71 -13.06 -0.22
C4 MUB K . -0.04 -14.43 -0.12
C5 MUB K . -0.61 -15.37 -1.17
C6 MUB K . -0.86 -16.75 -0.57
C7 MUB K . -2.28 -11.72 -2.03
C8 MUB K . -2.88 -10.55 -2.79
C9 MUB K . -0.39 -12.60 2.10
C10 MUB K . 0.75 -13.33 2.78
C11 MUB K . -1.60 -12.09 2.94
O1 MUB K . -3.98 -14.29 -1.07
O3 MUB K . -0.17 -12.14 0.75
O4 MUB K . 1.42 -14.35 -0.24
O5 MUB K . -1.88 -14.89 -1.65
O6 MUB K . -1.28 -16.64 0.78
O7 MUB K . -1.23 -12.23 -2.43
O10 MUB K . 1.87 -12.82 2.76
N2 MUB K . -2.79 -12.05 -0.82
H1 MUB K . -2.72 -15.25 0.15
H2 MUB K . -2.62 -13.19 0.95
HN2 MUB K . -3.63 -11.63 -0.52
H81 MUB K . -2.71 -9.63 -2.22
H82 MUB K . -3.93 -10.70 -2.93
H83 MUB K . -2.40 -10.50 -3.77
H3 MUB K . -0.48 -12.72 -1.23
H9 MUB K . -0.65 -13.55 1.74
H111 MUB K . -1.75 -11.01 2.79
H112 MUB K . -1.40 -12.23 3.97
H113 MUB K . -2.51 -12.66 2.72
H4 MUB K . 0.03 -14.80 0.90
H5 MUB K . 0.01 -15.56 -1.98
H61 MUB K . 0.13 -17.14 -0.46
H62 MUB K . -1.42 -17.58 -1.13
HO6 MUB K . -0.64 -17.01 1.43
C1 NAG K . 1.96 -13.33 -1.14
C2 NAG K . 3.46 -13.59 -1.33
C3 NAG K . 4.07 -12.48 -2.19
C4 NAG K . 3.28 -12.25 -3.48
C5 NAG K . 1.78 -12.13 -3.20
C6 NAG K . 1.00 -12.07 -4.50
C7 NAG K . 4.27 -12.70 0.77
C8 NAG K . 5.04 -13.02 2.07
N2 NAG K . 4.14 -13.73 -0.07
O3 NAG K . 5.42 -12.81 -2.54
O4 NAG K . 3.76 -11.08 -4.12
O5 NAG K . 1.31 -13.26 -2.42
O6 NAG K . 0.86 -13.35 -5.08
O7 NAG K . 3.98 -11.54 0.48
H1 NAG K . 1.78 -12.42 -0.59
H2 NAG K . 3.64 -14.53 -1.73
H3 NAG K . 4.07 -11.54 -1.65
H4 NAG K . 3.67 -13.04 -4.14
H5 NAG K . 1.53 -11.18 -2.68
H61 NAG K . 1.51 -11.46 -5.25
H62 NAG K . 0.03 -11.58 -4.40
H81 NAG K . 4.51 -13.81 2.60
H82 NAG K . 5.08 -12.15 2.69
H83 NAG K . 6.04 -13.33 1.82
HN2 NAG K . 4.38 -14.62 0.24
HO3 NAG K . 5.71 -12.18 -3.22
HO4 NAG K . 3.55 -10.30 -3.60
HO6 NAG K . 0.93 -14.03 -4.41
C1 MUB L . -6.63 10.94 -7.14
C2 MUB L . -7.92 11.49 -6.55
C3 MUB L . -9.03 11.46 -7.62
C4 MUB L . -8.49 11.74 -9.03
C5 MUB L . -7.37 10.76 -9.40
C6 MUB L . -6.18 11.46 -10.03
C7 MUB L . -9.22 9.72 -5.50
C8 MUB L . -9.67 8.99 -4.21
C9 MUB L . -9.64 13.75 -7.23
C10 MUB L . -9.69 14.59 -8.50
C11 MUB L . -9.49 14.46 -5.86
O1 MUB L . -5.87 10.28 -6.17
O3 MUB L . -10.08 12.38 -7.28
O4 MUB L . -9.54 11.71 -10.03
O5 MUB L . -6.89 10.05 -8.23
O6 MUB L . -5.74 12.53 -9.19
O7 MUB L . -9.55 9.28 -6.60
O10 MUB L . -10.77 15.04 -8.88
N2 MUB L . -8.35 10.75 -5.38
H1 MUB L . -5.99 11.74 -7.52
H2 MUB L . -7.69 12.50 -6.17
HN2 MUB L . -8.11 11.08 -4.48
H81 MUB L . -10.20 9.68 -3.57
H82 MUB L . -8.80 8.61 -3.70
H83 MUB L . -10.30 8.15 -4.50
H3 MUB L . -9.57 10.49 -7.57
H9 MUB L . -8.65 13.48 -7.54
H111 MUB L . -10.36 14.23 -5.22
H112 MUB L . -9.46 15.50 -6.00
H113 MUB L . -8.54 14.17 -5.38
H4 MUB L . -8.32 12.80 -9.20
H5 MUB L . -7.62 10.07 -10.14
H61 MUB L . -6.60 11.99 -10.91
H62 MUB L . -5.33 10.81 -10.35
HO6 MUB L . -5.46 13.31 -9.70
C1 NAG L . -10.57 10.71 -9.83
C2 NAG L . -11.56 10.74 -11.00
C3 NAG L . -12.64 9.69 -10.79
C4 NAG L . -12.01 8.31 -10.51
C5 NAG L . -10.98 8.41 -9.40
C6 NAG L . -10.26 7.09 -9.19
C7 NAG L . -12.85 12.64 -10.21
C8 NAG L . -13.36 14.04 -10.56
N2 NAG L . -12.12 12.06 -11.17
O3 NAG L . -13.44 9.60 -11.97
O4 NAG L . -13.04 7.41 -10.15
O5 NAG L . -9.99 9.40 -9.71
O6 NAG L . -9.12 7.25 -8.36
O7 NAG L . -13.39 11.99 -9.32
H1 NAG L . -11.03 11.01 -8.91
H2 NAG L . -11.26 10.66 -11.98
H3 NAG L . -13.27 9.95 -9.95
H4 NAG L . -11.67 8.00 -11.53
H5 NAG L . -11.40 8.63 -8.41
H61 NAG L . -9.89 6.64 -10.12
H62 NAG L . -10.98 6.39 -8.74
H81 NAG L . -13.98 14.40 -9.76
H82 NAG L . -13.93 14.00 -11.47
H83 NAG L . -12.51 14.69 -10.73
HN2 NAG L . -11.73 12.63 -11.85
HO3 NAG L . -13.94 10.41 -12.11
HO4 NAG L . -13.77 7.52 -10.77
HO6 NAG L . -9.33 7.96 -7.74
P 2PO M . 4.76 -9.70 7.77
O1P 2PO M . 3.66 -9.64 8.79
O2P 2PO M . 5.26 -11.03 7.34
O3P 2PO M . 4.25 -8.92 6.51
P 2PO N . 4.53 -7.36 6.51
O1P 2PO N . 3.75 -6.74 5.42
O2P 2PO N . 4.36 -6.88 7.91
O3P 2PO N . 6.06 -7.36 6.14
C1 P1W O . 6.47 -8.22 5.10
C2 P1W O . 6.31 -7.49 3.81
C3 P1W O . 6.56 -8.00 2.61
C4 P1W O . 6.36 -7.17 1.38
C5 P1W O . 7.02 -9.45 2.34
H12 P1W O . 7.49 -8.53 5.26
H11 P1W O . 5.82 -9.09 5.09
H2 P1W O . 5.69 -6.62 3.88
H41 P1W O . 5.88 -7.76 0.61
H42 P1W O . 5.73 -6.32 1.63
H51 P1W O . 7.33 -9.53 1.31
H52 P1W O . 6.20 -10.12 2.54
H53 P1W O . 7.85 -9.68 2.99
C1 P1W P . 7.70 -6.66 0.89
C2 P1W P . 7.56 -6.17 -0.52
C3 P1W P . 7.79 -4.88 -0.92
C4 P1W P . 7.61 -4.41 -2.34
C5 P1W P . 8.26 -3.78 0.05
H12 P1W P . 8.44 -7.46 0.93
H11 P1W P . 8.02 -5.84 1.52
H2 P1W P . 7.03 -6.84 -1.18
H41 P1W P . 7.78 -3.34 -2.39
H42 P1W P . 8.30 -4.91 -2.99
H51 P1W P . 9.01 -4.19 0.71
H52 P1W P . 7.43 -3.42 0.63
H53 P1W P . 8.68 -2.96 -0.51
C1 P1W Q . 8.50 2.61 -4.93
C2 P1W Q . 9.92 2.10 -4.86
C3 P1W Q . 10.93 2.79 -4.30
C4 P1W Q . 12.37 2.29 -4.21
C5 P1W Q . 10.70 4.15 -3.68
H12 P1W Q . 7.83 1.80 -4.73
H11 P1W Q . 8.37 3.38 -4.19
H2 P1W Q . 10.07 1.12 -5.27
H43 P1W Q . 12.97 2.76 -4.98
H41 P1W Q . 12.39 1.21 -4.36
H42 P1W Q . 12.77 2.53 -3.24
H51 P1W Q . 10.35 4.03 -2.67
H52 P1W Q . 9.96 4.69 -4.25
H53 P1W Q . 11.62 4.71 -3.68
C1 P1W R . 6.19 -4.69 -2.84
C2 P1W R . 5.21 -3.83 -2.08
C3 P1W R . 4.08 -4.31 -1.53
C4 P1W R . 3.09 -3.43 -0.78
C5 P1W R . 3.70 -5.78 -1.59
H12 P1W R . 5.95 -5.73 -2.67
H11 P1W R . 6.12 -4.45 -3.88
H2 P1W R . 5.41 -2.78 -2.10
H43 P1W R . 3.61 -2.62 -0.28
H41 P1W R . 2.58 -4.03 -0.03
H42 P1W R . 2.37 -3.02 -1.47
H51 P1W R . 2.72 -5.91 -1.19
H52 P1W R . 4.41 -6.37 -1.02
H53 P1W R . 3.71 -6.13 -2.62
P 2PO S . 7.24 10.85 -4.60
O1P 2PO S . 8.13 11.91 -5.18
O2P 2PO S . 7.70 10.15 -3.38
O3P 2PO S . 5.81 11.48 -4.31
P 2PO T . 4.65 11.24 -5.36
O1P 2PO T . 3.35 11.45 -4.69
O2P 2PO T . 4.99 12.00 -6.56
O3P 2PO T . 4.80 9.68 -5.68
C1 P1W U . 3.88 9.02 -6.58
C2 P1W U . 4.36 7.59 -6.81
C3 P1W U . 3.72 6.67 -7.54
C4 P1W U . 4.25 5.25 -7.71
C5 P1W U . 2.43 6.98 -8.29
H12 P1W U . 2.90 9.02 -6.15
H11 P1W U . 3.86 9.55 -7.52
H2 P1W U . 5.42 7.47 -6.66
H41 P1W U . 3.50 4.62 -8.18
H42 P1W U . 5.14 5.27 -8.32
H51 P1W U . 1.58 6.82 -7.63
H52 P1W U . 2.34 6.33 -9.15
H53 P1W U . 2.44 8.02 -8.62
C1 P1W V . -6.42 -10.55 -8.19
C2 P1W V . -5.89 -9.22 -8.61
C3 P1W V . -4.87 -9.08 -9.47
C4 P1W V . -4.34 -7.73 -9.87
C5 P1W V . -4.13 -10.27 -10.11
H12 P1W V . -7.41 -10.70 -8.61
H11 P1W V . -5.76 -11.32 -8.55
H2 P1W V . -6.15 -8.41 -7.93
H41 P1W V . -3.63 -7.84 -10.67
H42 P1W V . -5.17 -7.11 -10.20
H51 P1W V . -3.36 -9.89 -10.76
H52 P1W V . -4.83 -10.85 -10.68
H53 P1W V . -3.69 -10.88 -9.34
C1 P1W W . -3.68 -7.07 -8.68
C2 P1W W . -2.39 -7.76 -8.34
C3 P1W W . -2.11 -8.33 -7.15
C4 P1W W . -0.78 -9.03 -6.86
C5 P1W W . -3.08 -8.33 -5.96
H12 P1W W . -4.34 -7.12 -7.83
H11 P1W W . -3.48 -6.03 -8.91
H2 P1W W . -1.60 -7.60 -9.05
H43 P1W W . -0.95 -9.88 -6.22
H41 P1W W . -0.12 -8.33 -6.36
H42 P1W W . -0.33 -9.35 -7.79
H51 P1W W . -3.38 -7.31 -5.74
H52 P1W W . -2.57 -8.75 -5.11
H53 P1W W . -3.96 -8.93 -6.19
C1 P1W X . -1.71 2.56 -10.97
C2 P1W X . -0.95 2.13 -9.72
C3 P1W X . -0.63 2.99 -8.73
C4 P1W X . 0.14 2.56 -7.46
C5 P1W X . -0.99 4.45 -8.78
H12 P1W X . -1.93 3.61 -10.91
H11 P1W X . -1.11 2.36 -11.84
H2 P1W X . -0.98 1.08 -9.55
H43 P1W X . -0.53 2.57 -6.60
H41 P1W X . 0.95 3.25 -7.29
H42 P1W X . 0.54 1.57 -7.59
H51 P1W X . -2.07 4.55 -8.81
H52 P1W X . -0.55 4.90 -9.66
H53 P1W X . -0.61 4.96 -7.90
C1 P1W Y . 4.61 4.67 -6.35
C2 P1W Y . 6.09 4.48 -6.24
C3 P1W Y . 6.72 3.31 -6.47
C4 P1W Y . 8.21 3.18 -6.31
C5 P1W Y . 5.99 2.02 -6.89
H12 P1W Y . 4.12 3.72 -6.21
H11 P1W Y . 4.28 5.35 -5.58
H2 P1W Y . 6.60 5.28 -5.70
H41 P1W Y . 8.59 2.51 -7.07
H42 P1W Y . 8.67 4.15 -6.41
H51 P1W Y . 5.39 2.21 -7.76
H52 P1W Y . 5.37 1.67 -6.08
H53 P1W Y . 6.73 1.26 -7.14
P 2PO Z . -5.16 -15.27 -0.65
O1P 2PO Z . -5.55 -15.01 0.77
O2P 2PO Z . -4.82 -16.65 -1.07
O3P 2PO Z . -6.26 -14.67 -1.60
P 2PO AA . -6.09 -13.12 -1.92
O1P 2PO AA . -7.25 -12.63 -2.71
O2P 2PO AA . -5.74 -12.45 -0.64
O3P 2PO AA . -4.79 -13.11 -2.83
C1 P1W BA . -4.90 -13.30 -4.24
C2 P1W BA . -5.48 -12.05 -4.87
C3 P1W BA . -5.92 -11.95 -6.15
C4 P1W BA . -6.49 -10.64 -6.68
C5 P1W BA . -5.91 -13.13 -7.16
H12 P1W BA . -3.92 -13.50 -4.64
H11 P1W BA . -5.56 -14.13 -4.43
H2 P1W BA . -5.77 -11.30 -4.15
H41 P1W BA . -7.53 -10.56 -6.37
H42 P1W BA . -5.93 -9.82 -6.25
H51 P1W BA . -5.89 -14.07 -6.62
H52 P1W BA . -5.03 -13.07 -7.79
H53 P1W BA . -6.80 -13.09 -7.78
P 2PO CA . -4.90 11.16 -5.23
O1P 2PO CA . -5.71 11.95 -4.25
O2P 2PO CA . -3.96 11.88 -6.11
O3P 2PO CA . -4.06 10.10 -4.38
P 2PO DA . -4.66 8.67 -4.13
O1P 2PO DA . -3.73 7.92 -3.23
O2P 2PO DA . -6.08 8.87 -3.73
O3P 2PO DA . -4.62 8.07 -5.61
C1 P1W EA . -3.75 7.01 -5.96
C2 P1W EA . -4.02 6.56 -7.38
C3 P1W EA . -5.19 6.11 -7.84
C4 P1W EA . -5.35 5.68 -9.28
C5 P1W EA . -6.45 6.00 -6.98
H12 P1W EA . -2.72 7.34 -5.89
H11 P1W EA . -3.92 6.18 -5.29
H2 P1W EA . -3.33 6.97 -8.10
H41 P1W EA . -6.17 6.20 -9.74
H42 P1W EA . -4.43 5.91 -9.82
H51 P1W EA . -6.19 5.53 -6.04
H52 P1W EA . -7.20 5.41 -7.49
H53 P1W EA . -6.84 6.99 -6.78
C1 P1W FA . -5.59 4.17 -9.35
C2 P1W FA . -4.61 3.57 -10.31
C3 P1W FA . -4.03 2.35 -10.13
C4 P1W FA . -3.03 1.79 -11.09
C5 P1W FA . -4.36 1.43 -8.95
H12 P1W FA . -6.60 3.98 -9.68
H11 P1W FA . -5.44 3.74 -8.37
H2 P1W FA . -4.17 4.28 -11.00
H41 P1W FA . -2.86 0.74 -10.88
H42 P1W FA . -3.40 1.90 -12.11
H51 P1W FA . -5.38 1.59 -8.63
H52 P1W FA . -3.68 1.65 -8.13
H53 P1W FA . -4.22 0.39 -9.25
#